data_1TBA
#
_entry.id   1TBA
#
_cell.length_a   1.000
_cell.length_b   1.000
_cell.length_c   1.000
_cell.angle_alpha   90.00
_cell.angle_beta   90.00
_cell.angle_gamma   90.00
#
_symmetry.space_group_name_H-M   'P 1'
#
loop_
_entity.id
_entity.type
_entity.pdbx_description
1 polymer 'TRANSCRIPTION INITIATION FACTOR IID 230K CHAIN'
2 polymer 'TRANSCRIPTION INITIATION FACTOR TFIID'
#
loop_
_entity_poly.entity_id
_entity_poly.type
_entity_poly.pdbx_seq_one_letter_code
_entity_poly.pdbx_strand_id
1 'polypeptide(L)' EGSIGNGLDLTGILFGNIDSEGRLLQDDDGEGRGGTGFDAELRENIGSLSKLGLDSMLLEVIDLKEA A
2 'polypeptide(L)'
;SGIVPTLQNIVATVTLGCRLDLKTVALHARNAEYNPKRFAAVIMRIREPKTTALIFASGKMVVTGAKSEDDSKLASRKYA
RIIQKIGFAAKFTDFKIQNIVGSCDVKFPIRLEGLAFSHGTFSSYEPELFPGLIYRMVKPKIVLLIFVSGKIVLTGAKQR
EEIYQAFEAIYPVLSEFRKM
;
B
#
# COMPACT_ATOMS: atom_id res chain seq x y z
N GLU A 1 30.98 -5.61 6.52
CA GLU A 1 30.49 -4.46 7.35
C GLU A 1 29.25 -3.84 6.69
N GLY A 2 28.13 -4.49 6.78
CA GLY A 2 26.89 -3.94 6.17
C GLY A 2 25.67 -4.72 6.65
N SER A 3 24.56 -4.59 5.98
CA SER A 3 23.34 -5.34 6.40
C SER A 3 22.90 -6.29 5.29
N ILE A 4 22.07 -7.25 5.61
CA ILE A 4 21.60 -8.21 4.57
C ILE A 4 20.15 -7.91 4.18
N GLY A 5 19.92 -7.53 2.95
CA GLY A 5 18.54 -7.22 2.51
C GLY A 5 18.27 -5.71 2.67
N ASN A 6 18.64 -4.94 1.68
CA ASN A 6 18.42 -3.47 1.77
C ASN A 6 16.97 -3.13 1.41
N GLY A 7 16.47 -2.03 1.90
CA GLY A 7 15.06 -1.64 1.59
C GLY A 7 14.27 -1.48 2.89
N LEU A 8 13.15 -0.82 2.82
CA LEU A 8 12.34 -0.63 4.06
C LEU A 8 11.08 -1.51 4.01
N ASP A 9 10.36 -1.60 5.09
CA ASP A 9 9.13 -2.46 5.10
C ASP A 9 7.89 -1.67 4.65
N LEU A 10 7.57 -1.71 3.38
CA LEU A 10 6.38 -0.96 2.89
C LEU A 10 5.18 -1.90 2.72
N THR A 11 5.16 -3.00 3.41
CA THR A 11 4.00 -3.92 3.26
C THR A 11 2.69 -3.15 3.49
N GLY A 12 2.74 -2.15 4.32
CA GLY A 12 1.50 -1.35 4.60
C GLY A 12 1.41 -0.16 3.64
N ILE A 13 2.51 0.32 3.15
CA ILE A 13 2.46 1.50 2.22
C ILE A 13 1.44 1.20 1.12
N LEU A 14 1.53 0.06 0.50
CA LEU A 14 0.56 -0.30 -0.58
C LEU A 14 -0.76 -0.74 0.03
N PHE A 15 -0.81 -0.96 1.30
CA PHE A 15 -2.07 -1.41 1.94
C PHE A 15 -2.94 -0.21 2.35
N GLY A 16 -2.38 0.96 2.39
CA GLY A 16 -3.21 2.14 2.78
C GLY A 16 -2.37 3.20 3.52
N ASN A 17 -1.66 4.01 2.78
CA ASN A 17 -0.83 5.11 3.36
C ASN A 17 -0.24 4.74 4.72
N ILE A 18 1.05 4.59 4.79
CA ILE A 18 1.69 4.27 6.09
C ILE A 18 2.98 5.05 6.23
N ASP A 19 3.52 5.12 7.42
CA ASP A 19 4.81 5.78 7.59
C ASP A 19 5.86 4.71 7.37
N SER A 20 6.80 4.93 6.49
CA SER A 20 7.83 3.90 6.21
C SER A 20 8.21 3.18 7.50
N GLU A 21 8.10 3.85 8.61
CA GLU A 21 8.43 3.20 9.91
C GLU A 21 7.56 1.96 10.12
N GLY A 22 6.53 1.78 9.33
CA GLY A 22 5.66 0.58 9.52
C GLY A 22 4.31 1.00 10.10
N ARG A 23 4.01 2.27 10.08
CA ARG A 23 2.71 2.74 10.64
C ARG A 23 1.70 2.89 9.50
N LEU A 24 0.65 2.11 9.52
CA LEU A 24 -0.38 2.19 8.43
C LEU A 24 -1.45 3.22 8.83
N LEU A 25 -1.90 4.03 7.91
CA LEU A 25 -2.92 5.05 8.27
C LEU A 25 -4.09 5.05 7.28
N GLN A 26 -5.04 5.92 7.49
CA GLN A 26 -6.22 5.99 6.58
C GLN A 26 -6.54 7.46 6.26
N ASP A 27 -6.55 7.81 5.01
CA ASP A 27 -6.85 9.22 4.62
C ASP A 27 -8.00 9.77 5.47
N ASP A 28 -8.97 8.96 5.77
CA ASP A 28 -10.12 9.43 6.59
C ASP A 28 -9.93 9.01 8.05
N ASP A 29 -10.75 9.52 8.94
CA ASP A 29 -10.61 9.15 10.37
C ASP A 29 -11.89 8.46 10.87
N GLY A 30 -11.78 7.61 11.84
CA GLY A 30 -12.98 6.90 12.37
C GLY A 30 -12.92 6.87 13.89
N GLU A 31 -13.92 7.39 14.55
CA GLU A 31 -13.92 7.38 16.04
C GLU A 31 -14.93 6.36 16.57
N GLY A 32 -15.20 5.33 15.81
CA GLY A 32 -16.17 4.30 16.27
C GLY A 32 -15.41 3.01 16.60
N ARG A 33 -16.08 2.05 17.20
CA ARG A 33 -15.40 0.78 17.56
C ARG A 33 -15.46 -0.20 16.37
N GLY A 34 -15.84 0.28 15.22
CA GLY A 34 -15.91 -0.62 14.03
C GLY A 34 -16.56 0.11 12.86
N GLY A 35 -15.79 0.49 11.88
CA GLY A 35 -16.36 1.22 10.71
C GLY A 35 -15.40 1.10 9.52
N THR A 36 -15.54 1.97 8.55
CA THR A 36 -14.63 1.91 7.37
C THR A 36 -13.19 1.65 7.81
N GLY A 37 -12.53 0.71 7.20
CA GLY A 37 -11.12 0.43 7.58
C GLY A 37 -11.00 -1.01 8.09
N PHE A 38 -9.81 -1.52 8.18
CA PHE A 38 -9.62 -2.92 8.67
C PHE A 38 -9.45 -2.93 10.19
N ASP A 39 -10.00 -3.90 10.86
CA ASP A 39 -9.87 -3.96 12.34
C ASP A 39 -8.39 -4.14 12.72
N ALA A 40 -8.12 -4.82 13.79
CA ALA A 40 -6.69 -5.02 14.20
C ALA A 40 -6.22 -6.41 13.76
N GLU A 41 -6.73 -6.91 12.67
CA GLU A 41 -6.31 -8.26 12.20
C GLU A 41 -5.31 -8.09 11.05
N LEU A 42 -5.30 -6.96 10.41
CA LEU A 42 -4.36 -6.75 9.28
C LEU A 42 -3.18 -5.89 9.71
N ARG A 43 -3.44 -4.84 10.43
CA ARG A 43 -2.33 -3.95 10.87
C ARG A 43 -1.23 -4.77 11.52
N GLU A 44 -1.58 -5.55 12.51
CA GLU A 44 -0.55 -6.38 13.20
C GLU A 44 -0.04 -7.47 12.26
N ASN A 45 -0.79 -7.79 11.23
CA ASN A 45 -0.34 -8.83 10.27
C ASN A 45 0.54 -8.19 9.20
N ILE A 46 0.21 -7.00 8.78
CA ILE A 46 1.04 -6.33 7.75
C ILE A 46 2.50 -6.31 8.20
N GLY A 47 2.74 -5.92 9.42
CA GLY A 47 4.14 -5.88 9.93
C GLY A 47 4.82 -7.23 9.64
N SER A 48 4.04 -8.27 9.45
CA SER A 48 4.65 -9.60 9.18
C SER A 48 4.10 -10.18 7.87
N LEU A 49 3.36 -9.41 7.12
CA LEU A 49 2.81 -9.92 5.83
C LEU A 49 3.91 -10.00 4.78
N SER A 50 5.10 -9.58 5.11
CA SER A 50 6.21 -9.63 4.12
C SER A 50 6.88 -11.01 4.14
N LYS A 51 6.10 -12.05 4.21
CA LYS A 51 6.69 -13.43 4.22
C LYS A 51 5.79 -14.39 3.46
N LEU A 52 4.85 -13.86 2.71
CA LEU A 52 3.93 -14.74 1.93
C LEU A 52 3.80 -14.23 0.48
N GLY A 53 3.88 -12.94 0.29
CA GLY A 53 3.77 -12.41 -1.11
C GLY A 53 4.02 -10.91 -1.11
N LEU A 54 3.52 -10.21 -0.12
CA LEU A 54 3.73 -8.73 -0.08
C LEU A 54 5.22 -8.40 -0.28
N ASP A 55 6.09 -9.34 -0.04
CA ASP A 55 7.54 -9.06 -0.23
C ASP A 55 7.78 -8.36 -1.57
N SER A 56 7.07 -8.77 -2.59
CA SER A 56 7.25 -8.11 -3.92
C SER A 56 6.75 -6.67 -3.86
N MET A 57 5.55 -6.48 -3.36
CA MET A 57 5.01 -5.10 -3.26
C MET A 57 5.72 -4.37 -2.12
N LEU A 58 6.62 -5.04 -1.44
CA LEU A 58 7.37 -4.39 -0.33
C LEU A 58 8.44 -3.49 -0.92
N LEU A 59 9.34 -4.07 -1.66
CA LEU A 59 10.43 -3.28 -2.30
C LEU A 59 9.89 -2.56 -3.55
N GLU A 60 8.63 -2.73 -3.84
CA GLU A 60 8.06 -2.08 -5.05
C GLU A 60 7.54 -0.68 -4.74
N VAL A 61 7.81 -0.18 -3.58
CA VAL A 61 7.34 1.19 -3.25
C VAL A 61 8.43 1.96 -2.52
N ILE A 62 9.56 1.34 -2.34
CA ILE A 62 10.69 2.01 -1.65
C ILE A 62 12.00 1.47 -2.21
N ASP A 63 12.34 1.85 -3.40
CA ASP A 63 13.60 1.36 -4.01
C ASP A 63 14.78 2.11 -3.36
N LEU A 64 14.86 2.05 -2.06
CA LEU A 64 15.95 2.75 -1.34
C LEU A 64 17.21 1.89 -1.28
N LYS A 65 17.72 1.53 -2.41
CA LYS A 65 18.94 0.68 -2.45
C LYS A 65 19.87 1.15 -3.57
N GLU A 66 19.95 2.44 -3.79
CA GLU A 66 20.83 2.96 -4.88
C GLU A 66 21.51 4.26 -4.43
N ALA A 67 21.67 4.46 -3.15
CA ALA A 67 22.33 5.70 -2.66
C ALA A 67 23.74 5.40 -2.17
N SER B 1 -24.43 -11.65 -8.76
CA SER B 1 -23.48 -10.67 -9.35
C SER B 1 -23.93 -9.24 -9.07
N GLY B 2 -23.06 -8.42 -8.54
CA GLY B 2 -23.45 -7.01 -8.24
C GLY B 2 -22.72 -6.54 -6.98
N ILE B 3 -21.42 -6.48 -7.02
CA ILE B 3 -20.67 -6.03 -5.81
C ILE B 3 -19.71 -4.89 -6.19
N VAL B 4 -18.86 -5.11 -7.15
CA VAL B 4 -17.92 -4.04 -7.57
C VAL B 4 -16.98 -3.65 -6.41
N PRO B 5 -15.71 -3.63 -6.71
CA PRO B 5 -14.70 -3.28 -5.67
C PRO B 5 -14.67 -1.76 -5.49
N THR B 6 -14.62 -1.30 -4.27
CA THR B 6 -14.58 0.17 -4.02
C THR B 6 -13.14 0.62 -3.77
N LEU B 7 -12.75 1.73 -4.34
CA LEU B 7 -11.36 2.22 -4.14
C LEU B 7 -11.20 2.76 -2.72
N GLN B 8 -10.12 2.42 -2.07
CA GLN B 8 -9.90 2.91 -0.67
C GLN B 8 -8.68 3.84 -0.63
N ASN B 9 -7.73 3.62 -1.48
CA ASN B 9 -6.51 4.48 -1.48
C ASN B 9 -5.66 4.19 -2.72
N ILE B 10 -4.65 4.97 -2.96
CA ILE B 10 -3.79 4.73 -4.15
C ILE B 10 -2.32 5.08 -3.82
N VAL B 11 -1.41 4.57 -4.59
CA VAL B 11 0.03 4.87 -4.32
C VAL B 11 0.74 5.21 -5.64
N ALA B 12 1.50 6.28 -5.66
CA ALA B 12 2.21 6.66 -6.91
C ALA B 12 3.64 7.09 -6.60
N THR B 13 4.53 7.00 -7.55
CA THR B 13 5.93 7.40 -7.30
C THR B 13 6.24 8.71 -8.06
N VAL B 14 7.05 9.56 -7.47
CA VAL B 14 7.39 10.84 -8.14
C VAL B 14 8.90 11.07 -8.09
N THR B 15 9.43 11.86 -8.99
CA THR B 15 10.90 12.10 -8.99
C THR B 15 11.19 13.61 -9.06
N LEU B 16 12.04 14.09 -8.20
CA LEU B 16 12.37 15.55 -8.21
C LEU B 16 13.43 15.83 -9.27
N GLY B 17 14.14 14.83 -9.69
CA GLY B 17 15.20 15.04 -10.72
C GLY B 17 16.45 15.61 -10.07
N CYS B 18 16.46 15.74 -8.77
CA CYS B 18 17.66 16.29 -8.08
C CYS B 18 17.88 15.58 -6.73
N ARG B 19 19.10 15.42 -6.33
CA ARG B 19 19.38 14.74 -5.03
C ARG B 19 19.14 15.71 -3.86
N LEU B 20 18.80 15.21 -2.71
CA LEU B 20 18.56 16.11 -1.56
C LEU B 20 19.30 15.60 -0.31
N ASP B 21 19.39 16.40 0.71
CA ASP B 21 20.09 15.97 1.95
C ASP B 21 19.07 15.52 2.99
N LEU B 22 18.78 14.25 3.06
CA LEU B 22 17.77 13.75 4.05
C LEU B 22 17.95 14.46 5.40
N LYS B 23 19.16 14.58 5.87
CA LYS B 23 19.37 15.24 7.18
C LYS B 23 18.75 16.65 7.18
N THR B 24 19.02 17.43 6.18
CA THR B 24 18.44 18.80 6.13
C THR B 24 16.97 18.74 5.70
N VAL B 25 16.65 17.88 4.78
CA VAL B 25 15.22 17.79 4.32
C VAL B 25 14.30 17.55 5.52
N ALA B 26 14.65 16.62 6.36
CA ALA B 26 13.79 16.35 7.56
C ALA B 26 13.93 17.48 8.57
N LEU B 27 15.08 18.12 8.61
CA LEU B 27 15.26 19.25 9.58
C LEU B 27 14.58 20.50 9.05
N HIS B 28 14.49 20.66 7.76
CA HIS B 28 13.83 21.86 7.19
C HIS B 28 12.34 21.59 6.96
N ALA B 29 11.99 20.35 6.77
CA ALA B 29 10.56 20.01 6.54
C ALA B 29 9.76 20.19 7.84
N ARG B 30 8.64 20.86 7.77
CA ARG B 30 7.82 21.07 9.01
C ARG B 30 7.20 19.75 9.46
N ASN B 31 6.93 18.87 8.54
CA ASN B 31 6.33 17.57 8.91
C ASN B 31 7.06 16.43 8.21
N ALA B 32 8.20 16.03 8.71
CA ALA B 32 8.97 14.93 8.07
C ALA B 32 9.65 14.07 9.14
N GLU B 33 9.88 12.83 8.86
CA GLU B 33 10.55 11.94 9.86
C GLU B 33 11.72 11.20 9.21
N TYR B 34 12.82 11.11 9.89
CA TYR B 34 14.01 10.40 9.32
C TYR B 34 14.50 9.32 10.29
N ASN B 35 14.17 8.09 10.02
CA ASN B 35 14.62 6.98 10.91
C ASN B 35 15.72 6.17 10.22
N PRO B 36 16.91 6.30 10.72
CA PRO B 36 18.07 5.57 10.14
C PRO B 36 17.99 4.08 10.47
N LYS B 37 17.17 3.72 11.42
CA LYS B 37 17.04 2.28 11.80
C LYS B 37 16.09 1.55 10.84
N ARG B 38 15.32 2.27 10.09
CA ARG B 38 14.37 1.60 9.14
C ARG B 38 14.92 1.66 7.71
N PHE B 39 15.45 2.79 7.31
CA PHE B 39 15.99 2.91 5.93
C PHE B 39 16.77 4.21 5.74
N ALA B 40 17.04 4.58 4.51
CA ALA B 40 17.82 5.83 4.26
C ALA B 40 16.96 6.86 3.51
N ALA B 41 15.81 7.19 4.03
CA ALA B 41 14.95 8.20 3.34
C ALA B 41 14.11 8.97 4.37
N VAL B 42 13.52 10.05 3.97
CA VAL B 42 12.68 10.85 4.91
C VAL B 42 11.21 10.53 4.70
N ILE B 43 10.37 10.92 5.62
CA ILE B 43 8.91 10.62 5.46
C ILE B 43 8.09 11.89 5.68
N MET B 44 7.54 12.44 4.62
CA MET B 44 6.72 13.67 4.77
C MET B 44 5.26 13.31 5.01
N ARG B 45 4.47 14.24 5.46
CA ARG B 45 3.03 13.94 5.73
C ARG B 45 2.21 15.24 5.80
N ILE B 46 1.07 15.26 5.16
CA ILE B 46 0.22 16.48 5.19
C ILE B 46 -1.23 16.09 5.48
N ARG B 47 -2.03 17.03 5.94
CA ARG B 47 -3.45 16.70 6.25
C ARG B 47 -4.38 17.23 5.14
N GLU B 48 -3.83 17.52 3.99
CA GLU B 48 -4.68 18.04 2.88
C GLU B 48 -3.97 17.87 1.53
N PRO B 49 -4.16 16.73 0.91
CA PRO B 49 -5.02 15.66 1.49
C PRO B 49 -4.27 14.93 2.62
N LYS B 50 -5.00 14.22 3.44
CA LYS B 50 -4.33 13.49 4.56
C LYS B 50 -3.60 12.27 4.03
N THR B 51 -2.40 12.44 3.55
CA THR B 51 -1.62 11.28 3.01
C THR B 51 -0.19 11.30 3.54
N THR B 52 0.59 10.33 3.17
CA THR B 52 2.02 10.30 3.65
C THR B 52 2.94 10.04 2.47
N ALA B 53 4.20 10.38 2.59
CA ALA B 53 5.13 10.15 1.46
C ALA B 53 6.57 9.96 1.96
N LEU B 54 7.38 9.28 1.20
CA LEU B 54 8.80 9.06 1.61
C LEU B 54 9.74 9.40 0.45
N ILE B 55 10.55 10.41 0.61
CA ILE B 55 11.47 10.80 -0.50
C ILE B 55 12.85 10.18 -0.30
N PHE B 56 13.52 9.84 -1.37
CA PHE B 56 14.88 9.24 -1.26
C PHE B 56 15.94 10.28 -1.64
N ALA B 57 17.15 10.10 -1.18
CA ALA B 57 18.21 11.09 -1.53
C ALA B 57 18.42 11.16 -3.04
N SER B 58 17.92 10.20 -3.76
CA SER B 58 18.08 10.21 -5.24
C SER B 58 17.00 11.07 -5.89
N GLY B 59 16.18 11.70 -5.10
CA GLY B 59 15.09 12.55 -5.68
C GLY B 59 13.84 11.70 -5.88
N LYS B 60 14.00 10.43 -6.10
CA LYS B 60 12.81 9.55 -6.31
C LYS B 60 12.02 9.43 -5.01
N MET B 61 10.74 9.68 -5.06
CA MET B 61 9.92 9.59 -3.81
C MET B 61 8.59 8.85 -4.10
N VAL B 62 7.98 8.31 -3.09
CA VAL B 62 6.69 7.59 -3.30
C VAL B 62 5.61 8.20 -2.41
N VAL B 63 4.48 8.54 -2.97
CA VAL B 63 3.39 9.15 -2.15
C VAL B 63 2.19 8.20 -2.06
N THR B 64 1.59 8.11 -0.90
CA THR B 64 0.41 7.21 -0.75
C THR B 64 -0.61 7.86 0.18
N GLY B 65 -1.85 7.46 0.08
CA GLY B 65 -2.90 8.06 0.96
C GLY B 65 -4.02 8.65 0.08
N ALA B 66 -3.77 8.80 -1.19
CA ALA B 66 -4.82 9.36 -2.09
C ALA B 66 -5.87 8.30 -2.40
N LYS B 67 -7.05 8.71 -2.79
CA LYS B 67 -8.12 7.72 -3.10
C LYS B 67 -8.37 7.68 -4.62
N SER B 68 -7.67 8.48 -5.36
CA SER B 68 -7.88 8.48 -6.84
C SER B 68 -6.71 9.19 -7.54
N GLU B 69 -6.84 9.44 -8.81
CA GLU B 69 -5.74 10.13 -9.55
C GLU B 69 -5.61 11.57 -9.07
N ASP B 70 -6.64 12.36 -9.23
CA ASP B 70 -6.56 13.78 -8.78
C ASP B 70 -6.19 13.85 -7.30
N ASP B 71 -6.59 12.87 -6.53
CA ASP B 71 -6.25 12.87 -5.08
C ASP B 71 -4.74 12.75 -4.89
N SER B 72 -4.12 11.89 -5.65
CA SER B 72 -2.64 11.71 -5.52
C SER B 72 -1.90 12.85 -6.25
N LYS B 73 -2.40 13.24 -7.39
CA LYS B 73 -1.74 14.34 -8.16
C LYS B 73 -1.54 15.56 -7.26
N LEU B 74 -2.50 15.87 -6.43
CA LEU B 74 -2.37 17.04 -5.52
C LEU B 74 -1.42 16.72 -4.37
N ALA B 75 -1.59 15.59 -3.74
CA ALA B 75 -0.69 15.21 -2.61
C ALA B 75 0.78 15.28 -3.05
N SER B 76 1.08 14.78 -4.22
CA SER B 76 2.49 14.83 -4.69
C SER B 76 2.97 16.28 -4.83
N ARG B 77 2.26 17.07 -5.59
CA ARG B 77 2.67 18.49 -5.75
C ARG B 77 3.01 19.11 -4.40
N LYS B 78 2.20 18.88 -3.41
CA LYS B 78 2.48 19.45 -2.06
C LYS B 78 3.86 18.99 -1.58
N TYR B 79 4.11 17.71 -1.61
CA TYR B 79 5.43 17.19 -1.16
C TYR B 79 6.56 17.84 -1.98
N ALA B 80 6.51 17.68 -3.28
CA ALA B 80 7.57 18.29 -4.13
C ALA B 80 7.75 19.76 -3.78
N ARG B 81 6.69 20.42 -3.36
CA ARG B 81 6.79 21.86 -2.99
C ARG B 81 7.58 22.00 -1.68
N ILE B 82 7.26 21.21 -0.70
CA ILE B 82 8.01 21.30 0.60
C ILE B 82 9.51 21.38 0.32
N ILE B 83 9.99 20.64 -0.65
CA ILE B 83 11.44 20.69 -0.97
C ILE B 83 11.78 22.05 -1.57
N GLN B 84 11.08 22.45 -2.59
CA GLN B 84 11.37 23.77 -3.23
C GLN B 84 11.06 24.90 -2.23
N LYS B 85 10.14 24.66 -1.34
CA LYS B 85 9.81 25.70 -0.33
C LYS B 85 10.91 25.74 0.72
N ILE B 86 11.66 24.67 0.81
CA ILE B 86 12.78 24.62 1.78
C ILE B 86 14.02 25.27 1.17
N GLY B 87 14.06 25.35 -0.15
CA GLY B 87 15.23 25.98 -0.82
C GLY B 87 15.83 25.04 -1.86
N PHE B 88 15.59 23.76 -1.75
CA PHE B 88 16.14 22.81 -2.74
C PHE B 88 15.57 23.06 -4.13
N ALA B 89 16.00 22.28 -5.09
CA ALA B 89 15.49 22.46 -6.48
C ALA B 89 14.68 21.24 -6.91
N ALA B 90 13.93 20.66 -6.00
CA ALA B 90 13.11 19.47 -6.36
C ALA B 90 12.11 19.84 -7.45
N LYS B 91 11.77 18.91 -8.30
CA LYS B 91 10.80 19.20 -9.40
C LYS B 91 9.51 18.41 -9.19
N PHE B 92 8.76 18.19 -10.23
CA PHE B 92 7.48 17.42 -10.09
C PHE B 92 7.21 16.63 -11.37
N THR B 93 7.88 15.52 -11.54
CA THR B 93 7.65 14.69 -12.77
C THR B 93 7.78 13.22 -12.44
N ASP B 94 7.58 12.36 -13.41
CA ASP B 94 7.70 10.90 -13.15
C ASP B 94 6.57 10.43 -12.22
N PHE B 95 5.50 11.17 -12.17
CA PHE B 95 4.36 10.76 -11.28
C PHE B 95 3.57 9.63 -11.94
N LYS B 96 3.26 8.59 -11.21
CA LYS B 96 2.49 7.46 -11.83
C LYS B 96 1.94 6.54 -10.74
N ILE B 97 0.69 6.18 -10.84
CA ILE B 97 0.08 5.28 -9.82
C ILE B 97 0.46 3.82 -10.13
N GLN B 98 1.31 3.24 -9.34
CA GLN B 98 1.73 1.83 -9.61
C GLN B 98 0.98 0.86 -8.67
N ASN B 99 0.17 1.37 -7.79
CA ASN B 99 -0.57 0.47 -6.86
C ASN B 99 -1.88 1.09 -6.41
N ILE B 100 -2.98 0.44 -6.69
CA ILE B 100 -4.30 0.98 -6.28
C ILE B 100 -4.93 0.04 -5.24
N VAL B 101 -5.51 0.59 -4.21
CA VAL B 101 -6.13 -0.28 -3.17
C VAL B 101 -7.66 -0.25 -3.25
N GLY B 102 -8.29 -1.39 -3.17
CA GLY B 102 -9.78 -1.43 -3.24
C GLY B 102 -10.31 -2.45 -2.22
N SER B 103 -11.59 -2.58 -2.10
CA SER B 103 -12.15 -3.56 -1.12
C SER B 103 -13.65 -3.74 -1.32
N CYS B 104 -14.17 -4.89 -0.95
CA CYS B 104 -15.63 -5.13 -1.10
C CYS B 104 -16.03 -6.40 -0.36
N ASP B 105 -17.29 -6.63 -0.15
CA ASP B 105 -17.73 -7.85 0.57
C ASP B 105 -18.56 -8.74 -0.35
N VAL B 106 -18.29 -10.02 -0.37
CA VAL B 106 -19.08 -10.93 -1.25
C VAL B 106 -20.41 -11.27 -0.59
N LYS B 107 -20.70 -10.68 0.53
CA LYS B 107 -22.00 -10.95 1.24
C LYS B 107 -21.98 -12.33 1.90
N PHE B 108 -20.95 -13.10 1.71
CA PHE B 108 -20.91 -14.45 2.35
C PHE B 108 -19.47 -14.81 2.74
N PRO B 109 -19.38 -15.64 3.74
CA PRO B 109 -18.05 -16.09 4.23
C PRO B 109 -17.40 -17.04 3.23
N ILE B 110 -16.11 -17.20 3.30
CA ILE B 110 -15.42 -18.12 2.34
C ILE B 110 -14.54 -19.12 3.09
N ARG B 111 -14.31 -20.28 2.51
CA ARG B 111 -13.46 -21.29 3.19
C ARG B 111 -11.98 -20.98 2.93
N LEU B 112 -11.31 -20.40 3.89
CA LEU B 112 -9.87 -20.07 3.71
C LEU B 112 -9.08 -21.32 3.31
N GLU B 113 -9.36 -22.43 3.94
CA GLU B 113 -8.62 -23.68 3.59
C GLU B 113 -9.11 -24.23 2.25
N GLY B 114 -10.29 -23.87 1.84
CA GLY B 114 -10.83 -24.38 0.56
C GLY B 114 -10.10 -23.70 -0.61
N LEU B 115 -9.93 -22.41 -0.55
CA LEU B 115 -9.23 -21.69 -1.64
C LEU B 115 -7.75 -22.08 -1.68
N ALA B 116 -7.16 -22.29 -0.53
CA ALA B 116 -5.71 -22.67 -0.50
C ALA B 116 -5.54 -24.11 -0.98
N PHE B 117 -6.59 -24.89 -0.97
CA PHE B 117 -6.48 -26.30 -1.43
C PHE B 117 -6.78 -26.41 -2.93
N SER B 118 -7.38 -25.39 -3.49
CA SER B 118 -7.69 -25.43 -4.95
C SER B 118 -6.66 -24.63 -5.73
N HIS B 119 -6.13 -23.58 -5.16
CA HIS B 119 -5.11 -22.77 -5.87
C HIS B 119 -3.80 -22.74 -5.06
N GLY B 120 -3.46 -23.83 -4.43
CA GLY B 120 -2.20 -23.87 -3.62
C GLY B 120 -1.04 -23.37 -4.48
N THR B 121 -1.17 -23.41 -5.78
CA THR B 121 -0.07 -22.94 -6.66
C THR B 121 -0.20 -21.43 -6.91
N PHE B 122 -0.86 -20.73 -6.03
CA PHE B 122 -1.01 -19.26 -6.21
C PHE B 122 -1.59 -18.62 -4.94
N SER B 123 -2.46 -19.33 -4.27
CA SER B 123 -3.06 -18.77 -3.02
C SER B 123 -2.21 -19.14 -1.81
N SER B 124 -2.22 -18.32 -0.79
CA SER B 124 -1.42 -18.63 0.43
C SER B 124 -2.29 -18.53 1.68
N TYR B 125 -1.99 -19.31 2.69
CA TYR B 125 -2.80 -19.27 3.93
C TYR B 125 -2.00 -19.82 5.12
N GLU B 126 -1.66 -18.98 6.05
CA GLU B 126 -0.88 -19.46 7.23
C GLU B 126 -1.72 -19.31 8.50
N PRO B 127 -2.22 -20.41 8.98
CA PRO B 127 -3.06 -20.41 10.19
C PRO B 127 -2.18 -20.17 11.44
N GLU B 128 -0.91 -20.08 11.26
CA GLU B 128 0.00 -19.84 12.42
C GLU B 128 0.34 -18.37 12.54
N LEU B 129 -0.04 -17.57 11.58
CA LEU B 129 0.27 -16.12 11.64
C LEU B 129 -0.82 -15.30 10.94
N PHE B 130 -1.27 -15.74 9.80
CA PHE B 130 -2.33 -14.97 9.08
C PHE B 130 -3.60 -15.82 8.95
N PRO B 131 -4.62 -15.43 9.66
CA PRO B 131 -5.90 -16.15 9.62
C PRO B 131 -6.64 -15.85 8.31
N GLY B 132 -6.20 -14.85 7.59
CA GLY B 132 -6.88 -14.51 6.31
C GLY B 132 -6.18 -15.23 5.15
N LEU B 133 -6.66 -15.04 3.95
CA LEU B 133 -6.04 -15.71 2.78
C LEU B 133 -5.43 -14.68 1.84
N ILE B 134 -4.37 -15.03 1.17
CA ILE B 134 -3.72 -14.06 0.23
C ILE B 134 -3.64 -14.65 -1.18
N TYR B 135 -4.50 -14.21 -2.06
CA TYR B 135 -4.48 -14.75 -3.45
C TYR B 135 -3.66 -13.84 -4.35
N ARG B 136 -2.62 -14.36 -4.95
CA ARG B 136 -1.78 -13.53 -5.86
C ARG B 136 -2.31 -13.61 -7.29
N MET B 137 -3.30 -12.83 -7.61
CA MET B 137 -3.87 -12.87 -9.00
C MET B 137 -2.73 -12.93 -10.03
N VAL B 138 -2.83 -13.85 -10.95
CA VAL B 138 -1.76 -13.97 -11.98
C VAL B 138 -1.81 -12.79 -12.95
N LYS B 139 -2.96 -12.52 -13.52
CA LYS B 139 -3.07 -11.38 -14.46
C LYS B 139 -4.45 -10.69 -14.30
N PRO B 140 -4.44 -9.44 -13.89
CA PRO B 140 -3.16 -8.72 -13.62
C PRO B 140 -2.54 -9.23 -12.32
N LYS B 141 -1.34 -8.81 -12.03
CA LYS B 141 -0.66 -9.27 -10.78
C LYS B 141 -1.14 -8.44 -9.59
N ILE B 142 -1.91 -9.04 -8.72
CA ILE B 142 -2.41 -8.28 -7.54
C ILE B 142 -2.65 -9.24 -6.36
N VAL B 143 -2.61 -8.71 -5.16
CA VAL B 143 -2.84 -9.58 -3.97
C VAL B 143 -4.24 -9.32 -3.40
N LEU B 144 -4.99 -10.35 -3.15
CA LEU B 144 -6.36 -10.15 -2.60
C LEU B 144 -6.49 -10.81 -1.22
N LEU B 145 -6.85 -10.06 -0.22
CA LEU B 145 -7.01 -10.64 1.14
C LEU B 145 -8.47 -11.04 1.37
N ILE B 146 -8.72 -12.27 1.70
CA ILE B 146 -10.13 -12.71 1.93
C ILE B 146 -10.27 -13.34 3.32
N PHE B 147 -11.15 -12.81 4.13
CA PHE B 147 -11.33 -13.37 5.50
C PHE B 147 -12.70 -14.06 5.61
N VAL B 148 -12.79 -15.06 6.43
CA VAL B 148 -14.11 -15.78 6.57
C VAL B 148 -15.24 -14.76 6.72
N SER B 149 -14.93 -13.58 7.17
CA SER B 149 -15.99 -12.54 7.33
C SER B 149 -16.60 -12.17 5.98
N GLY B 150 -15.83 -12.28 4.92
CA GLY B 150 -16.37 -11.94 3.57
C GLY B 150 -15.71 -10.65 3.07
N LYS B 151 -14.78 -10.12 3.82
CA LYS B 151 -14.10 -8.86 3.38
C LYS B 151 -13.03 -9.18 2.34
N ILE B 152 -13.12 -8.58 1.18
CA ILE B 152 -12.10 -8.84 0.12
C ILE B 152 -11.32 -7.57 -0.19
N VAL B 153 -10.01 -7.63 -0.11
CA VAL B 153 -9.20 -6.42 -0.41
C VAL B 153 -8.42 -6.63 -1.71
N LEU B 154 -8.06 -5.56 -2.39
CA LEU B 154 -7.31 -5.70 -3.66
C LEU B 154 -6.25 -4.61 -3.79
N THR B 155 -5.02 -4.93 -3.56
CA THR B 155 -3.94 -3.91 -3.67
C THR B 155 -2.84 -4.41 -4.61
N GLY B 156 -2.13 -3.51 -5.25
CA GLY B 156 -1.05 -3.94 -6.18
C GLY B 156 -1.51 -3.72 -7.62
N ALA B 157 -2.74 -3.31 -7.82
CA ALA B 157 -3.23 -3.07 -9.20
C ALA B 157 -2.53 -1.85 -9.81
N LYS B 158 -2.59 -1.71 -11.11
CA LYS B 158 -1.92 -0.55 -11.75
C LYS B 158 -2.96 0.36 -12.40
N GLN B 159 -4.20 -0.06 -12.42
CA GLN B 159 -5.27 0.78 -13.03
C GLN B 159 -6.64 0.36 -12.50
N ARG B 160 -7.55 1.29 -12.37
CA ARG B 160 -8.90 0.94 -11.87
C ARG B 160 -9.40 -0.35 -12.53
N GLU B 161 -9.10 -0.53 -13.79
CA GLU B 161 -9.55 -1.77 -14.48
C GLU B 161 -8.94 -3.00 -13.82
N GLU B 162 -7.74 -2.89 -13.31
CA GLU B 162 -7.10 -4.05 -12.65
C GLU B 162 -7.89 -4.45 -11.40
N ILE B 163 -8.14 -3.53 -10.53
CA ILE B 163 -8.91 -3.87 -9.29
C ILE B 163 -10.28 -4.44 -9.66
N TYR B 164 -10.93 -3.87 -10.63
CA TYR B 164 -12.27 -4.39 -11.04
C TYR B 164 -12.12 -5.78 -11.65
N GLN B 165 -11.00 -6.06 -12.24
CA GLN B 165 -10.81 -7.41 -12.86
C GLN B 165 -10.37 -8.42 -11.79
N ALA B 166 -9.38 -8.08 -11.01
CA ALA B 166 -8.92 -9.02 -9.95
C ALA B 166 -10.12 -9.59 -9.21
N PHE B 167 -11.06 -8.76 -8.88
CA PHE B 167 -12.27 -9.24 -8.16
C PHE B 167 -13.12 -10.11 -9.09
N GLU B 168 -13.26 -9.70 -10.32
CA GLU B 168 -14.07 -10.50 -11.29
C GLU B 168 -13.38 -11.84 -11.58
N ALA B 169 -12.12 -11.96 -11.23
CA ALA B 169 -11.40 -13.23 -11.48
C ALA B 169 -11.49 -14.13 -10.26
N ILE B 170 -11.34 -13.57 -9.08
CA ILE B 170 -11.43 -14.39 -7.84
C ILE B 170 -12.87 -14.44 -7.34
N TYR B 171 -13.71 -13.56 -7.83
CA TYR B 171 -15.12 -13.55 -7.38
C TYR B 171 -15.72 -14.96 -7.44
N PRO B 172 -15.55 -15.63 -8.57
CA PRO B 172 -16.09 -17.00 -8.71
C PRO B 172 -15.30 -17.98 -7.84
N VAL B 173 -14.00 -17.88 -7.86
CA VAL B 173 -13.18 -18.81 -7.03
C VAL B 173 -13.70 -18.82 -5.59
N LEU B 174 -14.09 -17.67 -5.09
CA LEU B 174 -14.62 -17.60 -3.70
C LEU B 174 -16.02 -18.23 -3.65
N SER B 175 -16.90 -17.80 -4.52
CA SER B 175 -18.28 -18.37 -4.54
C SER B 175 -18.21 -19.88 -4.68
N GLU B 176 -17.24 -20.37 -5.40
CA GLU B 176 -17.11 -21.85 -5.58
C GLU B 176 -16.70 -22.49 -4.25
N PHE B 177 -15.95 -21.81 -3.45
CA PHE B 177 -15.52 -22.38 -2.14
C PHE B 177 -16.07 -21.52 -1.00
N ARG B 178 -17.27 -21.04 -1.14
CA ARG B 178 -17.87 -20.20 -0.06
C ARG B 178 -17.99 -21.01 1.23
N LYS B 179 -18.34 -20.38 2.32
CA LYS B 179 -18.48 -21.11 3.61
C LYS B 179 -19.96 -21.36 3.92
N MET B 180 -20.78 -20.35 3.79
CA MET B 180 -22.23 -20.54 4.07
C MET B 180 -22.81 -21.65 3.19
N GLU A 1 31.77 -8.21 -1.54
CA GLU A 1 30.66 -7.27 -1.22
C GLU A 1 29.68 -7.20 -2.40
N GLY A 2 28.45 -6.84 -2.13
CA GLY A 2 27.45 -6.74 -3.24
C GLY A 2 26.06 -7.10 -2.71
N SER A 3 25.53 -6.29 -1.84
CA SER A 3 24.17 -6.58 -1.28
C SER A 3 23.14 -6.69 -2.41
N ILE A 4 21.94 -7.05 -2.09
CA ILE A 4 20.89 -7.18 -3.14
C ILE A 4 19.84 -6.10 -2.97
N GLY A 5 19.75 -5.52 -1.81
CA GLY A 5 18.73 -4.45 -1.57
C GLY A 5 17.40 -5.09 -1.17
N ASN A 6 16.90 -4.77 -0.02
CA ASN A 6 15.61 -5.36 0.44
C ASN A 6 14.49 -4.32 0.39
N GLY A 7 14.77 -3.11 0.80
CA GLY A 7 13.72 -2.05 0.77
C GLY A 7 13.17 -1.86 2.18
N LEU A 8 12.79 -0.66 2.53
CA LEU A 8 12.26 -0.42 3.90
C LEU A 8 10.94 -1.18 4.09
N ASP A 9 10.43 -1.23 5.29
CA ASP A 9 9.16 -1.96 5.54
C ASP A 9 7.99 -1.29 4.82
N LEU A 10 7.80 -1.56 3.56
CA LEU A 10 6.67 -0.92 2.84
C LEU A 10 5.49 -1.88 2.74
N THR A 11 5.61 -3.06 3.27
CA THR A 11 4.47 -4.02 3.20
C THR A 11 3.18 -3.31 3.56
N GLY A 12 3.25 -2.30 4.39
CA GLY A 12 2.02 -1.57 4.78
C GLY A 12 1.92 -0.28 3.96
N ILE A 13 3.03 0.30 3.61
CA ILE A 13 2.97 1.57 2.82
C ILE A 13 2.15 1.31 1.55
N LEU A 14 2.36 0.21 0.90
CA LEU A 14 1.56 -0.10 -0.32
C LEU A 14 0.21 -0.69 0.08
N PHE A 15 0.17 -1.36 1.20
CA PHE A 15 -1.12 -1.95 1.67
C PHE A 15 -1.81 -0.95 2.60
N GLY A 16 -1.33 0.26 2.63
CA GLY A 16 -1.94 1.29 3.53
C GLY A 16 -0.83 2.18 4.07
N ASN A 17 -0.59 3.29 3.43
CA ASN A 17 0.47 4.26 3.84
C ASN A 17 0.87 4.07 5.30
N ILE A 18 2.15 4.03 5.54
CA ILE A 18 2.67 3.87 6.93
C ILE A 18 3.98 4.62 7.01
N ASP A 19 4.44 4.91 8.19
CA ASP A 19 5.73 5.59 8.31
C ASP A 19 6.80 4.52 8.32
N SER A 20 7.74 4.58 7.43
CA SER A 20 8.80 3.53 7.38
C SER A 20 9.17 3.11 8.79
N GLU A 21 9.02 3.98 9.75
CA GLU A 21 9.34 3.62 11.16
C GLU A 21 8.54 2.37 11.57
N GLY A 22 7.53 2.03 10.82
CA GLY A 22 6.71 0.82 11.17
C GLY A 22 5.34 1.25 11.71
N ARG A 23 4.85 2.39 11.31
CA ARG A 23 3.51 2.84 11.80
C ARG A 23 2.57 3.11 10.62
N LEU A 24 1.45 2.43 10.56
CA LEU A 24 0.51 2.65 9.42
C LEU A 24 -0.56 3.67 9.77
N LEU A 25 -1.15 4.28 8.77
CA LEU A 25 -2.20 5.30 9.04
C LEU A 25 -3.39 5.09 8.11
N GLN A 26 -4.38 5.92 8.21
CA GLN A 26 -5.57 5.76 7.32
C GLN A 26 -6.27 7.12 7.11
N ASP A 27 -5.62 8.19 7.46
CA ASP A 27 -6.24 9.53 7.28
C ASP A 27 -7.36 9.74 8.32
N ASP A 28 -8.30 8.83 8.37
CA ASP A 28 -9.42 8.99 9.35
C ASP A 28 -10.19 10.27 9.05
N ASP A 29 -10.23 10.66 7.81
CA ASP A 29 -10.97 11.91 7.44
C ASP A 29 -11.61 11.75 6.06
N GLY A 30 -12.61 10.93 5.95
CA GLY A 30 -13.28 10.72 4.64
C GLY A 30 -13.44 12.06 3.93
N GLU A 31 -14.54 12.73 4.13
CA GLU A 31 -14.76 14.05 3.47
C GLU A 31 -15.08 15.12 4.51
N GLY A 32 -15.74 14.75 5.57
CA GLY A 32 -16.09 15.74 6.62
C GLY A 32 -15.77 15.16 7.99
N ARG A 33 -16.26 13.99 8.29
CA ARG A 33 -15.99 13.37 9.62
C ARG A 33 -16.41 11.90 9.62
N GLY A 34 -15.88 11.12 8.73
CA GLY A 34 -16.25 9.68 8.68
C GLY A 34 -15.00 8.84 8.40
N GLY A 35 -14.99 7.61 8.82
CA GLY A 35 -13.79 6.75 8.57
C GLY A 35 -13.90 5.48 9.41
N THR A 36 -13.50 4.36 8.85
CA THR A 36 -13.57 3.08 9.62
C THR A 36 -12.16 2.56 9.90
N GLY A 37 -11.56 1.94 8.93
CA GLY A 37 -10.17 1.40 9.14
C GLY A 37 -10.17 -0.11 8.94
N PHE A 38 -9.06 -0.66 8.56
CA PHE A 38 -8.98 -2.14 8.35
C PHE A 38 -9.00 -2.87 9.70
N ASP A 39 -9.67 -3.98 9.78
CA ASP A 39 -9.71 -4.74 11.06
C ASP A 39 -8.30 -4.90 11.63
N ALA A 40 -8.17 -5.52 12.78
CA ALA A 40 -6.82 -5.71 13.37
C ALA A 40 -6.19 -7.01 12.85
N GLU A 41 -6.58 -7.45 11.69
CA GLU A 41 -6.00 -8.70 11.14
C GLU A 41 -4.94 -8.35 10.10
N LEU A 42 -4.96 -7.15 9.61
CA LEU A 42 -3.96 -6.74 8.58
C LEU A 42 -2.83 -5.95 9.23
N ARG A 43 -3.15 -5.05 10.11
CA ARG A 43 -2.08 -4.24 10.77
C ARG A 43 -1.05 -5.16 11.42
N GLU A 44 -1.49 -6.06 12.25
CA GLU A 44 -0.54 -6.99 12.91
C GLU A 44 0.07 -7.94 11.89
N ASN A 45 -0.59 -8.14 10.79
CA ASN A 45 -0.04 -9.04 9.73
C ASN A 45 0.89 -8.25 8.82
N ILE A 46 0.62 -6.97 8.67
CA ILE A 46 1.49 -6.13 7.81
C ILE A 46 2.93 -6.22 8.30
N GLY A 47 3.13 -6.06 9.58
CA GLY A 47 4.51 -6.15 10.13
C GLY A 47 5.16 -7.45 9.62
N SER A 48 4.37 -8.41 9.23
CA SER A 48 4.95 -9.69 8.73
C SER A 48 4.33 -10.09 7.39
N LEU A 49 3.84 -9.14 6.64
CA LEU A 49 3.22 -9.47 5.32
C LEU A 49 4.29 -9.36 4.22
N SER A 50 5.53 -9.47 4.58
CA SER A 50 6.62 -9.38 3.55
C SER A 50 7.23 -10.75 3.30
N LYS A 51 6.43 -11.73 3.01
CA LYS A 51 6.97 -13.10 2.75
C LYS A 51 5.88 -14.01 2.19
N LEU A 52 4.88 -13.44 1.56
CA LEU A 52 3.79 -14.28 0.99
C LEU A 52 3.81 -14.20 -0.53
N GLY A 53 3.87 -13.02 -1.06
CA GLY A 53 3.89 -12.87 -2.56
C GLY A 53 4.00 -11.39 -2.93
N LEU A 54 3.46 -10.51 -2.14
CA LEU A 54 3.52 -9.06 -2.48
C LEU A 54 4.93 -8.51 -2.20
N ASP A 55 5.83 -9.33 -1.75
CA ASP A 55 7.22 -8.84 -1.48
C ASP A 55 7.68 -7.93 -2.62
N SER A 56 7.38 -8.30 -3.84
CA SER A 56 7.80 -7.46 -5.00
C SER A 56 7.24 -6.05 -4.81
N MET A 57 5.99 -5.94 -4.46
CA MET A 57 5.40 -4.59 -4.25
C MET A 57 6.07 -3.92 -3.04
N LEU A 58 6.85 -4.66 -2.30
CA LEU A 58 7.55 -4.09 -1.13
C LEU A 58 8.65 -3.15 -1.62
N LEU A 59 9.59 -3.70 -2.34
CA LEU A 59 10.70 -2.88 -2.89
C LEU A 59 10.21 -2.05 -4.08
N GLU A 60 8.97 -2.20 -4.45
CA GLU A 60 8.44 -1.44 -5.63
C GLU A 60 7.94 -0.06 -5.22
N VAL A 61 8.23 0.36 -4.02
CA VAL A 61 7.77 1.70 -3.60
C VAL A 61 8.81 2.37 -2.70
N ILE A 62 9.92 1.74 -2.51
CA ILE A 62 11.01 2.31 -1.67
C ILE A 62 12.35 1.86 -2.23
N ASP A 63 12.75 2.44 -3.33
CA ASP A 63 14.05 2.05 -3.92
C ASP A 63 15.18 2.75 -3.16
N LEU A 64 15.20 2.58 -1.87
CA LEU A 64 16.22 3.24 -1.03
C LEU A 64 17.30 2.23 -0.61
N LYS A 65 18.04 1.75 -1.55
CA LYS A 65 19.12 0.76 -1.22
C LYS A 65 20.30 0.95 -2.17
N GLU A 66 21.03 2.02 -2.03
CA GLU A 66 22.20 2.26 -2.91
C GLU A 66 21.82 2.03 -4.36
N ALA A 67 20.62 2.37 -4.73
CA ALA A 67 20.19 2.17 -6.15
C ALA A 67 20.07 3.52 -6.87
N SER B 1 -19.16 -5.40 -12.07
CA SER B 1 -20.41 -6.22 -12.15
C SER B 1 -20.59 -7.03 -10.86
N GLY B 2 -21.12 -6.44 -9.85
CA GLY B 2 -21.33 -7.18 -8.57
C GLY B 2 -20.52 -6.52 -7.46
N ILE B 3 -21.07 -5.51 -6.82
CA ILE B 3 -20.35 -4.81 -5.73
C ILE B 3 -19.09 -4.11 -6.25
N VAL B 4 -18.20 -4.83 -6.89
CA VAL B 4 -16.96 -4.20 -7.41
C VAL B 4 -16.12 -3.65 -6.25
N PRO B 5 -14.83 -3.84 -6.37
CA PRO B 5 -13.90 -3.38 -5.31
C PRO B 5 -13.77 -1.86 -5.33
N THR B 6 -13.80 -1.23 -4.19
CA THR B 6 -13.68 0.25 -4.14
C THR B 6 -12.25 0.64 -3.76
N LEU B 7 -11.69 1.62 -4.42
CA LEU B 7 -10.30 2.05 -4.09
C LEU B 7 -10.26 2.74 -2.73
N GLN B 8 -9.32 2.39 -1.89
CA GLN B 8 -9.24 3.03 -0.55
C GLN B 8 -7.81 3.50 -0.27
N ASN B 9 -6.90 3.23 -1.17
CA ASN B 9 -5.50 3.67 -0.94
C ASN B 9 -4.72 3.66 -2.27
N ILE B 10 -4.10 4.75 -2.61
CA ILE B 10 -3.32 4.79 -3.89
C ILE B 10 -1.84 4.99 -3.59
N VAL B 11 -0.98 4.61 -4.51
CA VAL B 11 0.49 4.78 -4.28
C VAL B 11 1.16 5.19 -5.60
N ALA B 12 1.82 6.31 -5.61
CA ALA B 12 2.49 6.76 -6.87
C ALA B 12 3.96 7.11 -6.60
N THR B 13 4.75 7.19 -7.64
CA THR B 13 6.19 7.54 -7.45
C THR B 13 6.54 8.79 -8.24
N VAL B 14 7.26 9.70 -7.66
CA VAL B 14 7.63 10.95 -8.39
C VAL B 14 9.15 11.14 -8.37
N THR B 15 9.70 11.73 -9.40
CA THR B 15 11.16 11.96 -9.44
C THR B 15 11.47 13.45 -9.50
N LEU B 16 12.51 13.88 -8.82
CA LEU B 16 12.86 15.32 -8.84
C LEU B 16 14.02 15.57 -9.81
N GLY B 17 15.09 14.83 -9.68
CA GLY B 17 16.25 15.01 -10.59
C GLY B 17 17.45 15.53 -9.80
N CYS B 18 17.24 15.96 -8.59
CA CYS B 18 18.38 16.48 -7.77
C CYS B 18 18.47 15.71 -6.45
N ARG B 19 19.51 15.95 -5.69
CA ARG B 19 19.65 15.24 -4.39
C ARG B 19 19.24 16.16 -3.23
N LEU B 20 18.75 15.61 -2.16
CA LEU B 20 18.34 16.45 -1.00
C LEU B 20 19.03 15.97 0.28
N ASP B 21 18.83 16.67 1.37
CA ASP B 21 19.47 16.25 2.64
C ASP B 21 18.39 15.83 3.66
N LEU B 22 18.13 14.56 3.77
CA LEU B 22 17.08 14.11 4.73
C LEU B 22 17.24 14.84 6.07
N LYS B 23 18.45 15.02 6.52
CA LYS B 23 18.66 15.71 7.82
C LYS B 23 17.98 17.09 7.80
N THR B 24 18.19 17.85 6.76
CA THR B 24 17.56 19.21 6.69
C THR B 24 16.10 19.08 6.26
N VAL B 25 15.82 18.23 5.31
CA VAL B 25 14.40 18.07 4.84
C VAL B 25 13.50 17.75 6.04
N ALA B 26 13.82 16.73 6.78
CA ALA B 26 12.99 16.36 7.95
C ALA B 26 13.05 17.48 9.00
N LEU B 27 14.12 18.21 9.03
CA LEU B 27 14.24 19.32 10.02
C LEU B 27 13.50 20.56 9.50
N HIS B 28 13.36 20.68 8.22
CA HIS B 28 12.65 21.86 7.64
C HIS B 28 11.20 21.50 7.31
N ALA B 29 10.98 20.34 6.76
CA ALA B 29 9.59 19.92 6.43
C ALA B 29 8.66 20.17 7.62
N ARG B 30 7.52 20.77 7.38
CA ARG B 30 6.58 21.04 8.50
C ARG B 30 5.97 19.73 9.01
N ASN B 31 5.90 18.74 8.18
CA ASN B 31 5.33 17.43 8.61
C ASN B 31 6.18 16.28 8.06
N ALA B 32 7.28 16.00 8.68
CA ALA B 32 8.14 14.89 8.19
C ALA B 32 9.07 14.39 9.30
N GLU B 33 9.77 13.32 9.07
CA GLU B 33 10.70 12.78 10.10
C GLU B 33 11.78 11.91 9.44
N TYR B 34 12.76 11.49 10.19
CA TYR B 34 13.83 10.64 9.60
C TYR B 34 14.16 9.48 10.54
N ASN B 35 14.17 8.28 10.03
CA ASN B 35 14.49 7.10 10.89
C ASN B 35 15.68 6.33 10.32
N PRO B 36 16.82 6.54 10.93
CA PRO B 36 18.06 5.86 10.48
C PRO B 36 18.01 4.37 10.85
N LYS B 37 17.27 4.02 11.87
CA LYS B 37 17.19 2.58 12.26
C LYS B 37 16.30 1.81 11.28
N ARG B 38 15.45 2.50 10.57
CA ARG B 38 14.55 1.82 9.60
C ARG B 38 15.11 1.95 8.18
N PHE B 39 15.05 3.13 7.62
CA PHE B 39 15.57 3.32 6.24
C PHE B 39 16.09 4.74 6.06
N ALA B 40 16.87 4.97 5.04
CA ALA B 40 17.40 6.34 4.81
C ALA B 40 16.34 7.17 4.07
N ALA B 41 15.12 7.14 4.53
CA ALA B 41 14.04 7.90 3.86
C ALA B 41 13.32 8.82 4.84
N VAL B 42 12.91 9.98 4.39
CA VAL B 42 12.18 10.90 5.29
C VAL B 42 10.69 10.61 5.18
N ILE B 43 10.03 10.34 6.27
CA ILE B 43 8.58 10.03 6.21
C ILE B 43 7.77 11.33 6.30
N MET B 44 7.14 11.70 5.23
CA MET B 44 6.34 12.97 5.25
C MET B 44 4.85 12.65 5.27
N ARG B 45 4.02 13.59 5.66
CA ARG B 45 2.56 13.34 5.70
C ARG B 45 1.80 14.67 5.76
N ILE B 46 0.87 14.86 4.86
CA ILE B 46 0.09 16.14 4.86
C ILE B 46 -1.34 15.86 5.34
N ARG B 47 -2.14 16.88 5.47
CA ARG B 47 -3.54 16.68 5.93
C ARG B 47 -4.54 17.17 4.88
N GLU B 48 -4.29 16.89 3.63
CA GLU B 48 -5.22 17.35 2.56
C GLU B 48 -4.61 17.11 1.17
N PRO B 49 -4.78 15.92 0.66
CA PRO B 49 -5.52 14.86 1.39
C PRO B 49 -4.63 14.22 2.46
N LYS B 50 -5.22 13.58 3.43
CA LYS B 50 -4.41 12.93 4.50
C LYS B 50 -3.60 11.77 3.92
N THR B 51 -2.32 11.94 3.74
CA THR B 51 -1.49 10.84 3.16
C THR B 51 -0.04 10.96 3.63
N THR B 52 0.78 10.02 3.25
CA THR B 52 2.22 10.07 3.67
C THR B 52 3.11 9.84 2.45
N ALA B 53 4.39 10.03 2.58
CA ALA B 53 5.29 9.82 1.42
C ALA B 53 6.71 9.51 1.88
N LEU B 54 7.38 8.62 1.20
CA LEU B 54 8.78 8.28 1.58
C LEU B 54 9.75 9.05 0.69
N ILE B 55 10.35 10.09 1.19
CA ILE B 55 11.29 10.89 0.34
C ILE B 55 12.72 10.34 0.46
N PHE B 56 13.40 10.22 -0.65
CA PHE B 56 14.80 9.68 -0.62
C PHE B 56 15.79 10.80 -0.95
N ALA B 57 16.98 10.72 -0.42
CA ALA B 57 18.00 11.79 -0.72
C ALA B 57 18.45 11.70 -2.17
N SER B 58 18.10 10.64 -2.86
CA SER B 58 18.52 10.49 -4.27
C SER B 58 17.67 11.41 -5.18
N GLY B 59 16.67 12.03 -4.61
CA GLY B 59 15.82 12.93 -5.44
C GLY B 59 14.48 12.26 -5.71
N LYS B 60 14.40 10.96 -5.56
CA LYS B 60 13.13 10.25 -5.82
C LYS B 60 12.27 10.21 -4.55
N MET B 61 10.99 9.99 -4.68
CA MET B 61 10.11 9.94 -3.48
C MET B 61 8.84 9.14 -3.78
N VAL B 62 8.12 8.73 -2.77
CA VAL B 62 6.89 7.93 -3.00
C VAL B 62 5.70 8.56 -2.25
N VAL B 63 4.50 8.21 -2.62
CA VAL B 63 3.31 8.77 -1.93
C VAL B 63 2.26 7.67 -1.73
N THR B 64 1.46 7.79 -0.71
CA THR B 64 0.42 6.75 -0.46
C THR B 64 -0.71 7.33 0.39
N GLY B 65 -1.82 6.66 0.43
CA GLY B 65 -2.97 7.16 1.24
C GLY B 65 -4.10 7.61 0.30
N ALA B 66 -3.75 8.24 -0.80
CA ALA B 66 -4.80 8.71 -1.75
C ALA B 66 -5.88 7.63 -1.93
N LYS B 67 -7.04 8.02 -2.36
CA LYS B 67 -8.15 7.03 -2.55
C LYS B 67 -8.65 7.09 -3.99
N SER B 68 -8.18 8.03 -4.77
CA SER B 68 -8.65 8.14 -6.18
C SER B 68 -7.49 8.59 -7.07
N GLU B 69 -7.71 8.64 -8.36
CA GLU B 69 -6.63 9.06 -9.29
C GLU B 69 -6.21 10.50 -9.01
N ASP B 70 -7.10 11.43 -9.21
CA ASP B 70 -6.75 12.86 -8.94
C ASP B 70 -6.25 13.04 -7.50
N ASP B 71 -6.51 12.07 -6.66
CA ASP B 71 -6.05 12.19 -5.25
C ASP B 71 -4.54 12.00 -5.17
N SER B 72 -4.01 10.97 -5.78
CA SER B 72 -2.54 10.74 -5.73
C SER B 72 -1.81 11.86 -6.46
N LYS B 73 -2.44 12.51 -7.39
CA LYS B 73 -1.78 13.62 -8.13
C LYS B 73 -1.75 14.90 -7.29
N LEU B 74 -2.68 15.05 -6.39
CA LEU B 74 -2.70 16.27 -5.54
C LEU B 74 -1.67 16.16 -4.41
N ALA B 75 -1.67 15.07 -3.69
CA ALA B 75 -0.69 14.92 -2.58
C ALA B 75 0.73 14.85 -3.13
N SER B 76 0.90 14.32 -4.32
CA SER B 76 2.27 14.24 -4.90
C SER B 76 2.81 15.62 -5.22
N ARG B 77 2.14 16.36 -6.07
CA ARG B 77 2.62 17.72 -6.41
C ARG B 77 2.79 18.55 -5.14
N LYS B 78 1.96 18.33 -4.15
CA LYS B 78 2.08 19.10 -2.89
C LYS B 78 3.40 18.76 -2.19
N TYR B 79 3.78 17.51 -2.19
CA TYR B 79 5.07 17.13 -1.53
C TYR B 79 6.25 17.74 -2.29
N ALA B 80 6.27 17.59 -3.58
CA ALA B 80 7.38 18.18 -4.38
C ALA B 80 7.48 19.68 -4.11
N ARG B 81 6.37 20.31 -3.82
CA ARG B 81 6.41 21.78 -3.54
C ARG B 81 7.07 22.04 -2.18
N ILE B 82 6.91 21.13 -1.25
CA ILE B 82 7.54 21.32 0.09
C ILE B 82 9.06 21.40 -0.06
N ILE B 83 9.63 20.55 -0.86
CA ILE B 83 11.10 20.58 -1.05
C ILE B 83 11.50 21.88 -1.77
N GLN B 84 10.79 22.24 -2.80
CA GLN B 84 11.11 23.50 -3.52
C GLN B 84 10.71 24.71 -2.68
N LYS B 85 9.70 24.56 -1.87
CA LYS B 85 9.27 25.69 -1.01
C LYS B 85 10.31 25.87 0.10
N ILE B 86 11.08 24.85 0.34
CA ILE B 86 12.12 24.93 1.39
C ILE B 86 13.39 25.52 0.78
N GLY B 87 13.56 25.40 -0.51
CA GLY B 87 14.77 25.97 -1.16
C GLY B 87 15.41 24.96 -2.11
N PHE B 88 15.22 23.68 -1.86
CA PHE B 88 15.83 22.66 -2.75
C PHE B 88 15.48 22.93 -4.22
N ALA B 89 16.27 22.42 -5.12
CA ALA B 89 16.01 22.63 -6.56
C ALA B 89 15.31 21.39 -7.15
N ALA B 90 14.47 20.75 -6.38
CA ALA B 90 13.77 19.54 -6.90
C ALA B 90 12.76 19.93 -7.98
N LYS B 91 12.21 18.96 -8.67
CA LYS B 91 11.23 19.27 -9.73
C LYS B 91 10.21 18.14 -9.86
N PHE B 92 8.97 18.41 -9.53
CA PHE B 92 7.93 17.35 -9.62
C PHE B 92 7.82 16.84 -11.06
N THR B 93 8.27 15.64 -11.31
CA THR B 93 8.19 15.08 -12.69
C THR B 93 8.21 13.55 -12.64
N ASP B 94 7.93 12.91 -13.74
CA ASP B 94 7.93 11.42 -13.77
C ASP B 94 6.86 10.87 -12.82
N PHE B 95 5.81 11.61 -12.62
CA PHE B 95 4.72 11.14 -11.71
C PHE B 95 3.97 9.98 -12.36
N LYS B 96 3.73 8.93 -11.63
CA LYS B 96 2.99 7.76 -12.22
C LYS B 96 2.49 6.83 -11.12
N ILE B 97 1.25 6.44 -11.16
CA ILE B 97 0.71 5.52 -10.13
C ILE B 97 1.06 4.08 -10.48
N GLN B 98 1.59 3.34 -9.55
CA GLN B 98 1.97 1.93 -9.84
C GLN B 98 1.37 0.97 -8.80
N ASN B 99 0.66 1.49 -7.84
CA ASN B 99 0.07 0.59 -6.80
C ASN B 99 -1.27 1.15 -6.30
N ILE B 100 -2.35 0.50 -6.63
CA ILE B 100 -3.69 0.98 -6.17
C ILE B 100 -4.28 -0.04 -5.19
N VAL B 101 -4.94 0.43 -4.16
CA VAL B 101 -5.53 -0.52 -3.17
C VAL B 101 -7.05 -0.42 -3.16
N GLY B 102 -7.73 -1.53 -3.26
CA GLY B 102 -9.23 -1.49 -3.25
C GLY B 102 -9.73 -2.48 -2.20
N SER B 103 -11.00 -2.42 -1.88
CA SER B 103 -11.54 -3.36 -0.85
C SER B 103 -13.07 -3.35 -0.88
N CYS B 104 -13.68 -4.46 -0.53
CA CYS B 104 -15.17 -4.53 -0.54
C CYS B 104 -15.63 -5.83 0.12
N ASP B 105 -16.91 -5.95 0.38
CA ASP B 105 -17.42 -7.20 1.02
C ASP B 105 -18.22 -8.02 0.00
N VAL B 106 -18.45 -9.27 0.29
CA VAL B 106 -19.23 -10.12 -0.67
C VAL B 106 -20.58 -10.50 -0.07
N LYS B 107 -20.96 -9.88 1.02
CA LYS B 107 -22.28 -10.19 1.65
C LYS B 107 -22.23 -11.54 2.37
N PHE B 108 -21.14 -12.24 2.30
CA PHE B 108 -21.05 -13.56 2.99
C PHE B 108 -19.59 -13.98 3.17
N PRO B 109 -19.35 -14.72 4.22
CA PRO B 109 -17.98 -15.19 4.54
C PRO B 109 -17.57 -16.31 3.58
N ILE B 110 -16.32 -16.70 3.60
CA ILE B 110 -15.85 -17.78 2.69
C ILE B 110 -14.87 -18.71 3.43
N ARG B 111 -14.81 -19.96 3.04
CA ARG B 111 -13.87 -20.90 3.71
C ARG B 111 -12.46 -20.72 3.14
N LEU B 112 -11.75 -19.73 3.60
CA LEU B 112 -10.37 -19.49 3.09
C LEU B 112 -9.58 -20.80 3.07
N GLU B 113 -9.77 -21.63 4.05
CA GLU B 113 -9.03 -22.93 4.09
C GLU B 113 -9.44 -23.80 2.90
N GLY B 114 -10.71 -24.06 2.76
CA GLY B 114 -11.17 -24.91 1.62
C GLY B 114 -10.70 -24.29 0.29
N LEU B 115 -10.80 -22.99 0.17
CA LEU B 115 -10.37 -22.34 -1.10
C LEU B 115 -8.84 -22.39 -1.23
N ALA B 116 -8.14 -22.20 -0.14
CA ALA B 116 -6.65 -22.22 -0.20
C ALA B 116 -6.17 -23.64 -0.56
N PHE B 117 -6.94 -24.64 -0.24
CA PHE B 117 -6.53 -26.03 -0.57
C PHE B 117 -6.75 -26.31 -2.05
N SER B 118 -7.72 -25.69 -2.65
CA SER B 118 -7.99 -25.92 -4.10
C SER B 118 -7.13 -24.99 -4.96
N HIS B 119 -7.06 -23.74 -4.59
CA HIS B 119 -6.24 -22.77 -5.39
C HIS B 119 -4.95 -22.43 -4.64
N GLY B 120 -4.49 -23.32 -3.80
CA GLY B 120 -3.23 -23.05 -3.04
C GLY B 120 -2.11 -22.71 -4.01
N THR B 121 -2.14 -23.26 -5.20
CA THR B 121 -1.07 -22.96 -6.19
C THR B 121 -0.91 -21.45 -6.39
N PHE B 122 -2.00 -20.75 -6.40
CA PHE B 122 -1.92 -19.26 -6.58
C PHE B 122 -2.26 -18.55 -5.28
N SER B 123 -3.03 -19.16 -4.44
CA SER B 123 -3.40 -18.50 -3.15
C SER B 123 -2.47 -18.96 -2.02
N SER B 124 -2.36 -18.19 -0.97
CA SER B 124 -1.48 -18.59 0.16
C SER B 124 -2.25 -18.40 1.48
N TYR B 125 -2.42 -19.46 2.23
CA TYR B 125 -3.16 -19.34 3.52
C TYR B 125 -2.32 -19.88 4.68
N GLU B 126 -1.89 -19.02 5.56
CA GLU B 126 -1.07 -19.48 6.71
C GLU B 126 -1.80 -19.16 8.02
N PRO B 127 -2.40 -20.16 8.60
CA PRO B 127 -3.13 -19.98 9.87
C PRO B 127 -2.17 -19.75 11.03
N GLU B 128 -0.89 -19.77 10.77
CA GLU B 128 0.09 -19.55 11.86
C GLU B 128 0.58 -18.10 11.84
N LEU B 129 0.14 -17.33 10.88
CA LEU B 129 0.57 -15.91 10.82
C LEU B 129 -0.51 -15.05 10.15
N PHE B 130 -1.18 -15.59 9.17
CA PHE B 130 -2.26 -14.80 8.49
C PHE B 130 -3.55 -15.61 8.45
N PRO B 131 -4.52 -15.17 9.20
CA PRO B 131 -5.83 -15.86 9.24
C PRO B 131 -6.62 -15.60 7.95
N GLY B 132 -6.26 -14.60 7.21
CA GLY B 132 -6.98 -14.30 5.94
C GLY B 132 -6.34 -15.06 4.78
N LEU B 133 -6.86 -14.91 3.61
CA LEU B 133 -6.28 -15.64 2.44
C LEU B 133 -5.76 -14.65 1.39
N ILE B 134 -4.55 -14.82 0.95
CA ILE B 134 -3.99 -13.88 -0.06
C ILE B 134 -4.02 -14.55 -1.45
N TYR B 135 -4.98 -14.20 -2.27
CA TYR B 135 -5.05 -14.82 -3.62
C TYR B 135 -4.29 -13.96 -4.64
N ARG B 136 -3.31 -14.52 -5.28
CA ARG B 136 -2.53 -13.75 -6.29
C ARG B 136 -3.13 -13.96 -7.69
N MET B 137 -4.15 -13.22 -8.02
CA MET B 137 -4.79 -13.39 -9.36
C MET B 137 -3.71 -13.55 -10.44
N VAL B 138 -3.79 -14.58 -11.23
CA VAL B 138 -2.77 -14.80 -12.29
C VAL B 138 -2.82 -13.65 -13.31
N LYS B 139 -3.95 -13.42 -13.91
CA LYS B 139 -4.04 -12.32 -14.91
C LYS B 139 -5.36 -11.54 -14.71
N PRO B 140 -5.24 -10.27 -14.41
CA PRO B 140 -3.92 -9.61 -14.25
C PRO B 140 -3.26 -10.04 -12.93
N LYS B 141 -2.01 -9.71 -12.76
CA LYS B 141 -1.32 -10.10 -11.49
C LYS B 141 -1.75 -9.17 -10.34
N ILE B 142 -2.72 -9.59 -9.58
CA ILE B 142 -3.19 -8.73 -8.45
C ILE B 142 -3.28 -9.55 -7.16
N VAL B 143 -3.07 -8.93 -6.02
CA VAL B 143 -3.14 -9.68 -4.74
C VAL B 143 -4.47 -9.40 -4.05
N LEU B 144 -5.38 -10.35 -4.06
CA LEU B 144 -6.70 -10.14 -3.41
C LEU B 144 -6.69 -10.72 -2.00
N LEU B 145 -6.90 -9.89 -1.01
CA LEU B 145 -6.90 -10.39 0.40
C LEU B 145 -8.32 -10.80 0.79
N ILE B 146 -8.52 -12.06 1.10
CA ILE B 146 -9.89 -12.52 1.50
C ILE B 146 -9.90 -12.93 2.97
N PHE B 147 -10.91 -12.53 3.70
CA PHE B 147 -10.99 -12.91 5.13
C PHE B 147 -12.25 -13.73 5.41
N VAL B 148 -12.18 -14.68 6.30
CA VAL B 148 -13.38 -15.51 6.60
C VAL B 148 -14.59 -14.60 6.85
N SER B 149 -14.36 -13.38 7.25
CA SER B 149 -15.49 -12.45 7.51
C SER B 149 -16.29 -12.19 6.22
N GLY B 150 -15.60 -12.09 5.11
CA GLY B 150 -16.31 -11.85 3.82
C GLY B 150 -15.77 -10.58 3.17
N LYS B 151 -14.72 -10.03 3.70
CA LYS B 151 -14.14 -8.79 3.10
C LYS B 151 -13.10 -9.14 2.05
N ILE B 152 -13.00 -8.35 1.01
CA ILE B 152 -12.01 -8.65 -0.07
C ILE B 152 -11.19 -7.39 -0.39
N VAL B 153 -9.90 -7.46 -0.25
CA VAL B 153 -9.04 -6.27 -0.55
C VAL B 153 -8.15 -6.55 -1.76
N LEU B 154 -7.73 -5.54 -2.45
CA LEU B 154 -6.86 -5.76 -3.65
C LEU B 154 -5.75 -4.70 -3.71
N THR B 155 -4.51 -5.13 -3.72
CA THR B 155 -3.39 -4.15 -3.79
C THR B 155 -2.33 -4.65 -4.78
N GLY B 156 -1.67 -3.76 -5.47
CA GLY B 156 -0.64 -4.19 -6.44
C GLY B 156 -1.12 -3.90 -7.86
N ALA B 157 -2.26 -3.29 -8.00
CA ALA B 157 -2.80 -2.99 -9.37
C ALA B 157 -2.16 -1.69 -9.90
N LYS B 158 -1.81 -1.67 -11.16
CA LYS B 158 -1.19 -0.43 -11.73
C LYS B 158 -2.29 0.57 -12.11
N GLN B 159 -3.45 0.08 -12.46
CA GLN B 159 -4.55 1.00 -12.85
C GLN B 159 -5.85 0.55 -12.19
N ARG B 160 -6.98 0.84 -12.81
CA ARG B 160 -8.28 0.43 -12.22
C ARG B 160 -8.80 -0.83 -12.92
N GLU B 161 -8.59 -0.95 -14.20
CA GLU B 161 -9.08 -2.16 -14.92
C GLU B 161 -8.55 -3.43 -14.27
N GLU B 162 -7.42 -3.36 -13.62
CA GLU B 162 -6.86 -4.57 -12.96
C GLU B 162 -7.69 -4.94 -11.73
N ILE B 163 -7.98 -3.98 -10.89
CA ILE B 163 -8.79 -4.27 -9.68
C ILE B 163 -10.17 -4.77 -10.07
N TYR B 164 -10.75 -4.23 -11.10
CA TYR B 164 -12.11 -4.69 -11.54
C TYR B 164 -12.04 -6.11 -12.09
N GLN B 165 -10.92 -6.48 -12.66
CA GLN B 165 -10.80 -7.86 -13.22
C GLN B 165 -10.55 -8.88 -12.10
N ALA B 166 -9.78 -8.51 -11.11
CA ALA B 166 -9.49 -9.45 -9.99
C ALA B 166 -10.79 -9.83 -9.27
N PHE B 167 -11.64 -8.87 -9.02
CA PHE B 167 -12.92 -9.18 -8.32
C PHE B 167 -13.80 -10.09 -9.18
N GLU B 168 -13.95 -9.77 -10.44
CA GLU B 168 -14.79 -10.62 -11.33
C GLU B 168 -14.24 -12.04 -11.38
N ALA B 169 -12.94 -12.19 -11.30
CA ALA B 169 -12.34 -13.56 -11.35
C ALA B 169 -12.36 -14.21 -9.96
N ILE B 170 -12.36 -13.41 -8.93
CA ILE B 170 -12.37 -13.99 -7.55
C ILE B 170 -13.80 -14.02 -6.99
N TYR B 171 -14.69 -13.25 -7.58
CA TYR B 171 -16.09 -13.24 -7.09
C TYR B 171 -16.73 -14.63 -7.17
N PRO B 172 -16.46 -15.33 -8.25
CA PRO B 172 -17.03 -16.68 -8.41
C PRO B 172 -16.24 -17.70 -7.57
N VAL B 173 -14.95 -17.67 -7.64
CA VAL B 173 -14.12 -18.62 -6.84
C VAL B 173 -14.54 -18.54 -5.37
N LEU B 174 -14.57 -17.35 -4.82
CA LEU B 174 -14.97 -17.21 -3.39
C LEU B 174 -16.38 -17.77 -3.18
N SER B 175 -17.26 -17.56 -4.13
CA SER B 175 -18.64 -18.09 -4.00
C SER B 175 -18.62 -19.61 -4.00
N GLU B 176 -17.79 -20.20 -4.82
CA GLU B 176 -17.71 -21.68 -4.86
C GLU B 176 -17.30 -22.23 -3.49
N PHE B 177 -16.48 -21.49 -2.79
CA PHE B 177 -16.04 -21.94 -1.43
C PHE B 177 -16.56 -20.98 -0.37
N ARG B 178 -17.75 -20.47 -0.54
CA ARG B 178 -18.32 -19.52 0.46
C ARG B 178 -18.47 -20.20 1.82
N LYS B 179 -18.73 -19.45 2.84
CA LYS B 179 -18.90 -20.05 4.20
C LYS B 179 -20.35 -19.93 4.65
N MET B 180 -21.02 -18.87 4.27
CA MET B 180 -22.44 -18.70 4.68
C MET B 180 -22.59 -18.96 6.18
N GLU A 1 19.44 -7.31 7.19
CA GLU A 1 20.86 -6.88 7.12
C GLU A 1 21.71 -7.95 6.44
N GLY A 2 21.30 -8.40 5.29
CA GLY A 2 22.09 -9.45 4.57
C GLY A 2 22.26 -9.04 3.11
N SER A 3 23.16 -9.69 2.42
CA SER A 3 23.38 -9.35 0.98
C SER A 3 23.76 -7.87 0.86
N ILE A 4 24.52 -7.35 1.79
CA ILE A 4 24.92 -5.93 1.72
C ILE A 4 23.70 -5.04 1.43
N GLY A 5 23.03 -4.59 2.45
CA GLY A 5 21.83 -3.73 2.24
C GLY A 5 20.72 -4.13 3.20
N ASN A 6 19.66 -3.38 3.25
CA ASN A 6 18.55 -3.72 4.17
C ASN A 6 17.21 -3.34 3.54
N GLY A 7 16.95 -2.07 3.41
CA GLY A 7 15.66 -1.63 2.81
C GLY A 7 14.61 -1.49 3.91
N LEU A 8 13.51 -0.85 3.61
CA LEU A 8 12.45 -0.69 4.64
C LEU A 8 11.26 -1.59 4.27
N ASP A 9 10.45 -1.94 5.23
CA ASP A 9 9.28 -2.82 4.92
C ASP A 9 8.09 -1.97 4.48
N LEU A 10 7.74 -2.03 3.22
CA LEU A 10 6.58 -1.22 2.74
C LEU A 10 5.34 -2.08 2.60
N THR A 11 5.33 -3.22 3.22
CA THR A 11 4.13 -4.10 3.10
C THR A 11 2.86 -3.27 3.28
N GLY A 12 2.92 -2.22 4.04
CA GLY A 12 1.69 -1.39 4.26
C GLY A 12 1.69 -0.17 3.33
N ILE A 13 2.84 0.30 2.94
CA ILE A 13 2.86 1.49 2.04
C ILE A 13 1.96 1.24 0.83
N LEU A 14 2.05 0.09 0.23
CA LEU A 14 1.16 -0.17 -0.94
C LEU A 14 -0.18 -0.72 -0.46
N PHE A 15 -0.18 -1.35 0.68
CA PHE A 15 -1.45 -1.89 1.24
C PHE A 15 -2.16 -0.76 1.99
N GLY A 16 -1.65 0.43 1.89
CA GLY A 16 -2.28 1.58 2.60
C GLY A 16 -1.18 2.50 3.11
N ASN A 17 -1.01 3.63 2.48
CA ASN A 17 0.05 4.61 2.88
C ASN A 17 0.43 4.43 4.36
N ILE A 18 1.69 4.45 4.63
CA ILE A 18 2.17 4.27 6.04
C ILE A 18 3.47 5.02 6.22
N ASP A 19 3.83 5.28 7.43
CA ASP A 19 5.14 5.95 7.66
C ASP A 19 6.18 4.86 7.73
N SER A 20 7.14 4.88 6.87
CA SER A 20 8.18 3.82 6.88
C SER A 20 8.55 3.48 8.34
N GLU A 21 8.40 4.42 9.22
CA GLU A 21 8.71 4.14 10.65
C GLU A 21 7.88 2.96 11.17
N GLY A 22 6.88 2.55 10.44
CA GLY A 22 6.06 1.38 10.91
C GLY A 22 4.67 1.86 11.34
N ARG A 23 4.18 2.94 10.79
CA ARG A 23 2.83 3.43 11.18
C ARG A 23 1.92 3.48 9.94
N LEU A 24 0.81 2.80 9.96
CA LEU A 24 -0.08 2.80 8.77
C LEU A 24 -1.07 3.96 8.80
N LEU A 25 -1.65 4.29 7.68
CA LEU A 25 -2.61 5.42 7.62
C LEU A 25 -4.03 4.98 7.97
N GLN A 26 -4.45 5.25 9.16
CA GLN A 26 -5.83 4.89 9.57
C GLN A 26 -6.69 6.15 9.51
N ASP A 27 -6.17 7.19 8.91
CA ASP A 27 -6.93 8.46 8.79
C ASP A 27 -7.49 8.86 10.16
N ASP A 28 -6.63 9.18 11.10
CA ASP A 28 -7.13 9.57 12.44
C ASP A 28 -8.13 10.72 12.33
N ASP A 29 -9.30 10.55 12.89
CA ASP A 29 -10.33 11.65 12.81
C ASP A 29 -11.33 11.51 13.96
N GLY A 30 -12.07 12.54 14.23
CA GLY A 30 -13.07 12.48 15.33
C GLY A 30 -14.40 11.94 14.79
N GLU A 31 -14.46 11.65 13.52
CA GLU A 31 -15.72 11.13 12.93
C GLU A 31 -15.44 10.45 11.60
N GLY A 32 -16.41 9.77 11.04
CA GLY A 32 -16.19 9.08 9.73
C GLY A 32 -16.67 7.62 9.83
N ARG A 33 -17.81 7.34 9.27
CA ARG A 33 -18.34 5.94 9.33
C ARG A 33 -18.55 5.40 7.92
N GLY A 34 -17.70 5.76 6.99
CA GLY A 34 -17.86 5.26 5.60
C GLY A 34 -16.56 4.60 5.14
N GLY A 35 -15.82 4.02 6.06
CA GLY A 35 -14.55 3.36 5.67
C GLY A 35 -13.36 4.22 6.11
N THR A 36 -12.84 3.99 7.27
CA THR A 36 -11.68 4.79 7.76
C THR A 36 -10.57 3.87 8.28
N GLY A 37 -9.45 3.85 7.62
CA GLY A 37 -8.34 2.97 8.08
C GLY A 37 -8.75 1.50 7.92
N PHE A 38 -7.85 0.60 8.15
CA PHE A 38 -8.19 -0.85 8.03
C PHE A 38 -8.58 -1.43 9.39
N ASP A 39 -8.73 -2.73 9.47
CA ASP A 39 -9.11 -3.35 10.77
C ASP A 39 -7.86 -3.71 11.56
N ALA A 40 -8.02 -4.31 12.71
CA ALA A 40 -6.84 -4.70 13.53
C ALA A 40 -6.36 -6.10 13.14
N GLU A 41 -6.82 -6.60 12.03
CA GLU A 41 -6.38 -7.95 11.59
C GLU A 41 -5.30 -7.82 10.52
N LEU A 42 -5.26 -6.69 9.87
CA LEU A 42 -4.23 -6.48 8.81
C LEU A 42 -3.02 -5.76 9.39
N ARG A 43 -3.25 -4.73 10.15
CA ARG A 43 -2.10 -3.98 10.73
C ARG A 43 -1.12 -4.96 11.39
N GLU A 44 -1.61 -5.79 12.24
CA GLU A 44 -0.73 -6.78 12.92
C GLU A 44 -0.19 -7.79 11.90
N ASN A 45 -0.88 -7.96 10.81
CA ASN A 45 -0.42 -8.91 9.77
C ASN A 45 0.57 -8.21 8.84
N ILE A 46 0.36 -6.95 8.60
CA ILE A 46 1.29 -6.19 7.71
C ILE A 46 2.72 -6.35 8.23
N GLY A 47 2.90 -6.26 9.51
CA GLY A 47 4.27 -6.43 10.07
C GLY A 47 4.80 -7.81 9.71
N SER A 48 3.94 -8.70 9.28
CA SER A 48 4.40 -10.07 8.91
C SER A 48 4.04 -10.37 7.45
N LEU A 49 3.42 -9.44 6.78
CA LEU A 49 3.04 -9.68 5.35
C LEU A 49 4.24 -9.42 4.43
N SER A 50 5.40 -9.23 5.00
CA SER A 50 6.60 -8.98 4.15
C SER A 50 7.31 -10.29 3.82
N LYS A 51 6.59 -11.31 3.47
CA LYS A 51 7.24 -12.61 3.13
C LYS A 51 6.22 -13.60 2.58
N LEU A 52 5.16 -13.12 1.98
CA LEU A 52 4.13 -14.04 1.42
C LEU A 52 4.26 -14.08 -0.10
N GLY A 53 4.43 -12.94 -0.71
CA GLY A 53 4.55 -12.89 -2.19
C GLY A 53 4.59 -11.44 -2.66
N LEU A 54 3.98 -10.55 -1.93
CA LEU A 54 3.98 -9.11 -2.34
C LEU A 54 5.27 -8.43 -1.84
N ASP A 55 6.11 -9.15 -1.17
CA ASP A 55 7.39 -8.55 -0.67
C ASP A 55 8.08 -7.81 -1.82
N SER A 56 8.06 -8.37 -2.99
CA SER A 56 8.71 -7.71 -4.15
C SER A 56 8.10 -6.33 -4.37
N MET A 57 6.83 -6.18 -4.09
CA MET A 57 6.17 -4.86 -4.27
C MET A 57 6.70 -3.87 -3.23
N LEU A 58 7.13 -4.37 -2.10
CA LEU A 58 7.66 -3.45 -1.04
C LEU A 58 8.92 -2.75 -1.55
N LEU A 59 9.93 -3.52 -1.85
CA LEU A 59 11.19 -2.92 -2.36
C LEU A 59 10.93 -2.11 -3.63
N GLU A 60 9.77 -2.25 -4.21
CA GLU A 60 9.45 -1.50 -5.45
C GLU A 60 8.88 -0.13 -5.11
N VAL A 61 8.81 0.18 -3.86
CA VAL A 61 8.27 1.51 -3.48
C VAL A 61 9.27 2.20 -2.54
N ILE A 62 10.35 1.54 -2.24
CA ILE A 62 11.37 2.15 -1.35
C ILE A 62 12.75 1.59 -1.71
N ASP A 63 13.26 1.94 -2.86
CA ASP A 63 14.60 1.44 -3.26
C ASP A 63 15.67 2.17 -2.44
N LEU A 64 15.56 2.09 -1.14
CA LEU A 64 16.55 2.78 -0.27
C LEU A 64 17.80 1.93 -0.08
N LYS A 65 18.42 1.58 -1.16
CA LYS A 65 19.65 0.74 -1.07
C LYS A 65 20.89 1.59 -1.39
N GLU A 66 22.04 0.98 -1.47
CA GLU A 66 23.27 1.76 -1.78
C GLU A 66 23.18 2.37 -3.18
N ALA A 67 22.98 3.65 -3.26
CA ALA A 67 22.88 4.31 -4.60
C ALA A 67 22.83 5.83 -4.44
N SER B 1 -22.92 -3.74 -10.34
CA SER B 1 -22.85 -5.23 -10.33
C SER B 1 -23.34 -5.77 -8.99
N GLY B 2 -23.23 -4.99 -7.95
CA GLY B 2 -23.70 -5.46 -6.60
C GLY B 2 -22.97 -4.69 -5.50
N ILE B 3 -21.66 -4.66 -5.55
CA ILE B 3 -20.89 -3.94 -4.51
C ILE B 3 -19.70 -3.21 -5.13
N VAL B 4 -19.05 -3.83 -6.09
CA VAL B 4 -17.87 -3.18 -6.74
C VAL B 4 -16.78 -2.87 -5.69
N PRO B 5 -15.56 -3.05 -6.11
CA PRO B 5 -14.41 -2.79 -5.19
C PRO B 5 -14.21 -1.29 -4.97
N THR B 6 -14.23 -0.86 -3.75
CA THR B 6 -14.03 0.59 -3.47
C THR B 6 -12.55 0.89 -3.24
N LEU B 7 -12.03 1.93 -3.82
CA LEU B 7 -10.59 2.26 -3.63
C LEU B 7 -10.35 2.75 -2.20
N GLN B 8 -9.44 2.13 -1.50
CA GLN B 8 -9.15 2.57 -0.10
C GLN B 8 -7.87 3.42 -0.06
N ASN B 9 -6.98 3.21 -0.99
CA ASN B 9 -5.73 4.01 -0.99
C ASN B 9 -5.13 4.05 -2.40
N ILE B 10 -4.23 4.98 -2.65
CA ILE B 10 -3.62 5.07 -4.00
C ILE B 10 -2.11 5.30 -3.86
N VAL B 11 -1.32 4.86 -4.80
CA VAL B 11 0.15 5.05 -4.70
C VAL B 11 0.73 5.48 -6.05
N ALA B 12 1.66 6.38 -6.03
CA ALA B 12 2.28 6.85 -7.31
C ALA B 12 3.77 7.13 -7.11
N THR B 13 4.56 6.95 -8.12
CA THR B 13 6.03 7.20 -7.98
C THR B 13 6.39 8.58 -8.54
N VAL B 14 7.08 9.38 -7.77
CA VAL B 14 7.47 10.73 -8.26
C VAL B 14 8.99 10.86 -8.27
N THR B 15 9.53 11.67 -9.14
CA THR B 15 11.01 11.83 -9.20
C THR B 15 11.38 13.33 -9.18
N LEU B 16 12.44 13.67 -8.51
CA LEU B 16 12.84 15.11 -8.46
C LEU B 16 13.98 15.36 -9.46
N GLY B 17 14.97 14.51 -9.48
CA GLY B 17 16.10 14.72 -10.44
C GLY B 17 17.29 15.33 -9.71
N CYS B 18 17.16 15.57 -8.43
CA CYS B 18 18.30 16.17 -7.67
C CYS B 18 18.44 15.48 -6.31
N ARG B 19 19.61 15.57 -5.71
CA ARG B 19 19.81 14.93 -4.39
C ARG B 19 19.23 15.80 -3.28
N LEU B 20 18.66 15.20 -2.27
CA LEU B 20 18.06 16.00 -1.16
C LEU B 20 18.79 15.71 0.15
N ASP B 21 18.78 16.65 1.06
CA ASP B 21 19.46 16.43 2.37
C ASP B 21 18.44 15.98 3.41
N LEU B 22 18.18 14.69 3.49
CA LEU B 22 17.20 14.18 4.48
C LEU B 22 17.34 14.92 5.81
N LYS B 23 18.54 15.13 6.26
CA LYS B 23 18.74 15.84 7.55
C LYS B 23 18.02 17.19 7.51
N THR B 24 18.16 17.92 6.44
CA THR B 24 17.48 19.24 6.34
C THR B 24 16.02 19.05 5.92
N VAL B 25 15.77 18.20 4.96
CA VAL B 25 14.38 17.96 4.52
C VAL B 25 13.50 17.55 5.70
N ALA B 26 14.01 16.69 6.55
CA ALA B 26 13.20 16.25 7.73
C ALA B 26 13.23 17.33 8.82
N LEU B 27 14.25 18.14 8.84
CA LEU B 27 14.33 19.22 9.87
C LEU B 27 13.59 20.46 9.40
N HIS B 28 13.61 20.72 8.12
CA HIS B 28 12.90 21.93 7.59
C HIS B 28 11.42 21.63 7.39
N ALA B 29 11.11 20.50 6.82
CA ALA B 29 9.69 20.15 6.58
C ALA B 29 8.89 20.25 7.89
N ARG B 30 7.68 20.72 7.81
CA ARG B 30 6.86 20.85 9.06
C ARG B 30 6.24 19.50 9.43
N ASN B 31 6.23 18.56 8.52
CA ASN B 31 5.64 17.23 8.83
C ASN B 31 6.50 16.13 8.22
N ALA B 32 7.58 15.78 8.87
CA ALA B 32 8.46 14.70 8.33
C ALA B 32 9.21 14.01 9.46
N GLU B 33 9.74 12.84 9.21
CA GLU B 33 10.48 12.12 10.28
C GLU B 33 11.69 11.38 9.67
N TYR B 34 12.64 11.01 10.48
CA TYR B 34 13.84 10.30 9.95
C TYR B 34 14.44 9.39 11.02
N ASN B 35 14.69 8.16 10.69
CA ASN B 35 15.28 7.22 11.70
C ASN B 35 16.24 6.25 11.01
N PRO B 36 17.46 6.23 11.46
CA PRO B 36 18.48 5.33 10.88
C PRO B 36 18.20 3.88 11.29
N LYS B 37 17.39 3.68 12.29
CA LYS B 37 17.07 2.29 12.74
C LYS B 37 16.06 1.66 11.79
N ARG B 38 15.49 2.43 10.90
CA ARG B 38 14.49 1.86 9.95
C ARG B 38 15.07 1.82 8.54
N PHE B 39 15.44 2.96 8.02
CA PHE B 39 16.02 2.99 6.65
C PHE B 39 16.76 4.32 6.40
N ALA B 40 16.96 4.69 5.18
CA ALA B 40 17.70 5.96 4.90
C ALA B 40 16.85 6.95 4.09
N ALA B 41 15.64 7.20 4.49
CA ALA B 41 14.79 8.16 3.73
C ALA B 41 13.92 8.98 4.70
N VAL B 42 13.37 10.06 4.24
CA VAL B 42 12.50 10.90 5.12
C VAL B 42 11.02 10.64 4.82
N ILE B 43 10.22 10.52 5.84
CA ILE B 43 8.77 10.27 5.61
C ILE B 43 7.95 11.53 5.90
N MET B 44 7.38 12.13 4.88
CA MET B 44 6.58 13.36 5.09
C MET B 44 5.10 13.01 5.25
N ARG B 45 4.28 13.96 5.63
CA ARG B 45 2.83 13.68 5.80
C ARG B 45 2.03 14.98 5.70
N ILE B 46 1.23 15.11 4.67
CA ILE B 46 0.43 16.37 4.52
C ILE B 46 -1.03 16.12 4.96
N ARG B 47 -1.80 17.17 5.08
CA ARG B 47 -3.22 17.01 5.51
C ARG B 47 -4.16 17.63 4.48
N GLU B 48 -3.95 17.38 3.23
CA GLU B 48 -4.84 17.97 2.18
C GLU B 48 -4.33 17.62 0.78
N PRO B 49 -4.61 16.41 0.34
CA PRO B 49 -5.37 15.44 1.17
C PRO B 49 -4.44 14.75 2.18
N LYS B 50 -4.99 14.16 3.21
CA LYS B 50 -4.14 13.46 4.21
C LYS B 50 -3.45 12.27 3.55
N THR B 51 -2.17 12.38 3.31
CA THR B 51 -1.45 11.25 2.66
C THR B 51 0.00 11.18 3.16
N THR B 52 0.74 10.20 2.71
CA THR B 52 2.16 10.07 3.14
C THR B 52 3.07 10.03 1.90
N ALA B 53 4.32 10.34 2.06
CA ALA B 53 5.24 10.31 0.88
C ALA B 53 6.66 9.90 1.32
N LEU B 54 7.30 9.08 0.55
CA LEU B 54 8.69 8.64 0.91
C LEU B 54 9.71 9.47 0.14
N ILE B 55 10.57 10.17 0.82
CA ILE B 55 11.59 11.00 0.11
C ILE B 55 12.99 10.42 0.33
N PHE B 56 13.62 9.97 -0.72
CA PHE B 56 14.99 9.40 -0.58
C PHE B 56 16.03 10.49 -0.89
N ALA B 57 17.27 10.23 -0.58
CA ALA B 57 18.33 11.25 -0.87
C ALA B 57 18.70 11.23 -2.35
N SER B 58 18.29 10.23 -3.06
CA SER B 58 18.61 10.15 -4.51
C SER B 58 17.64 11.01 -5.32
N GLY B 59 16.62 11.53 -4.68
CA GLY B 59 15.65 12.37 -5.43
C GLY B 59 14.34 11.61 -5.63
N LYS B 60 14.41 10.30 -5.65
CA LYS B 60 13.18 9.49 -5.84
C LYS B 60 12.15 9.85 -4.75
N MET B 61 10.88 9.74 -5.07
CA MET B 61 9.84 10.07 -4.06
C MET B 61 8.59 9.20 -4.28
N VAL B 62 8.12 8.56 -3.26
CA VAL B 62 6.91 7.71 -3.41
C VAL B 62 5.75 8.28 -2.59
N VAL B 63 4.62 8.46 -3.20
CA VAL B 63 3.45 9.02 -2.45
C VAL B 63 2.35 7.97 -2.32
N THR B 64 1.57 8.04 -1.28
CA THR B 64 0.47 7.05 -1.10
C THR B 64 -0.64 7.66 -0.24
N GLY B 65 -1.79 7.04 -0.24
CA GLY B 65 -2.92 7.58 0.58
C GLY B 65 -4.01 8.13 -0.34
N ALA B 66 -3.62 8.72 -1.45
CA ALA B 66 -4.64 9.28 -2.38
C ALA B 66 -5.83 8.34 -2.51
N LYS B 67 -7.00 8.87 -2.75
CA LYS B 67 -8.21 8.00 -2.90
C LYS B 67 -8.56 7.82 -4.36
N SER B 68 -7.83 8.46 -5.24
CA SER B 68 -8.12 8.31 -6.70
C SER B 68 -6.96 8.89 -7.53
N GLU B 69 -7.19 9.15 -8.78
CA GLU B 69 -6.10 9.70 -9.64
C GLU B 69 -5.93 11.20 -9.38
N ASP B 70 -7.02 11.93 -9.29
CA ASP B 70 -6.92 13.39 -9.05
C ASP B 70 -6.37 13.65 -7.64
N ASP B 71 -6.57 12.74 -6.73
CA ASP B 71 -6.08 12.94 -5.35
C ASP B 71 -4.55 12.80 -5.30
N SER B 72 -4.04 11.66 -5.71
CA SER B 72 -2.56 11.46 -5.69
C SER B 72 -1.86 12.66 -6.31
N LYS B 73 -2.40 13.20 -7.37
CA LYS B 73 -1.75 14.38 -8.03
C LYS B 73 -1.68 15.55 -7.05
N LEU B 74 -2.77 15.89 -6.42
CA LEU B 74 -2.75 17.02 -5.45
C LEU B 74 -1.83 16.70 -4.28
N ALA B 75 -1.73 15.46 -3.90
CA ALA B 75 -0.85 15.09 -2.76
C ALA B 75 0.62 15.15 -3.18
N SER B 76 0.93 14.68 -4.36
CA SER B 76 2.34 14.71 -4.83
C SER B 76 2.80 16.16 -5.01
N ARG B 77 2.07 16.95 -5.73
CA ARG B 77 2.47 18.37 -5.94
C ARG B 77 2.68 19.07 -4.59
N LYS B 78 1.90 18.71 -3.61
CA LYS B 78 2.05 19.35 -2.26
C LYS B 78 3.42 19.00 -1.66
N TYR B 79 3.88 17.79 -1.89
CA TYR B 79 5.20 17.39 -1.33
C TYR B 79 6.32 18.10 -2.08
N ALA B 80 6.32 18.01 -3.39
CA ALA B 80 7.40 18.68 -4.18
C ALA B 80 7.43 20.18 -3.85
N ARG B 81 6.31 20.75 -3.54
CA ARG B 81 6.27 22.20 -3.21
C ARG B 81 7.05 22.47 -1.92
N ILE B 82 6.92 21.61 -0.94
CA ILE B 82 7.66 21.82 0.33
C ILE B 82 9.17 21.86 0.08
N ILE B 83 9.70 20.85 -0.54
CA ILE B 83 11.16 20.84 -0.82
C ILE B 83 11.56 22.09 -1.61
N GLN B 84 10.82 22.43 -2.63
CA GLN B 84 11.15 23.65 -3.42
C GLN B 84 10.95 24.89 -2.55
N LYS B 85 9.96 24.87 -1.69
CA LYS B 85 9.74 26.03 -0.79
C LYS B 85 10.85 26.07 0.24
N ILE B 86 11.49 24.95 0.45
CA ILE B 86 12.60 24.89 1.42
C ILE B 86 13.89 25.36 0.73
N GLY B 87 13.91 25.37 -0.57
CA GLY B 87 15.12 25.84 -1.30
C GLY B 87 15.72 24.69 -2.12
N PHE B 88 15.42 23.47 -1.76
CA PHE B 88 16.00 22.31 -2.51
C PHE B 88 15.62 22.39 -3.99
N ALA B 89 16.18 21.52 -4.79
CA ALA B 89 15.88 21.53 -6.25
C ALA B 89 14.96 20.35 -6.60
N ALA B 90 13.84 20.25 -5.94
CA ALA B 90 12.91 19.13 -6.24
C ALA B 90 11.89 19.55 -7.31
N LYS B 91 11.72 18.74 -8.33
CA LYS B 91 10.74 19.10 -9.40
C LYS B 91 9.70 18.00 -9.54
N PHE B 92 8.45 18.34 -9.33
CA PHE B 92 7.37 17.31 -9.45
C PHE B 92 7.34 16.74 -10.87
N THR B 93 8.05 15.68 -11.11
CA THR B 93 8.05 15.08 -12.48
C THR B 93 8.04 13.55 -12.38
N ASP B 94 7.88 12.89 -13.50
CA ASP B 94 7.86 11.39 -13.48
C ASP B 94 6.75 10.87 -12.56
N PHE B 95 5.78 11.70 -12.26
CA PHE B 95 4.68 11.24 -11.37
C PHE B 95 3.83 10.20 -12.10
N LYS B 96 3.46 9.15 -11.42
CA LYS B 96 2.63 8.10 -12.09
C LYS B 96 2.09 7.11 -11.05
N ILE B 97 0.84 6.75 -11.16
CA ILE B 97 0.26 5.78 -10.19
C ILE B 97 0.68 4.36 -10.57
N GLN B 98 1.28 3.64 -9.66
CA GLN B 98 1.72 2.26 -9.99
C GLN B 98 1.03 1.23 -9.08
N ASN B 99 0.32 1.68 -8.08
CA ASN B 99 -0.37 0.71 -7.19
C ASN B 99 -1.67 1.30 -6.63
N ILE B 100 -2.73 0.55 -6.64
CA ILE B 100 -4.03 1.06 -6.12
C ILE B 100 -4.62 0.05 -5.13
N VAL B 101 -5.24 0.52 -4.08
CA VAL B 101 -5.83 -0.42 -3.09
C VAL B 101 -7.35 -0.33 -3.09
N GLY B 102 -8.02 -1.45 -3.07
CA GLY B 102 -9.51 -1.43 -3.06
C GLY B 102 -10.01 -2.46 -2.06
N SER B 103 -11.30 -2.49 -1.83
CA SER B 103 -11.85 -3.47 -0.85
C SER B 103 -13.37 -3.58 -1.02
N CYS B 104 -13.93 -4.72 -0.72
CA CYS B 104 -15.41 -4.88 -0.85
C CYS B 104 -15.86 -6.19 -0.22
N ASP B 105 -17.04 -6.21 0.33
CA ASP B 105 -17.53 -7.46 0.97
C ASP B 105 -18.46 -8.21 0.00
N VAL B 106 -18.81 -9.42 0.33
CA VAL B 106 -19.72 -10.19 -0.58
C VAL B 106 -21.07 -10.44 0.11
N LYS B 107 -21.17 -11.44 0.92
CA LYS B 107 -22.45 -11.72 1.62
C LYS B 107 -22.29 -12.89 2.59
N PHE B 108 -21.42 -13.81 2.28
CA PHE B 108 -21.21 -14.97 3.18
C PHE B 108 -19.72 -15.18 3.40
N PRO B 109 -19.39 -15.86 4.47
CA PRO B 109 -17.97 -16.12 4.78
C PRO B 109 -17.39 -17.14 3.80
N ILE B 110 -16.11 -17.08 3.56
CA ILE B 110 -15.50 -18.04 2.60
C ILE B 110 -14.56 -19.02 3.33
N ARG B 111 -14.46 -20.22 2.85
CA ARG B 111 -13.56 -21.21 3.52
C ARG B 111 -12.14 -21.08 2.98
N LEU B 112 -11.25 -20.53 3.75
CA LEU B 112 -9.84 -20.36 3.28
C LEU B 112 -9.21 -21.74 3.02
N GLU B 113 -9.13 -22.55 4.03
CA GLU B 113 -8.51 -23.90 3.84
C GLU B 113 -9.14 -24.59 2.63
N GLY B 114 -10.40 -24.37 2.37
CA GLY B 114 -11.05 -25.02 1.21
C GLY B 114 -10.56 -24.36 -0.08
N LEU B 115 -10.44 -23.07 -0.08
CA LEU B 115 -9.97 -22.37 -1.31
C LEU B 115 -8.44 -22.45 -1.41
N ALA B 116 -7.76 -22.48 -0.29
CA ALA B 116 -6.26 -22.56 -0.33
C ALA B 116 -5.83 -23.98 -0.73
N PHE B 117 -6.67 -24.95 -0.48
CA PHE B 117 -6.29 -26.35 -0.84
C PHE B 117 -6.49 -26.57 -2.35
N SER B 118 -7.58 -26.09 -2.89
CA SER B 118 -7.82 -26.28 -4.35
C SER B 118 -6.99 -25.28 -5.16
N HIS B 119 -7.09 -24.01 -4.84
CA HIS B 119 -6.30 -22.99 -5.58
C HIS B 119 -4.97 -22.73 -4.87
N GLY B 120 -4.61 -23.57 -3.95
CA GLY B 120 -3.32 -23.37 -3.21
C GLY B 120 -2.20 -23.06 -4.21
N THR B 121 -2.26 -23.61 -5.39
CA THR B 121 -1.20 -23.35 -6.39
C THR B 121 -1.02 -21.84 -6.59
N PHE B 122 -2.04 -21.07 -6.33
CA PHE B 122 -1.93 -19.60 -6.50
C PHE B 122 -2.47 -18.86 -5.28
N SER B 123 -2.67 -19.55 -4.18
CA SER B 123 -3.19 -18.89 -2.96
C SER B 123 -2.32 -19.24 -1.75
N SER B 124 -2.23 -18.36 -0.80
CA SER B 124 -1.39 -18.65 0.41
C SER B 124 -2.24 -18.53 1.67
N TYR B 125 -2.13 -19.48 2.57
CA TYR B 125 -2.92 -19.42 3.83
C TYR B 125 -2.17 -20.12 4.96
N GLU B 126 -1.56 -19.37 5.84
CA GLU B 126 -0.82 -19.99 6.96
C GLU B 126 -1.50 -19.66 8.29
N PRO B 127 -1.99 -20.70 8.93
CA PRO B 127 -2.68 -20.52 10.24
C PRO B 127 -1.67 -20.20 11.34
N GLU B 128 -0.41 -20.16 11.01
CA GLU B 128 0.62 -19.86 12.04
C GLU B 128 1.06 -18.40 11.94
N LEU B 129 0.40 -17.63 11.12
CA LEU B 129 0.78 -16.19 10.97
C LEU B 129 -0.31 -15.42 10.23
N PHE B 130 -0.91 -16.02 9.24
CA PHE B 130 -1.98 -15.31 8.47
C PHE B 130 -3.29 -16.07 8.59
N PRO B 131 -4.25 -15.44 9.23
CA PRO B 131 -5.58 -16.08 9.42
C PRO B 131 -6.39 -16.03 8.11
N GLY B 132 -6.17 -15.01 7.32
CA GLY B 132 -6.94 -14.91 6.03
C GLY B 132 -6.16 -15.62 4.92
N LEU B 133 -6.70 -15.61 3.73
CA LEU B 133 -5.99 -16.28 2.59
C LEU B 133 -5.53 -15.25 1.56
N ILE B 134 -4.31 -15.36 1.12
CA ILE B 134 -3.79 -14.39 0.11
C ILE B 134 -3.83 -15.00 -1.29
N TYR B 135 -4.72 -14.54 -2.13
CA TYR B 135 -4.80 -15.10 -3.51
C TYR B 135 -4.08 -14.19 -4.50
N ARG B 136 -3.01 -14.66 -5.09
CA ARG B 136 -2.27 -13.80 -6.06
C ARG B 136 -2.80 -14.04 -7.47
N MET B 137 -3.66 -13.17 -7.94
CA MET B 137 -4.22 -13.34 -9.31
C MET B 137 -3.09 -13.40 -10.35
N VAL B 138 -3.13 -14.38 -11.22
CA VAL B 138 -2.07 -14.49 -12.25
C VAL B 138 -2.21 -13.36 -13.29
N LYS B 139 -3.40 -13.17 -13.78
CA LYS B 139 -3.61 -12.09 -14.79
C LYS B 139 -5.00 -11.46 -14.59
N PRO B 140 -5.02 -10.19 -14.28
CA PRO B 140 -3.77 -9.39 -14.11
C PRO B 140 -3.05 -9.79 -12.82
N LYS B 141 -1.80 -9.44 -12.70
CA LYS B 141 -1.04 -9.79 -11.47
C LYS B 141 -1.54 -8.94 -10.29
N ILE B 142 -2.37 -9.50 -9.45
CA ILE B 142 -2.89 -8.72 -8.29
C ILE B 142 -3.06 -9.62 -7.07
N VAL B 143 -2.81 -9.10 -5.91
CA VAL B 143 -2.96 -9.92 -4.67
C VAL B 143 -4.34 -9.68 -4.05
N LEU B 144 -4.96 -10.71 -3.53
CA LEU B 144 -6.31 -10.54 -2.93
C LEU B 144 -6.34 -11.08 -1.50
N LEU B 145 -6.90 -10.34 -0.59
CA LEU B 145 -6.98 -10.81 0.83
C LEU B 145 -8.40 -11.30 1.14
N ILE B 146 -8.56 -12.56 1.44
CA ILE B 146 -9.92 -13.08 1.73
C ILE B 146 -10.00 -13.53 3.20
N PHE B 147 -10.89 -12.94 3.96
CA PHE B 147 -11.03 -13.33 5.39
C PHE B 147 -12.35 -14.07 5.62
N VAL B 148 -12.36 -15.05 6.48
CA VAL B 148 -13.62 -15.81 6.75
C VAL B 148 -14.78 -14.84 6.90
N SER B 149 -14.51 -13.62 7.29
CA SER B 149 -15.62 -12.63 7.45
C SER B 149 -16.35 -12.42 6.12
N GLY B 150 -15.63 -12.41 5.04
CA GLY B 150 -16.30 -12.20 3.71
C GLY B 150 -15.82 -10.90 3.09
N LYS B 151 -14.76 -10.33 3.61
CA LYS B 151 -14.24 -9.06 3.04
C LYS B 151 -13.05 -9.34 2.12
N ILE B 152 -13.04 -8.74 0.96
CA ILE B 152 -11.91 -8.99 0.02
C ILE B 152 -11.17 -7.68 -0.27
N VAL B 153 -9.87 -7.71 -0.28
CA VAL B 153 -9.08 -6.47 -0.56
C VAL B 153 -8.21 -6.66 -1.81
N LEU B 154 -7.85 -5.60 -2.47
CA LEU B 154 -7.01 -5.74 -3.70
C LEU B 154 -5.88 -4.71 -3.68
N THR B 155 -4.65 -5.17 -3.77
CA THR B 155 -3.49 -4.23 -3.75
C THR B 155 -2.43 -4.70 -4.74
N GLY B 156 -1.71 -3.79 -5.34
CA GLY B 156 -0.66 -4.19 -6.31
C GLY B 156 -1.16 -3.94 -7.74
N ALA B 157 -2.31 -3.34 -7.88
CA ALA B 157 -2.85 -3.08 -9.25
C ALA B 157 -2.36 -1.72 -9.74
N LYS B 158 -1.91 -1.65 -10.97
CA LYS B 158 -1.42 -0.35 -11.51
C LYS B 158 -2.60 0.54 -11.91
N GLN B 159 -3.71 -0.05 -12.26
CA GLN B 159 -4.89 0.77 -12.65
C GLN B 159 -6.17 0.16 -12.08
N ARG B 160 -7.24 0.92 -12.04
CA ARG B 160 -8.52 0.37 -11.50
C ARG B 160 -9.04 -0.75 -12.40
N GLU B 161 -8.59 -0.79 -13.62
CA GLU B 161 -9.06 -1.86 -14.56
C GLU B 161 -8.81 -3.24 -13.93
N GLU B 162 -7.66 -3.43 -13.36
CA GLU B 162 -7.36 -4.76 -12.74
C GLU B 162 -8.15 -4.91 -11.44
N ILE B 163 -8.26 -3.86 -10.68
CA ILE B 163 -9.02 -3.93 -9.40
C ILE B 163 -10.47 -4.37 -9.67
N TYR B 164 -11.06 -3.86 -10.72
CA TYR B 164 -12.46 -4.24 -11.04
C TYR B 164 -12.48 -5.60 -11.74
N GLN B 165 -11.63 -5.78 -12.72
CA GLN B 165 -11.60 -7.09 -13.45
C GLN B 165 -11.15 -8.20 -12.51
N ALA B 166 -10.14 -7.95 -11.71
CA ALA B 166 -9.65 -8.99 -10.76
C ALA B 166 -10.78 -9.45 -9.84
N PHE B 167 -11.55 -8.54 -9.32
CA PHE B 167 -12.67 -8.92 -8.43
C PHE B 167 -13.74 -9.66 -9.22
N GLU B 168 -13.87 -9.38 -10.49
CA GLU B 168 -14.90 -10.07 -11.31
C GLU B 168 -14.48 -11.52 -11.56
N ALA B 169 -13.22 -11.82 -11.40
CA ALA B 169 -12.75 -13.22 -11.63
C ALA B 169 -12.79 -14.02 -10.32
N ILE B 170 -12.58 -13.35 -9.21
CA ILE B 170 -12.62 -14.07 -7.90
C ILE B 170 -14.05 -14.14 -7.39
N TYR B 171 -14.90 -13.26 -7.84
CA TYR B 171 -16.32 -13.28 -7.38
C TYR B 171 -16.85 -14.72 -7.29
N PRO B 172 -16.67 -15.47 -8.36
CA PRO B 172 -17.16 -16.87 -8.38
C PRO B 172 -16.34 -17.74 -7.42
N VAL B 173 -15.05 -17.57 -7.39
CA VAL B 173 -14.21 -18.39 -6.47
C VAL B 173 -14.75 -18.25 -5.04
N LEU B 174 -15.14 -17.07 -4.65
CA LEU B 174 -15.68 -16.88 -3.28
C LEU B 174 -16.93 -17.73 -3.09
N SER B 175 -17.82 -17.73 -4.05
CA SER B 175 -19.06 -18.54 -3.93
C SER B 175 -18.72 -20.03 -3.89
N GLU B 176 -17.88 -20.47 -4.78
CA GLU B 176 -17.50 -21.92 -4.80
C GLU B 176 -17.04 -22.36 -3.41
N PHE B 177 -16.37 -21.51 -2.69
CA PHE B 177 -15.89 -21.89 -1.33
C PHE B 177 -16.70 -21.14 -0.27
N ARG B 178 -17.98 -20.99 -0.47
CA ARG B 178 -18.82 -20.27 0.52
C ARG B 178 -19.37 -21.26 1.55
N LYS B 179 -19.57 -20.81 2.76
CA LYS B 179 -20.10 -21.73 3.82
C LYS B 179 -21.63 -21.61 3.89
N MET B 180 -22.13 -20.44 4.19
CA MET B 180 -23.61 -20.26 4.29
C MET B 180 -24.09 -19.28 3.21
N GLU A 1 20.19 -8.23 16.42
CA GLU A 1 21.11 -7.07 16.17
C GLU A 1 21.55 -7.05 14.70
N GLY A 2 20.85 -6.31 13.87
CA GLY A 2 21.24 -6.25 12.44
C GLY A 2 20.68 -4.97 11.81
N SER A 3 21.02 -3.84 12.37
CA SER A 3 20.52 -2.55 11.80
C SER A 3 20.64 -2.57 10.27
N ILE A 4 20.03 -1.63 9.61
CA ILE A 4 20.11 -1.60 8.12
C ILE A 4 19.88 -3.00 7.55
N GLY A 5 18.67 -3.30 7.16
CA GLY A 5 18.38 -4.65 6.60
C GLY A 5 18.29 -4.56 5.08
N ASN A 6 18.78 -3.49 4.50
CA ASN A 6 18.73 -3.35 3.02
C ASN A 6 17.27 -3.25 2.55
N GLY A 7 16.55 -2.28 3.02
CA GLY A 7 15.13 -2.13 2.60
C GLY A 7 14.29 -1.63 3.78
N LEU A 8 13.29 -0.83 3.51
CA LEU A 8 12.43 -0.31 4.62
C LEU A 8 11.16 -1.15 4.71
N ASP A 9 10.49 -1.12 5.83
CA ASP A 9 9.25 -1.93 5.98
C ASP A 9 8.03 -1.20 5.39
N LEU A 10 7.57 -1.63 4.25
CA LEU A 10 6.38 -0.98 3.64
C LEU A 10 5.25 -2.00 3.51
N THR A 11 5.44 -3.19 4.00
CA THR A 11 4.38 -4.23 3.89
C THR A 11 3.02 -3.58 4.11
N GLY A 12 2.98 -2.54 4.89
CA GLY A 12 1.70 -1.84 5.15
C GLY A 12 1.65 -0.57 4.29
N ILE A 13 2.79 0.02 4.02
CA ILE A 13 2.76 1.26 3.19
C ILE A 13 2.09 0.95 1.86
N LEU A 14 2.39 -0.16 1.27
CA LEU A 14 1.71 -0.53 0.00
C LEU A 14 0.35 -1.13 0.32
N PHE A 15 -0.03 -1.10 1.57
CA PHE A 15 -1.33 -1.69 1.99
C PHE A 15 -2.32 -0.59 2.42
N GLY A 16 -1.85 0.59 2.72
CA GLY A 16 -2.82 1.65 3.13
C GLY A 16 -2.13 2.77 3.94
N ASN A 17 -1.27 3.51 3.31
CA ASN A 17 -0.58 4.65 4.00
C ASN A 17 -0.14 4.31 5.42
N ILE A 18 1.15 4.22 5.62
CA ILE A 18 1.67 3.96 6.99
C ILE A 18 3.10 4.49 7.05
N ASP A 19 3.51 4.88 8.20
CA ASP A 19 4.90 5.34 8.34
C ASP A 19 5.75 4.12 8.65
N SER A 20 6.88 4.00 8.04
CA SER A 20 7.74 2.81 8.30
C SER A 20 7.72 2.45 9.78
N GLU A 21 7.46 3.42 10.63
CA GLU A 21 7.40 3.13 12.10
C GLU A 21 6.52 1.90 12.35
N GLY A 22 5.65 1.58 11.44
CA GLY A 22 4.77 0.39 11.64
C GLY A 22 3.35 0.85 11.98
N ARG A 23 2.94 2.00 11.51
CA ARG A 23 1.58 2.51 11.81
C ARG A 23 0.79 2.73 10.49
N LEU A 24 -0.42 2.24 10.42
CA LEU A 24 -1.23 2.42 9.17
C LEU A 24 -2.26 3.52 9.35
N LEU A 25 -2.44 4.33 8.34
CA LEU A 25 -3.44 5.43 8.45
C LEU A 25 -4.46 5.36 7.31
N GLN A 26 -5.40 6.26 7.28
CA GLN A 26 -6.41 6.24 6.20
C GLN A 26 -6.63 7.65 5.65
N ASP A 27 -6.88 7.77 4.38
CA ASP A 27 -7.08 9.12 3.76
C ASP A 27 -8.11 9.92 4.56
N ASP A 28 -9.14 9.28 5.05
CA ASP A 28 -10.18 10.02 5.82
C ASP A 28 -10.10 9.66 7.31
N ASP A 29 -10.37 10.59 8.17
CA ASP A 29 -10.32 10.31 9.63
C ASP A 29 -11.56 10.89 10.32
N GLY A 30 -12.12 10.18 11.26
CA GLY A 30 -13.32 10.69 11.97
C GLY A 30 -14.57 10.02 11.39
N GLU A 31 -14.44 8.79 10.96
CA GLU A 31 -15.62 8.09 10.39
C GLU A 31 -16.20 7.10 11.39
N GLY A 32 -16.97 7.57 12.33
CA GLY A 32 -17.57 6.65 13.34
C GLY A 32 -18.74 5.90 12.73
N ARG A 33 -19.33 6.45 11.69
CA ARG A 33 -20.48 5.75 11.04
C ARG A 33 -19.98 4.82 9.94
N GLY A 34 -19.06 3.95 10.26
CA GLY A 34 -18.54 3.00 9.23
C GLY A 34 -18.70 1.57 9.73
N GLY A 35 -18.58 1.36 11.02
CA GLY A 35 -18.74 -0.01 11.57
C GLY A 35 -17.46 -0.43 12.28
N THR A 36 -17.06 -1.67 12.15
CA THR A 36 -15.82 -2.13 12.83
C THR A 36 -14.62 -1.97 11.90
N GLY A 37 -13.48 -2.45 12.31
CA GLY A 37 -12.27 -2.31 11.45
C GLY A 37 -11.30 -3.46 11.74
N PHE A 38 -10.75 -4.05 10.71
CA PHE A 38 -9.80 -5.19 10.93
C PHE A 38 -8.38 -4.65 11.10
N ASP A 39 -8.23 -3.38 11.36
CA ASP A 39 -6.87 -2.81 11.54
C ASP A 39 -6.03 -3.69 12.47
N ALA A 40 -6.54 -3.99 13.63
CA ALA A 40 -5.78 -4.84 14.59
C ALA A 40 -5.72 -6.28 14.08
N GLU A 41 -6.38 -6.57 12.99
CA GLU A 41 -6.34 -7.96 12.46
C GLU A 41 -5.32 -8.03 11.34
N LEU A 42 -5.05 -6.91 10.72
CA LEU A 42 -4.05 -6.88 9.61
C LEU A 42 -2.80 -6.12 10.05
N ARG A 43 -2.99 -5.00 10.69
CA ARG A 43 -1.83 -4.19 11.13
C ARG A 43 -0.76 -5.10 11.71
N GLU A 44 -1.14 -6.02 12.54
CA GLU A 44 -0.14 -6.94 13.15
C GLU A 44 0.45 -7.82 12.05
N ASN A 45 -0.38 -8.44 11.27
CA ASN A 45 0.13 -9.31 10.17
C ASN A 45 1.00 -8.47 9.24
N ILE A 46 0.61 -7.25 8.98
CA ILE A 46 1.43 -6.39 8.10
C ILE A 46 2.88 -6.40 8.57
N GLY A 47 3.07 -6.37 9.87
CA GLY A 47 4.46 -6.41 10.40
C GLY A 47 5.11 -7.73 10.01
N SER A 48 4.33 -8.67 9.55
CA SER A 48 4.91 -10.00 9.14
C SER A 48 4.52 -10.33 7.70
N LEU A 49 3.78 -9.47 7.06
CA LEU A 49 3.37 -9.74 5.65
C LEU A 49 4.50 -9.39 4.69
N SER A 50 5.68 -9.90 4.93
CA SER A 50 6.82 -9.59 4.02
C SER A 50 7.59 -10.88 3.68
N LYS A 51 6.89 -11.90 3.26
CA LYS A 51 7.57 -13.18 2.93
C LYS A 51 6.54 -14.22 2.48
N LEU A 52 5.56 -13.81 1.72
CA LEU A 52 4.53 -14.79 1.27
C LEU A 52 4.13 -14.54 -0.19
N GLY A 53 4.20 -13.31 -0.64
CA GLY A 53 3.81 -13.04 -2.07
C GLY A 53 3.92 -11.55 -2.38
N LEU A 54 3.38 -10.71 -1.54
CA LEU A 54 3.46 -9.24 -1.82
C LEU A 54 4.80 -8.67 -1.33
N ASP A 55 5.61 -9.47 -0.69
CA ASP A 55 6.93 -8.95 -0.21
C ASP A 55 7.59 -8.13 -1.32
N SER A 56 7.41 -8.53 -2.55
CA SER A 56 8.02 -7.77 -3.67
C SER A 56 7.43 -6.36 -3.73
N MET A 57 6.12 -6.26 -3.65
CA MET A 57 5.48 -4.91 -3.68
C MET A 57 5.90 -4.11 -2.44
N LEU A 58 6.51 -4.76 -1.50
CA LEU A 58 6.96 -4.04 -0.27
C LEU A 58 8.16 -3.17 -0.61
N LEU A 59 9.21 -3.79 -1.05
CA LEU A 59 10.44 -3.02 -1.43
C LEU A 59 10.21 -2.31 -2.76
N GLU A 60 9.05 -2.45 -3.33
CA GLU A 60 8.75 -1.79 -4.64
C GLU A 60 8.14 -0.42 -4.43
N VAL A 61 8.24 0.10 -3.25
CA VAL A 61 7.68 1.45 -3.00
C VAL A 61 8.74 2.30 -2.30
N ILE A 62 9.88 1.73 -2.07
CA ILE A 62 10.99 2.45 -1.41
C ILE A 62 12.32 1.88 -1.89
N ASP A 63 12.73 2.21 -3.08
CA ASP A 63 14.00 1.68 -3.61
C ASP A 63 15.17 2.39 -2.94
N LEU A 64 15.22 2.34 -1.64
CA LEU A 64 16.32 3.03 -0.90
C LEU A 64 17.51 2.10 -0.72
N LYS A 65 17.70 1.19 -1.63
CA LYS A 65 18.84 0.24 -1.53
C LYS A 65 19.78 0.40 -2.71
N GLU A 66 20.55 -0.61 -3.02
CA GLU A 66 21.50 -0.52 -4.16
C GLU A 66 20.76 -0.03 -5.42
N ALA A 67 20.73 1.25 -5.63
CA ALA A 67 20.02 1.78 -6.85
C ALA A 67 21.05 2.30 -7.86
N SER B 1 -26.22 -8.76 -6.31
CA SER B 1 -24.80 -8.91 -6.75
C SER B 1 -24.33 -7.60 -7.40
N GLY B 2 -23.04 -7.41 -7.49
CA GLY B 2 -22.51 -6.17 -8.11
C GLY B 2 -22.04 -5.20 -7.02
N ILE B 3 -21.03 -5.58 -6.28
CA ILE B 3 -20.53 -4.67 -5.21
C ILE B 3 -19.29 -3.92 -5.70
N VAL B 4 -18.42 -4.58 -6.41
CA VAL B 4 -17.20 -3.90 -6.93
C VAL B 4 -16.29 -3.49 -5.77
N PRO B 5 -15.00 -3.61 -6.00
CA PRO B 5 -14.01 -3.24 -4.96
C PRO B 5 -13.87 -1.72 -4.87
N THR B 6 -13.80 -1.20 -3.68
CA THR B 6 -13.66 0.28 -3.53
C THR B 6 -12.19 0.66 -3.33
N LEU B 7 -11.72 1.65 -4.04
CA LEU B 7 -10.30 2.06 -3.88
C LEU B 7 -10.10 2.72 -2.52
N GLN B 8 -9.23 2.19 -1.71
CA GLN B 8 -9.01 2.78 -0.36
C GLN B 8 -7.62 3.42 -0.27
N ASN B 9 -6.76 3.13 -1.22
CA ASN B 9 -5.39 3.73 -1.17
C ASN B 9 -4.72 3.62 -2.54
N ILE B 10 -3.94 4.61 -2.89
CA ILE B 10 -3.23 4.57 -4.20
C ILE B 10 -1.73 4.80 -3.98
N VAL B 11 -0.89 4.26 -4.82
CA VAL B 11 0.57 4.45 -4.62
C VAL B 11 1.23 4.93 -5.92
N ALA B 12 1.95 6.01 -5.86
CA ALA B 12 2.62 6.53 -7.09
C ALA B 12 4.00 7.10 -6.74
N THR B 13 4.80 7.42 -7.71
CA THR B 13 6.15 7.97 -7.43
C THR B 13 6.49 9.08 -8.42
N VAL B 14 7.21 10.09 -7.98
CA VAL B 14 7.57 11.20 -8.90
C VAL B 14 9.09 11.45 -8.85
N THR B 15 9.64 12.01 -9.88
CA THR B 15 11.10 12.28 -9.89
C THR B 15 11.36 13.77 -9.70
N LEU B 16 12.23 14.13 -8.79
CA LEU B 16 12.52 15.56 -8.55
C LEU B 16 13.60 16.04 -9.53
N GLY B 17 14.81 15.59 -9.37
CA GLY B 17 15.90 16.02 -10.30
C GLY B 17 16.96 16.80 -9.51
N CYS B 18 17.11 16.50 -8.25
CA CYS B 18 18.13 17.22 -7.43
C CYS B 18 18.40 16.46 -6.12
N ARG B 19 19.58 16.59 -5.59
CA ARG B 19 19.90 15.88 -4.32
C ARG B 19 19.18 16.54 -3.14
N LEU B 20 18.67 15.77 -2.23
CA LEU B 20 17.95 16.35 -1.07
C LEU B 20 18.66 15.98 0.24
N ASP B 21 18.75 16.90 1.16
CA ASP B 21 19.42 16.60 2.46
C ASP B 21 18.39 16.12 3.49
N LEU B 22 18.22 14.84 3.61
CA LEU B 22 17.22 14.31 4.59
C LEU B 22 17.32 15.06 5.91
N LYS B 23 18.49 15.14 6.48
CA LYS B 23 18.64 15.87 7.77
C LYS B 23 17.98 17.25 7.68
N THR B 24 18.20 17.94 6.59
CA THR B 24 17.58 19.30 6.44
C THR B 24 16.09 19.17 6.11
N VAL B 25 15.76 18.34 5.15
CA VAL B 25 14.32 18.18 4.78
C VAL B 25 13.51 17.79 6.02
N ALA B 26 13.96 16.83 6.77
CA ALA B 26 13.22 16.41 7.99
C ALA B 26 13.25 17.54 9.03
N LEU B 27 14.22 18.40 8.95
CA LEU B 27 14.31 19.53 9.93
C LEU B 27 13.27 20.60 9.59
N HIS B 28 13.11 20.91 8.34
CA HIS B 28 12.12 21.95 7.95
C HIS B 28 10.75 21.31 7.73
N ALA B 29 10.72 20.09 7.28
CA ALA B 29 9.42 19.40 7.03
C ALA B 29 8.59 19.38 8.31
N ARG B 30 7.51 20.12 8.35
CA ARG B 30 6.66 20.14 9.57
C ARG B 30 6.06 18.74 9.81
N ASN B 31 5.99 17.95 8.79
CA ASN B 31 5.41 16.58 8.94
C ASN B 31 6.31 15.55 8.25
N ALA B 32 7.39 15.17 8.86
CA ALA B 32 8.30 14.18 8.23
C ALA B 32 9.00 13.32 9.29
N GLU B 33 9.55 12.21 8.91
CA GLU B 33 10.24 11.33 9.91
C GLU B 33 11.46 10.66 9.27
N TYR B 34 12.60 10.79 9.88
CA TYR B 34 13.83 10.16 9.31
C TYR B 34 14.34 9.07 10.25
N ASN B 35 14.52 7.87 9.74
CA ASN B 35 15.01 6.76 10.61
C ASN B 35 16.22 6.08 9.96
N PRO B 36 17.38 6.37 10.52
CA PRO B 36 18.63 5.78 10.00
C PRO B 36 18.72 4.29 10.35
N LYS B 37 18.00 3.87 11.36
CA LYS B 37 18.03 2.43 11.76
C LYS B 37 17.08 1.62 10.86
N ARG B 38 16.55 2.23 9.84
CA ARG B 38 15.62 1.50 8.94
C ARG B 38 16.01 1.71 7.48
N PHE B 39 15.82 2.89 6.96
CA PHE B 39 16.19 3.15 5.53
C PHE B 39 16.93 4.48 5.40
N ALA B 40 17.21 4.89 4.19
CA ALA B 40 17.94 6.18 4.00
C ALA B 40 17.03 7.20 3.32
N ALA B 41 15.97 7.60 3.95
CA ALA B 41 15.05 8.60 3.33
C ALA B 41 14.21 9.29 4.40
N VAL B 42 13.40 10.23 4.00
CA VAL B 42 12.53 10.93 4.99
C VAL B 42 11.06 10.72 4.64
N ILE B 43 10.28 10.22 5.55
CA ILE B 43 8.84 9.98 5.25
C ILE B 43 8.01 11.22 5.59
N MET B 44 7.55 11.92 4.58
CA MET B 44 6.74 13.15 4.85
C MET B 44 5.28 12.90 4.48
N ARG B 45 4.36 13.57 5.13
CA ARG B 45 2.93 13.37 4.83
C ARG B 45 2.19 14.71 4.84
N ILE B 46 1.22 14.88 3.99
CA ILE B 46 0.47 16.17 3.96
C ILE B 46 -0.96 15.96 4.45
N ARG B 47 -1.71 17.02 4.57
CA ARG B 47 -3.11 16.88 5.06
C ARG B 47 -4.10 17.31 3.98
N GLU B 48 -3.73 17.21 2.73
CA GLU B 48 -4.66 17.63 1.64
C GLU B 48 -4.05 17.32 0.27
N PRO B 49 -4.26 16.12 -0.21
CA PRO B 49 -5.05 15.11 0.54
C PRO B 49 -4.18 14.48 1.64
N LYS B 50 -4.78 14.00 2.68
CA LYS B 50 -3.98 13.37 3.78
C LYS B 50 -3.33 12.07 3.28
N THR B 51 -2.06 12.10 3.02
CA THR B 51 -1.39 10.86 2.52
C THR B 51 0.06 10.79 3.04
N THR B 52 0.76 9.72 2.73
CA THR B 52 2.17 9.59 3.19
C THR B 52 3.08 9.57 1.96
N ALA B 53 4.25 10.14 2.04
CA ALA B 53 5.15 10.15 0.86
C ALA B 53 6.58 9.80 1.27
N LEU B 54 7.19 8.86 0.59
CA LEU B 54 8.59 8.48 0.91
C LEU B 54 9.55 9.36 0.10
N ILE B 55 10.40 10.10 0.74
CA ILE B 55 11.34 11.00 -0.01
C ILE B 55 12.78 10.48 0.07
N PHE B 56 13.39 10.23 -1.07
CA PHE B 56 14.79 9.75 -1.07
C PHE B 56 15.75 10.93 -1.27
N ALA B 57 16.93 10.85 -0.72
CA ALA B 57 17.89 11.98 -0.90
C ALA B 57 18.37 12.03 -2.35
N SER B 58 17.99 11.08 -3.15
CA SER B 58 18.43 11.07 -4.58
C SER B 58 17.45 11.90 -5.42
N GLY B 59 16.29 12.16 -4.90
CA GLY B 59 15.30 12.97 -5.68
C GLY B 59 14.03 12.14 -5.92
N LYS B 60 14.16 10.84 -5.94
CA LYS B 60 12.96 9.98 -6.15
C LYS B 60 12.15 9.87 -4.85
N MET B 61 10.85 9.79 -4.97
CA MET B 61 10.01 9.68 -3.75
C MET B 61 8.70 8.94 -4.06
N VAL B 62 8.14 8.27 -3.10
CA VAL B 62 6.87 7.53 -3.36
C VAL B 62 5.71 8.22 -2.61
N VAL B 63 4.50 7.94 -2.99
CA VAL B 63 3.35 8.58 -2.30
C VAL B 63 2.16 7.61 -2.22
N THR B 64 1.73 7.30 -1.02
CA THR B 64 0.57 6.38 -0.88
C THR B 64 -0.62 7.12 -0.27
N GLY B 65 -1.82 6.70 -0.57
CA GLY B 65 -3.02 7.39 -0.01
C GLY B 65 -3.87 7.97 -1.14
N ALA B 66 -3.26 8.38 -2.22
CA ALA B 66 -4.04 8.97 -3.34
C ALA B 66 -5.35 8.19 -3.54
N LYS B 67 -6.35 8.82 -4.08
CA LYS B 67 -7.65 8.13 -4.29
C LYS B 67 -7.81 7.78 -5.77
N SER B 68 -7.04 8.39 -6.62
CA SER B 68 -7.15 8.09 -8.08
C SER B 68 -5.97 8.71 -8.83
N GLU B 69 -5.87 8.45 -10.11
CA GLU B 69 -4.74 9.03 -10.89
C GLU B 69 -4.72 10.56 -10.75
N ASP B 70 -5.87 11.18 -10.78
CA ASP B 70 -5.91 12.66 -10.64
C ASP B 70 -5.51 13.08 -9.22
N ASP B 71 -6.08 12.44 -8.22
CA ASP B 71 -5.73 12.80 -6.82
C ASP B 71 -4.22 12.64 -6.60
N SER B 72 -3.68 11.48 -6.88
CA SER B 72 -2.22 11.28 -6.69
C SER B 72 -1.45 12.42 -7.35
N LYS B 73 -1.79 12.75 -8.57
CA LYS B 73 -1.08 13.85 -9.26
C LYS B 73 -1.02 15.09 -8.35
N LEU B 74 -2.10 15.37 -7.66
CA LEU B 74 -2.12 16.55 -6.76
C LEU B 74 -1.29 16.28 -5.50
N ALA B 75 -1.48 15.13 -4.90
CA ALA B 75 -0.70 14.81 -3.66
C ALA B 75 0.79 15.03 -3.92
N SER B 76 1.27 14.68 -5.08
CA SER B 76 2.71 14.88 -5.39
C SER B 76 3.04 16.37 -5.41
N ARG B 77 2.32 17.13 -6.18
CA ARG B 77 2.60 18.60 -6.26
C ARG B 77 2.80 19.16 -4.85
N LYS B 78 2.04 18.69 -3.90
CA LYS B 78 2.19 19.21 -2.50
C LYS B 78 3.59 18.87 -1.97
N TYR B 79 3.94 17.61 -1.97
CA TYR B 79 5.29 17.20 -1.48
C TYR B 79 6.37 17.96 -2.24
N ALA B 80 6.28 18.00 -3.54
CA ALA B 80 7.30 18.73 -4.34
C ALA B 80 7.38 20.18 -3.90
N ARG B 81 6.32 20.70 -3.33
CA ARG B 81 6.34 22.12 -2.87
C ARG B 81 7.10 22.24 -1.55
N ILE B 82 6.77 21.44 -0.58
CA ILE B 82 7.49 21.51 0.73
C ILE B 82 9.00 21.58 0.49
N ILE B 83 9.48 20.89 -0.50
CA ILE B 83 10.95 20.92 -0.79
C ILE B 83 11.32 22.23 -1.49
N GLN B 84 10.64 22.54 -2.56
CA GLN B 84 10.94 23.82 -3.28
C GLN B 84 10.64 25.01 -2.37
N LYS B 85 9.66 24.89 -1.52
CA LYS B 85 9.34 26.02 -0.60
C LYS B 85 10.41 26.09 0.47
N ILE B 86 11.04 24.97 0.74
CA ILE B 86 12.12 24.96 1.75
C ILE B 86 13.40 25.55 1.13
N GLY B 87 13.51 25.49 -0.16
CA GLY B 87 14.70 26.07 -0.84
C GLY B 87 15.38 25.01 -1.72
N PHE B 88 15.13 23.75 -1.46
CA PHE B 88 15.78 22.68 -2.28
C PHE B 88 15.42 22.85 -3.76
N ALA B 89 15.95 21.99 -4.59
CA ALA B 89 15.66 22.09 -6.05
C ALA B 89 14.86 20.86 -6.50
N ALA B 90 13.86 20.49 -5.76
CA ALA B 90 13.03 19.31 -6.14
C ALA B 90 11.99 19.69 -7.19
N LYS B 91 12.16 19.24 -8.40
CA LYS B 91 11.17 19.58 -9.47
C LYS B 91 10.01 18.59 -9.43
N PHE B 92 9.15 18.63 -10.43
CA PHE B 92 8.00 17.70 -10.46
C PHE B 92 7.82 17.13 -11.87
N THR B 93 8.22 15.90 -12.08
CA THR B 93 8.06 15.30 -13.44
C THR B 93 8.27 13.79 -13.37
N ASP B 94 7.97 13.09 -14.43
CA ASP B 94 8.16 11.61 -14.45
C ASP B 94 7.14 10.93 -13.52
N PHE B 95 6.16 11.66 -13.04
CA PHE B 95 5.15 11.05 -12.15
C PHE B 95 4.66 9.73 -12.75
N LYS B 96 4.24 8.80 -11.93
CA LYS B 96 3.75 7.50 -12.47
C LYS B 96 3.06 6.69 -11.38
N ILE B 97 2.01 5.99 -11.72
CA ILE B 97 1.30 5.17 -10.71
C ILE B 97 2.04 3.86 -10.47
N GLN B 98 1.94 3.32 -9.29
CA GLN B 98 2.66 2.04 -9.00
C GLN B 98 1.64 0.95 -8.62
N ASN B 99 0.90 1.16 -7.56
CA ASN B 99 -0.09 0.12 -7.15
C ASN B 99 -1.36 0.78 -6.62
N ILE B 100 -2.40 0.01 -6.41
CA ILE B 100 -3.67 0.57 -5.89
C ILE B 100 -4.30 -0.39 -4.88
N VAL B 101 -4.81 0.11 -3.80
CA VAL B 101 -5.43 -0.80 -2.79
C VAL B 101 -6.94 -0.62 -2.74
N GLY B 102 -7.68 -1.69 -2.83
CA GLY B 102 -9.16 -1.60 -2.78
C GLY B 102 -9.69 -2.54 -1.70
N SER B 103 -10.98 -2.51 -1.44
CA SER B 103 -11.54 -3.41 -0.40
C SER B 103 -13.06 -3.39 -0.46
N CYS B 104 -13.69 -4.50 -0.17
CA CYS B 104 -15.18 -4.55 -0.21
C CYS B 104 -15.69 -5.85 0.39
N ASP B 105 -16.86 -5.83 0.96
CA ASP B 105 -17.42 -7.08 1.55
C ASP B 105 -18.31 -7.79 0.54
N VAL B 106 -18.63 -9.03 0.79
CA VAL B 106 -19.51 -9.78 -0.17
C VAL B 106 -20.89 -10.02 0.45
N LYS B 107 -21.02 -11.04 1.25
CA LYS B 107 -22.35 -11.31 1.88
C LYS B 107 -22.27 -12.56 2.76
N PHE B 108 -21.41 -13.48 2.43
CA PHE B 108 -21.28 -14.72 3.25
C PHE B 108 -19.80 -15.02 3.48
N PRO B 109 -19.54 -15.78 4.51
CA PRO B 109 -18.15 -16.15 4.86
C PRO B 109 -17.60 -17.17 3.85
N ILE B 110 -16.30 -17.29 3.76
CA ILE B 110 -15.71 -18.26 2.79
C ILE B 110 -14.70 -19.17 3.50
N ARG B 111 -14.54 -20.37 3.00
CA ARG B 111 -13.57 -21.31 3.65
C ARG B 111 -12.17 -21.10 3.05
N LEU B 112 -11.31 -20.44 3.79
CA LEU B 112 -9.93 -20.19 3.27
C LEU B 112 -9.27 -21.50 2.83
N GLU B 113 -9.58 -22.58 3.50
CA GLU B 113 -8.97 -23.88 3.12
C GLU B 113 -9.42 -24.28 1.70
N GLY B 114 -10.68 -24.12 1.41
CA GLY B 114 -11.18 -24.48 0.05
C GLY B 114 -10.57 -23.52 -0.98
N LEU B 115 -10.28 -22.32 -0.58
CA LEU B 115 -9.69 -21.35 -1.53
C LEU B 115 -8.19 -21.60 -1.70
N ALA B 116 -7.55 -22.08 -0.67
CA ALA B 116 -6.09 -22.36 -0.76
C ALA B 116 -5.86 -23.78 -1.29
N PHE B 117 -6.80 -24.66 -1.11
CA PHE B 117 -6.64 -26.05 -1.61
C PHE B 117 -6.90 -26.10 -3.12
N SER B 118 -7.88 -25.37 -3.59
CA SER B 118 -8.17 -25.38 -5.06
C SER B 118 -7.27 -24.38 -5.79
N HIS B 119 -7.03 -23.25 -5.20
CA HIS B 119 -6.16 -22.23 -5.85
C HIS B 119 -4.80 -22.16 -5.16
N GLY B 120 -4.49 -23.13 -4.36
CA GLY B 120 -3.18 -23.13 -3.64
C GLY B 120 -2.08 -22.73 -4.62
N THR B 121 -2.18 -23.14 -5.85
CA THR B 121 -1.13 -22.78 -6.84
C THR B 121 -0.89 -21.26 -6.84
N PHE B 122 -1.86 -20.51 -6.38
CA PHE B 122 -1.68 -19.03 -6.35
C PHE B 122 -2.26 -18.46 -5.05
N SER B 123 -2.60 -19.31 -4.12
CA SER B 123 -3.16 -18.81 -2.82
C SER B 123 -2.30 -19.31 -1.65
N SER B 124 -1.78 -18.40 -0.87
CA SER B 124 -0.94 -18.82 0.30
C SER B 124 -1.77 -18.81 1.58
N TYR B 125 -1.76 -19.88 2.32
CA TYR B 125 -2.55 -19.93 3.58
C TYR B 125 -1.65 -20.34 4.75
N GLU B 126 -1.54 -19.51 5.74
CA GLU B 126 -0.68 -19.86 6.92
C GLU B 126 -1.38 -19.46 8.22
N PRO B 127 -1.92 -20.46 8.87
CA PRO B 127 -2.63 -20.23 10.15
C PRO B 127 -1.63 -19.94 11.27
N GLU B 128 -0.36 -19.93 10.96
CA GLU B 128 0.66 -19.65 12.00
C GLU B 128 1.12 -18.19 11.91
N LEU B 129 0.65 -17.46 10.93
CA LEU B 129 1.08 -16.04 10.80
C LEU B 129 -0.05 -15.21 10.19
N PHE B 130 -0.76 -15.76 9.23
CA PHE B 130 -1.87 -15.00 8.59
C PHE B 130 -3.18 -15.77 8.69
N PRO B 131 -4.10 -15.23 9.44
CA PRO B 131 -5.42 -15.88 9.61
C PRO B 131 -6.24 -15.76 8.33
N GLY B 132 -5.89 -14.83 7.48
CA GLY B 132 -6.64 -14.66 6.20
C GLY B 132 -5.90 -15.38 5.08
N LEU B 133 -6.43 -15.33 3.89
CA LEU B 133 -5.75 -16.03 2.75
C LEU B 133 -5.23 -15.01 1.74
N ILE B 134 -4.11 -15.29 1.12
CA ILE B 134 -3.56 -14.34 0.10
C ILE B 134 -3.71 -14.93 -1.30
N TYR B 135 -4.57 -14.37 -2.10
CA TYR B 135 -4.78 -14.89 -3.48
C TYR B 135 -4.17 -13.95 -4.51
N ARG B 136 -3.23 -14.44 -5.29
CA ARG B 136 -2.59 -13.57 -6.32
C ARG B 136 -3.27 -13.78 -7.67
N MET B 137 -4.25 -12.98 -7.98
CA MET B 137 -4.96 -13.13 -9.29
C MET B 137 -3.95 -13.22 -10.44
N VAL B 138 -4.15 -14.13 -11.36
CA VAL B 138 -3.21 -14.26 -12.50
C VAL B 138 -3.39 -13.10 -13.48
N LYS B 139 -4.61 -12.84 -13.88
CA LYS B 139 -4.86 -11.72 -14.83
C LYS B 139 -6.17 -11.01 -14.47
N PRO B 140 -6.09 -9.75 -14.09
CA PRO B 140 -4.78 -9.05 -14.00
C PRO B 140 -3.98 -9.54 -12.79
N LYS B 141 -2.71 -9.25 -12.73
CA LYS B 141 -1.90 -9.68 -11.57
C LYS B 141 -2.21 -8.83 -10.35
N ILE B 142 -3.04 -9.30 -9.47
CA ILE B 142 -3.39 -8.51 -8.26
C ILE B 142 -3.46 -9.41 -7.02
N VAL B 143 -3.08 -8.91 -5.88
CA VAL B 143 -3.13 -9.73 -4.64
C VAL B 143 -4.45 -9.47 -3.91
N LEU B 144 -5.25 -10.50 -3.75
CA LEU B 144 -6.56 -10.30 -3.05
C LEU B 144 -6.58 -11.10 -1.73
N LEU B 145 -6.83 -10.44 -0.64
CA LEU B 145 -6.88 -11.17 0.67
C LEU B 145 -8.33 -11.54 1.01
N ILE B 146 -8.57 -12.78 1.33
CA ILE B 146 -9.97 -13.20 1.66
C ILE B 146 -10.05 -13.72 3.10
N PHE B 147 -10.98 -13.22 3.87
CA PHE B 147 -11.11 -13.68 5.28
C PHE B 147 -12.44 -14.42 5.46
N VAL B 148 -12.48 -15.37 6.36
CA VAL B 148 -13.75 -16.13 6.58
C VAL B 148 -14.90 -15.16 6.89
N SER B 149 -14.58 -14.00 7.40
CA SER B 149 -15.66 -13.01 7.73
C SER B 149 -16.38 -12.57 6.45
N GLY B 150 -15.71 -12.62 5.33
CA GLY B 150 -16.36 -12.19 4.06
C GLY B 150 -15.77 -10.86 3.60
N LYS B 151 -14.60 -10.52 4.08
CA LYS B 151 -13.97 -9.24 3.68
C LYS B 151 -12.96 -9.47 2.55
N ILE B 152 -12.94 -8.61 1.57
CA ILE B 152 -11.97 -8.79 0.45
C ILE B 152 -11.08 -7.56 0.30
N VAL B 153 -9.79 -7.75 0.17
CA VAL B 153 -8.88 -6.58 0.02
C VAL B 153 -8.02 -6.76 -1.24
N LEU B 154 -7.94 -5.75 -2.06
CA LEU B 154 -7.12 -5.86 -3.30
C LEU B 154 -5.99 -4.82 -3.30
N THR B 155 -4.77 -5.25 -3.47
CA THR B 155 -3.64 -4.29 -3.48
C THR B 155 -2.54 -4.78 -4.45
N GLY B 156 -2.00 -3.88 -5.23
CA GLY B 156 -0.94 -4.29 -6.19
C GLY B 156 -1.39 -3.98 -7.62
N ALA B 157 -2.50 -3.30 -7.77
CA ALA B 157 -2.98 -2.97 -9.14
C ALA B 157 -2.35 -1.66 -9.62
N LYS B 158 -1.88 -1.64 -10.84
CA LYS B 158 -1.24 -0.40 -11.37
C LYS B 158 -2.33 0.61 -11.79
N GLN B 159 -3.52 0.14 -12.03
CA GLN B 159 -4.62 1.08 -12.43
C GLN B 159 -5.92 0.69 -11.73
N ARG B 160 -7.01 1.28 -12.13
CA ARG B 160 -8.31 0.94 -11.48
C ARG B 160 -8.99 -0.22 -12.23
N GLU B 161 -8.86 -0.25 -13.54
CA GLU B 161 -9.48 -1.35 -14.32
C GLU B 161 -9.06 -2.71 -13.76
N GLU B 162 -7.88 -2.80 -13.21
CA GLU B 162 -7.42 -4.10 -12.64
C GLU B 162 -8.20 -4.42 -11.37
N ILE B 163 -8.16 -3.54 -10.40
CA ILE B 163 -8.90 -3.80 -9.13
C ILE B 163 -10.35 -4.17 -9.45
N TYR B 164 -10.94 -3.54 -10.43
CA TYR B 164 -12.34 -3.86 -10.79
C TYR B 164 -12.43 -5.27 -11.39
N GLN B 165 -11.61 -5.57 -12.36
CA GLN B 165 -11.64 -6.93 -12.98
C GLN B 165 -11.19 -7.98 -11.96
N ALA B 166 -10.38 -7.59 -11.01
CA ALA B 166 -9.91 -8.57 -9.98
C ALA B 166 -11.10 -9.16 -9.24
N PHE B 167 -11.96 -8.33 -8.72
CA PHE B 167 -13.15 -8.84 -7.99
C PHE B 167 -14.03 -9.66 -8.94
N GLU B 168 -14.22 -9.19 -10.15
CA GLU B 168 -15.06 -9.95 -11.11
C GLU B 168 -14.47 -11.32 -11.38
N ALA B 169 -13.21 -11.51 -11.07
CA ALA B 169 -12.56 -12.83 -11.31
C ALA B 169 -12.58 -13.68 -10.03
N ILE B 170 -12.57 -13.05 -8.90
CA ILE B 170 -12.59 -13.82 -7.62
C ILE B 170 -14.01 -13.89 -7.05
N TYR B 171 -14.91 -13.12 -7.61
CA TYR B 171 -16.32 -13.15 -7.10
C TYR B 171 -16.91 -14.56 -7.20
N PRO B 172 -16.66 -15.22 -8.31
CA PRO B 172 -17.20 -16.59 -8.50
C PRO B 172 -16.39 -17.60 -7.69
N VAL B 173 -15.09 -17.49 -7.71
CA VAL B 173 -14.26 -18.45 -6.93
C VAL B 173 -14.69 -18.43 -5.46
N LEU B 174 -15.01 -17.28 -4.94
CA LEU B 174 -15.45 -17.21 -3.51
C LEU B 174 -16.80 -17.91 -3.32
N SER B 175 -17.76 -17.59 -4.15
CA SER B 175 -19.09 -18.25 -4.02
C SER B 175 -18.95 -19.77 -4.16
N GLU B 176 -17.99 -20.22 -4.90
CA GLU B 176 -17.81 -21.70 -5.08
C GLU B 176 -17.34 -22.33 -3.76
N PHE B 177 -16.54 -21.64 -3.01
CA PHE B 177 -16.05 -22.20 -1.72
C PHE B 177 -16.62 -21.41 -0.54
N ARG B 178 -17.86 -21.01 -0.63
CA ARG B 178 -18.47 -20.24 0.49
C ARG B 178 -18.58 -21.10 1.74
N LYS B 179 -19.04 -20.55 2.83
CA LYS B 179 -19.16 -21.36 4.09
C LYS B 179 -20.62 -21.74 4.32
N MET B 180 -21.48 -20.77 4.45
CA MET B 180 -22.92 -21.08 4.68
C MET B 180 -23.38 -22.19 3.74
N GLU A 1 22.42 -14.25 -6.87
CA GLU A 1 23.61 -13.40 -6.63
C GLU A 1 23.19 -12.00 -6.18
N GLY A 2 24.00 -11.34 -5.42
CA GLY A 2 23.64 -9.97 -4.94
C GLY A 2 22.51 -10.07 -3.92
N SER A 3 22.84 -10.29 -2.68
CA SER A 3 21.77 -10.40 -1.64
C SER A 3 22.23 -9.69 -0.36
N ILE A 4 22.79 -8.52 -0.48
CA ILE A 4 23.25 -7.78 0.74
C ILE A 4 22.84 -6.31 0.64
N GLY A 5 21.57 -6.03 0.64
CA GLY A 5 21.11 -4.62 0.55
C GLY A 5 20.26 -4.28 1.78
N ASN A 6 19.88 -3.05 1.93
CA ASN A 6 19.04 -2.66 3.11
C ASN A 6 17.56 -2.95 2.83
N GLY A 7 16.78 -1.93 2.55
CA GLY A 7 15.33 -2.18 2.28
C GLY A 7 14.51 -1.82 3.51
N LEU A 8 13.35 -1.25 3.33
CA LEU A 8 12.52 -0.86 4.48
C LEU A 8 11.24 -1.72 4.50
N ASP A 9 10.43 -1.60 5.52
CA ASP A 9 9.19 -2.43 5.58
C ASP A 9 7.99 -1.69 4.98
N LEU A 10 7.68 -1.96 3.74
CA LEU A 10 6.53 -1.28 3.08
C LEU A 10 5.35 -2.24 2.89
N THR A 11 5.45 -3.44 3.41
CA THR A 11 4.32 -4.39 3.23
C THR A 11 3.00 -3.67 3.45
N GLY A 12 3.01 -2.62 4.23
CA GLY A 12 1.77 -1.86 4.49
C GLY A 12 1.71 -0.63 3.58
N ILE A 13 2.81 -0.20 3.04
CA ILE A 13 2.74 1.01 2.16
C ILE A 13 1.76 0.74 1.02
N LEU A 14 1.85 -0.40 0.39
CA LEU A 14 0.90 -0.70 -0.72
C LEU A 14 -0.40 -1.25 -0.14
N PHE A 15 -0.35 -1.83 1.02
CA PHE A 15 -1.59 -2.38 1.63
C PHE A 15 -2.33 -1.25 2.36
N GLY A 16 -1.90 -0.03 2.17
CA GLY A 16 -2.56 1.11 2.85
C GLY A 16 -1.48 2.05 3.36
N ASN A 17 -1.27 3.16 2.69
CA ASN A 17 -0.21 4.14 3.08
C ASN A 17 0.23 3.96 4.54
N ILE A 18 1.51 3.88 4.74
CA ILE A 18 2.02 3.69 6.12
C ILE A 18 3.25 4.57 6.32
N ASP A 19 3.71 4.67 7.52
CA ASP A 19 4.94 5.43 7.76
C ASP A 19 6.08 4.44 7.57
N SER A 20 6.96 4.69 6.64
CA SER A 20 8.07 3.73 6.40
C SER A 20 8.51 3.09 7.72
N GLU A 21 8.40 3.82 8.78
CA GLU A 21 8.77 3.25 10.10
C GLU A 21 8.14 1.86 10.27
N GLY A 22 7.08 1.56 9.57
CA GLY A 22 6.45 0.22 9.72
C GLY A 22 5.05 0.34 10.31
N ARG A 23 4.44 1.48 10.20
CA ARG A 23 3.07 1.65 10.76
C ARG A 23 2.13 2.16 9.66
N LEU A 24 0.96 1.60 9.52
CA LEU A 24 0.04 2.05 8.45
C LEU A 24 -0.83 3.20 8.93
N LEU A 25 -1.43 3.94 8.01
CA LEU A 25 -2.27 5.09 8.43
C LEU A 25 -3.54 5.16 7.59
N GLN A 26 -4.37 6.14 7.87
CA GLN A 26 -5.63 6.28 7.09
C GLN A 26 -5.72 7.70 6.50
N ASP A 27 -6.29 7.83 5.33
CA ASP A 27 -6.40 9.19 4.72
C ASP A 27 -7.79 9.78 4.95
N ASP A 28 -8.80 8.95 5.06
CA ASP A 28 -10.17 9.47 5.28
C ASP A 28 -11.05 8.41 5.95
N ASP A 29 -12.32 8.39 5.63
CA ASP A 29 -13.22 7.38 6.25
C ASP A 29 -14.46 7.18 5.37
N GLY A 30 -15.16 6.09 5.54
CA GLY A 30 -16.36 5.84 4.72
C GLY A 30 -17.63 6.10 5.55
N GLU A 31 -17.99 7.34 5.72
CA GLU A 31 -19.20 7.67 6.52
C GLU A 31 -20.45 7.03 5.88
N GLY A 32 -20.35 6.64 4.65
CA GLY A 32 -21.52 6.01 3.97
C GLY A 32 -21.53 4.51 4.26
N ARG A 33 -20.87 3.74 3.44
CA ARG A 33 -20.83 2.26 3.66
C ARG A 33 -19.60 1.90 4.49
N GLY A 34 -19.33 2.63 5.54
CA GLY A 34 -18.14 2.32 6.38
C GLY A 34 -18.60 1.75 7.72
N GLY A 35 -18.46 0.46 7.90
CA GLY A 35 -18.87 -0.17 9.18
C GLY A 35 -17.72 -1.02 9.73
N THR A 36 -17.81 -2.31 9.58
CA THR A 36 -16.72 -3.19 10.08
C THR A 36 -15.61 -3.29 9.03
N GLY A 37 -14.37 -3.22 9.45
CA GLY A 37 -13.25 -3.31 8.47
C GLY A 37 -12.03 -3.92 9.14
N PHE A 38 -10.97 -4.11 8.39
CA PHE A 38 -9.73 -4.70 8.98
C PHE A 38 -8.72 -3.59 9.29
N ASP A 39 -9.19 -2.45 9.72
CA ASP A 39 -8.27 -1.33 10.03
C ASP A 39 -7.03 -1.84 10.76
N ALA A 40 -7.13 -2.06 12.04
CA ALA A 40 -5.95 -2.55 12.81
C ALA A 40 -5.91 -4.08 12.82
N GLU A 41 -6.46 -4.70 11.82
CA GLU A 41 -6.43 -6.19 11.78
C GLU A 41 -5.32 -6.62 10.81
N LEU A 42 -5.01 -5.78 9.87
CA LEU A 42 -3.94 -6.12 8.90
C LEU A 42 -2.64 -5.44 9.32
N ARG A 43 -2.72 -4.24 9.80
CA ARG A 43 -1.49 -3.52 10.23
C ARG A 43 -0.59 -4.47 11.02
N GLU A 44 -1.17 -5.18 11.96
CA GLU A 44 -0.36 -6.14 12.76
C GLU A 44 0.15 -7.26 11.87
N ASN A 45 -0.62 -7.63 10.87
CA ASN A 45 -0.17 -8.72 9.95
C ASN A 45 0.88 -8.18 8.99
N ILE A 46 0.70 -6.97 8.52
CA ILE A 46 1.71 -6.39 7.58
C ILE A 46 3.10 -6.48 8.21
N GLY A 47 3.18 -6.34 9.51
CA GLY A 47 4.51 -6.43 10.17
C GLY A 47 5.07 -7.84 10.02
N SER A 48 4.21 -8.82 9.87
CA SER A 48 4.70 -10.22 9.71
C SER A 48 4.27 -10.78 8.34
N LEU A 49 3.74 -9.95 7.49
CA LEU A 49 3.30 -10.42 6.15
C LEU A 49 4.40 -10.15 5.11
N SER A 50 5.59 -9.85 5.55
CA SER A 50 6.70 -9.57 4.60
C SER A 50 7.49 -10.86 4.32
N LYS A 51 6.80 -11.96 4.16
CA LYS A 51 7.53 -13.24 3.89
C LYS A 51 6.61 -14.22 3.15
N LEU A 52 5.56 -13.72 2.55
CA LEU A 52 4.62 -14.61 1.80
C LEU A 52 4.62 -14.21 0.33
N GLY A 53 4.28 -12.99 0.05
CA GLY A 53 4.25 -12.51 -1.35
C GLY A 53 4.42 -10.99 -1.37
N LEU A 54 3.80 -10.30 -0.46
CA LEU A 54 3.93 -8.81 -0.42
C LEU A 54 5.40 -8.40 -0.43
N ASP A 55 6.27 -9.24 0.05
CA ASP A 55 7.72 -8.89 0.07
C ASP A 55 8.13 -8.29 -1.29
N SER A 56 7.59 -8.79 -2.36
CA SER A 56 7.94 -8.25 -3.70
C SER A 56 7.37 -6.85 -3.87
N MET A 57 6.08 -6.71 -3.78
CA MET A 57 5.46 -5.37 -3.92
C MET A 57 5.90 -4.45 -2.78
N LEU A 58 6.52 -5.01 -1.77
CA LEU A 58 6.99 -4.18 -0.63
C LEU A 58 8.15 -3.30 -1.10
N LEU A 59 9.22 -3.92 -1.51
CA LEU A 59 10.40 -3.14 -1.99
C LEU A 59 10.04 -2.42 -3.29
N GLU A 60 8.88 -2.67 -3.82
CA GLU A 60 8.47 -2.00 -5.10
C GLU A 60 7.88 -0.63 -4.81
N VAL A 61 8.09 -0.12 -3.64
CA VAL A 61 7.53 1.21 -3.32
C VAL A 61 8.53 2.01 -2.49
N ILE A 62 9.70 1.47 -2.29
CA ILE A 62 10.73 2.18 -1.50
C ILE A 62 12.11 1.83 -2.05
N ASP A 63 12.48 2.40 -3.15
CA ASP A 63 13.83 2.10 -3.72
C ASP A 63 14.88 2.95 -3.02
N LEU A 64 14.86 2.94 -1.71
CA LEU A 64 15.81 3.75 -0.91
C LEU A 64 17.22 3.14 -0.90
N LYS A 65 17.69 2.68 -2.03
CA LYS A 65 19.06 2.07 -2.07
C LYS A 65 20.12 3.18 -2.07
N GLU A 66 21.37 2.82 -2.28
CA GLU A 66 22.44 3.85 -2.29
C GLU A 66 22.23 4.82 -3.46
N ALA A 67 22.27 6.10 -3.19
CA ALA A 67 22.07 7.10 -4.28
C ALA A 67 22.84 8.38 -3.96
N SER B 1 -26.31 -7.86 -10.05
CA SER B 1 -25.15 -8.63 -9.49
C SER B 1 -23.83 -8.07 -10.03
N GLY B 2 -22.91 -7.75 -9.16
CA GLY B 2 -21.61 -7.20 -9.62
C GLY B 2 -21.10 -6.18 -8.59
N ILE B 3 -20.81 -6.63 -7.40
CA ILE B 3 -20.30 -5.69 -6.35
C ILE B 3 -18.98 -5.05 -6.79
N VAL B 4 -19.02 -3.82 -7.23
CA VAL B 4 -17.76 -3.15 -7.66
C VAL B 4 -16.88 -2.84 -6.46
N PRO B 5 -15.61 -3.14 -6.59
CA PRO B 5 -14.64 -2.88 -5.50
C PRO B 5 -14.39 -1.38 -5.36
N THR B 6 -14.38 -0.89 -4.15
CA THR B 6 -14.15 0.57 -3.93
C THR B 6 -12.66 0.84 -3.62
N LEU B 7 -12.07 1.77 -4.30
CA LEU B 7 -10.63 2.09 -4.03
C LEU B 7 -10.51 2.85 -2.72
N GLN B 8 -9.72 2.35 -1.80
CA GLN B 8 -9.57 3.06 -0.49
C GLN B 8 -8.14 3.57 -0.32
N ASN B 9 -7.27 3.27 -1.25
CA ASN B 9 -5.86 3.74 -1.12
C ASN B 9 -5.18 3.83 -2.50
N ILE B 10 -4.36 4.81 -2.70
CA ILE B 10 -3.64 4.96 -4.01
C ILE B 10 -2.16 5.20 -3.76
N VAL B 11 -1.32 4.78 -4.67
CA VAL B 11 0.14 5.01 -4.48
C VAL B 11 0.80 5.36 -5.82
N ALA B 12 1.64 6.35 -5.84
CA ALA B 12 2.32 6.73 -7.11
C ALA B 12 3.77 7.14 -6.85
N THR B 13 4.57 7.21 -7.87
CA THR B 13 6.00 7.61 -7.68
C THR B 13 6.25 9.00 -8.26
N VAL B 14 7.11 9.76 -7.64
CA VAL B 14 7.40 11.13 -8.16
C VAL B 14 8.91 11.38 -8.18
N THR B 15 9.44 11.87 -9.27
CA THR B 15 10.90 12.13 -9.34
C THR B 15 11.17 13.64 -9.42
N LEU B 16 12.01 14.14 -8.58
CA LEU B 16 12.31 15.61 -8.60
C LEU B 16 13.46 15.90 -9.58
N GLY B 17 14.19 14.89 -9.95
CA GLY B 17 15.32 15.11 -10.90
C GLY B 17 16.55 15.63 -10.14
N CYS B 18 16.43 15.85 -8.86
CA CYS B 18 17.59 16.35 -8.08
C CYS B 18 17.70 15.60 -6.74
N ARG B 19 18.89 15.47 -6.21
CA ARG B 19 19.05 14.76 -4.91
C ARG B 19 18.65 15.68 -3.76
N LEU B 20 18.43 15.13 -2.59
CA LEU B 20 18.04 15.97 -1.43
C LEU B 20 18.74 15.48 -0.16
N ASP B 21 18.95 16.35 0.79
CA ASP B 21 19.63 15.93 2.06
C ASP B 21 18.59 15.51 3.10
N LEU B 22 18.37 14.25 3.28
CA LEU B 22 17.37 13.79 4.29
C LEU B 22 17.54 14.59 5.58
N LYS B 23 18.75 14.94 5.92
CA LYS B 23 18.99 15.71 7.17
C LYS B 23 18.36 17.10 7.05
N THR B 24 18.41 17.68 5.88
CA THR B 24 17.82 19.05 5.71
C THR B 24 16.34 18.94 5.31
N VAL B 25 16.00 18.01 4.47
CA VAL B 25 14.58 17.86 4.05
C VAL B 25 13.69 17.63 5.28
N ALA B 26 14.05 16.69 6.11
CA ALA B 26 13.22 16.41 7.32
C ALA B 26 13.42 17.52 8.36
N LEU B 27 14.62 17.97 8.53
CA LEU B 27 14.89 19.05 9.53
C LEU B 27 14.04 20.28 9.20
N HIS B 28 13.72 20.48 7.95
CA HIS B 28 12.89 21.66 7.57
C HIS B 28 11.43 21.25 7.40
N ALA B 29 11.19 20.11 6.82
CA ALA B 29 9.79 19.65 6.63
C ALA B 29 9.00 19.81 7.93
N ARG B 30 7.90 20.51 7.89
CA ARG B 30 7.08 20.70 9.12
C ARG B 30 6.47 19.38 9.57
N ASN B 31 6.35 18.44 8.66
CA ASN B 31 5.77 17.12 9.02
C ASN B 31 6.59 15.99 8.41
N ALA B 32 7.69 15.64 9.02
CA ALA B 32 8.53 14.54 8.47
C ALA B 32 9.43 13.96 9.56
N GLU B 33 10.01 12.82 9.33
CA GLU B 33 10.89 12.20 10.36
C GLU B 33 12.04 11.45 9.69
N TYR B 34 13.15 11.33 10.36
CA TYR B 34 14.32 10.61 9.76
C TYR B 34 15.00 9.73 10.81
N ASN B 35 15.11 8.46 10.55
CA ASN B 35 15.76 7.55 11.53
C ASN B 35 16.49 6.42 10.80
N PRO B 36 17.70 6.16 11.24
CA PRO B 36 18.52 5.10 10.62
C PRO B 36 17.96 3.71 10.97
N LYS B 37 17.54 3.53 12.20
CA LYS B 37 16.99 2.21 12.61
C LYS B 37 15.92 1.75 11.62
N ARG B 38 15.32 2.67 10.90
CA ARG B 38 14.26 2.28 9.92
C ARG B 38 14.87 2.20 8.52
N PHE B 39 15.30 3.31 7.99
CA PHE B 39 15.89 3.31 6.63
C PHE B 39 16.53 4.66 6.29
N ALA B 40 17.31 4.71 5.24
CA ALA B 40 17.99 5.99 4.86
C ALA B 40 17.05 6.87 4.03
N ALA B 41 15.89 7.18 4.56
CA ALA B 41 14.94 8.04 3.81
C ALA B 41 14.11 8.88 4.78
N VAL B 42 13.53 9.95 4.31
CA VAL B 42 12.72 10.80 5.22
C VAL B 42 11.23 10.51 4.99
N ILE B 43 10.48 10.31 6.04
CA ILE B 43 9.03 10.02 5.87
C ILE B 43 8.21 11.30 6.01
N MET B 44 7.60 11.74 4.94
CA MET B 44 6.77 12.98 5.02
C MET B 44 5.29 12.62 5.07
N ARG B 45 4.46 13.50 5.58
CA ARG B 45 3.01 13.19 5.65
C ARG B 45 2.20 14.48 5.83
N ILE B 46 1.17 14.66 5.05
CA ILE B 46 0.34 15.89 5.18
C ILE B 46 -1.08 15.53 5.62
N ARG B 47 -1.89 16.52 5.94
CA ARG B 47 -3.27 16.21 6.38
C ARG B 47 -4.29 16.76 5.37
N GLU B 48 -3.92 16.84 4.13
CA GLU B 48 -4.87 17.36 3.11
C GLU B 48 -4.28 17.23 1.69
N PRO B 49 -4.47 16.07 1.09
CA PRO B 49 -5.22 14.96 1.74
C PRO B 49 -4.33 14.25 2.76
N LYS B 50 -4.91 13.73 3.80
CA LYS B 50 -4.09 13.01 4.82
C LYS B 50 -3.34 11.85 4.16
N THR B 51 -2.18 12.11 3.61
CA THR B 51 -1.41 11.02 2.95
C THR B 51 0.04 11.00 3.44
N THR B 52 0.78 9.97 3.13
CA THR B 52 2.20 9.91 3.57
C THR B 52 3.09 9.56 2.38
N ALA B 53 4.38 9.75 2.49
CA ALA B 53 5.27 9.44 1.35
C ALA B 53 6.66 9.04 1.85
N LEU B 54 7.46 8.48 0.98
CA LEU B 54 8.84 8.06 1.37
C LEU B 54 9.85 8.93 0.62
N ILE B 55 10.50 9.83 1.30
CA ILE B 55 11.48 10.72 0.60
C ILE B 55 12.89 10.12 0.64
N PHE B 56 13.51 9.97 -0.51
CA PHE B 56 14.89 9.42 -0.55
C PHE B 56 15.89 10.56 -0.79
N ALA B 57 17.15 10.30 -0.58
CA ALA B 57 18.16 11.37 -0.80
C ALA B 57 18.49 11.50 -2.29
N SER B 58 18.11 10.53 -3.08
CA SER B 58 18.40 10.61 -4.54
C SER B 58 17.48 11.63 -5.21
N GLY B 59 16.30 11.81 -4.69
CA GLY B 59 15.35 12.79 -5.30
C GLY B 59 14.01 12.13 -5.57
N LYS B 60 14.00 10.82 -5.70
CA LYS B 60 12.72 10.11 -5.96
C LYS B 60 11.79 10.25 -4.75
N MET B 61 10.51 9.97 -4.92
CA MET B 61 9.58 10.09 -3.77
C MET B 61 8.31 9.27 -4.02
N VAL B 62 7.98 8.39 -3.11
CA VAL B 62 6.76 7.55 -3.29
C VAL B 62 5.63 8.11 -2.41
N VAL B 63 4.43 8.20 -2.93
CA VAL B 63 3.30 8.74 -2.13
C VAL B 63 2.24 7.66 -1.90
N THR B 64 1.34 7.90 -0.98
CA THR B 64 0.28 6.89 -0.70
C THR B 64 -0.79 7.49 0.22
N GLY B 65 -1.98 6.97 0.18
CA GLY B 65 -3.07 7.51 1.03
C GLY B 65 -4.16 8.15 0.16
N ALA B 66 -3.94 8.19 -1.14
CA ALA B 66 -4.97 8.81 -2.03
C ALA B 66 -6.04 7.78 -2.40
N LYS B 67 -7.12 8.23 -3.00
CA LYS B 67 -8.21 7.27 -3.37
C LYS B 67 -8.47 7.33 -4.87
N SER B 68 -8.04 8.38 -5.51
CA SER B 68 -8.26 8.51 -6.98
C SER B 68 -7.02 9.11 -7.65
N GLU B 69 -7.06 9.29 -8.94
CA GLU B 69 -5.88 9.88 -9.64
C GLU B 69 -5.70 11.34 -9.24
N ASP B 70 -6.77 12.09 -9.19
CA ASP B 70 -6.65 13.53 -8.80
C ASP B 70 -6.06 13.65 -7.39
N ASP B 71 -6.36 12.72 -6.53
CA ASP B 71 -5.81 12.78 -5.15
C ASP B 71 -4.30 12.51 -5.15
N SER B 72 -3.89 11.44 -5.79
CA SER B 72 -2.43 11.13 -5.82
C SER B 72 -1.67 12.26 -6.53
N LYS B 73 -2.35 13.03 -7.33
CA LYS B 73 -1.66 14.15 -8.04
C LYS B 73 -1.41 15.31 -7.08
N LEU B 74 -2.40 15.72 -6.34
CA LEU B 74 -2.21 16.85 -5.39
C LEU B 74 -1.28 16.42 -4.25
N ALA B 75 -1.51 15.25 -3.70
CA ALA B 75 -0.63 14.78 -2.59
C ALA B 75 0.84 14.90 -2.99
N SER B 76 1.19 14.42 -4.16
CA SER B 76 2.60 14.52 -4.61
C SER B 76 2.96 15.99 -4.85
N ARG B 77 2.14 16.70 -5.57
CA ARG B 77 2.44 18.14 -5.83
C ARG B 77 2.65 18.88 -4.50
N LYS B 78 2.01 18.42 -3.47
CA LYS B 78 2.18 19.09 -2.14
C LYS B 78 3.58 18.80 -1.60
N TYR B 79 3.94 17.55 -1.48
CA TYR B 79 5.29 17.21 -0.97
C TYR B 79 6.35 18.02 -1.72
N ALA B 80 6.26 18.03 -3.03
CA ALA B 80 7.26 18.81 -3.82
C ALA B 80 7.22 20.28 -3.37
N ARG B 81 6.06 20.77 -3.05
CA ARG B 81 5.95 22.19 -2.59
C ARG B 81 6.85 22.40 -1.37
N ILE B 82 6.91 21.45 -0.49
CA ILE B 82 7.77 21.61 0.73
C ILE B 82 9.24 21.66 0.33
N ILE B 83 9.74 20.62 -0.31
CA ILE B 83 11.16 20.64 -0.72
C ILE B 83 11.45 21.86 -1.59
N GLN B 84 10.57 22.17 -2.51
CA GLN B 84 10.79 23.36 -3.38
C GLN B 84 10.70 24.63 -2.54
N LYS B 85 9.77 24.69 -1.63
CA LYS B 85 9.65 25.90 -0.77
C LYS B 85 10.84 25.92 0.18
N ILE B 86 11.44 24.78 0.38
CA ILE B 86 12.61 24.70 1.27
C ILE B 86 13.83 25.26 0.52
N GLY B 87 13.83 25.15 -0.78
CA GLY B 87 14.95 25.68 -1.59
C GLY B 87 15.55 24.58 -2.46
N PHE B 88 15.49 23.35 -2.04
CA PHE B 88 16.07 22.25 -2.86
C PHE B 88 15.68 22.43 -4.33
N ALA B 89 16.45 21.85 -5.21
CA ALA B 89 16.15 21.98 -6.67
C ALA B 89 15.27 20.82 -7.12
N ALA B 90 14.22 20.54 -6.40
CA ALA B 90 13.33 19.41 -6.79
C ALA B 90 12.31 19.88 -7.84
N LYS B 91 11.57 18.96 -8.41
CA LYS B 91 10.56 19.34 -9.43
C LYS B 91 9.52 18.22 -9.59
N PHE B 92 8.32 18.45 -9.15
CA PHE B 92 7.27 17.41 -9.27
C PHE B 92 7.22 16.87 -10.71
N THR B 93 7.87 15.77 -10.97
CA THR B 93 7.85 15.21 -12.35
C THR B 93 7.87 13.68 -12.30
N ASP B 94 7.62 13.03 -13.41
CA ASP B 94 7.63 11.54 -13.42
C ASP B 94 6.52 11.00 -12.53
N PHE B 95 5.49 11.77 -12.30
CA PHE B 95 4.39 11.28 -11.43
C PHE B 95 3.64 10.15 -12.12
N LYS B 96 3.38 9.07 -11.42
CA LYS B 96 2.66 7.92 -12.04
C LYS B 96 2.18 6.96 -10.97
N ILE B 97 0.95 6.52 -11.06
CA ILE B 97 0.42 5.57 -10.03
C ILE B 97 0.92 4.15 -10.32
N GLN B 98 1.59 3.54 -9.38
CA GLN B 98 2.10 2.16 -9.59
C GLN B 98 1.50 1.21 -8.56
N ASN B 99 0.58 1.68 -7.77
CA ASN B 99 -0.05 0.79 -6.75
C ASN B 99 -1.45 1.28 -6.39
N ILE B 100 -2.44 0.45 -6.55
CA ILE B 100 -3.84 0.86 -6.23
C ILE B 100 -4.43 -0.09 -5.18
N VAL B 101 -5.31 0.39 -4.35
CA VAL B 101 -5.92 -0.49 -3.32
C VAL B 101 -7.45 -0.37 -3.32
N GLY B 102 -8.14 -1.47 -3.19
CA GLY B 102 -9.62 -1.43 -3.19
C GLY B 102 -10.14 -2.49 -2.21
N SER B 103 -11.42 -2.51 -1.94
CA SER B 103 -11.97 -3.52 -1.00
C SER B 103 -13.50 -3.52 -1.03
N CYS B 104 -14.10 -4.64 -0.72
CA CYS B 104 -15.59 -4.71 -0.74
C CYS B 104 -16.06 -5.99 -0.04
N ASP B 105 -17.32 -6.08 0.28
CA ASP B 105 -17.83 -7.31 0.97
C ASP B 105 -18.86 -8.01 0.09
N VAL B 106 -19.27 -9.19 0.47
CA VAL B 106 -20.29 -9.92 -0.35
C VAL B 106 -21.52 -10.24 0.51
N LYS B 107 -21.49 -11.30 1.26
CA LYS B 107 -22.68 -11.65 2.11
C LYS B 107 -22.45 -12.96 2.87
N PHE B 108 -21.59 -13.82 2.38
CA PHE B 108 -21.35 -15.11 3.09
C PHE B 108 -19.85 -15.25 3.37
N PRO B 109 -19.54 -16.00 4.38
CA PRO B 109 -18.13 -16.22 4.76
C PRO B 109 -17.46 -17.15 3.75
N ILE B 110 -16.19 -16.97 3.51
CA ILE B 110 -15.48 -17.83 2.52
C ILE B 110 -14.52 -18.79 3.24
N ARG B 111 -14.18 -19.89 2.61
CA ARG B 111 -13.25 -20.85 3.25
C ARG B 111 -11.81 -20.53 2.84
N LEU B 112 -11.06 -19.90 3.71
CA LEU B 112 -9.66 -19.55 3.38
C LEU B 112 -8.83 -20.81 3.15
N GLU B 113 -9.15 -21.88 3.83
CA GLU B 113 -8.37 -23.13 3.67
C GLU B 113 -8.95 -23.95 2.50
N GLY B 114 -10.23 -23.90 2.31
CA GLY B 114 -10.84 -24.67 1.19
C GLY B 114 -10.35 -24.11 -0.15
N LEU B 115 -10.44 -22.82 -0.33
CA LEU B 115 -9.97 -22.21 -1.59
C LEU B 115 -8.45 -22.37 -1.71
N ALA B 116 -7.74 -22.17 -0.64
CA ALA B 116 -6.26 -22.31 -0.69
C ALA B 116 -5.89 -23.73 -1.14
N PHE B 117 -6.57 -24.72 -0.62
CA PHE B 117 -6.26 -26.12 -1.01
C PHE B 117 -6.48 -26.29 -2.52
N SER B 118 -7.39 -25.54 -3.09
CA SER B 118 -7.64 -25.66 -4.55
C SER B 118 -6.71 -24.73 -5.33
N HIS B 119 -6.78 -23.45 -5.07
CA HIS B 119 -5.89 -22.50 -5.79
C HIS B 119 -4.66 -22.16 -4.94
N GLY B 120 -4.20 -23.08 -4.15
CA GLY B 120 -3.02 -22.81 -3.28
C GLY B 120 -1.91 -22.17 -4.13
N THR B 121 -1.41 -22.87 -5.11
CA THR B 121 -0.34 -22.29 -5.97
C THR B 121 -0.69 -20.87 -6.37
N PHE B 122 -1.94 -20.53 -6.38
CA PHE B 122 -2.35 -19.15 -6.77
C PHE B 122 -2.69 -18.32 -5.51
N SER B 123 -2.86 -18.96 -4.39
CA SER B 123 -3.18 -18.22 -3.14
C SER B 123 -2.46 -18.83 -1.95
N SER B 124 -2.11 -18.03 -0.98
CA SER B 124 -1.38 -18.58 0.20
C SER B 124 -2.18 -18.33 1.49
N TYR B 125 -2.24 -19.30 2.36
CA TYR B 125 -2.99 -19.13 3.63
C TYR B 125 -2.15 -19.67 4.80
N GLU B 126 -1.65 -18.80 5.64
CA GLU B 126 -0.83 -19.27 6.78
C GLU B 126 -1.51 -18.92 8.11
N PRO B 127 -1.77 -19.94 8.89
CA PRO B 127 -2.43 -19.73 10.21
C PRO B 127 -1.44 -19.12 11.20
N GLU B 128 -0.18 -19.08 10.86
CA GLU B 128 0.83 -18.49 11.78
C GLU B 128 0.97 -16.99 11.52
N LEU B 129 0.62 -16.55 10.33
CA LEU B 129 0.73 -15.10 10.02
C LEU B 129 -0.58 -14.38 10.37
N PHE B 130 -1.66 -14.74 9.72
CA PHE B 130 -2.95 -14.09 10.03
C PHE B 130 -4.11 -14.82 9.34
N PRO B 131 -5.29 -14.59 9.84
CA PRO B 131 -6.51 -15.26 9.30
C PRO B 131 -6.86 -14.76 7.90
N GLY B 132 -6.11 -13.85 7.36
CA GLY B 132 -6.42 -13.35 5.99
C GLY B 132 -5.72 -14.23 4.96
N LEU B 133 -6.31 -14.37 3.80
CA LEU B 133 -5.68 -15.23 2.74
C LEU B 133 -5.17 -14.36 1.59
N ILE B 134 -3.95 -14.56 1.18
CA ILE B 134 -3.39 -13.74 0.07
C ILE B 134 -3.54 -14.47 -1.26
N TYR B 135 -4.39 -13.98 -2.12
CA TYR B 135 -4.59 -14.66 -3.44
C TYR B 135 -3.81 -13.93 -4.53
N ARG B 136 -2.82 -14.56 -5.09
CA ARG B 136 -2.02 -13.90 -6.17
C ARG B 136 -2.62 -14.22 -7.54
N MET B 137 -3.55 -13.43 -7.99
CA MET B 137 -4.18 -13.69 -9.32
C MET B 137 -3.11 -13.72 -10.42
N VAL B 138 -3.04 -14.78 -11.17
CA VAL B 138 -2.03 -14.86 -12.26
C VAL B 138 -2.20 -13.69 -13.23
N LYS B 139 -3.39 -13.44 -13.68
CA LYS B 139 -3.61 -12.31 -14.62
C LYS B 139 -5.01 -11.71 -14.41
N PRO B 140 -5.07 -10.43 -14.16
CA PRO B 140 -3.85 -9.58 -14.09
C PRO B 140 -3.10 -9.84 -12.78
N LYS B 141 -1.80 -9.72 -12.80
CA LYS B 141 -1.00 -9.95 -11.56
C LYS B 141 -1.49 -9.04 -10.44
N ILE B 142 -2.37 -9.53 -9.60
CA ILE B 142 -2.89 -8.70 -8.48
C ILE B 142 -2.95 -9.51 -7.19
N VAL B 143 -2.87 -8.87 -6.06
CA VAL B 143 -2.92 -9.61 -4.77
C VAL B 143 -4.20 -9.26 -4.00
N LEU B 144 -5.09 -10.19 -3.85
CA LEU B 144 -6.35 -9.89 -3.11
C LEU B 144 -6.33 -10.58 -1.74
N LEU B 145 -6.98 -10.00 -0.77
CA LEU B 145 -7.00 -10.62 0.58
C LEU B 145 -8.43 -11.03 0.94
N ILE B 146 -8.66 -12.31 1.10
CA ILE B 146 -10.03 -12.78 1.45
C ILE B 146 -10.11 -13.18 2.92
N PHE B 147 -11.17 -12.84 3.59
CA PHE B 147 -11.30 -13.21 5.02
C PHE B 147 -12.57 -14.04 5.25
N VAL B 148 -12.59 -14.84 6.28
CA VAL B 148 -13.79 -15.68 6.56
C VAL B 148 -15.03 -14.80 6.74
N SER B 149 -14.86 -13.61 7.24
CA SER B 149 -16.02 -12.71 7.45
C SER B 149 -16.75 -12.48 6.11
N GLY B 150 -16.01 -12.34 5.05
CA GLY B 150 -16.66 -12.12 3.72
C GLY B 150 -16.14 -10.82 3.12
N LYS B 151 -15.12 -10.25 3.69
CA LYS B 151 -14.57 -8.97 3.15
C LYS B 151 -13.50 -9.26 2.10
N ILE B 152 -13.54 -8.57 1.00
CA ILE B 152 -12.51 -8.80 -0.07
C ILE B 152 -11.62 -7.55 -0.23
N VAL B 153 -10.34 -7.76 -0.30
CA VAL B 153 -9.42 -6.58 -0.46
C VAL B 153 -8.73 -6.63 -1.83
N LEU B 154 -8.16 -5.53 -2.25
CA LEU B 154 -7.47 -5.51 -3.56
C LEU B 154 -6.27 -4.57 -3.51
N THR B 155 -5.12 -5.04 -3.94
CA THR B 155 -3.91 -4.17 -3.89
C THR B 155 -2.86 -4.68 -4.88
N GLY B 156 -2.07 -3.80 -5.42
CA GLY B 156 -1.02 -4.23 -6.39
C GLY B 156 -1.48 -3.94 -7.82
N ALA B 157 -2.61 -3.29 -7.98
CA ALA B 157 -3.09 -2.98 -9.35
C ALA B 157 -2.48 -1.68 -9.85
N LYS B 158 -2.05 -1.63 -11.08
CA LYS B 158 -1.45 -0.38 -11.62
C LYS B 158 -2.50 0.47 -12.31
N GLN B 159 -3.70 -0.04 -12.45
CA GLN B 159 -4.77 0.75 -13.12
C GLN B 159 -6.14 0.27 -12.63
N ARG B 160 -7.20 0.86 -13.13
CA ARG B 160 -8.56 0.45 -12.69
C ARG B 160 -8.98 -0.83 -13.41
N GLU B 161 -8.43 -1.08 -14.56
CA GLU B 161 -8.79 -2.32 -15.31
C GLU B 161 -8.33 -3.56 -14.55
N GLU B 162 -7.34 -3.42 -13.71
CA GLU B 162 -6.84 -4.59 -12.93
C GLU B 162 -7.79 -4.88 -11.76
N ILE B 163 -8.10 -3.89 -10.98
CA ILE B 163 -9.01 -4.11 -9.83
C ILE B 163 -10.36 -4.65 -10.30
N TYR B 164 -10.84 -4.19 -11.42
CA TYR B 164 -12.14 -4.69 -11.95
C TYR B 164 -12.00 -6.12 -12.44
N GLN B 165 -10.90 -6.45 -13.07
CA GLN B 165 -10.71 -7.82 -13.58
C GLN B 165 -10.38 -8.79 -12.43
N ALA B 166 -9.74 -8.31 -11.41
CA ALA B 166 -9.40 -9.19 -10.26
C ALA B 166 -10.66 -9.70 -9.57
N PHE B 167 -11.57 -8.82 -9.25
CA PHE B 167 -12.83 -9.25 -8.58
C PHE B 167 -13.71 -10.05 -9.54
N GLU B 168 -13.80 -9.63 -10.76
CA GLU B 168 -14.64 -10.37 -11.75
C GLU B 168 -14.28 -11.86 -11.75
N ALA B 169 -13.02 -12.17 -11.62
CA ALA B 169 -12.60 -13.60 -11.62
C ALA B 169 -12.51 -14.12 -10.19
N ILE B 170 -12.60 -13.25 -9.21
CA ILE B 170 -12.53 -13.71 -7.80
C ILE B 170 -13.94 -13.88 -7.23
N TYR B 171 -14.92 -13.32 -7.87
CA TYR B 171 -16.32 -13.46 -7.35
C TYR B 171 -16.75 -14.93 -7.36
N PRO B 172 -16.41 -15.64 -8.42
CA PRO B 172 -16.79 -17.07 -8.51
C PRO B 172 -15.87 -17.91 -7.62
N VAL B 173 -14.59 -17.73 -7.73
CA VAL B 173 -13.64 -18.52 -6.90
C VAL B 173 -14.15 -18.56 -5.44
N LEU B 174 -14.65 -17.46 -4.96
CA LEU B 174 -15.17 -17.43 -3.56
C LEU B 174 -16.46 -18.25 -3.47
N SER B 175 -17.49 -17.82 -4.16
CA SER B 175 -18.78 -18.58 -4.12
C SER B 175 -18.50 -20.07 -4.31
N GLU B 176 -17.50 -20.40 -5.09
CA GLU B 176 -17.17 -21.84 -5.32
C GLU B 176 -16.68 -22.48 -4.02
N PHE B 177 -15.99 -21.73 -3.19
CA PHE B 177 -15.48 -22.29 -1.91
C PHE B 177 -16.04 -21.49 -0.73
N ARG B 178 -17.28 -21.09 -0.80
CA ARG B 178 -17.88 -20.31 0.31
C ARG B 178 -18.10 -21.21 1.54
N LYS B 179 -18.74 -20.71 2.56
CA LYS B 179 -18.98 -21.54 3.77
C LYS B 179 -20.47 -21.55 4.11
N MET B 180 -21.13 -20.43 3.97
CA MET B 180 -22.59 -20.38 4.30
C MET B 180 -23.34 -19.59 3.22
N GLU A 1 31.58 -7.81 1.04
CA GLU A 1 30.12 -7.63 1.28
C GLU A 1 29.69 -8.43 2.52
N GLY A 2 28.96 -7.81 3.41
CA GLY A 2 28.51 -8.54 4.64
C GLY A 2 26.98 -8.57 4.66
N SER A 3 26.36 -7.58 5.24
CA SER A 3 24.87 -7.56 5.29
C SER A 3 24.34 -6.19 4.85
N ILE A 4 24.09 -6.03 3.58
CA ILE A 4 23.58 -4.72 3.08
C ILE A 4 22.34 -4.30 3.88
N GLY A 5 22.51 -3.45 4.85
CA GLY A 5 21.35 -2.99 5.66
C GLY A 5 20.43 -2.14 4.79
N ASN A 6 19.76 -2.74 3.84
CA ASN A 6 18.85 -1.96 2.96
C ASN A 6 17.42 -2.55 3.01
N GLY A 7 16.42 -1.72 2.90
CA GLY A 7 15.03 -2.24 2.93
C GLY A 7 14.30 -1.67 4.15
N LEU A 8 13.10 -1.18 3.95
CA LEU A 8 12.32 -0.61 5.08
C LEU A 8 10.99 -1.39 5.23
N ASP A 9 10.36 -1.30 6.37
CA ASP A 9 9.07 -2.03 6.56
C ASP A 9 7.95 -1.39 5.75
N LEU A 10 7.93 -1.63 4.46
CA LEU A 10 6.88 -1.03 3.60
C LEU A 10 5.70 -1.96 3.42
N THR A 11 5.75 -3.12 4.00
CA THR A 11 4.61 -4.06 3.84
C THR A 11 3.29 -3.32 4.05
N GLY A 12 3.32 -2.23 4.76
CA GLY A 12 2.07 -1.46 5.00
C GLY A 12 1.96 -0.30 4.00
N ILE A 13 3.07 0.26 3.59
CA ILE A 13 2.99 1.40 2.63
C ILE A 13 2.04 1.02 1.48
N LEU A 14 2.21 -0.15 0.92
CA LEU A 14 1.32 -0.55 -0.21
C LEU A 14 0.00 -1.14 0.34
N PHE A 15 0.03 -1.69 1.51
CA PHE A 15 -1.23 -2.23 2.09
C PHE A 15 -2.04 -1.09 2.70
N GLY A 16 -1.60 0.12 2.50
CA GLY A 16 -2.34 1.29 3.07
C GLY A 16 -1.31 2.27 3.61
N ASN A 17 -1.12 3.37 2.93
CA ASN A 17 -0.12 4.41 3.34
C ASN A 17 0.31 4.24 4.80
N ILE A 18 1.59 4.30 5.03
CA ILE A 18 2.11 4.15 6.42
C ILE A 18 3.35 5.02 6.58
N ASP A 19 3.77 5.21 7.78
CA ASP A 19 5.02 5.97 7.99
C ASP A 19 6.13 4.94 7.90
N SER A 20 7.05 5.10 6.98
CA SER A 20 8.13 4.08 6.83
C SER A 20 8.55 3.55 8.19
N GLU A 21 8.41 4.34 9.22
CA GLU A 21 8.77 3.86 10.58
C GLU A 21 7.96 2.61 10.94
N GLY A 22 6.93 2.28 10.17
CA GLY A 22 6.13 1.07 10.49
C GLY A 22 4.75 1.47 11.03
N ARG A 23 4.30 2.65 10.69
CA ARG A 23 2.95 3.09 11.18
C ARG A 23 1.94 3.06 10.01
N LEU A 24 0.90 2.29 10.14
CA LEU A 24 -0.11 2.20 9.04
C LEU A 24 -1.19 3.27 9.22
N LEU A 25 -1.54 3.96 8.16
CA LEU A 25 -2.59 5.02 8.30
C LEU A 25 -3.66 4.83 7.22
N GLN A 26 -4.69 5.64 7.24
CA GLN A 26 -5.76 5.48 6.22
C GLN A 26 -6.16 6.85 5.64
N ASP A 27 -6.92 7.63 6.37
CA ASP A 27 -7.33 8.96 5.86
C ASP A 27 -8.23 9.66 6.88
N ASP A 28 -9.18 8.95 7.42
CA ASP A 28 -10.10 9.57 8.42
C ASP A 28 -10.35 8.62 9.59
N ASP A 29 -11.23 8.98 10.49
CA ASP A 29 -11.52 8.10 11.65
C ASP A 29 -12.81 7.31 11.41
N GLY A 30 -12.78 6.36 10.53
CA GLY A 30 -14.00 5.56 10.25
C GLY A 30 -13.93 4.22 10.99
N GLU A 31 -15.03 3.75 11.49
CA GLU A 31 -15.03 2.44 12.22
C GLU A 31 -16.45 2.05 12.61
N GLY A 32 -16.71 0.78 12.77
CA GLY A 32 -18.08 0.33 13.16
C GLY A 32 -19.11 1.06 12.29
N ARG A 33 -19.08 0.82 11.01
CA ARG A 33 -20.07 1.48 10.10
C ARG A 33 -19.98 0.88 8.70
N GLY A 34 -20.67 -0.21 8.46
CA GLY A 34 -20.63 -0.84 7.12
C GLY A 34 -19.22 -1.34 6.83
N GLY A 35 -18.63 -0.90 5.74
CA GLY A 35 -17.26 -1.35 5.41
C GLY A 35 -16.34 -0.14 5.27
N THR A 36 -15.88 0.40 6.37
CA THR A 36 -14.98 1.58 6.30
C THR A 36 -13.51 1.14 6.31
N GLY A 37 -13.28 -0.14 6.30
CA GLY A 37 -11.87 -0.63 6.31
C GLY A 37 -11.75 -1.85 7.23
N PHE A 38 -10.86 -2.75 6.91
CA PHE A 38 -10.69 -3.96 7.77
C PHE A 38 -10.53 -3.55 9.23
N ASP A 39 -10.44 -4.50 10.12
CA ASP A 39 -10.27 -4.15 11.56
C ASP A 39 -8.80 -4.21 11.95
N ALA A 40 -8.49 -4.76 13.10
CA ALA A 40 -7.06 -4.85 13.53
C ALA A 40 -6.51 -6.24 13.24
N GLU A 41 -6.95 -6.86 12.17
CA GLU A 41 -6.44 -8.21 11.83
C GLU A 41 -5.40 -8.10 10.73
N LEU A 42 -5.37 -6.99 10.05
CA LEU A 42 -4.36 -6.81 8.96
C LEU A 42 -3.15 -6.07 9.49
N ARG A 43 -3.37 -5.00 10.20
CA ARG A 43 -2.23 -4.22 10.75
C ARG A 43 -1.25 -5.15 11.47
N GLU A 44 -1.75 -5.95 12.37
CA GLU A 44 -0.87 -6.89 13.11
C GLU A 44 -0.23 -7.89 12.14
N ASN A 45 -0.88 -8.15 11.04
CA ASN A 45 -0.30 -9.11 10.05
C ASN A 45 0.70 -8.37 9.16
N ILE A 46 0.46 -7.12 8.88
CA ILE A 46 1.40 -6.35 8.02
C ILE A 46 2.81 -6.49 8.60
N GLY A 47 2.95 -6.33 9.88
CA GLY A 47 4.30 -6.46 10.51
C GLY A 47 4.89 -7.81 10.17
N SER A 48 4.07 -8.77 9.79
CA SER A 48 4.60 -10.11 9.45
C SER A 48 4.22 -10.50 8.01
N LEU A 49 3.68 -9.57 7.26
CA LEU A 49 3.28 -9.89 5.86
C LEU A 49 4.48 -9.75 4.91
N SER A 50 5.67 -9.72 5.44
CA SER A 50 6.87 -9.58 4.57
C SER A 50 7.61 -10.91 4.48
N LYS A 51 6.90 -12.00 4.40
CA LYS A 51 7.56 -13.33 4.31
C LYS A 51 6.69 -14.31 3.53
N LEU A 52 5.91 -13.83 2.60
CA LEU A 52 5.04 -14.74 1.82
C LEU A 52 4.84 -14.22 0.38
N GLY A 53 4.76 -12.94 0.19
CA GLY A 53 4.57 -12.40 -1.19
C GLY A 53 4.75 -10.89 -1.20
N LEU A 54 4.07 -10.18 -0.34
CA LEU A 54 4.20 -8.69 -0.31
C LEU A 54 5.67 -8.29 -0.47
N ASP A 55 6.58 -9.14 -0.11
CA ASP A 55 8.03 -8.78 -0.24
C ASP A 55 8.27 -8.10 -1.59
N SER A 56 7.62 -8.56 -2.62
CA SER A 56 7.80 -7.93 -3.95
C SER A 56 7.23 -6.51 -3.94
N MET A 57 5.98 -6.37 -3.61
CA MET A 57 5.37 -5.01 -3.56
C MET A 57 6.04 -4.19 -2.45
N LEU A 58 6.82 -4.83 -1.63
CA LEU A 58 7.52 -4.11 -0.53
C LEU A 58 8.56 -3.18 -1.13
N LEU A 59 9.54 -3.74 -1.78
CA LEU A 59 10.60 -2.90 -2.40
C LEU A 59 10.03 -2.11 -3.58
N GLU A 60 8.79 -2.34 -3.92
CA GLU A 60 8.18 -1.61 -5.07
C GLU A 60 7.66 -0.24 -4.63
N VAL A 61 7.92 0.15 -3.42
CA VAL A 61 7.43 1.48 -2.98
C VAL A 61 8.48 2.16 -2.11
N ILE A 62 9.63 1.55 -1.98
CA ILE A 62 10.71 2.15 -1.17
C ILE A 62 12.07 1.81 -1.77
N ASP A 63 12.40 2.43 -2.87
CA ASP A 63 13.71 2.15 -3.51
C ASP A 63 14.79 2.97 -2.80
N LEU A 64 14.85 2.87 -1.50
CA LEU A 64 15.84 3.64 -0.72
C LEU A 64 17.24 3.00 -0.79
N LYS A 65 17.67 2.61 -1.96
CA LYS A 65 19.02 1.99 -2.10
C LYS A 65 20.02 3.02 -2.62
N GLU A 66 21.27 2.85 -2.31
CA GLU A 66 22.29 3.82 -2.79
C GLU A 66 22.05 5.20 -2.18
N ALA A 67 21.46 5.25 -1.02
CA ALA A 67 21.19 6.57 -0.37
C ALA A 67 21.04 6.39 1.14
N SER B 1 -26.50 -8.16 -9.24
CA SER B 1 -25.25 -8.74 -8.69
C SER B 1 -24.03 -8.07 -9.30
N GLY B 2 -23.23 -7.42 -8.51
CA GLY B 2 -22.02 -6.74 -9.06
C GLY B 2 -21.43 -5.80 -8.01
N ILE B 3 -21.40 -6.22 -6.78
CA ILE B 3 -20.83 -5.34 -5.70
C ILE B 3 -19.54 -4.68 -6.19
N VAL B 4 -19.45 -3.38 -6.10
CA VAL B 4 -18.22 -2.68 -6.56
C VAL B 4 -17.21 -2.56 -5.42
N PRO B 5 -15.96 -2.72 -5.76
CA PRO B 5 -14.87 -2.62 -4.76
C PRO B 5 -14.63 -1.16 -4.38
N THR B 6 -14.50 -0.88 -3.10
CA THR B 6 -14.25 0.52 -2.66
C THR B 6 -12.75 0.79 -2.58
N LEU B 7 -12.30 1.83 -3.23
CA LEU B 7 -10.84 2.14 -3.18
C LEU B 7 -10.46 2.70 -1.81
N GLN B 8 -9.40 2.20 -1.24
CA GLN B 8 -8.97 2.69 0.10
C GLN B 8 -7.87 3.74 -0.05
N ASN B 9 -6.94 3.50 -0.94
CA ASN B 9 -5.83 4.47 -1.13
C ASN B 9 -5.01 4.10 -2.39
N ILE B 10 -4.01 4.88 -2.70
CA ILE B 10 -3.18 4.57 -3.91
C ILE B 10 -1.75 5.08 -3.70
N VAL B 11 -0.84 4.67 -4.54
CA VAL B 11 0.58 5.12 -4.39
C VAL B 11 1.16 5.49 -5.76
N ALA B 12 1.94 6.55 -5.81
CA ALA B 12 2.55 6.96 -7.10
C ALA B 12 4.03 7.33 -6.89
N THR B 13 4.82 7.22 -7.92
CA THR B 13 6.27 7.58 -7.78
C THR B 13 6.62 8.79 -8.65
N VAL B 14 7.33 9.74 -8.10
CA VAL B 14 7.70 10.94 -8.89
C VAL B 14 9.21 11.16 -8.84
N THR B 15 9.80 11.67 -9.90
CA THR B 15 11.27 11.89 -9.88
C THR B 15 11.59 13.39 -9.86
N LEU B 16 12.59 13.77 -9.12
CA LEU B 16 12.96 15.21 -9.03
C LEU B 16 14.23 15.47 -9.86
N GLY B 17 15.37 15.03 -9.39
CA GLY B 17 16.62 15.26 -10.15
C GLY B 17 17.61 16.07 -9.32
N CYS B 18 17.17 16.62 -8.21
CA CYS B 18 18.10 17.41 -7.36
C CYS B 18 18.41 16.64 -6.08
N ARG B 19 19.65 16.33 -5.85
CA ARG B 19 20.00 15.57 -4.62
C ARG B 19 19.24 16.14 -3.42
N LEU B 20 18.90 15.29 -2.48
CA LEU B 20 18.15 15.79 -1.29
C LEU B 20 18.97 15.61 0.00
N ASP B 21 18.84 16.53 0.92
CA ASP B 21 19.58 16.40 2.21
C ASP B 21 18.63 15.89 3.28
N LEU B 22 18.43 14.60 3.36
CA LEU B 22 17.50 14.02 4.36
C LEU B 22 17.59 14.78 5.69
N LYS B 23 18.73 15.32 6.01
CA LYS B 23 18.87 16.08 7.28
C LYS B 23 18.08 17.40 7.19
N THR B 24 18.23 18.11 6.11
CA THR B 24 17.50 19.40 5.96
C THR B 24 16.06 19.15 5.48
N VAL B 25 15.86 18.11 4.71
CA VAL B 25 14.48 17.82 4.21
C VAL B 25 13.56 17.51 5.39
N ALA B 26 14.03 16.73 6.33
CA ALA B 26 13.18 16.38 7.50
C ALA B 26 13.14 17.56 8.48
N LEU B 27 14.14 18.39 8.46
CA LEU B 27 14.17 19.56 9.39
C LEU B 27 13.39 20.74 8.80
N HIS B 28 13.57 21.00 7.53
CA HIS B 28 12.84 22.15 6.90
C HIS B 28 11.36 21.79 6.68
N ALA B 29 11.10 20.62 6.19
CA ALA B 29 9.69 20.21 5.94
C ALA B 29 8.87 20.34 7.23
N ARG B 30 7.74 21.02 7.16
CA ARG B 30 6.89 21.18 8.37
C ARG B 30 6.32 19.82 8.80
N ASN B 31 6.21 18.90 7.88
CA ASN B 31 5.67 17.56 8.24
C ASN B 31 6.51 16.46 7.60
N ALA B 32 7.64 16.15 8.20
CA ALA B 32 8.51 15.09 7.62
C ALA B 32 9.48 14.57 8.69
N GLU B 33 9.67 13.28 8.76
CA GLU B 33 10.59 12.72 9.78
C GLU B 33 11.76 12.00 9.10
N TYR B 34 12.75 11.60 9.85
CA TYR B 34 13.92 10.90 9.24
C TYR B 34 14.74 10.20 10.33
N ASN B 35 14.59 8.91 10.46
CA ASN B 35 15.36 8.17 11.49
C ASN B 35 16.27 7.11 10.83
N PRO B 36 17.47 7.03 11.32
CA PRO B 36 18.45 6.06 10.77
C PRO B 36 18.12 4.64 11.24
N LYS B 37 17.37 4.52 12.30
CA LYS B 37 17.01 3.16 12.81
C LYS B 37 15.91 2.55 11.94
N ARG B 38 15.23 3.36 11.18
CA ARG B 38 14.14 2.83 10.30
C ARG B 38 14.68 2.59 8.89
N PHE B 39 15.07 3.64 8.23
CA PHE B 39 15.61 3.49 6.85
C PHE B 39 16.27 4.79 6.38
N ALA B 40 17.01 4.72 5.29
CA ALA B 40 17.72 5.94 4.80
C ALA B 40 16.80 6.84 3.97
N ALA B 41 15.67 7.22 4.50
CA ALA B 41 14.77 8.12 3.72
C ALA B 41 13.89 8.95 4.66
N VAL B 42 13.45 10.10 4.22
CA VAL B 42 12.61 10.96 5.09
C VAL B 42 11.13 10.62 4.91
N ILE B 43 10.38 10.58 5.98
CA ILE B 43 8.92 10.26 5.87
C ILE B 43 8.10 11.55 5.93
N MET B 44 7.43 11.88 4.86
CA MET B 44 6.61 13.13 4.86
C MET B 44 5.13 12.81 5.10
N ARG B 45 4.33 13.81 5.31
CA ARG B 45 2.88 13.57 5.55
C ARG B 45 2.11 14.90 5.52
N ILE B 46 1.02 14.95 4.80
CA ILE B 46 0.23 16.22 4.73
C ILE B 46 -1.23 15.95 5.06
N ARG B 47 -1.98 16.98 5.35
CA ARG B 47 -3.42 16.79 5.69
C ARG B 47 -4.30 17.37 4.58
N GLU B 48 -3.79 17.43 3.38
CA GLU B 48 -4.60 17.99 2.25
C GLU B 48 -3.86 17.79 0.92
N PRO B 49 -4.06 16.64 0.32
CA PRO B 49 -4.94 15.59 0.91
C PRO B 49 -4.23 14.90 2.08
N LYS B 50 -4.97 14.23 2.92
CA LYS B 50 -4.36 13.54 4.08
C LYS B 50 -3.58 12.30 3.61
N THR B 51 -2.37 12.48 3.16
CA THR B 51 -1.58 11.32 2.68
C THR B 51 -0.17 11.34 3.27
N THR B 52 0.62 10.34 2.99
CA THR B 52 2.00 10.30 3.54
C THR B 52 2.98 9.88 2.44
N ALA B 53 4.25 9.90 2.71
CA ALA B 53 5.23 9.50 1.64
C ALA B 53 6.63 9.36 2.22
N LEU B 54 7.56 8.94 1.40
CA LEU B 54 8.97 8.79 1.85
C LEU B 54 9.91 9.19 0.71
N ILE B 55 10.77 10.15 0.93
CA ILE B 55 11.67 10.60 -0.17
C ILE B 55 13.06 10.00 -0.02
N PHE B 56 13.81 9.98 -1.10
CA PHE B 56 15.20 9.41 -1.05
C PHE B 56 16.22 10.49 -1.41
N ALA B 57 17.45 10.33 -0.97
CA ALA B 57 18.49 11.33 -1.30
C ALA B 57 18.74 11.35 -2.81
N SER B 58 18.32 10.34 -3.50
CA SER B 58 18.54 10.29 -4.98
C SER B 58 17.65 11.32 -5.69
N GLY B 59 16.46 11.52 -5.22
CA GLY B 59 15.54 12.50 -5.87
C GLY B 59 14.19 11.86 -6.15
N LYS B 60 14.00 10.63 -5.72
CA LYS B 60 12.70 9.96 -5.97
C LYS B 60 11.83 10.01 -4.70
N MET B 61 10.55 10.26 -4.85
CA MET B 61 9.67 10.32 -3.64
C MET B 61 8.46 9.40 -3.82
N VAL B 62 8.19 8.56 -2.86
CA VAL B 62 7.01 7.66 -2.98
C VAL B 62 5.82 8.25 -2.23
N VAL B 63 4.67 8.29 -2.84
CA VAL B 63 3.49 8.87 -2.15
C VAL B 63 2.42 7.78 -1.91
N THR B 64 1.66 7.92 -0.85
CA THR B 64 0.60 6.92 -0.56
C THR B 64 -0.57 7.58 0.15
N GLY B 65 -1.74 6.98 0.06
CA GLY B 65 -2.93 7.57 0.73
C GLY B 65 -3.88 8.11 -0.35
N ALA B 66 -3.36 8.59 -1.44
CA ALA B 66 -4.24 9.12 -2.51
C ALA B 66 -5.41 8.16 -2.76
N LYS B 67 -6.61 8.64 -2.69
CA LYS B 67 -7.79 7.76 -2.92
C LYS B 67 -8.19 7.81 -4.39
N SER B 68 -7.76 8.81 -5.11
CA SER B 68 -8.12 8.92 -6.55
C SER B 68 -6.94 9.45 -7.36
N GLU B 69 -6.86 9.09 -8.62
CA GLU B 69 -5.74 9.58 -9.46
C GLU B 69 -5.51 11.08 -9.23
N ASP B 70 -6.55 11.87 -9.30
CA ASP B 70 -6.40 13.33 -9.10
C ASP B 70 -5.90 13.61 -7.68
N ASP B 71 -6.42 12.90 -6.71
CA ASP B 71 -5.99 13.13 -5.30
C ASP B 71 -4.48 12.91 -5.19
N SER B 72 -3.96 11.92 -5.87
CA SER B 72 -2.49 11.66 -5.80
C SER B 72 -1.72 12.79 -6.48
N LYS B 73 -2.16 13.22 -7.63
CA LYS B 73 -1.44 14.32 -8.33
C LYS B 73 -1.43 15.59 -7.46
N LEU B 74 -2.38 15.72 -6.58
CA LEU B 74 -2.42 16.93 -5.71
C LEU B 74 -1.53 16.72 -4.48
N ALA B 75 -1.49 15.53 -3.96
CA ALA B 75 -0.64 15.26 -2.76
C ALA B 75 0.84 15.32 -3.14
N SER B 76 1.18 14.86 -4.31
CA SER B 76 2.60 14.89 -4.74
C SER B 76 3.04 16.33 -5.04
N ARG B 77 2.40 16.97 -5.97
CA ARG B 77 2.77 18.38 -6.29
C ARG B 77 2.93 19.18 -5.00
N LYS B 78 2.11 18.93 -4.03
CA LYS B 78 2.23 19.68 -2.74
C LYS B 78 3.56 19.33 -2.08
N TYR B 79 3.90 18.08 -2.03
CA TYR B 79 5.20 17.68 -1.41
C TYR B 79 6.35 18.40 -2.12
N ALA B 80 6.46 18.22 -3.40
CA ALA B 80 7.55 18.90 -4.16
C ALA B 80 7.58 20.39 -3.79
N ARG B 81 6.43 21.00 -3.66
CA ARG B 81 6.38 22.44 -3.30
C ARG B 81 7.19 22.69 -2.02
N ILE B 82 7.00 21.88 -1.02
CA ILE B 82 7.76 22.06 0.25
C ILE B 82 9.25 21.90 0.00
N ILE B 83 9.62 21.18 -1.01
CA ILE B 83 11.07 20.99 -1.29
C ILE B 83 11.58 22.19 -2.09
N GLN B 84 10.92 22.51 -3.16
CA GLN B 84 11.37 23.69 -3.96
C GLN B 84 11.64 24.86 -3.03
N LYS B 85 10.84 24.99 -1.99
CA LYS B 85 11.08 26.09 -1.02
C LYS B 85 12.33 25.73 -0.23
N ILE B 86 12.53 24.46 -0.03
CA ILE B 86 13.75 23.99 0.70
C ILE B 86 14.96 24.13 -0.22
N GLY B 87 14.85 23.73 -1.45
CA GLY B 87 16.01 23.88 -2.37
C GLY B 87 16.06 22.76 -3.42
N PHE B 88 15.51 21.59 -3.15
CA PHE B 88 15.60 20.51 -4.19
C PHE B 88 14.32 19.67 -4.27
N ALA B 89 14.44 18.44 -4.73
CA ALA B 89 13.25 17.55 -4.87
C ALA B 89 12.12 18.39 -5.43
N ALA B 90 12.49 19.37 -6.19
CA ALA B 90 11.50 20.31 -6.77
C ALA B 90 10.98 19.85 -8.14
N LYS B 91 11.66 18.96 -8.81
CA LYS B 91 11.16 18.53 -10.14
C LYS B 91 9.91 17.65 -9.97
N PHE B 92 8.89 17.92 -10.74
CA PHE B 92 7.64 17.11 -10.63
C PHE B 92 7.39 16.33 -11.92
N THR B 93 8.13 15.28 -12.14
CA THR B 93 7.93 14.47 -13.38
C THR B 93 7.98 12.98 -13.07
N ASP B 94 7.95 12.14 -14.06
CA ASP B 94 7.98 10.67 -13.82
C ASP B 94 6.85 10.27 -12.88
N PHE B 95 5.86 11.11 -12.73
CA PHE B 95 4.72 10.76 -11.83
C PHE B 95 3.90 9.62 -12.43
N LYS B 96 3.70 8.57 -11.69
CA LYS B 96 2.91 7.43 -12.21
C LYS B 96 2.39 6.56 -11.06
N ILE B 97 1.13 6.22 -11.08
CA ILE B 97 0.57 5.38 -9.99
C ILE B 97 0.93 3.91 -10.23
N GLN B 98 1.42 3.23 -9.23
CA GLN B 98 1.80 1.80 -9.42
C GLN B 98 1.21 0.93 -8.31
N ASN B 99 0.47 1.52 -7.40
CA ASN B 99 -0.12 0.70 -6.30
C ASN B 99 -1.47 1.27 -5.85
N ILE B 100 -2.53 0.59 -6.16
CA ILE B 100 -3.88 1.07 -5.74
C ILE B 100 -4.52 0.03 -4.81
N VAL B 101 -5.14 0.47 -3.74
CA VAL B 101 -5.76 -0.52 -2.80
C VAL B 101 -7.28 -0.37 -2.79
N GLY B 102 -7.97 -1.48 -2.75
CA GLY B 102 -9.46 -1.44 -2.73
C GLY B 102 -9.99 -2.62 -1.90
N SER B 103 -11.26 -2.65 -1.62
CA SER B 103 -11.81 -3.78 -0.82
C SER B 103 -13.30 -3.95 -1.10
N CYS B 104 -13.86 -5.08 -0.74
CA CYS B 104 -15.31 -5.32 -0.99
C CYS B 104 -15.79 -6.53 -0.18
N ASP B 105 -17.07 -6.75 -0.12
CA ASP B 105 -17.60 -7.92 0.65
C ASP B 105 -18.40 -8.83 -0.29
N VAL B 106 -18.33 -10.11 -0.08
CA VAL B 106 -19.08 -11.05 -0.95
C VAL B 106 -20.45 -11.39 -0.33
N LYS B 107 -20.75 -10.79 0.80
CA LYS B 107 -22.07 -11.06 1.46
C LYS B 107 -22.10 -12.47 2.06
N PHE B 108 -20.97 -13.13 2.12
CA PHE B 108 -20.95 -14.50 2.72
C PHE B 108 -19.51 -14.94 2.99
N PRO B 109 -19.36 -15.83 3.93
CA PRO B 109 -18.03 -16.35 4.30
C PRO B 109 -17.49 -17.29 3.22
N ILE B 110 -16.20 -17.47 3.17
CA ILE B 110 -15.61 -18.37 2.14
C ILE B 110 -14.63 -19.35 2.79
N ARG B 111 -14.52 -20.54 2.27
CA ARG B 111 -13.58 -21.53 2.86
C ARG B 111 -12.14 -21.20 2.45
N LEU B 112 -11.45 -20.43 3.25
CA LEU B 112 -10.04 -20.07 2.91
C LEU B 112 -9.24 -21.32 2.56
N GLU B 113 -9.49 -22.40 3.25
CA GLU B 113 -8.73 -23.65 2.95
C GLU B 113 -9.22 -24.27 1.64
N GLY B 114 -10.51 -24.30 1.43
CA GLY B 114 -11.05 -24.89 0.16
C GLY B 114 -10.46 -24.14 -1.03
N LEU B 115 -10.27 -22.85 -0.90
CA LEU B 115 -9.71 -22.06 -2.04
C LEU B 115 -8.24 -22.41 -2.24
N ALA B 116 -7.45 -22.34 -1.19
CA ALA B 116 -5.99 -22.67 -1.33
C ALA B 116 -5.82 -24.08 -1.87
N PHE B 117 -6.75 -24.96 -1.58
CA PHE B 117 -6.64 -26.36 -2.09
C PHE B 117 -6.92 -26.40 -3.59
N SER B 118 -7.83 -25.59 -4.05
CA SER B 118 -8.14 -25.58 -5.51
C SER B 118 -7.29 -24.52 -6.22
N HIS B 119 -6.91 -23.49 -5.52
CA HIS B 119 -6.07 -22.42 -6.15
C HIS B 119 -4.84 -22.15 -5.29
N GLY B 120 -4.30 -23.16 -4.66
CA GLY B 120 -3.10 -22.96 -3.81
C GLY B 120 -1.92 -22.53 -4.68
N THR B 121 -2.00 -22.75 -5.96
CA THR B 121 -0.88 -22.35 -6.86
C THR B 121 -0.79 -20.83 -6.95
N PHE B 122 -1.86 -20.15 -6.66
CA PHE B 122 -1.84 -18.65 -6.73
C PHE B 122 -2.38 -18.05 -5.43
N SER B 123 -2.71 -18.88 -4.47
CA SER B 123 -3.23 -18.35 -3.18
C SER B 123 -2.63 -19.14 -2.01
N SER B 124 -2.21 -18.45 -0.98
CA SER B 124 -1.63 -19.16 0.20
C SER B 124 -2.50 -18.94 1.43
N TYR B 125 -2.44 -19.84 2.38
CA TYR B 125 -3.27 -19.68 3.61
C TYR B 125 -2.54 -20.25 4.82
N GLU B 126 -2.03 -19.42 5.67
CA GLU B 126 -1.31 -19.92 6.88
C GLU B 126 -2.13 -19.64 8.13
N PRO B 127 -2.72 -20.69 8.65
CA PRO B 127 -3.56 -20.57 9.86
C PRO B 127 -2.69 -20.33 11.10
N GLU B 128 -1.39 -20.30 10.94
CA GLU B 128 -0.50 -20.05 12.10
C GLU B 128 -0.04 -18.59 12.11
N LEU B 129 -0.12 -17.93 10.99
CA LEU B 129 0.32 -16.50 10.95
C LEU B 129 -0.74 -15.64 10.23
N PHE B 130 -1.47 -16.20 9.31
CA PHE B 130 -2.52 -15.41 8.60
C PHE B 130 -3.84 -16.15 8.57
N PRO B 131 -4.80 -15.64 9.29
CA PRO B 131 -6.14 -16.27 9.35
C PRO B 131 -6.88 -16.04 8.03
N GLY B 132 -6.34 -15.25 7.15
CA GLY B 132 -7.01 -15.00 5.85
C GLY B 132 -6.23 -15.70 4.73
N LEU B 133 -6.68 -15.59 3.51
CA LEU B 133 -5.96 -16.26 2.39
C LEU B 133 -5.36 -15.22 1.45
N ILE B 134 -4.08 -15.30 1.19
CA ILE B 134 -3.44 -14.32 0.27
C ILE B 134 -3.45 -14.85 -1.17
N TYR B 135 -4.20 -14.22 -2.03
CA TYR B 135 -4.26 -14.70 -3.44
C TYR B 135 -3.54 -13.72 -4.37
N ARG B 136 -2.59 -14.21 -5.12
CA ARG B 136 -1.83 -13.31 -6.05
C ARG B 136 -2.29 -13.56 -7.49
N MET B 137 -3.40 -13.01 -7.88
CA MET B 137 -3.89 -13.21 -9.27
C MET B 137 -2.76 -12.93 -10.28
N VAL B 138 -2.60 -13.79 -11.25
CA VAL B 138 -1.52 -13.58 -12.25
C VAL B 138 -1.89 -12.43 -13.20
N LYS B 139 -3.12 -12.38 -13.64
CA LYS B 139 -3.54 -11.29 -14.56
C LYS B 139 -4.98 -10.86 -14.24
N PRO B 140 -5.14 -9.62 -13.82
CA PRO B 140 -4.00 -8.69 -13.66
C PRO B 140 -3.18 -9.06 -12.42
N LYS B 141 -1.94 -8.68 -12.39
CA LYS B 141 -1.07 -9.02 -11.22
C LYS B 141 -1.56 -8.25 -9.99
N ILE B 142 -2.39 -8.87 -9.18
CA ILE B 142 -2.90 -8.16 -7.96
C ILE B 142 -2.97 -9.13 -6.78
N VAL B 143 -2.99 -8.63 -5.58
CA VAL B 143 -3.06 -9.52 -4.39
C VAL B 143 -4.47 -9.46 -3.79
N LEU B 144 -5.18 -10.55 -3.80
CA LEU B 144 -6.55 -10.56 -3.23
C LEU B 144 -6.59 -11.33 -1.91
N LEU B 145 -6.73 -10.65 -0.80
CA LEU B 145 -6.78 -11.36 0.51
C LEU B 145 -8.23 -11.62 0.91
N ILE B 146 -8.61 -12.86 1.06
CA ILE B 146 -10.01 -13.17 1.44
C ILE B 146 -10.06 -13.87 2.81
N PHE B 147 -10.74 -13.28 3.76
CA PHE B 147 -10.83 -13.91 5.12
C PHE B 147 -12.08 -14.79 5.21
N VAL B 148 -12.21 -15.52 6.28
CA VAL B 148 -13.42 -16.40 6.42
C VAL B 148 -14.69 -15.55 6.41
N SER B 149 -14.66 -14.41 7.06
CA SER B 149 -15.87 -13.54 7.08
C SER B 149 -16.37 -13.28 5.66
N GLY B 150 -15.48 -13.03 4.74
CA GLY B 150 -15.90 -12.76 3.34
C GLY B 150 -15.32 -11.43 2.88
N LYS B 151 -14.51 -10.80 3.70
CA LYS B 151 -13.91 -9.49 3.29
C LYS B 151 -12.83 -9.72 2.24
N ILE B 152 -12.80 -8.91 1.21
CA ILE B 152 -11.77 -9.08 0.16
C ILE B 152 -10.89 -7.83 0.05
N VAL B 153 -9.61 -8.00 -0.07
CA VAL B 153 -8.70 -6.82 -0.18
C VAL B 153 -7.90 -6.90 -1.49
N LEU B 154 -7.82 -5.81 -2.20
CA LEU B 154 -7.06 -5.83 -3.49
C LEU B 154 -6.03 -4.69 -3.50
N THR B 155 -4.77 -5.04 -3.57
CA THR B 155 -3.71 -3.97 -3.60
C THR B 155 -2.66 -4.31 -4.66
N GLY B 156 -1.91 -3.33 -5.08
CA GLY B 156 -0.87 -3.59 -6.12
C GLY B 156 -1.42 -3.23 -7.50
N ALA B 157 -2.68 -2.89 -7.58
CA ALA B 157 -3.26 -2.53 -8.91
C ALA B 157 -2.76 -1.15 -9.34
N LYS B 158 -2.40 -1.01 -10.59
CA LYS B 158 -1.90 0.31 -11.08
C LYS B 158 -3.08 1.20 -11.48
N GLN B 159 -4.26 0.65 -11.51
CA GLN B 159 -5.45 1.45 -11.90
C GLN B 159 -6.73 0.83 -11.34
N ARG B 160 -7.87 1.35 -11.69
CA ARG B 160 -9.14 0.78 -11.18
C ARG B 160 -9.56 -0.44 -12.01
N GLU B 161 -9.25 -0.43 -13.28
CA GLU B 161 -9.63 -1.59 -14.14
C GLU B 161 -9.13 -2.89 -13.51
N GLU B 162 -8.05 -2.82 -12.77
CA GLU B 162 -7.52 -4.06 -12.12
C GLU B 162 -8.36 -4.42 -10.90
N ILE B 163 -8.62 -3.46 -10.05
CA ILE B 163 -9.44 -3.73 -8.83
C ILE B 163 -10.83 -4.24 -9.25
N TYR B 164 -11.40 -3.69 -10.28
CA TYR B 164 -12.75 -4.13 -10.72
C TYR B 164 -12.67 -5.54 -11.32
N GLN B 165 -11.58 -5.86 -11.96
CA GLN B 165 -11.44 -7.22 -12.56
C GLN B 165 -10.98 -8.23 -11.50
N ALA B 166 -9.98 -7.88 -10.74
CA ALA B 166 -9.48 -8.82 -9.69
C ALA B 166 -10.65 -9.38 -8.88
N PHE B 167 -11.61 -8.56 -8.56
CA PHE B 167 -12.79 -9.04 -7.78
C PHE B 167 -13.70 -9.88 -8.67
N GLU B 168 -14.03 -9.39 -9.84
CA GLU B 168 -14.92 -10.17 -10.75
C GLU B 168 -14.24 -11.47 -11.15
N ALA B 169 -12.94 -11.57 -10.97
CA ALA B 169 -12.22 -12.82 -11.33
C ALA B 169 -12.28 -13.81 -10.17
N ILE B 170 -12.27 -13.31 -8.96
CA ILE B 170 -12.32 -14.22 -7.77
C ILE B 170 -13.75 -14.29 -7.25
N TYR B 171 -14.58 -13.35 -7.62
CA TYR B 171 -16.00 -13.38 -7.14
C TYR B 171 -16.60 -14.77 -7.30
N PRO B 172 -16.42 -15.36 -8.47
CA PRO B 172 -16.97 -16.71 -8.72
C PRO B 172 -16.20 -17.75 -7.91
N VAL B 173 -14.89 -17.73 -7.99
CA VAL B 173 -14.09 -18.71 -7.22
C VAL B 173 -14.59 -18.78 -5.78
N LEU B 174 -14.85 -17.65 -5.18
CA LEU B 174 -15.35 -17.66 -3.78
C LEU B 174 -16.70 -18.37 -3.72
N SER B 175 -17.63 -17.99 -4.56
CA SER B 175 -18.96 -18.64 -4.55
C SER B 175 -18.79 -20.16 -4.70
N GLU B 176 -17.72 -20.58 -5.33
CA GLU B 176 -17.49 -22.04 -5.51
C GLU B 176 -17.17 -22.68 -4.16
N PHE B 177 -16.43 -21.99 -3.33
CA PHE B 177 -16.07 -22.56 -2.00
C PHE B 177 -16.80 -21.78 -0.89
N ARG B 178 -18.02 -21.39 -1.14
CA ARG B 178 -18.77 -20.63 -0.11
C ARG B 178 -18.98 -21.49 1.15
N LYS B 179 -19.32 -20.89 2.25
CA LYS B 179 -19.54 -21.67 3.50
C LYS B 179 -21.00 -21.56 3.94
N MET B 180 -21.65 -20.48 3.62
CA MET B 180 -23.08 -20.32 4.04
C MET B 180 -23.98 -20.32 2.79
N GLU A 1 12.87 -17.44 3.81
CA GLU A 1 13.54 -17.12 5.10
C GLU A 1 13.11 -15.74 5.59
N GLY A 2 13.37 -14.72 4.82
CA GLY A 2 12.98 -13.34 5.23
C GLY A 2 14.11 -12.71 6.04
N SER A 3 15.12 -12.22 5.37
CA SER A 3 16.26 -11.61 6.10
C SER A 3 17.01 -10.63 5.19
N ILE A 4 16.39 -9.54 4.84
CA ILE A 4 17.06 -8.55 3.95
C ILE A 4 17.94 -7.62 4.77
N GLY A 5 19.02 -7.15 4.20
CA GLY A 5 19.93 -6.23 4.95
C GLY A 5 19.39 -4.80 4.88
N ASN A 6 19.81 -4.05 3.91
CA ASN A 6 19.32 -2.65 3.79
C ASN A 6 17.92 -2.62 3.18
N GLY A 7 17.30 -1.47 3.16
CA GLY A 7 15.92 -1.38 2.59
C GLY A 7 14.91 -1.14 3.70
N LEU A 8 13.70 -0.81 3.36
CA LEU A 8 12.66 -0.55 4.39
C LEU A 8 11.40 -1.38 4.06
N ASP A 9 10.57 -1.63 5.03
CA ASP A 9 9.35 -2.45 4.76
C ASP A 9 8.13 -1.57 4.43
N LEU A 10 7.47 -1.86 3.34
CA LEU A 10 6.27 -1.06 2.95
C LEU A 10 5.05 -1.98 2.76
N THR A 11 5.04 -3.12 3.40
CA THR A 11 3.88 -4.03 3.23
C THR A 11 2.57 -3.26 3.43
N GLY A 12 2.56 -2.32 4.34
CA GLY A 12 1.31 -1.55 4.60
C GLY A 12 1.20 -0.38 3.63
N ILE A 13 2.30 0.10 3.11
CA ILE A 13 2.22 1.26 2.16
C ILE A 13 1.19 0.96 1.09
N LEU A 14 1.33 -0.16 0.43
CA LEU A 14 0.34 -0.53 -0.63
C LEU A 14 -0.92 -1.11 0.02
N PHE A 15 -1.03 -1.03 1.32
CA PHE A 15 -2.23 -1.60 2.00
C PHE A 15 -3.10 -0.49 2.59
N GLY A 16 -2.58 0.71 2.73
CA GLY A 16 -3.44 1.80 3.31
C GLY A 16 -2.59 2.92 3.92
N ASN A 17 -1.56 3.34 3.24
CA ASN A 17 -0.72 4.45 3.78
C ASN A 17 -0.09 4.04 5.10
N ILE A 18 1.17 4.28 5.24
CA ILE A 18 1.86 3.90 6.49
C ILE A 18 3.18 4.65 6.59
N ASP A 19 3.69 4.77 7.78
CA ASP A 19 4.98 5.45 7.95
C ASP A 19 6.07 4.40 7.80
N SER A 20 6.92 4.56 6.82
CA SER A 20 7.98 3.54 6.61
C SER A 20 8.54 3.08 7.96
N GLU A 21 8.46 3.92 8.96
CA GLU A 21 8.96 3.50 10.31
C GLU A 21 8.28 2.20 10.74
N GLY A 22 7.20 1.84 10.10
CA GLY A 22 6.49 0.57 10.47
C GLY A 22 5.13 0.89 11.08
N ARG A 23 4.65 2.09 10.92
CA ARG A 23 3.32 2.45 11.50
C ARG A 23 2.32 2.75 10.36
N LEU A 24 1.29 1.95 10.24
CA LEU A 24 0.30 2.19 9.15
C LEU A 24 -0.78 3.16 9.59
N LEU A 25 -1.47 3.79 8.66
CA LEU A 25 -2.52 4.75 9.07
C LEU A 25 -3.84 4.43 8.38
N GLN A 26 -4.86 5.21 8.65
CA GLN A 26 -6.19 4.95 8.03
C GLN A 26 -6.93 6.26 7.79
N ASP A 27 -6.95 6.72 6.56
CA ASP A 27 -7.67 8.00 6.26
C ASP A 27 -9.03 8.01 6.93
N ASP A 28 -9.17 8.72 8.02
CA ASP A 28 -10.49 8.77 8.70
C ASP A 28 -10.88 7.38 9.20
N ASP A 29 -12.14 7.16 9.44
CA ASP A 29 -12.60 5.82 9.93
C ASP A 29 -11.92 5.48 11.26
N GLY A 30 -12.68 5.06 12.23
CA GLY A 30 -12.08 4.73 13.56
C GLY A 30 -12.89 3.62 14.22
N GLU A 31 -13.55 3.93 15.32
CA GLU A 31 -14.36 2.89 16.01
C GLU A 31 -15.81 3.36 16.15
N GLY A 32 -16.72 2.76 15.43
CA GLY A 32 -18.15 3.17 15.52
C GLY A 32 -18.36 4.46 14.74
N ARG A 33 -17.86 4.53 13.54
CA ARG A 33 -18.04 5.76 12.72
C ARG A 33 -18.69 5.42 11.39
N GLY A 34 -18.47 4.23 10.89
CA GLY A 34 -19.09 3.84 9.59
C GLY A 34 -18.00 3.45 8.60
N GLY A 35 -16.76 3.51 9.02
CA GLY A 35 -15.65 3.13 8.08
C GLY A 35 -15.64 1.62 7.88
N THR A 36 -15.20 1.18 6.73
CA THR A 36 -15.17 -0.30 6.48
C THR A 36 -13.85 -0.70 5.81
N GLY A 37 -13.36 -1.86 6.10
CA GLY A 37 -12.07 -2.31 5.48
C GLY A 37 -11.19 -2.94 6.55
N PHE A 38 -10.10 -3.54 6.16
CA PHE A 38 -9.20 -4.17 7.17
C PHE A 38 -9.02 -3.25 8.37
N ASP A 39 -9.36 -3.73 9.54
CA ASP A 39 -9.22 -2.87 10.76
C ASP A 39 -7.90 -3.18 11.47
N ALA A 40 -7.94 -3.46 12.75
CA ALA A 40 -6.68 -3.75 13.49
C ALA A 40 -6.49 -5.27 13.65
N GLU A 41 -7.11 -6.04 12.80
CA GLU A 41 -6.96 -7.52 12.90
C GLU A 41 -5.75 -7.96 12.09
N LEU A 42 -5.69 -7.54 10.85
CA LEU A 42 -4.56 -7.91 9.98
C LEU A 42 -3.50 -6.80 10.04
N ARG A 43 -3.84 -5.68 10.62
CA ARG A 43 -2.85 -4.57 10.73
C ARG A 43 -1.62 -5.10 11.46
N GLU A 44 -1.82 -5.65 12.63
CA GLU A 44 -0.67 -6.20 13.40
C GLU A 44 -0.03 -7.30 12.56
N ASN A 45 -0.78 -7.88 11.66
CA ASN A 45 -0.21 -8.94 10.79
C ASN A 45 0.58 -8.28 9.66
N ILE A 46 0.15 -7.14 9.21
CA ILE A 46 0.91 -6.44 8.13
C ILE A 46 2.38 -6.39 8.54
N GLY A 47 2.64 -6.10 9.77
CA GLY A 47 4.04 -6.04 10.25
C GLY A 47 4.70 -7.40 10.03
N SER A 48 3.91 -8.42 9.77
CA SER A 48 4.49 -9.77 9.55
C SER A 48 4.18 -10.24 8.12
N LEU A 49 3.38 -9.49 7.41
CA LEU A 49 3.04 -9.89 6.02
C LEU A 49 4.20 -9.55 5.08
N SER A 50 5.37 -10.04 5.39
CA SER A 50 6.55 -9.75 4.53
C SER A 50 7.24 -11.06 4.13
N LYS A 51 6.50 -12.12 3.98
CA LYS A 51 7.12 -13.42 3.59
C LYS A 51 6.10 -14.31 2.89
N LEU A 52 5.02 -13.74 2.42
CA LEU A 52 3.98 -14.56 1.73
C LEU A 52 3.93 -14.18 0.25
N GLY A 53 3.59 -12.96 -0.03
CA GLY A 53 3.52 -12.51 -1.44
C GLY A 53 3.85 -11.01 -1.51
N LEU A 54 3.37 -10.25 -0.57
CA LEU A 54 3.64 -8.78 -0.58
C LEU A 54 5.15 -8.52 -0.68
N ASP A 55 5.95 -9.50 -0.35
CA ASP A 55 7.43 -9.30 -0.42
C ASP A 55 7.80 -8.63 -1.75
N SER A 56 7.18 -9.03 -2.81
CA SER A 56 7.49 -8.42 -4.14
C SER A 56 7.11 -6.94 -4.13
N MET A 57 5.86 -6.65 -3.90
CA MET A 57 5.42 -5.22 -3.86
C MET A 57 5.98 -4.54 -2.61
N LEU A 58 6.64 -5.29 -1.77
CA LEU A 58 7.21 -4.69 -0.54
C LEU A 58 8.36 -3.77 -0.94
N LEU A 59 9.32 -4.32 -1.61
CA LEU A 59 10.48 -3.51 -2.08
C LEU A 59 10.08 -2.72 -3.33
N GLU A 60 8.84 -2.84 -3.74
CA GLU A 60 8.38 -2.12 -4.96
C GLU A 60 7.88 -0.73 -4.62
N VAL A 61 8.19 -0.26 -3.46
CA VAL A 61 7.74 1.09 -3.08
C VAL A 61 8.86 1.83 -2.35
N ILE A 62 9.99 1.18 -2.17
CA ILE A 62 11.13 1.81 -1.49
C ILE A 62 12.43 1.21 -2.00
N ASP A 63 12.93 1.71 -3.09
CA ASP A 63 14.19 1.15 -3.64
C ASP A 63 15.37 1.88 -2.98
N LEU A 64 15.34 1.98 -1.68
CA LEU A 64 16.41 2.68 -0.93
C LEU A 64 17.52 1.72 -0.53
N LYS A 65 18.17 1.14 -1.49
CA LYS A 65 19.27 0.19 -1.19
C LYS A 65 20.05 -0.13 -2.48
N GLU A 66 21.27 0.33 -2.56
CA GLU A 66 22.09 0.06 -3.78
C GLU A 66 21.26 0.34 -5.05
N ALA A 67 20.93 -0.67 -5.81
CA ALA A 67 20.13 -0.42 -7.05
C ALA A 67 20.85 0.57 -7.97
N SER B 1 -25.12 -9.78 -7.14
CA SER B 1 -23.69 -9.66 -7.56
C SER B 1 -23.39 -8.23 -8.01
N GLY B 2 -22.47 -8.05 -8.92
CA GLY B 2 -22.12 -6.69 -9.40
C GLY B 2 -21.77 -5.80 -8.20
N ILE B 3 -21.08 -6.33 -7.24
CA ILE B 3 -20.70 -5.52 -6.06
C ILE B 3 -19.58 -4.54 -6.41
N VAL B 4 -18.62 -4.98 -7.17
CA VAL B 4 -17.49 -4.08 -7.56
C VAL B 4 -16.76 -3.57 -6.31
N PRO B 5 -15.47 -3.77 -6.30
CA PRO B 5 -14.66 -3.33 -5.15
C PRO B 5 -14.49 -1.80 -5.16
N THR B 6 -14.32 -1.22 -4.00
CA THR B 6 -14.16 0.27 -3.95
C THR B 6 -12.68 0.62 -3.77
N LEU B 7 -12.33 1.86 -4.00
CA LEU B 7 -10.89 2.27 -3.84
C LEU B 7 -10.64 2.73 -2.41
N GLN B 8 -9.63 2.20 -1.78
CA GLN B 8 -9.32 2.61 -0.38
C GLN B 8 -8.14 3.59 -0.36
N ASN B 9 -7.23 3.45 -1.28
CA ASN B 9 -6.06 4.39 -1.31
C ASN B 9 -5.25 4.18 -2.60
N ILE B 10 -4.30 5.05 -2.84
CA ILE B 10 -3.48 4.90 -4.08
C ILE B 10 -1.99 5.01 -3.73
N VAL B 11 -1.14 4.45 -4.55
CA VAL B 11 0.32 4.53 -4.28
C VAL B 11 1.09 4.80 -5.58
N ALA B 12 1.70 5.95 -5.69
CA ALA B 12 2.45 6.26 -6.94
C ALA B 12 3.87 6.72 -6.62
N THR B 13 4.77 6.58 -7.55
CA THR B 13 6.17 7.00 -7.31
C THR B 13 6.46 8.31 -8.06
N VAL B 14 6.71 9.37 -7.34
CA VAL B 14 6.99 10.66 -8.02
C VAL B 14 8.48 11.03 -7.87
N THR B 15 9.17 11.18 -8.97
CA THR B 15 10.62 11.52 -8.89
C THR B 15 10.81 13.04 -9.07
N LEU B 16 11.93 13.56 -8.65
CA LEU B 16 12.17 15.02 -8.79
C LEU B 16 13.20 15.28 -9.90
N GLY B 17 14.38 14.76 -9.75
CA GLY B 17 15.43 14.99 -10.80
C GLY B 17 16.71 15.50 -10.15
N CYS B 18 16.70 15.67 -8.85
CA CYS B 18 17.92 16.17 -8.16
C CYS B 18 18.09 15.47 -6.81
N ARG B 19 19.21 15.65 -6.17
CA ARG B 19 19.44 15.00 -4.85
C ARG B 19 18.80 15.82 -3.73
N LEU B 20 18.45 15.19 -2.64
CA LEU B 20 17.82 15.93 -1.51
C LEU B 20 18.57 15.63 -0.21
N ASP B 21 18.69 16.59 0.66
CA ASP B 21 19.39 16.36 1.95
C ASP B 21 18.41 15.87 3.01
N LEU B 22 18.28 14.59 3.18
CA LEU B 22 17.32 14.05 4.20
C LEU B 22 17.49 14.81 5.52
N LYS B 23 18.69 15.02 5.95
CA LYS B 23 18.92 15.75 7.23
C LYS B 23 18.20 17.11 7.20
N THR B 24 18.33 17.82 6.11
CA THR B 24 17.65 19.15 6.01
C THR B 24 16.20 18.98 5.59
N VAL B 25 15.93 18.06 4.71
CA VAL B 25 14.52 17.84 4.27
C VAL B 25 13.65 17.42 5.46
N ALA B 26 14.10 16.48 6.22
CA ALA B 26 13.31 16.03 7.40
C ALA B 26 13.35 17.08 8.52
N LEU B 27 14.37 17.89 8.53
CA LEU B 27 14.48 18.93 9.59
C LEU B 27 13.71 20.19 9.19
N HIS B 28 13.51 20.40 7.91
CA HIS B 28 12.78 21.61 7.46
C HIS B 28 11.31 21.27 7.20
N ALA B 29 11.04 20.17 6.58
CA ALA B 29 9.63 19.78 6.30
C ALA B 29 8.77 19.99 7.56
N ARG B 30 7.73 20.77 7.45
CA ARG B 30 6.86 21.02 8.63
C ARG B 30 6.26 19.69 9.13
N ASN B 31 6.17 18.72 8.28
CA ASN B 31 5.60 17.41 8.72
C ASN B 31 6.43 16.26 8.15
N ALA B 32 7.53 15.97 8.75
CA ALA B 32 8.40 14.85 8.26
C ALA B 32 9.43 14.47 9.33
N GLU B 33 9.99 13.30 9.23
CA GLU B 33 10.99 12.88 10.25
C GLU B 33 12.00 11.89 9.66
N TYR B 34 13.25 12.04 9.98
CA TYR B 34 14.28 11.09 9.45
C TYR B 34 14.50 9.95 10.43
N ASN B 35 14.82 8.78 9.95
CA ASN B 35 15.04 7.63 10.88
C ASN B 35 16.25 6.80 10.45
N PRO B 36 17.33 6.98 11.15
CA PRO B 36 18.57 6.24 10.84
C PRO B 36 18.46 4.79 11.34
N LYS B 37 17.55 4.53 12.23
CA LYS B 37 17.40 3.14 12.74
C LYS B 37 16.46 2.33 11.84
N ARG B 38 15.88 2.95 10.86
CA ARG B 38 14.95 2.22 9.95
C ARG B 38 15.51 2.20 8.53
N PHE B 39 15.61 3.34 7.91
CA PHE B 39 16.16 3.38 6.51
C PHE B 39 16.79 4.73 6.20
N ALA B 40 17.09 4.99 4.96
CA ALA B 40 17.74 6.28 4.60
C ALA B 40 16.77 7.19 3.83
N ALA B 41 15.61 7.45 4.37
CA ALA B 41 14.65 8.34 3.66
C ALA B 41 13.84 9.18 4.65
N VAL B 42 13.20 10.21 4.17
CA VAL B 42 12.39 11.07 5.08
C VAL B 42 10.90 10.74 4.93
N ILE B 43 10.23 10.45 6.00
CA ILE B 43 8.78 10.12 5.92
C ILE B 43 7.93 11.36 6.16
N MET B 44 7.29 11.86 5.14
CA MET B 44 6.45 13.08 5.30
C MET B 44 4.99 12.66 5.55
N ARG B 45 4.16 13.61 5.91
CA ARG B 45 2.73 13.27 6.18
C ARG B 45 1.87 14.53 6.17
N ILE B 46 0.91 14.61 5.29
CA ILE B 46 0.05 15.83 5.23
C ILE B 46 -1.43 15.44 5.42
N ARG B 47 -2.20 16.31 6.00
CA ARG B 47 -3.65 15.99 6.20
C ARG B 47 -4.49 16.65 5.11
N GLU B 48 -3.96 16.76 3.92
CA GLU B 48 -4.73 17.38 2.81
C GLU B 48 -4.00 17.21 1.47
N PRO B 49 -4.18 16.08 0.84
CA PRO B 49 -5.06 15.02 1.41
C PRO B 49 -4.36 14.27 2.54
N LYS B 50 -5.10 13.58 3.36
CA LYS B 50 -4.46 12.82 4.47
C LYS B 50 -3.66 11.63 3.92
N THR B 51 -2.48 11.88 3.44
CA THR B 51 -1.65 10.77 2.89
C THR B 51 -0.23 10.83 3.46
N THR B 52 0.62 9.93 3.08
CA THR B 52 2.01 9.95 3.60
C THR B 52 2.99 9.66 2.47
N ALA B 53 4.23 10.03 2.62
CA ALA B 53 5.21 9.77 1.53
C ALA B 53 6.63 9.58 2.10
N LEU B 54 7.45 8.87 1.38
CA LEU B 54 8.85 8.64 1.84
C LEU B 54 9.80 9.12 0.74
N ILE B 55 10.53 10.18 0.98
CA ILE B 55 11.45 10.71 -0.07
C ILE B 55 12.87 10.14 0.09
N PHE B 56 13.47 9.76 -1.01
CA PHE B 56 14.85 9.21 -0.94
C PHE B 56 15.87 10.32 -1.24
N ALA B 57 17.13 10.06 -1.03
CA ALA B 57 18.16 11.11 -1.30
C ALA B 57 18.49 11.12 -2.80
N SER B 58 17.88 10.25 -3.56
CA SER B 58 18.16 10.22 -5.02
C SER B 58 17.14 11.08 -5.78
N GLY B 59 16.14 11.56 -5.09
CA GLY B 59 15.12 12.42 -5.77
C GLY B 59 13.83 11.62 -5.97
N LYS B 60 13.84 10.37 -5.58
CA LYS B 60 12.60 9.53 -5.75
C LYS B 60 11.68 9.73 -4.55
N MET B 61 10.40 9.69 -4.76
CA MET B 61 9.44 9.87 -3.63
C MET B 61 8.16 9.08 -3.86
N VAL B 62 7.77 8.25 -2.94
CA VAL B 62 6.52 7.45 -3.10
C VAL B 62 5.38 8.15 -2.36
N VAL B 63 4.18 8.04 -2.84
CA VAL B 63 3.04 8.71 -2.16
C VAL B 63 1.85 7.78 -2.00
N THR B 64 1.59 7.32 -0.80
CA THR B 64 0.42 6.42 -0.57
C THR B 64 -0.65 7.19 0.20
N GLY B 65 -1.89 6.94 -0.09
CA GLY B 65 -3.00 7.66 0.60
C GLY B 65 -3.94 8.29 -0.42
N ALA B 66 -3.45 8.60 -1.59
CA ALA B 66 -4.33 9.20 -2.62
C ALA B 66 -5.57 8.33 -2.82
N LYS B 67 -6.68 8.92 -3.16
CA LYS B 67 -7.91 8.11 -3.37
C LYS B 67 -8.07 7.76 -4.85
N SER B 68 -7.42 8.49 -5.71
CA SER B 68 -7.53 8.19 -7.17
C SER B 68 -6.38 8.84 -7.93
N GLU B 69 -6.53 9.04 -9.21
CA GLU B 69 -5.44 9.68 -10.01
C GLU B 69 -5.40 11.18 -9.72
N ASP B 70 -6.54 11.80 -9.56
CA ASP B 70 -6.56 13.26 -9.28
C ASP B 70 -5.88 13.56 -7.94
N ASP B 71 -6.10 12.72 -6.97
CA ASP B 71 -5.46 12.94 -5.63
C ASP B 71 -3.95 12.72 -5.72
N SER B 72 -3.54 11.58 -6.22
CA SER B 72 -2.08 11.31 -6.33
C SER B 72 -1.35 12.53 -6.90
N LYS B 73 -1.96 13.22 -7.82
CA LYS B 73 -1.30 14.42 -8.42
C LYS B 73 -1.31 15.58 -7.42
N LEU B 74 -2.32 15.65 -6.60
CA LEU B 74 -2.38 16.75 -5.60
C LEU B 74 -1.50 16.42 -4.38
N ALA B 75 -1.61 15.23 -3.87
CA ALA B 75 -0.77 14.84 -2.70
C ALA B 75 0.70 15.04 -3.03
N SER B 76 1.06 14.91 -4.28
CA SER B 76 2.49 15.08 -4.67
C SER B 76 2.85 16.57 -4.70
N ARG B 77 2.24 17.32 -5.58
CA ARG B 77 2.55 18.78 -5.66
C ARG B 77 2.67 19.38 -4.25
N LYS B 78 1.93 18.85 -3.32
CA LYS B 78 2.01 19.39 -1.92
C LYS B 78 3.38 19.06 -1.33
N TYR B 79 3.78 17.82 -1.40
CA TYR B 79 5.12 17.43 -0.86
C TYR B 79 6.22 18.22 -1.58
N ALA B 80 6.21 18.18 -2.89
CA ALA B 80 7.24 18.94 -3.65
C ALA B 80 7.27 20.40 -3.19
N ARG B 81 6.12 20.97 -2.96
CA ARG B 81 6.08 22.38 -2.48
C ARG B 81 6.99 22.55 -1.27
N ILE B 82 6.99 21.60 -0.38
CA ILE B 82 7.86 21.71 0.82
C ILE B 82 9.34 21.73 0.41
N ILE B 83 9.71 20.89 -0.51
CA ILE B 83 11.14 20.86 -0.96
C ILE B 83 11.44 22.06 -1.85
N GLN B 84 10.62 22.29 -2.83
CA GLN B 84 10.86 23.45 -3.75
C GLN B 84 10.82 24.76 -2.97
N LYS B 85 9.93 24.87 -2.00
CA LYS B 85 9.87 26.11 -1.19
C LYS B 85 11.10 26.16 -0.30
N ILE B 86 11.62 25.03 0.04
CA ILE B 86 12.83 24.99 0.90
C ILE B 86 14.04 25.42 0.06
N GLY B 87 13.87 25.52 -1.24
CA GLY B 87 15.00 25.94 -2.11
C GLY B 87 15.48 24.76 -2.96
N PHE B 88 15.16 23.56 -2.56
CA PHE B 88 15.62 22.38 -3.33
C PHE B 88 15.18 22.48 -4.80
N ALA B 89 15.85 21.78 -5.66
CA ALA B 89 15.48 21.80 -7.10
C ALA B 89 14.63 20.58 -7.44
N ALA B 90 13.61 20.33 -6.67
CA ALA B 90 12.74 19.14 -6.94
C ALA B 90 11.52 19.55 -7.75
N LYS B 91 11.08 18.68 -8.63
CA LYS B 91 9.87 18.99 -9.45
C LYS B 91 9.04 17.72 -9.65
N PHE B 92 8.22 17.66 -10.66
CA PHE B 92 7.39 16.45 -10.88
C PHE B 92 7.94 15.64 -12.05
N THR B 93 8.37 14.43 -11.80
CA THR B 93 8.92 13.59 -12.90
C THR B 93 8.69 12.11 -12.59
N ASP B 94 8.80 11.26 -13.58
CA ASP B 94 8.59 9.81 -13.35
C ASP B 94 7.39 9.58 -12.44
N PHE B 95 6.45 10.48 -12.43
CA PHE B 95 5.25 10.29 -11.56
C PHE B 95 4.30 9.28 -12.18
N LYS B 96 3.97 8.25 -11.46
CA LYS B 96 3.04 7.22 -12.02
C LYS B 96 2.48 6.35 -10.90
N ILE B 97 1.20 6.14 -10.89
CA ILE B 97 0.58 5.29 -9.83
C ILE B 97 0.80 3.81 -10.17
N GLN B 98 1.66 3.15 -9.45
CA GLN B 98 1.92 1.70 -9.76
C GLN B 98 1.36 0.81 -8.64
N ASN B 99 0.57 1.36 -7.76
CA ASN B 99 0.01 0.53 -6.66
C ASN B 99 -1.32 1.11 -6.16
N ILE B 100 -2.38 0.39 -6.34
CA ILE B 100 -3.71 0.89 -5.87
C ILE B 100 -4.28 -0.05 -4.81
N VAL B 101 -5.23 0.40 -4.05
CA VAL B 101 -5.82 -0.48 -2.99
C VAL B 101 -7.35 -0.36 -2.96
N GLY B 102 -8.02 -1.47 -3.00
CA GLY B 102 -9.51 -1.44 -2.97
C GLY B 102 -10.03 -2.47 -1.97
N SER B 103 -11.31 -2.51 -1.73
CA SER B 103 -11.86 -3.49 -0.77
C SER B 103 -13.38 -3.58 -0.88
N CYS B 104 -13.95 -4.69 -0.52
CA CYS B 104 -15.43 -4.84 -0.61
C CYS B 104 -15.88 -6.12 0.10
N ASP B 105 -17.13 -6.23 0.43
CA ASP B 105 -17.63 -7.46 1.12
C ASP B 105 -18.46 -8.31 0.17
N VAL B 106 -18.58 -9.58 0.45
CA VAL B 106 -19.39 -10.47 -0.45
C VAL B 106 -20.67 -10.90 0.25
N LYS B 107 -20.91 -10.40 1.43
CA LYS B 107 -22.16 -10.77 2.19
C LYS B 107 -22.06 -12.18 2.75
N PHE B 108 -21.00 -12.90 2.46
CA PHE B 108 -20.87 -14.29 2.99
C PHE B 108 -19.40 -14.64 3.19
N PRO B 109 -19.15 -15.40 4.22
CA PRO B 109 -17.76 -15.81 4.55
C PRO B 109 -17.25 -16.85 3.53
N ILE B 110 -15.96 -16.97 3.40
CA ILE B 110 -15.40 -17.96 2.44
C ILE B 110 -14.42 -18.89 3.14
N ARG B 111 -14.23 -20.09 2.62
CA ARG B 111 -13.28 -21.03 3.26
C ARG B 111 -11.87 -20.84 2.68
N LEU B 112 -11.09 -19.98 3.28
CA LEU B 112 -9.71 -19.74 2.76
C LEU B 112 -8.96 -21.06 2.59
N GLU B 113 -9.21 -22.01 3.45
CA GLU B 113 -8.52 -23.33 3.34
C GLU B 113 -8.88 -24.01 2.02
N GLY B 114 -10.14 -24.26 1.80
CA GLY B 114 -10.56 -24.92 0.54
C GLY B 114 -10.07 -24.12 -0.66
N LEU B 115 -10.18 -22.82 -0.59
CA LEU B 115 -9.72 -21.96 -1.72
C LEU B 115 -8.19 -21.94 -1.78
N ALA B 116 -7.54 -21.91 -0.65
CA ALA B 116 -6.06 -21.90 -0.64
C ALA B 116 -5.51 -23.25 -1.09
N PHE B 117 -6.32 -24.28 -1.05
CA PHE B 117 -5.84 -25.63 -1.46
C PHE B 117 -5.90 -25.76 -2.99
N SER B 118 -6.96 -25.27 -3.59
CA SER B 118 -7.08 -25.38 -5.07
C SER B 118 -6.28 -24.25 -5.74
N HIS B 119 -6.39 -23.05 -5.25
CA HIS B 119 -5.64 -21.92 -5.86
C HIS B 119 -4.34 -21.69 -5.10
N GLY B 120 -3.94 -22.63 -4.28
CA GLY B 120 -2.68 -22.46 -3.49
C GLY B 120 -1.57 -21.98 -4.42
N THR B 121 -1.62 -22.34 -5.67
CA THR B 121 -0.55 -21.90 -6.62
C THR B 121 -0.70 -20.41 -6.92
N PHE B 122 -1.88 -19.88 -6.79
CA PHE B 122 -2.08 -18.43 -7.07
C PHE B 122 -2.26 -17.65 -5.76
N SER B 123 -2.64 -18.34 -4.71
CA SER B 123 -2.84 -17.63 -3.41
C SER B 123 -2.00 -18.29 -2.32
N SER B 124 -1.93 -17.70 -1.16
CA SER B 124 -1.13 -18.30 -0.05
C SER B 124 -1.90 -18.18 1.27
N TYR B 125 -1.93 -19.23 2.04
CA TYR B 125 -2.67 -19.17 3.34
C TYR B 125 -1.79 -19.64 4.49
N GLU B 126 -1.80 -18.93 5.59
CA GLU B 126 -0.96 -19.33 6.75
C GLU B 126 -1.81 -19.32 8.02
N PRO B 127 -2.35 -20.46 8.35
CA PRO B 127 -3.20 -20.59 9.56
C PRO B 127 -2.36 -20.44 10.82
N GLU B 128 -1.06 -20.38 10.68
CA GLU B 128 -0.17 -20.22 11.87
C GLU B 128 0.27 -18.77 12.03
N LEU B 129 -0.14 -17.91 11.13
CA LEU B 129 0.27 -16.48 11.24
C LEU B 129 -0.76 -15.58 10.57
N PHE B 130 -1.15 -15.90 9.36
CA PHE B 130 -2.15 -15.05 8.65
C PHE B 130 -3.50 -15.76 8.56
N PRO B 131 -4.49 -15.17 9.17
CA PRO B 131 -5.86 -15.75 9.16
C PRO B 131 -6.49 -15.57 7.78
N GLY B 132 -6.15 -14.51 7.10
CA GLY B 132 -6.72 -14.27 5.74
C GLY B 132 -5.84 -14.94 4.69
N LEU B 133 -6.19 -14.82 3.44
CA LEU B 133 -5.37 -15.45 2.36
C LEU B 133 -4.93 -14.39 1.35
N ILE B 134 -3.80 -14.60 0.73
CA ILE B 134 -3.31 -13.62 -0.27
C ILE B 134 -3.45 -14.19 -1.67
N TYR B 135 -4.47 -13.78 -2.39
CA TYR B 135 -4.67 -14.31 -3.77
C TYR B 135 -3.94 -13.43 -4.78
N ARG B 136 -2.82 -13.88 -5.28
CA ARG B 136 -2.07 -13.07 -6.28
C ARG B 136 -2.49 -13.46 -7.69
N MET B 137 -3.61 -12.97 -8.14
CA MET B 137 -4.09 -13.31 -9.51
C MET B 137 -2.94 -13.25 -10.51
N VAL B 138 -2.95 -14.09 -11.50
CA VAL B 138 -1.86 -14.09 -12.52
C VAL B 138 -2.12 -13.00 -13.57
N LYS B 139 -3.36 -12.76 -13.89
CA LYS B 139 -3.68 -11.72 -14.90
C LYS B 139 -5.12 -11.20 -14.69
N PRO B 140 -5.24 -9.93 -14.35
CA PRO B 140 -4.06 -9.05 -14.19
C PRO B 140 -3.31 -9.38 -12.90
N LYS B 141 -2.02 -9.22 -12.89
CA LYS B 141 -1.24 -9.54 -11.65
C LYS B 141 -1.73 -8.67 -10.49
N ILE B 142 -2.53 -9.22 -9.63
CA ILE B 142 -3.05 -8.43 -8.47
C ILE B 142 -3.03 -9.27 -7.19
N VAL B 143 -2.94 -8.64 -6.06
CA VAL B 143 -2.92 -9.40 -4.78
C VAL B 143 -4.21 -9.15 -4.00
N LEU B 144 -5.14 -10.06 -4.06
CA LEU B 144 -6.43 -9.87 -3.33
C LEU B 144 -6.37 -10.56 -1.96
N LEU B 145 -6.67 -9.84 -0.92
CA LEU B 145 -6.64 -10.45 0.44
C LEU B 145 -8.03 -10.99 0.79
N ILE B 146 -8.18 -12.28 0.88
CA ILE B 146 -9.52 -12.85 1.21
C ILE B 146 -9.60 -13.17 2.71
N PHE B 147 -10.71 -12.90 3.32
CA PHE B 147 -10.86 -13.18 4.78
C PHE B 147 -12.13 -13.99 5.04
N VAL B 148 -12.06 -14.98 5.87
CA VAL B 148 -13.28 -15.81 6.15
C VAL B 148 -14.46 -14.90 6.49
N SER B 149 -14.20 -13.82 7.17
CA SER B 149 -15.31 -12.89 7.54
C SER B 149 -16.10 -12.49 6.30
N GLY B 150 -15.46 -12.46 5.16
CA GLY B 150 -16.17 -12.08 3.91
C GLY B 150 -15.62 -10.74 3.39
N LYS B 151 -14.56 -10.27 3.96
CA LYS B 151 -13.97 -8.97 3.49
C LYS B 151 -12.91 -9.22 2.42
N ILE B 152 -12.95 -8.48 1.35
CA ILE B 152 -11.94 -8.67 0.27
C ILE B 152 -11.09 -7.41 0.10
N VAL B 153 -9.81 -7.57 -0.03
CA VAL B 153 -8.92 -6.38 -0.22
C VAL B 153 -8.12 -6.52 -1.51
N LEU B 154 -8.38 -5.67 -2.48
CA LEU B 154 -7.63 -5.77 -3.76
C LEU B 154 -6.57 -4.68 -3.85
N THR B 155 -5.32 -5.05 -3.92
CA THR B 155 -4.23 -4.03 -4.01
C THR B 155 -3.07 -4.56 -4.84
N GLY B 156 -2.17 -3.71 -5.26
CA GLY B 156 -1.02 -4.17 -6.07
C GLY B 156 -1.37 -4.05 -7.55
N ALA B 157 -2.33 -3.22 -7.88
CA ALA B 157 -2.72 -3.07 -9.31
C ALA B 157 -2.09 -1.80 -9.90
N LYS B 158 -1.65 -1.86 -11.13
CA LYS B 158 -1.04 -0.66 -11.76
C LYS B 158 -2.12 0.34 -12.16
N GLN B 159 -3.35 -0.10 -12.21
CA GLN B 159 -4.46 0.81 -12.60
C GLN B 159 -5.77 0.33 -11.97
N ARG B 160 -6.63 1.24 -11.60
CA ARG B 160 -7.93 0.84 -10.98
C ARG B 160 -8.65 -0.17 -11.88
N GLU B 161 -8.38 -0.14 -13.16
CA GLU B 161 -9.06 -1.09 -14.09
C GLU B 161 -8.65 -2.53 -13.76
N GLU B 162 -7.41 -2.74 -13.40
CA GLU B 162 -6.96 -4.13 -13.07
C GLU B 162 -7.62 -4.60 -11.78
N ILE B 163 -7.54 -3.83 -10.73
CA ILE B 163 -8.18 -4.25 -9.45
C ILE B 163 -9.64 -4.59 -9.70
N TYR B 164 -10.38 -3.66 -10.24
CA TYR B 164 -11.82 -3.91 -10.52
C TYR B 164 -11.98 -5.26 -11.24
N GLN B 165 -11.01 -5.66 -12.01
CA GLN B 165 -11.10 -6.96 -12.73
C GLN B 165 -10.79 -8.11 -11.77
N ALA B 166 -9.79 -7.96 -10.95
CA ALA B 166 -9.45 -9.05 -9.99
C ALA B 166 -10.72 -9.58 -9.33
N PHE B 167 -11.59 -8.70 -8.90
CA PHE B 167 -12.85 -9.15 -8.25
C PHE B 167 -13.76 -9.81 -9.28
N GLU B 168 -13.90 -9.21 -10.44
CA GLU B 168 -14.77 -9.81 -11.48
C GLU B 168 -14.35 -11.26 -11.75
N ALA B 169 -13.10 -11.57 -11.53
CA ALA B 169 -12.63 -12.96 -11.77
C ALA B 169 -12.57 -13.72 -10.43
N ILE B 170 -12.60 -13.01 -9.34
CA ILE B 170 -12.56 -13.68 -8.01
C ILE B 170 -13.99 -13.82 -7.45
N TYR B 171 -14.93 -13.14 -8.04
CA TYR B 171 -16.33 -13.24 -7.54
C TYR B 171 -16.78 -14.71 -7.45
N PRO B 172 -16.47 -15.47 -8.48
CA PRO B 172 -16.86 -16.91 -8.48
C PRO B 172 -15.94 -17.69 -7.53
N VAL B 173 -14.75 -17.23 -7.31
CA VAL B 173 -13.82 -17.96 -6.39
C VAL B 173 -14.38 -17.90 -4.96
N LEU B 174 -14.92 -16.78 -4.57
CA LEU B 174 -15.48 -16.67 -3.19
C LEU B 174 -16.72 -17.55 -3.06
N SER B 175 -17.60 -17.50 -4.01
CA SER B 175 -18.83 -18.34 -3.95
C SER B 175 -18.46 -19.82 -4.02
N GLU B 176 -17.58 -20.18 -4.90
CA GLU B 176 -17.17 -21.61 -5.00
C GLU B 176 -16.76 -22.14 -3.63
N PHE B 177 -16.12 -21.33 -2.84
CA PHE B 177 -15.71 -21.78 -1.48
C PHE B 177 -16.52 -21.05 -0.41
N ARG B 178 -17.77 -20.80 -0.68
CA ARG B 178 -18.62 -20.09 0.31
C ARG B 178 -19.00 -21.03 1.46
N LYS B 179 -19.46 -20.48 2.56
CA LYS B 179 -19.83 -21.34 3.72
C LYS B 179 -21.29 -21.11 4.08
N MET B 180 -21.80 -19.93 3.86
CA MET B 180 -23.23 -19.64 4.19
C MET B 180 -23.60 -18.25 3.67
N GLU A 1 25.18 -10.23 7.30
CA GLU A 1 25.52 -9.70 8.66
C GLU A 1 24.30 -8.97 9.26
N GLY A 2 23.17 -9.62 9.26
CA GLY A 2 21.95 -8.98 9.83
C GLY A 2 20.92 -8.77 8.71
N SER A 3 19.70 -9.17 8.94
CA SER A 3 18.65 -8.99 7.88
C SER A 3 17.27 -9.30 8.44
N ILE A 4 16.88 -8.63 9.50
CA ILE A 4 15.54 -8.89 10.10
C ILE A 4 14.44 -8.50 9.09
N GLY A 5 14.73 -7.58 8.22
CA GLY A 5 13.70 -7.17 7.21
C GLY A 5 14.39 -6.48 6.04
N ASN A 6 13.97 -6.77 4.84
CA ASN A 6 14.60 -6.14 3.65
C ASN A 6 13.95 -4.78 3.36
N GLY A 7 14.74 -3.80 2.98
CA GLY A 7 14.17 -2.46 2.68
C GLY A 7 13.33 -1.98 3.86
N LEU A 8 12.91 -0.75 3.84
CA LEU A 8 12.08 -0.21 4.97
C LEU A 8 10.79 -1.02 5.08
N ASP A 9 10.16 -0.97 6.24
CA ASP A 9 8.90 -1.75 6.43
C ASP A 9 7.77 -1.17 5.57
N LEU A 10 7.88 -1.30 4.27
CA LEU A 10 6.81 -0.75 3.39
C LEU A 10 5.68 -1.76 3.25
N THR A 11 5.83 -2.93 3.80
CA THR A 11 4.76 -3.95 3.68
C THR A 11 3.39 -3.31 3.90
N GLY A 12 3.30 -2.36 4.80
CA GLY A 12 1.99 -1.71 5.06
C GLY A 12 1.86 -0.47 4.19
N ILE A 13 2.93 0.24 3.96
CA ILE A 13 2.86 1.47 3.12
C ILE A 13 2.13 1.12 1.81
N LEU A 14 2.48 0.02 1.19
CA LEU A 14 1.78 -0.39 -0.05
C LEU A 14 0.43 -1.05 0.30
N PHE A 15 0.07 -1.03 1.56
CA PHE A 15 -1.20 -1.67 1.98
C PHE A 15 -2.19 -0.63 2.51
N GLY A 16 -1.74 0.58 2.80
CA GLY A 16 -2.71 1.60 3.32
C GLY A 16 -1.96 2.78 3.94
N ASN A 17 -0.98 3.29 3.24
CA ASN A 17 -0.20 4.45 3.73
C ASN A 17 0.18 4.31 5.21
N ILE A 18 1.44 4.16 5.48
CA ILE A 18 1.92 4.05 6.87
C ILE A 18 3.27 4.73 6.95
N ASP A 19 3.67 5.13 8.11
CA ASP A 19 4.99 5.76 8.23
C ASP A 19 6.02 4.66 8.47
N SER A 20 7.10 4.67 7.74
CA SER A 20 8.12 3.60 7.93
C SER A 20 8.25 3.27 9.42
N GLU A 21 7.98 4.22 10.27
CA GLU A 21 8.05 3.96 11.74
C GLU A 21 7.17 2.75 12.10
N GLY A 22 6.28 2.36 11.24
CA GLY A 22 5.40 1.19 11.54
C GLY A 22 3.99 1.66 11.89
N ARG A 23 3.57 2.79 11.37
CA ARG A 23 2.19 3.28 11.69
C ARG A 23 1.40 3.51 10.39
N LEU A 24 0.23 2.92 10.28
CA LEU A 24 -0.60 3.09 9.05
C LEU A 24 -1.62 4.21 9.25
N LEU A 25 -2.04 4.84 8.19
CA LEU A 25 -3.03 5.94 8.33
C LEU A 25 -4.22 5.72 7.39
N GLN A 26 -5.15 6.63 7.39
CA GLN A 26 -6.34 6.50 6.51
C GLN A 26 -6.59 7.80 5.75
N ASP A 27 -6.60 7.76 4.45
CA ASP A 27 -6.84 9.00 3.66
C ASP A 27 -8.23 9.57 3.95
N ASP A 28 -9.06 8.81 4.61
CA ASP A 28 -10.43 9.32 4.93
C ASP A 28 -10.36 10.61 5.74
N ASP A 29 -11.44 11.34 5.82
CA ASP A 29 -11.43 12.61 6.61
C ASP A 29 -12.42 12.53 7.76
N GLY A 30 -12.97 11.37 8.02
CA GLY A 30 -13.95 11.24 9.13
C GLY A 30 -15.25 11.95 8.76
N GLU A 31 -16.33 11.23 8.64
CA GLU A 31 -17.62 11.87 8.29
C GLU A 31 -18.78 10.90 8.54
N GLY A 32 -19.98 11.27 8.16
CA GLY A 32 -21.14 10.36 8.37
C GLY A 32 -21.10 9.25 7.33
N ARG A 33 -21.24 9.58 6.08
CA ARG A 33 -21.21 8.54 5.01
C ARG A 33 -19.88 7.78 5.04
N GLY A 34 -19.91 6.51 5.30
CA GLY A 34 -18.65 5.73 5.33
C GLY A 34 -18.96 4.24 5.55
N GLY A 35 -18.19 3.37 4.97
CA GLY A 35 -18.44 1.91 5.14
C GLY A 35 -17.59 1.37 6.29
N THR A 36 -17.33 0.09 6.30
CA THR A 36 -16.51 -0.50 7.40
C THR A 36 -15.31 -1.24 6.81
N GLY A 37 -14.12 -0.84 7.17
CA GLY A 37 -12.91 -1.53 6.63
C GLY A 37 -12.35 -2.46 7.70
N PHE A 38 -11.12 -2.88 7.54
CA PHE A 38 -10.51 -3.79 8.55
C PHE A 38 -10.04 -2.99 9.77
N ASP A 39 -10.06 -3.59 10.93
CA ASP A 39 -9.62 -2.86 12.15
C ASP A 39 -8.14 -3.20 12.46
N ALA A 40 -7.89 -3.85 13.57
CA ALA A 40 -6.47 -4.19 13.91
C ALA A 40 -6.20 -5.66 13.57
N GLU A 41 -6.79 -6.16 12.52
CA GLU A 41 -6.55 -7.58 12.14
C GLU A 41 -5.45 -7.66 11.10
N LEU A 42 -5.24 -6.59 10.37
CA LEU A 42 -4.19 -6.59 9.33
C LEU A 42 -2.91 -5.96 9.88
N ARG A 43 -3.05 -4.87 10.58
CA ARG A 43 -1.85 -4.20 11.14
C ARG A 43 -0.92 -5.23 11.77
N GLU A 44 -1.46 -6.13 12.53
CA GLU A 44 -0.61 -7.17 13.18
C GLU A 44 -0.01 -8.09 12.11
N ASN A 45 -0.70 -8.29 11.03
CA ASN A 45 -0.17 -9.17 9.96
C ASN A 45 0.83 -8.41 9.11
N ILE A 46 0.56 -7.15 8.86
CA ILE A 46 1.51 -6.34 8.04
C ILE A 46 2.93 -6.52 8.58
N GLY A 47 3.10 -6.44 9.87
CA GLY A 47 4.46 -6.62 10.45
C GLY A 47 4.99 -7.99 10.04
N SER A 48 4.14 -8.87 9.60
CA SER A 48 4.59 -10.23 9.19
C SER A 48 4.26 -10.47 7.71
N LEU A 49 3.80 -9.47 7.02
CA LEU A 49 3.46 -9.64 5.58
C LEU A 49 4.71 -9.42 4.71
N SER A 50 5.86 -9.74 5.21
CA SER A 50 7.11 -9.55 4.40
C SER A 50 7.80 -10.89 4.15
N LYS A 51 7.04 -11.92 3.90
CA LYS A 51 7.68 -13.25 3.65
C LYS A 51 6.68 -14.20 2.97
N LEU A 52 5.79 -13.67 2.18
CA LEU A 52 4.80 -14.55 1.49
C LEU A 52 4.47 -14.02 0.09
N GLY A 53 4.59 -12.74 -0.15
CA GLY A 53 4.28 -12.21 -1.50
C GLY A 53 4.44 -10.68 -1.52
N LEU A 54 3.93 -10.01 -0.52
CA LEU A 54 4.05 -8.53 -0.49
C LEU A 54 5.52 -8.09 -0.67
N ASP A 55 6.45 -8.99 -0.46
CA ASP A 55 7.88 -8.62 -0.62
C ASP A 55 8.08 -7.83 -1.92
N SER A 56 7.41 -8.23 -2.97
CA SER A 56 7.56 -7.51 -4.27
C SER A 56 7.09 -6.07 -4.13
N MET A 57 5.87 -5.87 -3.72
CA MET A 57 5.36 -4.48 -3.55
C MET A 57 6.14 -3.77 -2.45
N LEU A 58 6.93 -4.51 -1.71
CA LEU A 58 7.73 -3.87 -0.63
C LEU A 58 8.80 -2.98 -1.25
N LEU A 59 9.69 -3.58 -1.98
CA LEU A 59 10.77 -2.80 -2.65
C LEU A 59 10.19 -1.99 -3.82
N GLU A 60 8.91 -2.13 -4.07
CA GLU A 60 8.29 -1.39 -5.22
C GLU A 60 7.85 0.01 -4.80
N VAL A 61 8.07 0.38 -3.58
CA VAL A 61 7.64 1.74 -3.17
C VAL A 61 8.73 2.39 -2.28
N ILE A 62 9.82 1.70 -2.10
CA ILE A 62 10.93 2.25 -1.28
C ILE A 62 12.26 1.69 -1.80
N ASP A 63 12.67 2.10 -2.97
CA ASP A 63 13.95 1.60 -3.51
C ASP A 63 15.09 2.30 -2.78
N LEU A 64 15.11 2.17 -1.49
CA LEU A 64 16.15 2.83 -0.67
C LEU A 64 17.16 1.81 -0.15
N LYS A 65 17.90 1.23 -1.04
CA LYS A 65 18.91 0.21 -0.62
C LYS A 65 20.28 0.53 -1.23
N GLU A 66 20.82 1.67 -0.93
CA GLU A 66 22.14 2.05 -1.51
C GLU A 66 22.03 2.25 -3.02
N ALA A 67 20.90 2.68 -3.48
CA ALA A 67 20.71 2.90 -4.95
C ALA A 67 20.29 4.34 -5.24
N SER B 1 -26.43 -8.97 -7.70
CA SER B 1 -25.18 -9.52 -7.11
C SER B 1 -23.96 -9.03 -7.90
N GLY B 2 -22.95 -8.56 -7.21
CA GLY B 2 -21.74 -8.08 -7.92
C GLY B 2 -21.25 -6.78 -7.26
N ILE B 3 -20.74 -6.87 -6.07
CA ILE B 3 -20.26 -5.64 -5.36
C ILE B 3 -18.93 -5.19 -5.96
N VAL B 4 -18.78 -3.90 -6.17
CA VAL B 4 -17.50 -3.39 -6.76
C VAL B 4 -16.52 -3.00 -5.64
N PRO B 5 -15.27 -3.33 -5.86
CA PRO B 5 -14.22 -3.00 -4.85
C PRO B 5 -13.96 -1.49 -4.83
N THR B 6 -13.79 -0.94 -3.65
CA THR B 6 -13.53 0.52 -3.56
C THR B 6 -12.07 0.78 -3.19
N LEU B 7 -11.47 1.79 -3.76
CA LEU B 7 -10.04 2.09 -3.44
C LEU B 7 -9.96 2.82 -2.09
N GLN B 8 -9.23 2.27 -1.16
CA GLN B 8 -9.11 2.93 0.17
C GLN B 8 -7.70 3.48 0.36
N ASN B 9 -6.76 3.05 -0.45
CA ASN B 9 -5.37 3.55 -0.30
C ASN B 9 -4.57 3.29 -1.59
N ILE B 10 -4.05 4.33 -2.18
CA ILE B 10 -3.27 4.13 -3.44
C ILE B 10 -1.85 4.69 -3.27
N VAL B 11 -1.00 4.45 -4.22
CA VAL B 11 0.40 4.97 -4.11
C VAL B 11 0.93 5.37 -5.49
N ALA B 12 1.55 6.51 -5.60
CA ALA B 12 2.09 6.95 -6.90
C ALA B 12 3.59 7.21 -6.79
N THR B 13 4.36 6.72 -7.72
CA THR B 13 5.84 6.94 -7.67
C THR B 13 6.20 8.19 -8.47
N VAL B 14 6.92 9.11 -7.86
CA VAL B 14 7.31 10.35 -8.58
C VAL B 14 8.81 10.61 -8.42
N THR B 15 9.49 10.91 -9.49
CA THR B 15 10.95 11.18 -9.39
C THR B 15 11.21 12.69 -9.42
N LEU B 16 12.12 13.17 -8.63
CA LEU B 16 12.42 14.63 -8.62
C LEU B 16 13.46 14.96 -9.69
N GLY B 17 14.67 14.51 -9.53
CA GLY B 17 15.71 14.79 -10.54
C GLY B 17 17.07 15.01 -9.85
N CYS B 18 17.06 15.27 -8.57
CA CYS B 18 18.34 15.48 -7.84
C CYS B 18 18.28 14.85 -6.45
N ARG B 19 19.35 14.25 -6.01
CA ARG B 19 19.35 13.62 -4.66
C ARG B 19 19.00 14.66 -3.59
N LEU B 20 18.64 14.22 -2.42
CA LEU B 20 18.28 15.19 -1.35
C LEU B 20 18.84 14.72 0.00
N ASP B 21 19.04 15.62 0.92
CA ASP B 21 19.57 15.23 2.25
C ASP B 21 18.41 14.90 3.19
N LEU B 22 18.14 13.65 3.41
CA LEU B 22 17.01 13.27 4.32
C LEU B 22 17.10 14.06 5.62
N LYS B 23 18.27 14.40 6.06
CA LYS B 23 18.40 15.18 7.32
C LYS B 23 17.83 16.58 7.15
N THR B 24 18.04 17.19 6.02
CA THR B 24 17.50 18.56 5.78
C THR B 24 16.03 18.49 5.38
N VAL B 25 15.67 17.57 4.52
CA VAL B 25 14.26 17.45 4.09
C VAL B 25 13.35 17.22 5.31
N ALA B 26 13.77 16.38 6.21
CA ALA B 26 12.93 16.11 7.42
C ALA B 26 13.13 17.22 8.46
N LEU B 27 14.20 17.97 8.35
CA LEU B 27 14.45 19.06 9.33
C LEU B 27 13.74 20.35 8.89
N HIS B 28 13.61 20.55 7.60
CA HIS B 28 12.92 21.79 7.12
C HIS B 28 11.45 21.51 6.83
N ALA B 29 11.12 20.31 6.47
CA ALA B 29 9.70 19.97 6.18
C ALA B 29 8.85 20.14 7.43
N ARG B 30 7.72 20.79 7.32
CA ARG B 30 6.86 21.00 8.51
C ARG B 30 6.15 19.68 8.89
N ASN B 31 5.97 18.81 7.94
CA ASN B 31 5.29 17.52 8.24
C ASN B 31 6.09 16.36 7.64
N ALA B 32 7.14 15.97 8.30
CA ALA B 32 7.97 14.85 7.77
C ALA B 32 8.59 14.06 8.94
N GLU B 33 8.97 12.83 8.69
CA GLU B 33 9.58 12.02 9.79
C GLU B 33 10.89 11.40 9.31
N TYR B 34 11.84 11.24 10.20
CA TYR B 34 13.15 10.63 9.81
C TYR B 34 13.72 9.83 10.97
N ASN B 35 13.76 8.53 10.86
CA ASN B 35 14.31 7.70 11.97
C ASN B 35 15.25 6.62 11.42
N PRO B 36 16.47 6.64 11.90
CA PRO B 36 17.47 5.64 11.46
C PRO B 36 17.16 4.27 12.04
N LYS B 37 16.33 4.22 13.06
CA LYS B 37 15.99 2.91 13.68
C LYS B 37 15.09 2.11 12.75
N ARG B 38 14.42 2.77 11.84
CA ARG B 38 13.52 2.04 10.90
C ARG B 38 14.18 1.88 9.54
N PHE B 39 14.57 2.96 8.93
CA PHE B 39 15.18 2.87 7.58
C PHE B 39 15.79 4.21 7.17
N ALA B 40 16.34 4.28 5.98
CA ALA B 40 16.94 5.57 5.52
C ALA B 40 15.96 6.29 4.59
N ALA B 41 14.89 6.81 5.12
CA ALA B 41 13.91 7.51 4.25
C ALA B 41 13.10 8.53 5.07
N VAL B 42 12.67 9.59 4.46
CA VAL B 42 11.87 10.61 5.19
C VAL B 42 10.39 10.45 4.84
N ILE B 43 9.58 10.13 5.80
CA ILE B 43 8.12 9.94 5.50
C ILE B 43 7.37 11.26 5.65
N MET B 44 6.89 11.80 4.57
CA MET B 44 6.13 13.08 4.65
C MET B 44 4.64 12.79 4.85
N ARG B 45 3.92 13.69 5.46
CA ARG B 45 2.47 13.44 5.67
C ARG B 45 1.69 14.76 5.67
N ILE B 46 0.79 14.91 4.75
CA ILE B 46 -0.03 16.17 4.69
C ILE B 46 -1.49 15.85 4.98
N ARG B 47 -2.24 16.80 5.46
CA ARG B 47 -3.67 16.54 5.77
C ARG B 47 -4.57 17.15 4.69
N GLU B 48 -4.14 17.13 3.46
CA GLU B 48 -4.97 17.72 2.37
C GLU B 48 -4.36 17.40 1.00
N PRO B 49 -4.62 16.21 0.51
CA PRO B 49 -5.44 15.23 1.25
C PRO B 49 -4.62 14.53 2.33
N LYS B 50 -5.27 13.87 3.25
CA LYS B 50 -4.52 13.16 4.32
C LYS B 50 -3.78 11.95 3.74
N THR B 51 -2.54 12.12 3.38
CA THR B 51 -1.77 10.97 2.80
C THR B 51 -0.33 10.95 3.34
N THR B 52 0.43 9.98 2.95
CA THR B 52 1.85 9.88 3.43
C THR B 52 2.79 9.94 2.22
N ALA B 53 4.07 10.00 2.46
CA ALA B 53 5.03 10.06 1.32
C ALA B 53 6.34 9.34 1.67
N LEU B 54 6.83 8.52 0.79
CA LEU B 54 8.11 7.80 1.07
C LEU B 54 9.22 8.42 0.22
N ILE B 55 9.99 9.31 0.76
CA ILE B 55 11.07 9.97 -0.04
C ILE B 55 12.42 9.29 0.19
N PHE B 56 13.28 9.32 -0.79
CA PHE B 56 14.62 8.69 -0.65
C PHE B 56 15.71 9.76 -0.81
N ALA B 57 16.95 9.40 -0.59
CA ALA B 57 18.04 10.39 -0.75
C ALA B 57 18.52 10.43 -2.20
N SER B 58 17.98 9.58 -3.02
CA SER B 58 18.41 9.56 -4.46
C SER B 58 17.57 10.55 -5.27
N GLY B 59 16.41 10.90 -4.79
CA GLY B 59 15.55 11.86 -5.54
C GLY B 59 14.17 11.26 -5.75
N LYS B 60 14.09 9.98 -6.03
CA LYS B 60 12.76 9.35 -6.25
C LYS B 60 11.83 9.67 -5.08
N MET B 61 10.54 9.67 -5.31
CA MET B 61 9.59 9.98 -4.22
C MET B 61 8.35 9.08 -4.31
N VAL B 62 7.76 8.75 -3.19
CA VAL B 62 6.55 7.89 -3.21
C VAL B 62 5.43 8.55 -2.39
N VAL B 63 4.21 8.44 -2.84
CA VAL B 63 3.08 9.07 -2.09
C VAL B 63 1.93 8.07 -1.91
N THR B 64 1.68 7.66 -0.70
CA THR B 64 0.57 6.69 -0.44
C THR B 64 -0.62 7.44 0.19
N GLY B 65 -1.77 6.83 0.21
CA GLY B 65 -2.96 7.50 0.81
C GLY B 65 -3.93 7.92 -0.30
N ALA B 66 -3.44 8.19 -1.47
CA ALA B 66 -4.34 8.60 -2.58
C ALA B 66 -5.50 7.61 -2.72
N LYS B 67 -6.66 8.09 -3.07
CA LYS B 67 -7.83 7.17 -3.23
C LYS B 67 -8.24 7.11 -4.70
N SER B 68 -7.92 8.11 -5.47
CA SER B 68 -8.30 8.11 -6.91
C SER B 68 -7.14 8.62 -7.76
N GLU B 69 -7.43 9.17 -8.91
CA GLU B 69 -6.34 9.67 -9.79
C GLU B 69 -6.08 11.15 -9.52
N ASP B 70 -7.12 11.92 -9.29
CA ASP B 70 -6.93 13.37 -9.02
C ASP B 70 -6.20 13.58 -7.70
N ASP B 71 -6.55 12.82 -6.69
CA ASP B 71 -5.86 12.98 -5.37
C ASP B 71 -4.38 12.59 -5.50
N SER B 72 -4.11 11.47 -6.11
CA SER B 72 -2.70 11.03 -6.27
C SER B 72 -1.85 12.15 -6.88
N LYS B 73 -2.33 12.77 -7.93
CA LYS B 73 -1.56 13.86 -8.57
C LYS B 73 -1.49 15.07 -7.63
N LEU B 74 -2.55 15.34 -6.91
CA LEU B 74 -2.54 16.50 -5.98
C LEU B 74 -1.63 16.22 -4.79
N ALA B 75 -1.79 15.10 -4.15
CA ALA B 75 -0.92 14.76 -2.99
C ALA B 75 0.55 14.87 -3.38
N SER B 76 0.94 14.26 -4.46
CA SER B 76 2.37 14.33 -4.89
C SER B 76 2.74 15.79 -5.20
N ARG B 77 2.00 16.43 -6.06
CA ARG B 77 2.32 17.85 -6.40
C ARG B 77 2.58 18.64 -5.12
N LYS B 78 1.82 18.40 -4.08
CA LYS B 78 2.04 19.13 -2.81
C LYS B 78 3.44 18.87 -2.27
N TYR B 79 3.79 17.61 -2.12
CA TYR B 79 5.15 17.28 -1.60
C TYR B 79 6.22 17.96 -2.44
N ALA B 80 6.18 17.77 -3.73
CA ALA B 80 7.21 18.41 -4.62
C ALA B 80 7.32 19.90 -4.30
N ARG B 81 6.24 20.51 -3.89
CA ARG B 81 6.28 21.97 -3.56
C ARG B 81 7.16 22.21 -2.32
N ILE B 82 7.12 21.30 -1.39
CA ILE B 82 7.94 21.47 -0.15
C ILE B 82 9.43 21.46 -0.49
N ILE B 83 9.87 20.49 -1.26
CA ILE B 83 11.31 20.42 -1.61
C ILE B 83 11.73 21.66 -2.39
N GLN B 84 10.98 22.01 -3.41
CA GLN B 84 11.35 23.22 -4.22
C GLN B 84 11.15 24.49 -3.38
N LYS B 85 10.26 24.45 -2.43
CA LYS B 85 10.02 25.65 -1.58
C LYS B 85 11.15 25.74 -0.56
N ILE B 86 11.80 24.64 -0.31
CA ILE B 86 12.91 24.64 0.67
C ILE B 86 14.21 25.02 -0.05
N GLY B 87 14.25 24.89 -1.34
CA GLY B 87 15.48 25.25 -2.10
C GLY B 87 15.95 24.07 -2.95
N PHE B 88 15.69 22.86 -2.52
CA PHE B 88 16.15 21.67 -3.30
C PHE B 88 15.78 21.83 -4.79
N ALA B 89 16.46 21.11 -5.64
CA ALA B 89 16.17 21.19 -7.09
C ALA B 89 15.25 20.04 -7.51
N ALA B 90 14.27 19.75 -6.72
CA ALA B 90 13.33 18.63 -7.06
C ALA B 90 12.44 19.03 -8.24
N LYS B 91 11.96 18.05 -8.97
CA LYS B 91 11.07 18.35 -10.13
C LYS B 91 10.00 17.27 -10.26
N PHE B 92 8.75 17.64 -10.18
CA PHE B 92 7.67 16.62 -10.30
C PHE B 92 7.73 15.92 -11.65
N THR B 93 8.07 14.67 -11.67
CA THR B 93 8.14 13.92 -12.97
C THR B 93 8.02 12.42 -12.72
N ASP B 94 7.73 11.67 -13.75
CA ASP B 94 7.60 10.19 -13.58
C ASP B 94 6.44 9.85 -12.65
N PHE B 95 5.59 10.80 -12.36
CA PHE B 95 4.44 10.51 -11.46
C PHE B 95 3.55 9.42 -12.07
N LYS B 96 3.28 8.38 -11.34
CA LYS B 96 2.42 7.28 -11.89
C LYS B 96 1.85 6.43 -10.76
N ILE B 97 0.58 6.14 -10.80
CA ILE B 97 -0.03 5.30 -9.73
C ILE B 97 0.27 3.82 -10.00
N GLN B 98 0.82 3.12 -9.03
CA GLN B 98 1.14 1.69 -9.25
C GLN B 98 0.56 0.82 -8.12
N ASN B 99 0.37 1.39 -6.96
CA ASN B 99 -0.18 0.58 -5.83
C ASN B 99 -1.58 1.06 -5.44
N ILE B 100 -2.60 0.42 -5.95
CA ILE B 100 -3.99 0.84 -5.60
C ILE B 100 -4.62 -0.20 -4.66
N VAL B 101 -4.85 0.16 -3.42
CA VAL B 101 -5.44 -0.81 -2.47
C VAL B 101 -6.96 -0.65 -2.40
N GLY B 102 -7.69 -1.57 -2.95
CA GLY B 102 -9.18 -1.48 -2.91
C GLY B 102 -9.72 -2.59 -2.00
N SER B 103 -10.97 -2.52 -1.64
CA SER B 103 -11.53 -3.58 -0.76
C SER B 103 -13.06 -3.46 -0.68
N CYS B 104 -13.72 -4.53 -0.29
CA CYS B 104 -15.21 -4.48 -0.19
C CYS B 104 -15.72 -5.75 0.52
N ASP B 105 -16.97 -5.77 0.87
CA ASP B 105 -17.52 -6.98 1.56
C ASP B 105 -18.33 -7.83 0.58
N VAL B 106 -18.55 -9.07 0.90
CA VAL B 106 -19.34 -9.95 -0.02
C VAL B 106 -20.69 -10.31 0.62
N LYS B 107 -20.74 -11.31 1.46
CA LYS B 107 -22.03 -11.68 2.10
C LYS B 107 -21.82 -12.77 3.15
N PHE B 108 -20.96 -13.71 2.89
CA PHE B 108 -20.71 -14.80 3.87
C PHE B 108 -19.21 -15.08 3.96
N PRO B 109 -18.83 -15.81 4.98
CA PRO B 109 -17.40 -16.14 5.18
C PRO B 109 -16.94 -17.15 4.13
N ILE B 110 -15.68 -17.08 3.77
CA ILE B 110 -15.16 -18.03 2.74
C ILE B 110 -14.16 -19.01 3.37
N ARG B 111 -13.92 -20.12 2.72
CA ARG B 111 -12.95 -21.10 3.28
C ARG B 111 -11.55 -20.87 2.70
N LEU B 112 -10.76 -20.07 3.35
CA LEU B 112 -9.39 -19.80 2.83
C LEU B 112 -8.69 -21.12 2.46
N GLU B 113 -9.08 -22.19 3.09
CA GLU B 113 -8.44 -23.51 2.77
C GLU B 113 -8.84 -23.96 1.36
N GLY B 114 -10.10 -24.10 1.10
CA GLY B 114 -10.55 -24.54 -0.26
C GLY B 114 -9.89 -23.65 -1.32
N LEU B 115 -9.65 -22.41 -1.01
CA LEU B 115 -9.00 -21.51 -2.00
C LEU B 115 -7.53 -21.87 -2.17
N ALA B 116 -6.84 -22.12 -1.09
CA ALA B 116 -5.40 -22.48 -1.19
C ALA B 116 -5.23 -23.84 -1.87
N PHE B 117 -6.29 -24.58 -1.99
CA PHE B 117 -6.19 -25.92 -2.64
C PHE B 117 -6.49 -25.79 -4.14
N SER B 118 -7.43 -24.96 -4.50
CA SER B 118 -7.76 -24.81 -5.95
C SER B 118 -6.81 -23.81 -6.61
N HIS B 119 -6.63 -22.66 -6.03
CA HIS B 119 -5.71 -21.65 -6.62
C HIS B 119 -4.40 -21.59 -5.82
N GLY B 120 -4.12 -22.61 -5.05
CA GLY B 120 -2.87 -22.59 -4.25
C GLY B 120 -1.66 -22.34 -5.16
N THR B 121 -1.79 -22.69 -6.42
CA THR B 121 -0.66 -22.47 -7.37
C THR B 121 -0.29 -20.98 -7.41
N PHE B 122 -1.22 -20.12 -7.10
CA PHE B 122 -0.92 -18.66 -7.12
C PHE B 122 -1.46 -17.98 -5.86
N SER B 123 -1.84 -18.75 -4.87
CA SER B 123 -2.36 -18.16 -3.62
C SER B 123 -1.50 -18.58 -2.42
N SER B 124 -1.56 -17.85 -1.34
CA SER B 124 -0.75 -18.21 -0.15
C SER B 124 -1.61 -18.11 1.12
N TYR B 125 -1.65 -19.16 1.90
CA TYR B 125 -2.47 -19.12 3.15
C TYR B 125 -1.69 -19.74 4.31
N GLU B 126 -1.45 -18.98 5.35
CA GLU B 126 -0.70 -19.52 6.51
C GLU B 126 -1.43 -19.17 7.81
N PRO B 127 -2.07 -20.17 8.37
CA PRO B 127 -2.84 -19.96 9.63
C PRO B 127 -1.88 -19.78 10.81
N GLU B 128 -0.60 -19.87 10.56
CA GLU B 128 0.39 -19.70 11.67
C GLU B 128 0.96 -18.28 11.62
N LEU B 129 0.46 -17.45 10.75
CA LEU B 129 0.99 -16.07 10.65
C LEU B 129 -0.05 -15.14 10.01
N PHE B 130 -0.73 -15.60 8.99
CA PHE B 130 -1.76 -14.75 8.33
C PHE B 130 -3.10 -15.50 8.27
N PRO B 131 -4.06 -14.97 8.98
CA PRO B 131 -5.41 -15.59 9.02
C PRO B 131 -6.14 -15.38 7.69
N GLY B 132 -5.69 -14.44 6.90
CA GLY B 132 -6.35 -14.18 5.59
C GLY B 132 -5.62 -14.97 4.50
N LEU B 133 -6.08 -14.85 3.28
CA LEU B 133 -5.41 -15.59 2.17
C LEU B 133 -4.90 -14.62 1.11
N ILE B 134 -3.64 -14.70 0.76
CA ILE B 134 -3.09 -13.78 -0.26
C ILE B 134 -3.22 -14.40 -1.66
N TYR B 135 -4.11 -13.89 -2.45
CA TYR B 135 -4.28 -14.46 -3.83
C TYR B 135 -3.50 -13.63 -4.85
N ARG B 136 -2.53 -14.22 -5.48
CA ARG B 136 -1.73 -13.47 -6.49
C ARG B 136 -2.28 -13.71 -7.90
N MET B 137 -3.23 -12.92 -8.31
CA MET B 137 -3.82 -13.10 -9.67
C MET B 137 -2.73 -12.94 -10.74
N VAL B 138 -2.81 -13.70 -11.79
CA VAL B 138 -1.78 -13.60 -12.87
C VAL B 138 -2.18 -12.54 -13.89
N LYS B 139 -3.44 -12.47 -14.24
CA LYS B 139 -3.88 -11.45 -15.24
C LYS B 139 -5.25 -10.87 -14.83
N PRO B 140 -5.25 -9.64 -14.38
CA PRO B 140 -4.00 -8.84 -14.25
C PRO B 140 -3.19 -9.30 -13.03
N LYS B 141 -1.95 -8.89 -12.94
CA LYS B 141 -1.12 -9.30 -11.78
C LYS B 141 -1.51 -8.48 -10.54
N ILE B 142 -2.37 -9.01 -9.72
CA ILE B 142 -2.80 -8.26 -8.50
C ILE B 142 -2.79 -9.16 -7.27
N VAL B 143 -2.75 -8.58 -6.10
CA VAL B 143 -2.75 -9.41 -4.86
C VAL B 143 -4.05 -9.22 -4.09
N LEU B 144 -4.92 -10.20 -4.11
CA LEU B 144 -6.21 -10.07 -3.40
C LEU B 144 -6.14 -10.80 -2.05
N LEU B 145 -6.62 -10.17 -1.00
CA LEU B 145 -6.58 -10.83 0.34
C LEU B 145 -7.99 -11.18 0.79
N ILE B 146 -8.28 -12.44 0.95
CA ILE B 146 -9.65 -12.84 1.38
C ILE B 146 -9.65 -13.17 2.88
N PHE B 147 -10.65 -12.71 3.59
CA PHE B 147 -10.72 -12.99 5.05
C PHE B 147 -12.00 -13.76 5.38
N VAL B 148 -11.87 -14.83 6.13
CA VAL B 148 -13.08 -15.63 6.48
C VAL B 148 -14.23 -14.70 6.86
N SER B 149 -13.92 -13.52 7.35
CA SER B 149 -15.01 -12.58 7.74
C SER B 149 -15.82 -12.15 6.51
N GLY B 150 -15.21 -12.18 5.35
CA GLY B 150 -15.95 -11.78 4.12
C GLY B 150 -15.39 -10.46 3.59
N LYS B 151 -14.29 -10.01 4.14
CA LYS B 151 -13.69 -8.73 3.66
C LYS B 151 -12.55 -9.02 2.69
N ILE B 152 -12.64 -8.51 1.49
CA ILE B 152 -11.55 -8.75 0.49
C ILE B 152 -10.76 -7.47 0.23
N VAL B 153 -9.49 -7.60 -0.03
CA VAL B 153 -8.66 -6.39 -0.30
C VAL B 153 -7.89 -6.56 -1.61
N LEU B 154 -7.67 -5.49 -2.34
CA LEU B 154 -6.93 -5.59 -3.62
C LEU B 154 -5.86 -4.50 -3.71
N THR B 155 -4.61 -4.86 -3.62
CA THR B 155 -3.52 -3.84 -3.70
C THR B 155 -2.47 -4.28 -4.72
N GLY B 156 -1.80 -3.34 -5.32
CA GLY B 156 -0.75 -3.69 -6.33
C GLY B 156 -1.25 -3.30 -7.72
N ALA B 157 -2.51 -2.99 -7.84
CA ALA B 157 -3.06 -2.60 -9.17
C ALA B 157 -2.50 -1.25 -9.62
N LYS B 158 -2.27 -1.08 -10.89
CA LYS B 158 -1.72 0.21 -11.39
C LYS B 158 -2.86 1.16 -11.74
N GLN B 159 -4.04 0.65 -11.90
CA GLN B 159 -5.21 1.53 -12.25
C GLN B 159 -6.49 0.97 -11.65
N ARG B 160 -7.55 1.74 -11.67
CA ARG B 160 -8.83 1.25 -11.09
C ARG B 160 -9.42 0.15 -11.97
N GLU B 161 -8.92 0.00 -13.17
CA GLU B 161 -9.44 -1.05 -14.08
C GLU B 161 -9.06 -2.44 -13.55
N GLU B 162 -7.85 -2.59 -13.08
CA GLU B 162 -7.42 -3.92 -12.55
C GLU B 162 -8.24 -4.28 -11.31
N ILE B 163 -8.33 -3.40 -10.36
CA ILE B 163 -9.12 -3.70 -9.13
C ILE B 163 -10.55 -4.07 -9.50
N TYR B 164 -11.11 -3.44 -10.50
CA TYR B 164 -12.51 -3.77 -10.90
C TYR B 164 -12.57 -5.20 -11.43
N GLN B 165 -11.62 -5.60 -12.23
CA GLN B 165 -11.63 -6.99 -12.78
C GLN B 165 -11.20 -7.98 -11.70
N ALA B 166 -10.17 -7.68 -10.97
CA ALA B 166 -9.70 -8.61 -9.91
C ALA B 166 -10.90 -9.12 -9.11
N PHE B 167 -11.84 -8.26 -8.80
CA PHE B 167 -13.03 -8.71 -8.02
C PHE B 167 -14.01 -9.42 -8.96
N GLU B 168 -14.34 -8.82 -10.06
CA GLU B 168 -15.29 -9.47 -11.01
C GLU B 168 -14.74 -10.84 -11.45
N ALA B 169 -13.46 -11.04 -11.28
CA ALA B 169 -12.86 -12.34 -11.69
C ALA B 169 -12.72 -13.27 -10.48
N ILE B 170 -12.49 -12.72 -9.33
CA ILE B 170 -12.36 -13.57 -8.10
C ILE B 170 -13.71 -13.70 -7.40
N TYR B 171 -14.63 -12.82 -7.71
CA TYR B 171 -15.97 -12.89 -7.07
C TYR B 171 -16.56 -14.31 -7.18
N PRO B 172 -16.47 -14.90 -8.35
CA PRO B 172 -17.01 -16.28 -8.53
C PRO B 172 -16.15 -17.31 -7.81
N VAL B 173 -14.86 -17.06 -7.73
CA VAL B 173 -13.98 -18.03 -7.02
C VAL B 173 -14.33 -18.10 -5.54
N LEU B 174 -14.82 -17.01 -4.99
CA LEU B 174 -15.20 -17.00 -3.55
C LEU B 174 -16.46 -17.85 -3.34
N SER B 175 -17.52 -17.52 -4.04
CA SER B 175 -18.78 -18.32 -3.88
C SER B 175 -18.50 -19.80 -4.09
N GLU B 176 -17.47 -20.12 -4.84
CA GLU B 176 -17.14 -21.55 -5.09
C GLU B 176 -16.65 -22.21 -3.79
N PHE B 177 -15.72 -21.58 -3.12
CA PHE B 177 -15.20 -22.16 -1.85
C PHE B 177 -15.73 -21.37 -0.66
N ARG B 178 -16.96 -20.93 -0.74
CA ARG B 178 -17.54 -20.15 0.39
C ARG B 178 -17.59 -21.01 1.65
N LYS B 179 -18.36 -20.59 2.63
CA LYS B 179 -18.46 -21.39 3.89
C LYS B 179 -19.92 -21.68 4.22
N MET B 180 -20.62 -20.74 4.80
CA MET B 180 -22.04 -20.97 5.14
C MET B 180 -22.94 -19.97 4.42
N GLU A 1 27.73 -5.88 -7.36
CA GLU A 1 26.65 -6.43 -6.49
C GLU A 1 26.09 -7.72 -7.10
N GLY A 2 26.42 -8.85 -6.54
CA GLY A 2 25.92 -10.13 -7.09
C GLY A 2 24.40 -10.20 -6.92
N SER A 3 23.88 -9.68 -5.84
CA SER A 3 22.40 -9.72 -5.63
C SER A 3 22.01 -8.82 -4.46
N ILE A 4 20.81 -8.30 -4.48
CA ILE A 4 20.36 -7.41 -3.37
C ILE A 4 18.87 -7.09 -3.51
N GLY A 5 18.23 -6.67 -2.45
CA GLY A 5 16.78 -6.35 -2.54
C GLY A 5 16.15 -6.42 -1.16
N ASN A 6 16.24 -5.36 -0.40
CA ASN A 6 15.64 -5.36 0.97
C ASN A 6 14.41 -4.45 1.00
N GLY A 7 14.60 -3.17 0.87
CA GLY A 7 13.44 -2.23 0.90
C GLY A 7 12.98 -2.00 2.33
N LEU A 8 12.64 -0.78 2.67
CA LEU A 8 12.18 -0.49 4.06
C LEU A 8 10.85 -1.23 4.32
N ASP A 9 10.37 -1.19 5.53
CA ASP A 9 9.08 -1.88 5.83
C ASP A 9 7.95 -1.30 4.99
N LEU A 10 7.90 -1.62 3.73
CA LEU A 10 6.82 -1.08 2.85
C LEU A 10 5.63 -2.03 2.83
N THR A 11 5.74 -3.19 3.41
CA THR A 11 4.59 -4.14 3.41
C THR A 11 3.29 -3.40 3.70
N GLY A 12 3.36 -2.35 4.47
CA GLY A 12 2.13 -1.59 4.80
C GLY A 12 2.02 -0.36 3.89
N ILE A 13 3.13 0.21 3.49
CA ILE A 13 3.06 1.41 2.61
C ILE A 13 2.17 1.09 1.40
N LEU A 14 2.29 -0.07 0.83
CA LEU A 14 1.40 -0.40 -0.32
C LEU A 14 0.07 -0.93 0.23
N PHE A 15 0.08 -1.36 1.46
CA PHE A 15 -1.16 -1.88 2.09
C PHE A 15 -1.76 -0.78 2.96
N GLY A 16 -1.32 0.44 2.79
CA GLY A 16 -1.83 1.57 3.61
C GLY A 16 -0.66 2.49 3.93
N ASN A 17 -0.45 3.50 3.13
CA ASN A 17 0.68 4.44 3.33
C ASN A 17 1.08 4.56 4.81
N ILE A 18 2.05 3.79 5.20
CA ILE A 18 2.54 3.86 6.62
C ILE A 18 3.72 4.82 6.64
N ASP A 19 4.16 5.21 7.78
CA ASP A 19 5.35 6.07 7.83
C ASP A 19 6.55 5.13 7.81
N SER A 20 7.44 5.29 6.87
CA SER A 20 8.60 4.35 6.78
C SER A 20 9.07 3.97 8.19
N GLU A 21 8.88 4.84 9.14
CA GLU A 21 9.27 4.50 10.54
C GLU A 21 8.69 3.14 10.92
N GLY A 22 7.66 2.70 10.24
CA GLY A 22 7.06 1.37 10.57
C GLY A 22 5.64 1.55 11.12
N ARG A 23 4.96 2.61 10.78
CA ARG A 23 3.58 2.80 11.30
C ARG A 23 2.57 3.01 10.15
N LEU A 24 1.45 2.36 10.20
CA LEU A 24 0.44 2.51 9.10
C LEU A 24 -0.72 3.40 9.53
N LEU A 25 -1.37 4.04 8.60
CA LEU A 25 -2.51 4.92 8.98
C LEU A 25 -3.76 4.54 8.19
N GLN A 26 -4.84 5.23 8.40
CA GLN A 26 -6.10 4.89 7.66
C GLN A 26 -6.90 6.15 7.35
N ASP A 27 -6.30 7.30 7.50
CA ASP A 27 -7.03 8.57 7.21
C ASP A 27 -8.39 8.57 7.92
N ASP A 28 -8.40 8.29 9.20
CA ASP A 28 -9.69 8.28 9.95
C ASP A 28 -10.62 7.20 9.37
N ASP A 29 -11.82 7.09 9.90
CA ASP A 29 -12.76 6.07 9.37
C ASP A 29 -14.02 6.74 8.83
N GLY A 30 -15.04 5.98 8.53
CA GLY A 30 -16.29 6.58 7.99
C GLY A 30 -17.45 6.26 8.92
N GLU A 31 -18.25 7.24 9.24
CA GLU A 31 -19.42 6.99 10.14
C GLU A 31 -20.73 7.23 9.40
N GLY A 32 -21.83 7.26 10.11
CA GLY A 32 -23.14 7.50 9.44
C GLY A 32 -23.63 6.19 8.81
N ARG A 33 -23.26 5.92 7.60
CA ARG A 33 -23.70 4.67 6.94
C ARG A 33 -23.08 3.45 7.63
N GLY A 34 -22.00 3.64 8.33
CA GLY A 34 -21.35 2.50 9.04
C GLY A 34 -20.27 1.88 8.13
N GLY A 35 -19.49 0.99 8.65
CA GLY A 35 -18.42 0.35 7.83
C GLY A 35 -17.26 -0.09 8.73
N THR A 36 -16.17 0.63 8.70
CA THR A 36 -15.01 0.25 9.55
C THR A 36 -14.51 -1.15 9.18
N GLY A 37 -13.88 -1.29 8.05
CA GLY A 37 -13.38 -2.63 7.63
C GLY A 37 -12.34 -3.12 8.64
N PHE A 38 -11.53 -4.07 8.27
CA PHE A 38 -10.49 -4.59 9.21
C PHE A 38 -9.77 -3.42 9.89
N ASP A 39 -9.73 -3.41 11.19
CA ASP A 39 -9.03 -2.30 11.90
C ASP A 39 -7.64 -2.76 12.34
N ALA A 40 -7.55 -3.42 13.47
CA ALA A 40 -6.22 -3.89 13.96
C ALA A 40 -6.05 -5.38 13.64
N GLU A 41 -6.59 -5.83 12.54
CA GLU A 41 -6.45 -7.27 12.18
C GLU A 41 -5.35 -7.42 11.12
N LEU A 42 -5.09 -6.38 10.39
CA LEU A 42 -4.03 -6.45 9.34
C LEU A 42 -2.73 -5.83 9.84
N ARG A 43 -2.82 -4.70 10.48
CA ARG A 43 -1.60 -4.02 10.99
C ARG A 43 -0.66 -5.06 11.63
N GLU A 44 -1.21 -5.94 12.41
CA GLU A 44 -0.36 -6.99 13.06
C GLU A 44 0.14 -7.97 12.00
N ASN A 45 -0.59 -8.13 10.93
CA ASN A 45 -0.15 -9.06 9.86
C ASN A 45 0.88 -8.37 8.97
N ILE A 46 0.71 -7.10 8.73
CA ILE A 46 1.69 -6.38 7.86
C ILE A 46 3.10 -6.56 8.43
N GLY A 47 3.25 -6.43 9.72
CA GLY A 47 4.60 -6.59 10.33
C GLY A 47 5.13 -7.99 10.00
N SER A 48 4.27 -8.88 9.58
CA SER A 48 4.71 -10.25 9.23
C SER A 48 4.18 -10.65 7.86
N LEU A 49 3.77 -9.70 7.06
CA LEU A 49 3.24 -10.02 5.71
C LEU A 49 4.40 -10.26 4.73
N SER A 50 5.61 -10.05 5.17
CA SER A 50 6.78 -10.28 4.26
C SER A 50 7.26 -11.72 4.39
N LYS A 51 6.35 -12.64 4.53
CA LYS A 51 6.74 -14.08 4.67
C LYS A 51 6.11 -14.91 3.55
N LEU A 52 5.48 -14.27 2.61
CA LEU A 52 4.84 -15.02 1.50
C LEU A 52 5.46 -14.61 0.16
N GLY A 53 4.98 -13.56 -0.45
CA GLY A 53 5.54 -13.14 -1.76
C GLY A 53 5.10 -11.72 -2.10
N LEU A 54 4.85 -10.90 -1.11
CA LEU A 54 4.42 -9.50 -1.38
C LEU A 54 5.63 -8.57 -1.21
N ASP A 55 6.56 -8.95 -0.38
CA ASP A 55 7.77 -8.10 -0.16
C ASP A 55 8.31 -7.63 -1.51
N SER A 56 8.27 -8.47 -2.51
CA SER A 56 8.78 -8.05 -3.85
C SER A 56 8.10 -6.76 -4.29
N MET A 57 6.88 -6.56 -3.88
CA MET A 57 6.17 -5.31 -4.27
C MET A 57 6.65 -4.14 -3.40
N LEU A 58 7.14 -4.43 -2.23
CA LEU A 58 7.64 -3.34 -1.35
C LEU A 58 8.80 -2.63 -2.03
N LEU A 59 9.84 -3.35 -2.34
CA LEU A 59 11.01 -2.73 -3.00
C LEU A 59 10.56 -1.97 -4.25
N GLU A 60 9.40 -2.27 -4.75
CA GLU A 60 8.89 -1.54 -5.96
C GLU A 60 8.43 -0.14 -5.60
N VAL A 61 8.47 0.19 -4.34
CA VAL A 61 8.05 1.56 -3.94
C VAL A 61 9.08 2.17 -2.99
N ILE A 62 10.13 1.45 -2.73
CA ILE A 62 11.20 1.97 -1.84
C ILE A 62 12.57 1.45 -2.29
N ASP A 63 13.03 1.88 -3.43
CA ASP A 63 14.36 1.41 -3.91
C ASP A 63 15.44 2.17 -3.13
N LEU A 64 15.41 2.05 -1.83
CA LEU A 64 16.40 2.77 -0.99
C LEU A 64 17.45 1.81 -0.45
N LYS A 65 18.25 1.27 -1.32
CA LYS A 65 19.33 0.32 -0.87
C LYS A 65 20.51 0.37 -1.85
N GLU A 66 21.09 1.52 -2.03
CA GLU A 66 22.25 1.61 -2.97
C GLU A 66 22.74 3.07 -3.05
N ALA A 67 22.40 3.79 -4.08
CA ALA A 67 22.84 5.20 -4.19
C ALA A 67 24.38 5.26 -4.24
N SER B 1 -26.86 -7.73 -7.48
CA SER B 1 -25.45 -7.98 -7.06
C SER B 1 -24.50 -7.05 -7.81
N GLY B 2 -23.27 -6.96 -7.37
CA GLY B 2 -22.29 -6.07 -8.06
C GLY B 2 -21.82 -4.98 -7.09
N ILE B 3 -21.10 -5.34 -6.07
CA ILE B 3 -20.63 -4.32 -5.10
C ILE B 3 -19.37 -3.62 -5.64
N VAL B 4 -18.63 -4.29 -6.47
CA VAL B 4 -17.39 -3.68 -7.05
C VAL B 4 -16.43 -3.27 -5.93
N PRO B 5 -15.17 -3.54 -6.15
CA PRO B 5 -14.12 -3.21 -5.15
C PRO B 5 -13.87 -1.70 -5.13
N THR B 6 -13.99 -1.09 -3.99
CA THR B 6 -13.76 0.38 -3.90
C THR B 6 -12.29 0.65 -3.59
N LEU B 7 -11.80 1.82 -3.93
CA LEU B 7 -10.36 2.14 -3.65
C LEU B 7 -10.24 2.84 -2.30
N GLN B 8 -9.24 2.48 -1.54
CA GLN B 8 -9.06 3.13 -0.20
C GLN B 8 -7.63 3.66 -0.06
N ASN B 9 -6.76 3.32 -0.96
CA ASN B 9 -5.36 3.82 -0.87
C ASN B 9 -4.60 3.53 -2.18
N ILE B 10 -3.94 4.52 -2.71
CA ILE B 10 -3.17 4.30 -3.98
C ILE B 10 -1.74 4.83 -3.81
N VAL B 11 -0.86 4.47 -4.70
CA VAL B 11 0.55 4.95 -4.57
C VAL B 11 1.11 5.32 -5.95
N ALA B 12 1.94 6.33 -6.00
CA ALA B 12 2.53 6.74 -7.32
C ALA B 12 4.00 7.13 -7.13
N THR B 13 4.75 7.17 -8.20
CA THR B 13 6.19 7.54 -8.08
C THR B 13 6.44 8.90 -8.71
N VAL B 14 7.28 9.70 -8.11
CA VAL B 14 7.56 11.05 -8.69
C VAL B 14 9.07 11.29 -8.74
N THR B 15 9.53 12.00 -9.73
CA THR B 15 10.98 12.28 -9.84
C THR B 15 11.26 13.79 -9.76
N LEU B 16 12.15 14.19 -8.92
CA LEU B 16 12.46 15.65 -8.80
C LEU B 16 13.58 16.03 -9.77
N GLY B 17 14.57 15.20 -9.90
CA GLY B 17 15.69 15.52 -10.84
C GLY B 17 16.84 16.16 -10.07
N CYS B 18 16.91 15.95 -8.78
CA CYS B 18 18.02 16.56 -7.98
C CYS B 18 18.15 15.85 -6.64
N ARG B 19 19.35 15.75 -6.13
CA ARG B 19 19.55 15.07 -4.81
C ARG B 19 19.14 16.01 -3.68
N LEU B 20 18.65 15.46 -2.60
CA LEU B 20 18.23 16.33 -1.46
C LEU B 20 18.85 15.83 -0.15
N ASP B 21 19.11 16.71 0.76
CA ASP B 21 19.71 16.28 2.06
C ASP B 21 18.60 15.95 3.06
N LEU B 22 18.23 14.71 3.15
CA LEU B 22 17.16 14.32 4.11
C LEU B 22 17.29 15.09 5.42
N LYS B 23 18.43 15.00 6.05
CA LYS B 23 18.63 15.73 7.34
C LYS B 23 18.13 17.17 7.20
N THR B 24 18.39 17.79 6.08
CA THR B 24 17.93 19.20 5.88
C THR B 24 16.43 19.22 5.60
N VAL B 25 15.95 18.31 4.80
CA VAL B 25 14.49 18.28 4.48
C VAL B 25 13.68 17.85 5.71
N ALA B 26 13.98 16.70 6.25
CA ALA B 26 13.22 16.22 7.44
C ALA B 26 13.25 17.26 8.57
N LEU B 27 14.30 18.04 8.64
CA LEU B 27 14.39 19.06 9.71
C LEU B 27 13.41 20.22 9.45
N HIS B 28 13.45 20.77 8.26
CA HIS B 28 12.53 21.90 7.95
C HIS B 28 11.10 21.39 7.77
N ALA B 29 10.93 20.29 7.11
CA ALA B 29 9.56 19.74 6.90
C ALA B 29 8.74 19.84 8.19
N ARG B 30 7.62 20.52 8.13
CA ARG B 30 6.77 20.64 9.36
C ARG B 30 6.07 19.32 9.66
N ASN B 31 5.86 18.52 8.66
CA ASN B 31 5.18 17.21 8.89
C ASN B 31 5.99 16.09 8.24
N ALA B 32 7.05 15.67 8.87
CA ALA B 32 7.89 14.58 8.30
C ALA B 32 8.91 14.10 9.33
N GLU B 33 9.60 13.02 9.05
CA GLU B 33 10.60 12.50 10.02
C GLU B 33 11.59 11.57 9.32
N TYR B 34 12.85 11.70 9.62
CA TYR B 34 13.86 10.82 8.96
C TYR B 34 14.40 9.80 9.97
N ASN B 35 14.18 8.54 9.75
CA ASN B 35 14.67 7.51 10.70
C ASN B 35 15.78 6.67 10.05
N PRO B 36 16.99 6.91 10.48
CA PRO B 36 18.15 6.16 9.93
C PRO B 36 18.14 4.72 10.45
N LYS B 37 17.49 4.49 11.56
CA LYS B 37 17.45 3.12 12.13
C LYS B 37 16.59 2.21 11.24
N ARG B 38 15.67 2.79 10.51
CA ARG B 38 14.81 1.97 9.61
C ARG B 38 15.30 2.05 8.17
N PHE B 39 15.16 3.19 7.55
CA PHE B 39 15.63 3.33 6.14
C PHE B 39 16.15 4.75 5.91
N ALA B 40 16.84 4.96 4.82
CA ALA B 40 17.37 6.32 4.53
C ALA B 40 16.33 7.13 3.75
N ALA B 41 15.10 7.09 4.16
CA ALA B 41 14.04 7.86 3.44
C ALA B 41 13.34 8.83 4.39
N VAL B 42 12.91 9.96 3.90
CA VAL B 42 12.21 10.93 4.77
C VAL B 42 10.71 10.64 4.71
N ILE B 43 10.09 10.38 5.83
CA ILE B 43 8.64 10.07 5.83
C ILE B 43 7.83 11.35 5.98
N MET B 44 7.14 11.76 4.95
CA MET B 44 6.33 13.01 5.03
C MET B 44 4.85 12.66 5.16
N ARG B 45 4.04 13.61 5.57
CA ARG B 45 2.59 13.32 5.71
C ARG B 45 1.78 14.63 5.79
N ILE B 46 0.77 14.76 4.97
CA ILE B 46 -0.05 16.00 5.00
C ILE B 46 -1.47 15.67 5.50
N ARG B 47 -2.26 16.68 5.76
CA ARG B 47 -3.64 16.41 6.26
C ARG B 47 -4.68 16.86 5.23
N GLU B 48 -4.28 17.03 4.00
CA GLU B 48 -5.26 17.48 2.97
C GLU B 48 -4.58 17.56 1.60
N PRO B 49 -4.68 16.50 0.82
CA PRO B 49 -5.38 15.27 1.27
C PRO B 49 -4.52 14.47 2.23
N LYS B 50 -5.09 13.92 3.26
CA LYS B 50 -4.29 13.12 4.24
C LYS B 50 -3.56 11.99 3.50
N THR B 51 -2.26 11.97 3.54
CA THR B 51 -1.50 10.90 2.85
C THR B 51 -0.05 10.84 3.35
N THR B 52 0.73 9.92 2.85
CA THR B 52 2.15 9.82 3.30
C THR B 52 3.05 9.71 2.06
N ALA B 53 4.34 9.76 2.24
CA ALA B 53 5.25 9.65 1.07
C ALA B 53 6.69 9.40 1.53
N LEU B 54 7.38 8.50 0.87
CA LEU B 54 8.79 8.22 1.26
C LEU B 54 9.74 9.00 0.36
N ILE B 55 10.28 10.08 0.85
CA ILE B 55 11.20 10.88 -0.01
C ILE B 55 12.64 10.40 0.15
N PHE B 56 13.29 10.09 -0.94
CA PHE B 56 14.69 9.61 -0.87
C PHE B 56 15.66 10.75 -1.22
N ALA B 57 16.89 10.66 -0.79
CA ALA B 57 17.86 11.74 -1.11
C ALA B 57 18.29 11.65 -2.58
N SER B 58 18.15 10.49 -3.18
CA SER B 58 18.53 10.34 -4.61
C SER B 58 17.75 11.32 -5.47
N GLY B 59 16.65 11.83 -4.96
CA GLY B 59 15.83 12.79 -5.76
C GLY B 59 14.48 12.18 -6.06
N LYS B 60 14.36 10.88 -5.93
CA LYS B 60 13.05 10.22 -6.21
C LYS B 60 12.27 10.01 -4.91
N MET B 61 10.97 10.08 -4.96
CA MET B 61 10.17 9.87 -3.72
C MET B 61 8.94 9.01 -4.02
N VAL B 62 8.24 8.57 -3.01
CA VAL B 62 7.04 7.73 -3.25
C VAL B 62 5.83 8.31 -2.50
N VAL B 63 4.67 8.25 -3.09
CA VAL B 63 3.46 8.79 -2.42
C VAL B 63 2.43 7.68 -2.21
N THR B 64 1.65 7.77 -1.17
CA THR B 64 0.64 6.71 -0.90
C THR B 64 -0.42 7.24 0.07
N GLY B 65 -1.56 6.62 0.11
CA GLY B 65 -2.64 7.08 1.02
C GLY B 65 -3.71 7.83 0.23
N ALA B 66 -3.53 7.97 -1.06
CA ALA B 66 -4.55 8.68 -1.88
C ALA B 66 -5.77 7.78 -2.11
N LYS B 67 -6.75 8.25 -2.82
CA LYS B 67 -7.96 7.40 -3.06
C LYS B 67 -8.39 7.47 -4.52
N SER B 68 -7.68 8.19 -5.34
CA SER B 68 -8.05 8.29 -6.78
C SER B 68 -6.89 8.86 -7.59
N GLU B 69 -7.17 9.36 -8.77
CA GLU B 69 -6.08 9.94 -9.61
C GLU B 69 -5.87 11.41 -9.27
N ASP B 70 -6.92 12.11 -8.93
CA ASP B 70 -6.78 13.55 -8.58
C ASP B 70 -6.16 13.69 -7.19
N ASP B 71 -6.50 12.81 -6.29
CA ASP B 71 -5.94 12.89 -4.91
C ASP B 71 -4.42 12.73 -4.95
N SER B 72 -3.94 11.68 -5.56
CA SER B 72 -2.46 11.47 -5.63
C SER B 72 -1.79 12.69 -6.25
N LYS B 73 -2.37 13.24 -7.29
CA LYS B 73 -1.76 14.43 -7.94
C LYS B 73 -1.72 15.60 -6.94
N LEU B 74 -2.71 15.71 -6.10
CA LEU B 74 -2.74 16.81 -5.11
C LEU B 74 -1.67 16.57 -4.03
N ALA B 75 -1.74 15.45 -3.37
CA ALA B 75 -0.74 15.15 -2.30
C ALA B 75 0.68 15.16 -2.89
N SER B 76 0.82 14.79 -4.14
CA SER B 76 2.18 14.79 -4.76
C SER B 76 2.70 16.22 -4.86
N ARG B 77 2.04 17.06 -5.61
CA ARG B 77 2.51 18.46 -5.74
C ARG B 77 2.70 19.07 -4.35
N LYS B 78 1.92 18.64 -3.40
CA LYS B 78 2.06 19.17 -2.02
C LYS B 78 3.45 18.83 -1.47
N TYR B 79 3.86 17.58 -1.60
CA TYR B 79 5.20 17.18 -1.11
C TYR B 79 6.29 17.94 -1.87
N ALA B 80 6.26 17.87 -3.18
CA ALA B 80 7.27 18.60 -3.98
C ALA B 80 7.28 20.07 -3.58
N ARG B 81 6.20 20.56 -3.03
CA ARG B 81 6.14 21.98 -2.60
C ARG B 81 7.01 22.19 -1.36
N ILE B 82 6.87 21.33 -0.38
CA ILE B 82 7.69 21.49 0.85
C ILE B 82 9.17 21.63 0.47
N ILE B 83 9.63 20.85 -0.47
CA ILE B 83 11.06 20.95 -0.88
C ILE B 83 11.27 22.22 -1.71
N GLN B 84 10.58 22.35 -2.81
CA GLN B 84 10.75 23.57 -3.65
C GLN B 84 10.49 24.82 -2.79
N LYS B 85 9.59 24.72 -1.86
CA LYS B 85 9.31 25.89 -0.99
C LYS B 85 10.47 26.05 -0.02
N ILE B 86 11.09 24.96 0.33
CA ILE B 86 12.25 25.02 1.25
C ILE B 86 13.45 25.62 0.50
N GLY B 87 13.37 25.66 -0.81
CA GLY B 87 14.49 26.24 -1.61
C GLY B 87 15.17 25.14 -2.43
N PHE B 88 15.02 23.90 -2.05
CA PHE B 88 15.68 22.81 -2.81
C PHE B 88 15.38 22.95 -4.31
N ALA B 89 16.03 22.17 -5.12
CA ALA B 89 15.79 22.25 -6.59
C ALA B 89 14.99 21.04 -7.06
N ALA B 90 13.98 20.67 -6.33
CA ALA B 90 13.16 19.50 -6.73
C ALA B 90 12.07 19.91 -7.72
N LYS B 91 11.65 19.00 -8.57
CA LYS B 91 10.58 19.35 -9.56
C LYS B 91 9.37 18.43 -9.37
N PHE B 92 8.56 18.29 -10.38
CA PHE B 92 7.37 17.40 -10.26
C PHE B 92 7.08 16.71 -11.59
N THR B 93 7.71 15.59 -11.85
CA THR B 93 7.48 14.87 -13.14
C THR B 93 7.58 13.36 -12.92
N ASP B 94 7.34 12.59 -13.96
CA ASP B 94 7.42 11.10 -13.82
C ASP B 94 6.28 10.57 -12.95
N PHE B 95 5.35 11.42 -12.58
CA PHE B 95 4.22 10.95 -11.73
C PHE B 95 3.56 9.72 -12.36
N LYS B 96 3.42 8.66 -11.61
CA LYS B 96 2.79 7.43 -12.18
C LYS B 96 2.23 6.54 -11.06
N ILE B 97 0.97 6.19 -11.15
CA ILE B 97 0.37 5.33 -10.11
C ILE B 97 0.71 3.85 -10.40
N GLN B 98 1.42 3.21 -9.52
CA GLN B 98 1.78 1.78 -9.76
C GLN B 98 1.20 0.88 -8.67
N ASN B 99 0.45 1.45 -7.76
CA ASN B 99 -0.14 0.61 -6.67
C ASN B 99 -1.49 1.18 -6.23
N ILE B 100 -2.53 0.39 -6.32
CA ILE B 100 -3.88 0.87 -5.92
C ILE B 100 -4.54 -0.16 -4.99
N VAL B 101 -4.96 0.25 -3.82
CA VAL B 101 -5.60 -0.72 -2.89
C VAL B 101 -7.11 -0.51 -2.86
N GLY B 102 -7.86 -1.59 -2.81
CA GLY B 102 -9.34 -1.47 -2.77
C GLY B 102 -9.91 -2.50 -1.80
N SER B 103 -11.20 -2.54 -1.64
CA SER B 103 -11.81 -3.53 -0.70
C SER B 103 -13.34 -3.56 -0.86
N CYS B 104 -13.95 -4.65 -0.51
CA CYS B 104 -15.43 -4.73 -0.65
C CYS B 104 -15.96 -6.00 0.04
N ASP B 105 -17.23 -6.06 0.30
CA ASP B 105 -17.81 -7.27 0.95
C ASP B 105 -18.60 -8.09 -0.06
N VAL B 106 -18.40 -9.38 -0.08
CA VAL B 106 -19.14 -10.23 -1.06
C VAL B 106 -20.53 -10.59 -0.53
N LYS B 107 -20.92 -10.00 0.58
CA LYS B 107 -22.27 -10.31 1.16
C LYS B 107 -22.31 -11.72 1.74
N PHE B 108 -21.18 -12.35 1.87
CA PHE B 108 -21.18 -13.74 2.44
C PHE B 108 -19.74 -14.18 2.76
N PRO B 109 -19.62 -14.95 3.81
CA PRO B 109 -18.30 -15.45 4.24
C PRO B 109 -17.79 -16.53 3.29
N ILE B 110 -16.50 -16.71 3.21
CA ILE B 110 -15.93 -17.74 2.30
C ILE B 110 -15.03 -18.70 3.08
N ARG B 111 -14.92 -19.93 2.65
CA ARG B 111 -14.06 -20.89 3.36
C ARG B 111 -12.62 -20.83 2.83
N LEU B 112 -11.75 -20.12 3.51
CA LEU B 112 -10.35 -20.02 3.03
C LEU B 112 -9.77 -21.42 2.84
N GLU B 113 -10.02 -22.30 3.75
CA GLU B 113 -9.48 -23.69 3.63
C GLU B 113 -9.90 -24.30 2.29
N GLY B 114 -11.15 -24.14 1.92
CA GLY B 114 -11.61 -24.70 0.62
C GLY B 114 -10.92 -23.97 -0.52
N LEU B 115 -10.73 -22.68 -0.38
CA LEU B 115 -10.06 -21.91 -1.46
C LEU B 115 -8.60 -22.34 -1.57
N ALA B 116 -7.95 -22.59 -0.46
CA ALA B 116 -6.53 -23.01 -0.49
C ALA B 116 -6.43 -24.47 -0.97
N PHE B 117 -7.54 -25.16 -1.03
CA PHE B 117 -7.52 -26.57 -1.49
C PHE B 117 -7.82 -26.64 -2.99
N SER B 118 -8.58 -25.71 -3.49
CA SER B 118 -8.93 -25.72 -4.94
C SER B 118 -8.00 -24.77 -5.70
N HIS B 119 -7.55 -23.72 -5.05
CA HIS B 119 -6.64 -22.76 -5.73
C HIS B 119 -5.42 -22.49 -4.85
N GLY B 120 -5.00 -23.46 -4.07
CA GLY B 120 -3.82 -23.25 -3.19
C GLY B 120 -2.56 -23.07 -4.05
N THR B 121 -2.65 -23.34 -5.32
CA THR B 121 -1.46 -23.19 -6.20
C THR B 121 -1.03 -21.71 -6.26
N PHE B 122 -1.98 -20.81 -6.26
CA PHE B 122 -1.63 -19.36 -6.32
C PHE B 122 -2.05 -18.66 -5.02
N SER B 123 -2.87 -19.31 -4.24
CA SER B 123 -3.32 -18.68 -2.97
C SER B 123 -2.60 -19.30 -1.77
N SER B 124 -2.38 -18.54 -0.73
CA SER B 124 -1.68 -19.09 0.46
C SER B 124 -2.49 -18.79 1.73
N TYR B 125 -2.67 -19.76 2.58
CA TYR B 125 -3.44 -19.53 3.83
C TYR B 125 -2.71 -20.11 5.03
N GLU B 126 -2.44 -19.30 6.03
CA GLU B 126 -1.72 -19.81 7.23
C GLU B 126 -2.57 -19.56 8.49
N PRO B 127 -3.16 -20.62 8.97
CA PRO B 127 -4.00 -20.52 10.20
C PRO B 127 -3.12 -20.30 11.43
N GLU B 128 -1.83 -20.29 11.26
CA GLU B 128 -0.92 -20.08 12.42
C GLU B 128 -0.43 -18.63 12.47
N LEU B 129 -0.87 -17.82 11.54
CA LEU B 129 -0.41 -16.40 11.53
C LEU B 129 -1.36 -15.54 10.69
N PHE B 130 -1.69 -15.98 9.52
CA PHE B 130 -2.61 -15.18 8.64
C PHE B 130 -4.02 -15.75 8.70
N PRO B 131 -4.90 -15.00 9.30
CA PRO B 131 -6.32 -15.42 9.42
C PRO B 131 -7.02 -15.31 8.07
N GLY B 132 -6.54 -14.45 7.21
CA GLY B 132 -7.17 -14.28 5.87
C GLY B 132 -6.39 -15.11 4.84
N LEU B 133 -6.79 -15.09 3.60
CA LEU B 133 -6.07 -15.88 2.57
C LEU B 133 -5.45 -14.94 1.53
N ILE B 134 -4.18 -15.06 1.28
CA ILE B 134 -3.52 -14.18 0.27
C ILE B 134 -3.59 -14.81 -1.12
N TYR B 135 -4.35 -14.23 -2.00
CA TYR B 135 -4.47 -14.80 -3.37
C TYR B 135 -3.76 -13.90 -4.38
N ARG B 136 -2.69 -14.37 -4.97
CA ARG B 136 -1.95 -13.53 -5.96
C ARG B 136 -2.37 -13.89 -7.38
N MET B 137 -3.35 -13.22 -7.92
CA MET B 137 -3.80 -13.54 -9.30
C MET B 137 -2.65 -13.32 -10.29
N VAL B 138 -2.40 -14.27 -11.15
CA VAL B 138 -1.29 -14.10 -12.14
C VAL B 138 -1.66 -13.05 -13.18
N LYS B 139 -2.88 -13.07 -13.66
CA LYS B 139 -3.30 -12.07 -14.68
C LYS B 139 -4.72 -11.58 -14.39
N PRO B 140 -4.85 -10.32 -14.02
CA PRO B 140 -3.66 -9.42 -13.88
C PRO B 140 -2.86 -9.78 -12.63
N LYS B 141 -1.69 -9.23 -12.48
CA LYS B 141 -0.86 -9.54 -11.28
C LYS B 141 -1.36 -8.74 -10.07
N ILE B 142 -2.41 -9.19 -9.44
CA ILE B 142 -2.94 -8.45 -8.26
C ILE B 142 -2.96 -9.35 -7.02
N VAL B 143 -2.83 -8.77 -5.86
CA VAL B 143 -2.84 -9.59 -4.61
C VAL B 143 -4.21 -9.47 -3.93
N LEU B 144 -5.02 -10.50 -4.03
CA LEU B 144 -6.37 -10.44 -3.39
C LEU B 144 -6.34 -11.13 -2.04
N LEU B 145 -7.03 -10.61 -1.06
CA LEU B 145 -7.05 -11.24 0.27
C LEU B 145 -8.48 -11.60 0.66
N ILE B 146 -8.70 -12.80 1.12
CA ILE B 146 -10.08 -13.21 1.50
C ILE B 146 -10.17 -13.49 3.00
N PHE B 147 -11.24 -13.07 3.62
CA PHE B 147 -11.39 -13.32 5.09
C PHE B 147 -12.66 -14.13 5.35
N VAL B 148 -12.64 -14.99 6.33
CA VAL B 148 -13.84 -15.82 6.63
C VAL B 148 -15.08 -14.92 6.74
N SER B 149 -14.92 -13.73 7.23
CA SER B 149 -16.09 -12.81 7.36
C SER B 149 -16.66 -12.48 5.97
N GLY B 150 -15.81 -12.37 4.99
CA GLY B 150 -16.30 -12.05 3.62
C GLY B 150 -15.68 -10.73 3.16
N LYS B 151 -14.50 -10.43 3.61
CA LYS B 151 -13.85 -9.15 3.21
C LYS B 151 -12.81 -9.41 2.10
N ILE B 152 -12.87 -8.68 1.04
CA ILE B 152 -11.90 -8.88 -0.07
C ILE B 152 -11.02 -7.65 -0.24
N VAL B 153 -9.73 -7.84 -0.33
CA VAL B 153 -8.81 -6.67 -0.48
C VAL B 153 -7.95 -6.83 -1.74
N LEU B 154 -7.73 -5.77 -2.46
CA LEU B 154 -6.89 -5.85 -3.69
C LEU B 154 -5.82 -4.76 -3.69
N THR B 155 -4.58 -5.12 -3.56
CA THR B 155 -3.50 -4.10 -3.54
C THR B 155 -2.32 -4.54 -4.43
N GLY B 156 -1.60 -3.60 -4.98
CA GLY B 156 -0.44 -3.96 -5.85
C GLY B 156 -0.81 -3.78 -7.32
N ALA B 157 -1.96 -3.21 -7.58
CA ALA B 157 -2.37 -3.01 -9.00
C ALA B 157 -1.72 -1.73 -9.55
N LYS B 158 -1.63 -1.62 -10.85
CA LYS B 158 -1.02 -0.39 -11.45
C LYS B 158 -2.11 0.58 -11.91
N GLN B 159 -3.31 0.11 -12.05
CA GLN B 159 -4.42 1.00 -12.50
C GLN B 159 -5.74 0.56 -11.86
N ARG B 160 -6.86 0.99 -12.40
CA ARG B 160 -8.16 0.59 -11.83
C ARG B 160 -8.73 -0.62 -12.59
N GLU B 161 -8.27 -0.83 -13.80
CA GLU B 161 -8.77 -1.98 -14.59
C GLU B 161 -8.32 -3.30 -13.95
N GLU B 162 -7.26 -3.27 -13.20
CA GLU B 162 -6.77 -4.53 -12.55
C GLU B 162 -7.61 -4.82 -11.30
N ILE B 163 -7.71 -3.87 -10.42
CA ILE B 163 -8.52 -4.09 -9.18
C ILE B 163 -9.91 -4.58 -9.55
N TYR B 164 -10.49 -4.05 -10.59
CA TYR B 164 -11.85 -4.49 -11.00
C TYR B 164 -11.78 -5.89 -11.64
N GLN B 165 -10.80 -6.11 -12.49
CA GLN B 165 -10.68 -7.44 -13.14
C GLN B 165 -10.31 -8.51 -12.11
N ALA B 166 -9.49 -8.16 -11.15
CA ALA B 166 -9.10 -9.16 -10.11
C ALA B 166 -10.32 -9.56 -9.28
N PHE B 167 -11.19 -8.64 -8.99
CA PHE B 167 -12.40 -8.98 -8.18
C PHE B 167 -13.35 -9.85 -9.01
N GLU B 168 -13.64 -9.45 -10.21
CA GLU B 168 -14.57 -10.26 -11.06
C GLU B 168 -13.97 -11.64 -11.32
N ALA B 169 -12.68 -11.77 -11.25
CA ALA B 169 -12.04 -13.09 -11.49
C ALA B 169 -12.19 -13.98 -10.24
N ILE B 170 -12.20 -13.38 -9.08
CA ILE B 170 -12.34 -14.17 -7.83
C ILE B 170 -13.80 -14.17 -7.38
N TYR B 171 -14.60 -13.28 -7.89
CA TYR B 171 -16.02 -13.23 -7.50
C TYR B 171 -16.65 -14.64 -7.53
N PRO B 172 -16.40 -15.36 -8.60
CA PRO B 172 -16.96 -16.73 -8.72
C PRO B 172 -16.23 -17.69 -7.77
N VAL B 173 -14.93 -17.71 -7.81
CA VAL B 173 -14.18 -18.62 -6.89
C VAL B 173 -14.79 -18.56 -5.49
N LEU B 174 -15.19 -17.40 -5.05
CA LEU B 174 -15.79 -17.27 -3.70
C LEU B 174 -17.19 -17.89 -3.70
N SER B 175 -17.97 -17.64 -4.71
CA SER B 175 -19.34 -18.23 -4.77
C SER B 175 -19.26 -19.76 -4.83
N GLU B 176 -18.16 -20.28 -5.30
CA GLU B 176 -18.01 -21.75 -5.39
C GLU B 176 -17.61 -22.31 -4.02
N PHE B 177 -16.94 -21.53 -3.23
CA PHE B 177 -16.52 -22.02 -1.88
C PHE B 177 -17.10 -21.13 -0.78
N ARG B 178 -18.31 -20.69 -0.95
CA ARG B 178 -18.94 -19.81 0.09
C ARG B 178 -19.43 -20.66 1.27
N LYS B 179 -19.76 -20.03 2.36
CA LYS B 179 -20.24 -20.79 3.55
C LYS B 179 -21.75 -20.65 3.70
N MET B 180 -22.27 -19.48 3.41
CA MET B 180 -23.75 -19.28 3.53
C MET B 180 -24.17 -18.01 2.80
N GLU A 1 19.90 -16.86 12.86
CA GLU A 1 18.66 -16.04 12.92
C GLU A 1 17.89 -16.15 11.60
N GLY A 2 16.64 -15.78 11.61
CA GLY A 2 15.83 -15.86 10.35
C GLY A 2 15.10 -14.54 10.14
N SER A 3 15.67 -13.44 10.57
CA SER A 3 15.00 -12.12 10.39
C SER A 3 15.97 -11.10 9.83
N ILE A 4 15.92 -10.85 8.55
CA ILE A 4 16.86 -9.86 7.94
C ILE A 4 16.10 -8.59 7.55
N GLY A 5 14.89 -8.73 7.09
CA GLY A 5 14.09 -7.53 6.69
C GLY A 5 14.56 -7.05 5.31
N ASN A 6 13.84 -7.39 4.28
CA ASN A 6 14.24 -6.95 2.91
C ASN A 6 14.58 -5.45 2.92
N GLY A 7 13.58 -4.61 2.99
CA GLY A 7 13.85 -3.14 3.00
C GLY A 7 13.04 -2.49 4.13
N LEU A 8 12.58 -1.29 3.92
CA LEU A 8 11.80 -0.59 4.96
C LEU A 8 10.43 -1.28 5.12
N ASP A 9 9.76 -1.05 6.23
CA ASP A 9 8.43 -1.71 6.44
C ASP A 9 7.41 -1.16 5.43
N LEU A 10 7.66 -1.39 4.18
CA LEU A 10 6.75 -0.88 3.12
C LEU A 10 5.58 -1.85 2.89
N THR A 11 5.70 -3.07 3.35
CA THR A 11 4.59 -4.04 3.14
C THR A 11 3.24 -3.39 3.45
N GLY A 12 3.24 -2.38 4.29
CA GLY A 12 1.96 -1.71 4.63
C GLY A 12 1.83 -0.42 3.81
N ILE A 13 2.91 0.24 3.55
CA ILE A 13 2.84 1.51 2.76
C ILE A 13 2.00 1.29 1.50
N LEU A 14 2.14 0.16 0.86
CA LEU A 14 1.31 -0.10 -0.34
C LEU A 14 -0.05 -0.64 0.12
N PHE A 15 -0.11 -1.12 1.33
CA PHE A 15 -1.39 -1.66 1.87
C PHE A 15 -2.06 -0.59 2.74
N GLY A 16 -1.50 0.60 2.76
CA GLY A 16 -2.10 1.69 3.60
C GLY A 16 -0.99 2.65 4.02
N ASN A 17 -0.74 3.66 3.23
CA ASN A 17 0.33 4.68 3.53
C ASN A 17 0.73 4.70 5.01
N ILE A 18 1.58 3.80 5.38
CA ILE A 18 2.07 3.76 6.78
C ILE A 18 3.31 4.65 6.85
N ASP A 19 3.74 5.02 8.00
CA ASP A 19 4.97 5.83 8.08
C ASP A 19 6.13 4.86 8.11
N SER A 20 7.14 5.09 7.32
CA SER A 20 8.28 4.13 7.30
C SER A 20 8.64 3.71 8.73
N GLU A 21 8.28 4.50 9.71
CA GLU A 21 8.58 4.12 11.12
C GLU A 21 7.84 2.83 11.50
N GLY A 22 6.98 2.33 10.64
CA GLY A 22 6.24 1.08 10.96
C GLY A 22 4.84 1.40 11.48
N ARG A 23 4.24 2.45 11.00
CA ARG A 23 2.87 2.82 11.48
C ARG A 23 1.91 2.98 10.29
N LEU A 24 0.78 2.34 10.31
CA LEU A 24 -0.19 2.48 9.19
C LEU A 24 -1.29 3.49 9.54
N LEU A 25 -1.83 4.15 8.56
CA LEU A 25 -2.90 5.15 8.87
C LEU A 25 -4.05 5.01 7.89
N GLN A 26 -5.05 5.84 8.01
CA GLN A 26 -6.21 5.75 7.09
C GLN A 26 -6.45 7.08 6.40
N ASP A 27 -6.89 8.07 7.14
CA ASP A 27 -7.14 9.41 6.51
C ASP A 27 -7.74 10.37 7.55
N ASP A 28 -8.91 10.06 8.05
CA ASP A 28 -9.55 10.95 9.06
C ASP A 28 -10.83 10.31 9.60
N ASP A 29 -10.74 9.14 10.15
CA ASP A 29 -11.95 8.46 10.69
C ASP A 29 -11.92 8.46 12.22
N GLY A 30 -12.59 9.38 12.85
CA GLY A 30 -12.59 9.43 14.33
C GLY A 30 -13.95 8.96 14.85
N GLU A 31 -14.12 7.68 15.03
CA GLU A 31 -15.43 7.15 15.53
C GLU A 31 -16.58 7.72 14.69
N GLY A 32 -16.66 7.36 13.45
CA GLY A 32 -17.76 7.88 12.58
C GLY A 32 -18.28 6.75 11.69
N ARG A 33 -19.45 6.24 11.99
CA ARG A 33 -20.01 5.14 11.16
C ARG A 33 -19.00 3.98 11.06
N GLY A 34 -18.12 4.04 10.09
CA GLY A 34 -17.12 2.94 9.94
C GLY A 34 -16.29 2.84 11.22
N GLY A 35 -15.17 2.19 11.16
CA GLY A 35 -14.32 2.05 12.38
C GLY A 35 -13.05 1.26 12.04
N THR A 36 -13.00 0.02 12.43
CA THR A 36 -11.78 -0.79 12.12
C THR A 36 -12.19 -2.24 11.82
N GLY A 37 -12.24 -2.60 10.57
CA GLY A 37 -12.62 -4.00 10.20
C GLY A 37 -11.37 -4.88 10.25
N PHE A 38 -10.66 -4.98 9.17
CA PHE A 38 -9.43 -5.84 9.15
C PHE A 38 -8.24 -5.06 9.71
N ASP A 39 -8.45 -3.82 10.08
CA ASP A 39 -7.33 -3.01 10.64
C ASP A 39 -6.47 -3.85 11.60
N ALA A 40 -7.06 -4.31 12.67
CA ALA A 40 -6.28 -5.12 13.65
C ALA A 40 -5.94 -6.50 13.07
N GLU A 41 -6.46 -6.82 11.91
CA GLU A 41 -6.17 -8.15 11.31
C GLU A 41 -5.08 -8.02 10.24
N LEU A 42 -4.91 -6.84 9.71
CA LEU A 42 -3.87 -6.63 8.66
C LEU A 42 -2.63 -5.98 9.27
N ARG A 43 -2.81 -4.90 9.98
CA ARG A 43 -1.64 -4.22 10.58
C ARG A 43 -0.74 -5.23 11.29
N GLU A 44 -1.31 -6.03 12.14
CA GLU A 44 -0.50 -7.05 12.86
C GLU A 44 -0.01 -8.11 11.87
N ASN A 45 -0.60 -8.16 10.70
CA ASN A 45 -0.16 -9.16 9.69
C ASN A 45 0.89 -8.53 8.78
N ILE A 46 0.77 -7.26 8.51
CA ILE A 46 1.77 -6.59 7.64
C ILE A 46 3.17 -6.80 8.24
N GLY A 47 3.28 -6.67 9.53
CA GLY A 47 4.62 -6.87 10.18
C GLY A 47 5.17 -8.22 9.76
N SER A 48 4.34 -9.12 9.33
CA SER A 48 4.83 -10.46 8.90
C SER A 48 4.26 -10.82 7.52
N LEU A 49 3.98 -9.84 6.71
CA LEU A 49 3.42 -10.13 5.36
C LEU A 49 4.56 -10.23 4.33
N SER A 50 5.78 -10.27 4.78
CA SER A 50 6.93 -10.38 3.85
C SER A 50 7.32 -11.84 3.68
N LYS A 51 6.38 -12.73 3.71
CA LYS A 51 6.69 -14.17 3.55
C LYS A 51 5.70 -14.82 2.58
N LEU A 52 5.13 -14.07 1.70
CA LEU A 52 4.15 -14.63 0.73
C LEU A 52 4.30 -13.98 -0.64
N GLY A 53 4.18 -12.68 -0.71
CA GLY A 53 4.32 -11.99 -2.04
C GLY A 53 4.53 -10.50 -1.83
N LEU A 54 3.92 -9.93 -0.83
CA LEU A 54 4.09 -8.47 -0.58
C LEU A 54 5.55 -8.07 -0.75
N ASP A 55 6.46 -8.98 -0.50
CA ASP A 55 7.90 -8.65 -0.65
C ASP A 55 8.15 -8.05 -2.03
N SER A 56 7.42 -8.48 -3.02
CA SER A 56 7.60 -7.92 -4.39
C SER A 56 7.12 -6.47 -4.41
N MET A 57 5.89 -6.26 -4.06
CA MET A 57 5.36 -4.86 -4.04
C MET A 57 6.07 -4.06 -2.94
N LEU A 58 6.84 -4.75 -2.12
CA LEU A 58 7.58 -4.05 -1.04
C LEU A 58 8.66 -3.15 -1.65
N LEU A 59 9.60 -3.76 -2.32
CA LEU A 59 10.68 -2.98 -2.97
C LEU A 59 10.12 -2.18 -4.15
N GLU A 60 8.87 -2.38 -4.48
CA GLU A 60 8.27 -1.65 -5.62
C GLU A 60 7.84 -0.24 -5.21
N VAL A 61 8.11 0.16 -4.00
CA VAL A 61 7.70 1.53 -3.59
C VAL A 61 8.75 2.14 -2.67
N ILE A 62 9.84 1.46 -2.46
CA ILE A 62 10.92 1.99 -1.58
C ILE A 62 12.27 1.47 -2.07
N ASP A 63 12.73 1.96 -3.19
CA ASP A 63 14.04 1.50 -3.70
C ASP A 63 15.13 2.19 -2.88
N LEU A 64 15.08 2.00 -1.58
CA LEU A 64 16.07 2.65 -0.70
C LEU A 64 17.07 1.64 -0.16
N LYS A 65 17.89 1.11 -1.02
CA LYS A 65 18.90 0.10 -0.58
C LYS A 65 20.10 0.13 -1.54
N GLU A 66 20.37 1.26 -2.12
CA GLU A 66 21.52 1.35 -3.07
C GLU A 66 21.71 2.80 -3.53
N ALA A 67 22.24 3.64 -2.68
CA ALA A 67 22.46 5.07 -3.06
C ALA A 67 23.95 5.38 -3.11
N SER B 1 -26.41 -9.76 -7.24
CA SER B 1 -25.37 -9.15 -6.35
C SER B 1 -24.54 -8.13 -7.13
N GLY B 2 -23.26 -8.08 -6.90
CA GLY B 2 -22.40 -7.10 -7.63
C GLY B 2 -22.15 -5.88 -6.74
N ILE B 3 -21.27 -6.01 -5.78
CA ILE B 3 -20.98 -4.86 -4.88
C ILE B 3 -19.82 -4.04 -5.43
N VAL B 4 -18.99 -4.62 -6.26
CA VAL B 4 -17.84 -3.87 -6.85
C VAL B 4 -16.92 -3.36 -5.73
N PRO B 5 -15.64 -3.49 -5.96
CA PRO B 5 -14.64 -3.05 -4.96
C PRO B 5 -14.52 -1.52 -4.98
N THR B 6 -14.20 -0.93 -3.85
CA THR B 6 -14.05 0.55 -3.80
C THR B 6 -12.60 0.92 -3.53
N LEU B 7 -12.12 1.98 -4.12
CA LEU B 7 -10.70 2.39 -3.89
C LEU B 7 -10.59 3.15 -2.57
N GLN B 8 -9.84 2.63 -1.63
CA GLN B 8 -9.68 3.33 -0.32
C GLN B 8 -8.27 3.91 -0.20
N ASN B 9 -7.39 3.56 -1.10
CA ASN B 9 -5.99 4.10 -1.03
C ASN B 9 -5.27 3.85 -2.35
N ILE B 10 -4.21 4.58 -2.61
CA ILE B 10 -3.45 4.37 -3.87
C ILE B 10 -2.02 4.91 -3.70
N VAL B 11 -1.14 4.57 -4.60
CA VAL B 11 0.27 5.06 -4.49
C VAL B 11 0.77 5.57 -5.84
N ALA B 12 1.38 6.72 -5.86
CA ALA B 12 1.91 7.27 -7.14
C ALA B 12 3.41 7.50 -7.04
N THR B 13 4.16 7.14 -8.05
CA THR B 13 5.63 7.33 -8.01
C THR B 13 6.01 8.63 -8.74
N VAL B 14 6.85 9.43 -8.15
CA VAL B 14 7.26 10.70 -8.80
C VAL B 14 8.78 10.87 -8.72
N THR B 15 9.33 11.83 -9.43
CA THR B 15 10.80 12.04 -9.38
C THR B 15 11.13 13.53 -9.47
N LEU B 16 12.01 13.99 -8.62
CA LEU B 16 12.37 15.44 -8.63
C LEU B 16 13.53 15.69 -9.61
N GLY B 17 14.19 14.65 -10.03
CA GLY B 17 15.33 14.82 -10.97
C GLY B 17 16.56 15.31 -10.23
N CYS B 18 16.44 15.51 -8.94
CA CYS B 18 17.61 15.99 -8.14
C CYS B 18 17.69 15.26 -6.81
N ARG B 19 18.86 14.85 -6.41
CA ARG B 19 18.99 14.12 -5.11
C ARG B 19 18.56 15.02 -3.95
N LEU B 20 18.21 14.44 -2.84
CA LEU B 20 17.77 15.26 -1.67
C LEU B 20 18.52 14.84 -0.41
N ASP B 21 18.73 15.74 0.50
CA ASP B 21 19.44 15.39 1.76
C ASP B 21 18.42 15.15 2.88
N LEU B 22 18.02 13.92 3.08
CA LEU B 22 17.02 13.62 4.14
C LEU B 22 17.29 14.46 5.40
N LYS B 23 18.52 14.54 5.83
CA LYS B 23 18.83 15.35 7.04
C LYS B 23 18.34 16.78 6.86
N THR B 24 18.57 17.35 5.70
CA THR B 24 18.11 18.77 5.47
C THR B 24 16.64 18.78 5.05
N VAL B 25 16.22 17.80 4.30
CA VAL B 25 14.80 17.77 3.86
C VAL B 25 13.87 17.57 5.06
N ALA B 26 14.06 16.51 5.80
CA ALA B 26 13.19 16.25 6.98
C ALA B 26 13.32 17.38 8.00
N LEU B 27 14.50 17.91 8.15
CA LEU B 27 14.70 19.03 9.14
C LEU B 27 13.82 20.23 8.76
N HIS B 28 13.85 20.63 7.53
CA HIS B 28 13.03 21.81 7.11
C HIS B 28 11.57 21.40 6.92
N ALA B 29 11.34 20.28 6.30
CA ALA B 29 9.92 19.83 6.09
C ALA B 29 9.11 20.05 7.37
N ARG B 30 8.02 20.76 7.28
CA ARG B 30 7.18 21.00 8.49
C ARG B 30 6.47 19.72 8.91
N ASN B 31 6.38 18.75 8.03
CA ASN B 31 5.71 17.47 8.38
C ASN B 31 6.51 16.29 7.85
N ALA B 32 7.56 15.91 8.54
CA ALA B 32 8.38 14.76 8.07
C ALA B 32 9.32 14.29 9.19
N GLU B 33 9.68 13.03 9.17
CA GLU B 33 10.59 12.52 10.24
C GLU B 33 11.66 11.62 9.62
N TYR B 34 12.71 11.33 10.35
CA TYR B 34 13.78 10.46 9.79
C TYR B 34 14.27 9.47 10.85
N ASN B 35 14.16 8.19 10.59
CA ASN B 35 14.61 7.18 11.58
C ASN B 35 15.58 6.20 10.91
N PRO B 36 16.82 6.26 11.31
CA PRO B 36 17.85 5.35 10.75
C PRO B 36 17.62 3.92 11.25
N LYS B 37 16.88 3.76 12.30
CA LYS B 37 16.61 2.38 12.82
C LYS B 37 15.67 1.64 11.88
N ARG B 38 14.98 2.35 11.03
CA ARG B 38 14.04 1.70 10.08
C ARG B 38 14.64 1.68 8.68
N PHE B 39 14.74 2.82 8.06
CA PHE B 39 15.31 2.89 6.69
C PHE B 39 15.94 4.27 6.45
N ALA B 40 16.47 4.49 5.28
CA ALA B 40 17.10 5.81 4.99
C ALA B 40 16.12 6.69 4.20
N ALA B 41 14.92 6.81 4.67
CA ALA B 41 13.92 7.65 3.94
C ALA B 41 13.22 8.61 4.88
N VAL B 42 12.81 9.76 4.38
CA VAL B 42 12.10 10.73 5.24
C VAL B 42 10.59 10.48 5.11
N ILE B 43 9.92 10.25 6.20
CA ILE B 43 8.46 9.98 6.11
C ILE B 43 7.68 11.30 6.19
N MET B 44 7.13 11.72 5.08
CA MET B 44 6.35 13.00 5.08
C MET B 44 4.86 12.70 5.32
N ARG B 45 4.11 13.69 5.71
CA ARG B 45 2.66 13.45 5.96
C ARG B 45 1.89 14.77 6.02
N ILE B 46 0.89 14.92 5.19
CA ILE B 46 0.09 16.17 5.21
C ILE B 46 -1.38 15.85 5.46
N ARG B 47 -2.14 16.78 5.97
CA ARG B 47 -3.58 16.50 6.24
C ARG B 47 -4.46 17.16 5.17
N GLU B 48 -3.96 17.29 3.97
CA GLU B 48 -4.78 17.92 2.90
C GLU B 48 -4.01 17.91 1.58
N PRO B 49 -4.16 16.85 0.82
CA PRO B 49 -5.01 15.71 1.25
C PRO B 49 -4.29 14.87 2.31
N LYS B 50 -5.01 14.10 3.08
CA LYS B 50 -4.37 13.27 4.12
C LYS B 50 -3.63 12.09 3.48
N THR B 51 -2.33 12.05 3.60
CA THR B 51 -1.56 10.93 2.98
C THR B 51 -0.13 10.91 3.53
N THR B 52 0.63 9.92 3.15
CA THR B 52 2.04 9.84 3.65
C THR B 52 2.97 9.51 2.46
N ALA B 53 4.23 9.82 2.57
CA ALA B 53 5.15 9.52 1.43
C ALA B 53 6.55 9.18 1.93
N LEU B 54 7.32 8.50 1.12
CA LEU B 54 8.71 8.13 1.53
C LEU B 54 9.72 8.84 0.63
N ILE B 55 10.40 9.83 1.13
CA ILE B 55 11.38 10.56 0.28
C ILE B 55 12.77 9.91 0.38
N PHE B 56 13.40 9.67 -0.75
CA PHE B 56 14.75 9.05 -0.72
C PHE B 56 15.81 10.10 -1.09
N ALA B 57 16.99 9.96 -0.56
CA ALA B 57 18.06 10.95 -0.89
C ALA B 57 18.35 10.95 -2.39
N SER B 58 17.99 9.90 -3.07
CA SER B 58 18.25 9.84 -4.54
C SER B 58 17.48 10.95 -5.26
N GLY B 59 16.31 11.29 -4.77
CA GLY B 59 15.52 12.36 -5.44
C GLY B 59 14.12 11.84 -5.75
N LYS B 60 13.93 10.55 -5.69
CA LYS B 60 12.58 9.98 -5.98
C LYS B 60 11.64 10.22 -4.80
N MET B 61 10.37 9.93 -4.98
CA MET B 61 9.40 10.13 -3.87
C MET B 61 8.18 9.22 -4.06
N VAL B 62 7.74 8.58 -3.00
CA VAL B 62 6.56 7.67 -3.12
C VAL B 62 5.40 8.21 -2.29
N VAL B 63 4.30 8.52 -2.92
CA VAL B 63 3.13 9.03 -2.16
C VAL B 63 2.06 7.93 -2.03
N THR B 64 1.37 7.90 -0.93
CA THR B 64 0.32 6.85 -0.73
C THR B 64 -0.83 7.40 0.10
N GLY B 65 -1.94 6.72 0.12
CA GLY B 65 -3.11 7.20 0.92
C GLY B 65 -4.13 7.87 -0.01
N ALA B 66 -3.70 8.35 -1.14
CA ALA B 66 -4.65 9.01 -2.08
C ALA B 66 -5.89 8.14 -2.31
N LYS B 67 -6.98 8.73 -2.71
CA LYS B 67 -8.22 7.93 -2.95
C LYS B 67 -8.52 7.88 -4.45
N SER B 68 -7.89 8.72 -5.22
CA SER B 68 -8.15 8.72 -6.69
C SER B 68 -7.03 9.48 -7.42
N GLU B 69 -7.14 9.60 -8.72
CA GLU B 69 -6.09 10.33 -9.48
C GLU B 69 -5.97 11.76 -8.97
N ASP B 70 -6.99 12.55 -9.15
CA ASP B 70 -6.94 13.96 -8.66
C ASP B 70 -6.38 14.01 -7.24
N ASP B 71 -6.60 12.99 -6.47
CA ASP B 71 -6.08 12.97 -5.07
C ASP B 71 -4.56 12.79 -5.07
N SER B 72 -4.07 11.79 -5.72
CA SER B 72 -2.59 11.57 -5.76
C SER B 72 -1.89 12.83 -6.28
N LYS B 73 -2.47 13.49 -7.23
CA LYS B 73 -1.83 14.73 -7.77
C LYS B 73 -1.64 15.75 -6.65
N LEU B 74 -2.65 16.00 -5.87
CA LEU B 74 -2.52 16.99 -4.76
C LEU B 74 -1.46 16.51 -3.76
N ALA B 75 -1.54 15.28 -3.34
CA ALA B 75 -0.53 14.76 -2.37
C ALA B 75 0.87 14.89 -2.96
N SER B 76 1.01 14.70 -4.24
CA SER B 76 2.36 14.81 -4.87
C SER B 76 2.80 16.28 -4.88
N ARG B 77 2.13 17.11 -5.61
CA ARG B 77 2.51 18.54 -5.67
C ARG B 77 2.76 19.07 -4.25
N LYS B 78 2.02 18.59 -3.30
CA LYS B 78 2.21 19.05 -1.89
C LYS B 78 3.59 18.66 -1.39
N TYR B 79 3.98 17.42 -1.56
CA TYR B 79 5.32 16.99 -1.10
C TYR B 79 6.41 17.68 -1.93
N ALA B 80 6.35 17.55 -3.22
CA ALA B 80 7.37 18.20 -4.08
C ALA B 80 7.46 19.69 -3.74
N ARG B 81 6.36 20.30 -3.41
CA ARG B 81 6.38 21.74 -3.06
C ARG B 81 7.31 21.98 -1.87
N ILE B 82 7.27 21.13 -0.89
CA ILE B 82 8.16 21.30 0.29
C ILE B 82 9.63 21.30 -0.15
N ILE B 83 10.02 20.37 -0.97
CA ILE B 83 11.44 20.34 -1.42
C ILE B 83 11.76 21.64 -2.16
N GLN B 84 10.91 22.04 -3.07
CA GLN B 84 11.17 23.30 -3.81
C GLN B 84 11.09 24.50 -2.85
N LYS B 85 10.25 24.39 -1.85
CA LYS B 85 10.14 25.50 -0.86
C LYS B 85 11.36 25.47 0.04
N ILE B 86 11.92 24.29 0.21
CA ILE B 86 13.13 24.18 1.05
C ILE B 86 14.33 24.76 0.29
N GLY B 87 14.25 24.82 -1.01
CA GLY B 87 15.36 25.39 -1.81
C GLY B 87 15.87 24.38 -2.84
N PHE B 88 15.63 23.11 -2.62
CA PHE B 88 16.11 22.10 -3.61
C PHE B 88 15.66 22.46 -5.02
N ALA B 89 16.07 21.69 -5.99
CA ALA B 89 15.68 21.98 -7.40
C ALA B 89 14.69 20.93 -7.91
N ALA B 90 13.82 20.45 -7.06
CA ALA B 90 12.83 19.43 -7.51
C ALA B 90 11.93 20.01 -8.59
N LYS B 91 11.75 19.30 -9.68
CA LYS B 91 10.88 19.82 -10.78
C LYS B 91 9.61 18.98 -10.88
N PHE B 92 9.23 18.35 -9.81
CA PHE B 92 8.00 17.49 -9.80
C PHE B 92 7.75 16.87 -11.18
N THR B 93 8.19 15.65 -11.38
CA THR B 93 7.97 15.00 -12.70
C THR B 93 7.94 13.48 -12.55
N ASP B 94 7.64 12.77 -13.61
CA ASP B 94 7.59 11.29 -13.53
C ASP B 94 6.46 10.84 -12.60
N PHE B 95 5.42 11.62 -12.48
CA PHE B 95 4.30 11.22 -11.59
C PHE B 95 3.48 10.11 -12.25
N LYS B 96 3.16 9.08 -11.52
CA LYS B 96 2.36 7.98 -12.12
C LYS B 96 1.83 7.05 -11.03
N ILE B 97 0.58 6.67 -11.13
CA ILE B 97 0.00 5.77 -10.09
C ILE B 97 0.45 4.33 -10.36
N GLN B 98 0.88 3.62 -9.35
CA GLN B 98 1.34 2.22 -9.56
C GLN B 98 0.60 1.25 -8.62
N ASN B 99 0.38 1.64 -7.40
CA ASN B 99 -0.34 0.73 -6.45
C ASN B 99 -1.70 1.30 -6.06
N ILE B 100 -2.77 0.70 -6.53
CA ILE B 100 -4.12 1.19 -6.17
C ILE B 100 -4.76 0.23 -5.17
N VAL B 101 -5.16 0.73 -4.03
CA VAL B 101 -5.78 -0.18 -3.01
C VAL B 101 -7.31 -0.08 -3.08
N GLY B 102 -7.99 -1.20 -2.96
CA GLY B 102 -9.47 -1.19 -3.02
C GLY B 102 -10.01 -2.18 -1.98
N SER B 103 -11.28 -2.14 -1.70
CA SER B 103 -11.84 -3.09 -0.69
C SER B 103 -13.37 -3.09 -0.73
N CYS B 104 -13.99 -4.15 -0.32
CA CYS B 104 -15.48 -4.22 -0.33
C CYS B 104 -15.95 -5.45 0.44
N ASP B 105 -17.23 -5.57 0.66
CA ASP B 105 -17.75 -6.75 1.42
C ASP B 105 -18.88 -7.42 0.64
N VAL B 106 -18.93 -8.72 0.65
CA VAL B 106 -20.01 -9.44 -0.09
C VAL B 106 -20.83 -10.29 0.90
N LYS B 107 -20.59 -10.12 2.17
CA LYS B 107 -21.35 -10.92 3.17
C LYS B 107 -21.27 -12.41 2.83
N PHE B 108 -20.20 -12.83 2.22
CA PHE B 108 -20.07 -14.28 1.86
C PHE B 108 -18.82 -14.87 2.52
N PRO B 109 -19.04 -15.81 3.40
CA PRO B 109 -17.93 -16.47 4.11
C PRO B 109 -17.15 -17.38 3.15
N ILE B 110 -15.89 -17.13 2.96
CA ILE B 110 -15.10 -17.98 2.02
C ILE B 110 -14.25 -18.98 2.81
N ARG B 111 -14.06 -20.16 2.27
CA ARG B 111 -13.24 -21.19 2.98
C ARG B 111 -11.76 -21.02 2.60
N LEU B 112 -11.07 -20.15 3.27
CA LEU B 112 -9.63 -19.94 2.96
C LEU B 112 -8.91 -21.29 2.86
N GLU B 113 -9.43 -22.30 3.48
CA GLU B 113 -8.78 -23.65 3.42
C GLU B 113 -9.16 -24.35 2.11
N GLY B 114 -10.42 -24.46 1.83
CA GLY B 114 -10.84 -25.15 0.57
C GLY B 114 -10.29 -24.37 -0.63
N LEU B 115 -10.29 -23.07 -0.55
CA LEU B 115 -9.77 -22.25 -1.68
C LEU B 115 -8.24 -22.32 -1.71
N ALA B 116 -7.62 -22.30 -0.57
CA ALA B 116 -6.13 -22.35 -0.52
C ALA B 116 -5.63 -23.71 -1.04
N PHE B 117 -6.31 -24.76 -0.73
CA PHE B 117 -5.88 -26.12 -1.21
C PHE B 117 -6.14 -26.24 -2.71
N SER B 118 -7.08 -25.51 -3.22
CA SER B 118 -7.38 -25.59 -4.69
C SER B 118 -6.51 -24.61 -5.46
N HIS B 119 -6.46 -23.38 -5.04
CA HIS B 119 -5.63 -22.37 -5.75
C HIS B 119 -4.33 -22.11 -4.99
N GLY B 120 -3.78 -23.11 -4.37
CA GLY B 120 -2.51 -22.93 -3.62
C GLY B 120 -1.46 -22.31 -4.54
N THR B 121 -1.50 -22.64 -5.80
CA THR B 121 -0.50 -22.08 -6.75
C THR B 121 -0.61 -20.54 -6.78
N PHE B 122 -1.71 -20.01 -6.33
CA PHE B 122 -1.88 -18.53 -6.33
C PHE B 122 -2.49 -18.05 -5.00
N SER B 123 -2.66 -18.95 -4.07
CA SER B 123 -3.25 -18.53 -2.76
C SER B 123 -2.45 -19.11 -1.59
N SER B 124 -2.18 -18.31 -0.59
CA SER B 124 -1.41 -18.81 0.58
C SER B 124 -2.23 -18.60 1.86
N TYR B 125 -2.49 -19.65 2.59
CA TYR B 125 -3.29 -19.51 3.84
C TYR B 125 -2.52 -20.08 5.04
N GLU B 126 -2.41 -19.32 6.09
CA GLU B 126 -1.68 -19.81 7.29
C GLU B 126 -2.48 -19.45 8.55
N PRO B 127 -3.14 -20.44 9.09
CA PRO B 127 -3.96 -20.24 10.31
C PRO B 127 -3.07 -20.05 11.54
N GLU B 128 -1.78 -20.13 11.37
CA GLU B 128 -0.86 -19.95 12.53
C GLU B 128 -0.27 -18.53 12.53
N LEU B 129 -0.53 -17.77 11.51
CA LEU B 129 0.02 -16.39 11.45
C LEU B 129 -0.99 -15.44 10.80
N PHE B 130 -1.51 -15.80 9.65
CA PHE B 130 -2.49 -14.92 8.96
C PHE B 130 -3.89 -15.57 8.98
N PRO B 131 -4.83 -14.87 9.56
CA PRO B 131 -6.22 -15.38 9.64
C PRO B 131 -6.90 -15.31 8.27
N GLY B 132 -6.61 -14.30 7.50
CA GLY B 132 -7.25 -14.17 6.16
C GLY B 132 -6.40 -14.90 5.11
N LEU B 133 -6.86 -14.95 3.90
CA LEU B 133 -6.08 -15.66 2.84
C LEU B 133 -5.46 -14.63 1.88
N ILE B 134 -4.23 -14.84 1.50
CA ILE B 134 -3.56 -13.89 0.57
C ILE B 134 -3.64 -14.43 -0.86
N TYR B 135 -4.60 -13.98 -1.63
CA TYR B 135 -4.73 -14.47 -3.04
C TYR B 135 -4.00 -13.51 -3.99
N ARG B 136 -3.03 -14.01 -4.71
CA ARG B 136 -2.29 -13.14 -5.66
C ARG B 136 -2.66 -13.48 -7.11
N MET B 137 -3.56 -12.75 -7.69
CA MET B 137 -3.96 -13.04 -9.10
C MET B 137 -2.71 -13.10 -10.00
N VAL B 138 -2.75 -13.91 -11.02
CA VAL B 138 -1.57 -14.01 -11.92
C VAL B 138 -1.70 -13.03 -13.09
N LYS B 139 -2.87 -12.89 -13.64
CA LYS B 139 -3.06 -11.95 -14.77
C LYS B 139 -4.39 -11.21 -14.64
N PRO B 140 -4.33 -9.94 -14.31
CA PRO B 140 -3.03 -9.25 -14.06
C PRO B 140 -2.45 -9.68 -12.72
N LYS B 141 -1.20 -9.40 -12.49
CA LYS B 141 -0.57 -9.80 -11.19
C LYS B 141 -1.06 -8.87 -10.07
N ILE B 142 -2.04 -9.29 -9.33
CA ILE B 142 -2.54 -8.42 -8.22
C ILE B 142 -2.61 -9.20 -6.91
N VAL B 143 -2.62 -8.51 -5.80
CA VAL B 143 -2.70 -9.21 -4.48
C VAL B 143 -4.05 -8.93 -3.82
N LEU B 144 -4.80 -9.94 -3.48
CA LEU B 144 -6.12 -9.71 -2.85
C LEU B 144 -6.20 -10.42 -1.50
N LEU B 145 -6.72 -9.75 -0.50
CA LEU B 145 -6.85 -10.39 0.84
C LEU B 145 -8.29 -10.85 1.06
N ILE B 146 -8.48 -12.11 1.38
CA ILE B 146 -9.86 -12.62 1.60
C ILE B 146 -10.00 -13.18 3.02
N PHE B 147 -11.06 -12.82 3.70
CA PHE B 147 -11.25 -13.33 5.09
C PHE B 147 -12.55 -14.13 5.18
N VAL B 148 -12.63 -15.05 6.10
CA VAL B 148 -13.87 -15.86 6.24
C VAL B 148 -15.07 -14.96 6.55
N SER B 149 -14.81 -13.80 7.06
CA SER B 149 -15.93 -12.86 7.38
C SER B 149 -16.65 -12.43 6.12
N GLY B 150 -15.93 -12.25 5.04
CA GLY B 150 -16.58 -11.82 3.77
C GLY B 150 -15.97 -10.50 3.29
N LYS B 151 -14.89 -10.09 3.89
CA LYS B 151 -14.24 -8.81 3.48
C LYS B 151 -13.17 -9.08 2.42
N ILE B 152 -13.05 -8.22 1.45
CA ILE B 152 -12.03 -8.41 0.40
C ILE B 152 -11.23 -7.12 0.17
N VAL B 153 -9.94 -7.21 0.12
CA VAL B 153 -9.12 -5.98 -0.10
C VAL B 153 -8.23 -6.15 -1.33
N LEU B 154 -8.09 -5.13 -2.11
CA LEU B 154 -7.23 -5.22 -3.34
C LEU B 154 -6.11 -4.19 -3.29
N THR B 155 -4.95 -4.52 -3.80
CA THR B 155 -3.82 -3.54 -3.78
C THR B 155 -2.72 -4.00 -4.74
N GLY B 156 -1.90 -3.09 -5.18
CA GLY B 156 -0.81 -3.47 -6.12
C GLY B 156 -1.23 -3.18 -7.56
N ALA B 157 -2.50 -2.98 -7.78
CA ALA B 157 -2.98 -2.68 -9.16
C ALA B 157 -2.44 -1.34 -9.64
N LYS B 158 -2.08 -1.24 -10.89
CA LYS B 158 -1.54 0.04 -11.42
C LYS B 158 -2.67 0.88 -12.02
N GLN B 159 -3.72 0.24 -12.45
CA GLN B 159 -4.86 1.01 -13.04
C GLN B 159 -6.19 0.43 -12.55
N ARG B 160 -7.21 1.25 -12.48
CA ARG B 160 -8.53 0.75 -12.00
C ARG B 160 -8.89 -0.56 -12.70
N GLU B 161 -8.49 -0.73 -13.93
CA GLU B 161 -8.81 -1.98 -14.67
C GLU B 161 -8.31 -3.19 -13.89
N GLU B 162 -7.15 -3.09 -13.29
CA GLU B 162 -6.60 -4.24 -12.52
C GLU B 162 -7.55 -4.63 -11.38
N ILE B 163 -7.98 -3.67 -10.60
CA ILE B 163 -8.90 -3.97 -9.47
C ILE B 163 -10.15 -4.68 -9.99
N TYR B 164 -10.65 -4.28 -11.13
CA TYR B 164 -11.87 -4.93 -11.69
C TYR B 164 -11.53 -6.33 -12.22
N GLN B 165 -10.41 -6.46 -12.86
CA GLN B 165 -10.03 -7.80 -13.42
C GLN B 165 -9.79 -8.80 -12.28
N ALA B 166 -9.16 -8.37 -11.22
CA ALA B 166 -8.90 -9.30 -10.09
C ALA B 166 -10.23 -9.82 -9.52
N PHE B 167 -11.10 -8.94 -9.12
CA PHE B 167 -12.41 -9.38 -8.56
C PHE B 167 -13.16 -10.22 -9.59
N GLU B 168 -13.19 -9.78 -10.83
CA GLU B 168 -13.91 -10.56 -11.88
C GLU B 168 -13.44 -12.01 -11.86
N ALA B 169 -12.18 -12.24 -11.61
CA ALA B 169 -11.66 -13.64 -11.58
C ALA B 169 -11.75 -14.21 -10.16
N ILE B 170 -12.01 -13.37 -9.20
CA ILE B 170 -12.12 -13.87 -7.80
C ILE B 170 -13.58 -14.09 -7.42
N TYR B 171 -14.48 -13.42 -8.10
CA TYR B 171 -15.92 -13.60 -7.80
C TYR B 171 -16.30 -15.08 -7.77
N PRO B 172 -15.88 -15.79 -8.80
CA PRO B 172 -16.20 -17.24 -8.87
C PRO B 172 -15.36 -18.03 -7.86
N VAL B 173 -14.11 -17.69 -7.72
CA VAL B 173 -13.25 -18.41 -6.73
C VAL B 173 -13.96 -18.46 -5.37
N LEU B 174 -14.60 -17.38 -5.00
CA LEU B 174 -15.31 -17.36 -3.69
C LEU B 174 -16.52 -18.30 -3.75
N SER B 175 -17.32 -18.20 -4.77
CA SER B 175 -18.50 -19.09 -4.88
C SER B 175 -18.05 -20.55 -4.92
N GLU B 176 -16.90 -20.81 -5.48
CA GLU B 176 -16.41 -22.21 -5.56
C GLU B 176 -16.15 -22.76 -4.15
N PHE B 177 -15.64 -21.94 -3.27
CA PHE B 177 -15.37 -22.40 -1.88
C PHE B 177 -16.24 -21.64 -0.89
N ARG B 178 -17.47 -21.36 -1.25
CA ARG B 178 -18.37 -20.63 -0.33
C ARG B 178 -18.58 -21.44 0.96
N LYS B 179 -18.72 -20.77 2.06
CA LYS B 179 -18.92 -21.50 3.35
C LYS B 179 -20.41 -21.65 3.65
N MET B 180 -21.19 -20.63 3.37
CA MET B 180 -22.65 -20.71 3.63
C MET B 180 -23.45 -20.55 2.33
N GLU A 1 24.29 -11.24 4.97
CA GLU A 1 25.20 -10.07 5.15
C GLU A 1 24.42 -8.88 5.73
N GLY A 2 23.73 -8.16 4.90
CA GLY A 2 22.95 -6.99 5.40
C GLY A 2 23.02 -5.86 4.36
N SER A 3 24.02 -5.88 3.53
CA SER A 3 24.15 -4.81 2.50
C SER A 3 23.99 -3.43 3.15
N ILE A 4 24.28 -3.33 4.42
CA ILE A 4 24.14 -2.01 5.11
C ILE A 4 22.78 -1.39 4.78
N GLY A 5 21.71 -2.04 5.15
CA GLY A 5 20.36 -1.48 4.86
C GLY A 5 19.78 -2.18 3.62
N ASN A 6 18.48 -2.18 3.47
CA ASN A 6 17.87 -2.83 2.29
C ASN A 6 16.36 -2.62 2.28
N GLY A 7 15.92 -1.39 2.15
CA GLY A 7 14.45 -1.12 2.13
C GLY A 7 13.93 -1.09 3.57
N LEU A 8 12.66 -0.94 3.75
CA LEU A 8 12.11 -0.91 5.12
C LEU A 8 10.89 -1.82 5.24
N ASP A 9 10.47 -2.12 6.44
CA ASP A 9 9.27 -3.00 6.59
C ASP A 9 8.08 -2.26 6.00
N LEU A 10 7.94 -2.32 4.70
CA LEU A 10 6.85 -1.57 4.05
C LEU A 10 5.89 -2.46 3.29
N THR A 11 5.24 -3.35 3.96
CA THR A 11 4.24 -4.20 3.27
C THR A 11 2.87 -3.52 3.38
N GLY A 12 2.82 -2.41 4.08
CA GLY A 12 1.52 -1.71 4.25
C GLY A 12 1.42 -0.49 3.33
N ILE A 13 2.51 0.18 3.00
CA ILE A 13 2.39 1.38 2.12
C ILE A 13 1.47 1.03 0.95
N LEU A 14 1.65 -0.10 0.36
CA LEU A 14 0.76 -0.49 -0.77
C LEU A 14 -0.52 -1.11 -0.21
N PHE A 15 -0.45 -1.62 0.99
CA PHE A 15 -1.66 -2.22 1.61
C PHE A 15 -2.48 -1.12 2.29
N GLY A 16 -2.12 0.11 2.04
CA GLY A 16 -2.87 1.23 2.68
C GLY A 16 -1.85 2.25 3.19
N ASN A 17 -1.73 3.36 2.49
CA ASN A 17 -0.76 4.44 2.89
C ASN A 17 -0.40 4.34 4.37
N ILE A 18 0.85 4.13 4.64
CA ILE A 18 1.30 4.00 6.04
C ILE A 18 2.64 4.69 6.22
N ASP A 19 3.00 4.99 7.42
CA ASP A 19 4.31 5.63 7.65
C ASP A 19 5.33 4.53 7.80
N SER A 20 6.30 4.50 6.93
CA SER A 20 7.33 3.43 6.99
C SER A 20 7.69 3.13 8.45
N GLU A 21 7.53 4.07 9.34
CA GLU A 21 7.84 3.81 10.78
C GLU A 21 6.89 2.77 11.38
N GLY A 22 5.92 2.30 10.64
CA GLY A 22 4.99 1.27 11.19
C GLY A 22 3.64 1.89 11.59
N ARG A 23 3.23 2.95 10.92
CA ARG A 23 1.92 3.57 11.26
C ARG A 23 1.01 3.57 10.02
N LEU A 24 -0.10 2.89 10.07
CA LEU A 24 -0.97 2.83 8.86
C LEU A 24 -1.96 4.00 8.82
N LEU A 25 -2.53 4.24 7.67
CA LEU A 25 -3.48 5.39 7.53
C LEU A 25 -4.91 4.98 7.87
N GLN A 26 -5.41 5.43 8.99
CA GLN A 26 -6.80 5.11 9.36
C GLN A 26 -7.71 6.21 8.80
N ASP A 27 -7.10 7.23 8.22
CA ASP A 27 -7.89 8.34 7.63
C ASP A 27 -8.95 8.85 8.62
N ASP A 28 -10.12 8.26 8.60
CA ASP A 28 -11.20 8.71 9.52
C ASP A 28 -10.98 8.14 10.93
N ASP A 29 -11.87 8.42 11.83
CA ASP A 29 -11.73 7.90 13.23
C ASP A 29 -13.06 7.33 13.71
N GLY A 30 -14.15 7.94 13.33
CA GLY A 30 -15.49 7.43 13.76
C GLY A 30 -16.37 7.22 12.54
N GLU A 31 -17.35 8.08 12.34
CA GLU A 31 -18.25 7.92 11.17
C GLU A 31 -18.80 6.49 11.12
N GLY A 32 -18.94 5.87 12.26
CA GLY A 32 -19.47 4.47 12.28
C GLY A 32 -19.40 3.92 13.71
N ARG A 33 -18.23 3.59 14.17
CA ARG A 33 -18.09 3.05 15.55
C ARG A 33 -16.67 3.22 16.06
N GLY A 34 -16.11 4.39 15.93
CA GLY A 34 -14.71 4.62 16.40
C GLY A 34 -13.77 3.66 15.68
N GLY A 35 -13.85 3.62 14.37
CA GLY A 35 -12.95 2.71 13.61
C GLY A 35 -11.60 3.37 13.38
N THR A 36 -10.74 2.75 12.62
CA THR A 36 -9.40 3.34 12.36
C THR A 36 -8.70 2.61 11.22
N GLY A 37 -9.15 2.81 10.01
CA GLY A 37 -8.51 2.11 8.86
C GLY A 37 -8.75 0.61 8.96
N PHE A 38 -7.85 -0.18 8.44
CA PHE A 38 -8.02 -1.66 8.50
C PHE A 38 -8.06 -2.13 9.96
N ASP A 39 -8.84 -3.12 10.25
CA ASP A 39 -8.93 -3.62 11.65
C ASP A 39 -7.51 -3.89 12.20
N ALA A 40 -7.42 -4.40 13.39
CA ALA A 40 -6.07 -4.68 13.96
C ALA A 40 -5.62 -6.09 13.56
N GLU A 41 -6.12 -6.59 12.48
CA GLU A 41 -5.72 -7.97 12.04
C GLU A 41 -4.62 -7.88 10.98
N LEU A 42 -4.62 -6.85 10.19
CA LEU A 42 -3.58 -6.72 9.14
C LEU A 42 -2.37 -5.95 9.67
N ARG A 43 -2.61 -4.91 10.42
CA ARG A 43 -1.48 -4.12 10.95
C ARG A 43 -0.45 -5.06 11.59
N GLU A 44 -0.90 -5.89 12.49
CA GLU A 44 0.04 -6.86 13.14
C GLU A 44 0.56 -7.85 12.10
N ASN A 45 -0.20 -8.08 11.07
CA ASN A 45 0.25 -9.04 10.01
C ASN A 45 1.23 -8.35 9.07
N ILE A 46 0.96 -7.13 8.69
CA ILE A 46 1.89 -6.42 7.77
C ILE A 46 3.32 -6.54 8.30
N GLY A 47 3.51 -6.33 9.56
CA GLY A 47 4.88 -6.44 10.15
C GLY A 47 5.26 -7.91 10.30
N SER A 48 4.39 -8.81 9.92
CA SER A 48 4.71 -10.27 10.07
C SER A 48 4.67 -10.97 8.70
N LEU A 49 3.67 -10.69 7.90
CA LEU A 49 3.60 -11.37 6.57
C LEU A 49 4.42 -10.60 5.54
N SER A 50 5.52 -10.02 5.92
CA SER A 50 6.36 -9.27 4.94
C SER A 50 7.25 -10.25 4.15
N LYS A 51 6.76 -11.44 3.89
CA LYS A 51 7.58 -12.42 3.13
C LYS A 51 6.69 -13.34 2.28
N LEU A 52 5.39 -13.15 2.29
CA LEU A 52 4.51 -14.04 1.47
C LEU A 52 4.40 -13.49 0.05
N GLY A 53 3.77 -12.37 -0.11
CA GLY A 53 3.63 -11.79 -1.47
C GLY A 53 3.82 -10.27 -1.39
N LEU A 54 3.38 -9.65 -0.34
CA LEU A 54 3.54 -8.18 -0.22
C LEU A 54 5.01 -7.78 -0.40
N ASP A 55 5.92 -8.55 0.13
CA ASP A 55 7.36 -8.22 -0.02
C ASP A 55 7.65 -7.81 -1.47
N SER A 56 6.96 -8.39 -2.40
CA SER A 56 7.19 -8.03 -3.83
C SER A 56 6.88 -6.53 -4.04
N MET A 57 5.65 -6.15 -3.83
CA MET A 57 5.28 -4.72 -3.99
C MET A 57 5.88 -3.89 -2.85
N LEU A 58 6.52 -4.54 -1.92
CA LEU A 58 7.14 -3.81 -0.78
C LEU A 58 8.30 -2.97 -1.31
N LEU A 59 9.22 -3.60 -1.98
CA LEU A 59 10.38 -2.87 -2.55
C LEU A 59 9.92 -1.98 -3.71
N GLU A 60 8.65 -1.99 -4.01
CA GLU A 60 8.13 -1.15 -5.12
C GLU A 60 7.67 0.22 -4.60
N VAL A 61 7.57 0.38 -3.31
CA VAL A 61 7.15 1.70 -2.77
C VAL A 61 8.32 2.32 -2.01
N ILE A 62 9.27 1.51 -1.67
CA ILE A 62 10.45 2.01 -0.91
C ILE A 62 11.71 1.24 -1.32
N ASP A 63 12.28 1.54 -2.45
CA ASP A 63 13.51 0.82 -2.86
C ASP A 63 14.71 1.41 -2.10
N LEU A 64 14.62 1.47 -0.80
CA LEU A 64 15.73 2.04 0.01
C LEU A 64 16.79 0.98 0.28
N LYS A 65 17.35 0.44 -0.75
CA LYS A 65 18.41 -0.60 -0.58
C LYS A 65 19.71 -0.16 -1.25
N GLU A 66 20.47 0.67 -0.60
CA GLU A 66 21.75 1.14 -1.20
C GLU A 66 21.51 1.66 -2.62
N ALA A 67 20.59 2.56 -2.78
CA ALA A 67 20.30 3.11 -4.15
C ALA A 67 19.08 4.03 -4.10
N SER B 1 -26.80 -9.06 -9.06
CA SER B 1 -25.90 -8.53 -7.99
C SER B 1 -25.04 -7.39 -8.54
N GLY B 2 -23.91 -7.15 -7.95
CA GLY B 2 -23.03 -6.04 -8.43
C GLY B 2 -22.47 -5.27 -7.23
N ILE B 3 -21.74 -5.94 -6.37
CA ILE B 3 -21.17 -5.24 -5.19
C ILE B 3 -20.15 -4.19 -5.62
N VAL B 4 -19.19 -4.58 -6.43
CA VAL B 4 -18.17 -3.59 -6.89
C VAL B 4 -17.29 -3.15 -5.71
N PRO B 5 -16.01 -3.32 -5.87
CA PRO B 5 -15.04 -2.93 -4.81
C PRO B 5 -14.92 -1.41 -4.72
N THR B 6 -14.71 -0.89 -3.55
CA THR B 6 -14.57 0.58 -3.40
C THR B 6 -13.10 0.95 -3.17
N LEU B 7 -12.65 2.03 -3.77
CA LEU B 7 -11.24 2.44 -3.59
C LEU B 7 -11.04 3.10 -2.22
N GLN B 8 -10.00 2.74 -1.51
CA GLN B 8 -9.77 3.34 -0.18
C GLN B 8 -8.37 3.99 -0.13
N ASN B 9 -7.51 3.63 -1.03
CA ASN B 9 -6.14 4.23 -1.04
C ASN B 9 -5.40 3.85 -2.32
N ILE B 10 -4.45 4.65 -2.73
CA ILE B 10 -3.68 4.34 -3.97
C ILE B 10 -2.23 4.81 -3.81
N VAL B 11 -1.31 4.10 -4.41
CA VAL B 11 0.12 4.50 -4.28
C VAL B 11 0.68 4.91 -5.65
N ALA B 12 1.54 5.89 -5.68
CA ALA B 12 2.13 6.34 -6.98
C ALA B 12 3.64 6.57 -6.82
N THR B 13 4.36 6.60 -7.90
CA THR B 13 5.84 6.82 -7.81
C THR B 13 6.21 8.14 -8.50
N VAL B 14 7.05 8.91 -7.88
CA VAL B 14 7.47 10.21 -8.50
C VAL B 14 8.99 10.35 -8.42
N THR B 15 9.54 11.34 -9.08
CA THR B 15 11.02 11.52 -9.05
C THR B 15 11.37 13.02 -9.14
N LEU B 16 12.49 13.40 -8.58
CA LEU B 16 12.89 14.84 -8.63
C LEU B 16 14.01 15.02 -9.65
N GLY B 17 15.11 14.34 -9.48
CA GLY B 17 16.24 14.48 -10.45
C GLY B 17 17.42 15.16 -9.76
N CYS B 18 17.48 15.11 -8.45
CA CYS B 18 18.61 15.75 -7.72
C CYS B 18 18.73 15.18 -6.31
N ARG B 19 19.93 15.00 -5.83
CA ARG B 19 20.11 14.45 -4.45
C ARG B 19 19.60 15.46 -3.41
N LEU B 20 19.07 14.97 -2.33
CA LEU B 20 18.55 15.91 -1.28
C LEU B 20 19.16 15.55 0.09
N ASP B 21 19.27 16.51 0.96
CA ASP B 21 19.84 16.23 2.31
C ASP B 21 18.73 15.82 3.29
N LEU B 22 18.41 14.56 3.34
CA LEU B 22 17.33 14.11 4.26
C LEU B 22 17.44 14.82 5.61
N LYS B 23 18.62 14.94 6.13
CA LYS B 23 18.79 15.64 7.44
C LYS B 23 18.21 17.06 7.36
N THR B 24 18.44 17.75 6.27
CA THR B 24 17.91 19.13 6.13
C THR B 24 16.47 19.09 5.62
N VAL B 25 16.20 18.27 4.64
CA VAL B 25 14.80 18.20 4.10
C VAL B 25 13.82 17.90 5.23
N ALA B 26 14.10 16.92 6.04
CA ALA B 26 13.18 16.58 7.15
C ALA B 26 13.25 17.64 8.26
N LEU B 27 14.38 18.28 8.40
CA LEU B 27 14.50 19.33 9.46
C LEU B 27 13.82 20.62 9.01
N HIS B 28 13.86 20.92 7.74
CA HIS B 28 13.21 22.18 7.25
C HIS B 28 11.75 21.90 6.89
N ALA B 29 11.41 20.69 6.56
CA ALA B 29 10.00 20.38 6.21
C ALA B 29 9.10 20.56 7.43
N ARG B 30 7.90 21.04 7.23
CA ARG B 30 6.98 21.25 8.39
C ARG B 30 6.48 19.89 8.89
N ASN B 31 6.42 18.91 8.03
CA ASN B 31 5.94 17.57 8.46
C ASN B 31 6.86 16.48 7.91
N ALA B 32 7.99 16.28 8.53
CA ALA B 32 8.93 15.23 8.03
C ALA B 32 9.78 14.67 9.18
N GLU B 33 9.86 13.38 9.29
CA GLU B 33 10.68 12.77 10.38
C GLU B 33 11.71 11.81 9.77
N TYR B 34 12.89 11.76 10.32
CA TYR B 34 13.93 10.85 9.76
C TYR B 34 14.35 9.80 10.79
N ASN B 35 14.51 8.57 10.37
CA ASN B 35 14.93 7.50 11.31
C ASN B 35 16.06 6.67 10.70
N PRO B 36 17.23 6.82 11.25
CA PRO B 36 18.42 6.08 10.75
C PRO B 36 18.34 4.61 11.17
N LYS B 37 17.67 4.32 12.25
CA LYS B 37 17.56 2.91 12.71
C LYS B 37 16.45 2.18 11.93
N ARG B 38 15.71 2.91 11.13
CA ARG B 38 14.62 2.26 10.34
C ARG B 38 15.08 2.08 8.89
N PHE B 39 15.08 3.14 8.13
CA PHE B 39 15.54 3.04 6.71
C PHE B 39 16.26 4.32 6.28
N ALA B 40 16.70 4.40 5.07
CA ALA B 40 17.45 5.61 4.61
C ALA B 40 16.56 6.59 3.84
N ALA B 41 15.47 7.04 4.43
CA ALA B 41 14.59 8.00 3.70
C ALA B 41 13.83 8.88 4.70
N VAL B 42 13.23 9.94 4.23
CA VAL B 42 12.47 10.83 5.14
C VAL B 42 10.98 10.49 5.07
N ILE B 43 10.22 10.84 6.09
CA ILE B 43 8.77 10.51 6.07
C ILE B 43 7.94 11.79 6.12
N MET B 44 7.43 12.22 5.00
CA MET B 44 6.61 13.46 4.98
C MET B 44 5.13 13.11 5.14
N ARG B 45 4.38 13.94 5.81
CA ARG B 45 2.93 13.65 6.01
C ARG B 45 2.12 14.95 6.00
N ILE B 46 1.22 15.09 5.07
CA ILE B 46 0.40 16.33 5.01
C ILE B 46 -1.08 16.00 5.25
N ARG B 47 -1.88 17.00 5.54
CA ARG B 47 -3.33 16.72 5.77
C ARG B 47 -4.19 17.51 4.78
N GLU B 48 -3.79 17.53 3.53
CA GLU B 48 -4.59 18.28 2.51
C GLU B 48 -3.92 18.19 1.13
N PRO B 49 -4.12 17.07 0.47
CA PRO B 49 -4.97 15.98 1.03
C PRO B 49 -4.17 15.17 2.06
N LYS B 50 -4.85 14.45 2.92
CA LYS B 50 -4.12 13.64 3.94
C LYS B 50 -3.44 12.46 3.28
N THR B 51 -2.13 12.44 3.27
CA THR B 51 -1.41 11.30 2.63
C THR B 51 -0.02 11.12 3.24
N THR B 52 0.60 9.99 3.00
CA THR B 52 1.96 9.75 3.55
C THR B 52 2.96 9.64 2.40
N ALA B 53 4.18 10.08 2.60
CA ALA B 53 5.17 10.00 1.49
C ALA B 53 6.59 9.82 2.03
N LEU B 54 7.37 9.02 1.38
CA LEU B 54 8.79 8.80 1.82
C LEU B 54 9.74 9.23 0.72
N ILE B 55 10.68 10.08 1.01
CA ILE B 55 11.62 10.55 -0.05
C ILE B 55 13.02 9.96 0.16
N PHE B 56 13.64 9.52 -0.90
CA PHE B 56 15.01 8.95 -0.78
C PHE B 56 16.05 10.04 -1.06
N ALA B 57 17.27 9.84 -0.65
CA ALA B 57 18.30 10.87 -0.89
C ALA B 57 18.72 10.89 -2.37
N SER B 58 18.14 10.03 -3.16
CA SER B 58 18.50 10.00 -4.61
C SER B 58 17.56 10.92 -5.40
N GLY B 59 16.55 11.43 -4.77
CA GLY B 59 15.59 12.33 -5.50
C GLY B 59 14.27 11.60 -5.72
N LYS B 60 14.31 10.30 -5.86
CA LYS B 60 13.05 9.54 -6.07
C LYS B 60 12.26 9.46 -4.77
N MET B 61 10.95 9.35 -4.85
CA MET B 61 10.13 9.26 -3.62
C MET B 61 8.82 8.51 -3.91
N VAL B 62 8.09 8.16 -2.89
CA VAL B 62 6.81 7.43 -3.11
C VAL B 62 5.68 8.06 -2.27
N VAL B 63 4.47 8.02 -2.76
CA VAL B 63 3.34 8.62 -1.99
C VAL B 63 2.22 7.60 -1.82
N THR B 64 1.25 7.91 -1.00
CA THR B 64 0.12 6.95 -0.78
C THR B 64 -1.00 7.62 0.01
N GLY B 65 -2.21 7.16 -0.15
CA GLY B 65 -3.35 7.77 0.59
C GLY B 65 -4.27 8.49 -0.39
N ALA B 66 -4.03 8.34 -1.67
CA ALA B 66 -4.89 9.01 -2.68
C ALA B 66 -6.16 8.19 -2.91
N LYS B 67 -7.28 8.85 -3.08
CA LYS B 67 -8.55 8.11 -3.31
C LYS B 67 -8.89 8.10 -4.79
N SER B 68 -8.08 8.70 -5.60
CA SER B 68 -8.36 8.73 -7.07
C SER B 68 -7.09 9.08 -7.85
N GLU B 69 -7.23 9.53 -9.07
CA GLU B 69 -6.03 9.88 -9.87
C GLU B 69 -5.57 11.31 -9.54
N ASP B 70 -6.47 12.25 -9.54
CA ASP B 70 -6.08 13.65 -9.21
C ASP B 70 -5.74 13.78 -7.73
N ASP B 71 -6.33 12.96 -6.90
CA ASP B 71 -6.02 13.03 -5.44
C ASP B 71 -4.53 12.76 -5.21
N SER B 72 -3.99 11.78 -5.85
CA SER B 72 -2.54 11.46 -5.67
C SER B 72 -1.68 12.59 -6.24
N LYS B 73 -2.09 13.17 -7.34
CA LYS B 73 -1.30 14.27 -7.96
C LYS B 73 -1.16 15.43 -6.96
N LEU B 74 -2.19 15.71 -6.22
CA LEU B 74 -2.11 16.83 -5.24
C LEU B 74 -1.17 16.45 -4.09
N ALA B 75 -1.31 15.27 -3.56
CA ALA B 75 -0.42 14.84 -2.44
C ALA B 75 1.04 14.89 -2.86
N SER B 76 1.37 14.27 -3.97
CA SER B 76 2.79 14.29 -4.45
C SER B 76 3.23 15.74 -4.71
N ARG B 77 2.46 16.47 -5.46
CA ARG B 77 2.84 17.88 -5.75
C ARG B 77 3.05 18.65 -4.44
N LYS B 78 2.23 18.41 -3.45
CA LYS B 78 2.41 19.12 -2.16
C LYS B 78 3.79 18.83 -1.57
N TYR B 79 4.25 17.61 -1.67
CA TYR B 79 5.59 17.26 -1.13
C TYR B 79 6.67 18.00 -1.92
N ALA B 80 6.65 17.89 -3.22
CA ALA B 80 7.67 18.60 -4.04
C ALA B 80 7.72 20.08 -3.68
N ARG B 81 6.58 20.66 -3.37
CA ARG B 81 6.56 22.10 -3.00
C ARG B 81 7.43 22.34 -1.77
N ILE B 82 7.33 21.49 -0.78
CA ILE B 82 8.16 21.68 0.45
C ILE B 82 9.64 21.71 0.07
N ILE B 83 10.03 20.94 -0.90
CA ILE B 83 11.47 20.94 -1.32
C ILE B 83 11.78 22.23 -2.08
N GLN B 84 11.07 22.49 -3.16
CA GLN B 84 11.31 23.73 -3.94
C GLN B 84 11.05 24.96 -3.05
N LYS B 85 10.18 24.81 -2.09
CA LYS B 85 9.89 25.96 -1.18
C LYS B 85 11.05 26.09 -0.20
N ILE B 86 11.83 25.05 -0.06
CA ILE B 86 12.99 25.10 0.87
C ILE B 86 14.23 25.56 0.10
N GLY B 87 14.23 25.37 -1.19
CA GLY B 87 15.41 25.81 -2.00
C GLY B 87 15.94 24.63 -2.82
N PHE B 88 15.79 23.43 -2.33
CA PHE B 88 16.31 22.25 -3.08
C PHE B 88 15.91 22.34 -4.56
N ALA B 89 16.57 21.57 -5.38
CA ALA B 89 16.26 21.58 -6.84
C ALA B 89 15.39 20.38 -7.20
N ALA B 90 14.48 20.01 -6.34
CA ALA B 90 13.61 18.84 -6.62
C ALA B 90 12.56 19.20 -7.70
N LYS B 91 12.35 18.32 -8.64
CA LYS B 91 11.35 18.61 -9.71
C LYS B 91 10.16 17.67 -9.59
N PHE B 92 9.04 18.05 -10.13
CA PHE B 92 7.83 17.18 -10.05
C PHE B 92 7.65 16.40 -11.36
N THR B 93 8.23 15.24 -11.46
CA THR B 93 8.09 14.45 -12.72
C THR B 93 8.14 12.95 -12.41
N ASP B 94 7.88 12.13 -13.39
CA ASP B 94 7.91 10.64 -13.16
C ASP B 94 6.76 10.23 -12.24
N PHE B 95 5.69 10.97 -12.23
CA PHE B 95 4.53 10.60 -11.36
C PHE B 95 3.64 9.59 -12.08
N LYS B 96 3.32 8.50 -11.44
CA LYS B 96 2.45 7.48 -12.09
C LYS B 96 1.88 6.51 -11.05
N ILE B 97 0.60 6.26 -11.09
CA ILE B 97 -0.01 5.32 -10.10
C ILE B 97 0.25 3.88 -10.55
N GLN B 98 0.85 3.09 -9.70
CA GLN B 98 1.14 1.67 -10.09
C GLN B 98 0.45 0.70 -9.13
N ASN B 99 -0.09 1.18 -8.04
CA ASN B 99 -0.76 0.25 -7.09
C ASN B 99 -2.03 0.89 -6.52
N ILE B 100 -3.15 0.24 -6.70
CA ILE B 100 -4.42 0.77 -6.15
C ILE B 100 -4.93 -0.16 -5.06
N VAL B 101 -5.81 0.31 -4.20
CA VAL B 101 -6.33 -0.56 -3.12
C VAL B 101 -7.83 -0.36 -2.92
N GLY B 102 -8.58 -1.43 -2.97
CA GLY B 102 -10.05 -1.31 -2.79
C GLY B 102 -10.51 -2.34 -1.76
N SER B 103 -11.77 -2.33 -1.40
CA SER B 103 -12.27 -3.32 -0.40
C SER B 103 -13.79 -3.51 -0.54
N CYS B 104 -14.29 -4.64 -0.14
CA CYS B 104 -15.75 -4.88 -0.24
C CYS B 104 -16.13 -6.16 0.51
N ASP B 105 -17.40 -6.44 0.62
CA ASP B 105 -17.84 -7.68 1.33
C ASP B 105 -18.64 -8.58 0.40
N VAL B 106 -18.39 -9.86 0.42
CA VAL B 106 -19.14 -10.78 -0.47
C VAL B 106 -20.45 -11.21 0.20
N LYS B 107 -20.72 -10.69 1.37
CA LYS B 107 -21.99 -11.05 2.08
C LYS B 107 -21.94 -12.50 2.59
N PHE B 108 -20.77 -13.03 2.79
CA PHE B 108 -20.67 -14.43 3.31
C PHE B 108 -19.19 -14.81 3.51
N PRO B 109 -18.98 -15.65 4.49
CA PRO B 109 -17.60 -16.11 4.82
C PRO B 109 -17.11 -17.09 3.75
N ILE B 110 -15.82 -17.29 3.67
CA ILE B 110 -15.27 -18.23 2.65
C ILE B 110 -14.29 -19.21 3.30
N ARG B 111 -14.17 -20.39 2.76
CA ARG B 111 -13.23 -21.39 3.35
C ARG B 111 -11.82 -21.16 2.81
N LEU B 112 -11.04 -20.36 3.48
CA LEU B 112 -9.65 -20.09 2.99
C LEU B 112 -8.94 -21.40 2.65
N GLU B 113 -9.29 -22.46 3.31
CA GLU B 113 -8.65 -23.77 3.01
C GLU B 113 -8.95 -24.21 1.58
N GLY B 114 -10.20 -24.39 1.26
CA GLY B 114 -10.56 -24.81 -0.11
C GLY B 114 -9.88 -23.91 -1.13
N LEU B 115 -9.71 -22.65 -0.80
CA LEU B 115 -9.04 -21.71 -1.74
C LEU B 115 -7.59 -22.14 -1.98
N ALA B 116 -6.87 -22.42 -0.92
CA ALA B 116 -5.45 -22.84 -1.08
C ALA B 116 -5.36 -24.24 -1.70
N PHE B 117 -6.35 -25.06 -1.47
CA PHE B 117 -6.32 -26.43 -2.05
C PHE B 117 -6.50 -26.38 -3.57
N SER B 118 -7.16 -25.37 -4.07
CA SER B 118 -7.38 -25.26 -5.54
C SER B 118 -6.36 -24.29 -6.16
N HIS B 119 -6.34 -23.07 -5.70
CA HIS B 119 -5.37 -22.08 -6.26
C HIS B 119 -4.16 -21.92 -5.33
N GLY B 120 -3.71 -23.01 -4.74
CA GLY B 120 -2.55 -22.91 -3.82
C GLY B 120 -1.32 -22.45 -4.59
N THR B 121 -1.23 -22.77 -5.85
CA THR B 121 -0.06 -22.34 -6.66
C THR B 121 0.02 -20.82 -6.73
N PHE B 122 -1.11 -20.15 -6.75
CA PHE B 122 -1.10 -18.66 -6.80
C PHE B 122 -1.64 -18.08 -5.50
N SER B 123 -2.24 -18.90 -4.67
CA SER B 123 -2.79 -18.40 -3.38
C SER B 123 -1.88 -18.81 -2.21
N SER B 124 -2.14 -18.30 -1.05
CA SER B 124 -1.29 -18.66 0.13
C SER B 124 -2.08 -18.46 1.42
N TYR B 125 -2.44 -19.52 2.09
CA TYR B 125 -3.21 -19.39 3.35
C TYR B 125 -2.38 -19.87 4.54
N GLU B 126 -2.03 -18.99 5.43
CA GLU B 126 -1.20 -19.40 6.61
C GLU B 126 -1.89 -18.98 7.91
N PRO B 127 -2.50 -19.95 8.55
CA PRO B 127 -3.21 -19.69 9.82
C PRO B 127 -2.20 -19.47 10.96
N GLU B 128 -0.93 -19.55 10.65
CA GLU B 128 0.10 -19.34 11.71
C GLU B 128 0.62 -17.91 11.66
N LEU B 129 0.45 -17.24 10.56
CA LEU B 129 0.95 -15.84 10.45
C LEU B 129 -0.03 -14.98 9.64
N PHE B 130 -1.19 -15.51 9.33
CA PHE B 130 -2.18 -14.73 8.55
C PHE B 130 -3.53 -15.46 8.52
N PRO B 131 -4.48 -14.92 9.24
CA PRO B 131 -5.84 -15.51 9.28
C PRO B 131 -6.54 -15.35 7.93
N GLY B 132 -5.93 -14.68 7.00
CA GLY B 132 -6.56 -14.49 5.66
C GLY B 132 -5.68 -15.16 4.59
N LEU B 133 -6.21 -15.40 3.44
CA LEU B 133 -5.41 -16.04 2.36
C LEU B 133 -4.93 -14.99 1.36
N ILE B 134 -3.73 -15.14 0.85
CA ILE B 134 -3.20 -14.14 -0.12
C ILE B 134 -3.24 -14.69 -1.55
N TYR B 135 -4.16 -14.23 -2.36
CA TYR B 135 -4.24 -14.73 -3.76
C TYR B 135 -3.53 -13.75 -4.70
N ARG B 136 -2.42 -14.16 -5.27
CA ARG B 136 -1.68 -13.26 -6.19
C ARG B 136 -2.15 -13.47 -7.63
N MET B 137 -3.25 -12.87 -8.01
CA MET B 137 -3.74 -13.04 -9.41
C MET B 137 -2.62 -12.75 -10.40
N VAL B 138 -2.54 -13.48 -11.47
CA VAL B 138 -1.47 -13.24 -12.47
C VAL B 138 -1.91 -12.19 -13.49
N LYS B 139 -3.12 -12.27 -13.96
CA LYS B 139 -3.60 -11.28 -14.97
C LYS B 139 -5.08 -10.92 -14.69
N PRO B 140 -5.31 -9.70 -14.25
CA PRO B 140 -4.20 -8.73 -14.02
C PRO B 140 -3.41 -9.09 -12.77
N LYS B 141 -2.14 -8.78 -12.75
CA LYS B 141 -1.31 -9.10 -11.55
C LYS B 141 -1.82 -8.34 -10.33
N ILE B 142 -2.65 -8.96 -9.54
CA ILE B 142 -3.18 -8.25 -8.33
C ILE B 142 -3.11 -9.16 -7.10
N VAL B 143 -2.99 -8.58 -5.94
CA VAL B 143 -2.92 -9.40 -4.70
C VAL B 143 -4.23 -9.26 -3.91
N LEU B 144 -5.02 -10.30 -3.87
CA LEU B 144 -6.32 -10.22 -3.15
C LEU B 144 -6.21 -10.88 -1.77
N LEU B 145 -6.73 -10.24 -0.75
CA LEU B 145 -6.68 -10.84 0.61
C LEU B 145 -8.08 -11.28 1.03
N ILE B 146 -8.28 -12.54 1.26
CA ILE B 146 -9.64 -13.03 1.66
C ILE B 146 -9.64 -13.42 3.13
N PHE B 147 -10.68 -13.04 3.84
CA PHE B 147 -10.77 -13.40 5.29
C PHE B 147 -11.98 -14.29 5.54
N VAL B 148 -11.83 -15.33 6.31
CA VAL B 148 -12.98 -16.23 6.59
C VAL B 148 -14.23 -15.40 6.94
N SER B 149 -14.04 -14.20 7.42
CA SER B 149 -15.21 -13.35 7.78
C SER B 149 -16.05 -13.05 6.52
N GLY B 150 -15.40 -12.89 5.40
CA GLY B 150 -16.16 -12.60 4.15
C GLY B 150 -15.60 -11.32 3.51
N LYS B 151 -14.81 -10.58 4.23
CA LYS B 151 -14.25 -9.33 3.67
C LYS B 151 -13.31 -9.63 2.49
N ILE B 152 -13.14 -8.70 1.60
CA ILE B 152 -12.25 -8.94 0.43
C ILE B 152 -11.42 -7.69 0.14
N VAL B 153 -10.15 -7.86 -0.14
CA VAL B 153 -9.28 -6.68 -0.43
C VAL B 153 -8.67 -6.79 -1.83
N LEU B 154 -8.43 -5.68 -2.46
CA LEU B 154 -7.83 -5.71 -3.82
C LEU B 154 -6.68 -4.71 -3.92
N THR B 155 -5.46 -5.16 -3.86
CA THR B 155 -4.30 -4.23 -3.94
C THR B 155 -3.28 -4.75 -4.95
N GLY B 156 -2.50 -3.86 -5.52
CA GLY B 156 -1.48 -4.30 -6.52
C GLY B 156 -2.00 -4.04 -7.94
N ALA B 157 -2.97 -3.18 -8.08
CA ALA B 157 -3.52 -2.89 -9.43
C ALA B 157 -2.93 -1.59 -9.98
N LYS B 158 -2.45 -1.61 -11.19
CA LYS B 158 -1.85 -0.38 -11.78
C LYS B 158 -2.97 0.59 -12.19
N GLN B 159 -4.18 0.13 -12.24
CA GLN B 159 -5.31 1.02 -12.62
C GLN B 159 -6.61 0.53 -11.99
N ARG B 160 -7.68 1.28 -12.13
CA ARG B 160 -8.98 0.84 -11.55
C ARG B 160 -9.53 -0.35 -12.31
N GLU B 161 -9.27 -0.43 -13.59
CA GLU B 161 -9.78 -1.57 -14.39
C GLU B 161 -9.31 -2.90 -13.78
N GLU B 162 -8.03 -3.03 -13.53
CA GLU B 162 -7.52 -4.29 -12.93
C GLU B 162 -8.31 -4.63 -11.66
N ILE B 163 -8.58 -3.64 -10.85
CA ILE B 163 -9.35 -3.90 -9.60
C ILE B 163 -10.73 -4.48 -9.94
N TYR B 164 -11.40 -3.90 -10.89
CA TYR B 164 -12.74 -4.41 -11.28
C TYR B 164 -12.60 -5.79 -11.95
N GLN B 165 -11.54 -6.00 -12.67
CA GLN B 165 -11.35 -7.32 -13.34
C GLN B 165 -11.02 -8.40 -12.30
N ALA B 166 -10.13 -8.11 -11.39
CA ALA B 166 -9.78 -9.12 -10.35
C ALA B 166 -11.05 -9.58 -9.62
N PHE B 167 -11.83 -8.65 -9.15
CA PHE B 167 -13.09 -9.04 -8.44
C PHE B 167 -13.96 -9.90 -9.35
N GLU B 168 -14.00 -9.59 -10.62
CA GLU B 168 -14.82 -10.39 -11.55
C GLU B 168 -14.23 -11.79 -11.74
N ALA B 169 -12.98 -11.95 -11.38
CA ALA B 169 -12.34 -13.29 -11.53
C ALA B 169 -12.31 -14.01 -10.17
N ILE B 170 -12.48 -13.28 -9.10
CA ILE B 170 -12.46 -13.92 -7.75
C ILE B 170 -13.89 -14.12 -7.24
N TYR B 171 -14.80 -13.32 -7.71
CA TYR B 171 -16.22 -13.47 -7.24
C TYR B 171 -16.70 -14.92 -7.40
N PRO B 172 -16.39 -15.52 -8.53
CA PRO B 172 -16.82 -16.92 -8.77
C PRO B 172 -15.98 -17.90 -7.93
N VAL B 173 -14.75 -17.56 -7.68
CA VAL B 173 -13.87 -18.46 -6.87
C VAL B 173 -14.33 -18.47 -5.41
N LEU B 174 -14.74 -17.34 -4.90
CA LEU B 174 -15.21 -17.28 -3.49
C LEU B 174 -16.52 -18.06 -3.33
N SER B 175 -17.42 -17.90 -4.26
CA SER B 175 -18.72 -18.63 -4.15
C SER B 175 -18.47 -20.14 -4.17
N GLU B 176 -17.55 -20.59 -4.97
CA GLU B 176 -17.25 -22.06 -5.03
C GLU B 176 -16.73 -22.54 -3.68
N PHE B 177 -16.03 -21.70 -2.96
CA PHE B 177 -15.49 -22.12 -1.65
C PHE B 177 -16.10 -21.27 -0.53
N ARG B 178 -17.37 -21.02 -0.59
CA ARG B 178 -18.03 -20.19 0.47
C ARG B 178 -18.67 -21.10 1.52
N LYS B 179 -19.35 -20.53 2.48
CA LYS B 179 -19.99 -21.35 3.53
C LYS B 179 -21.43 -20.88 3.79
N MET B 180 -21.64 -19.60 3.76
CA MET B 180 -23.02 -19.07 3.99
C MET B 180 -23.58 -19.62 5.30
N GLU A 1 23.68 -6.59 10.58
CA GLU A 1 23.14 -5.33 11.17
C GLU A 1 21.91 -4.89 10.38
N GLY A 2 21.14 -5.82 9.88
CA GLY A 2 19.92 -5.45 9.10
C GLY A 2 19.08 -6.70 8.86
N SER A 3 18.40 -6.76 7.75
CA SER A 3 17.55 -7.96 7.46
C SER A 3 17.95 -8.58 6.12
N ILE A 4 18.69 -7.87 5.32
CA ILE A 4 19.10 -8.42 4.00
C ILE A 4 17.89 -8.95 3.24
N GLY A 5 17.31 -8.14 2.39
CA GLY A 5 16.12 -8.61 1.62
C GLY A 5 15.23 -7.42 1.28
N ASN A 6 14.00 -7.43 1.74
CA ASN A 6 13.09 -6.29 1.45
C ASN A 6 13.74 -4.97 1.86
N GLY A 7 13.12 -3.86 1.55
CA GLY A 7 13.70 -2.55 1.95
C GLY A 7 13.05 -2.07 3.24
N LEU A 8 12.64 -0.84 3.30
CA LEU A 8 11.99 -0.33 4.54
C LEU A 8 10.66 -1.06 4.76
N ASP A 9 9.99 -0.79 5.85
CA ASP A 9 8.69 -1.48 6.11
C ASP A 9 7.65 -1.03 5.08
N LEU A 10 7.91 -1.28 3.83
CA LEU A 10 6.94 -0.87 2.77
C LEU A 10 5.80 -1.89 2.66
N THR A 11 5.98 -3.06 3.19
CA THR A 11 4.91 -4.09 3.09
C THR A 11 3.54 -3.46 3.34
N GLY A 12 3.50 -2.40 4.11
CA GLY A 12 2.20 -1.74 4.37
C GLY A 12 2.07 -0.50 3.48
N ILE A 13 3.14 0.20 3.25
CA ILE A 13 3.06 1.42 2.39
C ILE A 13 2.30 1.07 1.11
N LEU A 14 2.56 -0.09 0.55
CA LEU A 14 1.81 -0.48 -0.68
C LEU A 14 0.46 -1.06 -0.27
N PHE A 15 0.39 -1.63 0.90
CA PHE A 15 -0.89 -2.20 1.38
C PHE A 15 -1.66 -1.12 2.16
N GLY A 16 -1.20 0.09 2.09
CA GLY A 16 -1.89 1.18 2.84
C GLY A 16 -0.81 2.12 3.41
N ASN A 17 -0.52 3.18 2.69
CA ASN A 17 0.50 4.17 3.14
C ASN A 17 0.77 4.10 4.64
N ILE A 18 1.97 3.76 4.99
CA ILE A 18 2.35 3.68 6.43
C ILE A 18 3.58 4.55 6.60
N ASP A 19 3.90 4.90 7.80
CA ASP A 19 5.12 5.69 8.01
C ASP A 19 6.24 4.68 8.15
N SER A 20 7.23 4.75 7.31
CA SER A 20 8.34 3.76 7.38
C SER A 20 8.65 3.42 8.85
N GLU A 21 8.39 4.35 9.74
CA GLU A 21 8.61 4.07 11.19
C GLU A 21 7.91 2.77 11.60
N GLY A 22 6.96 2.29 10.83
CA GLY A 22 6.27 1.04 11.20
C GLY A 22 4.81 1.30 11.59
N ARG A 23 4.22 2.33 11.04
CA ARG A 23 2.78 2.61 11.38
C ARG A 23 1.99 2.81 10.09
N LEU A 24 0.73 2.44 10.10
CA LEU A 24 -0.10 2.56 8.86
C LEU A 24 -0.91 3.86 8.85
N LEU A 25 -1.44 4.21 7.70
CA LEU A 25 -2.23 5.46 7.60
C LEU A 25 -3.70 5.25 7.94
N GLN A 26 -4.13 5.82 9.01
CA GLN A 26 -5.56 5.72 9.43
C GLN A 26 -5.99 7.07 9.98
N ASP A 27 -5.24 8.10 9.66
CA ASP A 27 -5.55 9.46 10.15
C ASP A 27 -5.67 9.45 11.67
N ASP A 28 -4.57 9.62 12.36
CA ASP A 28 -4.62 9.62 13.85
C ASP A 28 -5.62 10.65 14.35
N ASP A 29 -5.32 11.91 14.21
CA ASP A 29 -6.26 12.97 14.69
C ASP A 29 -7.69 12.62 14.28
N GLY A 30 -8.03 12.83 13.04
CA GLY A 30 -9.42 12.51 12.59
C GLY A 30 -10.42 13.22 13.50
N GLU A 31 -11.54 12.60 13.76
CA GLU A 31 -12.56 13.25 14.64
C GLU A 31 -12.36 12.81 16.09
N GLY A 32 -11.18 12.32 16.41
CA GLY A 32 -10.91 11.88 17.81
C GLY A 32 -10.58 10.38 17.82
N ARG A 33 -11.46 9.56 17.36
CA ARG A 33 -11.18 8.09 17.34
C ARG A 33 -10.76 7.65 15.93
N GLY A 34 -10.09 6.54 15.82
CA GLY A 34 -9.65 6.07 14.47
C GLY A 34 -9.77 4.55 14.40
N GLY A 35 -9.84 4.01 13.21
CA GLY A 35 -9.96 2.53 13.06
C GLY A 35 -11.42 2.16 12.76
N THR A 36 -11.72 1.91 11.51
CA THR A 36 -13.12 1.54 11.15
C THR A 36 -13.12 0.35 10.19
N GLY A 37 -12.16 0.29 9.31
CA GLY A 37 -12.10 -0.85 8.35
C GLY A 37 -11.74 -2.13 9.11
N PHE A 38 -11.02 -3.02 8.48
CA PHE A 38 -10.64 -4.29 9.17
C PHE A 38 -10.06 -3.99 10.55
N ASP A 39 -9.69 -5.00 11.30
CA ASP A 39 -9.12 -4.76 12.64
C ASP A 39 -7.59 -4.66 12.57
N ALA A 40 -6.90 -5.15 13.56
CA ALA A 40 -5.41 -5.08 13.56
C ALA A 40 -4.83 -6.43 13.13
N GLU A 41 -5.48 -7.11 12.23
CA GLU A 41 -4.95 -8.42 11.77
C GLU A 41 -4.01 -8.19 10.59
N LEU A 42 -4.22 -7.13 9.87
CA LEU A 42 -3.34 -6.83 8.70
C LEU A 42 -2.15 -6.01 9.17
N ARG A 43 -2.37 -5.10 10.07
CA ARG A 43 -1.26 -4.24 10.56
C ARG A 43 -0.14 -5.13 11.13
N GLU A 44 -0.45 -5.94 12.10
CA GLU A 44 0.58 -6.83 12.69
C GLU A 44 1.11 -7.78 11.62
N ASN A 45 0.28 -8.15 10.69
CA ASN A 45 0.73 -9.07 9.61
C ASN A 45 1.65 -8.32 8.65
N ILE A 46 1.28 -7.11 8.28
CA ILE A 46 2.13 -6.32 7.35
C ILE A 46 3.59 -6.41 7.81
N GLY A 47 3.83 -6.25 9.08
CA GLY A 47 5.22 -6.35 9.59
C GLY A 47 5.84 -7.65 9.10
N SER A 48 5.03 -8.64 8.85
CA SER A 48 5.57 -9.93 8.35
C SER A 48 4.70 -10.47 7.21
N LEU A 49 4.33 -9.62 6.29
CA LEU A 49 3.49 -10.08 5.15
C LEU A 49 4.36 -10.32 3.91
N SER A 50 5.64 -10.37 4.09
CA SER A 50 6.56 -10.60 2.94
C SER A 50 6.65 -12.10 2.63
N LYS A 51 5.53 -12.77 2.58
CA LYS A 51 5.55 -14.24 2.30
C LYS A 51 4.46 -14.59 1.28
N LEU A 52 3.74 -13.60 0.81
CA LEU A 52 2.66 -13.88 -0.19
C LEU A 52 3.24 -13.84 -1.60
N GLY A 53 4.12 -12.92 -1.86
CA GLY A 53 4.73 -12.83 -3.21
C GLY A 53 4.66 -11.38 -3.71
N LEU A 54 4.19 -10.48 -2.89
CA LEU A 54 4.11 -9.06 -3.34
C LEU A 54 5.45 -8.34 -3.04
N ASP A 55 6.39 -9.04 -2.49
CA ASP A 55 7.70 -8.41 -2.19
C ASP A 55 8.15 -7.55 -3.37
N SER A 56 7.82 -7.94 -4.56
CA SER A 56 8.23 -7.14 -5.75
C SER A 56 7.69 -5.72 -5.61
N MET A 57 6.44 -5.58 -5.30
CA MET A 57 5.85 -4.23 -5.13
C MET A 57 6.47 -3.55 -3.91
N LEU A 58 7.17 -4.31 -3.10
CA LEU A 58 7.81 -3.72 -1.89
C LEU A 58 8.96 -2.82 -2.32
N LEU A 59 9.96 -3.41 -2.90
CA LEU A 59 11.14 -2.62 -3.37
C LEU A 59 10.74 -1.72 -4.54
N GLU A 60 9.54 -1.87 -5.03
CA GLU A 60 9.09 -1.04 -6.18
C GLU A 60 8.69 0.36 -5.71
N VAL A 61 8.69 0.59 -4.44
CA VAL A 61 8.29 1.94 -3.94
C VAL A 61 9.35 2.48 -2.97
N ILE A 62 10.30 1.67 -2.62
CA ILE A 62 11.37 2.12 -1.69
C ILE A 62 12.73 1.58 -2.14
N ASP A 63 13.27 2.11 -3.19
CA ASP A 63 14.60 1.64 -3.64
C ASP A 63 15.66 2.30 -2.76
N LEU A 64 15.54 2.14 -1.47
CA LEU A 64 16.50 2.78 -0.54
C LEU A 64 17.40 1.74 0.12
N LYS A 65 18.26 1.15 -0.65
CA LYS A 65 19.18 0.11 -0.08
C LYS A 65 20.61 0.36 -0.57
N GLU A 66 21.47 -0.61 -0.42
CA GLU A 66 22.88 -0.43 -0.88
C GLU A 66 22.93 -0.37 -2.41
N ALA A 67 23.30 0.75 -2.95
CA ALA A 67 23.37 0.88 -4.44
C ALA A 67 24.82 1.16 -4.88
N SER B 1 -26.34 -8.15 -6.60
CA SER B 1 -25.02 -8.46 -7.24
C SER B 1 -24.37 -7.17 -7.77
N GLY B 2 -23.13 -7.23 -8.13
CA GLY B 2 -22.44 -6.03 -8.64
C GLY B 2 -21.81 -5.25 -7.48
N ILE B 3 -20.72 -5.73 -6.96
CA ILE B 3 -20.06 -5.03 -5.83
C ILE B 3 -18.93 -4.13 -6.33
N VAL B 4 -18.04 -4.67 -7.12
CA VAL B 4 -16.92 -3.85 -7.65
C VAL B 4 -16.05 -3.34 -6.48
N PRO B 5 -14.77 -3.51 -6.63
CA PRO B 5 -13.81 -3.07 -5.58
C PRO B 5 -13.66 -1.55 -5.58
N THR B 6 -13.34 -0.98 -4.45
CA THR B 6 -13.17 0.50 -4.39
C THR B 6 -11.74 0.83 -3.97
N LEU B 7 -11.09 1.71 -4.70
CA LEU B 7 -9.69 2.08 -4.35
C LEU B 7 -9.68 2.90 -3.06
N GLN B 8 -8.82 2.56 -2.13
CA GLN B 8 -8.75 3.32 -0.85
C GLN B 8 -7.34 3.87 -0.62
N ASN B 9 -6.38 3.35 -1.33
CA ASN B 9 -4.99 3.86 -1.14
C ASN B 9 -4.17 3.69 -2.43
N ILE B 10 -3.82 4.76 -3.07
CA ILE B 10 -3.01 4.66 -4.32
C ILE B 10 -1.53 4.74 -3.99
N VAL B 11 -0.68 4.43 -4.94
CA VAL B 11 0.78 4.49 -4.66
C VAL B 11 1.54 4.87 -5.94
N ALA B 12 2.17 6.00 -5.96
CA ALA B 12 2.91 6.42 -7.18
C ALA B 12 4.31 6.92 -6.82
N THR B 13 5.17 7.04 -7.79
CA THR B 13 6.55 7.52 -7.51
C THR B 13 6.82 8.79 -8.31
N VAL B 14 7.51 9.74 -7.74
CA VAL B 14 7.78 11.01 -8.49
C VAL B 14 9.22 11.49 -8.22
N THR B 15 9.76 12.27 -9.11
CA THR B 15 11.15 12.78 -8.92
C THR B 15 11.09 14.28 -8.54
N LEU B 16 11.97 14.72 -7.70
CA LEU B 16 11.95 16.16 -7.31
C LEU B 16 12.93 16.96 -8.18
N GLY B 17 13.69 16.30 -9.01
CA GLY B 17 14.65 17.04 -9.89
C GLY B 17 16.08 16.91 -9.35
N CYS B 18 16.24 16.95 -8.06
CA CYS B 18 17.62 16.85 -7.49
C CYS B 18 17.62 16.05 -6.20
N ARG B 19 18.74 15.97 -5.53
CA ARG B 19 18.80 15.20 -4.25
C ARG B 19 18.21 16.01 -3.11
N LEU B 20 18.18 15.46 -1.93
CA LEU B 20 17.60 16.21 -0.76
C LEU B 20 18.43 15.96 0.49
N ASP B 21 18.24 16.77 1.50
CA ASP B 21 18.99 16.56 2.77
C ASP B 21 18.03 16.09 3.86
N LEU B 22 17.75 14.80 3.90
CA LEU B 22 16.82 14.26 4.92
C LEU B 22 17.00 14.97 6.26
N LYS B 23 18.21 15.09 6.73
CA LYS B 23 18.43 15.78 8.04
C LYS B 23 17.76 17.15 8.01
N THR B 24 18.03 17.93 7.01
CA THR B 24 17.41 19.28 6.92
C THR B 24 15.95 19.15 6.45
N VAL B 25 15.70 18.31 5.49
CA VAL B 25 14.30 18.14 4.99
C VAL B 25 13.39 17.67 6.13
N ALA B 26 13.89 16.83 6.99
CA ALA B 26 13.05 16.33 8.12
C ALA B 26 12.76 17.46 9.11
N LEU B 27 13.72 18.33 9.32
CA LEU B 27 13.50 19.45 10.27
C LEU B 27 12.93 20.68 9.54
N HIS B 28 13.15 20.76 8.25
CA HIS B 28 12.62 21.93 7.49
C HIS B 28 11.16 21.72 7.11
N ALA B 29 10.79 20.50 6.81
CA ALA B 29 9.37 20.24 6.42
C ALA B 29 8.45 20.34 7.64
N ARG B 30 7.25 20.83 7.46
CA ARG B 30 6.31 20.95 8.60
C ARG B 30 5.79 19.58 9.00
N ASN B 31 5.74 18.66 8.08
CA ASN B 31 5.24 17.29 8.40
C ASN B 31 6.19 16.24 7.82
N ALA B 32 7.29 15.99 8.48
CA ALA B 32 8.25 14.98 7.96
C ALA B 32 8.78 14.12 9.11
N GLU B 33 9.29 12.97 8.82
CA GLU B 33 9.84 12.09 9.90
C GLU B 33 11.02 11.27 9.39
N TYR B 34 12.17 11.42 9.98
CA TYR B 34 13.35 10.64 9.53
C TYR B 34 13.78 9.65 10.61
N ASN B 35 13.66 8.39 10.34
CA ASN B 35 14.06 7.38 11.36
C ASN B 35 15.16 6.47 10.80
N PRO B 36 16.33 6.61 11.37
CA PRO B 36 17.49 5.80 10.92
C PRO B 36 17.30 4.34 11.37
N LYS B 37 16.45 4.12 12.35
CA LYS B 37 16.22 2.72 12.83
C LYS B 37 15.39 1.96 11.80
N ARG B 38 14.74 2.67 10.91
CA ARG B 38 13.90 2.00 9.88
C ARG B 38 14.61 2.05 8.52
N PHE B 39 14.59 3.19 7.87
CA PHE B 39 15.27 3.30 6.54
C PHE B 39 15.91 4.67 6.39
N ALA B 40 16.66 4.87 5.34
CA ALA B 40 17.31 6.20 5.12
C ALA B 40 16.38 7.12 4.33
N ALA B 41 15.12 7.15 4.67
CA ALA B 41 14.18 8.04 3.93
C ALA B 41 13.32 8.84 4.92
N VAL B 42 12.88 9.99 4.52
CA VAL B 42 12.03 10.81 5.42
C VAL B 42 10.55 10.58 5.07
N ILE B 43 9.75 10.23 6.04
CA ILE B 43 8.31 9.99 5.76
C ILE B 43 7.50 11.28 5.91
N MET B 44 6.89 11.74 4.85
CA MET B 44 6.08 12.99 4.94
C MET B 44 4.61 12.65 5.18
N ARG B 45 3.82 13.61 5.57
CA ARG B 45 2.38 13.33 5.82
C ARG B 45 1.57 14.63 5.86
N ILE B 46 0.66 14.80 4.95
CA ILE B 46 -0.18 16.03 4.94
C ILE B 46 -1.66 15.65 5.06
N ARG B 47 -2.45 16.50 5.64
CA ARG B 47 -3.91 16.17 5.80
C ARG B 47 -4.70 16.71 4.61
N GLU B 48 -4.09 16.82 3.46
CA GLU B 48 -4.81 17.35 2.27
C GLU B 48 -4.07 16.98 0.98
N PRO B 49 -4.30 15.79 0.49
CA PRO B 49 -5.23 14.83 1.14
C PRO B 49 -4.49 14.04 2.22
N LYS B 50 -5.17 13.65 3.26
CA LYS B 50 -4.50 12.86 4.34
C LYS B 50 -3.76 11.67 3.73
N THR B 51 -2.50 11.84 3.40
CA THR B 51 -1.73 10.72 2.81
C THR B 51 -0.26 10.81 3.25
N THR B 52 0.57 9.90 2.81
CA THR B 52 2.01 9.96 3.22
C THR B 52 2.91 9.81 2.00
N ALA B 53 4.20 9.85 2.19
CA ALA B 53 5.12 9.72 1.02
C ALA B 53 6.56 9.47 1.52
N LEU B 54 7.27 8.58 0.88
CA LEU B 54 8.66 8.30 1.32
C LEU B 54 9.64 9.12 0.47
N ILE B 55 10.21 10.15 1.03
CA ILE B 55 11.16 10.99 0.25
C ILE B 55 12.58 10.46 0.40
N PHE B 56 13.27 10.24 -0.69
CA PHE B 56 14.66 9.73 -0.61
C PHE B 56 15.65 10.89 -0.79
N ALA B 57 16.88 10.70 -0.41
CA ALA B 57 17.89 11.79 -0.55
C ALA B 57 18.35 11.91 -2.01
N SER B 58 18.01 10.96 -2.83
CA SER B 58 18.43 11.04 -4.26
C SER B 58 17.47 11.92 -5.05
N GLY B 59 16.41 12.36 -4.43
CA GLY B 59 15.43 13.23 -5.15
C GLY B 59 14.16 12.42 -5.44
N LYS B 60 14.31 11.17 -5.79
CA LYS B 60 13.11 10.32 -6.07
C LYS B 60 12.28 10.15 -4.80
N MET B 61 10.99 10.29 -4.90
CA MET B 61 10.14 10.13 -3.69
C MET B 61 8.93 9.23 -4.00
N VAL B 62 8.23 8.81 -2.99
CA VAL B 62 7.04 7.93 -3.22
C VAL B 62 5.83 8.48 -2.47
N VAL B 63 4.67 8.37 -3.04
CA VAL B 63 3.45 8.87 -2.35
C VAL B 63 2.40 7.77 -2.27
N THR B 64 1.66 7.73 -1.19
CA THR B 64 0.63 6.67 -1.04
C THR B 64 -0.51 7.17 -0.13
N GLY B 65 -1.62 6.49 -0.13
CA GLY B 65 -2.76 6.92 0.72
C GLY B 65 -3.88 7.48 -0.17
N ALA B 66 -3.53 8.15 -1.23
CA ALA B 66 -4.57 8.73 -2.13
C ALA B 66 -5.63 7.68 -2.45
N LYS B 67 -6.73 8.09 -3.03
CA LYS B 67 -7.81 7.11 -3.36
C LYS B 67 -8.06 7.08 -4.87
N SER B 68 -7.52 8.03 -5.60
CA SER B 68 -7.73 8.04 -7.08
C SER B 68 -6.58 8.78 -7.77
N GLU B 69 -6.56 8.77 -9.08
CA GLU B 69 -5.47 9.45 -9.81
C GLU B 69 -5.44 10.94 -9.43
N ASP B 70 -6.55 11.60 -9.47
CA ASP B 70 -6.59 13.04 -9.11
C ASP B 70 -6.09 13.25 -7.68
N ASP B 71 -6.39 12.33 -6.80
CA ASP B 71 -5.94 12.47 -5.39
C ASP B 71 -4.41 12.36 -5.30
N SER B 72 -3.84 11.43 -6.04
CA SER B 72 -2.36 11.27 -6.00
C SER B 72 -1.67 12.57 -6.41
N LYS B 73 -2.02 13.10 -7.56
CA LYS B 73 -1.38 14.37 -8.02
C LYS B 73 -1.46 15.43 -6.92
N LEU B 74 -2.54 15.46 -6.19
CA LEU B 74 -2.68 16.48 -5.11
C LEU B 74 -1.72 16.16 -3.95
N ALA B 75 -1.57 14.90 -3.63
CA ALA B 75 -0.65 14.53 -2.50
C ALA B 75 0.80 14.77 -2.92
N SER B 76 1.12 14.54 -4.17
CA SER B 76 2.53 14.75 -4.62
C SER B 76 2.84 16.24 -4.69
N ARG B 77 2.12 16.98 -5.50
CA ARG B 77 2.37 18.44 -5.62
C ARG B 77 2.50 19.06 -4.23
N LYS B 78 1.82 18.52 -3.25
CA LYS B 78 1.89 19.09 -1.88
C LYS B 78 3.30 18.89 -1.31
N TYR B 79 3.83 17.70 -1.42
CA TYR B 79 5.20 17.44 -0.89
C TYR B 79 6.22 18.26 -1.68
N ALA B 80 6.20 18.15 -2.98
CA ALA B 80 7.17 18.92 -3.81
C ALA B 80 7.14 20.40 -3.40
N ARG B 81 5.99 20.90 -3.07
CA ARG B 81 5.89 22.33 -2.65
C ARG B 81 6.80 22.58 -1.44
N ILE B 82 6.72 21.73 -0.45
CA ILE B 82 7.58 21.90 0.76
C ILE B 82 9.05 21.77 0.36
N ILE B 83 9.33 21.07 -0.70
CA ILE B 83 10.74 20.91 -1.14
C ILE B 83 11.13 22.11 -2.00
N GLN B 84 10.17 22.74 -2.61
CA GLN B 84 10.47 23.93 -3.46
C GLN B 84 10.43 25.20 -2.61
N LYS B 85 9.76 25.16 -1.50
CA LYS B 85 9.72 26.36 -0.61
C LYS B 85 10.98 26.37 0.24
N ILE B 86 11.53 25.21 0.50
CA ILE B 86 12.77 25.13 1.31
C ILE B 86 13.99 25.37 0.42
N GLY B 87 13.95 24.88 -0.78
CA GLY B 87 15.11 25.09 -1.70
C GLY B 87 15.73 23.74 -2.09
N PHE B 88 14.99 22.67 -1.94
CA PHE B 88 15.55 21.34 -2.30
C PHE B 88 15.34 21.06 -3.79
N ALA B 89 15.41 19.81 -4.17
CA ALA B 89 15.21 19.42 -5.59
C ALA B 89 14.16 20.33 -6.25
N ALA B 90 12.93 20.16 -5.89
CA ALA B 90 11.86 21.04 -6.46
C ALA B 90 11.70 20.82 -7.97
N LYS B 91 11.13 19.71 -8.37
CA LYS B 91 10.92 19.46 -9.82
C LYS B 91 9.89 18.34 -10.03
N PHE B 92 8.68 18.69 -10.34
CA PHE B 92 7.63 17.66 -10.55
C PHE B 92 7.87 16.91 -11.86
N THR B 93 8.38 15.71 -11.78
CA THR B 93 8.64 14.94 -13.03
C THR B 93 8.74 13.44 -12.71
N ASP B 94 8.53 12.60 -13.70
CA ASP B 94 8.62 11.13 -13.47
C ASP B 94 7.44 10.65 -12.62
N PHE B 95 6.40 11.42 -12.53
CA PHE B 95 5.22 10.98 -11.72
C PHE B 95 4.53 9.80 -12.40
N LYS B 96 4.17 8.79 -11.65
CA LYS B 96 3.50 7.62 -12.27
C LYS B 96 2.95 6.68 -11.20
N ILE B 97 1.72 6.26 -11.34
CA ILE B 97 1.13 5.33 -10.32
C ILE B 97 1.58 3.90 -10.62
N GLN B 98 2.21 3.26 -9.68
CA GLN B 98 2.69 1.86 -9.92
C GLN B 98 1.91 0.86 -9.07
N ASN B 99 1.02 1.32 -8.23
CA ASN B 99 0.25 0.36 -7.39
C ASN B 99 -1.08 0.98 -6.95
N ILE B 100 -2.12 0.19 -6.94
CA ILE B 100 -3.45 0.71 -6.51
C ILE B 100 -4.11 -0.28 -5.55
N VAL B 101 -4.46 0.17 -4.38
CA VAL B 101 -5.10 -0.75 -3.38
C VAL B 101 -6.62 -0.55 -3.36
N GLY B 102 -7.37 -1.61 -3.43
CA GLY B 102 -8.86 -1.49 -3.40
C GLY B 102 -9.41 -2.42 -2.33
N SER B 103 -10.68 -2.33 -2.04
CA SER B 103 -11.28 -3.21 -1.00
C SER B 103 -12.80 -3.11 -1.01
N CYS B 104 -13.47 -4.14 -0.60
CA CYS B 104 -14.97 -4.10 -0.59
C CYS B 104 -15.52 -5.32 0.14
N ASP B 105 -16.75 -5.24 0.59
CA ASP B 105 -17.35 -6.39 1.33
C ASP B 105 -18.28 -7.17 0.40
N VAL B 106 -18.68 -8.35 0.78
CA VAL B 106 -19.59 -9.15 -0.08
C VAL B 106 -20.95 -9.34 0.61
N LYS B 107 -21.07 -10.30 1.48
CA LYS B 107 -22.37 -10.52 2.18
C LYS B 107 -22.25 -11.67 3.19
N PHE B 108 -21.41 -12.63 2.91
CA PHE B 108 -21.25 -13.77 3.86
C PHE B 108 -19.76 -14.12 4.00
N PRO B 109 -19.46 -14.91 4.98
CA PRO B 109 -18.05 -15.31 5.24
C PRO B 109 -17.56 -16.26 4.14
N ILE B 110 -16.29 -16.57 4.13
CA ILE B 110 -15.75 -17.48 3.09
C ILE B 110 -14.90 -18.58 3.72
N ARG B 111 -15.02 -19.79 3.24
CA ARG B 111 -14.21 -20.91 3.81
C ARG B 111 -12.76 -20.79 3.33
N LEU B 112 -11.94 -20.05 4.04
CA LEU B 112 -10.52 -19.89 3.61
C LEU B 112 -9.81 -21.24 3.57
N GLU B 113 -10.16 -22.14 4.45
CA GLU B 113 -9.50 -23.48 4.46
C GLU B 113 -9.90 -24.27 3.22
N GLY B 114 -11.16 -24.24 2.86
CA GLY B 114 -11.61 -24.99 1.65
C GLY B 114 -11.08 -24.30 0.40
N LEU B 115 -10.94 -23.00 0.45
CA LEU B 115 -10.43 -22.26 -0.73
C LEU B 115 -8.92 -22.47 -0.89
N ALA B 116 -8.21 -22.57 0.21
CA ALA B 116 -6.74 -22.78 0.11
C ALA B 116 -6.43 -24.18 -0.41
N PHE B 117 -7.30 -25.11 -0.19
CA PHE B 117 -7.06 -26.50 -0.67
C PHE B 117 -7.28 -26.58 -2.18
N SER B 118 -8.30 -25.94 -2.68
CA SER B 118 -8.57 -25.99 -4.16
C SER B 118 -7.62 -25.04 -4.89
N HIS B 119 -7.61 -23.79 -4.52
CA HIS B 119 -6.71 -22.81 -5.20
C HIS B 119 -5.38 -22.72 -4.46
N GLY B 120 -5.00 -23.77 -3.78
CA GLY B 120 -3.71 -23.75 -3.03
C GLY B 120 -2.57 -23.39 -3.99
N THR B 121 -2.72 -23.68 -5.25
CA THR B 121 -1.65 -23.36 -6.22
C THR B 121 -1.79 -21.92 -6.70
N PHE B 122 -2.90 -21.29 -6.42
CA PHE B 122 -3.10 -19.88 -6.87
C PHE B 122 -3.21 -18.95 -5.66
N SER B 123 -3.61 -19.47 -4.53
CA SER B 123 -3.72 -18.62 -3.31
C SER B 123 -2.89 -19.20 -2.17
N SER B 124 -2.76 -18.48 -1.09
CA SER B 124 -1.96 -19.01 0.06
C SER B 124 -2.74 -18.82 1.37
N TYR B 125 -2.55 -19.72 2.30
CA TYR B 125 -3.28 -19.59 3.60
C TYR B 125 -2.44 -20.20 4.73
N GLU B 126 -1.83 -19.37 5.54
CA GLU B 126 -0.99 -19.90 6.65
C GLU B 126 -1.63 -19.56 7.99
N PRO B 127 -2.23 -20.54 8.59
CA PRO B 127 -2.88 -20.34 9.91
C PRO B 127 -1.82 -20.18 11.00
N GLU B 128 -0.56 -20.28 10.64
CA GLU B 128 0.51 -20.12 11.65
C GLU B 128 0.85 -18.63 11.82
N LEU B 129 0.46 -17.82 10.88
CA LEU B 129 0.75 -16.37 10.99
C LEU B 129 -0.34 -15.55 10.31
N PHE B 130 -0.84 -16.03 9.20
CA PHE B 130 -1.91 -15.27 8.49
C PHE B 130 -3.22 -16.06 8.51
N PRO B 131 -4.16 -15.57 9.29
CA PRO B 131 -5.48 -16.24 9.40
C PRO B 131 -6.32 -15.99 8.14
N GLY B 132 -5.99 -14.98 7.38
CA GLY B 132 -6.78 -14.70 6.15
C GLY B 132 -6.17 -15.47 4.97
N LEU B 133 -6.75 -15.35 3.81
CA LEU B 133 -6.21 -16.07 2.62
C LEU B 133 -5.80 -15.07 1.54
N ILE B 134 -4.58 -15.14 1.09
CA ILE B 134 -4.13 -14.18 0.03
C ILE B 134 -4.12 -14.86 -1.34
N TYR B 135 -5.01 -14.47 -2.21
CA TYR B 135 -5.06 -15.09 -3.56
C TYR B 135 -4.28 -14.24 -4.57
N ARG B 136 -3.33 -14.83 -5.24
CA ARG B 136 -2.54 -14.06 -6.24
C ARG B 136 -2.97 -14.44 -7.66
N MET B 137 -3.76 -13.61 -8.29
CA MET B 137 -4.22 -13.93 -9.67
C MET B 137 -3.04 -13.81 -10.65
N VAL B 138 -2.82 -14.81 -11.46
CA VAL B 138 -1.70 -14.74 -12.43
C VAL B 138 -1.90 -13.58 -13.40
N LYS B 139 -3.05 -13.49 -14.00
CA LYS B 139 -3.31 -12.36 -14.95
C LYS B 139 -4.73 -11.81 -14.73
N PRO B 140 -4.82 -10.54 -14.37
CA PRO B 140 -3.62 -9.70 -14.17
C PRO B 140 -2.92 -10.05 -12.86
N LYS B 141 -1.64 -9.89 -12.79
CA LYS B 141 -0.89 -10.22 -11.54
C LYS B 141 -1.38 -9.32 -10.39
N ILE B 142 -2.40 -9.74 -9.70
CA ILE B 142 -2.92 -8.91 -8.57
C ILE B 142 -3.05 -9.74 -7.30
N VAL B 143 -2.92 -9.14 -6.16
CA VAL B 143 -3.03 -9.90 -4.89
C VAL B 143 -4.34 -9.54 -4.18
N LEU B 144 -5.12 -10.53 -3.80
CA LEU B 144 -6.40 -10.23 -3.11
C LEU B 144 -6.42 -10.88 -1.72
N LEU B 145 -6.85 -10.15 -0.73
CA LEU B 145 -6.90 -10.71 0.66
C LEU B 145 -8.35 -11.09 1.01
N ILE B 146 -8.58 -12.31 1.42
CA ILE B 146 -9.96 -12.73 1.77
C ILE B 146 -10.03 -13.16 3.25
N PHE B 147 -10.94 -12.60 3.99
CA PHE B 147 -11.07 -12.97 5.42
C PHE B 147 -12.44 -13.58 5.70
N VAL B 148 -12.51 -14.56 6.56
CA VAL B 148 -13.82 -15.20 6.88
C VAL B 148 -14.88 -14.13 7.15
N SER B 149 -14.48 -13.01 7.67
CA SER B 149 -15.47 -11.93 7.97
C SER B 149 -16.29 -11.62 6.72
N GLY B 150 -15.65 -11.48 5.59
CA GLY B 150 -16.40 -11.16 4.35
C GLY B 150 -15.77 -9.95 3.66
N LYS B 151 -14.70 -9.43 4.20
CA LYS B 151 -14.05 -8.24 3.58
C LYS B 151 -12.95 -8.69 2.61
N ILE B 152 -12.89 -8.09 1.45
CA ILE B 152 -11.84 -8.48 0.46
C ILE B 152 -10.97 -7.28 0.11
N VAL B 153 -9.68 -7.40 0.26
CA VAL B 153 -8.77 -6.27 -0.07
C VAL B 153 -8.01 -6.56 -1.37
N LEU B 154 -7.58 -5.53 -2.06
CA LEU B 154 -6.83 -5.75 -3.33
C LEU B 154 -5.61 -4.83 -3.39
N THR B 155 -4.48 -5.36 -3.79
CA THR B 155 -3.26 -4.51 -3.88
C THR B 155 -2.26 -5.13 -4.85
N GLY B 156 -1.56 -4.33 -5.61
CA GLY B 156 -0.57 -4.87 -6.57
C GLY B 156 -1.07 -4.64 -8.00
N ALA B 157 -1.95 -3.69 -8.19
CA ALA B 157 -2.47 -3.43 -9.57
C ALA B 157 -1.92 -2.09 -10.09
N LYS B 158 -1.32 -2.10 -11.26
CA LYS B 158 -0.77 -0.85 -11.82
C LYS B 158 -1.90 0.05 -12.34
N GLN B 159 -3.01 -0.54 -12.71
CA GLN B 159 -4.14 0.28 -13.22
C GLN B 159 -5.45 -0.16 -12.55
N ARG B 160 -6.54 0.44 -12.91
CA ARG B 160 -7.84 0.06 -12.28
C ARG B 160 -8.45 -1.14 -13.02
N GLU B 161 -8.31 -1.19 -14.31
CA GLU B 161 -8.87 -2.34 -15.07
C GLU B 161 -8.40 -3.66 -14.46
N GLU B 162 -7.26 -3.66 -13.83
CA GLU B 162 -6.76 -4.92 -13.21
C GLU B 162 -7.52 -5.21 -11.92
N ILE B 163 -7.72 -4.21 -11.10
CA ILE B 163 -8.46 -4.43 -9.84
C ILE B 163 -9.88 -4.94 -10.15
N TYR B 164 -10.47 -4.41 -11.18
CA TYR B 164 -11.85 -4.85 -11.55
C TYR B 164 -11.84 -6.32 -11.97
N GLN B 165 -10.92 -6.70 -12.81
CA GLN B 165 -10.86 -8.12 -13.26
C GLN B 165 -10.47 -9.04 -12.09
N ALA B 166 -9.61 -8.57 -11.23
CA ALA B 166 -9.20 -9.41 -10.07
C ALA B 166 -10.43 -9.89 -9.30
N PHE B 167 -11.29 -8.98 -8.92
CA PHE B 167 -12.52 -9.37 -8.17
C PHE B 167 -13.50 -10.09 -9.11
N GLU B 168 -13.69 -9.56 -10.28
CA GLU B 168 -14.63 -10.21 -11.25
C GLU B 168 -14.39 -11.72 -11.29
N ALA B 169 -13.17 -12.14 -11.10
CA ALA B 169 -12.89 -13.61 -11.12
C ALA B 169 -12.80 -14.15 -9.69
N ILE B 170 -12.75 -13.29 -8.72
CA ILE B 170 -12.66 -13.76 -7.30
C ILE B 170 -14.05 -13.68 -6.65
N TYR B 171 -14.91 -12.85 -7.15
CA TYR B 171 -16.28 -12.73 -6.57
C TYR B 171 -16.95 -14.11 -6.46
N PRO B 172 -16.90 -14.86 -7.53
CA PRO B 172 -17.53 -16.21 -7.52
C PRO B 172 -16.73 -17.16 -6.62
N VAL B 173 -15.44 -17.00 -6.57
CA VAL B 173 -14.62 -17.90 -5.71
C VAL B 173 -15.10 -17.79 -4.26
N LEU B 174 -15.43 -16.61 -3.82
CA LEU B 174 -15.93 -16.45 -2.42
C LEU B 174 -17.30 -17.10 -2.26
N SER B 175 -18.18 -16.88 -3.19
CA SER B 175 -19.54 -17.49 -3.10
C SER B 175 -19.46 -19.00 -3.32
N GLU B 176 -18.47 -19.44 -4.06
CA GLU B 176 -18.33 -20.91 -4.32
C GLU B 176 -17.99 -21.64 -3.02
N PHE B 177 -17.15 -21.07 -2.20
CA PHE B 177 -16.78 -21.73 -0.92
C PHE B 177 -17.32 -20.92 0.27
N ARG B 178 -18.52 -20.41 0.16
CA ARG B 178 -19.09 -19.61 1.28
C ARG B 178 -19.33 -20.52 2.50
N LYS B 179 -20.00 -20.02 3.50
CA LYS B 179 -20.28 -20.85 4.71
C LYS B 179 -21.77 -20.92 4.98
N MET B 180 -22.40 -19.79 5.22
CA MET B 180 -23.87 -19.80 5.49
C MET B 180 -24.63 -20.30 4.25
N GLU A 1 19.23 -18.30 4.28
CA GLU A 1 19.88 -17.63 3.12
C GLU A 1 19.01 -17.78 1.87
N GLY A 2 18.12 -16.86 1.63
CA GLY A 2 17.25 -16.95 0.44
C GLY A 2 17.23 -15.60 -0.29
N SER A 3 16.41 -14.69 0.16
CA SER A 3 16.34 -13.35 -0.50
C SER A 3 17.60 -12.55 -0.17
N ILE A 4 18.10 -11.80 -1.11
CA ILE A 4 19.33 -10.99 -0.86
C ILE A 4 19.00 -9.50 -0.77
N GLY A 5 19.67 -8.77 0.08
CA GLY A 5 19.39 -7.32 0.20
C GLY A 5 17.89 -7.08 0.36
N ASN A 6 17.47 -5.85 0.35
CA ASN A 6 16.02 -5.54 0.50
C ASN A 6 15.80 -4.04 0.59
N GLY A 7 14.75 -3.62 1.25
CA GLY A 7 14.47 -2.16 1.38
C GLY A 7 13.60 -1.94 2.61
N LEU A 8 13.12 -0.73 2.81
CA LEU A 8 12.26 -0.47 3.99
C LEU A 8 10.99 -1.31 3.88
N ASP A 9 10.35 -1.58 4.98
CA ASP A 9 9.12 -2.41 4.94
C ASP A 9 7.90 -1.58 4.56
N LEU A 10 7.51 -1.63 3.32
CA LEU A 10 6.31 -0.85 2.88
C LEU A 10 5.09 -1.76 2.85
N THR A 11 5.24 -2.99 3.28
CA THR A 11 4.09 -3.93 3.27
C THR A 11 2.81 -3.19 3.68
N GLY A 12 2.94 -2.17 4.49
CA GLY A 12 1.74 -1.40 4.91
C GLY A 12 1.65 -0.14 4.07
N ILE A 13 2.78 0.47 3.78
CA ILE A 13 2.76 1.72 2.97
C ILE A 13 1.98 1.47 1.68
N LEU A 14 2.25 0.38 1.01
CA LEU A 14 1.50 0.07 -0.24
C LEU A 14 0.13 -0.53 0.12
N PHE A 15 -0.11 -0.76 1.38
CA PHE A 15 -1.40 -1.37 1.80
C PHE A 15 -2.24 -0.36 2.59
N GLY A 16 -1.72 0.81 2.88
CA GLY A 16 -2.54 1.78 3.66
C GLY A 16 -1.67 2.87 4.27
N ASN A 17 -1.11 3.73 3.45
CA ASN A 17 -0.27 4.87 3.92
C ASN A 17 0.29 4.68 5.34
N ILE A 18 1.57 4.51 5.44
CA ILE A 18 2.22 4.34 6.78
C ILE A 18 3.62 4.92 6.71
N ASP A 19 4.16 5.30 7.83
CA ASP A 19 5.54 5.82 7.81
C ASP A 19 6.49 4.66 7.98
N SER A 20 7.57 4.65 7.25
CA SER A 20 8.53 3.52 7.39
C SER A 20 8.71 3.17 8.88
N GLU A 21 8.49 4.13 9.74
CA GLU A 21 8.62 3.87 11.20
C GLU A 21 7.71 2.71 11.63
N GLY A 22 6.79 2.32 10.80
CA GLY A 22 5.88 1.20 11.16
C GLY A 22 4.54 1.75 11.68
N ARG A 23 4.11 2.87 11.16
CA ARG A 23 2.82 3.45 11.61
C ARG A 23 1.80 3.40 10.46
N LEU A 24 0.68 2.78 10.68
CA LEU A 24 -0.36 2.69 9.61
C LEU A 24 -1.31 3.87 9.69
N LEU A 25 -1.58 4.53 8.59
CA LEU A 25 -2.51 5.69 8.64
C LEU A 25 -3.57 5.54 7.55
N GLN A 26 -4.47 6.47 7.45
CA GLN A 26 -5.53 6.38 6.42
C GLN A 26 -5.55 7.65 5.56
N ASP A 27 -6.49 8.54 5.79
CA ASP A 27 -6.53 9.78 4.97
C ASP A 27 -7.74 10.62 5.36
N ASP A 28 -8.00 10.75 6.63
CA ASP A 28 -9.17 11.55 7.08
C ASP A 28 -8.80 13.04 7.19
N ASP A 29 -8.86 13.75 6.10
CA ASP A 29 -8.51 15.20 6.15
C ASP A 29 -9.72 16.02 6.63
N GLY A 30 -9.86 17.22 6.15
CA GLY A 30 -11.03 18.06 6.58
C GLY A 30 -12.32 17.30 6.29
N GLU A 31 -12.45 16.75 5.11
CA GLU A 31 -13.69 16.01 4.77
C GLU A 31 -13.36 14.56 4.39
N GLY A 32 -13.65 13.62 5.25
CA GLY A 32 -13.36 12.20 4.93
C GLY A 32 -14.67 11.41 4.90
N ARG A 33 -15.25 11.19 6.04
CA ARG A 33 -16.53 10.42 6.09
C ARG A 33 -16.35 9.04 5.44
N GLY A 34 -15.27 8.37 5.76
CA GLY A 34 -15.03 7.02 5.16
C GLY A 34 -16.16 6.07 5.58
N GLY A 35 -15.87 4.80 5.66
CA GLY A 35 -16.91 3.83 6.07
C GLY A 35 -16.29 2.44 6.22
N THR A 36 -16.79 1.48 5.49
CA THR A 36 -16.23 0.10 5.58
C THR A 36 -14.69 0.13 5.51
N GLY A 37 -14.04 -0.82 6.12
CA GLY A 37 -12.55 -0.84 6.07
C GLY A 37 -12.03 -1.90 7.05
N PHE A 38 -11.04 -2.65 6.65
CA PHE A 38 -10.49 -3.70 7.56
C PHE A 38 -10.01 -3.09 8.87
N ASP A 39 -9.86 -3.89 9.89
CA ASP A 39 -9.40 -3.36 11.20
C ASP A 39 -7.90 -3.63 11.38
N ALA A 40 -7.50 -4.04 12.56
CA ALA A 40 -6.05 -4.32 12.79
C ALA A 40 -5.80 -5.84 12.73
N GLU A 41 -6.49 -6.52 11.86
CA GLU A 41 -6.30 -7.99 11.75
C GLU A 41 -5.04 -8.28 10.94
N LEU A 42 -4.72 -7.45 10.01
CA LEU A 42 -3.48 -7.68 9.21
C LEU A 42 -2.51 -6.52 9.44
N ARG A 43 -2.95 -5.48 10.09
CA ARG A 43 -2.04 -4.35 10.38
C ARG A 43 -0.91 -4.88 11.27
N GLU A 44 -1.29 -5.47 12.36
CA GLU A 44 -0.26 -6.04 13.26
C GLU A 44 0.55 -7.05 12.45
N ASN A 45 -0.02 -7.51 11.37
CA ASN A 45 0.70 -8.47 10.50
C ASN A 45 1.52 -7.69 9.47
N ILE A 46 1.10 -6.48 9.16
CA ILE A 46 1.87 -5.66 8.18
C ILE A 46 3.33 -5.65 8.63
N GLY A 47 3.55 -5.57 9.90
CA GLY A 47 4.94 -5.58 10.42
C GLY A 47 5.61 -6.92 10.05
N SER A 48 4.83 -7.88 9.62
CA SER A 48 5.43 -9.21 9.25
C SER A 48 4.78 -9.74 7.97
N LEU A 49 4.03 -8.94 7.28
CA LEU A 49 3.37 -9.41 6.02
C LEU A 49 4.33 -9.30 4.83
N SER A 50 5.61 -9.23 5.08
CA SER A 50 6.59 -9.13 3.96
C SER A 50 7.28 -10.48 3.74
N LYS A 51 6.60 -11.56 4.00
CA LYS A 51 7.23 -12.90 3.82
C LYS A 51 6.30 -13.82 3.01
N LEU A 52 5.26 -13.28 2.43
CA LEU A 52 4.33 -14.14 1.64
C LEU A 52 4.17 -13.60 0.22
N GLY A 53 4.78 -12.48 -0.10
CA GLY A 53 4.66 -11.94 -1.48
C GLY A 53 4.80 -10.41 -1.46
N LEU A 54 4.12 -9.75 -0.56
CA LEU A 54 4.20 -8.27 -0.50
C LEU A 54 5.64 -7.80 -0.70
N ASP A 55 6.59 -8.58 -0.25
CA ASP A 55 8.03 -8.19 -0.39
C ASP A 55 8.26 -7.56 -1.77
N SER A 56 7.60 -8.06 -2.77
CA SER A 56 7.78 -7.48 -4.14
C SER A 56 7.26 -6.04 -4.19
N MET A 57 6.11 -5.80 -3.62
CA MET A 57 5.56 -4.42 -3.65
C MET A 57 6.39 -3.49 -2.75
N LEU A 58 7.09 -4.05 -1.79
CA LEU A 58 7.91 -3.18 -0.90
C LEU A 58 8.97 -2.48 -1.74
N LEU A 59 9.83 -3.25 -2.35
CA LEU A 59 10.88 -2.64 -3.21
C LEU A 59 10.25 -1.88 -4.38
N GLU A 60 8.96 -2.02 -4.56
CA GLU A 60 8.28 -1.33 -5.69
C GLU A 60 7.88 0.10 -5.30
N VAL A 61 7.84 0.41 -4.02
CA VAL A 61 7.46 1.80 -3.62
C VAL A 61 8.64 2.47 -2.93
N ILE A 62 9.56 1.69 -2.46
CA ILE A 62 10.75 2.26 -1.77
C ILE A 62 12.05 1.65 -2.33
N ASP A 63 12.40 2.00 -3.53
CA ASP A 63 13.67 1.46 -4.09
C ASP A 63 14.84 2.21 -3.45
N LEU A 64 14.92 2.16 -2.16
CA LEU A 64 15.99 2.88 -1.43
C LEU A 64 17.08 1.91 -1.00
N LYS A 65 17.77 1.34 -1.94
CA LYS A 65 18.85 0.37 -1.60
C LYS A 65 20.22 0.98 -1.94
N GLU A 66 21.13 0.97 -1.01
CA GLU A 66 22.48 1.54 -1.26
C GLU A 66 22.35 2.86 -2.04
N ALA A 67 21.97 3.91 -1.36
CA ALA A 67 21.83 5.22 -2.06
C ALA A 67 22.80 6.24 -1.46
N SER B 1 -23.97 -11.15 -8.65
CA SER B 1 -24.18 -9.68 -8.45
C SER B 1 -23.02 -8.90 -9.07
N GLY B 2 -22.77 -7.73 -8.57
CA GLY B 2 -21.65 -6.91 -9.13
C GLY B 2 -21.22 -5.87 -8.09
N ILE B 3 -20.82 -6.30 -6.93
CA ILE B 3 -20.40 -5.33 -5.87
C ILE B 3 -19.18 -4.53 -6.35
N VAL B 4 -19.16 -3.26 -6.08
CA VAL B 4 -18.00 -2.42 -6.50
C VAL B 4 -17.05 -2.21 -5.33
N PRO B 5 -15.78 -2.43 -5.58
CA PRO B 5 -14.76 -2.26 -4.52
C PRO B 5 -14.54 -0.78 -4.20
N THR B 6 -14.21 -0.47 -2.98
CA THR B 6 -13.98 0.95 -2.60
C THR B 6 -12.49 1.22 -2.39
N LEU B 7 -11.95 2.21 -3.04
CA LEU B 7 -10.51 2.52 -2.88
C LEU B 7 -10.26 3.12 -1.49
N GLN B 8 -9.28 2.61 -0.78
CA GLN B 8 -9.00 3.15 0.59
C GLN B 8 -7.55 3.63 0.69
N ASN B 9 -6.76 3.38 -0.31
CA ASN B 9 -5.34 3.83 -0.26
C ASN B 9 -4.71 3.80 -1.66
N ILE B 10 -4.44 4.95 -2.22
CA ILE B 10 -3.82 5.00 -3.57
C ILE B 10 -2.32 5.27 -3.45
N VAL B 11 -1.52 4.73 -4.33
CA VAL B 11 -0.06 4.96 -4.24
C VAL B 11 0.54 5.25 -5.62
N ALA B 12 1.30 6.29 -5.74
CA ALA B 12 1.91 6.63 -7.06
C ALA B 12 3.42 6.88 -6.91
N THR B 13 4.16 6.72 -7.96
CA THR B 13 5.63 6.96 -7.87
C THR B 13 6.03 8.23 -8.63
N VAL B 14 6.89 9.02 -8.07
CA VAL B 14 7.30 10.28 -8.77
C VAL B 14 8.83 10.44 -8.72
N THR B 15 9.36 11.38 -9.43
CA THR B 15 10.84 11.58 -9.42
C THR B 15 11.18 13.06 -9.56
N LEU B 16 12.22 13.50 -8.90
CA LEU B 16 12.61 14.93 -8.99
C LEU B 16 13.72 15.12 -10.03
N GLY B 17 14.91 14.67 -9.72
CA GLY B 17 16.04 14.82 -10.68
C GLY B 17 17.25 15.42 -9.97
N CYS B 18 17.10 15.79 -8.73
CA CYS B 18 18.25 16.38 -7.98
C CYS B 18 18.41 15.67 -6.63
N ARG B 19 19.60 15.26 -6.32
CA ARG B 19 19.83 14.56 -5.03
C ARG B 19 19.32 15.40 -3.86
N LEU B 20 18.91 14.79 -2.79
CA LEU B 20 18.39 15.55 -1.63
C LEU B 20 19.07 15.09 -0.33
N ASP B 21 19.04 15.90 0.68
CA ASP B 21 19.68 15.49 1.98
C ASP B 21 18.59 15.14 3.00
N LEU B 22 18.21 13.89 3.07
CA LEU B 22 17.16 13.47 4.04
C LEU B 22 17.35 14.19 5.38
N LYS B 23 18.56 14.44 5.77
CA LYS B 23 18.80 15.14 7.06
C LYS B 23 18.16 16.54 7.02
N THR B 24 18.41 17.29 5.98
CA THR B 24 17.82 18.66 5.89
C THR B 24 16.37 18.57 5.40
N VAL B 25 16.06 17.62 4.57
CA VAL B 25 14.67 17.48 4.06
C VAL B 25 13.70 17.22 5.22
N ALA B 26 14.01 16.26 6.06
CA ALA B 26 13.11 15.96 7.20
C ALA B 26 13.27 17.01 8.31
N LEU B 27 14.41 17.65 8.37
CA LEU B 27 14.63 18.68 9.41
C LEU B 27 13.75 19.91 9.15
N HIS B 28 13.67 20.33 7.92
CA HIS B 28 12.82 21.53 7.60
C HIS B 28 11.36 21.09 7.41
N ALA B 29 11.14 19.99 6.76
CA ALA B 29 9.75 19.52 6.53
C ALA B 29 8.97 19.56 7.85
N ARG B 30 8.02 20.46 7.96
CA ARG B 30 7.22 20.55 9.22
C ARG B 30 6.43 19.25 9.45
N ASN B 31 6.37 18.39 8.47
CA ASN B 31 5.63 17.12 8.63
C ASN B 31 6.38 15.97 7.98
N ALA B 32 7.38 15.44 8.64
CA ALA B 32 8.16 14.31 8.05
C ALA B 32 8.89 13.55 9.16
N GLU B 33 9.44 12.40 8.84
CA GLU B 33 10.17 11.61 9.86
C GLU B 33 11.43 10.99 9.26
N TYR B 34 12.51 10.94 10.00
CA TYR B 34 13.76 10.34 9.46
C TYR B 34 14.46 9.52 10.54
N ASN B 35 14.35 8.21 10.47
CA ASN B 35 15.01 7.36 11.49
C ASN B 35 15.98 6.38 10.81
N PRO B 36 17.21 6.42 11.24
CA PRO B 36 18.25 5.52 10.65
C PRO B 36 18.04 4.08 11.11
N LYS B 37 17.33 3.88 12.19
CA LYS B 37 17.10 2.49 12.67
C LYS B 37 16.08 1.78 11.79
N ARG B 38 15.25 2.52 11.11
CA ARG B 38 14.23 1.88 10.23
C ARG B 38 14.76 1.75 8.80
N PHE B 39 15.08 2.85 8.19
CA PHE B 39 15.55 2.79 6.78
C PHE B 39 16.10 4.15 6.34
N ALA B 40 16.55 4.25 5.12
CA ALA B 40 17.09 5.56 4.64
C ALA B 40 16.05 6.29 3.78
N ALA B 41 15.00 6.76 4.37
CA ALA B 41 13.96 7.48 3.58
C ALA B 41 13.20 8.46 4.47
N VAL B 42 12.85 9.60 3.93
CA VAL B 42 12.09 10.60 4.74
C VAL B 42 10.59 10.45 4.43
N ILE B 43 9.81 10.11 5.42
CA ILE B 43 8.36 9.92 5.19
C ILE B 43 7.61 11.24 5.41
N MET B 44 7.19 11.88 4.36
CA MET B 44 6.46 13.17 4.51
C MET B 44 4.94 12.91 4.58
N ARG B 45 4.23 13.73 5.30
CA ARG B 45 2.75 13.53 5.41
C ARG B 45 2.04 14.88 5.42
N ILE B 46 0.88 14.94 4.82
CA ILE B 46 0.12 16.23 4.80
C ILE B 46 -1.33 15.98 5.22
N ARG B 47 -2.14 17.01 5.26
CA ARG B 47 -3.56 16.83 5.67
C ARG B 47 -4.50 17.43 4.62
N GLU B 48 -4.14 17.35 3.38
CA GLU B 48 -5.01 17.91 2.31
C GLU B 48 -4.37 17.71 0.93
N PRO B 49 -4.53 16.53 0.38
CA PRO B 49 -5.27 15.45 1.08
C PRO B 49 -4.41 14.83 2.18
N LYS B 50 -5.01 14.13 3.10
CA LYS B 50 -4.22 13.49 4.20
C LYS B 50 -3.53 12.22 3.67
N THR B 51 -2.23 12.27 3.51
CA THR B 51 -1.52 11.06 3.00
C THR B 51 -0.04 11.09 3.42
N THR B 52 0.72 10.10 3.03
CA THR B 52 2.16 10.07 3.40
C THR B 52 3.01 9.91 2.14
N ALA B 53 4.30 10.01 2.25
CA ALA B 53 5.15 9.87 1.03
C ALA B 53 6.53 9.31 1.38
N LEU B 54 7.01 8.38 0.59
CA LEU B 54 8.35 7.78 0.82
C LEU B 54 9.40 8.56 0.02
N ILE B 55 10.05 9.52 0.63
CA ILE B 55 11.07 10.32 -0.12
C ILE B 55 12.45 9.67 -0.05
N PHE B 56 13.17 9.67 -1.14
CA PHE B 56 14.54 9.06 -1.13
C PHE B 56 15.59 10.17 -1.30
N ALA B 57 16.82 9.89 -0.98
CA ALA B 57 17.88 10.93 -1.12
C ALA B 57 18.32 11.04 -2.59
N SER B 58 17.98 10.07 -3.39
CA SER B 58 18.39 10.12 -4.83
C SER B 58 17.49 11.10 -5.59
N GLY B 59 16.35 11.44 -5.04
CA GLY B 59 15.44 12.38 -5.75
C GLY B 59 14.09 11.70 -6.00
N LYS B 60 14.08 10.41 -6.09
CA LYS B 60 12.79 9.69 -6.34
C LYS B 60 11.97 9.60 -5.05
N MET B 61 10.71 9.32 -5.16
CA MET B 61 9.86 9.22 -3.94
C MET B 61 8.58 8.44 -4.24
N VAL B 62 7.84 8.10 -3.22
CA VAL B 62 6.57 7.34 -3.44
C VAL B 62 5.44 7.94 -2.58
N VAL B 63 4.33 8.26 -3.17
CA VAL B 63 3.22 8.85 -2.37
C VAL B 63 2.11 7.81 -2.16
N THR B 64 1.63 7.71 -0.95
CA THR B 64 0.53 6.75 -0.65
C THR B 64 -0.44 7.39 0.33
N GLY B 65 -1.64 6.90 0.39
CA GLY B 65 -2.65 7.48 1.32
C GLY B 65 -3.76 8.16 0.52
N ALA B 66 -3.53 8.43 -0.73
CA ALA B 66 -4.58 9.09 -1.57
C ALA B 66 -5.84 8.22 -1.62
N LYS B 67 -6.90 8.71 -2.19
CA LYS B 67 -8.15 7.92 -2.28
C LYS B 67 -8.54 7.72 -3.75
N SER B 68 -8.03 8.53 -4.63
CA SER B 68 -8.39 8.39 -6.07
C SER B 68 -7.19 8.77 -6.96
N GLU B 69 -7.40 8.84 -8.25
CA GLU B 69 -6.28 9.20 -9.15
C GLU B 69 -5.92 10.68 -8.98
N ASP B 70 -6.85 11.56 -9.20
CA ASP B 70 -6.55 13.02 -9.05
C ASP B 70 -5.92 13.29 -7.68
N ASP B 71 -6.33 12.54 -6.68
CA ASP B 71 -5.77 12.77 -5.32
C ASP B 71 -4.26 12.46 -5.32
N SER B 72 -3.86 11.37 -5.89
CA SER B 72 -2.42 11.02 -5.92
C SER B 72 -1.63 12.07 -6.72
N LYS B 73 -2.21 12.61 -7.74
CA LYS B 73 -1.49 13.64 -8.55
C LYS B 73 -1.27 14.90 -7.71
N LEU B 74 -2.26 15.33 -6.98
CA LEU B 74 -2.09 16.55 -6.14
C LEU B 74 -1.15 16.26 -4.97
N ALA B 75 -1.48 15.30 -4.15
CA ALA B 75 -0.60 14.98 -2.99
C ALA B 75 0.86 14.93 -3.43
N SER B 76 1.11 14.62 -4.68
CA SER B 76 2.50 14.55 -5.17
C SER B 76 3.05 15.96 -5.41
N ARG B 77 2.42 16.72 -6.27
CA ARG B 77 2.91 18.11 -6.54
C ARG B 77 3.06 18.88 -5.22
N LYS B 78 2.32 18.50 -4.21
CA LYS B 78 2.43 19.20 -2.90
C LYS B 78 3.77 18.86 -2.24
N TYR B 79 4.12 17.60 -2.21
CA TYR B 79 5.41 17.20 -1.59
C TYR B 79 6.57 17.86 -2.34
N ALA B 80 6.53 17.87 -3.64
CA ALA B 80 7.63 18.50 -4.41
C ALA B 80 7.72 19.99 -4.05
N ARG B 81 6.62 20.58 -3.64
CA ARG B 81 6.65 22.01 -3.27
C ARG B 81 7.45 22.20 -1.98
N ILE B 82 7.34 21.27 -1.07
CA ILE B 82 8.09 21.39 0.22
C ILE B 82 9.60 21.40 -0.08
N ILE B 83 10.07 20.47 -0.87
CA ILE B 83 11.53 20.45 -1.18
C ILE B 83 11.91 21.72 -1.93
N GLN B 84 11.12 22.12 -2.89
CA GLN B 84 11.43 23.35 -3.66
C GLN B 84 11.22 24.58 -2.77
N LYS B 85 10.27 24.52 -1.89
CA LYS B 85 10.01 25.66 -0.98
C LYS B 85 11.15 25.71 0.03
N ILE B 86 11.80 24.60 0.23
CA ILE B 86 12.94 24.54 1.18
C ILE B 86 14.19 25.07 0.49
N GLY B 87 14.22 25.02 -0.81
CA GLY B 87 15.41 25.52 -1.56
C GLY B 87 15.87 24.47 -2.57
N PHE B 88 15.76 23.22 -2.23
CA PHE B 88 16.20 22.15 -3.16
C PHE B 88 15.69 22.41 -4.58
N ALA B 89 16.29 21.79 -5.55
CA ALA B 89 15.84 21.99 -6.96
C ALA B 89 14.95 20.81 -7.38
N ALA B 90 14.07 20.39 -6.52
CA ALA B 90 13.17 19.25 -6.86
C ALA B 90 12.32 19.58 -8.09
N LYS B 91 11.84 18.57 -8.76
CA LYS B 91 11.00 18.79 -9.97
C LYS B 91 9.61 18.17 -9.76
N PHE B 92 8.92 17.85 -10.83
CA PHE B 92 7.57 17.23 -10.67
C PHE B 92 7.26 16.35 -11.89
N THR B 93 7.91 15.24 -12.02
CA THR B 93 7.64 14.34 -13.18
C THR B 93 7.71 12.87 -12.76
N ASP B 94 7.52 11.97 -13.67
CA ASP B 94 7.58 10.52 -13.33
C ASP B 94 6.38 10.13 -12.46
N PHE B 95 5.40 11.00 -12.34
CA PHE B 95 4.22 10.67 -11.51
C PHE B 95 3.40 9.55 -12.17
N LYS B 96 3.04 8.56 -11.41
CA LYS B 96 2.24 7.43 -12.00
C LYS B 96 1.71 6.52 -10.90
N ILE B 97 0.44 6.20 -10.92
CA ILE B 97 -0.13 5.32 -9.88
C ILE B 97 0.20 3.86 -10.20
N GLN B 98 0.92 3.18 -9.34
CA GLN B 98 1.28 1.77 -9.62
C GLN B 98 0.78 0.86 -8.49
N ASN B 99 0.08 1.39 -7.53
CA ASN B 99 -0.41 0.52 -6.42
C ASN B 99 -1.72 1.06 -5.85
N ILE B 100 -2.83 0.55 -6.31
CA ILE B 100 -4.14 1.03 -5.78
C ILE B 100 -4.68 0.02 -4.75
N VAL B 101 -5.30 0.49 -3.71
CA VAL B 101 -5.83 -0.45 -2.67
C VAL B 101 -7.34 -0.25 -2.49
N GLY B 102 -8.08 -1.32 -2.48
CA GLY B 102 -9.56 -1.21 -2.28
C GLY B 102 -10.02 -2.27 -1.27
N SER B 103 -11.28 -2.32 -0.98
CA SER B 103 -11.78 -3.33 0.00
C SER B 103 -13.31 -3.40 -0.04
N CYS B 104 -13.85 -4.58 0.12
CA CYS B 104 -15.34 -4.71 0.09
C CYS B 104 -15.74 -6.12 0.53
N ASP B 105 -17.01 -6.37 0.65
CA ASP B 105 -17.48 -7.72 1.08
C ASP B 105 -18.35 -8.34 -0.01
N VAL B 106 -18.73 -9.58 0.15
CA VAL B 106 -19.60 -10.23 -0.88
C VAL B 106 -20.99 -10.51 -0.31
N LYS B 107 -21.16 -11.63 0.35
CA LYS B 107 -22.50 -11.95 0.94
C LYS B 107 -22.56 -13.42 1.37
N PHE B 108 -21.73 -14.25 0.81
CA PHE B 108 -21.75 -15.69 1.19
C PHE B 108 -20.37 -16.10 1.72
N PRO B 109 -20.37 -17.08 2.58
CA PRO B 109 -19.11 -17.56 3.17
C PRO B 109 -18.37 -18.47 2.19
N ILE B 110 -17.08 -18.63 2.36
CA ILE B 110 -16.31 -19.53 1.44
C ILE B 110 -15.38 -20.45 2.24
N ARG B 111 -14.88 -21.49 1.63
CA ARG B 111 -13.96 -22.41 2.35
C ARG B 111 -12.51 -22.09 1.98
N LEU B 112 -11.86 -21.26 2.76
CA LEU B 112 -10.44 -20.91 2.44
C LEU B 112 -9.64 -22.17 2.15
N GLU B 113 -9.73 -23.14 3.01
CA GLU B 113 -8.98 -24.41 2.78
C GLU B 113 -9.12 -24.84 1.32
N GLY B 114 -10.27 -24.63 0.74
CA GLY B 114 -10.46 -25.02 -0.69
C GLY B 114 -9.66 -24.06 -1.57
N LEU B 115 -9.63 -22.81 -1.24
CA LEU B 115 -8.86 -21.83 -2.06
C LEU B 115 -7.37 -22.13 -1.97
N ALA B 116 -6.90 -22.52 -0.82
CA ALA B 116 -5.45 -22.83 -0.67
C ALA B 116 -5.16 -24.23 -1.23
N PHE B 117 -6.18 -25.00 -1.46
CA PHE B 117 -5.97 -26.38 -2.01
C PHE B 117 -5.96 -26.33 -3.55
N SER B 118 -6.80 -25.52 -4.13
CA SER B 118 -6.84 -25.42 -5.61
C SER B 118 -5.94 -24.28 -6.09
N HIS B 119 -6.12 -23.11 -5.55
CA HIS B 119 -5.26 -21.96 -5.97
C HIS B 119 -4.05 -21.84 -5.04
N GLY B 120 -3.69 -22.90 -4.38
CA GLY B 120 -2.52 -22.86 -3.45
C GLY B 120 -1.38 -22.09 -4.11
N THR B 121 -0.83 -22.62 -5.18
CA THR B 121 0.29 -21.92 -5.87
C THR B 121 -0.05 -20.44 -6.11
N PHE B 122 -1.31 -20.10 -6.10
CA PHE B 122 -1.70 -18.68 -6.32
C PHE B 122 -2.35 -18.11 -5.05
N SER B 123 -2.19 -18.77 -3.94
CA SER B 123 -2.80 -18.27 -2.68
C SER B 123 -1.98 -18.71 -1.46
N SER B 124 -2.02 -17.96 -0.40
CA SER B 124 -1.25 -18.34 0.81
C SER B 124 -2.16 -18.36 2.04
N TYR B 125 -1.98 -19.30 2.92
CA TYR B 125 -2.86 -19.38 4.13
C TYR B 125 -2.02 -19.56 5.39
N GLU B 126 -1.91 -18.56 6.21
CA GLU B 126 -1.11 -18.68 7.46
C GLU B 126 -2.03 -18.56 8.66
N PRO B 127 -2.46 -19.69 9.16
CA PRO B 127 -3.38 -19.71 10.33
C PRO B 127 -2.64 -19.31 11.59
N GLU B 128 -1.34 -19.18 11.53
CA GLU B 128 -0.57 -18.78 12.73
C GLU B 128 -0.21 -17.29 12.66
N LEU B 129 -0.54 -16.64 11.57
CA LEU B 129 -0.20 -15.20 11.46
C LEU B 129 -1.35 -14.44 10.78
N PHE B 130 -2.02 -15.06 9.85
CA PHE B 130 -3.15 -14.36 9.16
C PHE B 130 -4.42 -15.22 9.22
N PRO B 131 -5.49 -14.60 9.66
CA PRO B 131 -6.79 -15.31 9.77
C PRO B 131 -7.43 -15.48 8.40
N GLY B 132 -7.32 -14.50 7.54
CA GLY B 132 -7.93 -14.62 6.19
C GLY B 132 -6.91 -15.24 5.22
N LEU B 133 -7.29 -15.42 3.99
CA LEU B 133 -6.35 -16.01 3.00
C LEU B 133 -5.83 -14.94 2.04
N ILE B 134 -4.54 -14.89 1.83
CA ILE B 134 -3.97 -13.87 0.90
C ILE B 134 -3.91 -14.43 -0.52
N TYR B 135 -4.79 -13.99 -1.38
CA TYR B 135 -4.78 -14.50 -2.78
C TYR B 135 -3.88 -13.63 -3.66
N ARG B 136 -2.83 -14.19 -4.18
CA ARG B 136 -1.92 -13.40 -5.06
C ARG B 136 -2.15 -13.75 -6.53
N MET B 137 -3.17 -13.20 -7.12
CA MET B 137 -3.46 -13.50 -8.55
C MET B 137 -2.37 -12.93 -9.45
N VAL B 138 -2.25 -13.41 -10.65
CA VAL B 138 -1.19 -12.88 -11.56
C VAL B 138 -1.84 -12.11 -12.72
N LYS B 139 -3.02 -12.49 -13.12
CA LYS B 139 -3.70 -11.78 -14.25
C LYS B 139 -5.14 -11.43 -13.85
N PRO B 140 -5.33 -10.23 -13.36
CA PRO B 140 -4.20 -9.27 -13.18
C PRO B 140 -3.31 -9.71 -12.00
N LYS B 141 -2.15 -9.14 -11.89
CA LYS B 141 -1.23 -9.51 -10.77
C LYS B 141 -1.51 -8.62 -9.55
N ILE B 142 -2.36 -9.07 -8.66
CA ILE B 142 -2.68 -8.25 -7.46
C ILE B 142 -2.91 -9.15 -6.24
N VAL B 143 -2.58 -8.68 -5.08
CA VAL B 143 -2.77 -9.52 -3.85
C VAL B 143 -4.11 -9.18 -3.19
N LEU B 144 -4.80 -10.15 -2.66
CA LEU B 144 -6.11 -9.87 -2.02
C LEU B 144 -6.21 -10.61 -0.68
N LEU B 145 -6.92 -10.05 0.26
CA LEU B 145 -7.07 -10.70 1.58
C LEU B 145 -8.47 -11.31 1.71
N ILE B 146 -8.57 -12.61 1.72
CA ILE B 146 -9.92 -13.24 1.83
C ILE B 146 -10.22 -13.58 3.29
N PHE B 147 -10.93 -12.73 3.97
CA PHE B 147 -11.28 -13.01 5.40
C PHE B 147 -12.28 -14.16 5.47
N VAL B 148 -11.91 -15.27 4.94
CA VAL B 148 -12.80 -16.48 4.90
C VAL B 148 -13.78 -16.36 3.74
N SER B 149 -14.25 -15.16 3.50
CA SER B 149 -15.25 -14.92 2.40
C SER B 149 -16.03 -13.65 2.68
N GLY B 150 -16.05 -13.26 3.90
CA GLY B 150 -16.84 -12.07 4.28
C GLY B 150 -16.24 -10.80 3.69
N LYS B 151 -15.07 -10.41 4.15
CA LYS B 151 -14.44 -9.18 3.63
C LYS B 151 -13.35 -9.50 2.59
N ILE B 152 -13.27 -8.73 1.54
CA ILE B 152 -12.23 -8.99 0.50
C ILE B 152 -11.37 -7.73 0.30
N VAL B 153 -10.08 -7.90 0.12
CA VAL B 153 -9.19 -6.72 -0.07
C VAL B 153 -8.42 -6.83 -1.39
N LEU B 154 -8.05 -5.73 -1.97
CA LEU B 154 -7.29 -5.78 -3.26
C LEU B 154 -6.25 -4.66 -3.32
N THR B 155 -5.00 -5.00 -3.51
CA THR B 155 -3.95 -3.95 -3.59
C THR B 155 -2.84 -4.38 -4.56
N GLY B 156 -2.28 -3.45 -5.28
CA GLY B 156 -1.20 -3.81 -6.25
C GLY B 156 -1.66 -3.46 -7.66
N ALA B 157 -2.85 -2.93 -7.79
CA ALA B 157 -3.36 -2.57 -9.15
C ALA B 157 -2.69 -1.30 -9.66
N LYS B 158 -2.58 -1.16 -10.96
CA LYS B 158 -1.94 0.06 -11.51
C LYS B 158 -3.00 1.06 -11.98
N GLN B 159 -4.26 0.69 -11.88
CA GLN B 159 -5.34 1.61 -12.31
C GLN B 159 -6.69 1.13 -11.77
N ARG B 160 -7.69 1.96 -11.80
CA ARG B 160 -9.03 1.54 -11.28
C ARG B 160 -9.55 0.34 -12.06
N GLU B 161 -9.10 0.18 -13.28
CA GLU B 161 -9.57 -0.97 -14.10
C GLU B 161 -9.03 -2.28 -13.52
N GLU B 162 -7.81 -2.28 -13.05
CA GLU B 162 -7.24 -3.53 -12.48
C GLU B 162 -8.03 -3.96 -11.24
N ILE B 163 -8.29 -3.06 -10.35
CA ILE B 163 -9.07 -3.43 -9.13
C ILE B 163 -10.42 -4.01 -9.53
N TYR B 164 -11.12 -3.35 -10.41
CA TYR B 164 -12.45 -3.87 -10.84
C TYR B 164 -12.31 -5.30 -11.37
N GLN B 165 -11.16 -5.64 -11.88
CA GLN B 165 -10.96 -7.01 -12.41
C GLN B 165 -10.53 -7.97 -11.29
N ALA B 166 -9.57 -7.58 -10.50
CA ALA B 166 -9.12 -8.47 -9.39
C ALA B 166 -10.32 -9.04 -8.64
N PHE B 167 -11.36 -8.26 -8.50
CA PHE B 167 -12.57 -8.75 -7.78
C PHE B 167 -13.45 -9.58 -8.71
N GLU B 168 -13.71 -9.09 -9.90
CA GLU B 168 -14.56 -9.86 -10.85
C GLU B 168 -13.90 -11.18 -11.23
N ALA B 169 -12.60 -11.24 -11.16
CA ALA B 169 -11.88 -12.50 -11.51
C ALA B 169 -11.88 -13.46 -10.32
N ILE B 170 -11.75 -12.94 -9.14
CA ILE B 170 -11.74 -13.81 -7.94
C ILE B 170 -13.17 -14.03 -7.44
N TYR B 171 -14.03 -13.08 -7.65
CA TYR B 171 -15.45 -13.22 -7.21
C TYR B 171 -15.98 -14.63 -7.52
N PRO B 172 -15.81 -15.06 -8.75
CA PRO B 172 -16.31 -16.40 -9.15
C PRO B 172 -15.50 -17.50 -8.43
N VAL B 173 -14.21 -17.38 -8.39
CA VAL B 173 -13.39 -18.42 -7.71
C VAL B 173 -14.02 -18.71 -6.34
N LEU B 174 -14.52 -17.69 -5.69
CA LEU B 174 -15.16 -17.89 -4.35
C LEU B 174 -16.42 -18.75 -4.51
N SER B 175 -17.31 -18.35 -5.39
CA SER B 175 -18.56 -19.13 -5.59
C SER B 175 -18.21 -20.62 -5.74
N GLU B 176 -17.13 -20.92 -6.42
CA GLU B 176 -16.76 -22.35 -6.61
C GLU B 176 -16.53 -23.01 -5.24
N PHE B 177 -15.83 -22.35 -4.36
CA PHE B 177 -15.57 -22.94 -3.01
C PHE B 177 -16.58 -22.38 -2.01
N ARG B 178 -17.77 -22.12 -2.45
CA ARG B 178 -18.80 -21.56 -1.52
C ARG B 178 -18.91 -22.43 -0.26
N LYS B 179 -19.20 -21.82 0.86
CA LYS B 179 -19.31 -22.61 2.13
C LYS B 179 -20.78 -22.73 2.55
N MET B 180 -21.58 -21.75 2.22
CA MET B 180 -23.02 -21.81 2.61
C MET B 180 -23.79 -20.63 2.00
N GLU A 1 18.43 -9.39 16.18
CA GLU A 1 17.83 -8.05 16.48
C GLU A 1 16.70 -7.76 15.50
N GLY A 2 15.81 -8.69 15.31
CA GLY A 2 14.68 -8.47 14.37
C GLY A 2 15.05 -8.98 12.98
N SER A 3 14.62 -8.32 11.95
CA SER A 3 14.95 -8.76 10.56
C SER A 3 15.07 -7.56 9.64
N ILE A 4 16.08 -6.74 9.81
CA ILE A 4 16.25 -5.55 8.93
C ILE A 4 17.71 -5.42 8.51
N GLY A 5 18.12 -4.24 8.12
CA GLY A 5 19.53 -4.04 7.69
C GLY A 5 19.56 -3.43 6.29
N ASN A 6 18.71 -3.89 5.42
CA ASN A 6 18.67 -3.34 4.03
C ASN A 6 17.23 -3.36 3.50
N GLY A 7 16.56 -2.24 3.55
CA GLY A 7 15.16 -2.20 3.07
C GLY A 7 14.25 -1.75 4.20
N LEU A 8 13.31 -0.88 3.93
CA LEU A 8 12.40 -0.40 5.00
C LEU A 8 11.11 -1.22 4.96
N ASP A 9 10.38 -1.28 6.03
CA ASP A 9 9.12 -2.09 6.06
C ASP A 9 7.96 -1.34 5.38
N LEU A 10 7.74 -1.60 4.12
CA LEU A 10 6.62 -0.93 3.41
C LEU A 10 5.47 -1.90 3.14
N THR A 11 5.51 -3.06 3.71
CA THR A 11 4.39 -4.02 3.46
C THR A 11 3.06 -3.31 3.67
N GLY A 12 3.06 -2.27 4.45
CA GLY A 12 1.80 -1.52 4.71
C GLY A 12 1.75 -0.27 3.83
N ILE A 13 2.88 0.29 3.48
CA ILE A 13 2.86 1.51 2.63
C ILE A 13 1.87 1.29 1.48
N LEU A 14 1.89 0.15 0.87
CA LEU A 14 0.92 -0.11 -0.23
C LEU A 14 -0.40 -0.59 0.36
N PHE A 15 -0.35 -1.12 1.54
CA PHE A 15 -1.60 -1.60 2.20
C PHE A 15 -2.27 -0.44 2.93
N GLY A 16 -1.70 0.74 2.83
CA GLY A 16 -2.29 1.92 3.53
C GLY A 16 -1.16 2.89 3.89
N ASN A 17 -1.01 3.93 3.10
CA ASN A 17 0.06 4.96 3.35
C ASN A 17 0.55 4.94 4.80
N ILE A 18 1.47 4.07 5.10
CA ILE A 18 2.00 4.00 6.47
C ILE A 18 3.17 4.96 6.61
N ASP A 19 3.65 5.15 7.78
CA ASP A 19 4.84 6.01 7.94
C ASP A 19 6.03 5.09 7.78
N SER A 20 6.94 5.40 6.90
CA SER A 20 8.10 4.49 6.70
C SER A 20 8.57 3.95 8.06
N GLU A 21 8.31 4.67 9.12
CA GLU A 21 8.70 4.18 10.47
C GLU A 21 8.02 2.83 10.76
N GLY A 22 7.07 2.43 9.94
CA GLY A 22 6.37 1.14 10.19
C GLY A 22 5.00 1.39 10.81
N ARG A 23 4.40 2.51 10.50
CA ARG A 23 3.06 2.82 11.08
C ARG A 23 2.00 2.93 9.96
N LEU A 24 0.99 2.10 10.01
CA LEU A 24 -0.08 2.15 8.97
C LEU A 24 -1.21 3.09 9.42
N LEU A 25 -1.80 3.83 8.52
CA LEU A 25 -2.89 4.77 8.94
C LEU A 25 -4.11 4.62 8.03
N GLN A 26 -5.13 5.41 8.28
CA GLN A 26 -6.35 5.32 7.43
C GLN A 26 -6.74 6.71 6.93
N ASP A 27 -7.15 6.82 5.70
CA ASP A 27 -7.54 8.14 5.15
C ASP A 27 -8.94 8.53 5.64
N ASP A 28 -9.09 8.76 6.92
CA ASP A 28 -10.42 9.15 7.46
C ASP A 28 -10.26 9.84 8.82
N ASP A 29 -11.11 10.79 9.12
CA ASP A 29 -11.01 11.49 10.43
C ASP A 29 -12.39 11.96 10.89
N GLY A 30 -13.06 11.16 11.66
CA GLY A 30 -14.41 11.56 12.15
C GLY A 30 -15.41 10.43 11.88
N GLU A 31 -15.75 9.68 12.89
CA GLU A 31 -16.72 8.56 12.70
C GLU A 31 -18.10 9.11 12.31
N GLY A 32 -18.37 9.18 11.03
CA GLY A 32 -19.69 9.71 10.59
C GLY A 32 -20.69 8.57 10.46
N ARG A 33 -20.64 7.85 9.38
CA ARG A 33 -21.59 6.71 9.18
C ARG A 33 -20.95 5.62 8.34
N GLY A 34 -21.50 4.43 8.36
CA GLY A 34 -20.92 3.32 7.56
C GLY A 34 -19.72 2.72 8.29
N GLY A 35 -18.83 2.09 7.57
CA GLY A 35 -17.64 1.48 8.22
C GLY A 35 -17.04 0.42 7.30
N THR A 36 -15.98 0.75 6.62
CA THR A 36 -15.35 -0.25 5.69
C THR A 36 -13.83 -0.25 5.89
N GLY A 37 -13.25 -1.39 6.10
CA GLY A 37 -11.77 -1.45 6.29
C GLY A 37 -11.42 -2.63 7.22
N PHE A 38 -10.49 -3.44 6.82
CA PHE A 38 -10.10 -4.59 7.68
C PHE A 38 -9.92 -4.15 9.14
N ASP A 39 -10.41 -4.92 10.07
CA ASP A 39 -10.26 -4.54 11.51
C ASP A 39 -8.79 -4.61 11.93
N ALA A 40 -8.52 -5.13 13.10
CA ALA A 40 -7.11 -5.22 13.55
C ALA A 40 -6.52 -6.58 13.19
N GLU A 41 -6.98 -7.17 12.12
CA GLU A 41 -6.45 -8.49 11.70
C GLU A 41 -5.42 -8.30 10.58
N LEU A 42 -5.46 -7.18 9.92
CA LEU A 42 -4.50 -6.94 8.81
C LEU A 42 -3.36 -6.04 9.29
N ARG A 43 -3.67 -4.99 10.00
CA ARG A 43 -2.60 -4.08 10.48
C ARG A 43 -1.56 -4.88 11.24
N GLU A 44 -1.96 -5.57 12.26
CA GLU A 44 -0.99 -6.39 13.05
C GLU A 44 -0.39 -7.47 12.14
N ASN A 45 -1.06 -7.77 11.07
CA ASN A 45 -0.54 -8.80 10.13
C ASN A 45 0.45 -8.15 9.17
N ILE A 46 0.21 -6.93 8.79
CA ILE A 46 1.14 -6.23 7.87
C ILE A 46 2.56 -6.29 8.46
N GLY A 47 2.68 -6.10 9.75
CA GLY A 47 4.02 -6.16 10.39
C GLY A 47 4.67 -7.50 10.09
N SER A 48 3.88 -8.50 9.80
CA SER A 48 4.46 -9.85 9.50
C SER A 48 4.10 -10.29 8.08
N LEU A 49 3.61 -9.39 7.27
CA LEU A 49 3.24 -9.77 5.87
C LEU A 49 4.44 -9.62 4.95
N SER A 50 5.63 -9.73 5.47
CA SER A 50 6.84 -9.58 4.61
C SER A 50 7.52 -10.94 4.42
N LYS A 51 6.77 -11.93 4.01
CA LYS A 51 7.37 -13.28 3.80
C LYS A 51 6.36 -14.23 3.16
N LEU A 52 5.41 -13.69 2.43
CA LEU A 52 4.40 -14.57 1.77
C LEU A 52 3.94 -13.96 0.45
N GLY A 53 4.64 -12.97 -0.04
CA GLY A 53 4.24 -12.35 -1.34
C GLY A 53 4.54 -10.84 -1.30
N LEU A 54 3.96 -10.15 -0.35
CA LEU A 54 4.20 -8.68 -0.27
C LEU A 54 5.70 -8.36 -0.29
N ASP A 55 6.53 -9.32 0.02
CA ASP A 55 7.99 -9.07 0.01
C ASP A 55 8.38 -8.30 -1.26
N SER A 56 7.83 -8.70 -2.38
CA SER A 56 8.16 -8.00 -3.66
C SER A 56 7.60 -6.58 -3.60
N MET A 57 6.34 -6.44 -3.26
CA MET A 57 5.75 -5.08 -3.19
C MET A 57 6.38 -4.32 -2.01
N LEU A 58 7.16 -5.01 -1.21
CA LEU A 58 7.83 -4.34 -0.06
C LEU A 58 8.89 -3.40 -0.59
N LEU A 59 9.83 -3.93 -1.31
CA LEU A 59 10.92 -3.11 -1.90
C LEU A 59 10.37 -2.34 -3.12
N GLU A 60 9.12 -2.50 -3.43
CA GLU A 60 8.55 -1.81 -4.62
C GLU A 60 7.92 -0.46 -4.26
N VAL A 61 8.18 0.04 -3.10
CA VAL A 61 7.59 1.36 -2.75
C VAL A 61 8.60 2.20 -1.98
N ILE A 62 9.79 1.70 -1.83
CA ILE A 62 10.85 2.45 -1.11
C ILE A 62 12.20 2.08 -1.70
N ASP A 63 12.52 2.62 -2.84
CA ASP A 63 13.83 2.31 -3.46
C ASP A 63 14.91 3.12 -2.75
N LEU A 64 14.98 2.98 -1.45
CA LEU A 64 15.97 3.74 -0.64
C LEU A 64 17.32 3.01 -0.61
N LYS A 65 17.67 2.35 -1.69
CA LYS A 65 18.97 1.62 -1.73
C LYS A 65 19.93 2.30 -2.70
N GLU A 66 21.20 2.01 -2.59
CA GLU A 66 22.20 2.63 -3.51
C GLU A 66 22.16 4.16 -3.37
N ALA A 67 22.02 4.65 -2.17
CA ALA A 67 21.99 6.13 -1.97
C ALA A 67 22.15 6.47 -0.48
N SER B 1 -24.36 -11.01 -7.51
CA SER B 1 -24.85 -9.70 -7.00
C SER B 1 -24.18 -8.55 -7.75
N GLY B 2 -22.87 -8.53 -7.80
CA GLY B 2 -22.16 -7.44 -8.51
C GLY B 2 -21.77 -6.34 -7.52
N ILE B 3 -20.89 -6.65 -6.60
CA ILE B 3 -20.46 -5.63 -5.60
C ILE B 3 -19.19 -4.92 -6.09
N VAL B 4 -19.28 -3.65 -6.36
CA VAL B 4 -18.08 -2.90 -6.84
C VAL B 4 -17.07 -2.74 -5.70
N PRO B 5 -15.82 -2.89 -6.04
CA PRO B 5 -14.73 -2.76 -5.04
C PRO B 5 -14.52 -1.29 -4.66
N THR B 6 -14.48 -0.99 -3.39
CA THR B 6 -14.29 0.42 -2.96
C THR B 6 -12.79 0.71 -2.77
N LEU B 7 -12.34 1.83 -3.25
CA LEU B 7 -10.88 2.17 -3.09
C LEU B 7 -10.63 2.73 -1.68
N GLN B 8 -9.73 2.13 -0.96
CA GLN B 8 -9.44 2.62 0.43
C GLN B 8 -8.10 3.35 0.47
N ASN B 9 -7.26 3.13 -0.51
CA ASN B 9 -5.93 3.81 -0.52
C ASN B 9 -5.24 3.62 -1.88
N ILE B 10 -4.24 4.41 -2.15
CA ILE B 10 -3.51 4.27 -3.44
C ILE B 10 -2.06 4.73 -3.28
N VAL B 11 -1.22 4.41 -4.22
CA VAL B 11 0.21 4.82 -4.11
C VAL B 11 0.79 5.08 -5.50
N ALA B 12 1.63 6.08 -5.63
CA ALA B 12 2.23 6.39 -6.96
C ALA B 12 3.71 6.74 -6.78
N THR B 13 4.51 6.49 -7.79
CA THR B 13 5.96 6.80 -7.68
C THR B 13 6.28 8.13 -8.38
N VAL B 14 7.01 8.99 -7.73
CA VAL B 14 7.36 10.30 -8.36
C VAL B 14 8.88 10.47 -8.38
N THR B 15 9.38 11.31 -9.25
CA THR B 15 10.85 11.52 -9.32
C THR B 15 11.18 13.02 -9.37
N LEU B 16 12.25 13.42 -8.74
CA LEU B 16 12.63 14.86 -8.76
C LEU B 16 13.75 15.11 -9.78
N GLY B 17 14.61 14.14 -9.96
CA GLY B 17 15.72 14.32 -10.95
C GLY B 17 16.90 15.01 -10.28
N CYS B 18 16.95 15.00 -8.97
CA CYS B 18 18.09 15.67 -8.26
C CYS B 18 18.27 15.06 -6.87
N ARG B 19 19.49 14.95 -6.42
CA ARG B 19 19.73 14.37 -5.06
C ARG B 19 19.35 15.38 -3.98
N LEU B 20 18.97 14.92 -2.82
CA LEU B 20 18.59 15.86 -1.73
C LEU B 20 19.26 15.46 -0.42
N ASP B 21 19.29 16.35 0.53
CA ASP B 21 19.93 16.02 1.84
C ASP B 21 18.85 15.63 2.86
N LEU B 22 18.84 14.40 3.28
CA LEU B 22 17.80 13.97 4.27
C LEU B 22 17.85 14.85 5.51
N LYS B 23 18.99 14.98 6.12
CA LYS B 23 19.10 15.83 7.34
C LYS B 23 18.51 17.22 7.06
N THR B 24 18.87 17.81 5.96
CA THR B 24 18.33 19.16 5.63
C THR B 24 16.86 19.05 5.21
N VAL B 25 16.54 18.10 4.36
CA VAL B 25 15.14 17.95 3.92
C VAL B 25 14.23 17.71 5.13
N ALA B 26 14.60 16.82 6.00
CA ALA B 26 13.77 16.55 7.20
C ALA B 26 13.92 17.68 8.22
N LEU B 27 14.86 18.55 8.01
CA LEU B 27 15.06 19.69 8.97
C LEU B 27 14.37 20.95 8.44
N HIS B 28 14.18 21.05 7.15
CA HIS B 28 13.51 22.25 6.59
C HIS B 28 12.03 21.97 6.32
N ALA B 29 11.71 20.74 6.02
CA ALA B 29 10.29 20.38 5.75
C ALA B 29 9.44 20.63 7.01
N ARG B 30 8.21 21.03 6.84
CA ARG B 30 7.33 21.28 8.02
C ARG B 30 6.85 19.97 8.62
N ASN B 31 6.65 18.97 7.81
CA ASN B 31 6.19 17.66 8.34
C ASN B 31 7.00 16.53 7.70
N ALA B 32 8.19 16.31 8.17
CA ALA B 32 9.03 15.21 7.60
C ALA B 32 9.51 14.28 8.72
N GLU B 33 9.85 13.07 8.39
CA GLU B 33 10.33 12.12 9.42
C GLU B 33 11.58 11.38 8.92
N TYR B 34 12.64 11.41 9.68
CA TYR B 34 13.89 10.72 9.24
C TYR B 34 14.50 9.93 10.40
N ASN B 35 14.48 8.63 10.32
CA ASN B 35 15.05 7.79 11.42
C ASN B 35 16.04 6.78 10.83
N PRO B 36 17.24 6.78 11.36
CA PRO B 36 18.29 5.85 10.88
C PRO B 36 18.01 4.42 11.37
N LYS B 37 17.30 4.28 12.45
CA LYS B 37 17.01 2.91 12.98
C LYS B 37 16.06 2.17 12.02
N ARG B 38 15.39 2.90 11.16
CA ARG B 38 14.45 2.23 10.21
C ARG B 38 15.06 2.22 8.80
N PHE B 39 15.50 3.35 8.34
CA PHE B 39 16.09 3.39 6.97
C PHE B 39 16.77 4.74 6.69
N ALA B 40 17.22 4.96 5.48
CA ALA B 40 17.89 6.24 5.15
C ALA B 40 17.02 7.10 4.23
N ALA B 41 15.83 7.40 4.62
CA ALA B 41 14.96 8.24 3.76
C ALA B 41 14.08 9.16 4.61
N VAL B 42 13.68 10.28 4.07
CA VAL B 42 12.81 11.22 4.85
C VAL B 42 11.35 11.02 4.44
N ILE B 43 10.46 10.97 5.38
CA ILE B 43 9.03 10.76 5.04
C ILE B 43 8.22 12.04 5.28
N MET B 44 7.60 12.55 4.25
CA MET B 44 6.78 13.78 4.43
C MET B 44 5.34 13.41 4.76
N ARG B 45 4.56 14.33 5.27
CA ARG B 45 3.15 14.00 5.61
C ARG B 45 2.29 15.26 5.62
N ILE B 46 1.22 15.25 4.89
CA ILE B 46 0.33 16.46 4.85
C ILE B 46 -1.12 16.05 5.14
N ARG B 47 -1.88 16.92 5.75
CA ARG B 47 -3.30 16.57 6.05
C ARG B 47 -4.24 17.16 5.00
N GLU B 48 -3.76 17.37 3.81
CA GLU B 48 -4.63 17.95 2.75
C GLU B 48 -4.02 17.71 1.36
N PRO B 49 -4.25 16.54 0.81
CA PRO B 49 -5.06 15.50 1.51
C PRO B 49 -4.19 14.75 2.53
N LYS B 50 -4.82 14.04 3.44
CA LYS B 50 -4.03 13.28 4.46
C LYS B 50 -3.30 12.12 3.77
N THR B 51 -2.03 12.25 3.56
CA THR B 51 -1.26 11.15 2.89
C THR B 51 0.18 11.09 3.38
N THR B 52 0.88 10.05 3.02
CA THR B 52 2.30 9.90 3.44
C THR B 52 3.21 9.89 2.20
N ALA B 53 4.44 10.29 2.33
CA ALA B 53 5.34 10.29 1.14
C ALA B 53 6.76 9.89 1.54
N LEU B 54 7.37 9.00 0.81
CA LEU B 54 8.77 8.59 1.13
C LEU B 54 9.75 9.39 0.28
N ILE B 55 10.82 9.86 0.85
CA ILE B 55 11.80 10.66 0.05
C ILE B 55 13.21 10.07 0.17
N PHE B 56 13.78 9.63 -0.92
CA PHE B 56 15.15 9.05 -0.87
C PHE B 56 16.17 10.09 -1.31
N ALA B 57 17.31 10.13 -0.68
CA ALA B 57 18.34 11.14 -1.08
C ALA B 57 18.60 11.06 -2.58
N SER B 58 18.26 9.96 -3.20
CA SER B 58 18.49 9.82 -4.67
C SER B 58 17.68 10.87 -5.43
N GLY B 59 16.66 11.40 -4.82
CA GLY B 59 15.83 12.45 -5.51
C GLY B 59 14.43 11.90 -5.77
N LYS B 60 14.29 10.60 -5.82
CA LYS B 60 12.94 10.01 -6.08
C LYS B 60 12.05 10.16 -4.85
N MET B 61 10.82 9.75 -4.95
CA MET B 61 9.89 9.87 -3.78
C MET B 61 8.62 9.06 -4.04
N VAL B 62 8.10 8.41 -3.02
CA VAL B 62 6.86 7.61 -3.20
C VAL B 62 5.73 8.21 -2.35
N VAL B 63 4.57 8.38 -2.94
CA VAL B 63 3.44 8.96 -2.17
C VAL B 63 2.38 7.88 -1.89
N THR B 64 1.44 8.16 -1.02
CA THR B 64 0.39 7.16 -0.71
C THR B 64 -0.72 7.82 0.11
N GLY B 65 -1.87 7.21 0.15
CA GLY B 65 -3.00 7.80 0.92
C GLY B 65 -4.10 8.26 -0.04
N ALA B 66 -3.87 8.16 -1.32
CA ALA B 66 -4.90 8.58 -2.31
C ALA B 66 -6.01 7.53 -2.41
N LYS B 67 -7.21 7.95 -2.64
CA LYS B 67 -8.33 6.98 -2.75
C LYS B 67 -9.06 7.16 -4.09
N SER B 68 -8.94 8.31 -4.69
CA SER B 68 -9.63 8.55 -5.99
C SER B 68 -8.62 9.05 -7.03
N GLU B 69 -7.40 8.61 -6.96
CA GLU B 69 -6.38 9.05 -7.95
C GLU B 69 -6.10 10.54 -7.78
N ASP B 70 -7.05 11.38 -8.11
CA ASP B 70 -6.84 12.85 -7.97
C ASP B 70 -6.16 13.17 -6.63
N ASP B 71 -6.42 12.39 -5.62
CA ASP B 71 -5.80 12.65 -4.30
C ASP B 71 -4.27 12.51 -4.40
N SER B 72 -3.80 11.37 -4.79
CA SER B 72 -2.32 11.17 -4.91
C SER B 72 -1.71 12.29 -5.77
N LYS B 73 -2.44 12.79 -6.72
CA LYS B 73 -1.89 13.87 -7.59
C LYS B 73 -1.69 15.15 -6.77
N LEU B 74 -2.64 15.53 -5.99
CA LEU B 74 -2.51 16.76 -5.17
C LEU B 74 -1.44 16.56 -4.09
N ALA B 75 -1.48 15.45 -3.40
CA ALA B 75 -0.47 15.20 -2.33
C ALA B 75 0.95 15.37 -2.90
N SER B 76 1.22 14.77 -4.02
CA SER B 76 2.58 14.90 -4.62
C SER B 76 2.91 16.38 -4.85
N ARG B 77 2.04 17.08 -5.55
CA ARG B 77 2.31 18.52 -5.81
C ARG B 77 2.62 19.24 -4.49
N LYS B 78 1.96 18.86 -3.43
CA LYS B 78 2.21 19.52 -2.12
C LYS B 78 3.62 19.16 -1.62
N TYR B 79 3.96 17.91 -1.65
CA TYR B 79 5.32 17.49 -1.18
C TYR B 79 6.39 18.14 -2.05
N ALA B 80 6.32 17.94 -3.34
CA ALA B 80 7.34 18.53 -4.26
C ALA B 80 7.42 20.04 -4.03
N ARG B 81 6.39 20.63 -3.48
CA ARG B 81 6.41 22.10 -3.25
C ARG B 81 7.23 22.42 -1.99
N ILE B 82 7.26 21.51 -1.05
CA ILE B 82 8.04 21.77 0.20
C ILE B 82 9.54 21.78 -0.12
N ILE B 83 10.00 20.84 -0.91
CA ILE B 83 11.45 20.80 -1.25
C ILE B 83 11.80 21.97 -2.17
N GLN B 84 11.07 22.15 -3.24
CA GLN B 84 11.37 23.28 -4.16
C GLN B 84 11.26 24.61 -3.40
N LYS B 85 10.32 24.72 -2.50
CA LYS B 85 10.19 25.97 -1.73
C LYS B 85 11.35 26.06 -0.75
N ILE B 86 11.79 24.92 -0.28
CA ILE B 86 12.94 24.90 0.65
C ILE B 86 14.20 25.37 -0.10
N GLY B 87 14.14 25.35 -1.41
CA GLY B 87 15.30 25.81 -2.21
C GLY B 87 15.91 24.63 -2.99
N PHE B 88 15.70 23.43 -2.54
CA PHE B 88 16.26 22.26 -3.26
C PHE B 88 15.88 22.30 -4.74
N ALA B 89 16.50 21.46 -5.53
CA ALA B 89 16.19 21.44 -6.99
C ALA B 89 15.30 20.25 -7.33
N ALA B 90 14.22 20.07 -6.61
CA ALA B 90 13.31 18.93 -6.89
C ALA B 90 12.40 19.27 -8.08
N LYS B 91 12.09 18.29 -8.89
CA LYS B 91 11.21 18.56 -10.07
C LYS B 91 10.02 17.61 -10.07
N PHE B 92 8.85 18.09 -9.74
CA PHE B 92 7.64 17.22 -9.72
C PHE B 92 7.46 16.54 -11.09
N THR B 93 7.83 15.30 -11.20
CA THR B 93 7.66 14.59 -12.50
C THR B 93 7.74 13.08 -12.30
N ASP B 94 7.64 12.32 -13.36
CA ASP B 94 7.70 10.84 -13.24
C ASP B 94 6.60 10.33 -12.30
N PHE B 95 5.53 11.07 -12.17
CA PHE B 95 4.43 10.62 -11.27
C PHE B 95 3.59 9.54 -11.95
N LYS B 96 3.30 8.46 -11.27
CA LYS B 96 2.49 7.37 -11.88
C LYS B 96 1.90 6.46 -10.81
N ILE B 97 0.62 6.19 -10.88
CA ILE B 97 -0.01 5.29 -9.88
C ILE B 97 0.28 3.83 -10.23
N GLN B 98 0.81 3.08 -9.32
CA GLN B 98 1.11 1.65 -9.62
C GLN B 98 0.64 0.75 -8.46
N ASN B 99 -0.01 1.31 -7.48
CA ASN B 99 -0.48 0.48 -6.34
C ASN B 99 -1.80 1.03 -5.77
N ILE B 100 -2.91 0.57 -6.26
CA ILE B 100 -4.22 1.05 -5.74
C ILE B 100 -4.79 0.04 -4.75
N VAL B 101 -5.40 0.51 -3.69
CA VAL B 101 -5.96 -0.43 -2.68
C VAL B 101 -7.50 -0.41 -2.73
N GLY B 102 -8.12 -1.56 -2.70
CA GLY B 102 -9.61 -1.61 -2.75
C GLY B 102 -10.11 -2.64 -1.74
N SER B 103 -11.39 -2.71 -1.53
CA SER B 103 -11.94 -3.70 -0.56
C SER B 103 -13.45 -3.87 -0.78
N CYS B 104 -13.98 -5.03 -0.49
CA CYS B 104 -15.44 -5.25 -0.69
C CYS B 104 -15.87 -6.58 -0.08
N ASP B 105 -17.13 -6.72 0.23
CA ASP B 105 -17.61 -8.01 0.82
C ASP B 105 -18.56 -8.70 -0.16
N VAL B 106 -19.00 -9.89 0.17
CA VAL B 106 -19.92 -10.62 -0.75
C VAL B 106 -21.26 -10.90 -0.05
N LYS B 107 -21.34 -11.95 0.71
CA LYS B 107 -22.62 -12.27 1.41
C LYS B 107 -22.50 -13.57 2.20
N PHE B 108 -21.64 -14.47 1.78
CA PHE B 108 -21.49 -15.75 2.51
C PHE B 108 -20.01 -16.00 2.79
N PRO B 109 -19.75 -16.92 3.67
CA PRO B 109 -18.36 -17.26 4.03
C PRO B 109 -17.73 -18.13 2.94
N ILE B 110 -16.42 -18.13 2.86
CA ILE B 110 -15.74 -18.95 1.82
C ILE B 110 -14.77 -19.93 2.49
N ARG B 111 -14.60 -21.09 1.90
CA ARG B 111 -13.66 -22.09 2.49
C ARG B 111 -12.22 -21.77 2.08
N LEU B 112 -11.46 -21.17 2.95
CA LEU B 112 -10.05 -20.84 2.60
C LEU B 112 -9.28 -22.11 2.24
N GLU B 113 -9.33 -23.09 3.10
CA GLU B 113 -8.61 -24.37 2.81
C GLU B 113 -8.96 -24.86 1.41
N GLY B 114 -10.22 -24.85 1.06
CA GLY B 114 -10.62 -25.30 -0.30
C GLY B 114 -9.95 -24.41 -1.34
N LEU B 115 -9.70 -23.18 -1.00
CA LEU B 115 -9.04 -22.25 -1.96
C LEU B 115 -7.54 -22.57 -2.05
N ALA B 116 -6.88 -22.64 -0.93
CA ALA B 116 -5.42 -22.95 -0.95
C ALA B 116 -5.21 -24.36 -1.50
N PHE B 117 -6.26 -25.11 -1.63
CA PHE B 117 -6.11 -26.50 -2.17
C PHE B 117 -6.23 -26.48 -3.70
N SER B 118 -7.24 -25.84 -4.22
CA SER B 118 -7.40 -25.80 -5.70
C SER B 118 -6.65 -24.61 -6.28
N HIS B 119 -6.61 -23.51 -5.57
CA HIS B 119 -5.88 -22.32 -6.10
C HIS B 119 -4.65 -22.04 -5.23
N GLY B 120 -4.19 -23.01 -4.49
CA GLY B 120 -3.00 -22.80 -3.63
C GLY B 120 -1.80 -22.41 -4.51
N THR B 121 -1.88 -22.69 -5.78
CA THR B 121 -0.76 -22.34 -6.69
C THR B 121 -0.58 -20.82 -6.77
N PHE B 122 -1.61 -20.08 -6.41
CA PHE B 122 -1.50 -18.60 -6.47
C PHE B 122 -2.02 -17.98 -5.16
N SER B 123 -2.35 -18.80 -4.21
CA SER B 123 -2.87 -18.26 -2.91
C SER B 123 -2.02 -18.78 -1.74
N SER B 124 -1.98 -18.05 -0.67
CA SER B 124 -1.17 -18.50 0.50
C SER B 124 -2.03 -18.54 1.77
N TYR B 125 -1.90 -19.57 2.57
CA TYR B 125 -2.72 -19.65 3.81
C TYR B 125 -1.82 -19.95 5.01
N GLU B 126 -1.50 -18.95 5.79
CA GLU B 126 -0.62 -19.17 6.97
C GLU B 126 -1.32 -18.66 8.24
N PRO B 127 -1.69 -19.59 9.09
CA PRO B 127 -2.37 -19.23 10.35
C PRO B 127 -1.39 -18.57 11.32
N GLU B 128 -0.15 -18.47 10.94
CA GLU B 128 0.86 -17.83 11.84
C GLU B 128 0.72 -16.31 11.81
N LEU B 129 0.15 -15.78 10.76
CA LEU B 129 0.00 -14.29 10.69
C LEU B 129 -1.09 -13.91 9.69
N PHE B 130 -2.04 -14.78 9.45
CA PHE B 130 -3.13 -14.46 8.49
C PHE B 130 -4.23 -15.51 8.55
N PRO B 131 -5.33 -15.14 9.14
CA PRO B 131 -6.49 -16.06 9.26
C PRO B 131 -7.19 -16.20 7.91
N GLY B 132 -7.17 -15.17 7.11
CA GLY B 132 -7.83 -15.24 5.78
C GLY B 132 -6.82 -15.75 4.75
N LEU B 133 -7.26 -16.04 3.55
CA LEU B 133 -6.32 -16.54 2.51
C LEU B 133 -5.95 -15.41 1.54
N ILE B 134 -4.71 -15.35 1.15
CA ILE B 134 -4.29 -14.29 0.19
C ILE B 134 -4.30 -14.82 -1.24
N TYR B 135 -5.04 -14.17 -2.11
CA TYR B 135 -5.10 -14.64 -3.53
C TYR B 135 -4.34 -13.69 -4.44
N ARG B 136 -3.39 -14.20 -5.18
CA ARG B 136 -2.60 -13.32 -6.09
C ARG B 136 -3.13 -13.46 -7.52
N MET B 137 -4.08 -12.63 -7.89
CA MET B 137 -4.64 -12.70 -9.27
C MET B 137 -3.51 -12.81 -10.30
N VAL B 138 -3.64 -13.70 -11.25
CA VAL B 138 -2.58 -13.85 -12.29
C VAL B 138 -2.51 -12.59 -13.16
N LYS B 139 -3.58 -12.22 -13.80
CA LYS B 139 -3.56 -11.00 -14.66
C LYS B 139 -4.85 -10.20 -14.47
N PRO B 140 -4.72 -8.98 -14.01
CA PRO B 140 -3.39 -8.40 -13.67
C PRO B 140 -2.87 -8.97 -12.35
N LYS B 141 -1.59 -8.84 -12.08
CA LYS B 141 -1.04 -9.37 -10.81
C LYS B 141 -1.57 -8.56 -9.63
N ILE B 142 -2.63 -8.99 -9.01
CA ILE B 142 -3.19 -8.23 -7.86
C ILE B 142 -3.34 -9.15 -6.64
N VAL B 143 -3.15 -8.61 -5.47
CA VAL B 143 -3.30 -9.44 -4.23
C VAL B 143 -4.68 -9.23 -3.62
N LEU B 144 -5.34 -10.29 -3.23
CA LEU B 144 -6.70 -10.14 -2.64
C LEU B 144 -6.84 -11.04 -1.40
N LEU B 145 -7.43 -10.53 -0.35
CA LEU B 145 -7.60 -11.36 0.87
C LEU B 145 -9.03 -11.92 0.93
N ILE B 146 -9.19 -13.11 1.44
CA ILE B 146 -10.55 -13.70 1.52
C ILE B 146 -10.84 -14.12 2.96
N PHE B 147 -11.63 -13.35 3.67
CA PHE B 147 -11.94 -13.70 5.09
C PHE B 147 -13.15 -14.63 5.13
N VAL B 148 -13.07 -15.66 5.93
CA VAL B 148 -14.23 -16.61 6.03
C VAL B 148 -15.53 -15.82 6.23
N SER B 149 -15.44 -14.64 6.76
CA SER B 149 -16.66 -13.82 6.98
C SER B 149 -17.29 -13.44 5.63
N GLY B 150 -16.48 -13.02 4.68
CA GLY B 150 -17.03 -12.63 3.36
C GLY B 150 -16.39 -11.32 2.89
N LYS B 151 -15.56 -10.73 3.71
CA LYS B 151 -14.91 -9.45 3.31
C LYS B 151 -13.67 -9.72 2.45
N ILE B 152 -13.49 -8.97 1.40
CA ILE B 152 -12.31 -9.18 0.52
C ILE B 152 -11.47 -7.90 0.44
N VAL B 153 -10.19 -8.04 0.20
CA VAL B 153 -9.32 -6.83 0.11
C VAL B 153 -8.57 -6.81 -1.23
N LEU B 154 -8.06 -5.68 -1.64
CA LEU B 154 -7.32 -5.61 -2.93
C LEU B 154 -6.21 -4.56 -2.85
N THR B 155 -5.05 -4.89 -3.35
CA THR B 155 -3.92 -3.91 -3.30
C THR B 155 -2.79 -4.38 -4.21
N GLY B 156 -2.15 -3.48 -4.91
CA GLY B 156 -1.04 -3.88 -5.81
C GLY B 156 -1.45 -3.64 -7.27
N ALA B 157 -2.50 -2.90 -7.48
CA ALA B 157 -2.95 -2.64 -8.88
C ALA B 157 -2.28 -1.38 -9.43
N LYS B 158 -2.26 -1.23 -10.73
CA LYS B 158 -1.61 -0.02 -11.33
C LYS B 158 -2.69 0.94 -11.86
N GLN B 159 -3.92 0.52 -11.81
CA GLN B 159 -5.02 1.41 -12.30
C GLN B 159 -6.39 0.85 -11.89
N ARG B 160 -7.40 1.67 -11.89
CA ARG B 160 -8.75 1.19 -11.49
C ARG B 160 -9.18 0.02 -12.38
N GLU B 161 -8.54 -0.14 -13.51
CA GLU B 161 -8.91 -1.26 -14.42
C GLU B 161 -8.40 -2.58 -13.85
N GLU B 162 -7.36 -2.54 -13.05
CA GLU B 162 -6.82 -3.80 -12.47
C GLU B 162 -7.66 -4.24 -11.27
N ILE B 163 -8.00 -3.32 -10.41
CA ILE B 163 -8.82 -3.69 -9.21
C ILE B 163 -10.18 -4.26 -9.65
N TYR B 164 -10.78 -3.67 -10.66
CA TYR B 164 -12.10 -4.18 -11.13
C TYR B 164 -11.94 -5.57 -11.74
N GLN B 165 -10.87 -5.81 -12.43
CA GLN B 165 -10.66 -7.15 -13.05
C GLN B 165 -10.34 -8.20 -11.97
N ALA B 166 -9.55 -7.82 -10.99
CA ALA B 166 -9.20 -8.79 -9.91
C ALA B 166 -10.47 -9.29 -9.21
N PHE B 167 -11.46 -8.45 -9.10
CA PHE B 167 -12.72 -8.88 -8.43
C PHE B 167 -13.56 -9.75 -9.37
N GLU B 168 -13.85 -9.24 -10.55
CA GLU B 168 -14.66 -10.03 -11.51
C GLU B 168 -14.01 -11.39 -11.76
N ALA B 169 -12.75 -11.52 -11.43
CA ALA B 169 -12.05 -12.82 -11.65
C ALA B 169 -12.12 -13.68 -10.39
N ILE B 170 -12.02 -13.08 -9.24
CA ILE B 170 -12.08 -13.86 -7.98
C ILE B 170 -13.54 -14.09 -7.58
N TYR B 171 -14.42 -13.22 -8.00
CA TYR B 171 -15.86 -13.37 -7.65
C TYR B 171 -16.33 -14.81 -7.89
N PRO B 172 -16.03 -15.33 -9.05
CA PRO B 172 -16.44 -16.72 -9.38
C PRO B 172 -15.62 -17.72 -8.58
N VAL B 173 -14.37 -17.45 -8.36
CA VAL B 173 -13.52 -18.39 -7.57
C VAL B 173 -14.14 -18.59 -6.17
N LEU B 174 -14.70 -17.55 -5.62
CA LEU B 174 -15.32 -17.67 -4.27
C LEU B 174 -16.61 -18.50 -4.36
N SER B 175 -17.47 -18.20 -5.29
CA SER B 175 -18.73 -18.97 -5.42
C SER B 175 -18.43 -20.45 -5.64
N GLU B 176 -17.26 -20.76 -6.13
CA GLU B 176 -16.89 -22.19 -6.37
C GLU B 176 -16.49 -22.86 -5.06
N PHE B 177 -15.84 -22.15 -4.19
CA PHE B 177 -15.42 -22.75 -2.88
C PHE B 177 -16.18 -22.09 -1.72
N ARG B 178 -17.45 -21.84 -1.90
CA ARG B 178 -18.23 -21.21 -0.80
C ARG B 178 -18.29 -22.14 0.41
N LYS B 179 -18.81 -21.67 1.51
CA LYS B 179 -18.89 -22.53 2.72
C LYS B 179 -20.37 -22.74 3.12
N MET B 180 -21.09 -21.68 3.32
CA MET B 180 -22.52 -21.83 3.70
C MET B 180 -23.43 -21.45 2.52
N GLU A 1 20.51 -13.16 -5.61
CA GLU A 1 19.60 -12.26 -6.40
C GLU A 1 18.85 -11.31 -5.46
N GLY A 2 17.83 -11.79 -4.81
CA GLY A 2 17.06 -10.91 -3.88
C GLY A 2 16.06 -11.75 -3.09
N SER A 3 16.52 -12.79 -2.44
CA SER A 3 15.60 -13.65 -1.65
C SER A 3 15.89 -13.49 -0.15
N ILE A 4 15.90 -12.28 0.33
CA ILE A 4 16.17 -12.06 1.78
C ILE A 4 15.11 -11.15 2.40
N GLY A 5 14.61 -10.22 1.63
CA GLY A 5 13.56 -9.30 2.17
C GLY A 5 14.12 -7.87 2.20
N ASN A 6 13.63 -7.01 1.36
CA ASN A 6 14.14 -5.61 1.34
C ASN A 6 12.98 -4.62 1.47
N GLY A 7 13.18 -3.39 1.05
CA GLY A 7 12.09 -2.38 1.16
C GLY A 7 11.71 -2.19 2.61
N LEU A 8 11.74 -0.96 3.08
CA LEU A 8 11.40 -0.70 4.51
C LEU A 8 9.95 -1.17 4.77
N ASP A 9 9.42 -0.90 5.92
CA ASP A 9 8.03 -1.35 6.21
C ASP A 9 7.06 -0.78 5.17
N LEU A 10 6.94 -1.43 4.04
CA LEU A 10 6.02 -0.91 2.99
C LEU A 10 4.77 -1.77 2.88
N THR A 11 4.82 -2.98 3.35
CA THR A 11 3.62 -3.85 3.27
C THR A 11 2.38 -3.04 3.65
N GLY A 12 2.55 -2.03 4.45
CA GLY A 12 1.39 -1.19 4.86
C GLY A 12 1.31 0.03 3.95
N ILE A 13 2.43 0.45 3.40
CA ILE A 13 2.40 1.64 2.50
C ILE A 13 1.49 1.34 1.31
N LEU A 14 1.67 0.23 0.67
CA LEU A 14 0.79 -0.13 -0.47
C LEU A 14 -0.55 -0.66 0.07
N PHE A 15 -0.70 -0.67 1.37
CA PHE A 15 -1.97 -1.18 1.97
C PHE A 15 -2.83 -0.02 2.48
N GLY A 16 -2.24 1.12 2.73
CA GLY A 16 -3.05 2.27 3.23
C GLY A 16 -2.13 3.29 3.91
N ASN A 17 -1.05 3.66 3.27
CA ASN A 17 -0.12 4.65 3.86
C ASN A 17 0.37 4.19 5.23
N ILE A 18 1.53 4.61 5.57
CA ILE A 18 2.13 4.25 6.88
C ILE A 18 3.38 5.07 7.08
N ASP A 19 3.78 5.26 8.29
CA ASP A 19 5.04 5.99 8.51
C ASP A 19 6.13 4.95 8.42
N SER A 20 6.99 5.06 7.45
CA SER A 20 8.06 4.05 7.25
C SER A 20 8.55 3.53 8.60
N GLU A 21 8.46 4.33 9.63
CA GLU A 21 8.88 3.86 10.97
C GLU A 21 8.18 2.53 11.30
N GLY A 22 7.10 2.21 10.62
CA GLY A 22 6.40 0.93 10.91
C GLY A 22 4.98 1.22 11.41
N ARG A 23 4.41 2.33 11.04
CA ARG A 23 3.02 2.65 11.50
C ARG A 23 2.09 2.84 10.30
N LEU A 24 0.93 2.22 10.33
CA LEU A 24 -0.03 2.37 9.19
C LEU A 24 -1.16 3.33 9.55
N LEU A 25 -1.74 3.98 8.57
CA LEU A 25 -2.85 4.93 8.89
C LEU A 25 -4.09 4.62 8.04
N GLN A 26 -5.13 5.38 8.21
CA GLN A 26 -6.38 5.13 7.43
C GLN A 26 -6.89 6.45 6.84
N ASP A 27 -6.81 6.60 5.54
CA ASP A 27 -7.30 7.86 4.91
C ASP A 27 -8.64 8.27 5.53
N ASP A 28 -9.46 7.32 5.88
CA ASP A 28 -10.78 7.67 6.48
C ASP A 28 -10.68 7.66 8.01
N ASP A 29 -10.00 8.61 8.59
CA ASP A 29 -9.87 8.65 10.07
C ASP A 29 -10.97 9.52 10.67
N GLY A 30 -12.19 9.35 10.22
CA GLY A 30 -13.30 10.18 10.76
C GLY A 30 -13.63 9.72 12.19
N GLU A 31 -12.76 9.96 13.12
CA GLU A 31 -13.03 9.53 14.53
C GLU A 31 -13.39 8.05 14.58
N GLY A 32 -12.88 7.27 13.64
CA GLY A 32 -13.20 5.82 13.63
C GLY A 32 -14.69 5.61 13.88
N ARG A 33 -15.06 5.25 15.08
CA ARG A 33 -16.51 5.04 15.38
C ARG A 33 -17.17 4.26 14.25
N GLY A 34 -17.22 2.95 14.35
CA GLY A 34 -17.86 2.15 13.28
C GLY A 34 -17.33 2.59 11.91
N GLY A 35 -18.19 3.07 11.06
CA GLY A 35 -17.75 3.53 9.72
C GLY A 35 -17.18 2.35 8.93
N THR A 36 -16.14 2.56 8.19
CA THR A 36 -15.54 1.44 7.40
C THR A 36 -14.01 1.62 7.30
N GLY A 37 -13.28 0.54 7.29
CA GLY A 37 -11.80 0.65 7.20
C GLY A 37 -11.17 -0.72 7.47
N PHE A 38 -9.88 -0.75 7.69
CA PHE A 38 -9.21 -2.06 7.95
C PHE A 38 -9.30 -2.40 9.44
N ASP A 39 -9.79 -3.59 9.76
CA ASP A 39 -9.90 -3.98 11.19
C ASP A 39 -8.51 -4.05 11.83
N ALA A 40 -8.43 -4.56 13.04
CA ALA A 40 -7.11 -4.65 13.71
C ALA A 40 -6.49 -6.03 13.48
N GLU A 41 -6.91 -6.70 12.44
CA GLU A 41 -6.35 -8.04 12.14
C GLU A 41 -5.30 -7.94 11.04
N LEU A 42 -5.33 -6.87 10.30
CA LEU A 42 -4.34 -6.69 9.20
C LEU A 42 -3.16 -5.87 9.70
N ARG A 43 -3.41 -4.78 10.35
CA ARG A 43 -2.31 -3.94 10.85
C ARG A 43 -1.26 -4.81 11.53
N GLU A 44 -1.69 -5.68 12.41
CA GLU A 44 -0.72 -6.57 13.10
C GLU A 44 -0.11 -7.55 12.10
N ASN A 45 -0.82 -7.84 11.04
CA ASN A 45 -0.28 -8.78 10.02
C ASN A 45 0.71 -8.04 9.12
N ILE A 46 0.38 -6.82 8.75
CA ILE A 46 1.31 -6.05 7.88
C ILE A 46 2.71 -6.08 8.48
N GLY A 47 2.80 -5.98 9.79
CA GLY A 47 4.13 -6.00 10.44
C GLY A 47 4.84 -7.31 10.08
N SER A 48 4.11 -8.32 9.71
CA SER A 48 4.75 -9.62 9.36
C SER A 48 4.25 -10.13 8.00
N LEU A 49 3.68 -9.27 7.20
CA LEU A 49 3.18 -9.72 5.87
C LEU A 49 4.32 -9.70 4.85
N SER A 50 5.51 -9.43 5.29
CA SER A 50 6.67 -9.40 4.35
C SER A 50 7.31 -10.80 4.26
N LYS A 51 6.50 -11.81 4.12
CA LYS A 51 7.05 -13.20 4.03
C LYS A 51 6.16 -14.06 3.12
N LEU A 52 5.26 -13.44 2.40
CA LEU A 52 4.37 -14.23 1.51
C LEU A 52 4.34 -13.62 0.10
N GLY A 53 4.57 -12.35 -0.02
CA GLY A 53 4.56 -11.70 -1.37
C GLY A 53 4.72 -10.20 -1.23
N LEU A 54 4.05 -9.60 -0.29
CA LEU A 54 4.16 -8.12 -0.11
C LEU A 54 5.62 -7.68 -0.19
N ASP A 55 6.51 -8.47 0.33
CA ASP A 55 7.96 -8.10 0.29
C ASP A 55 8.32 -7.51 -1.07
N SER A 56 7.73 -8.01 -2.12
CA SER A 56 8.05 -7.50 -3.47
C SER A 56 7.59 -6.04 -3.60
N MET A 57 6.39 -5.73 -3.18
CA MET A 57 5.91 -4.33 -3.29
C MET A 57 6.71 -3.41 -2.38
N LEU A 58 7.41 -3.95 -1.42
CA LEU A 58 8.21 -3.09 -0.50
C LEU A 58 9.38 -2.49 -1.27
N LEU A 59 10.25 -3.33 -1.76
CA LEU A 59 11.43 -2.83 -2.54
C LEU A 59 10.98 -2.18 -3.85
N GLU A 60 9.70 -2.19 -4.13
CA GLU A 60 9.22 -1.59 -5.42
C GLU A 60 8.84 -0.11 -5.23
N VAL A 61 8.73 0.34 -4.01
CA VAL A 61 8.36 1.77 -3.78
C VAL A 61 9.47 2.48 -3.01
N ILE A 62 10.22 1.76 -2.25
CA ILE A 62 11.32 2.37 -1.46
C ILE A 62 12.63 1.62 -1.70
N ASP A 63 13.15 1.70 -2.90
CA ASP A 63 14.44 1.01 -3.19
C ASP A 63 15.55 1.74 -2.45
N LEU A 64 15.44 1.79 -1.15
CA LEU A 64 16.45 2.52 -0.35
C LEU A 64 17.57 1.57 0.11
N LYS A 65 18.27 1.01 -0.82
CA LYS A 65 19.37 0.09 -0.46
C LYS A 65 20.72 0.66 -0.92
N GLU A 66 21.70 0.67 -0.05
CA GLU A 66 23.03 1.21 -0.44
C GLU A 66 22.90 2.68 -0.89
N ALA A 67 21.82 3.31 -0.53
CA ALA A 67 21.62 4.74 -0.93
C ALA A 67 22.91 5.53 -0.73
N SER B 1 -22.07 -10.11 -10.62
CA SER B 1 -21.53 -8.74 -10.93
C SER B 1 -22.44 -7.67 -10.31
N GLY B 2 -22.34 -7.46 -9.03
CA GLY B 2 -23.20 -6.42 -8.39
C GLY B 2 -22.45 -5.78 -7.23
N ILE B 3 -21.15 -5.92 -7.20
CA ILE B 3 -20.35 -5.32 -6.09
C ILE B 3 -19.08 -4.66 -6.64
N VAL B 4 -18.95 -3.38 -6.48
CA VAL B 4 -17.73 -2.68 -6.99
C VAL B 4 -16.71 -2.50 -5.85
N PRO B 5 -15.47 -2.70 -6.17
CA PRO B 5 -14.39 -2.56 -5.16
C PRO B 5 -14.18 -1.09 -4.81
N THR B 6 -14.14 -0.77 -3.54
CA THR B 6 -13.94 0.65 -3.15
C THR B 6 -12.44 0.92 -2.89
N LEU B 7 -11.92 1.97 -3.44
CA LEU B 7 -10.46 2.28 -3.23
C LEU B 7 -10.22 2.71 -1.79
N GLN B 8 -9.27 2.10 -1.12
CA GLN B 8 -8.98 2.47 0.28
C GLN B 8 -7.67 3.26 0.36
N ASN B 9 -6.85 3.16 -0.65
CA ASN B 9 -5.55 3.90 -0.63
C ASN B 9 -4.89 3.83 -2.01
N ILE B 10 -4.08 4.81 -2.33
CA ILE B 10 -3.39 4.81 -3.65
C ILE B 10 -1.89 5.03 -3.45
N VAL B 11 -1.08 4.56 -4.37
CA VAL B 11 0.38 4.74 -4.23
C VAL B 11 1.03 5.02 -5.59
N ALA B 12 1.82 6.04 -5.68
CA ALA B 12 2.48 6.38 -6.98
C ALA B 12 3.94 6.77 -6.76
N THR B 13 4.76 6.64 -7.77
CA THR B 13 6.20 6.99 -7.61
C THR B 13 6.48 8.34 -8.28
N VAL B 14 7.38 9.10 -7.73
CA VAL B 14 7.71 10.42 -8.34
C VAL B 14 9.22 10.66 -8.32
N THR B 15 9.77 11.07 -9.42
CA THR B 15 11.25 11.31 -9.48
C THR B 15 11.53 12.80 -9.71
N LEU B 16 12.35 13.39 -8.89
CA LEU B 16 12.66 14.84 -9.05
C LEU B 16 13.77 15.02 -10.10
N GLY B 17 14.98 14.66 -9.77
CA GLY B 17 16.10 14.81 -10.76
C GLY B 17 17.34 15.35 -10.04
N CYS B 18 17.18 15.79 -8.83
CA CYS B 18 18.36 16.33 -8.08
C CYS B 18 18.46 15.68 -6.70
N ARG B 19 19.63 15.26 -6.31
CA ARG B 19 19.78 14.62 -4.98
C ARG B 19 19.33 15.57 -3.87
N LEU B 20 18.94 15.04 -2.75
CA LEU B 20 18.47 15.93 -1.64
C LEU B 20 19.04 15.44 -0.30
N ASP B 21 19.21 16.31 0.65
CA ASP B 21 19.75 15.88 1.97
C ASP B 21 18.59 15.57 2.93
N LEU B 22 18.28 14.31 3.11
CA LEU B 22 17.16 13.94 4.02
C LEU B 22 17.20 14.82 5.28
N LYS B 23 18.34 14.92 5.91
CA LYS B 23 18.44 15.76 7.13
C LYS B 23 17.93 17.18 6.85
N THR B 24 18.16 17.66 5.66
CA THR B 24 17.70 19.04 5.31
C THR B 24 16.20 19.01 4.96
N VAL B 25 15.77 18.01 4.25
CA VAL B 25 14.32 17.93 3.88
C VAL B 25 13.48 17.57 5.11
N ALA B 26 13.99 16.72 5.97
CA ALA B 26 13.23 16.35 7.19
C ALA B 26 13.37 17.42 8.25
N LEU B 27 14.36 18.26 8.14
CA LEU B 27 14.57 19.33 9.15
C LEU B 27 13.83 20.62 8.72
N HIS B 28 13.73 20.83 7.44
CA HIS B 28 13.03 22.06 6.95
C HIS B 28 11.54 21.77 6.70
N ALA B 29 11.19 20.52 6.59
CA ALA B 29 9.75 20.17 6.35
C ALA B 29 8.94 20.36 7.63
N ARG B 30 7.81 21.00 7.54
CA ARG B 30 6.98 21.21 8.77
C ARG B 30 6.37 19.90 9.24
N ASN B 31 6.27 18.93 8.36
CA ASN B 31 5.69 17.62 8.77
C ASN B 31 6.49 16.48 8.14
N ALA B 32 7.61 16.14 8.70
CA ALA B 32 8.44 15.04 8.13
C ALA B 32 9.41 14.50 9.18
N GLU B 33 9.82 13.27 9.04
CA GLU B 33 10.78 12.69 10.03
C GLU B 33 11.78 11.79 9.30
N TYR B 34 12.79 11.32 10.00
CA TYR B 34 13.80 10.45 9.33
C TYR B 34 14.24 9.33 10.27
N ASN B 35 14.12 8.10 9.83
CA ASN B 35 14.53 6.95 10.69
C ASN B 35 15.72 6.24 10.06
N PRO B 36 16.88 6.57 10.56
CA PRO B 36 18.14 5.95 10.05
C PRO B 36 18.24 4.49 10.48
N LYS B 37 17.58 4.14 11.55
CA LYS B 37 17.63 2.73 12.04
C LYS B 37 16.79 1.83 11.14
N ARG B 38 15.87 2.39 10.41
CA ARG B 38 15.02 1.56 9.52
C ARG B 38 15.44 1.74 8.06
N PHE B 39 15.12 2.86 7.47
CA PHE B 39 15.51 3.09 6.05
C PHE B 39 16.13 4.47 5.88
N ALA B 40 16.55 4.80 4.69
CA ALA B 40 17.16 6.14 4.45
C ALA B 40 16.18 7.05 3.72
N ALA B 41 14.92 7.00 4.08
CA ALA B 41 13.91 7.87 3.39
C ALA B 41 13.27 8.84 4.38
N VAL B 42 12.88 9.99 3.92
CA VAL B 42 12.23 10.98 4.82
C VAL B 42 10.72 10.74 4.80
N ILE B 43 10.12 10.54 5.94
CA ILE B 43 8.65 10.29 5.96
C ILE B 43 7.89 11.61 6.09
N MET B 44 7.20 11.99 5.06
CA MET B 44 6.43 13.27 5.12
C MET B 44 4.94 12.97 5.21
N ARG B 45 4.17 13.88 5.75
CA ARG B 45 2.71 13.63 5.87
C ARG B 45 1.91 14.93 5.71
N ILE B 46 0.73 14.84 5.15
CA ILE B 46 -0.10 16.06 4.97
C ILE B 46 -1.51 15.82 5.49
N ARG B 47 -2.23 16.85 5.82
CA ARG B 47 -3.62 16.66 6.34
C ARG B 47 -4.60 16.47 5.18
N GLU B 48 -4.30 17.02 4.04
CA GLU B 48 -5.22 16.88 2.88
C GLU B 48 -4.46 17.08 1.57
N PRO B 49 -4.42 16.07 0.74
CA PRO B 49 -5.10 14.78 1.06
C PRO B 49 -4.31 14.01 2.11
N LYS B 50 -4.94 13.68 3.22
CA LYS B 50 -4.21 12.93 4.28
C LYS B 50 -3.38 11.82 3.66
N THR B 51 -2.08 11.97 3.66
CA THR B 51 -1.22 10.91 3.05
C THR B 51 0.21 11.01 3.60
N THR B 52 1.07 10.15 3.13
CA THR B 52 2.49 10.18 3.59
C THR B 52 3.43 10.04 2.38
N ALA B 53 4.62 10.53 2.47
CA ALA B 53 5.56 10.42 1.31
C ALA B 53 6.96 10.00 1.77
N LEU B 54 7.47 8.92 1.23
CA LEU B 54 8.84 8.48 1.63
C LEU B 54 9.84 9.03 0.61
N ILE B 55 10.48 10.12 0.91
CA ILE B 55 11.44 10.71 -0.06
C ILE B 55 12.85 10.15 0.15
N PHE B 56 13.56 9.88 -0.92
CA PHE B 56 14.94 9.33 -0.78
C PHE B 56 15.96 10.41 -1.12
N ALA B 57 17.14 10.35 -0.54
CA ALA B 57 18.17 11.37 -0.84
C ALA B 57 18.60 11.28 -2.30
N SER B 58 18.33 10.19 -2.94
CA SER B 58 18.72 10.04 -4.37
C SER B 58 17.92 11.00 -5.25
N GLY B 59 16.82 11.49 -4.75
CA GLY B 59 15.99 12.43 -5.56
C GLY B 59 14.63 11.81 -5.85
N LYS B 60 14.48 10.53 -5.61
CA LYS B 60 13.18 9.86 -5.86
C LYS B 60 12.28 9.96 -4.63
N MET B 61 11.01 9.71 -4.78
CA MET B 61 10.08 9.79 -3.61
C MET B 61 8.77 9.06 -3.92
N VAL B 62 8.01 8.72 -2.90
CA VAL B 62 6.73 8.01 -3.15
C VAL B 62 5.59 8.70 -2.39
N VAL B 63 4.38 8.55 -2.86
CA VAL B 63 3.23 9.18 -2.16
C VAL B 63 2.09 8.18 -2.00
N THR B 64 1.90 7.66 -0.82
CA THR B 64 0.80 6.68 -0.59
C THR B 64 -0.27 7.28 0.31
N GLY B 65 -1.36 6.60 0.48
CA GLY B 65 -2.45 7.12 1.36
C GLY B 65 -3.52 7.81 0.51
N ALA B 66 -3.20 8.13 -0.72
CA ALA B 66 -4.21 8.80 -1.59
C ALA B 66 -5.45 7.90 -1.75
N LYS B 67 -6.53 8.43 -2.24
CA LYS B 67 -7.75 7.60 -2.41
C LYS B 67 -8.01 7.30 -3.89
N SER B 68 -7.55 8.14 -4.76
CA SER B 68 -7.78 7.89 -6.22
C SER B 68 -6.68 8.55 -7.04
N GLU B 69 -6.58 8.21 -8.31
CA GLU B 69 -5.54 8.82 -9.17
C GLU B 69 -5.46 10.33 -8.92
N ASP B 70 -6.59 10.99 -8.93
CA ASP B 70 -6.58 12.46 -8.69
C ASP B 70 -6.00 12.78 -7.31
N ASP B 71 -6.48 12.13 -6.29
CA ASP B 71 -5.95 12.40 -4.92
C ASP B 71 -4.43 12.24 -4.90
N SER B 72 -3.92 11.20 -5.50
CA SER B 72 -2.45 11.00 -5.52
C SER B 72 -1.75 12.18 -6.21
N LYS B 73 -2.36 12.71 -7.23
CA LYS B 73 -1.74 13.87 -7.95
C LYS B 73 -1.78 15.12 -7.06
N LEU B 74 -2.79 15.26 -6.27
CA LEU B 74 -2.89 16.45 -5.38
C LEU B 74 -1.88 16.35 -4.24
N ALA B 75 -1.74 15.19 -3.65
CA ALA B 75 -0.77 15.02 -2.54
C ALA B 75 0.66 15.17 -3.06
N SER B 76 0.94 14.64 -4.22
CA SER B 76 2.31 14.75 -4.79
C SER B 76 2.68 16.22 -4.98
N ARG B 77 1.90 16.95 -5.73
CA ARG B 77 2.20 18.39 -5.95
C ARG B 77 2.58 19.05 -4.62
N LYS B 78 1.75 18.90 -3.62
CA LYS B 78 2.06 19.52 -2.30
C LYS B 78 3.45 19.10 -1.83
N TYR B 79 3.76 17.83 -1.89
CA TYR B 79 5.10 17.37 -1.45
C TYR B 79 6.19 18.01 -2.31
N ALA B 80 6.14 17.81 -3.59
CA ALA B 80 7.17 18.41 -4.48
C ALA B 80 7.36 19.89 -4.15
N ARG B 81 6.34 20.52 -3.64
CA ARG B 81 6.45 21.96 -3.28
C ARG B 81 7.30 22.13 -2.02
N ILE B 82 7.01 21.39 -0.98
CA ILE B 82 7.80 21.50 0.27
C ILE B 82 9.30 21.49 -0.06
N ILE B 83 9.71 20.68 -0.99
CA ILE B 83 11.16 20.63 -1.36
C ILE B 83 11.55 21.91 -2.13
N GLN B 84 10.83 22.23 -3.17
CA GLN B 84 11.17 23.45 -3.95
C GLN B 84 10.91 24.71 -3.10
N LYS B 85 9.99 24.63 -2.18
CA LYS B 85 9.70 25.81 -1.33
C LYS B 85 10.84 25.96 -0.33
N ILE B 86 11.51 24.88 -0.04
CA ILE B 86 12.66 24.95 0.91
C ILE B 86 13.90 25.43 0.16
N GLY B 87 13.94 25.23 -1.13
CA GLY B 87 15.12 25.69 -1.91
C GLY B 87 15.63 24.56 -2.82
N PHE B 88 15.33 23.33 -2.47
CA PHE B 88 15.81 22.20 -3.32
C PHE B 88 15.49 22.44 -4.79
N ALA B 89 16.09 21.68 -5.66
CA ALA B 89 15.84 21.87 -7.12
C ALA B 89 14.89 20.78 -7.63
N ALA B 90 13.94 20.39 -6.83
CA ALA B 90 12.99 19.33 -7.27
C ALA B 90 12.18 19.80 -8.50
N LYS B 91 11.74 18.90 -9.32
CA LYS B 91 10.96 19.32 -10.53
C LYS B 91 9.75 18.41 -10.72
N PHE B 92 9.30 17.79 -9.66
CA PHE B 92 8.12 16.87 -9.72
C PHE B 92 7.95 16.24 -11.11
N THR B 93 8.41 15.03 -11.29
CA THR B 93 8.26 14.38 -12.62
C THR B 93 8.19 12.86 -12.47
N ASP B 94 7.85 12.16 -13.52
CA ASP B 94 7.77 10.67 -13.44
C ASP B 94 6.64 10.25 -12.48
N PHE B 95 5.60 11.04 -12.39
CA PHE B 95 4.47 10.67 -11.49
C PHE B 95 3.69 9.50 -12.09
N LYS B 96 3.56 8.42 -11.37
CA LYS B 96 2.81 7.25 -11.91
C LYS B 96 2.31 6.37 -10.76
N ILE B 97 1.06 6.00 -10.79
CA ILE B 97 0.51 5.12 -9.71
C ILE B 97 0.91 3.67 -9.98
N GLN B 98 1.55 3.03 -9.05
CA GLN B 98 1.97 1.62 -9.26
C GLN B 98 1.18 0.68 -8.35
N ASN B 99 0.52 1.20 -7.36
CA ASN B 99 -0.26 0.30 -6.45
C ASN B 99 -1.58 0.98 -6.02
N ILE B 100 -2.66 0.23 -6.05
CA ILE B 100 -3.97 0.82 -5.64
C ILE B 100 -4.66 -0.11 -4.64
N VAL B 101 -5.10 0.41 -3.53
CA VAL B 101 -5.78 -0.46 -2.52
C VAL B 101 -7.29 -0.39 -2.66
N GLY B 102 -7.95 -1.51 -2.64
CA GLY B 102 -9.44 -1.52 -2.78
C GLY B 102 -10.02 -2.59 -1.83
N SER B 103 -11.31 -2.59 -1.64
CA SER B 103 -11.92 -3.61 -0.74
C SER B 103 -13.42 -3.74 -0.99
N CYS B 104 -13.97 -4.89 -0.71
CA CYS B 104 -15.44 -5.08 -0.93
C CYS B 104 -15.91 -6.35 -0.21
N ASP B 105 -17.17 -6.43 0.11
CA ASP B 105 -17.69 -7.65 0.81
C ASP B 105 -18.47 -8.53 -0.16
N VAL B 106 -18.53 -9.80 0.09
CA VAL B 106 -19.28 -10.71 -0.81
C VAL B 106 -20.60 -11.15 -0.16
N LYS B 107 -20.88 -10.63 1.00
CA LYS B 107 -22.16 -11.00 1.70
C LYS B 107 -22.11 -12.42 2.26
N PHE B 108 -21.05 -13.14 2.02
CA PHE B 108 -20.96 -14.53 2.55
C PHE B 108 -19.50 -14.90 2.83
N PRO B 109 -19.32 -15.76 3.80
CA PRO B 109 -17.95 -16.21 4.18
C PRO B 109 -17.41 -17.18 3.13
N ILE B 110 -16.11 -17.37 3.11
CA ILE B 110 -15.52 -18.30 2.11
C ILE B 110 -14.55 -19.25 2.80
N ARG B 111 -14.39 -20.44 2.26
CA ARG B 111 -13.45 -21.42 2.88
C ARG B 111 -12.01 -21.08 2.47
N LEU B 112 -11.26 -20.48 3.35
CA LEU B 112 -9.85 -20.12 3.02
C LEU B 112 -9.02 -21.38 2.74
N GLU B 113 -9.30 -22.44 3.44
CA GLU B 113 -8.52 -23.70 3.21
C GLU B 113 -9.00 -24.41 1.94
N GLY B 114 -10.26 -24.31 1.64
CA GLY B 114 -10.79 -24.98 0.41
C GLY B 114 -10.13 -24.37 -0.83
N LEU B 115 -10.10 -23.07 -0.91
CA LEU B 115 -9.47 -22.41 -2.09
C LEU B 115 -8.00 -22.80 -2.20
N ALA B 116 -7.31 -22.81 -1.09
CA ALA B 116 -5.85 -23.18 -1.13
C ALA B 116 -5.67 -24.59 -1.69
N PHE B 117 -6.67 -25.42 -1.58
CA PHE B 117 -6.55 -26.81 -2.10
C PHE B 117 -6.84 -26.84 -3.61
N SER B 118 -7.65 -25.94 -4.08
CA SER B 118 -7.97 -25.91 -5.54
C SER B 118 -7.04 -24.95 -6.28
N HIS B 119 -6.83 -23.78 -5.73
CA HIS B 119 -5.95 -22.79 -6.40
C HIS B 119 -4.82 -22.36 -5.46
N GLY B 120 -4.15 -23.30 -4.85
CA GLY B 120 -3.04 -22.96 -3.92
C GLY B 120 -1.82 -22.49 -4.73
N THR B 121 -1.77 -22.84 -5.98
CA THR B 121 -0.60 -22.43 -6.82
C THR B 121 -0.52 -20.90 -6.88
N PHE B 122 -1.62 -20.22 -6.66
CA PHE B 122 -1.60 -18.73 -6.72
C PHE B 122 -2.11 -18.15 -5.40
N SER B 123 -2.57 -18.99 -4.51
CA SER B 123 -3.08 -18.47 -3.20
C SER B 123 -2.33 -19.12 -2.04
N SER B 124 -2.25 -18.45 -0.93
CA SER B 124 -1.53 -19.03 0.24
C SER B 124 -2.38 -18.89 1.50
N TYR B 125 -2.41 -19.90 2.33
CA TYR B 125 -3.23 -19.82 3.58
C TYR B 125 -2.36 -20.15 4.80
N GLU B 126 -2.14 -19.20 5.65
CA GLU B 126 -1.30 -19.47 6.86
C GLU B 126 -2.14 -19.25 8.12
N PRO B 127 -2.73 -20.32 8.58
CA PRO B 127 -3.57 -20.26 9.80
C PRO B 127 -2.68 -20.05 11.04
N GLU B 128 -1.39 -20.04 10.86
CA GLU B 128 -0.48 -19.83 12.01
C GLU B 128 0.01 -18.38 12.05
N LEU B 129 -0.20 -17.65 10.99
CA LEU B 129 0.26 -16.23 10.97
C LEU B 129 -0.79 -15.34 10.31
N PHE B 130 -1.48 -15.83 9.32
CA PHE B 130 -2.52 -15.01 8.64
C PHE B 130 -3.86 -15.75 8.64
N PRO B 131 -4.81 -15.19 9.35
CA PRO B 131 -6.16 -15.80 9.44
C PRO B 131 -6.91 -15.63 8.12
N GLY B 132 -6.39 -14.82 7.23
CA GLY B 132 -7.07 -14.61 5.92
C GLY B 132 -6.30 -15.34 4.82
N LEU B 133 -6.85 -15.38 3.63
CA LEU B 133 -6.15 -16.06 2.51
C LEU B 133 -5.55 -15.03 1.55
N ILE B 134 -4.25 -15.07 1.36
CA ILE B 134 -3.62 -14.09 0.44
C ILE B 134 -3.58 -14.65 -0.99
N TYR B 135 -4.40 -14.14 -1.86
CA TYR B 135 -4.41 -14.64 -3.26
C TYR B 135 -3.66 -13.66 -4.17
N ARG B 136 -2.65 -14.13 -4.84
CA ARG B 136 -1.88 -13.22 -5.74
C ARG B 136 -2.10 -13.60 -7.21
N MET B 137 -3.20 -13.20 -7.78
CA MET B 137 -3.46 -13.53 -9.22
C MET B 137 -2.47 -12.79 -10.12
N VAL B 138 -2.38 -13.17 -11.36
CA VAL B 138 -1.43 -12.48 -12.28
C VAL B 138 -2.19 -11.68 -13.34
N LYS B 139 -3.35 -12.13 -13.73
CA LYS B 139 -4.14 -11.39 -14.76
C LYS B 139 -5.61 -11.28 -14.35
N PRO B 140 -5.96 -10.16 -13.77
CA PRO B 140 -4.99 -9.06 -13.51
C PRO B 140 -4.02 -9.44 -12.39
N LYS B 141 -2.81 -8.95 -12.43
CA LYS B 141 -1.84 -9.28 -11.35
C LYS B 141 -2.15 -8.48 -10.09
N ILE B 142 -2.93 -9.02 -9.20
CA ILE B 142 -3.27 -8.28 -7.95
C ILE B 142 -3.28 -9.23 -6.75
N VAL B 143 -3.03 -8.71 -5.57
CA VAL B 143 -3.03 -9.57 -4.36
C VAL B 143 -4.36 -9.43 -3.62
N LEU B 144 -5.23 -10.39 -3.74
CA LEU B 144 -6.54 -10.29 -3.04
C LEU B 144 -6.49 -11.01 -1.69
N LEU B 145 -7.15 -10.47 -0.69
CA LEU B 145 -7.14 -11.13 0.64
C LEU B 145 -8.57 -11.49 1.03
N ILE B 146 -8.86 -12.76 1.18
CA ILE B 146 -10.25 -13.17 1.55
C ILE B 146 -10.29 -13.68 2.99
N PHE B 147 -11.06 -13.04 3.82
CA PHE B 147 -11.17 -13.51 5.24
C PHE B 147 -12.45 -14.34 5.41
N VAL B 148 -12.43 -15.31 6.29
CA VAL B 148 -13.65 -16.15 6.47
C VAL B 148 -14.89 -15.26 6.54
N SER B 149 -14.73 -14.02 6.94
CA SER B 149 -15.90 -13.11 7.02
C SER B 149 -16.45 -12.83 5.62
N GLY B 150 -15.59 -12.67 4.65
CA GLY B 150 -16.07 -12.40 3.27
C GLY B 150 -15.51 -11.06 2.78
N LYS B 151 -14.49 -10.57 3.42
CA LYS B 151 -13.90 -9.26 2.99
C LYS B 151 -12.78 -9.50 1.99
N ILE B 152 -12.80 -8.81 0.87
CA ILE B 152 -11.72 -8.99 -0.14
C ILE B 152 -10.93 -7.70 -0.30
N VAL B 153 -9.63 -7.75 -0.08
CA VAL B 153 -8.81 -6.53 -0.23
C VAL B 153 -7.94 -6.62 -1.49
N LEU B 154 -8.19 -5.79 -2.47
CA LEU B 154 -7.38 -5.84 -3.71
C LEU B 154 -6.34 -4.73 -3.71
N THR B 155 -5.10 -5.05 -3.45
CA THR B 155 -4.04 -4.01 -3.43
C THR B 155 -2.85 -4.44 -4.29
N GLY B 156 -2.24 -3.53 -4.99
CA GLY B 156 -1.08 -3.91 -5.84
C GLY B 156 -1.44 -3.69 -7.30
N ALA B 157 -2.52 -2.99 -7.56
CA ALA B 157 -2.94 -2.74 -8.97
C ALA B 157 -2.31 -1.43 -9.49
N LYS B 158 -1.97 -1.38 -10.74
CA LYS B 158 -1.36 -0.14 -11.30
C LYS B 158 -2.45 0.85 -11.72
N GLN B 159 -3.68 0.40 -11.82
CA GLN B 159 -4.78 1.32 -12.23
C GLN B 159 -6.11 0.86 -11.62
N ARG B 160 -7.18 1.50 -12.01
CA ARG B 160 -8.51 1.13 -11.46
C ARG B 160 -9.05 -0.11 -12.18
N GLU B 161 -9.10 -0.08 -13.48
CA GLU B 161 -9.62 -1.25 -14.24
C GLU B 161 -9.02 -2.55 -13.70
N GLU B 162 -7.86 -2.48 -13.11
CA GLU B 162 -7.22 -3.71 -12.57
C GLU B 162 -8.00 -4.23 -11.36
N ILE B 163 -8.21 -3.40 -10.37
CA ILE B 163 -8.96 -3.85 -9.17
C ILE B 163 -10.36 -4.33 -9.56
N TYR B 164 -10.99 -3.64 -10.48
CA TYR B 164 -12.35 -4.05 -10.90
C TYR B 164 -12.31 -5.39 -11.64
N GLN B 165 -11.25 -5.65 -12.36
CA GLN B 165 -11.16 -6.93 -13.10
C GLN B 165 -10.77 -8.07 -12.14
N ALA B 166 -9.93 -7.79 -11.19
CA ALA B 166 -9.52 -8.85 -10.22
C ALA B 166 -10.75 -9.42 -9.50
N PHE B 167 -11.67 -8.57 -9.14
CA PHE B 167 -12.89 -9.06 -8.44
C PHE B 167 -13.75 -9.91 -9.38
N GLU B 168 -14.03 -9.41 -10.56
CA GLU B 168 -14.86 -10.19 -11.51
C GLU B 168 -14.20 -11.54 -11.81
N ALA B 169 -12.94 -11.69 -11.47
CA ALA B 169 -12.25 -12.99 -11.73
C ALA B 169 -12.28 -13.88 -10.49
N ILE B 170 -12.20 -13.29 -9.32
CA ILE B 170 -12.23 -14.10 -8.08
C ILE B 170 -13.65 -14.17 -7.52
N TYR B 171 -14.52 -13.32 -7.97
CA TYR B 171 -15.93 -13.34 -7.47
C TYR B 171 -16.51 -14.76 -7.54
N PRO B 172 -16.30 -15.42 -8.66
CA PRO B 172 -16.83 -16.80 -8.81
C PRO B 172 -16.02 -17.79 -7.97
N VAL B 173 -14.71 -17.76 -8.09
CA VAL B 173 -13.88 -18.70 -7.29
C VAL B 173 -14.39 -18.73 -5.84
N LEU B 174 -14.79 -17.60 -5.32
CA LEU B 174 -15.29 -17.56 -3.92
C LEU B 174 -16.69 -18.19 -3.85
N SER B 175 -17.58 -17.82 -4.73
CA SER B 175 -18.95 -18.40 -4.72
C SER B 175 -18.86 -19.92 -4.80
N GLU B 176 -17.89 -20.44 -5.50
CA GLU B 176 -17.75 -21.92 -5.61
C GLU B 176 -17.23 -22.50 -4.30
N PHE B 177 -16.46 -21.75 -3.57
CA PHE B 177 -15.91 -22.26 -2.28
C PHE B 177 -16.41 -21.40 -1.12
N ARG B 178 -17.66 -20.99 -1.15
CA ARG B 178 -18.19 -20.15 -0.05
C ARG B 178 -18.51 -21.01 1.17
N LYS B 179 -19.17 -20.45 2.15
CA LYS B 179 -19.51 -21.24 3.36
C LYS B 179 -21.00 -21.11 3.68
N MET B 180 -21.53 -19.93 3.64
CA MET B 180 -22.98 -19.74 3.93
C MET B 180 -23.69 -19.13 2.73
N GLU A 1 10.86 -12.57 17.31
CA GLU A 1 12.15 -12.41 16.57
C GLU A 1 11.92 -11.65 15.26
N GLY A 2 11.58 -10.39 15.35
CA GLY A 2 11.34 -9.60 14.11
C GLY A 2 12.68 -9.19 13.50
N SER A 3 13.34 -10.10 12.84
CA SER A 3 14.66 -9.76 12.23
C SER A 3 14.52 -9.57 10.71
N ILE A 4 13.95 -8.47 10.28
CA ILE A 4 13.79 -8.24 8.83
C ILE A 4 14.92 -7.35 8.31
N GLY A 5 15.41 -7.59 7.12
CA GLY A 5 16.52 -6.75 6.58
C GLY A 5 16.33 -6.53 5.08
N ASN A 6 15.11 -6.54 4.61
CA ASN A 6 14.88 -6.32 3.16
C ASN A 6 14.00 -5.07 2.95
N GLY A 7 14.57 -4.02 2.43
CA GLY A 7 13.78 -2.78 2.21
C GLY A 7 13.32 -2.24 3.57
N LEU A 8 12.85 -1.02 3.62
CA LEU A 8 12.40 -0.44 4.92
C LEU A 8 11.09 -1.10 5.38
N ASP A 9 10.60 -2.02 4.61
CA ASP A 9 9.32 -2.74 4.95
C ASP A 9 8.11 -1.90 4.59
N LEU A 10 7.78 -1.83 3.32
CA LEU A 10 6.61 -1.03 2.88
C LEU A 10 5.40 -1.94 2.69
N THR A 11 5.35 -3.05 3.37
CA THR A 11 4.18 -3.94 3.19
C THR A 11 2.89 -3.16 3.45
N GLY A 12 2.99 -2.06 4.13
CA GLY A 12 1.76 -1.26 4.41
C GLY A 12 1.68 -0.08 3.44
N ILE A 13 2.78 0.51 3.08
CA ILE A 13 2.73 1.65 2.11
C ILE A 13 1.78 1.29 0.98
N LEU A 14 1.88 0.11 0.46
CA LEU A 14 0.96 -0.30 -0.63
C LEU A 14 -0.39 -0.73 -0.04
N PHE A 15 -0.39 -1.11 1.20
CA PHE A 15 -1.66 -1.54 1.86
C PHE A 15 -2.21 -0.40 2.72
N GLY A 16 -1.70 0.79 2.55
CA GLY A 16 -2.18 1.95 3.36
C GLY A 16 -0.99 2.81 3.77
N ASN A 17 -0.58 3.69 2.89
CA ASN A 17 0.60 4.59 3.14
C ASN A 17 1.01 4.63 4.60
N ILE A 18 1.96 3.82 4.96
CA ILE A 18 2.44 3.82 6.36
C ILE A 18 3.56 4.83 6.49
N ASP A 19 4.00 5.09 7.67
CA ASP A 19 5.14 6.00 7.82
C ASP A 19 6.36 5.09 7.69
N SER A 20 7.20 5.33 6.72
CA SER A 20 8.37 4.43 6.51
C SER A 20 8.93 3.98 7.86
N GLU A 21 8.74 4.78 8.88
CA GLU A 21 9.23 4.37 10.23
C GLU A 21 8.61 3.03 10.63
N GLY A 22 7.59 2.58 9.93
CA GLY A 22 6.95 1.28 10.29
C GLY A 22 5.55 1.52 10.86
N ARG A 23 4.91 2.60 10.48
CA ARG A 23 3.55 2.88 11.02
C ARG A 23 2.49 2.86 9.89
N LEU A 24 1.56 1.95 9.94
CA LEU A 24 0.51 1.88 8.87
C LEU A 24 -0.67 2.77 9.24
N LEU A 25 -1.30 3.43 8.29
CA LEU A 25 -2.44 4.31 8.66
C LEU A 25 -3.65 4.05 7.78
N GLN A 26 -4.71 4.77 8.00
CA GLN A 26 -5.94 4.59 7.18
C GLN A 26 -6.44 5.94 6.66
N ASP A 27 -6.76 6.03 5.41
CA ASP A 27 -7.24 7.33 4.85
C ASP A 27 -8.57 7.72 5.49
N ASP A 28 -8.54 8.19 6.71
CA ASP A 28 -9.80 8.58 7.40
C ASP A 28 -10.77 7.41 7.47
N ASP A 29 -12.00 7.66 7.79
CA ASP A 29 -13.00 6.55 7.87
C ASP A 29 -14.41 7.13 8.10
N GLY A 30 -15.04 7.59 7.05
CA GLY A 30 -16.41 8.16 7.21
C GLY A 30 -16.97 8.54 5.83
N GLU A 31 -17.87 7.76 5.32
CA GLU A 31 -18.45 8.08 3.98
C GLU A 31 -19.99 7.97 4.02
N GLY A 32 -20.63 8.90 4.66
CA GLY A 32 -22.12 8.85 4.74
C GLY A 32 -22.54 7.70 5.67
N ARG A 33 -23.27 6.76 5.15
CA ARG A 33 -23.70 5.61 6.01
C ARG A 33 -22.88 4.37 5.69
N GLY A 34 -21.95 4.03 6.53
CA GLY A 34 -21.10 2.83 6.26
C GLY A 34 -19.75 2.99 6.94
N GLY A 35 -18.69 2.87 6.19
CA GLY A 35 -17.33 3.03 6.80
C GLY A 35 -16.81 1.67 7.25
N THR A 36 -15.76 1.20 6.64
CA THR A 36 -15.20 -0.13 7.02
C THR A 36 -13.82 0.05 7.65
N GLY A 37 -12.79 0.09 6.83
CA GLY A 37 -11.41 0.25 7.37
C GLY A 37 -10.81 -1.14 7.63
N PHE A 38 -9.51 -1.22 7.67
CA PHE A 38 -8.86 -2.54 7.91
C PHE A 38 -8.90 -2.89 9.41
N ASP A 39 -9.19 -4.11 9.74
CA ASP A 39 -9.25 -4.50 11.18
C ASP A 39 -7.83 -4.67 11.72
N ALA A 40 -7.69 -5.21 12.91
CA ALA A 40 -6.33 -5.40 13.48
C ALA A 40 -5.75 -6.76 13.05
N GLU A 41 -6.21 -7.28 11.94
CA GLU A 41 -5.68 -8.59 11.48
C GLU A 41 -4.65 -8.35 10.37
N LEU A 42 -4.71 -7.20 9.76
CA LEU A 42 -3.75 -6.89 8.67
C LEU A 42 -2.56 -6.11 9.21
N ARG A 43 -2.82 -5.12 10.03
CA ARG A 43 -1.71 -4.31 10.59
C ARG A 43 -0.68 -5.24 11.25
N GLU A 44 -1.10 -5.99 12.22
CA GLU A 44 -0.16 -6.92 12.91
C GLU A 44 0.35 -7.94 11.89
N ASN A 45 -0.28 -8.03 10.75
CA ASN A 45 0.17 -8.99 9.71
C ASN A 45 1.17 -8.31 8.79
N ILE A 46 0.94 -7.06 8.47
CA ILE A 46 1.88 -6.34 7.58
C ILE A 46 3.30 -6.46 8.13
N GLY A 47 3.45 -6.38 9.43
CA GLY A 47 4.80 -6.51 10.04
C GLY A 47 5.41 -7.86 9.68
N SER A 48 4.61 -8.79 9.23
CA SER A 48 5.15 -10.14 8.87
C SER A 48 4.61 -10.60 7.52
N LEU A 49 3.96 -9.73 6.79
CA LEU A 49 3.42 -10.12 5.46
C LEU A 49 4.53 -10.11 4.40
N SER A 50 5.75 -9.91 4.82
CA SER A 50 6.87 -9.89 3.82
C SER A 50 7.51 -11.28 3.71
N LYS A 51 6.71 -12.30 3.65
CA LYS A 51 7.28 -13.68 3.54
C LYS A 51 6.38 -14.55 2.65
N LEU A 52 5.51 -13.94 1.89
CA LEU A 52 4.60 -14.73 1.00
C LEU A 52 4.62 -14.14 -0.41
N GLY A 53 4.21 -12.91 -0.53
CA GLY A 53 4.19 -12.28 -1.88
C GLY A 53 4.50 -10.79 -1.76
N LEU A 54 3.90 -10.12 -0.81
CA LEU A 54 4.16 -8.66 -0.65
C LEU A 54 5.66 -8.37 -0.82
N ASP A 55 6.50 -9.33 -0.54
CA ASP A 55 7.96 -9.10 -0.69
C ASP A 55 8.25 -8.37 -2.01
N SER A 56 7.54 -8.70 -3.04
CA SER A 56 7.77 -8.01 -4.35
C SER A 56 7.29 -6.56 -4.27
N MET A 57 6.05 -6.38 -3.90
CA MET A 57 5.52 -4.98 -3.78
C MET A 57 6.12 -4.30 -2.56
N LEU A 58 6.90 -5.03 -1.80
CA LEU A 58 7.53 -4.42 -0.59
C LEU A 58 8.69 -3.53 -1.02
N LEU A 59 9.63 -4.10 -1.70
CA LEU A 59 10.80 -3.31 -2.19
C LEU A 59 10.40 -2.52 -3.44
N GLU A 60 9.17 -2.63 -3.86
CA GLU A 60 8.72 -1.90 -5.08
C GLU A 60 8.20 -0.51 -4.75
N VAL A 61 8.37 -0.07 -3.54
CA VAL A 61 7.88 1.28 -3.19
C VAL A 61 8.93 2.03 -2.38
N ILE A 62 10.06 1.39 -2.17
CA ILE A 62 11.15 2.02 -1.39
C ILE A 62 12.50 1.49 -1.90
N ASP A 63 12.93 1.95 -3.04
CA ASP A 63 14.22 1.47 -3.58
C ASP A 63 15.34 2.19 -2.84
N LEU A 64 15.36 2.06 -1.54
CA LEU A 64 16.40 2.75 -0.74
C LEU A 64 17.45 1.76 -0.25
N LYS A 65 18.21 1.23 -1.15
CA LYS A 65 19.28 0.25 -0.77
C LYS A 65 20.20 -0.01 -1.97
N GLU A 66 21.49 0.05 -1.75
CA GLU A 66 22.44 -0.20 -2.88
C GLU A 66 22.10 0.70 -4.07
N ALA A 67 21.82 1.95 -3.82
CA ALA A 67 21.48 2.87 -4.95
C ALA A 67 22.26 4.17 -4.82
N SER B 1 -25.00 -9.61 -8.31
CA SER B 1 -25.00 -8.33 -7.54
C SER B 1 -24.04 -7.32 -8.16
N GLY B 2 -23.35 -6.57 -7.35
CA GLY B 2 -22.39 -5.57 -7.90
C GLY B 2 -21.20 -5.43 -6.96
N ILE B 3 -21.41 -4.90 -5.78
CA ILE B 3 -20.29 -4.75 -4.81
C ILE B 3 -19.20 -3.83 -5.38
N VAL B 4 -18.46 -4.30 -6.34
CA VAL B 4 -17.39 -3.45 -6.94
C VAL B 4 -16.36 -3.08 -5.88
N PRO B 5 -15.12 -3.32 -6.19
CA PRO B 5 -14.02 -2.99 -5.24
C PRO B 5 -13.83 -1.48 -5.15
N THR B 6 -13.98 -0.92 -3.98
CA THR B 6 -13.81 0.55 -3.82
C THR B 6 -12.35 0.87 -3.50
N LEU B 7 -11.79 1.86 -4.15
CA LEU B 7 -10.38 2.23 -3.87
C LEU B 7 -10.25 2.85 -2.48
N GLN B 8 -9.41 2.30 -1.65
CA GLN B 8 -9.25 2.85 -0.28
C GLN B 8 -7.88 3.53 -0.14
N ASN B 9 -7.05 3.41 -1.14
CA ASN B 9 -5.70 4.05 -1.06
C ASN B 9 -5.06 4.10 -2.45
N ILE B 10 -4.14 5.00 -2.65
CA ILE B 10 -3.47 5.11 -3.97
C ILE B 10 -1.97 5.33 -3.79
N VAL B 11 -1.18 4.82 -4.69
CA VAL B 11 0.30 5.00 -4.57
C VAL B 11 0.91 5.34 -5.93
N ALA B 12 1.84 6.27 -5.96
CA ALA B 12 2.47 6.64 -7.25
C ALA B 12 3.95 6.97 -7.05
N THR B 13 4.72 6.91 -8.10
CA THR B 13 6.17 7.21 -7.98
C THR B 13 6.48 8.55 -8.66
N VAL B 14 7.31 9.36 -8.07
CA VAL B 14 7.64 10.68 -8.68
C VAL B 14 9.14 10.94 -8.61
N THR B 15 9.64 11.75 -9.51
CA THR B 15 11.11 12.06 -9.50
C THR B 15 11.32 13.57 -9.56
N LEU B 16 12.15 14.10 -8.71
CA LEU B 16 12.39 15.57 -8.73
C LEU B 16 13.54 15.92 -9.68
N GLY B 17 14.45 15.00 -9.87
CA GLY B 17 15.59 15.28 -10.80
C GLY B 17 16.75 15.91 -10.02
N CYS B 18 16.59 16.10 -8.73
CA CYS B 18 17.68 16.70 -7.92
C CYS B 18 17.82 15.96 -6.60
N ARG B 19 19.04 15.73 -6.17
CA ARG B 19 19.25 15.01 -4.87
C ARG B 19 18.81 15.90 -3.70
N LEU B 20 18.40 15.31 -2.62
CA LEU B 20 17.95 16.11 -1.45
C LEU B 20 18.63 15.61 -0.17
N ASP B 21 18.84 16.48 0.79
CA ASP B 21 19.48 16.04 2.07
C ASP B 21 18.41 15.62 3.07
N LEU B 22 18.16 14.34 3.17
CA LEU B 22 17.12 13.85 4.13
C LEU B 22 17.21 14.62 5.45
N LYS B 23 18.39 14.95 5.88
CA LYS B 23 18.55 15.69 7.17
C LYS B 23 17.86 17.06 7.08
N THR B 24 17.99 17.73 5.97
CA THR B 24 17.34 19.07 5.84
C THR B 24 15.89 18.92 5.37
N VAL B 25 15.63 18.01 4.48
CA VAL B 25 14.23 17.81 3.99
C VAL B 25 13.33 17.38 5.14
N ALA B 26 13.87 16.68 6.11
CA ALA B 26 13.05 16.24 7.26
C ALA B 26 13.07 17.30 8.36
N LEU B 27 14.08 18.13 8.39
CA LEU B 27 14.16 19.18 9.43
C LEU B 27 13.22 20.34 9.09
N HIS B 28 13.27 20.81 7.88
CA HIS B 28 12.38 21.94 7.49
C HIS B 28 10.95 21.45 7.26
N ALA B 29 10.81 20.30 6.66
CA ALA B 29 9.44 19.76 6.40
C ALA B 29 8.60 19.80 7.68
N ARG B 30 7.56 20.60 7.70
CA ARG B 30 6.71 20.69 8.92
C ARG B 30 6.13 19.31 9.26
N ASN B 31 5.99 18.46 8.28
CA ASN B 31 5.44 17.11 8.55
C ASN B 31 6.34 16.04 7.93
N ALA B 32 7.42 15.73 8.58
CA ALA B 32 8.36 14.70 8.03
C ALA B 32 9.26 14.18 9.15
N GLU B 33 9.62 12.93 9.09
CA GLU B 33 10.51 12.36 10.14
C GLU B 33 11.61 11.51 9.51
N TYR B 34 12.82 11.65 9.98
CA TYR B 34 13.94 10.85 9.41
C TYR B 34 14.49 9.87 10.45
N ASN B 35 14.28 8.60 10.27
CA ASN B 35 14.77 7.61 11.26
C ASN B 35 15.98 6.86 10.70
N PRO B 36 17.12 7.09 11.28
CA PRO B 36 18.36 6.43 10.84
C PRO B 36 18.35 4.94 11.23
N LYS B 37 17.49 4.57 12.14
CA LYS B 37 17.43 3.13 12.55
C LYS B 37 16.48 2.36 11.63
N ARG B 38 15.57 3.05 10.98
CA ARG B 38 14.63 2.36 10.07
C ARG B 38 15.19 2.32 8.65
N PHE B 39 15.18 3.43 7.97
CA PHE B 39 15.71 3.45 6.57
C PHE B 39 16.21 4.86 6.22
N ALA B 40 16.98 4.98 5.17
CA ALA B 40 17.49 6.32 4.77
C ALA B 40 16.43 7.08 3.99
N ALA B 41 15.21 7.10 4.47
CA ALA B 41 14.13 7.82 3.74
C ALA B 41 13.38 8.77 4.67
N VAL B 42 12.93 9.88 4.14
CA VAL B 42 12.16 10.85 4.97
C VAL B 42 10.66 10.54 4.83
N ILE B 43 10.00 10.28 5.92
CA ILE B 43 8.55 9.97 5.84
C ILE B 43 7.72 11.25 5.94
N MET B 44 7.02 11.58 4.90
CA MET B 44 6.18 12.83 4.94
C MET B 44 4.74 12.47 5.27
N ARG B 45 4.04 13.34 5.96
CA ARG B 45 2.62 13.04 6.31
C ARG B 45 1.79 14.33 6.33
N ILE B 46 1.13 14.62 5.25
CA ILE B 46 0.31 15.87 5.19
C ILE B 46 -1.15 15.54 5.54
N ARG B 47 -1.97 16.55 5.68
CA ARG B 47 -3.40 16.29 6.03
C ARG B 47 -4.32 17.03 5.06
N GLU B 48 -4.03 16.98 3.78
CA GLU B 48 -4.90 17.68 2.80
C GLU B 48 -4.32 17.56 1.38
N PRO B 49 -4.52 16.42 0.78
CA PRO B 49 -5.26 15.31 1.43
C PRO B 49 -4.35 14.56 2.41
N LYS B 50 -4.93 13.89 3.37
CA LYS B 50 -4.10 13.13 4.35
C LYS B 50 -3.37 11.99 3.65
N THR B 51 -2.07 12.10 3.50
CA THR B 51 -1.31 11.01 2.81
C THR B 51 0.10 10.89 3.39
N THR B 52 0.86 9.95 2.91
CA THR B 52 2.25 9.78 3.40
C THR B 52 3.20 9.70 2.19
N ALA B 53 4.48 9.71 2.40
CA ALA B 53 5.42 9.64 1.25
C ALA B 53 6.83 9.29 1.70
N LEU B 54 7.51 8.45 0.96
CA LEU B 54 8.90 8.08 1.34
C LEU B 54 9.88 8.79 0.41
N ILE B 55 10.47 9.87 0.87
CA ILE B 55 11.42 10.62 -0.02
C ILE B 55 12.84 10.08 0.15
N PHE B 56 13.54 9.93 -0.94
CA PHE B 56 14.94 9.41 -0.85
C PHE B 56 15.93 10.53 -1.16
N ALA B 57 17.18 10.32 -0.86
CA ALA B 57 18.19 11.38 -1.15
C ALA B 57 18.52 11.41 -2.64
N SER B 58 18.43 10.30 -3.31
CA SER B 58 18.72 10.27 -4.76
C SER B 58 17.89 11.32 -5.49
N GLY B 59 16.82 11.76 -4.89
CA GLY B 59 15.96 12.79 -5.55
C GLY B 59 14.59 12.19 -5.85
N LYS B 60 14.48 10.88 -5.85
CA LYS B 60 13.17 10.24 -6.14
C LYS B 60 12.36 10.12 -4.84
N MET B 61 11.07 9.91 -4.96
CA MET B 61 10.22 9.78 -3.74
C MET B 61 8.92 9.05 -4.09
N VAL B 62 8.36 8.32 -3.15
CA VAL B 62 7.09 7.60 -3.44
C VAL B 62 5.94 8.19 -2.62
N VAL B 63 4.81 8.39 -3.24
CA VAL B 63 3.65 8.96 -2.48
C VAL B 63 2.56 7.90 -2.32
N THR B 64 1.83 7.94 -1.24
CA THR B 64 0.77 6.93 -1.01
C THR B 64 -0.29 7.50 -0.07
N GLY B 65 -1.45 6.90 -0.03
CA GLY B 65 -2.52 7.41 0.87
C GLY B 65 -3.67 7.98 0.02
N ALA B 66 -3.37 8.61 -1.07
CA ALA B 66 -4.45 9.18 -1.93
C ALA B 66 -5.57 8.16 -2.13
N LYS B 67 -6.72 8.61 -2.52
CA LYS B 67 -7.86 7.66 -2.73
C LYS B 67 -8.28 7.65 -4.21
N SER B 68 -7.65 8.47 -5.01
CA SER B 68 -8.01 8.51 -6.46
C SER B 68 -6.86 9.10 -7.27
N GLU B 69 -6.87 8.89 -8.56
CA GLU B 69 -5.78 9.45 -9.41
C GLU B 69 -5.71 10.98 -9.25
N ASP B 70 -6.82 11.61 -9.01
CA ASP B 70 -6.82 13.09 -8.84
C ASP B 70 -6.14 13.46 -7.51
N ASP B 71 -6.56 12.85 -6.44
CA ASP B 71 -5.93 13.16 -5.13
C ASP B 71 -4.44 12.82 -5.15
N SER B 72 -4.10 11.68 -5.70
CA SER B 72 -2.66 11.30 -5.76
C SER B 72 -1.85 12.40 -6.43
N LYS B 73 -2.32 12.91 -7.54
CA LYS B 73 -1.57 14.00 -8.25
C LYS B 73 -1.33 15.17 -7.28
N LEU B 74 -2.34 15.57 -6.57
CA LEU B 74 -2.17 16.70 -5.61
C LEU B 74 -1.27 16.27 -4.45
N ALA B 75 -1.60 15.18 -3.80
CA ALA B 75 -0.75 14.72 -2.66
C ALA B 75 0.73 14.76 -3.06
N SER B 76 1.05 14.35 -4.25
CA SER B 76 2.47 14.37 -4.69
C SER B 76 2.93 15.81 -4.93
N ARG B 77 2.29 16.51 -5.82
CA ARG B 77 2.68 17.92 -6.10
C ARG B 77 2.93 18.66 -4.78
N LYS B 78 2.06 18.51 -3.83
CA LYS B 78 2.25 19.21 -2.52
C LYS B 78 3.62 18.84 -1.94
N TYR B 79 3.94 17.58 -1.86
CA TYR B 79 5.26 17.18 -1.31
C TYR B 79 6.38 17.97 -2.00
N ALA B 80 6.36 18.01 -3.30
CA ALA B 80 7.42 18.77 -4.04
C ALA B 80 7.35 20.24 -3.66
N ARG B 81 6.21 20.71 -3.23
CA ARG B 81 6.08 22.14 -2.84
C ARG B 81 6.82 22.40 -1.53
N ILE B 82 6.88 21.41 -0.67
CA ILE B 82 7.59 21.60 0.62
C ILE B 82 9.10 21.71 0.39
N ILE B 83 9.66 20.83 -0.40
CA ILE B 83 11.12 20.90 -0.67
C ILE B 83 11.47 22.19 -1.42
N GLN B 84 10.76 22.47 -2.48
CA GLN B 84 11.06 23.71 -3.26
C GLN B 84 10.78 24.96 -2.40
N LYS B 85 9.73 24.92 -1.62
CA LYS B 85 9.43 26.09 -0.75
C LYS B 85 10.51 26.16 0.32
N ILE B 86 11.16 25.07 0.56
CA ILE B 86 12.25 25.05 1.57
C ILE B 86 13.52 25.60 0.93
N GLY B 87 13.62 25.51 -0.36
CA GLY B 87 14.83 26.05 -1.06
C GLY B 87 15.35 25.03 -2.07
N PHE B 88 15.24 23.77 -1.78
CA PHE B 88 15.74 22.74 -2.74
C PHE B 88 15.17 22.98 -4.14
N ALA B 89 15.74 22.33 -5.12
CA ALA B 89 15.25 22.52 -6.51
C ALA B 89 14.40 21.31 -6.93
N ALA B 90 13.47 20.91 -6.11
CA ALA B 90 12.61 19.74 -6.44
C ALA B 90 11.64 20.09 -7.57
N LYS B 91 11.50 19.23 -8.54
CA LYS B 91 10.55 19.50 -9.66
C LYS B 91 9.31 18.62 -9.51
N PHE B 92 8.65 18.33 -10.61
CA PHE B 92 7.43 17.46 -10.52
C PHE B 92 7.27 16.66 -11.81
N THR B 93 8.03 15.60 -11.96
CA THR B 93 7.91 14.76 -13.20
C THR B 93 8.05 13.28 -12.84
N ASP B 94 7.96 12.42 -13.82
CA ASP B 94 8.09 10.96 -13.53
C ASP B 94 6.91 10.48 -12.68
N PHE B 95 5.88 11.27 -12.58
CA PHE B 95 4.70 10.85 -11.77
C PHE B 95 4.01 9.65 -12.43
N LYS B 96 3.63 8.66 -11.68
CA LYS B 96 2.96 7.48 -12.28
C LYS B 96 2.35 6.59 -11.18
N ILE B 97 1.07 6.32 -11.27
CA ILE B 97 0.42 5.46 -10.25
C ILE B 97 0.73 3.98 -10.57
N GLN B 98 1.24 3.25 -9.62
CA GLN B 98 1.56 1.81 -9.88
C GLN B 98 0.84 0.90 -8.90
N ASN B 99 0.27 1.44 -7.86
CA ASN B 99 -0.43 0.58 -6.87
C ASN B 99 -1.78 1.19 -6.45
N ILE B 100 -2.82 0.41 -6.50
CA ILE B 100 -4.16 0.93 -6.09
C ILE B 100 -4.81 -0.03 -5.09
N VAL B 101 -5.14 0.44 -3.93
CA VAL B 101 -5.76 -0.47 -2.91
C VAL B 101 -7.29 -0.40 -2.99
N GLY B 102 -7.93 -1.53 -3.14
CA GLY B 102 -9.41 -1.55 -3.20
C GLY B 102 -9.94 -2.62 -2.25
N SER B 103 -11.21 -2.57 -1.92
CA SER B 103 -11.77 -3.59 -0.99
C SER B 103 -13.30 -3.57 -1.04
N CYS B 104 -13.92 -4.69 -0.79
CA CYS B 104 -15.41 -4.74 -0.83
C CYS B 104 -15.92 -6.05 -0.21
N ASP B 105 -17.04 -6.01 0.44
CA ASP B 105 -17.58 -7.26 1.07
C ASP B 105 -18.50 -7.99 0.08
N VAL B 106 -18.79 -9.23 0.33
CA VAL B 106 -19.68 -10.01 -0.59
C VAL B 106 -21.09 -10.12 0.01
N LYS B 107 -21.22 -10.91 1.03
CA LYS B 107 -22.55 -11.09 1.68
C LYS B 107 -22.52 -12.32 2.59
N PHE B 108 -21.64 -13.25 2.33
CA PHE B 108 -21.55 -14.47 3.17
C PHE B 108 -20.08 -14.79 3.46
N PRO B 109 -19.87 -15.60 4.44
CA PRO B 109 -18.48 -15.98 4.83
C PRO B 109 -17.88 -16.92 3.79
N ILE B 110 -16.61 -16.76 3.50
CA ILE B 110 -15.95 -17.64 2.49
C ILE B 110 -15.13 -18.73 3.18
N ARG B 111 -15.00 -19.87 2.57
CA ARG B 111 -14.21 -20.97 3.19
C ARG B 111 -12.72 -20.79 2.87
N LEU B 112 -11.97 -20.23 3.78
CA LEU B 112 -10.51 -20.03 3.51
C LEU B 112 -9.83 -21.36 3.19
N GLU B 113 -10.34 -22.44 3.72
CA GLU B 113 -9.72 -23.77 3.44
C GLU B 113 -10.03 -24.21 2.00
N GLY B 114 -11.28 -24.14 1.61
CA GLY B 114 -11.64 -24.56 0.23
C GLY B 114 -10.90 -23.69 -0.78
N LEU B 115 -10.58 -22.47 -0.42
CA LEU B 115 -9.86 -21.58 -1.37
C LEU B 115 -8.41 -22.04 -1.53
N ALA B 116 -7.76 -22.36 -0.46
CA ALA B 116 -6.35 -22.82 -0.55
C ALA B 116 -6.30 -24.30 -0.97
N PHE B 117 -7.42 -24.97 -0.90
CA PHE B 117 -7.43 -26.41 -1.30
C PHE B 117 -7.52 -26.52 -2.83
N SER B 118 -8.22 -25.61 -3.46
CA SER B 118 -8.34 -25.66 -4.94
C SER B 118 -7.36 -24.66 -5.57
N HIS B 119 -7.14 -23.55 -4.93
CA HIS B 119 -6.20 -22.53 -5.48
C HIS B 119 -5.00 -22.36 -4.56
N GLY B 120 -4.54 -23.43 -3.97
CA GLY B 120 -3.37 -23.32 -3.05
C GLY B 120 -2.09 -23.13 -3.86
N THR B 121 -2.17 -23.28 -5.15
CA THR B 121 -0.95 -23.11 -5.99
C THR B 121 -0.63 -21.62 -6.15
N PHE B 122 -1.62 -20.78 -6.02
CA PHE B 122 -1.38 -19.31 -6.16
C PHE B 122 -1.94 -18.58 -4.95
N SER B 123 -2.55 -19.28 -4.04
CA SER B 123 -3.12 -18.62 -2.83
C SER B 123 -2.39 -19.10 -1.56
N SER B 124 -2.14 -18.22 -0.64
CA SER B 124 -1.42 -18.63 0.60
C SER B 124 -2.37 -18.55 1.81
N TYR B 125 -2.34 -19.54 2.66
CA TYR B 125 -3.24 -19.52 3.84
C TYR B 125 -2.54 -20.17 5.05
N GLU B 126 -1.87 -19.38 5.84
CA GLU B 126 -1.16 -19.93 7.03
C GLU B 126 -1.88 -19.52 8.31
N PRO B 127 -2.50 -20.49 8.94
CA PRO B 127 -3.24 -20.23 10.20
C PRO B 127 -2.26 -20.00 11.35
N GLU B 128 -0.98 -20.04 11.09
CA GLU B 128 0.01 -19.83 12.18
C GLU B 128 0.41 -18.35 12.23
N LEU B 129 0.07 -17.61 11.22
CA LEU B 129 0.42 -16.16 11.22
C LEU B 129 -0.53 -15.38 10.30
N PHE B 130 -1.65 -15.95 9.96
CA PHE B 130 -2.61 -15.23 9.07
C PHE B 130 -3.95 -15.98 9.00
N PRO B 131 -4.93 -15.44 9.66
CA PRO B 131 -6.28 -16.05 9.66
C PRO B 131 -6.97 -15.82 8.32
N GLY B 132 -6.56 -14.81 7.60
CA GLY B 132 -7.19 -14.53 6.28
C GLY B 132 -6.40 -15.27 5.19
N LEU B 133 -6.82 -15.14 3.95
CA LEU B 133 -6.09 -15.84 2.85
C LEU B 133 -5.45 -14.81 1.91
N ILE B 134 -4.32 -15.15 1.34
CA ILE B 134 -3.64 -14.21 0.41
C ILE B 134 -3.63 -14.80 -1.01
N TYR B 135 -4.48 -14.30 -1.86
CA TYR B 135 -4.52 -14.84 -3.26
C TYR B 135 -3.81 -13.88 -4.21
N ARG B 136 -2.77 -14.34 -4.85
CA ARG B 136 -2.02 -13.46 -5.80
C ARG B 136 -2.57 -13.65 -7.22
N MET B 137 -3.52 -12.83 -7.61
CA MET B 137 -4.10 -12.96 -8.98
C MET B 137 -2.98 -12.98 -10.02
N VAL B 138 -2.97 -13.99 -10.85
CA VAL B 138 -1.92 -14.09 -11.90
C VAL B 138 -2.04 -12.92 -12.88
N LYS B 139 -3.23 -12.60 -13.30
CA LYS B 139 -3.41 -11.48 -14.26
C LYS B 139 -4.77 -10.79 -14.03
N PRO B 140 -4.74 -9.53 -13.65
CA PRO B 140 -3.46 -8.80 -13.46
C PRO B 140 -2.77 -9.28 -12.18
N LYS B 141 -1.52 -8.92 -12.01
CA LYS B 141 -0.79 -9.36 -10.79
C LYS B 141 -1.24 -8.53 -9.57
N ILE B 142 -1.98 -9.13 -8.68
CA ILE B 142 -2.45 -8.39 -7.47
C ILE B 142 -2.71 -9.35 -6.31
N VAL B 143 -2.58 -8.89 -5.10
CA VAL B 143 -2.82 -9.77 -3.93
C VAL B 143 -4.25 -9.56 -3.41
N LEU B 144 -5.00 -10.62 -3.25
CA LEU B 144 -6.39 -10.47 -2.75
C LEU B 144 -6.52 -11.10 -1.36
N LEU B 145 -7.00 -10.35 -0.40
CA LEU B 145 -7.15 -10.91 0.97
C LEU B 145 -8.61 -11.26 1.24
N ILE B 146 -8.90 -12.50 1.52
CA ILE B 146 -10.31 -12.91 1.79
C ILE B 146 -10.46 -13.38 3.24
N PHE B 147 -11.22 -12.66 4.02
CA PHE B 147 -11.40 -13.07 5.44
C PHE B 147 -12.68 -13.90 5.60
N VAL B 148 -12.73 -14.74 6.60
CA VAL B 148 -13.94 -15.59 6.81
C VAL B 148 -15.20 -14.73 6.76
N SER B 149 -15.14 -13.53 7.25
CA SER B 149 -16.35 -12.65 7.24
C SER B 149 -16.81 -12.40 5.80
N GLY B 150 -15.90 -12.08 4.92
CA GLY B 150 -16.30 -11.82 3.51
C GLY B 150 -15.68 -10.50 3.03
N LYS B 151 -14.52 -10.16 3.52
CA LYS B 151 -13.87 -8.89 3.09
C LYS B 151 -12.88 -9.18 1.97
N ILE B 152 -13.10 -8.63 0.80
CA ILE B 152 -12.17 -8.88 -0.33
C ILE B 152 -11.33 -7.63 -0.62
N VAL B 153 -10.06 -7.68 -0.35
CA VAL B 153 -9.19 -6.51 -0.60
C VAL B 153 -8.33 -6.75 -1.85
N LEU B 154 -7.98 -5.70 -2.55
CA LEU B 154 -7.14 -5.89 -3.78
C LEU B 154 -6.12 -4.76 -3.90
N THR B 155 -4.88 -5.05 -3.67
CA THR B 155 -3.83 -3.99 -3.79
C THR B 155 -2.69 -4.47 -4.68
N GLY B 156 -1.93 -3.58 -5.24
CA GLY B 156 -0.80 -3.99 -6.12
C GLY B 156 -1.21 -3.81 -7.59
N ALA B 157 -2.30 -3.14 -7.83
CA ALA B 157 -2.75 -2.92 -9.24
C ALA B 157 -2.17 -1.61 -9.77
N LYS B 158 -2.04 -1.50 -11.07
CA LYS B 158 -1.48 -0.25 -11.66
C LYS B 158 -2.61 0.58 -12.29
N GLN B 159 -3.83 0.11 -12.22
CA GLN B 159 -4.94 0.89 -12.82
C GLN B 159 -6.29 0.37 -12.31
N ARG B 160 -7.19 1.26 -12.00
CA ARG B 160 -8.52 0.83 -11.48
C ARG B 160 -9.05 -0.33 -12.34
N GLU B 161 -8.64 -0.39 -13.59
CA GLU B 161 -9.12 -1.49 -14.47
C GLU B 161 -8.60 -2.84 -13.95
N GLU B 162 -7.43 -2.85 -13.39
CA GLU B 162 -6.87 -4.14 -12.86
C GLU B 162 -7.70 -4.61 -11.65
N ILE B 163 -7.83 -3.77 -10.66
CA ILE B 163 -8.62 -4.17 -9.46
C ILE B 163 -9.99 -4.70 -9.90
N TYR B 164 -10.66 -4.00 -10.76
CA TYR B 164 -11.99 -4.48 -11.23
C TYR B 164 -11.85 -5.85 -11.90
N GLN B 165 -10.70 -6.12 -12.45
CA GLN B 165 -10.48 -7.43 -13.13
C GLN B 165 -10.21 -8.51 -12.08
N ALA B 166 -9.39 -8.22 -11.11
CA ALA B 166 -9.08 -9.23 -10.06
C ALA B 166 -10.36 -9.65 -9.33
N PHE B 167 -11.22 -8.72 -9.06
CA PHE B 167 -12.50 -9.06 -8.36
C PHE B 167 -13.41 -9.86 -9.29
N GLU B 168 -13.51 -9.46 -10.52
CA GLU B 168 -14.39 -10.19 -11.48
C GLU B 168 -13.85 -11.60 -11.73
N ALA B 169 -12.60 -11.82 -11.45
CA ALA B 169 -12.01 -13.18 -11.67
C ALA B 169 -12.09 -14.00 -10.38
N ILE B 170 -12.17 -13.35 -9.25
CA ILE B 170 -12.23 -14.10 -7.97
C ILE B 170 -13.68 -14.17 -7.46
N TYR B 171 -14.48 -13.20 -7.80
CA TYR B 171 -15.90 -13.19 -7.35
C TYR B 171 -16.53 -14.59 -7.53
N PRO B 172 -16.37 -15.16 -8.69
CA PRO B 172 -16.95 -16.50 -8.96
C PRO B 172 -16.21 -17.57 -8.15
N VAL B 173 -14.92 -17.48 -8.06
CA VAL B 173 -14.16 -18.50 -7.28
C VAL B 173 -14.64 -18.50 -5.83
N LEU B 174 -14.91 -17.35 -5.27
CA LEU B 174 -15.38 -17.29 -3.86
C LEU B 174 -16.74 -17.97 -3.73
N SER B 175 -17.71 -17.54 -4.51
CA SER B 175 -19.06 -18.17 -4.43
C SER B 175 -18.95 -19.69 -4.53
N GLU B 176 -17.95 -20.18 -5.20
CA GLU B 176 -17.79 -21.66 -5.33
C GLU B 176 -17.32 -22.26 -4.00
N PHE B 177 -16.54 -21.54 -3.25
CA PHE B 177 -16.06 -22.07 -1.94
C PHE B 177 -16.64 -21.27 -0.77
N ARG B 178 -17.90 -20.92 -0.85
CA ARG B 178 -18.53 -20.14 0.25
C ARG B 178 -18.82 -21.06 1.44
N LYS B 179 -19.71 -20.65 2.31
CA LYS B 179 -20.03 -21.50 3.50
C LYS B 179 -21.51 -21.38 3.85
N MET B 180 -21.99 -20.18 4.05
CA MET B 180 -23.43 -20.01 4.40
C MET B 180 -24.14 -19.18 3.32
N GLU A 1 22.62 -2.44 7.38
CA GLU A 1 23.52 -1.25 7.55
C GLU A 1 24.30 -1.00 6.26
N GLY A 2 23.62 -0.60 5.22
CA GLY A 2 24.33 -0.32 3.93
C GLY A 2 25.03 -1.60 3.45
N SER A 3 24.35 -2.72 3.53
CA SER A 3 24.98 -4.00 3.07
C SER A 3 23.95 -5.12 3.10
N ILE A 4 23.27 -5.30 4.20
CA ILE A 4 22.25 -6.39 4.29
C ILE A 4 20.90 -5.81 4.73
N GLY A 5 20.74 -4.52 4.64
CA GLY A 5 19.45 -3.90 5.06
C GLY A 5 18.94 -2.98 3.93
N ASN A 6 18.26 -3.55 2.97
CA ASN A 6 17.72 -2.71 1.86
C ASN A 6 16.20 -2.80 1.82
N GLY A 7 15.53 -1.82 2.37
CA GLY A 7 14.03 -1.85 2.37
C GLY A 7 13.53 -1.51 3.77
N LEU A 8 12.83 -0.41 3.92
CA LEU A 8 12.32 -0.03 5.26
C LEU A 8 11.05 -0.80 5.60
N ASP A 9 10.66 -1.67 4.72
CA ASP A 9 9.44 -2.51 4.94
C ASP A 9 8.16 -1.70 4.73
N LEU A 10 7.64 -1.68 3.53
CA LEU A 10 6.39 -0.92 3.25
C LEU A 10 5.23 -1.91 3.03
N THR A 11 5.22 -3.00 3.73
CA THR A 11 4.12 -3.98 3.55
C THR A 11 2.77 -3.32 3.79
N GLY A 12 2.74 -2.27 4.56
CA GLY A 12 1.45 -1.59 4.84
C GLY A 12 1.28 -0.38 3.93
N ILE A 13 2.36 0.23 3.50
CA ILE A 13 2.22 1.41 2.60
C ILE A 13 1.20 1.09 1.52
N LEU A 14 1.30 -0.06 0.91
CA LEU A 14 0.30 -0.42 -0.14
C LEU A 14 -0.94 -0.99 0.53
N PHE A 15 -0.78 -1.54 1.70
CA PHE A 15 -1.95 -2.09 2.44
C PHE A 15 -2.54 -0.99 3.33
N GLY A 16 -2.15 0.24 3.07
CA GLY A 16 -2.65 1.37 3.90
C GLY A 16 -1.47 2.28 4.21
N ASN A 17 -1.31 3.34 3.46
CA ASN A 17 -0.17 4.27 3.69
C ASN A 17 0.21 4.37 5.17
N ILE A 18 1.14 3.57 5.60
CA ILE A 18 1.57 3.64 7.01
C ILE A 18 2.73 4.63 7.11
N ASP A 19 3.19 4.90 8.28
CA ASP A 19 4.36 5.79 8.41
C ASP A 19 5.57 4.89 8.31
N SER A 20 6.48 5.17 7.43
CA SER A 20 7.67 4.29 7.28
C SER A 20 8.15 3.82 8.65
N GLU A 21 7.88 4.57 9.68
CA GLU A 21 8.29 4.14 11.05
C GLU A 21 7.57 2.84 11.45
N GLY A 22 6.64 2.40 10.65
CA GLY A 22 5.91 1.13 10.98
C GLY A 22 4.52 1.44 11.55
N ARG A 23 3.92 2.53 11.17
CA ARG A 23 2.57 2.87 11.70
C ARG A 23 1.54 2.95 10.56
N LEU A 24 0.61 2.03 10.50
CA LEU A 24 -0.42 2.06 9.40
C LEU A 24 -1.63 2.88 9.82
N LEU A 25 -2.29 3.51 8.89
CA LEU A 25 -3.48 4.34 9.27
C LEU A 25 -4.69 3.94 8.42
N GLN A 26 -5.80 4.59 8.63
CA GLN A 26 -7.03 4.26 7.84
C GLN A 26 -7.62 5.53 7.23
N ASP A 27 -7.65 6.59 7.98
CA ASP A 27 -8.21 7.87 7.45
C ASP A 27 -8.12 8.96 8.52
N ASP A 28 -8.96 8.91 9.51
CA ASP A 28 -8.93 9.94 10.58
C ASP A 28 -8.98 9.26 11.96
N ASP A 29 -8.64 9.97 13.00
CA ASP A 29 -8.68 9.36 14.36
C ASP A 29 -9.24 10.36 15.38
N GLY A 30 -9.55 9.91 16.56
CA GLY A 30 -10.10 10.83 17.59
C GLY A 30 -11.63 10.79 17.55
N GLU A 31 -12.26 11.86 17.92
CA GLU A 31 -13.76 11.89 17.90
C GLU A 31 -14.26 12.31 16.52
N GLY A 32 -15.48 11.99 16.19
CA GLY A 32 -16.04 12.37 14.87
C GLY A 32 -16.88 11.22 14.31
N ARG A 33 -16.33 10.44 13.42
CA ARG A 33 -17.09 9.30 12.85
C ARG A 33 -16.36 7.99 13.09
N GLY A 34 -15.08 7.95 12.81
CA GLY A 34 -14.31 6.69 13.01
C GLY A 34 -13.93 6.09 11.67
N GLY A 35 -12.91 5.27 11.64
CA GLY A 35 -12.49 4.66 10.35
C GLY A 35 -13.67 3.88 9.75
N THR A 36 -13.56 3.49 8.51
CA THR A 36 -14.66 2.74 7.86
C THR A 36 -14.11 1.55 7.07
N GLY A 37 -13.00 1.03 7.50
CA GLY A 37 -12.41 -0.14 6.77
C GLY A 37 -12.10 -1.26 7.77
N PHE A 38 -11.27 -2.20 7.39
CA PHE A 38 -10.94 -3.30 8.33
C PHE A 38 -10.50 -2.75 9.68
N ASP A 39 -10.68 -3.51 10.73
CA ASP A 39 -10.28 -3.03 12.08
C ASP A 39 -8.79 -3.34 12.34
N ALA A 40 -8.48 -3.96 13.45
CA ALA A 40 -7.06 -4.28 13.74
C ALA A 40 -6.78 -5.75 13.41
N GLU A 41 -7.38 -6.26 12.37
CA GLU A 41 -7.15 -7.67 12.00
C GLU A 41 -6.08 -7.73 10.90
N LEU A 42 -5.89 -6.64 10.21
CA LEU A 42 -4.87 -6.61 9.13
C LEU A 42 -3.59 -5.96 9.64
N ARG A 43 -3.71 -4.89 10.38
CA ARG A 43 -2.49 -4.21 10.89
C ARG A 43 -1.60 -5.23 11.60
N GLU A 44 -2.14 -5.91 12.56
CA GLU A 44 -1.33 -6.93 13.28
C GLU A 44 -0.88 -8.01 12.31
N ASN A 45 -1.46 -8.06 11.15
CA ASN A 45 -1.07 -9.07 10.13
C ASN A 45 0.01 -8.48 9.22
N ILE A 46 -0.14 -7.23 8.86
CA ILE A 46 0.89 -6.59 7.98
C ILE A 46 2.28 -6.90 8.54
N GLY A 47 2.42 -6.83 9.82
CA GLY A 47 3.75 -7.13 10.44
C GLY A 47 4.22 -8.50 9.96
N SER A 48 3.31 -9.32 9.49
CA SER A 48 3.69 -10.67 9.01
C SER A 48 3.47 -10.79 7.50
N LEU A 49 3.00 -9.73 6.88
CA LEU A 49 2.77 -9.78 5.40
C LEU A 49 4.04 -9.37 4.65
N SER A 50 5.18 -9.70 5.18
CA SER A 50 6.46 -9.33 4.50
C SER A 50 7.22 -10.59 4.06
N LYS A 51 6.54 -11.68 3.90
CA LYS A 51 7.22 -12.94 3.48
C LYS A 51 6.20 -13.97 3.02
N LEU A 52 5.31 -13.60 2.15
CA LEU A 52 4.28 -14.56 1.66
C LEU A 52 3.81 -14.21 0.25
N GLY A 53 3.84 -12.94 -0.12
CA GLY A 53 3.39 -12.55 -1.48
C GLY A 53 3.62 -11.05 -1.69
N LEU A 54 3.33 -10.25 -0.69
CA LEU A 54 3.53 -8.78 -0.83
C LEU A 54 5.02 -8.44 -0.87
N ASP A 55 5.87 -9.43 -0.71
CA ASP A 55 7.34 -9.16 -0.73
C ASP A 55 7.68 -8.25 -1.91
N SER A 56 7.10 -8.49 -3.05
CA SER A 56 7.40 -7.63 -4.23
C SER A 56 6.89 -6.21 -3.98
N MET A 57 5.67 -6.07 -3.55
CA MET A 57 5.13 -4.71 -3.28
C MET A 57 5.80 -4.13 -2.02
N LEU A 58 6.64 -4.89 -1.39
CA LEU A 58 7.34 -4.39 -0.17
C LEU A 58 8.52 -3.52 -0.58
N LEU A 59 9.44 -4.09 -1.30
CA LEU A 59 10.63 -3.33 -1.77
C LEU A 59 10.24 -2.48 -2.99
N GLU A 60 9.01 -2.55 -3.40
CA GLU A 60 8.57 -1.76 -4.59
C GLU A 60 8.00 -0.41 -4.18
N VAL A 61 8.16 -0.04 -2.94
CA VAL A 61 7.62 1.27 -2.52
C VAL A 61 8.67 2.04 -1.71
N ILE A 62 9.78 1.42 -1.46
CA ILE A 62 10.85 2.10 -0.68
C ILE A 62 12.21 1.80 -1.29
N ASP A 63 12.52 2.40 -2.39
CA ASP A 63 13.85 2.15 -3.02
C ASP A 63 14.89 3.05 -2.33
N LEU A 64 14.95 3.00 -1.03
CA LEU A 64 15.90 3.86 -0.28
C LEU A 64 17.34 3.31 -0.34
N LYS A 65 17.76 2.82 -1.47
CA LYS A 65 19.14 2.28 -1.58
C LYS A 65 20.16 3.42 -1.51
N GLU A 66 21.39 3.12 -1.19
CA GLU A 66 22.42 4.19 -1.09
C GLU A 66 22.42 5.02 -2.37
N ALA A 67 22.10 4.42 -3.49
CA ALA A 67 22.09 5.20 -4.77
C ALA A 67 23.45 5.87 -5.00
N SER B 1 -18.75 -9.15 -9.50
CA SER B 1 -18.90 -7.95 -10.37
C SER B 1 -20.27 -7.30 -10.14
N GLY B 2 -20.77 -7.37 -8.93
CA GLY B 2 -22.09 -6.75 -8.65
C GLY B 2 -21.95 -5.73 -7.52
N ILE B 3 -21.24 -6.07 -6.48
CA ILE B 3 -21.05 -5.11 -5.35
C ILE B 3 -19.97 -4.08 -5.70
N VAL B 4 -19.09 -4.41 -6.61
CA VAL B 4 -18.01 -3.46 -6.99
C VAL B 4 -17.17 -3.08 -5.76
N PRO B 5 -15.91 -3.38 -5.84
CA PRO B 5 -14.98 -3.07 -4.72
C PRO B 5 -14.73 -1.57 -4.64
N THR B 6 -14.72 -1.02 -3.46
CA THR B 6 -14.49 0.45 -3.31
C THR B 6 -12.99 0.73 -3.07
N LEU B 7 -12.54 1.90 -3.45
CA LEU B 7 -11.10 2.24 -3.25
C LEU B 7 -10.89 2.81 -1.84
N GLN B 8 -9.89 2.34 -1.13
CA GLN B 8 -9.65 2.87 0.24
C GLN B 8 -8.30 3.58 0.30
N ASN B 9 -7.42 3.31 -0.63
CA ASN B 9 -6.08 3.98 -0.61
C ASN B 9 -5.36 3.75 -1.93
N ILE B 10 -4.29 4.47 -2.16
CA ILE B 10 -3.53 4.30 -3.44
C ILE B 10 -2.10 4.80 -3.26
N VAL B 11 -1.19 4.35 -4.07
CA VAL B 11 0.23 4.81 -3.95
C VAL B 11 0.80 5.17 -5.32
N ALA B 12 1.63 6.18 -5.38
CA ALA B 12 2.22 6.58 -6.69
C ALA B 12 3.71 6.90 -6.52
N THR B 13 4.47 6.79 -7.58
CA THR B 13 5.93 7.08 -7.47
C THR B 13 6.25 8.38 -8.22
N VAL B 14 7.14 9.17 -7.68
CA VAL B 14 7.52 10.45 -8.36
C VAL B 14 9.04 10.61 -8.40
N THR B 15 9.57 11.02 -9.51
CA THR B 15 11.05 11.19 -9.61
C THR B 15 11.41 12.68 -9.61
N LEU B 16 12.23 13.10 -8.68
CA LEU B 16 12.62 14.53 -8.62
C LEU B 16 13.68 14.83 -9.68
N GLY B 17 14.65 13.98 -9.82
CA GLY B 17 15.72 14.21 -10.84
C GLY B 17 16.98 14.74 -10.16
N CYS B 18 17.02 14.72 -8.85
CA CYS B 18 18.22 15.22 -8.14
C CYS B 18 18.29 14.64 -6.73
N ARG B 19 19.47 14.47 -6.20
CA ARG B 19 19.61 13.90 -4.82
C ARG B 19 19.13 14.92 -3.78
N LEU B 20 18.91 14.50 -2.58
CA LEU B 20 18.44 15.44 -1.53
C LEU B 20 19.11 15.13 -0.19
N ASP B 21 19.13 16.07 0.71
CA ASP B 21 19.77 15.83 2.04
C ASP B 21 18.72 15.43 3.07
N LEU B 22 18.50 14.15 3.22
CA LEU B 22 17.48 13.68 4.21
C LEU B 22 17.59 14.49 5.51
N LYS B 23 18.78 14.67 6.00
CA LYS B 23 18.95 15.45 7.27
C LYS B 23 18.25 16.81 7.16
N THR B 24 18.47 17.50 6.06
CA THR B 24 17.82 18.84 5.90
C THR B 24 16.42 18.69 5.29
N VAL B 25 16.26 17.79 4.36
CA VAL B 25 14.91 17.61 3.75
C VAL B 25 13.86 17.36 4.84
N ALA B 26 14.23 16.63 5.86
CA ALA B 26 13.27 16.35 6.97
C ALA B 26 13.30 17.52 7.96
N LEU B 27 14.43 18.15 8.12
CA LEU B 27 14.52 19.29 9.07
C LEU B 27 13.90 20.54 8.45
N HIS B 28 13.90 20.63 7.15
CA HIS B 28 13.31 21.82 6.48
C HIS B 28 11.80 21.61 6.28
N ALA B 29 11.43 20.47 5.77
CA ALA B 29 9.98 20.18 5.54
C ALA B 29 9.17 20.53 6.80
N ARG B 30 8.06 21.18 6.64
CA ARG B 30 7.23 21.55 7.82
C ARG B 30 6.57 20.31 8.42
N ASN B 31 6.38 19.28 7.62
CA ASN B 31 5.74 18.05 8.14
C ASN B 31 6.49 16.81 7.63
N ALA B 32 7.59 16.49 8.25
CA ALA B 32 8.36 15.30 7.79
C ALA B 32 9.14 14.69 8.97
N GLU B 33 9.42 13.41 8.90
CA GLU B 33 10.18 12.76 10.01
C GLU B 33 11.28 11.86 9.43
N TYR B 34 12.42 11.84 10.06
CA TYR B 34 13.54 10.99 9.54
C TYR B 34 14.18 10.20 10.69
N ASN B 35 14.13 8.91 10.64
CA ASN B 35 14.74 8.09 11.72
C ASN B 35 15.79 7.14 11.14
N PRO B 36 16.98 7.23 11.67
CA PRO B 36 18.09 6.36 11.21
C PRO B 36 17.88 4.92 11.66
N LYS B 37 17.31 4.74 12.83
CA LYS B 37 17.06 3.36 13.33
C LYS B 37 16.04 2.64 12.43
N ARG B 38 15.34 3.38 11.61
CA ARG B 38 14.35 2.75 10.70
C ARG B 38 14.95 2.55 9.31
N PHE B 39 15.36 3.61 8.69
CA PHE B 39 15.95 3.51 7.33
C PHE B 39 16.62 4.82 6.89
N ALA B 40 17.26 4.82 5.76
CA ALA B 40 17.95 6.05 5.28
C ALA B 40 17.07 6.84 4.30
N ALA B 41 15.89 7.20 4.70
CA ALA B 41 15.01 7.99 3.78
C ALA B 41 14.12 8.94 4.60
N VAL B 42 13.60 9.95 3.96
CA VAL B 42 12.75 10.92 4.71
C VAL B 42 11.27 10.51 4.61
N ILE B 43 10.45 11.03 5.49
CA ILE B 43 9.00 10.69 5.45
C ILE B 43 8.17 11.97 5.52
N MET B 44 7.28 12.17 4.58
CA MET B 44 6.45 13.41 4.60
C MET B 44 5.03 13.10 5.08
N ARG B 45 4.29 14.10 5.48
CA ARG B 45 2.90 13.87 5.95
C ARG B 45 2.10 15.17 5.88
N ILE B 46 0.93 15.14 5.29
CA ILE B 46 0.11 16.39 5.19
C ILE B 46 -1.36 16.08 5.44
N ARG B 47 -2.16 17.10 5.62
CA ARG B 47 -3.61 16.87 5.87
C ARG B 47 -4.46 17.65 4.87
N GLU B 48 -4.01 17.74 3.64
CA GLU B 48 -4.79 18.49 2.61
C GLU B 48 -4.08 18.40 1.25
N PRO B 49 -4.28 17.29 0.58
CA PRO B 49 -5.12 16.20 1.11
C PRO B 49 -4.36 15.43 2.19
N LYS B 50 -5.04 14.62 2.95
CA LYS B 50 -4.36 13.84 4.04
C LYS B 50 -3.64 12.64 3.44
N THR B 51 -2.33 12.67 3.42
CA THR B 51 -1.56 11.53 2.85
C THR B 51 -0.15 11.51 3.42
N THR B 52 0.61 10.48 3.16
CA THR B 52 1.99 10.41 3.69
C THR B 52 2.94 9.89 2.61
N ALA B 53 4.20 10.22 2.69
CA ALA B 53 5.16 9.74 1.65
C ALA B 53 6.56 9.57 2.24
N LEU B 54 7.43 8.92 1.52
CA LEU B 54 8.82 8.73 2.02
C LEU B 54 9.80 8.88 0.84
N ILE B 55 10.62 9.90 0.87
CA ILE B 55 11.58 10.13 -0.25
C ILE B 55 12.97 9.59 0.11
N PHE B 56 13.71 9.16 -0.87
CA PHE B 56 15.09 8.65 -0.61
C PHE B 56 16.11 9.76 -0.84
N ALA B 57 17.36 9.46 -0.69
CA ALA B 57 18.40 10.51 -0.90
C ALA B 57 18.74 10.61 -2.40
N SER B 58 18.36 9.62 -3.15
CA SER B 58 18.66 9.65 -4.62
C SER B 58 17.75 10.66 -5.32
N GLY B 59 16.67 11.05 -4.68
CA GLY B 59 15.75 12.04 -5.32
C GLY B 59 14.42 11.37 -5.64
N LYS B 60 14.24 10.14 -5.22
CA LYS B 60 12.96 9.43 -5.50
C LYS B 60 11.94 9.73 -4.41
N MET B 61 10.68 9.58 -4.68
CA MET B 61 9.64 9.87 -3.64
C MET B 61 8.43 8.95 -3.81
N VAL B 62 7.96 8.38 -2.74
CA VAL B 62 6.78 7.47 -2.81
C VAL B 62 5.59 8.11 -2.08
N VAL B 63 4.44 8.11 -2.68
CA VAL B 63 3.26 8.71 -2.00
C VAL B 63 2.22 7.64 -1.67
N THR B 64 1.64 7.71 -0.50
CA THR B 64 0.63 6.70 -0.10
C THR B 64 -0.44 7.35 0.79
N GLY B 65 -1.65 6.90 0.68
CA GLY B 65 -2.74 7.47 1.53
C GLY B 65 -3.82 8.08 0.63
N ALA B 66 -3.57 8.18 -0.64
CA ALA B 66 -4.59 8.76 -1.56
C ALA B 66 -5.71 7.74 -1.81
N LYS B 67 -6.89 8.21 -2.08
CA LYS B 67 -8.03 7.27 -2.35
C LYS B 67 -8.56 7.47 -3.77
N SER B 68 -8.33 8.63 -4.34
CA SER B 68 -8.83 8.88 -5.72
C SER B 68 -7.66 9.27 -6.63
N GLU B 69 -7.95 9.65 -7.85
CA GLU B 69 -6.85 10.04 -8.79
C GLU B 69 -6.45 11.50 -8.53
N ASP B 70 -7.40 12.39 -8.47
CA ASP B 70 -7.06 13.82 -8.23
C ASP B 70 -6.46 14.00 -6.84
N ASP B 71 -6.63 13.03 -5.98
CA ASP B 71 -6.06 13.14 -4.61
C ASP B 71 -4.57 12.76 -4.62
N SER B 72 -4.23 11.68 -5.26
CA SER B 72 -2.80 11.25 -5.31
C SER B 72 -1.97 12.27 -6.09
N LYS B 73 -2.58 12.92 -7.05
CA LYS B 73 -1.83 13.93 -7.86
C LYS B 73 -1.53 15.17 -7.01
N LEU B 74 -2.54 15.72 -6.38
CA LEU B 74 -2.33 16.94 -5.54
C LEU B 74 -1.35 16.62 -4.40
N ALA B 75 -1.59 15.56 -3.68
CA ALA B 75 -0.69 15.20 -2.55
C ALA B 75 0.75 15.08 -3.05
N SER B 76 0.96 14.41 -4.14
CA SER B 76 2.35 14.26 -4.67
C SER B 76 2.93 15.65 -4.99
N ARG B 77 2.30 16.38 -5.86
CA ARG B 77 2.82 17.74 -6.20
C ARG B 77 3.12 18.52 -4.92
N LYS B 78 2.31 18.35 -3.91
CA LYS B 78 2.54 19.07 -2.64
C LYS B 78 3.92 18.71 -2.07
N TYR B 79 4.22 17.43 -2.00
CA TYR B 79 5.55 17.02 -1.46
C TYR B 79 6.66 17.63 -2.32
N ALA B 80 6.59 17.48 -3.61
CA ALA B 80 7.64 18.06 -4.49
C ALA B 80 7.79 19.55 -4.22
N ARG B 81 6.70 20.25 -4.02
CA ARG B 81 6.78 21.71 -3.76
C ARG B 81 7.60 21.96 -2.49
N ILE B 82 7.42 21.16 -1.48
CA ILE B 82 8.20 21.37 -0.22
C ILE B 82 9.70 21.37 -0.54
N ILE B 83 10.16 20.42 -1.29
CA ILE B 83 11.62 20.40 -1.63
C ILE B 83 11.97 21.60 -2.51
N GLN B 84 11.21 21.81 -3.55
CA GLN B 84 11.49 22.97 -4.44
C GLN B 84 11.36 24.27 -3.64
N LYS B 85 10.41 24.31 -2.73
CA LYS B 85 10.24 25.53 -1.91
C LYS B 85 11.39 25.60 -0.92
N ILE B 86 11.94 24.46 -0.58
CA ILE B 86 13.09 24.44 0.36
C ILE B 86 14.33 24.96 -0.37
N GLY B 87 14.30 24.95 -1.68
CA GLY B 87 15.46 25.45 -2.46
C GLY B 87 16.03 24.32 -3.32
N PHE B 88 15.86 23.09 -2.91
CA PHE B 88 16.40 21.95 -3.72
C PHE B 88 16.05 22.13 -5.20
N ALA B 89 16.63 21.31 -6.04
CA ALA B 89 16.34 21.41 -7.49
C ALA B 89 15.45 20.23 -7.92
N ALA B 90 14.64 19.75 -7.04
CA ALA B 90 13.75 18.59 -7.38
C ALA B 90 12.72 19.00 -8.43
N LYS B 91 12.28 18.07 -9.24
CA LYS B 91 11.27 18.41 -10.28
C LYS B 91 10.18 17.34 -10.32
N PHE B 92 9.01 17.65 -9.84
CA PHE B 92 7.90 16.65 -9.84
C PHE B 92 7.71 16.08 -11.25
N THR B 93 8.19 14.89 -11.48
CA THR B 93 8.03 14.27 -12.84
C THR B 93 7.93 12.75 -12.72
N ASP B 94 7.63 12.09 -13.80
CA ASP B 94 7.51 10.60 -13.75
C ASP B 94 6.41 10.18 -12.78
N PHE B 95 5.55 11.09 -12.40
CA PHE B 95 4.45 10.74 -11.47
C PHE B 95 3.56 9.66 -12.08
N LYS B 96 3.22 8.65 -11.32
CA LYS B 96 2.36 7.57 -11.87
C LYS B 96 1.90 6.64 -10.76
N ILE B 97 0.64 6.29 -10.74
CA ILE B 97 0.12 5.38 -9.68
C ILE B 97 0.49 3.94 -10.02
N GLN B 98 1.11 3.24 -9.11
CA GLN B 98 1.50 1.83 -9.40
C GLN B 98 0.77 0.86 -8.48
N ASN B 99 0.14 1.35 -7.45
CA ASN B 99 -0.58 0.43 -6.52
C ASN B 99 -1.86 1.09 -5.98
N ILE B 100 -3.00 0.58 -6.37
CA ILE B 100 -4.29 1.15 -5.86
C ILE B 100 -4.89 0.20 -4.83
N VAL B 101 -5.60 0.72 -3.86
CA VAL B 101 -6.18 -0.17 -2.82
C VAL B 101 -7.71 -0.10 -2.84
N GLY B 102 -8.37 -1.21 -2.63
CA GLY B 102 -9.86 -1.23 -2.62
C GLY B 102 -10.34 -2.48 -1.87
N SER B 103 -11.59 -2.53 -1.49
CA SER B 103 -12.08 -3.73 -0.76
C SER B 103 -13.60 -3.73 -0.65
N CYS B 104 -14.18 -4.86 -0.32
CA CYS B 104 -15.65 -4.94 -0.20
C CYS B 104 -16.05 -6.28 0.44
N ASP B 105 -17.31 -6.48 0.69
CA ASP B 105 -17.75 -7.77 1.31
C ASP B 105 -18.50 -8.62 0.28
N VAL B 106 -18.40 -9.91 0.38
CA VAL B 106 -19.12 -10.79 -0.60
C VAL B 106 -20.45 -11.26 -0.01
N LYS B 107 -20.81 -10.78 1.15
CA LYS B 107 -22.10 -11.18 1.78
C LYS B 107 -22.04 -12.63 2.28
N PHE B 108 -20.87 -13.20 2.33
CA PHE B 108 -20.75 -14.62 2.82
C PHE B 108 -19.27 -14.99 3.00
N PRO B 109 -19.00 -15.69 4.05
CA PRO B 109 -17.61 -16.12 4.36
C PRO B 109 -17.13 -17.19 3.38
N ILE B 110 -15.85 -17.28 3.18
CA ILE B 110 -15.31 -18.31 2.24
C ILE B 110 -14.26 -19.17 2.93
N ARG B 111 -14.12 -20.41 2.53
CA ARG B 111 -13.11 -21.29 3.17
C ARG B 111 -11.71 -20.99 2.60
N LEU B 112 -10.98 -20.13 3.24
CA LEU B 112 -9.61 -19.79 2.73
C LEU B 112 -8.79 -21.08 2.52
N GLU B 113 -9.02 -22.07 3.33
CA GLU B 113 -8.25 -23.34 3.18
C GLU B 113 -8.55 -23.97 1.81
N GLY B 114 -9.79 -24.28 1.55
CA GLY B 114 -10.15 -24.89 0.23
C GLY B 114 -9.55 -24.03 -0.89
N LEU B 115 -9.56 -22.74 -0.71
CA LEU B 115 -8.98 -21.84 -1.76
C LEU B 115 -7.48 -22.09 -1.90
N ALA B 116 -6.76 -22.01 -0.82
CA ALA B 116 -5.29 -22.24 -0.89
C ALA B 116 -5.00 -23.63 -1.46
N PHE B 117 -5.95 -24.52 -1.40
CA PHE B 117 -5.75 -25.89 -1.94
C PHE B 117 -5.89 -25.88 -3.47
N SER B 118 -7.01 -25.42 -3.96
CA SER B 118 -7.22 -25.37 -5.43
C SER B 118 -6.31 -24.31 -6.06
N HIS B 119 -6.26 -23.14 -5.47
CA HIS B 119 -5.40 -22.05 -6.02
C HIS B 119 -4.17 -21.87 -5.13
N GLY B 120 -3.58 -22.95 -4.68
CA GLY B 120 -2.38 -22.84 -3.81
C GLY B 120 -1.22 -22.22 -4.61
N THR B 121 -1.32 -22.22 -5.90
CA THR B 121 -0.23 -21.64 -6.74
C THR B 121 -0.42 -20.13 -6.89
N PHE B 122 -1.65 -19.68 -6.91
CA PHE B 122 -1.90 -18.22 -7.07
C PHE B 122 -2.32 -17.60 -5.74
N SER B 123 -2.58 -18.42 -4.75
CA SER B 123 -2.99 -17.88 -3.43
C SER B 123 -2.37 -18.69 -2.30
N SER B 124 -1.63 -18.05 -1.42
CA SER B 124 -1.00 -18.78 -0.29
C SER B 124 -1.82 -18.61 0.99
N TYR B 125 -1.56 -19.41 1.98
CA TYR B 125 -2.34 -19.29 3.25
C TYR B 125 -1.57 -19.96 4.40
N GLU B 126 -1.37 -19.25 5.47
CA GLU B 126 -0.63 -19.84 6.62
C GLU B 126 -1.40 -19.59 7.92
N PRO B 127 -1.97 -20.65 8.44
CA PRO B 127 -2.75 -20.56 9.70
C PRO B 127 -1.81 -20.37 10.89
N GLU B 128 -0.52 -20.47 10.66
CA GLU B 128 0.46 -20.30 11.76
C GLU B 128 0.97 -18.85 11.79
N LEU B 129 0.45 -18.00 10.95
CA LEU B 129 0.92 -16.59 10.93
C LEU B 129 -0.12 -15.69 10.26
N PHE B 130 -0.57 -16.05 9.09
CA PHE B 130 -1.59 -15.21 8.39
C PHE B 130 -2.92 -15.96 8.28
N PRO B 131 -3.88 -15.49 9.03
CA PRO B 131 -5.23 -16.12 9.02
C PRO B 131 -5.96 -15.80 7.71
N GLY B 132 -5.54 -14.77 7.04
CA GLY B 132 -6.20 -14.40 5.76
C GLY B 132 -5.48 -15.10 4.59
N LEU B 133 -5.93 -14.88 3.40
CA LEU B 133 -5.27 -15.54 2.23
C LEU B 133 -4.82 -14.50 1.21
N ILE B 134 -3.60 -14.57 0.75
CA ILE B 134 -3.10 -13.58 -0.24
C ILE B 134 -3.24 -14.15 -1.66
N TYR B 135 -4.12 -13.59 -2.45
CA TYR B 135 -4.30 -14.09 -3.83
C TYR B 135 -3.46 -13.26 -4.81
N ARG B 136 -2.44 -13.84 -5.38
CA ARG B 136 -1.60 -13.09 -6.34
C ARG B 136 -2.07 -13.33 -7.78
N MET B 137 -3.02 -12.57 -8.24
CA MET B 137 -3.53 -12.76 -9.63
C MET B 137 -2.42 -12.44 -10.64
N VAL B 138 -2.25 -13.28 -11.63
CA VAL B 138 -1.19 -13.01 -12.65
C VAL B 138 -1.73 -12.10 -13.75
N LYS B 139 -3.01 -12.13 -14.01
CA LYS B 139 -3.58 -11.27 -15.07
C LYS B 139 -5.03 -10.88 -14.73
N PRO B 140 -5.25 -9.62 -14.40
CA PRO B 140 -4.14 -8.63 -14.36
C PRO B 140 -3.26 -8.85 -13.13
N LYS B 141 -2.16 -8.16 -13.04
CA LYS B 141 -1.26 -8.34 -11.86
C LYS B 141 -1.87 -7.64 -10.64
N ILE B 142 -2.62 -8.37 -9.85
CA ILE B 142 -3.25 -7.74 -8.65
C ILE B 142 -3.20 -8.70 -7.46
N VAL B 143 -3.20 -8.16 -6.26
CA VAL B 143 -3.18 -9.04 -5.06
C VAL B 143 -4.48 -8.90 -4.28
N LEU B 144 -5.23 -9.96 -4.17
CA LEU B 144 -6.53 -9.88 -3.43
C LEU B 144 -6.44 -10.68 -2.14
N LEU B 145 -6.84 -10.10 -1.05
CA LEU B 145 -6.78 -10.82 0.26
C LEU B 145 -8.20 -11.15 0.74
N ILE B 146 -8.48 -12.40 0.97
CA ILE B 146 -9.84 -12.78 1.45
C ILE B 146 -9.76 -13.33 2.87
N PHE B 147 -10.75 -13.08 3.68
CA PHE B 147 -10.72 -13.59 5.08
C PHE B 147 -11.94 -14.49 5.34
N VAL B 148 -11.83 -15.37 6.30
CA VAL B 148 -12.98 -16.27 6.62
C VAL B 148 -14.27 -15.46 6.73
N SER B 149 -14.18 -14.21 7.09
CA SER B 149 -15.41 -13.38 7.21
C SER B 149 -15.99 -13.06 5.83
N GLY B 150 -15.14 -12.95 4.83
CA GLY B 150 -15.64 -12.64 3.47
C GLY B 150 -15.16 -11.25 3.05
N LYS B 151 -14.11 -10.78 3.65
CA LYS B 151 -13.58 -9.42 3.29
C LYS B 151 -12.60 -9.53 2.12
N ILE B 152 -12.73 -8.69 1.14
CA ILE B 152 -11.81 -8.74 -0.02
C ILE B 152 -11.00 -7.44 -0.13
N VAL B 153 -9.72 -7.53 -0.30
CA VAL B 153 -8.90 -6.29 -0.40
C VAL B 153 -8.07 -6.30 -1.70
N LEU B 154 -8.34 -5.40 -2.60
CA LEU B 154 -7.58 -5.35 -3.87
C LEU B 154 -6.47 -4.31 -3.78
N THR B 155 -5.24 -4.72 -3.62
CA THR B 155 -4.13 -3.74 -3.53
C THR B 155 -2.96 -4.17 -4.43
N GLY B 156 -2.33 -3.22 -5.07
CA GLY B 156 -1.19 -3.57 -5.97
C GLY B 156 -1.61 -3.37 -7.42
N ALA B 157 -2.66 -2.60 -7.64
CA ALA B 157 -3.12 -2.37 -9.04
C ALA B 157 -2.62 -1.01 -9.55
N LYS B 158 -2.67 -0.78 -10.82
CA LYS B 158 -2.21 0.53 -11.38
C LYS B 158 -3.41 1.35 -11.84
N GLN B 159 -4.45 0.70 -12.27
CA GLN B 159 -5.66 1.44 -12.74
C GLN B 159 -6.92 0.70 -12.29
N ARG B 160 -8.01 1.40 -12.14
CA ARG B 160 -9.28 0.74 -11.71
C ARG B 160 -9.60 -0.45 -12.63
N GLU B 161 -9.02 -0.46 -13.80
CA GLU B 161 -9.29 -1.59 -14.76
C GLU B 161 -8.90 -2.93 -14.12
N GLU B 162 -7.76 -3.00 -13.52
CA GLU B 162 -7.32 -4.29 -12.89
C GLU B 162 -8.14 -4.55 -11.62
N ILE B 163 -8.29 -3.57 -10.78
CA ILE B 163 -9.08 -3.77 -9.53
C ILE B 163 -10.45 -4.37 -9.87
N TYR B 164 -11.10 -3.87 -10.88
CA TYR B 164 -12.44 -4.41 -11.25
C TYR B 164 -12.28 -5.80 -11.88
N GLN B 165 -11.39 -5.94 -12.83
CA GLN B 165 -11.21 -7.26 -13.48
C GLN B 165 -10.78 -8.31 -12.46
N ALA B 166 -10.02 -7.92 -11.48
CA ALA B 166 -9.57 -8.89 -10.44
C ALA B 166 -10.80 -9.47 -9.71
N PHE B 167 -11.57 -8.63 -9.08
CA PHE B 167 -12.78 -9.12 -8.36
C PHE B 167 -13.68 -9.91 -9.33
N GLU B 168 -13.60 -9.59 -10.60
CA GLU B 168 -14.46 -10.31 -11.59
C GLU B 168 -14.02 -11.78 -11.68
N ALA B 169 -12.75 -12.04 -11.49
CA ALA B 169 -12.25 -13.45 -11.55
C ALA B 169 -12.21 -14.04 -10.15
N ILE B 170 -12.34 -13.22 -9.14
CA ILE B 170 -12.31 -13.73 -7.74
C ILE B 170 -13.74 -13.92 -7.24
N TYR B 171 -14.68 -13.21 -7.80
CA TYR B 171 -16.09 -13.36 -7.35
C TYR B 171 -16.57 -14.81 -7.50
N PRO B 172 -16.23 -15.43 -8.60
CA PRO B 172 -16.65 -16.82 -8.84
C PRO B 172 -15.81 -17.80 -8.00
N VAL B 173 -14.57 -17.46 -7.75
CA VAL B 173 -13.72 -18.38 -6.94
C VAL B 173 -14.23 -18.44 -5.50
N LEU B 174 -14.72 -17.35 -4.99
CA LEU B 174 -15.24 -17.35 -3.59
C LEU B 174 -16.56 -18.13 -3.51
N SER B 175 -17.40 -17.98 -4.49
CA SER B 175 -18.69 -18.72 -4.49
C SER B 175 -18.44 -20.22 -4.61
N GLU B 176 -17.45 -20.60 -5.36
CA GLU B 176 -17.15 -22.05 -5.53
C GLU B 176 -16.68 -22.64 -4.19
N PHE B 177 -15.89 -21.91 -3.46
CA PHE B 177 -15.40 -22.44 -2.15
C PHE B 177 -16.05 -21.65 -1.01
N ARG B 178 -17.30 -21.30 -1.15
CA ARG B 178 -17.99 -20.54 -0.07
C ARG B 178 -17.98 -21.33 1.24
N LYS B 179 -18.51 -20.77 2.29
CA LYS B 179 -18.53 -21.50 3.59
C LYS B 179 -19.97 -21.65 4.08
N MET B 180 -20.71 -20.58 4.13
CA MET B 180 -22.12 -20.67 4.60
C MET B 180 -22.81 -19.32 4.44
N GLU A 1 19.55 -12.67 -6.87
CA GLU A 1 19.26 -12.18 -5.49
C GLU A 1 17.79 -12.46 -5.13
N GLY A 2 17.33 -11.96 -4.02
CA GLY A 2 15.92 -12.19 -3.62
C GLY A 2 15.55 -11.27 -2.46
N SER A 3 16.28 -11.31 -1.39
CA SER A 3 15.96 -10.43 -0.24
C SER A 3 17.03 -10.57 0.86
N ILE A 4 18.26 -10.29 0.54
CA ILE A 4 19.34 -10.41 1.56
C ILE A 4 19.51 -9.09 2.31
N GLY A 5 18.46 -8.60 2.91
CA GLY A 5 18.55 -7.31 3.66
C GLY A 5 17.15 -6.75 3.88
N ASN A 6 16.28 -6.91 2.92
CA ASN A 6 14.89 -6.39 3.07
C ASN A 6 14.91 -4.88 3.28
N GLY A 7 14.16 -4.15 2.49
CA GLY A 7 14.14 -2.67 2.64
C GLY A 7 13.36 -2.30 3.90
N LEU A 8 12.72 -1.17 3.91
CA LEU A 8 11.95 -0.77 5.11
C LEU A 8 10.63 -1.55 5.17
N ASP A 9 10.00 -1.60 6.32
CA ASP A 9 8.71 -2.34 6.43
C ASP A 9 7.64 -1.69 5.55
N LEU A 10 7.77 -1.83 4.27
CA LEU A 10 6.77 -1.21 3.35
C LEU A 10 5.58 -2.14 3.12
N THR A 11 5.48 -3.20 3.86
CA THR A 11 4.30 -4.10 3.65
C THR A 11 3.02 -3.30 3.79
N GLY A 12 3.09 -2.15 4.41
CA GLY A 12 1.86 -1.33 4.60
C GLY A 12 1.81 -0.20 3.55
N ILE A 13 2.93 0.37 3.19
CA ILE A 13 2.88 1.48 2.19
C ILE A 13 2.00 1.06 1.02
N LEU A 14 2.19 -0.13 0.51
CA LEU A 14 1.34 -0.58 -0.63
C LEU A 14 0.00 -1.12 -0.13
N PHE A 15 -0.02 -1.65 1.06
CA PHE A 15 -1.30 -2.18 1.60
C PHE A 15 -2.06 -1.04 2.28
N GLY A 16 -1.60 0.17 2.13
CA GLY A 16 -2.28 1.32 2.77
C GLY A 16 -1.24 2.31 3.28
N ASN A 17 -0.98 3.35 2.52
CA ASN A 17 0.03 4.39 2.91
C ASN A 17 0.38 4.32 4.39
N ILE A 18 1.63 4.25 4.68
CA ILE A 18 2.04 4.16 6.10
C ILE A 18 3.25 5.05 6.32
N ASP A 19 3.58 5.29 7.53
CA ASP A 19 4.79 6.07 7.79
C ASP A 19 5.92 5.04 7.81
N SER A 20 6.84 5.15 6.90
CA SER A 20 7.93 4.14 6.83
C SER A 20 8.35 3.71 8.24
N GLU A 21 8.18 4.56 9.20
CA GLU A 21 8.51 4.17 10.60
C GLU A 21 7.74 2.92 11.02
N GLY A 22 6.74 2.52 10.27
CA GLY A 22 5.98 1.29 10.66
C GLY A 22 4.57 1.68 11.12
N ARG A 23 4.08 2.79 10.68
CA ARG A 23 2.71 3.22 11.09
C ARG A 23 1.76 3.12 9.88
N LEU A 24 0.69 2.39 10.03
CA LEU A 24 -0.27 2.20 8.89
C LEU A 24 -1.32 3.31 8.87
N LEU A 25 -1.83 3.66 7.71
CA LEU A 25 -2.85 4.75 7.64
C LEU A 25 -4.26 4.21 7.87
N GLN A 26 -4.81 4.47 9.02
CA GLN A 26 -6.21 4.01 9.28
C GLN A 26 -7.17 5.11 8.84
N ASP A 27 -6.66 6.11 8.17
CA ASP A 27 -7.52 7.22 7.69
C ASP A 27 -8.39 7.76 8.83
N ASP A 28 -9.38 8.55 8.52
CA ASP A 28 -10.26 9.10 9.59
C ASP A 28 -11.73 8.82 9.27
N ASP A 29 -12.06 7.59 9.02
CA ASP A 29 -13.49 7.26 8.69
C ASP A 29 -14.06 6.33 9.78
N GLY A 30 -13.76 6.59 11.02
CA GLY A 30 -14.30 5.73 12.11
C GLY A 30 -15.08 6.58 13.10
N GLU A 31 -16.10 7.26 12.63
CA GLU A 31 -16.91 8.12 13.55
C GLU A 31 -18.15 7.36 14.03
N GLY A 32 -17.98 6.44 14.94
CA GLY A 32 -19.14 5.67 15.45
C GLY A 32 -18.98 4.19 15.06
N ARG A 33 -17.76 3.76 14.82
CA ARG A 33 -17.54 2.34 14.44
C ARG A 33 -18.53 1.92 13.35
N GLY A 34 -18.61 0.65 13.07
CA GLY A 34 -19.56 0.18 12.03
C GLY A 34 -18.80 -0.58 10.94
N GLY A 35 -17.53 -0.80 11.15
CA GLY A 35 -16.72 -1.54 10.13
C GLY A 35 -15.57 -0.65 9.66
N THR A 36 -14.60 -0.41 10.49
CA THR A 36 -13.45 0.44 10.09
C THR A 36 -12.74 -0.18 8.88
N GLY A 37 -11.98 0.61 8.16
CA GLY A 37 -11.27 0.06 6.97
C GLY A 37 -10.38 -1.11 7.40
N PHE A 38 -9.12 -0.87 7.58
CA PHE A 38 -8.20 -1.98 8.01
C PHE A 38 -8.22 -2.10 9.54
N ASP A 39 -8.94 -3.07 10.05
CA ASP A 39 -9.00 -3.24 11.53
C ASP A 39 -7.64 -3.70 12.07
N ALA A 40 -7.63 -4.32 13.22
CA ALA A 40 -6.35 -4.79 13.81
C ALA A 40 -6.05 -6.21 13.33
N GLU A 41 -6.60 -6.60 12.21
CA GLU A 41 -6.34 -7.97 11.69
C GLU A 41 -5.17 -7.94 10.70
N LEU A 42 -5.03 -6.87 9.97
CA LEU A 42 -3.92 -6.77 9.00
C LEU A 42 -2.70 -6.12 9.66
N ARG A 43 -2.91 -5.11 10.44
CA ARG A 43 -1.77 -4.43 11.10
C ARG A 43 -0.83 -5.49 11.69
N GLU A 44 -1.37 -6.40 12.45
CA GLU A 44 -0.52 -7.45 13.07
C GLU A 44 0.00 -8.39 11.97
N ASN A 45 -0.73 -8.54 10.90
CA ASN A 45 -0.27 -9.42 9.79
C ASN A 45 0.79 -8.70 8.96
N ILE A 46 0.61 -7.43 8.71
CA ILE A 46 1.61 -6.68 7.91
C ILE A 46 3.00 -6.91 8.49
N GLY A 47 3.14 -6.79 9.78
CA GLY A 47 4.48 -7.02 10.41
C GLY A 47 4.75 -8.52 10.49
N SER A 48 3.83 -9.34 10.02
CA SER A 48 4.05 -10.81 10.08
C SER A 48 4.22 -11.38 8.66
N LEU A 49 3.37 -10.99 7.75
CA LEU A 49 3.48 -11.52 6.36
C LEU A 49 4.46 -10.67 5.55
N SER A 50 5.58 -10.33 6.11
CA SER A 50 6.56 -9.52 5.35
C SER A 50 7.45 -10.43 4.49
N LYS A 51 6.96 -11.61 4.19
CA LYS A 51 7.78 -12.54 3.36
C LYS A 51 6.88 -13.50 2.56
N LEU A 52 5.59 -13.31 2.55
CA LEU A 52 4.70 -14.23 1.78
C LEU A 52 4.61 -13.76 0.33
N GLY A 53 4.62 -12.48 0.12
CA GLY A 53 4.52 -11.97 -1.27
C GLY A 53 4.69 -10.44 -1.27
N LEU A 54 4.21 -9.78 -0.27
CA LEU A 54 4.33 -8.30 -0.22
C LEU A 54 5.80 -7.88 -0.30
N ASP A 55 6.70 -8.70 0.15
CA ASP A 55 8.15 -8.34 0.08
C ASP A 55 8.46 -7.73 -1.28
N SER A 56 7.88 -8.24 -2.32
CA SER A 56 8.14 -7.69 -3.69
C SER A 56 7.49 -6.31 -3.82
N MET A 57 6.23 -6.21 -3.50
CA MET A 57 5.55 -4.88 -3.61
C MET A 57 6.16 -3.90 -2.61
N LEU A 58 6.94 -4.38 -1.69
CA LEU A 58 7.58 -3.49 -0.70
C LEU A 58 8.68 -2.67 -1.38
N LEU A 59 9.70 -3.34 -1.84
CA LEU A 59 10.81 -2.62 -2.51
C LEU A 59 10.29 -1.88 -3.76
N GLU A 60 9.08 -2.18 -4.16
CA GLU A 60 8.51 -1.51 -5.36
C GLU A 60 7.98 -0.13 -4.99
N VAL A 61 8.13 0.28 -3.77
CA VAL A 61 7.62 1.61 -3.37
C VAL A 61 8.61 2.30 -2.44
N ILE A 62 9.73 1.68 -2.20
CA ILE A 62 10.74 2.28 -1.30
C ILE A 62 12.15 1.87 -1.74
N ASP A 63 12.59 2.31 -2.87
CA ASP A 63 13.95 1.95 -3.32
C ASP A 63 14.99 2.78 -2.55
N LEU A 64 14.92 2.75 -1.24
CA LEU A 64 15.88 3.55 -0.44
C LEU A 64 17.03 2.65 0.04
N LYS A 65 17.68 1.98 -0.87
CA LYS A 65 18.81 1.08 -0.47
C LYS A 65 20.07 1.91 -0.22
N GLU A 66 21.06 1.34 0.40
CA GLU A 66 22.32 2.09 0.67
C GLU A 66 23.11 2.29 -0.62
N ALA A 67 22.65 3.19 -1.46
CA ALA A 67 23.37 3.43 -2.75
C ALA A 67 24.48 4.45 -2.54
N SER B 1 -24.20 -7.24 -10.57
CA SER B 1 -23.38 -7.15 -9.32
C SER B 1 -23.95 -6.09 -8.38
N GLY B 2 -23.43 -5.99 -7.18
CA GLY B 2 -23.95 -4.97 -6.23
C GLY B 2 -22.92 -4.75 -5.13
N ILE B 3 -21.66 -5.00 -5.40
CA ILE B 3 -20.62 -4.80 -4.36
C ILE B 3 -19.57 -3.80 -4.86
N VAL B 4 -18.84 -4.15 -5.89
CA VAL B 4 -17.78 -3.23 -6.41
C VAL B 4 -16.78 -2.87 -5.31
N PRO B 5 -15.54 -3.22 -5.55
CA PRO B 5 -14.47 -2.94 -4.57
C PRO B 5 -14.17 -1.44 -4.52
N THR B 6 -14.06 -0.89 -3.34
CA THR B 6 -13.78 0.56 -3.21
C THR B 6 -12.28 0.81 -3.01
N LEU B 7 -11.73 1.80 -3.67
CA LEU B 7 -10.28 2.09 -3.52
C LEU B 7 -10.03 2.67 -2.12
N GLN B 8 -8.97 2.27 -1.48
CA GLN B 8 -8.68 2.80 -0.12
C GLN B 8 -7.25 3.38 -0.06
N ASN B 9 -6.49 3.24 -1.10
CA ASN B 9 -5.11 3.78 -1.07
C ASN B 9 -4.48 3.77 -2.48
N ILE B 10 -4.03 4.89 -2.94
CA ILE B 10 -3.40 4.96 -4.29
C ILE B 10 -1.89 5.18 -4.13
N VAL B 11 -1.09 4.65 -5.02
CA VAL B 11 0.38 4.85 -4.89
C VAL B 11 0.99 5.23 -6.24
N ALA B 12 1.87 6.20 -6.26
CA ALA B 12 2.50 6.61 -7.55
C ALA B 12 3.96 6.96 -7.33
N THR B 13 4.76 6.86 -8.36
CA THR B 13 6.21 7.18 -8.22
C THR B 13 6.52 8.54 -8.85
N VAL B 14 7.13 9.42 -8.10
CA VAL B 14 7.46 10.77 -8.65
C VAL B 14 8.96 11.06 -8.47
N THR B 15 9.59 11.63 -9.45
CA THR B 15 11.04 11.92 -9.33
C THR B 15 11.27 13.44 -9.22
N LEU B 16 12.26 13.84 -8.47
CA LEU B 16 12.54 15.30 -8.31
C LEU B 16 13.65 15.71 -9.30
N GLY B 17 14.53 14.81 -9.61
CA GLY B 17 15.63 15.15 -10.56
C GLY B 17 16.74 15.90 -9.82
N CYS B 18 16.94 15.60 -8.58
CA CYS B 18 18.01 16.31 -7.81
C CYS B 18 18.30 15.57 -6.50
N ARG B 19 19.40 15.88 -5.86
CA ARG B 19 19.74 15.21 -4.58
C ARG B 19 19.20 16.01 -3.40
N LEU B 20 18.91 15.36 -2.30
CA LEU B 20 18.37 16.11 -1.12
C LEU B 20 19.00 15.58 0.17
N ASP B 21 18.89 16.32 1.24
CA ASP B 21 19.48 15.87 2.53
C ASP B 21 18.34 15.48 3.48
N LEU B 22 18.04 14.22 3.58
CA LEU B 22 16.95 13.77 4.49
C LEU B 22 17.00 14.55 5.81
N LYS B 23 18.18 14.87 6.28
CA LYS B 23 18.28 15.63 7.56
C LYS B 23 17.69 17.03 7.37
N THR B 24 18.07 17.70 6.32
CA THR B 24 17.53 19.08 6.09
C THR B 24 16.03 19.01 5.79
N VAL B 25 15.60 18.00 5.09
CA VAL B 25 14.15 17.88 4.77
C VAL B 25 13.38 17.46 6.03
N ALA B 26 13.87 16.48 6.74
CA ALA B 26 13.17 16.02 7.97
C ALA B 26 13.32 17.08 9.07
N LEU B 27 14.21 18.01 8.89
CA LEU B 27 14.40 19.07 9.93
C LEU B 27 13.64 20.34 9.54
N HIS B 28 13.48 20.58 8.26
CA HIS B 28 12.76 21.81 7.83
C HIS B 28 11.32 21.46 7.45
N ALA B 29 11.05 20.22 7.16
CA ALA B 29 9.66 19.82 6.78
C ALA B 29 8.71 20.10 7.95
N ARG B 30 7.46 20.36 7.66
CA ARG B 30 6.48 20.62 8.76
C ARG B 30 5.91 19.32 9.28
N ASN B 31 5.68 18.37 8.42
CA ASN B 31 5.13 17.06 8.88
C ASN B 31 5.95 15.93 8.29
N ALA B 32 7.09 15.65 8.84
CA ALA B 32 7.94 14.55 8.29
C ALA B 32 8.72 13.86 9.41
N GLU B 33 9.18 12.67 9.18
CA GLU B 33 9.95 11.93 10.22
C GLU B 33 11.17 11.25 9.59
N TYR B 34 12.17 10.96 10.36
CA TYR B 34 13.38 10.29 9.81
C TYR B 34 14.01 9.36 10.85
N ASN B 35 13.77 8.08 10.73
CA ASN B 35 14.35 7.13 11.72
C ASN B 35 15.44 6.28 11.06
N PRO B 36 16.62 6.37 11.61
CA PRO B 36 17.77 5.58 11.08
C PRO B 36 17.63 4.12 11.51
N LYS B 37 16.72 3.84 12.39
CA LYS B 37 16.54 2.44 12.86
C LYS B 37 15.56 1.66 11.95
N ARG B 38 15.21 2.22 10.82
CA ARG B 38 14.27 1.49 9.91
C ARG B 38 14.70 1.65 8.45
N PHE B 39 15.07 2.83 8.04
CA PHE B 39 15.50 3.03 6.62
C PHE B 39 16.10 4.42 6.44
N ALA B 40 16.73 4.68 5.32
CA ALA B 40 17.33 6.01 5.08
C ALA B 40 16.38 6.89 4.26
N ALA B 41 15.18 7.06 4.71
CA ALA B 41 14.21 7.90 3.94
C ALA B 41 13.43 8.84 4.86
N VAL B 42 12.90 9.89 4.31
CA VAL B 42 12.10 10.85 5.13
C VAL B 42 10.61 10.60 4.90
N ILE B 43 9.87 10.32 5.93
CA ILE B 43 8.42 10.06 5.75
C ILE B 43 7.62 11.36 5.86
N MET B 44 7.09 11.82 4.76
CA MET B 44 6.29 13.09 4.80
C MET B 44 4.81 12.77 5.03
N ARG B 45 4.04 13.74 5.46
CA ARG B 45 2.59 13.49 5.71
C ARG B 45 1.79 14.78 5.59
N ILE B 46 0.97 14.88 4.57
CA ILE B 46 0.13 16.11 4.40
C ILE B 46 -1.29 15.84 4.88
N ARG B 47 -2.08 16.86 5.03
CA ARG B 47 -3.49 16.66 5.49
C ARG B 47 -4.47 17.32 4.51
N GLU B 48 -4.14 17.33 3.25
CA GLU B 48 -5.07 17.96 2.26
C GLU B 48 -4.50 17.84 0.84
N PRO B 49 -4.73 16.69 0.22
CA PRO B 49 -5.48 15.59 0.87
C PRO B 49 -4.58 14.83 1.84
N LYS B 50 -5.15 14.26 2.87
CA LYS B 50 -4.31 13.50 3.84
C LYS B 50 -3.62 12.33 3.14
N THR B 51 -2.33 12.40 2.98
CA THR B 51 -1.60 11.29 2.29
C THR B 51 -0.19 11.14 2.85
N THR B 52 0.53 10.15 2.40
CA THR B 52 1.92 9.94 2.90
C THR B 52 2.88 9.84 1.70
N ALA B 53 4.15 10.01 1.93
CA ALA B 53 5.12 9.93 0.80
C ALA B 53 6.51 9.57 1.32
N LEU B 54 7.17 8.63 0.68
CA LEU B 54 8.54 8.23 1.14
C LEU B 54 9.58 8.96 0.28
N ILE B 55 10.23 9.95 0.83
CA ILE B 55 11.24 10.70 0.02
C ILE B 55 12.63 10.08 0.18
N PHE B 56 13.38 10.01 -0.89
CA PHE B 56 14.76 9.43 -0.80
C PHE B 56 15.79 10.54 -1.01
N ALA B 57 17.01 10.32 -0.58
CA ALA B 57 18.06 11.37 -0.77
C ALA B 57 18.56 11.36 -2.21
N SER B 58 18.11 10.42 -3.00
CA SER B 58 18.57 10.35 -4.42
C SER B 58 17.75 11.31 -5.30
N GLY B 59 16.63 11.79 -4.80
CA GLY B 59 15.80 12.72 -5.61
C GLY B 59 14.47 12.05 -5.94
N LYS B 60 14.40 10.75 -5.84
CA LYS B 60 13.13 10.04 -6.15
C LYS B 60 12.21 10.05 -4.93
N MET B 61 10.93 9.96 -5.13
CA MET B 61 9.99 9.96 -3.97
C MET B 61 8.75 9.12 -4.29
N VAL B 62 8.15 8.51 -3.30
CA VAL B 62 6.94 7.69 -3.54
C VAL B 62 5.75 8.30 -2.81
N VAL B 63 4.58 8.28 -3.42
CA VAL B 63 3.40 8.87 -2.75
C VAL B 63 2.36 7.79 -2.42
N THR B 64 1.52 8.06 -1.46
CA THR B 64 0.48 7.05 -1.07
C THR B 64 -0.55 7.73 -0.16
N GLY B 65 -1.78 7.31 -0.23
CA GLY B 65 -2.82 7.94 0.64
C GLY B 65 -3.95 8.49 -0.23
N ALA B 66 -3.66 8.82 -1.46
CA ALA B 66 -4.71 9.37 -2.36
C ALA B 66 -5.77 8.30 -2.65
N LYS B 67 -6.94 8.71 -3.07
CA LYS B 67 -8.01 7.72 -3.37
C LYS B 67 -8.43 7.82 -4.85
N SER B 68 -7.77 8.65 -5.60
CA SER B 68 -8.11 8.80 -7.04
C SER B 68 -6.93 9.37 -7.82
N GLU B 69 -6.93 9.24 -9.12
CA GLU B 69 -5.80 9.77 -9.93
C GLU B 69 -5.61 11.26 -9.64
N ASP B 70 -6.66 12.03 -9.68
CA ASP B 70 -6.53 13.49 -9.41
C ASP B 70 -6.03 13.73 -7.98
N ASP B 71 -6.34 12.84 -7.09
CA ASP B 71 -5.89 13.02 -5.67
C ASP B 71 -4.37 12.93 -5.59
N SER B 72 -3.80 11.82 -5.97
CA SER B 72 -2.32 11.67 -5.90
C SER B 72 -1.64 12.70 -6.82
N LYS B 73 -2.28 13.04 -7.92
CA LYS B 73 -1.67 14.03 -8.86
C LYS B 73 -1.36 15.34 -8.11
N LEU B 74 -2.28 15.79 -7.30
CA LEU B 74 -2.04 17.06 -6.54
C LEU B 74 -1.10 16.80 -5.37
N ALA B 75 -1.43 15.85 -4.52
CA ALA B 75 -0.55 15.56 -3.36
C ALA B 75 0.92 15.48 -3.82
N SER B 76 1.15 14.90 -4.96
CA SER B 76 2.55 14.79 -5.47
C SER B 76 3.12 16.20 -5.71
N ARG B 77 2.46 16.98 -6.51
CA ARG B 77 2.96 18.36 -6.79
C ARG B 77 3.17 19.10 -5.46
N LYS B 78 2.36 18.82 -4.48
CA LYS B 78 2.52 19.51 -3.17
C LYS B 78 3.80 19.04 -2.48
N TYR B 79 4.08 17.77 -2.53
CA TYR B 79 5.33 17.25 -1.90
C TYR B 79 6.55 17.89 -2.55
N ALA B 80 6.60 17.88 -3.86
CA ALA B 80 7.76 18.49 -4.57
C ALA B 80 7.86 19.98 -4.23
N ARG B 81 6.75 20.63 -4.04
CA ARG B 81 6.79 22.08 -3.70
C ARG B 81 7.42 22.28 -2.31
N ILE B 82 7.09 21.43 -1.38
CA ILE B 82 7.66 21.57 -0.01
C ILE B 82 9.19 21.60 -0.11
N ILE B 83 9.76 20.71 -0.87
CA ILE B 83 11.25 20.71 -1.01
C ILE B 83 11.70 22.00 -1.71
N GLN B 84 11.05 22.36 -2.78
CA GLN B 84 11.42 23.61 -3.49
C GLN B 84 11.12 24.82 -2.61
N LYS B 85 10.14 24.69 -1.74
CA LYS B 85 9.81 25.82 -0.83
C LYS B 85 10.85 25.88 0.27
N ILE B 86 11.49 24.76 0.52
CA ILE B 86 12.55 24.72 1.56
C ILE B 86 13.86 25.27 0.98
N GLY B 87 14.01 25.19 -0.32
CA GLY B 87 15.25 25.71 -0.96
C GLY B 87 15.87 24.63 -1.86
N PHE B 88 15.72 23.39 -1.50
CA PHE B 88 16.31 22.30 -2.34
C PHE B 88 15.98 22.52 -3.82
N ALA B 89 16.72 21.87 -4.68
CA ALA B 89 16.47 22.03 -6.14
C ALA B 89 15.64 20.86 -6.66
N ALA B 90 14.61 20.50 -5.95
CA ALA B 90 13.75 19.36 -6.41
C ALA B 90 12.75 19.83 -7.46
N LYS B 91 12.30 18.94 -8.31
CA LYS B 91 11.32 19.33 -9.36
C LYS B 91 10.18 18.30 -9.40
N PHE B 92 9.38 18.33 -10.44
CA PHE B 92 8.26 17.35 -10.54
C PHE B 92 8.28 16.67 -11.91
N THR B 93 8.44 15.37 -11.94
CA THR B 93 8.47 14.66 -13.25
C THR B 93 8.36 13.15 -13.03
N ASP B 94 8.26 12.40 -14.10
CA ASP B 94 8.16 10.92 -13.97
C ASP B 94 7.06 10.53 -12.98
N PHE B 95 5.93 11.18 -13.05
CA PHE B 95 4.82 10.84 -12.12
C PHE B 95 3.93 9.76 -12.74
N LYS B 96 3.61 8.74 -12.00
CA LYS B 96 2.74 7.67 -12.56
C LYS B 96 2.29 6.70 -11.45
N ILE B 97 1.04 6.35 -11.43
CA ILE B 97 0.54 5.42 -10.38
C ILE B 97 0.92 3.98 -10.75
N GLN B 98 1.61 3.29 -9.88
CA GLN B 98 2.01 1.89 -10.19
C GLN B 98 1.36 0.90 -9.21
N ASN B 99 0.64 1.38 -8.24
CA ASN B 99 0.01 0.44 -7.27
C ASN B 99 -1.25 1.08 -6.66
N ILE B 100 -2.33 0.34 -6.65
CA ILE B 100 -3.60 0.89 -6.07
C ILE B 100 -4.11 -0.06 -4.98
N VAL B 101 -5.12 0.33 -4.25
CA VAL B 101 -5.64 -0.56 -3.17
C VAL B 101 -7.16 -0.43 -3.06
N GLY B 102 -7.85 -1.53 -3.06
CA GLY B 102 -9.33 -1.50 -2.95
C GLY B 102 -9.79 -2.55 -1.93
N SER B 103 -11.00 -2.47 -1.47
CA SER B 103 -11.47 -3.47 -0.47
C SER B 103 -13.00 -3.42 -0.34
N CYS B 104 -13.62 -4.52 -0.04
CA CYS B 104 -15.11 -4.52 0.10
C CYS B 104 -15.58 -5.86 0.70
N ASP B 105 -16.84 -5.97 0.99
CA ASP B 105 -17.36 -7.23 1.57
C ASP B 105 -18.32 -7.90 0.59
N VAL B 106 -18.69 -9.14 0.86
CA VAL B 106 -19.62 -9.84 -0.06
C VAL B 106 -20.97 -10.09 0.63
N LYS B 107 -21.07 -11.10 1.44
CA LYS B 107 -22.35 -11.37 2.14
C LYS B 107 -22.24 -12.65 3.00
N PHE B 108 -21.40 -13.55 2.62
CA PHE B 108 -21.24 -14.81 3.41
C PHE B 108 -19.76 -15.08 3.69
N PRO B 109 -19.51 -15.85 4.70
CA PRO B 109 -18.11 -16.19 5.06
C PRO B 109 -17.53 -17.16 4.05
N ILE B 110 -16.24 -17.15 3.86
CA ILE B 110 -15.61 -18.08 2.87
C ILE B 110 -14.62 -19.02 3.57
N ARG B 111 -14.33 -20.14 2.96
CA ARG B 111 -13.36 -21.09 3.59
C ARG B 111 -11.97 -20.87 3.00
N LEU B 112 -11.13 -20.16 3.70
CA LEU B 112 -9.76 -19.90 3.18
C LEU B 112 -9.10 -21.22 2.74
N GLU B 113 -9.41 -22.29 3.40
CA GLU B 113 -8.81 -23.60 3.02
C GLU B 113 -9.33 -24.04 1.66
N GLY B 114 -10.63 -24.15 1.52
CA GLY B 114 -11.20 -24.57 0.21
C GLY B 114 -10.50 -23.84 -0.93
N LEU B 115 -10.04 -22.65 -0.68
CA LEU B 115 -9.34 -21.87 -1.74
C LEU B 115 -7.88 -22.33 -1.86
N ALA B 116 -7.13 -22.22 -0.80
CA ALA B 116 -5.70 -22.64 -0.86
C ALA B 116 -5.59 -24.09 -1.35
N PHE B 117 -6.63 -24.87 -1.18
CA PHE B 117 -6.58 -26.28 -1.65
C PHE B 117 -6.80 -26.35 -3.16
N SER B 118 -7.78 -25.65 -3.66
CA SER B 118 -8.04 -25.67 -5.13
C SER B 118 -7.06 -24.74 -5.84
N HIS B 119 -7.06 -23.48 -5.49
CA HIS B 119 -6.13 -22.52 -6.15
C HIS B 119 -4.83 -22.41 -5.35
N GLY B 120 -4.38 -23.49 -4.78
CA GLY B 120 -3.12 -23.45 -3.97
C GLY B 120 -1.95 -23.03 -4.87
N THR B 121 -2.15 -23.05 -6.16
CA THR B 121 -1.05 -22.65 -7.09
C THR B 121 -1.08 -21.14 -7.32
N PHE B 122 -2.15 -20.49 -6.97
CA PHE B 122 -2.24 -19.01 -7.18
C PHE B 122 -2.53 -18.31 -5.85
N SER B 123 -2.78 -19.05 -4.81
CA SER B 123 -3.07 -18.42 -3.49
C SER B 123 -2.27 -19.11 -2.38
N SER B 124 -2.17 -18.48 -1.24
CA SER B 124 -1.40 -19.10 -0.12
C SER B 124 -2.18 -18.96 1.19
N TYR B 125 -2.06 -19.92 2.07
CA TYR B 125 -2.80 -19.83 3.36
C TYR B 125 -1.87 -20.17 4.54
N GLU B 126 -1.63 -19.23 5.40
CA GLU B 126 -0.75 -19.50 6.56
C GLU B 126 -1.54 -19.39 7.86
N PRO B 127 -2.03 -20.51 8.30
CA PRO B 127 -2.83 -20.55 9.55
C PRO B 127 -1.93 -20.32 10.77
N GLU B 128 -0.64 -20.34 10.57
CA GLU B 128 0.30 -20.12 11.71
C GLU B 128 0.81 -18.68 11.70
N LEU B 129 0.54 -17.96 10.65
CA LEU B 129 1.03 -16.55 10.58
C LEU B 129 0.12 -15.71 9.69
N PHE B 130 -1.08 -16.15 9.45
CA PHE B 130 -2.02 -15.38 8.59
C PHE B 130 -3.43 -15.97 8.66
N PRO B 131 -4.33 -15.20 9.23
CA PRO B 131 -5.73 -15.65 9.36
C PRO B 131 -6.44 -15.64 8.01
N GLY B 132 -6.13 -14.67 7.18
CA GLY B 132 -6.79 -14.60 5.84
C GLY B 132 -5.92 -15.36 4.82
N LEU B 133 -6.36 -15.41 3.59
CA LEU B 133 -5.57 -16.14 2.55
C LEU B 133 -5.09 -15.16 1.48
N ILE B 134 -3.87 -15.29 1.03
CA ILE B 134 -3.35 -14.37 -0.02
C ILE B 134 -3.55 -14.97 -1.41
N TYR B 135 -4.42 -14.40 -2.19
CA TYR B 135 -4.67 -14.92 -3.57
C TYR B 135 -3.94 -14.06 -4.59
N ARG B 136 -3.00 -14.63 -5.30
CA ARG B 136 -2.24 -13.85 -6.32
C ARG B 136 -2.94 -13.91 -7.67
N MET B 137 -3.85 -13.01 -7.94
CA MET B 137 -4.56 -13.03 -9.25
C MET B 137 -3.55 -13.04 -10.39
N VAL B 138 -3.69 -13.96 -11.32
CA VAL B 138 -2.73 -14.02 -12.45
C VAL B 138 -2.91 -12.81 -13.37
N LYS B 139 -4.13 -12.50 -13.72
CA LYS B 139 -4.37 -11.33 -14.61
C LYS B 139 -5.70 -10.64 -14.25
N PRO B 140 -5.64 -9.37 -13.95
CA PRO B 140 -4.36 -8.61 -13.97
C PRO B 140 -3.51 -9.00 -12.75
N LYS B 141 -2.22 -8.84 -12.85
CA LYS B 141 -1.33 -9.21 -11.70
C LYS B 141 -1.76 -8.43 -10.44
N ILE B 142 -2.28 -9.12 -9.45
CA ILE B 142 -2.70 -8.43 -8.22
C ILE B 142 -2.77 -9.41 -7.04
N VAL B 143 -2.62 -8.93 -5.83
CA VAL B 143 -2.69 -9.82 -4.64
C VAL B 143 -3.98 -9.55 -3.87
N LEU B 144 -4.87 -10.50 -3.81
CA LEU B 144 -6.15 -10.28 -3.08
C LEU B 144 -6.11 -10.94 -1.70
N LEU B 145 -6.56 -10.24 -0.69
CA LEU B 145 -6.57 -10.83 0.69
C LEU B 145 -7.99 -11.24 1.05
N ILE B 146 -8.20 -12.50 1.31
CA ILE B 146 -9.58 -12.97 1.67
C ILE B 146 -9.68 -13.25 3.17
N PHE B 147 -10.83 -13.02 3.74
CA PHE B 147 -11.00 -13.28 5.20
C PHE B 147 -12.29 -14.07 5.44
N VAL B 148 -12.26 -14.99 6.36
CA VAL B 148 -13.48 -15.79 6.66
C VAL B 148 -14.69 -14.87 6.79
N SER B 149 -14.59 -13.91 7.65
CA SER B 149 -15.71 -12.95 7.87
C SER B 149 -16.37 -12.61 6.52
N GLY B 150 -15.59 -12.49 5.49
CA GLY B 150 -16.18 -12.17 4.16
C GLY B 150 -15.62 -10.84 3.64
N LYS B 151 -14.47 -10.44 4.11
CA LYS B 151 -13.89 -9.15 3.65
C LYS B 151 -12.86 -9.40 2.53
N ILE B 152 -12.92 -8.63 1.48
CA ILE B 152 -11.96 -8.84 0.36
C ILE B 152 -11.12 -7.58 0.14
N VAL B 153 -9.84 -7.73 -0.09
CA VAL B 153 -8.97 -6.55 -0.33
C VAL B 153 -8.17 -6.72 -1.62
N LEU B 154 -8.15 -5.70 -2.44
CA LEU B 154 -7.38 -5.81 -3.72
C LEU B 154 -6.28 -4.75 -3.77
N THR B 155 -5.05 -5.17 -3.85
CA THR B 155 -3.93 -4.18 -3.89
C THR B 155 -2.87 -4.62 -4.92
N GLY B 156 -2.08 -3.70 -5.40
CA GLY B 156 -1.04 -4.07 -6.40
C GLY B 156 -1.61 -3.88 -7.82
N ALA B 157 -2.71 -3.20 -7.93
CA ALA B 157 -3.31 -2.99 -9.28
C ALA B 157 -2.65 -1.79 -9.97
N LYS B 158 -2.50 -1.86 -11.26
CA LYS B 158 -1.86 -0.72 -11.99
C LYS B 158 -2.89 0.37 -12.26
N GLN B 159 -4.14 0.11 -11.97
CA GLN B 159 -5.20 1.12 -12.20
C GLN B 159 -6.51 0.68 -11.54
N ARG B 160 -7.57 1.43 -11.71
CA ARG B 160 -8.87 1.05 -11.10
C ARG B 160 -9.48 -0.13 -11.85
N GLU B 161 -9.48 -0.06 -13.17
CA GLU B 161 -10.07 -1.17 -13.96
C GLU B 161 -9.51 -2.51 -13.49
N GLU B 162 -8.28 -2.53 -13.05
CA GLU B 162 -7.68 -3.81 -12.57
C GLU B 162 -8.48 -4.35 -11.38
N ILE B 163 -8.75 -3.53 -10.41
CA ILE B 163 -9.51 -3.99 -9.22
C ILE B 163 -10.90 -4.50 -9.66
N TYR B 164 -11.48 -3.88 -10.65
CA TYR B 164 -12.83 -4.34 -11.12
C TYR B 164 -12.74 -5.74 -11.72
N GLN B 165 -11.66 -6.04 -12.40
CA GLN B 165 -11.51 -7.39 -13.00
C GLN B 165 -11.03 -8.41 -11.96
N ALA B 166 -10.11 -8.03 -11.13
CA ALA B 166 -9.60 -8.98 -10.09
C ALA B 166 -10.76 -9.50 -9.24
N PHE B 167 -11.75 -8.68 -9.00
CA PHE B 167 -12.91 -9.13 -8.18
C PHE B 167 -13.82 -10.05 -8.99
N GLU B 168 -14.19 -9.63 -10.17
CA GLU B 168 -15.08 -10.48 -11.02
C GLU B 168 -14.46 -11.86 -11.24
N ALA B 169 -13.17 -11.97 -11.12
CA ALA B 169 -12.51 -13.29 -11.33
C ALA B 169 -12.40 -14.04 -10.00
N ILE B 170 -12.41 -13.34 -8.90
CA ILE B 170 -12.30 -14.02 -7.57
C ILE B 170 -13.69 -14.13 -6.93
N TYR B 171 -14.62 -13.34 -7.38
CA TYR B 171 -15.99 -13.40 -6.78
C TYR B 171 -16.56 -14.82 -6.83
N PRO B 172 -16.38 -15.49 -7.95
CA PRO B 172 -16.90 -16.87 -8.09
C PRO B 172 -16.05 -17.84 -7.27
N VAL B 173 -14.75 -17.70 -7.30
CA VAL B 173 -13.88 -18.61 -6.52
C VAL B 173 -14.32 -18.61 -5.05
N LEU B 174 -14.61 -17.45 -4.52
CA LEU B 174 -15.05 -17.37 -3.10
C LEU B 174 -16.40 -18.09 -2.92
N SER B 175 -17.40 -17.67 -3.64
CA SER B 175 -18.73 -18.33 -3.52
C SER B 175 -18.58 -19.85 -3.71
N GLU B 176 -17.63 -20.27 -4.51
CA GLU B 176 -17.43 -21.72 -4.73
C GLU B 176 -16.99 -22.40 -3.43
N PHE B 177 -16.18 -21.73 -2.65
CA PHE B 177 -15.71 -22.32 -1.37
C PHE B 177 -16.28 -21.53 -0.19
N ARG B 178 -17.54 -21.16 -0.27
CA ARG B 178 -18.16 -20.38 0.84
C ARG B 178 -18.44 -21.29 2.04
N LYS B 179 -19.07 -20.76 3.06
CA LYS B 179 -19.39 -21.59 4.25
C LYS B 179 -20.88 -21.50 4.56
N MET B 180 -21.51 -20.40 4.23
CA MET B 180 -22.96 -20.27 4.50
C MET B 180 -23.61 -19.37 3.44
N GLU A 1 12.08 -10.45 8.93
CA GLU A 1 12.28 -10.65 7.47
C GLU A 1 12.37 -9.30 6.75
N GLY A 2 12.37 -9.30 5.44
CA GLY A 2 12.46 -8.01 4.70
C GLY A 2 13.20 -8.24 3.39
N SER A 3 14.40 -7.72 3.27
CA SER A 3 15.18 -7.91 2.01
C SER A 3 16.64 -7.52 2.23
N ILE A 4 16.87 -6.37 2.80
CA ILE A 4 18.27 -5.91 3.05
C ILE A 4 19.05 -5.88 1.73
N GLY A 5 18.95 -4.80 1.01
CA GLY A 5 19.70 -4.70 -0.29
C GLY A 5 18.74 -4.30 -1.41
N ASN A 6 17.74 -3.52 -1.10
CA ASN A 6 16.77 -3.08 -2.15
C ASN A 6 15.88 -1.95 -1.63
N GLY A 7 14.90 -2.27 -0.85
CA GLY A 7 13.99 -1.23 -0.30
C GLY A 7 13.55 -1.63 1.10
N LEU A 8 13.11 -0.69 1.90
CA LEU A 8 12.67 -1.03 3.27
C LEU A 8 11.39 -1.88 3.22
N ASP A 9 10.82 -2.20 4.35
CA ASP A 9 9.58 -3.04 4.35
C ASP A 9 8.36 -2.20 3.95
N LEU A 10 7.99 -2.25 2.70
CA LEU A 10 6.78 -1.47 2.26
C LEU A 10 5.56 -2.39 2.17
N THR A 11 5.66 -3.57 2.72
CA THR A 11 4.50 -4.51 2.67
C THR A 11 3.21 -3.74 2.95
N GLY A 12 3.29 -2.74 3.77
CA GLY A 12 2.09 -1.94 4.11
C GLY A 12 2.05 -0.66 3.27
N ILE A 13 3.19 -0.10 2.92
CA ILE A 13 3.16 1.16 2.12
C ILE A 13 2.19 0.99 0.96
N LEU A 14 2.22 -0.13 0.29
CA LEU A 14 1.25 -0.34 -0.83
C LEU A 14 -0.07 -0.83 -0.25
N PHE A 15 -0.03 -1.40 0.93
CA PHE A 15 -1.28 -1.88 1.58
C PHE A 15 -1.83 -0.78 2.48
N GLY A 16 -1.29 0.40 2.37
CA GLY A 16 -1.75 1.53 3.22
C GLY A 16 -0.53 2.39 3.57
N ASN A 17 -0.34 3.48 2.86
CA ASN A 17 0.83 4.37 3.11
C ASN A 17 1.26 4.35 4.56
N ILE A 18 2.15 3.47 4.88
CA ILE A 18 2.68 3.39 6.27
C ILE A 18 3.94 4.26 6.32
N ASP A 19 4.40 4.60 7.47
CA ASP A 19 5.64 5.39 7.53
C ASP A 19 6.78 4.39 7.48
N SER A 20 7.67 4.54 6.55
CA SER A 20 8.80 3.58 6.43
C SER A 20 9.27 3.14 7.82
N GLU A 21 9.12 4.00 8.79
CA GLU A 21 9.52 3.63 10.18
C GLU A 21 8.82 2.33 10.60
N GLY A 22 7.79 1.93 9.90
CA GLY A 22 7.08 0.67 10.26
C GLY A 22 5.69 0.99 10.85
N ARG A 23 5.10 2.08 10.48
CA ARG A 23 3.75 2.43 11.03
C ARG A 23 2.73 2.62 9.90
N LEU A 24 1.63 1.93 9.94
CA LEU A 24 0.60 2.08 8.86
C LEU A 24 -0.51 3.02 9.30
N LEU A 25 -1.19 3.65 8.38
CA LEU A 25 -2.28 4.59 8.78
C LEU A 25 -3.60 4.21 8.12
N GLN A 26 -4.63 4.96 8.38
CA GLN A 26 -5.96 4.67 7.77
C GLN A 26 -6.40 5.85 6.89
N ASP A 27 -6.90 5.57 5.72
CA ASP A 27 -7.34 6.67 4.82
C ASP A 27 -8.86 6.74 4.74
N ASP A 28 -9.54 5.70 5.14
CA ASP A 28 -11.02 5.70 5.09
C ASP A 28 -11.61 6.07 6.45
N ASP A 29 -12.90 6.28 6.51
CA ASP A 29 -13.53 6.64 7.82
C ASP A 29 -13.48 5.44 8.76
N GLY A 30 -13.88 5.62 9.99
CA GLY A 30 -13.86 4.48 10.96
C GLY A 30 -12.71 4.68 11.95
N GLU A 31 -13.00 5.06 13.16
CA GLU A 31 -11.92 5.26 14.16
C GLU A 31 -12.41 4.84 15.56
N GLY A 32 -13.39 3.98 15.61
CA GLY A 32 -13.92 3.53 16.93
C GLY A 32 -12.95 2.52 17.55
N ARG A 33 -13.40 1.33 17.83
CA ARG A 33 -12.50 0.30 18.43
C ARG A 33 -12.60 -1.01 17.65
N GLY A 34 -12.17 -1.00 16.41
CA GLY A 34 -12.23 -2.24 15.59
C GLY A 34 -13.69 -2.57 15.26
N GLY A 35 -14.11 -3.78 15.51
CA GLY A 35 -15.52 -4.15 15.23
C GLY A 35 -15.73 -4.21 13.71
N THR A 36 -16.28 -3.18 13.13
CA THR A 36 -16.52 -3.19 11.66
C THR A 36 -15.39 -2.44 10.94
N GLY A 37 -14.48 -3.16 10.36
CA GLY A 37 -13.35 -2.50 9.63
C GLY A 37 -12.11 -3.40 9.71
N PHE A 38 -11.51 -3.69 8.59
CA PHE A 38 -10.30 -4.55 8.60
C PHE A 38 -9.05 -3.73 8.91
N ASP A 39 -9.23 -2.46 9.18
CA ASP A 39 -8.05 -1.60 9.50
C ASP A 39 -7.16 -2.28 10.55
N ALA A 40 -7.77 -2.88 11.54
CA ALA A 40 -6.96 -3.56 12.60
C ALA A 40 -6.87 -5.06 12.29
N GLU A 41 -7.29 -5.47 11.12
CA GLU A 41 -7.21 -6.90 10.76
C GLU A 41 -6.00 -7.11 9.88
N LEU A 42 -5.64 -6.11 9.12
CA LEU A 42 -4.46 -6.21 8.24
C LEU A 42 -3.24 -5.58 8.89
N ARG A 43 -3.41 -4.41 9.46
CA ARG A 43 -2.26 -3.72 10.11
C ARG A 43 -1.48 -4.72 10.95
N GLU A 44 -2.16 -5.46 11.77
CA GLU A 44 -1.46 -6.46 12.63
C GLU A 44 -0.81 -7.52 11.75
N ASN A 45 -1.27 -7.66 10.54
CA ASN A 45 -0.68 -8.68 9.63
C ASN A 45 0.45 -8.03 8.81
N ILE A 46 0.26 -6.80 8.41
CA ILE A 46 1.33 -6.12 7.61
C ILE A 46 2.67 -6.32 8.31
N GLY A 47 2.70 -6.18 9.61
CA GLY A 47 3.99 -6.38 10.35
C GLY A 47 4.53 -7.78 10.08
N SER A 48 3.69 -8.67 9.58
CA SER A 48 4.17 -10.06 9.30
C SER A 48 3.60 -10.55 7.97
N LEU A 49 3.45 -9.68 7.01
CA LEU A 49 2.91 -10.10 5.69
C LEU A 49 4.04 -10.25 4.66
N SER A 50 5.25 -10.42 5.13
CA SER A 50 6.40 -10.56 4.19
C SER A 50 6.58 -12.04 3.81
N LYS A 51 5.51 -12.71 3.50
CA LYS A 51 5.62 -14.15 3.12
C LYS A 51 4.50 -14.51 2.13
N LEU A 52 3.87 -13.53 1.55
CA LEU A 52 2.77 -13.81 0.58
C LEU A 52 3.33 -13.85 -0.83
N GLY A 53 4.35 -13.07 -1.10
CA GLY A 53 4.93 -13.06 -2.46
C GLY A 53 4.96 -11.62 -2.99
N LEU A 54 4.53 -10.67 -2.19
CA LEU A 54 4.54 -9.26 -2.67
C LEU A 54 5.80 -8.55 -2.19
N ASP A 55 6.65 -9.25 -1.48
CA ASP A 55 7.92 -8.62 -1.01
C ASP A 55 8.57 -7.84 -2.15
N SER A 56 8.57 -8.40 -3.32
CA SER A 56 9.19 -7.70 -4.49
C SER A 56 8.46 -6.37 -4.74
N MET A 57 7.18 -6.35 -4.52
CA MET A 57 6.42 -5.08 -4.75
C MET A 57 6.81 -4.06 -3.68
N LEU A 58 7.39 -4.50 -2.60
CA LEU A 58 7.81 -3.56 -1.53
C LEU A 58 9.03 -2.77 -2.01
N LEU A 59 10.09 -3.45 -2.30
CA LEU A 59 11.32 -2.76 -2.77
C LEU A 59 11.05 -2.03 -4.10
N GLU A 60 9.90 -2.25 -4.70
CA GLU A 60 9.59 -1.57 -5.99
C GLU A 60 9.00 -0.19 -5.73
N VAL A 61 8.96 0.22 -4.50
CA VAL A 61 8.40 1.56 -4.21
C VAL A 61 9.33 2.33 -3.28
N ILE A 62 10.42 1.72 -2.93
CA ILE A 62 11.39 2.38 -2.02
C ILE A 62 12.81 1.88 -2.30
N ASP A 63 13.34 2.19 -3.44
CA ASP A 63 14.71 1.72 -3.77
C ASP A 63 15.74 2.58 -3.03
N LEU A 64 15.60 2.68 -1.72
CA LEU A 64 16.55 3.51 -0.94
C LEU A 64 17.75 2.67 -0.47
N LYS A 65 18.43 2.03 -1.39
CA LYS A 65 19.61 1.20 -0.99
C LYS A 65 20.90 2.01 -1.17
N GLU A 66 21.65 2.18 -0.11
CA GLU A 66 22.92 2.96 -0.22
C GLU A 66 22.63 4.39 -0.70
N ALA A 67 23.60 5.03 -1.27
CA ALA A 67 23.38 6.42 -1.77
C ALA A 67 22.91 7.33 -0.62
N SER B 1 -21.82 -9.02 -12.73
CA SER B 1 -21.60 -8.92 -11.26
C SER B 1 -22.63 -8.00 -10.62
N GLY B 2 -22.24 -7.28 -9.61
CA GLY B 2 -23.21 -6.35 -8.94
C GLY B 2 -22.45 -5.45 -7.96
N ILE B 3 -21.51 -5.99 -7.25
CA ILE B 3 -20.75 -5.16 -6.27
C ILE B 3 -19.51 -4.56 -6.95
N VAL B 4 -18.84 -3.65 -6.30
CA VAL B 4 -17.63 -3.04 -6.91
C VAL B 4 -16.56 -2.77 -5.85
N PRO B 5 -15.34 -3.02 -6.21
CA PRO B 5 -14.21 -2.81 -5.27
C PRO B 5 -13.94 -1.32 -5.10
N THR B 6 -14.00 -0.82 -3.90
CA THR B 6 -13.75 0.63 -3.67
C THR B 6 -12.26 0.88 -3.39
N LEU B 7 -11.68 1.85 -4.05
CA LEU B 7 -10.24 2.15 -3.81
C LEU B 7 -10.05 2.76 -2.43
N GLN B 8 -9.08 2.30 -1.68
CA GLN B 8 -8.87 2.85 -0.31
C GLN B 8 -7.45 3.43 -0.19
N ASN B 9 -6.57 3.09 -1.09
CA ASN B 9 -5.18 3.63 -1.01
C ASN B 9 -4.47 3.50 -2.36
N ILE B 10 -4.06 4.59 -2.92
CA ILE B 10 -3.36 4.54 -4.24
C ILE B 10 -1.86 4.76 -4.03
N VAL B 11 -1.05 4.32 -4.94
CA VAL B 11 0.43 4.49 -4.80
C VAL B 11 1.05 4.95 -6.11
N ALA B 12 1.95 5.90 -6.06
CA ALA B 12 2.59 6.38 -7.30
C ALA B 12 4.02 6.86 -7.03
N THR B 13 4.81 7.05 -8.04
CA THR B 13 6.22 7.50 -7.83
C THR B 13 6.43 8.86 -8.51
N VAL B 14 7.33 9.66 -7.99
CA VAL B 14 7.59 10.98 -8.61
C VAL B 14 9.08 11.35 -8.50
N THR B 15 9.59 12.12 -9.42
CA THR B 15 11.03 12.51 -9.37
C THR B 15 11.15 14.03 -9.23
N LEU B 16 12.09 14.50 -8.47
CA LEU B 16 12.26 15.97 -8.29
C LEU B 16 13.20 16.53 -9.36
N GLY B 17 14.42 16.08 -9.38
CA GLY B 17 15.39 16.59 -10.39
C GLY B 17 16.61 17.17 -9.68
N CYS B 18 16.74 16.92 -8.40
CA CYS B 18 17.92 17.45 -7.65
C CYS B 18 18.11 16.68 -6.34
N ARG B 19 19.31 16.60 -5.86
CA ARG B 19 19.55 15.86 -4.59
C ARG B 19 19.00 16.65 -3.40
N LEU B 20 18.68 15.98 -2.32
CA LEU B 20 18.13 16.69 -1.13
C LEU B 20 18.76 16.14 0.15
N ASP B 21 18.91 16.97 1.15
CA ASP B 21 19.50 16.49 2.43
C ASP B 21 18.40 15.97 3.36
N LEU B 22 18.17 14.68 3.35
CA LEU B 22 17.11 14.11 4.23
C LEU B 22 17.17 14.75 5.62
N LYS B 23 18.34 14.81 6.20
CA LYS B 23 18.46 15.42 7.56
C LYS B 23 17.79 16.81 7.56
N THR B 24 18.06 17.61 6.56
CA THR B 24 17.45 18.96 6.51
C THR B 24 15.99 18.86 6.06
N VAL B 25 15.72 18.13 5.00
CA VAL B 25 14.32 18.00 4.51
C VAL B 25 13.42 17.51 5.65
N ALA B 26 13.80 16.45 6.31
CA ALA B 26 12.96 15.92 7.43
C ALA B 26 12.98 16.90 8.60
N LEU B 27 13.96 17.75 8.67
CA LEU B 27 14.04 18.73 9.78
C LEU B 27 13.27 20.00 9.43
N HIS B 28 13.32 20.42 8.21
CA HIS B 28 12.59 21.66 7.79
C HIS B 28 11.12 21.34 7.48
N ALA B 29 10.85 20.13 7.08
CA ALA B 29 9.44 19.76 6.75
C ALA B 29 8.57 19.81 8.01
N ARG B 30 7.36 20.29 7.88
CA ARG B 30 6.46 20.37 9.05
C ARG B 30 5.90 18.99 9.38
N ASN B 31 5.81 18.13 8.40
CA ASN B 31 5.29 16.76 8.66
C ASN B 31 6.20 15.72 8.00
N ALA B 32 7.30 15.41 8.63
CA ALA B 32 8.23 14.41 8.05
C ALA B 32 9.21 13.92 9.12
N GLU B 33 9.93 12.86 8.84
CA GLU B 33 10.90 12.34 9.84
C GLU B 33 11.93 11.44 9.17
N TYR B 34 13.16 11.52 9.57
CA TYR B 34 14.21 10.66 8.94
C TYR B 34 14.76 9.66 9.96
N ASN B 35 14.38 8.42 9.85
CA ASN B 35 14.87 7.38 10.80
C ASN B 35 15.97 6.55 10.14
N PRO B 36 17.19 6.81 10.55
CA PRO B 36 18.35 6.07 9.99
C PRO B 36 18.35 4.63 10.49
N LYS B 37 17.60 4.35 11.52
CA LYS B 37 17.55 2.96 12.05
C LYS B 37 16.75 2.07 11.11
N ARG B 38 15.82 2.65 10.38
CA ARG B 38 15.00 1.85 9.44
C ARG B 38 15.61 1.92 8.03
N PHE B 39 15.48 3.05 7.38
CA PHE B 39 16.05 3.19 6.02
C PHE B 39 16.71 4.56 5.86
N ALA B 40 17.21 4.86 4.68
CA ALA B 40 17.87 6.17 4.47
C ALA B 40 16.93 7.12 3.71
N ALA B 41 15.69 7.16 4.11
CA ALA B 41 14.72 8.06 3.41
C ALA B 41 13.94 8.90 4.41
N VAL B 42 13.29 9.93 3.97
CA VAL B 42 12.48 10.78 4.89
C VAL B 42 11.00 10.44 4.75
N ILE B 43 10.36 10.07 5.81
CA ILE B 43 8.91 9.73 5.73
C ILE B 43 8.07 10.99 5.95
N MET B 44 7.24 11.32 5.00
CA MET B 44 6.39 12.55 5.17
C MET B 44 4.90 12.17 5.22
N ARG B 45 4.08 13.09 5.64
CA ARG B 45 2.62 12.79 5.72
C ARG B 45 1.83 14.10 5.85
N ILE B 46 0.97 14.38 4.92
CA ILE B 46 0.18 15.64 4.99
C ILE B 46 -1.30 15.33 5.21
N ARG B 47 -2.10 16.32 5.50
CA ARG B 47 -3.55 16.09 5.72
C ARG B 47 -4.36 16.80 4.63
N GLU B 48 -3.88 16.80 3.42
CA GLU B 48 -4.63 17.49 2.33
C GLU B 48 -3.96 17.24 0.98
N PRO B 49 -4.20 16.08 0.42
CA PRO B 49 -5.06 15.07 1.06
C PRO B 49 -4.27 14.24 2.07
N LYS B 50 -4.93 13.56 2.97
CA LYS B 50 -4.21 12.73 3.97
C LYS B 50 -3.40 11.64 3.26
N THR B 51 -2.11 11.78 3.21
CA THR B 51 -1.28 10.74 2.52
C THR B 51 0.16 10.76 3.06
N THR B 52 0.97 9.82 2.64
CA THR B 52 2.37 9.77 3.11
C THR B 52 3.31 9.83 1.90
N ALA B 53 4.60 9.79 2.12
CA ALA B 53 5.53 9.85 0.95
C ALA B 53 6.97 9.49 1.37
N LEU B 54 7.53 8.48 0.74
CA LEU B 54 8.93 8.08 1.07
C LEU B 54 9.89 8.87 0.18
N ILE B 55 10.54 9.88 0.72
CA ILE B 55 11.47 10.70 -0.13
C ILE B 55 12.89 10.15 -0.06
N PHE B 56 13.59 10.18 -1.18
CA PHE B 56 15.00 9.68 -1.20
C PHE B 56 15.96 10.86 -1.40
N ALA B 57 17.16 10.75 -0.90
CA ALA B 57 18.13 11.87 -1.06
C ALA B 57 18.46 12.09 -2.54
N SER B 58 18.24 11.09 -3.36
CA SER B 58 18.53 11.24 -4.82
C SER B 58 17.51 12.17 -5.47
N GLY B 59 16.54 12.62 -4.73
CA GLY B 59 15.52 13.54 -5.32
C GLY B 59 14.24 12.76 -5.61
N LYS B 60 14.35 11.48 -5.88
CA LYS B 60 13.14 10.66 -6.18
C LYS B 60 12.35 10.42 -4.90
N MET B 61 11.12 10.01 -5.02
CA MET B 61 10.30 9.75 -3.80
C MET B 61 9.02 8.98 -4.18
N VAL B 62 8.23 8.62 -3.21
CA VAL B 62 6.98 7.87 -3.51
C VAL B 62 5.79 8.48 -2.76
N VAL B 63 4.59 8.21 -3.19
CA VAL B 63 3.39 8.77 -2.50
C VAL B 63 2.28 7.71 -2.44
N THR B 64 1.70 7.53 -1.28
CA THR B 64 0.60 6.51 -1.15
C THR B 64 -0.48 7.03 -0.21
N GLY B 65 -1.56 6.31 -0.09
CA GLY B 65 -2.67 6.75 0.81
C GLY B 65 -3.77 7.40 -0.02
N ALA B 66 -3.46 7.82 -1.23
CA ALA B 66 -4.50 8.47 -2.08
C ALA B 66 -5.73 7.57 -2.22
N LYS B 67 -6.83 8.12 -2.63
CA LYS B 67 -8.07 7.29 -2.79
C LYS B 67 -8.48 7.24 -4.26
N SER B 68 -7.63 7.65 -5.15
CA SER B 68 -7.99 7.62 -6.60
C SER B 68 -6.84 8.19 -7.43
N GLU B 69 -7.10 8.51 -8.68
CA GLU B 69 -6.03 9.06 -9.56
C GLU B 69 -5.87 10.57 -9.32
N ASP B 70 -6.95 11.28 -9.21
CA ASP B 70 -6.86 12.75 -8.98
C ASP B 70 -6.24 13.03 -7.60
N ASP B 71 -6.43 12.14 -6.67
CA ASP B 71 -5.85 12.35 -5.31
C ASP B 71 -4.33 12.16 -5.34
N SER B 72 -3.87 11.04 -5.84
CA SER B 72 -2.41 10.80 -5.90
C SER B 72 -1.69 12.00 -6.53
N LYS B 73 -2.29 12.61 -7.51
CA LYS B 73 -1.64 13.79 -8.17
C LYS B 73 -1.57 14.96 -7.19
N LEU B 74 -2.59 15.17 -6.42
CA LEU B 74 -2.57 16.30 -5.45
C LEU B 74 -1.60 16.01 -4.30
N ALA B 75 -1.70 14.86 -3.70
CA ALA B 75 -0.78 14.52 -2.57
C ALA B 75 0.67 14.69 -3.01
N SER B 76 0.97 14.42 -4.25
CA SER B 76 2.37 14.56 -4.73
C SER B 76 2.75 16.05 -4.78
N ARG B 77 2.00 16.84 -5.49
CA ARG B 77 2.33 18.29 -5.58
C ARG B 77 2.58 18.86 -4.18
N LYS B 78 1.85 18.39 -3.21
CA LYS B 78 2.06 18.90 -1.82
C LYS B 78 3.50 18.62 -1.38
N TYR B 79 3.93 17.39 -1.51
CA TYR B 79 5.32 17.05 -1.10
C TYR B 79 6.32 17.91 -1.88
N ALA B 80 6.25 17.88 -3.18
CA ALA B 80 7.19 18.70 -4.00
C ALA B 80 7.16 20.15 -3.52
N ARG B 81 6.08 20.57 -2.91
CA ARG B 81 5.99 21.97 -2.42
C ARG B 81 6.75 22.11 -1.10
N ILE B 82 6.65 21.13 -0.24
CA ILE B 82 7.37 21.20 1.07
C ILE B 82 8.86 21.47 0.83
N ILE B 83 9.46 20.75 -0.08
CA ILE B 83 10.91 20.96 -0.37
C ILE B 83 11.10 22.28 -1.11
N GLN B 84 10.23 22.58 -2.05
CA GLN B 84 10.37 23.87 -2.80
C GLN B 84 10.08 25.05 -1.87
N LYS B 85 9.12 24.91 -1.00
CA LYS B 85 8.81 26.01 -0.05
C LYS B 85 9.95 26.11 0.94
N ILE B 86 10.70 25.05 1.08
CA ILE B 86 11.84 25.05 2.03
C ILE B 86 13.04 25.72 1.33
N GLY B 87 12.99 25.84 0.03
CA GLY B 87 14.11 26.48 -0.71
C GLY B 87 14.83 25.43 -1.57
N PHE B 88 14.72 24.19 -1.21
CA PHE B 88 15.40 23.13 -2.00
C PHE B 88 15.10 23.28 -3.50
N ALA B 89 15.70 22.45 -4.31
CA ALA B 89 15.46 22.53 -5.78
C ALA B 89 14.67 21.29 -6.23
N ALA B 90 13.68 20.90 -5.47
CA ALA B 90 12.89 19.70 -5.85
C ALA B 90 11.72 20.09 -6.77
N LYS B 91 11.62 19.46 -7.91
CA LYS B 91 10.50 19.79 -8.84
C LYS B 91 9.40 18.74 -8.73
N PHE B 92 8.65 18.53 -9.77
CA PHE B 92 7.56 17.51 -9.73
C PHE B 92 7.31 16.93 -11.12
N THR B 93 7.64 15.69 -11.33
CA THR B 93 7.42 15.07 -12.67
C THR B 93 7.54 13.55 -12.58
N ASP B 94 7.49 12.87 -13.70
CA ASP B 94 7.61 11.39 -13.68
C ASP B 94 6.56 10.78 -12.74
N PHE B 95 5.46 11.45 -12.55
CA PHE B 95 4.40 10.91 -11.66
C PHE B 95 3.67 9.75 -12.33
N LYS B 96 3.42 8.68 -11.61
CA LYS B 96 2.72 7.51 -12.22
C LYS B 96 2.28 6.54 -11.14
N ILE B 97 1.06 6.06 -11.21
CA ILE B 97 0.57 5.10 -10.19
C ILE B 97 1.08 3.70 -10.51
N GLN B 98 1.56 2.98 -9.53
CA GLN B 98 2.07 1.61 -9.79
C GLN B 98 1.31 0.58 -8.94
N ASN B 99 0.65 1.02 -7.89
CA ASN B 99 -0.10 0.06 -7.04
C ASN B 99 -1.41 0.69 -6.55
N ILE B 100 -2.51 -0.02 -6.70
CA ILE B 100 -3.81 0.52 -6.24
C ILE B 100 -4.42 -0.43 -5.20
N VAL B 101 -5.05 0.11 -4.19
CA VAL B 101 -5.65 -0.77 -3.14
C VAL B 101 -7.17 -0.62 -3.12
N GLY B 102 -7.89 -1.71 -3.23
CA GLY B 102 -9.37 -1.65 -3.22
C GLY B 102 -9.91 -2.62 -2.17
N SER B 103 -11.19 -2.57 -1.90
CA SER B 103 -11.76 -3.50 -0.87
C SER B 103 -13.28 -3.58 -1.01
N CYS B 104 -13.85 -4.73 -0.74
CA CYS B 104 -15.33 -4.87 -0.86
C CYS B 104 -15.77 -6.19 -0.23
N ASP B 105 -17.04 -6.29 0.11
CA ASP B 105 -17.54 -7.56 0.72
C ASP B 105 -18.32 -8.37 -0.30
N VAL B 106 -18.40 -9.66 -0.12
CA VAL B 106 -19.15 -10.52 -1.09
C VAL B 106 -20.56 -10.80 -0.55
N LYS B 107 -20.97 -10.10 0.48
CA LYS B 107 -22.33 -10.31 1.05
C LYS B 107 -22.42 -11.64 1.80
N PHE B 108 -21.37 -12.41 1.82
CA PHE B 108 -21.41 -13.71 2.55
C PHE B 108 -20.01 -14.14 2.97
N PRO B 109 -19.97 -14.97 3.98
CA PRO B 109 -18.68 -15.49 4.50
C PRO B 109 -18.06 -16.49 3.52
N ILE B 110 -16.78 -16.72 3.63
CA ILE B 110 -16.12 -17.67 2.70
C ILE B 110 -15.24 -18.66 3.48
N ARG B 111 -15.02 -19.82 2.95
CA ARG B 111 -14.17 -20.82 3.66
C ARG B 111 -12.70 -20.61 3.31
N LEU B 112 -11.91 -20.14 4.23
CA LEU B 112 -10.47 -19.90 3.95
C LEU B 112 -9.76 -21.23 3.68
N GLU B 113 -9.70 -22.08 4.67
CA GLU B 113 -9.01 -23.39 4.49
C GLU B 113 -9.70 -24.18 3.35
N GLY B 114 -10.94 -23.91 3.10
CA GLY B 114 -11.65 -24.64 2.02
C GLY B 114 -11.14 -24.14 0.66
N LEU B 115 -11.08 -22.84 0.49
CA LEU B 115 -10.58 -22.28 -0.80
C LEU B 115 -9.07 -22.43 -0.87
N ALA B 116 -8.40 -22.33 0.24
CA ALA B 116 -6.91 -22.47 0.24
C ALA B 116 -6.52 -23.89 -0.18
N PHE B 117 -7.34 -24.86 0.13
CA PHE B 117 -7.03 -26.26 -0.26
C PHE B 117 -7.38 -26.50 -1.73
N SER B 118 -8.35 -25.78 -2.24
CA SER B 118 -8.74 -25.95 -3.67
C SER B 118 -7.82 -25.12 -4.57
N HIS B 119 -7.77 -23.84 -4.37
CA HIS B 119 -6.89 -22.99 -5.22
C HIS B 119 -5.56 -22.74 -4.51
N GLY B 120 -5.09 -23.69 -3.75
CA GLY B 120 -3.80 -23.52 -3.04
C GLY B 120 -2.72 -23.11 -4.02
N THR B 121 -2.86 -23.48 -5.27
CA THR B 121 -1.83 -23.10 -6.29
C THR B 121 -1.39 -21.65 -6.08
N PHE B 122 -2.31 -20.75 -6.08
CA PHE B 122 -1.95 -19.31 -5.87
C PHE B 122 -2.55 -18.79 -4.57
N SER B 123 -3.32 -19.61 -3.89
CA SER B 123 -3.94 -19.17 -2.62
C SER B 123 -3.04 -19.52 -1.43
N SER B 124 -2.95 -18.64 -0.46
CA SER B 124 -2.10 -18.93 0.72
C SER B 124 -2.86 -18.64 2.02
N TYR B 125 -2.86 -19.55 2.94
CA TYR B 125 -3.59 -19.33 4.22
C TYR B 125 -2.86 -20.01 5.39
N GLU B 126 -2.13 -19.24 6.15
CA GLU B 126 -1.40 -19.85 7.30
C GLU B 126 -1.98 -19.34 8.63
N PRO B 127 -2.52 -20.26 9.40
CA PRO B 127 -3.11 -19.90 10.70
C PRO B 127 -2.02 -19.58 11.72
N GLU B 128 -0.78 -19.67 11.33
CA GLU B 128 0.33 -19.37 12.29
C GLU B 128 0.84 -17.94 12.08
N LEU B 129 0.37 -17.27 11.07
CA LEU B 129 0.84 -15.88 10.82
C LEU B 129 -0.32 -15.01 10.31
N PHE B 130 -0.93 -15.39 9.23
CA PHE B 130 -2.05 -14.59 8.69
C PHE B 130 -3.40 -15.28 8.97
N PRO B 131 -4.28 -14.56 9.60
CA PRO B 131 -5.62 -15.11 9.93
C PRO B 131 -6.48 -15.20 8.67
N GLY B 132 -6.35 -14.24 7.78
CA GLY B 132 -7.17 -14.27 6.53
C GLY B 132 -6.41 -15.03 5.44
N LEU B 133 -7.04 -15.24 4.32
CA LEU B 133 -6.36 -15.98 3.22
C LEU B 133 -5.68 -15.00 2.26
N ILE B 134 -4.72 -15.46 1.49
CA ILE B 134 -4.03 -14.55 0.53
C ILE B 134 -3.97 -15.18 -0.85
N TYR B 135 -4.74 -14.68 -1.78
CA TYR B 135 -4.72 -15.25 -3.15
C TYR B 135 -3.84 -14.38 -4.06
N ARG B 136 -2.81 -14.97 -4.62
CA ARG B 136 -1.89 -14.19 -5.51
C ARG B 136 -2.35 -14.31 -6.97
N MET B 137 -2.70 -13.21 -7.57
CA MET B 137 -3.15 -13.25 -9.00
C MET B 137 -1.96 -12.98 -9.92
N VAL B 138 -1.91 -13.62 -11.06
CA VAL B 138 -0.78 -13.40 -11.99
C VAL B 138 -1.13 -12.29 -13.00
N LYS B 139 -2.27 -12.40 -13.63
CA LYS B 139 -2.67 -11.36 -14.61
C LYS B 139 -4.09 -10.86 -14.31
N PRO B 140 -4.20 -9.66 -13.78
CA PRO B 140 -3.00 -8.82 -13.50
C PRO B 140 -2.27 -9.37 -12.26
N LYS B 141 -1.10 -8.85 -11.99
CA LYS B 141 -0.34 -9.34 -10.80
C LYS B 141 -0.80 -8.58 -9.55
N ILE B 142 -1.67 -9.18 -8.78
CA ILE B 142 -2.16 -8.50 -7.55
C ILE B 142 -2.42 -9.51 -6.42
N VAL B 143 -2.26 -9.10 -5.20
CA VAL B 143 -2.50 -10.02 -4.06
C VAL B 143 -3.85 -9.68 -3.41
N LEU B 144 -4.78 -10.59 -3.43
CA LEU B 144 -6.12 -10.31 -2.83
C LEU B 144 -6.26 -11.02 -1.48
N LEU B 145 -7.05 -10.47 -0.61
CA LEU B 145 -7.25 -11.12 0.73
C LEU B 145 -8.72 -11.54 0.90
N ILE B 146 -8.96 -12.65 1.53
CA ILE B 146 -10.38 -13.10 1.73
C ILE B 146 -10.60 -13.51 3.18
N PHE B 147 -11.25 -12.67 3.95
CA PHE B 147 -11.51 -13.02 5.37
C PHE B 147 -12.88 -13.66 5.53
N VAL B 148 -13.02 -14.59 6.42
CA VAL B 148 -14.35 -15.25 6.62
C VAL B 148 -15.47 -14.21 6.64
N SER B 149 -15.17 -13.02 7.07
CA SER B 149 -16.24 -11.97 7.12
C SER B 149 -16.76 -11.67 5.72
N GLY B 150 -16.05 -12.07 4.70
CA GLY B 150 -16.52 -11.82 3.31
C GLY B 150 -15.81 -10.57 2.76
N LYS B 151 -15.04 -9.91 3.56
CA LYS B 151 -14.33 -8.69 3.07
C LYS B 151 -13.20 -9.08 2.12
N ILE B 152 -13.12 -8.44 0.98
CA ILE B 152 -12.03 -8.78 0.02
C ILE B 152 -11.15 -7.55 -0.24
N VAL B 153 -9.87 -7.74 -0.41
CA VAL B 153 -8.97 -6.58 -0.66
C VAL B 153 -8.18 -6.79 -1.95
N LEU B 154 -7.71 -5.73 -2.55
CA LEU B 154 -6.93 -5.87 -3.82
C LEU B 154 -5.81 -4.82 -3.88
N THR B 155 -4.59 -5.25 -3.70
CA THR B 155 -3.46 -4.26 -3.75
C THR B 155 -2.38 -4.75 -4.71
N GLY B 156 -1.84 -3.87 -5.51
CA GLY B 156 -0.78 -4.28 -6.48
C GLY B 156 -1.26 -4.00 -7.91
N ALA B 157 -2.35 -3.29 -8.05
CA ALA B 157 -2.86 -2.99 -9.42
C ALA B 157 -2.22 -1.70 -9.95
N LYS B 158 -2.14 -1.56 -11.24
CA LYS B 158 -1.54 -0.32 -11.82
C LYS B 158 -2.65 0.57 -12.40
N GLN B 159 -3.83 0.05 -12.54
CA GLN B 159 -4.95 0.86 -13.09
C GLN B 159 -6.29 0.39 -12.51
N ARG B 160 -7.24 1.27 -12.39
CA ARG B 160 -8.56 0.87 -11.83
C ARG B 160 -9.08 -0.39 -12.52
N GLU B 161 -8.86 -0.50 -13.81
CA GLU B 161 -9.35 -1.70 -14.54
C GLU B 161 -8.79 -2.97 -13.89
N GLU B 162 -7.60 -2.91 -13.37
CA GLU B 162 -7.01 -4.11 -12.71
C GLU B 162 -7.82 -4.48 -11.47
N ILE B 163 -7.93 -3.58 -10.53
CA ILE B 163 -8.71 -3.89 -9.30
C ILE B 163 -10.08 -4.44 -9.67
N TYR B 164 -10.74 -3.81 -10.61
CA TYR B 164 -12.08 -4.29 -11.03
C TYR B 164 -11.97 -5.68 -11.68
N GLN B 165 -10.88 -5.93 -12.36
CA GLN B 165 -10.70 -7.25 -13.03
C GLN B 165 -10.29 -8.30 -11.98
N ALA B 166 -9.35 -7.97 -11.13
CA ALA B 166 -8.91 -8.95 -10.10
C ALA B 166 -10.12 -9.40 -9.27
N PHE B 167 -11.12 -8.58 -9.16
CA PHE B 167 -12.33 -8.97 -8.37
C PHE B 167 -13.21 -9.90 -9.20
N GLU B 168 -13.46 -9.56 -10.44
CA GLU B 168 -14.31 -10.43 -11.30
C GLU B 168 -13.69 -11.83 -11.42
N ALA B 169 -12.41 -11.94 -11.20
CA ALA B 169 -11.74 -13.27 -11.30
C ALA B 169 -11.81 -13.99 -9.96
N ILE B 170 -11.80 -13.26 -8.88
CA ILE B 170 -11.86 -13.91 -7.54
C ILE B 170 -13.29 -13.86 -6.99
N TYR B 171 -14.15 -13.12 -7.64
CA TYR B 171 -15.56 -13.03 -7.17
C TYR B 171 -16.25 -14.40 -7.22
N PRO B 172 -16.10 -15.09 -8.33
CA PRO B 172 -16.73 -16.43 -8.47
C PRO B 172 -16.01 -17.45 -7.57
N VAL B 173 -14.76 -17.20 -7.28
CA VAL B 173 -14.01 -18.15 -6.40
C VAL B 173 -14.63 -18.15 -5.00
N LEU B 174 -15.07 -17.02 -4.54
CA LEU B 174 -15.69 -16.96 -3.18
C LEU B 174 -17.06 -17.65 -3.20
N SER B 175 -17.82 -17.44 -4.24
CA SER B 175 -19.17 -18.09 -4.31
C SER B 175 -19.03 -19.60 -4.41
N GLU B 176 -17.88 -20.09 -4.80
CA GLU B 176 -17.70 -21.56 -4.91
C GLU B 176 -17.35 -22.15 -3.54
N PHE B 177 -16.51 -21.50 -2.79
CA PHE B 177 -16.13 -22.04 -1.45
C PHE B 177 -16.75 -21.18 -0.33
N ARG B 178 -17.96 -20.73 -0.53
CA ARG B 178 -18.62 -19.89 0.52
C ARG B 178 -19.06 -20.77 1.69
N LYS B 179 -19.59 -20.18 2.73
CA LYS B 179 -20.05 -20.98 3.89
C LYS B 179 -21.49 -20.59 4.27
N MET B 180 -21.82 -19.34 4.16
CA MET B 180 -23.20 -18.91 4.50
C MET B 180 -23.66 -19.57 5.80
N GLU A 1 28.43 -8.57 8.27
CA GLU A 1 27.36 -8.84 7.26
C GLU A 1 26.19 -9.57 7.93
N GLY A 2 25.10 -8.88 8.12
CA GLY A 2 23.92 -9.54 8.76
C GLY A 2 22.68 -8.66 8.57
N SER A 3 22.84 -7.37 8.71
CA SER A 3 21.67 -6.46 8.54
C SER A 3 22.12 -5.00 8.62
N ILE A 4 22.50 -4.42 7.51
CA ILE A 4 22.95 -3.00 7.54
C ILE A 4 21.78 -2.06 7.20
N GLY A 5 20.58 -2.54 7.36
CA GLY A 5 19.40 -1.68 7.06
C GLY A 5 19.27 -1.52 5.54
N ASN A 6 18.97 -2.58 4.84
CA ASN A 6 18.82 -2.48 3.36
C ASN A 6 17.42 -2.95 2.96
N GLY A 7 16.47 -2.05 2.90
CA GLY A 7 15.10 -2.45 2.51
C GLY A 7 14.10 -1.91 3.55
N LEU A 8 13.17 -1.10 3.12
CA LEU A 8 12.18 -0.56 4.08
C LEU A 8 10.87 -1.37 3.97
N ASP A 9 10.02 -1.29 4.96
CA ASP A 9 8.75 -2.08 4.92
C ASP A 9 7.63 -1.29 4.22
N LEU A 10 7.65 -1.25 2.91
CA LEU A 10 6.57 -0.52 2.19
C LEU A 10 5.36 -1.44 1.95
N THR A 11 5.12 -2.38 2.82
CA THR A 11 3.96 -3.30 2.62
C THR A 11 2.66 -2.60 3.04
N GLY A 12 2.76 -1.42 3.58
CA GLY A 12 1.51 -0.72 4.01
C GLY A 12 1.10 0.33 2.98
N ILE A 13 2.01 1.07 2.43
CA ILE A 13 1.61 2.12 1.44
C ILE A 13 0.73 1.50 0.37
N LEU A 14 1.11 0.37 -0.16
CA LEU A 14 0.27 -0.30 -1.19
C LEU A 14 -0.94 -0.94 -0.51
N PHE A 15 -1.04 -0.82 0.79
CA PHE A 15 -2.18 -1.42 1.52
C PHE A 15 -2.99 -0.35 2.26
N GLY A 16 -2.45 0.84 2.40
CA GLY A 16 -3.22 1.91 3.12
C GLY A 16 -2.28 2.98 3.67
N ASN A 17 -1.34 3.43 2.88
CA ASN A 17 -0.39 4.52 3.33
C ASN A 17 0.27 4.16 4.65
N ILE A 18 1.49 4.60 4.83
CA ILE A 18 2.22 4.30 6.10
C ILE A 18 3.51 5.12 6.13
N ASP A 19 4.06 5.27 7.29
CA ASP A 19 5.35 5.99 7.39
C ASP A 19 6.45 4.96 7.21
N SER A 20 7.45 5.25 6.42
CA SER A 20 8.53 4.24 6.18
C SER A 20 8.80 3.46 7.47
N GLU A 21 8.63 4.09 8.60
CA GLU A 21 8.85 3.38 9.89
C GLU A 21 8.12 2.04 9.90
N GLY A 22 7.12 1.89 9.07
CA GLY A 22 6.38 0.59 9.01
C GLY A 22 4.99 0.74 9.63
N ARG A 23 4.46 1.93 9.74
CA ARG A 23 3.11 2.09 10.32
C ARG A 23 2.14 2.60 9.24
N LEU A 24 0.99 1.98 9.11
CA LEU A 24 0.04 2.45 8.06
C LEU A 24 -1.11 3.26 8.66
N LEU A 25 -1.63 4.17 7.89
CA LEU A 25 -2.75 5.02 8.40
C LEU A 25 -4.04 4.71 7.65
N GLN A 26 -5.10 5.39 7.98
CA GLN A 26 -6.40 5.14 7.30
C GLN A 26 -7.19 6.44 7.16
N ASP A 27 -6.80 7.29 6.25
CA ASP A 27 -7.53 8.58 6.08
C ASP A 27 -7.77 9.24 7.44
N ASP A 28 -6.78 9.27 8.28
CA ASP A 28 -6.96 9.89 9.63
C ASP A 28 -8.10 9.20 10.38
N ASP A 29 -8.42 9.67 11.56
CA ASP A 29 -9.51 9.03 12.34
C ASP A 29 -10.85 9.23 11.63
N GLY A 30 -11.71 8.25 11.63
CA GLY A 30 -13.03 8.39 10.97
C GLY A 30 -14.07 7.56 11.70
N GLU A 31 -14.89 6.85 10.98
CA GLU A 31 -15.93 6.02 11.65
C GLU A 31 -16.64 5.14 10.61
N GLY A 32 -17.03 3.95 11.00
CA GLY A 32 -17.73 3.05 10.05
C GLY A 32 -18.94 2.43 10.73
N ARG A 33 -18.85 1.18 11.10
CA ARG A 33 -20.00 0.50 11.77
C ARG A 33 -19.49 -0.63 12.67
N GLY A 34 -18.94 -1.66 12.09
CA GLY A 34 -18.42 -2.78 12.91
C GLY A 34 -16.90 -2.61 13.10
N GLY A 35 -16.41 -1.42 12.96
CA GLY A 35 -14.95 -1.18 13.15
C GLY A 35 -14.56 0.14 12.48
N THR A 36 -13.28 0.38 12.35
CA THR A 36 -12.83 1.65 11.70
C THR A 36 -11.71 1.36 10.68
N GLY A 37 -12.04 0.69 9.61
CA GLY A 37 -11.00 0.39 8.59
C GLY A 37 -10.51 -1.04 8.78
N PHE A 38 -9.50 -1.45 8.05
CA PHE A 38 -8.97 -2.83 8.19
C PHE A 38 -8.85 -3.19 9.67
N ASP A 39 -9.05 -4.44 10.00
CA ASP A 39 -8.94 -4.87 11.42
C ASP A 39 -7.48 -4.88 11.87
N ALA A 40 -7.21 -5.38 13.04
CA ALA A 40 -5.80 -5.42 13.53
C ALA A 40 -5.14 -6.72 13.10
N GLU A 41 -5.58 -7.30 12.02
CA GLU A 41 -4.96 -8.57 11.55
C GLU A 41 -3.98 -8.28 10.42
N LEU A 42 -4.18 -7.20 9.72
CA LEU A 42 -3.26 -6.85 8.60
C LEU A 42 -2.21 -5.86 9.07
N ARG A 43 -2.60 -4.90 9.86
CA ARG A 43 -1.62 -3.91 10.34
C ARG A 43 -0.37 -4.62 10.85
N GLU A 44 -0.56 -5.57 11.74
CA GLU A 44 0.61 -6.34 12.27
C GLU A 44 1.23 -7.16 11.15
N ASN A 45 0.41 -7.75 10.32
CA ASN A 45 0.94 -8.57 9.18
C ASN A 45 1.73 -7.67 8.24
N ILE A 46 1.20 -6.52 7.90
CA ILE A 46 1.92 -5.60 6.98
C ILE A 46 3.38 -5.46 7.42
N GLY A 47 3.59 -5.29 8.70
CA GLY A 47 4.99 -5.15 9.20
C GLY A 47 5.80 -6.41 8.87
N SER A 48 5.15 -7.52 8.66
CA SER A 48 5.89 -8.78 8.33
C SER A 48 5.09 -9.57 7.30
N LEU A 49 4.50 -8.90 6.35
CA LEU A 49 3.71 -9.60 5.34
C LEU A 49 4.49 -9.66 4.02
N SER A 50 5.58 -8.96 3.94
CA SER A 50 6.39 -8.99 2.68
C SER A 50 7.18 -10.30 2.59
N LYS A 51 6.52 -11.40 2.81
CA LYS A 51 7.21 -12.72 2.76
C LYS A 51 6.37 -13.73 1.96
N LEU A 52 5.08 -13.48 1.81
CA LEU A 52 4.27 -14.46 1.04
C LEU A 52 3.42 -13.75 -0.02
N GLY A 53 3.81 -12.58 -0.45
CA GLY A 53 3.00 -11.88 -1.48
C GLY A 53 3.52 -10.45 -1.66
N LEU A 54 3.30 -9.60 -0.69
CA LEU A 54 3.75 -8.18 -0.81
C LEU A 54 5.28 -8.08 -0.77
N ASP A 55 5.96 -9.17 -0.59
CA ASP A 55 7.45 -9.12 -0.54
C ASP A 55 7.98 -8.39 -1.79
N SER A 56 7.52 -8.78 -2.95
CA SER A 56 7.99 -8.11 -4.20
C SER A 56 7.49 -6.67 -4.23
N MET A 57 6.23 -6.47 -3.93
CA MET A 57 5.68 -5.08 -3.94
C MET A 57 6.28 -4.27 -2.79
N LEU A 58 7.06 -4.91 -1.95
CA LEU A 58 7.69 -4.19 -0.81
C LEU A 58 8.93 -3.43 -1.28
N LEU A 59 9.88 -4.15 -1.79
CA LEU A 59 11.13 -3.51 -2.29
C LEU A 59 10.86 -2.84 -3.64
N GLU A 60 9.64 -2.89 -4.10
CA GLU A 60 9.31 -2.27 -5.42
C GLU A 60 8.72 -0.89 -5.24
N VAL A 61 8.89 -0.31 -4.10
CA VAL A 61 8.35 1.04 -3.89
C VAL A 61 9.40 1.89 -3.16
N ILE A 62 10.51 1.30 -2.82
CA ILE A 62 11.59 2.06 -2.12
C ILE A 62 12.94 1.45 -2.46
N ASP A 63 13.46 1.71 -3.61
CA ASP A 63 14.80 1.16 -3.95
C ASP A 63 15.86 1.95 -3.19
N LEU A 64 15.75 1.98 -1.89
CA LEU A 64 16.72 2.74 -1.05
C LEU A 64 17.85 1.84 -0.59
N LYS A 65 18.62 1.36 -1.50
CA LYS A 65 19.76 0.47 -1.13
C LYS A 65 21.02 0.87 -1.90
N GLU A 66 22.10 0.15 -1.72
CA GLU A 66 23.35 0.50 -2.45
C GLU A 66 23.11 0.56 -3.95
N ALA A 67 22.88 1.73 -4.48
CA ALA A 67 22.62 1.85 -5.95
C ALA A 67 23.94 2.07 -6.70
N SER B 1 -26.94 -8.27 -9.43
CA SER B 1 -25.81 -8.23 -8.46
C SER B 1 -24.77 -7.20 -8.88
N GLY B 2 -23.51 -7.45 -8.59
CA GLY B 2 -22.45 -6.48 -8.98
C GLY B 2 -22.05 -5.64 -7.77
N ILE B 3 -21.28 -6.21 -6.88
CA ILE B 3 -20.84 -5.45 -5.68
C ILE B 3 -19.73 -4.45 -6.05
N VAL B 4 -18.74 -4.91 -6.76
CA VAL B 4 -17.62 -4.00 -7.17
C VAL B 4 -16.88 -3.49 -5.92
N PRO B 5 -15.60 -3.75 -5.89
CA PRO B 5 -14.76 -3.31 -4.74
C PRO B 5 -14.56 -1.79 -4.77
N THR B 6 -14.49 -1.18 -3.61
CA THR B 6 -14.30 0.30 -3.57
C THR B 6 -12.82 0.64 -3.38
N LEU B 7 -12.33 1.61 -4.11
CA LEU B 7 -10.90 1.99 -3.96
C LEU B 7 -10.67 2.66 -2.60
N GLN B 8 -9.80 2.11 -1.79
CA GLN B 8 -9.54 2.73 -0.46
C GLN B 8 -8.32 3.64 -0.53
N ASN B 9 -7.40 3.36 -1.39
CA ASN B 9 -6.18 4.23 -1.49
C ASN B 9 -5.35 3.85 -2.72
N ILE B 10 -4.25 4.52 -2.93
CA ILE B 10 -3.39 4.20 -4.11
C ILE B 10 -1.94 4.60 -3.81
N VAL B 11 -1.01 4.13 -4.59
CA VAL B 11 0.42 4.48 -4.35
C VAL B 11 1.07 4.94 -5.67
N ALA B 12 1.79 6.03 -5.62
CA ALA B 12 2.45 6.53 -6.87
C ALA B 12 3.92 6.83 -6.61
N THR B 13 4.69 7.08 -7.64
CA THR B 13 6.13 7.37 -7.44
C THR B 13 6.48 8.75 -8.04
N VAL B 14 7.37 9.46 -7.41
CA VAL B 14 7.76 10.80 -7.93
C VAL B 14 9.29 10.96 -7.87
N THR B 15 9.87 11.59 -8.85
CA THR B 15 11.35 11.78 -8.84
C THR B 15 11.72 13.26 -8.94
N LEU B 16 12.62 13.71 -8.11
CA LEU B 16 13.03 15.14 -8.16
C LEU B 16 14.36 15.27 -8.90
N GLY B 17 15.16 14.24 -8.90
CA GLY B 17 16.47 14.31 -9.60
C GLY B 17 17.24 15.54 -9.15
N CYS B 18 17.18 15.86 -7.89
CA CYS B 18 17.92 17.05 -7.39
C CYS B 18 18.66 16.73 -6.09
N ARG B 19 18.56 15.52 -5.61
CA ARG B 19 19.26 15.14 -4.35
C ARG B 19 18.78 16.02 -3.20
N LEU B 20 18.58 15.45 -2.04
CA LEU B 20 18.09 16.27 -0.89
C LEU B 20 18.82 15.85 0.40
N ASP B 21 18.97 16.77 1.31
CA ASP B 21 19.65 16.44 2.60
C ASP B 21 18.61 15.95 3.62
N LEU B 22 18.34 14.67 3.64
CA LEU B 22 17.34 14.13 4.59
C LEU B 22 17.47 14.80 5.97
N LYS B 23 18.68 14.98 6.43
CA LYS B 23 18.88 15.62 7.77
C LYS B 23 18.17 16.97 7.82
N THR B 24 18.36 17.79 6.81
CA THR B 24 17.70 19.13 6.81
C THR B 24 16.24 19.02 6.38
N VAL B 25 15.95 18.21 5.39
CA VAL B 25 14.54 18.08 4.92
C VAL B 25 13.62 17.76 6.11
N ALA B 26 14.05 16.88 6.97
CA ALA B 26 13.20 16.52 8.14
C ALA B 26 13.34 17.58 9.24
N LEU B 27 14.42 18.30 9.24
CA LEU B 27 14.62 19.35 10.28
C LEU B 27 13.82 20.61 9.92
N HIS B 28 13.56 20.83 8.66
CA HIS B 28 12.79 22.05 8.26
C HIS B 28 11.33 21.68 7.97
N ALA B 29 11.10 20.56 7.35
CA ALA B 29 9.70 20.16 7.03
C ALA B 29 8.83 20.19 8.30
N ARG B 30 7.66 20.76 8.21
CA ARG B 30 6.78 20.83 9.41
C ARG B 30 6.19 19.46 9.70
N ASN B 31 6.12 18.61 8.72
CA ASN B 31 5.55 17.25 8.93
C ASN B 31 6.45 16.20 8.26
N ALA B 32 7.53 15.85 8.90
CA ALA B 32 8.45 14.84 8.31
C ALA B 32 9.17 14.06 9.41
N GLU B 33 9.73 12.92 9.08
CA GLU B 33 10.44 12.12 10.10
C GLU B 33 11.68 11.45 9.48
N TYR B 34 12.51 10.85 10.28
CA TYR B 34 13.73 10.19 9.74
C TYR B 34 14.21 9.09 10.69
N ASN B 35 13.99 7.85 10.35
CA ASN B 35 14.42 6.74 11.24
C ASN B 35 15.59 5.98 10.60
N PRO B 36 16.74 6.11 11.22
CA PRO B 36 17.96 5.43 10.70
C PRO B 36 17.88 3.92 10.97
N LYS B 37 17.02 3.50 11.85
CA LYS B 37 16.91 2.04 12.14
C LYS B 37 16.03 1.35 11.08
N ARG B 38 15.25 2.12 10.36
CA ARG B 38 14.37 1.52 9.33
C ARG B 38 14.99 1.66 7.94
N PHE B 39 15.32 2.86 7.56
CA PHE B 39 15.94 3.06 6.21
C PHE B 39 16.68 4.40 6.13
N ALA B 40 16.99 4.85 4.94
CA ALA B 40 17.72 6.14 4.80
C ALA B 40 16.89 7.15 4.00
N ALA B 41 15.68 7.41 4.41
CA ALA B 41 14.84 8.39 3.66
C ALA B 41 13.97 9.20 4.64
N VAL B 42 13.37 10.26 4.18
CA VAL B 42 12.51 11.08 5.07
C VAL B 42 11.03 10.74 4.85
N ILE B 43 10.27 10.67 5.90
CA ILE B 43 8.82 10.35 5.74
C ILE B 43 7.97 11.61 5.98
N MET B 44 7.30 12.09 4.96
CA MET B 44 6.47 13.30 5.13
C MET B 44 4.98 12.93 5.16
N ARG B 45 4.15 13.81 5.65
CA ARG B 45 2.70 13.49 5.72
C ARG B 45 1.87 14.78 5.71
N ILE B 46 0.86 14.85 4.87
CA ILE B 46 0.02 16.08 4.82
C ILE B 46 -1.45 15.72 5.01
N ARG B 47 -2.29 16.71 5.20
CA ARG B 47 -3.74 16.42 5.39
C ARG B 47 -4.55 16.99 4.23
N GLU B 48 -3.92 17.21 3.10
CA GLU B 48 -4.66 17.77 1.94
C GLU B 48 -3.84 17.61 0.65
N PRO B 49 -4.08 16.53 -0.06
CA PRO B 49 -5.08 15.52 0.36
C PRO B 49 -4.53 14.68 1.53
N LYS B 50 -5.40 14.04 2.27
CA LYS B 50 -4.93 13.20 3.39
C LYS B 50 -4.13 12.00 2.86
N THR B 51 -2.83 12.10 2.87
CA THR B 51 -2.00 10.97 2.35
C THR B 51 -0.62 10.99 3.02
N THR B 52 0.24 10.06 2.67
CA THR B 52 1.60 10.04 3.29
C THR B 52 2.66 9.84 2.22
N ALA B 53 3.90 10.14 2.53
CA ALA B 53 4.98 9.97 1.50
C ALA B 53 6.35 9.93 2.17
N LEU B 54 7.31 9.33 1.51
CA LEU B 54 8.69 9.26 2.08
C LEU B 54 9.70 9.68 1.01
N ILE B 55 10.39 10.77 1.23
CA ILE B 55 11.37 11.25 0.22
C ILE B 55 12.76 10.67 0.50
N PHE B 56 13.46 10.25 -0.52
CA PHE B 56 14.81 9.68 -0.33
C PHE B 56 15.86 10.80 -0.43
N ALA B 57 17.12 10.47 -0.45
CA ALA B 57 18.16 11.52 -0.56
C ALA B 57 18.54 11.76 -2.03
N SER B 58 18.08 10.92 -2.91
CA SER B 58 18.40 11.10 -4.35
C SER B 58 17.33 11.96 -5.03
N GLY B 59 16.13 11.93 -4.53
CA GLY B 59 15.05 12.74 -5.15
C GLY B 59 13.79 11.90 -5.30
N LYS B 60 13.93 10.64 -5.64
CA LYS B 60 12.75 9.76 -5.79
C LYS B 60 11.99 9.65 -4.46
N MET B 61 10.68 9.67 -4.50
CA MET B 61 9.90 9.58 -3.23
C MET B 61 8.62 8.77 -3.46
N VAL B 62 8.06 8.22 -2.42
CA VAL B 62 6.81 7.42 -2.57
C VAL B 62 5.62 8.24 -2.05
N VAL B 63 4.44 7.96 -2.55
CA VAL B 63 3.25 8.71 -2.07
C VAL B 63 2.00 7.82 -2.10
N THR B 64 1.60 7.32 -0.95
CA THR B 64 0.38 6.48 -0.91
C THR B 64 -0.77 7.30 -0.30
N GLY B 65 -1.94 6.71 -0.18
CA GLY B 65 -3.08 7.49 0.40
C GLY B 65 -3.96 8.03 -0.72
N ALA B 66 -3.38 8.30 -1.86
CA ALA B 66 -4.20 8.84 -2.99
C ALA B 66 -5.46 8.00 -3.17
N LYS B 67 -6.60 8.62 -3.28
CA LYS B 67 -7.86 7.85 -3.46
C LYS B 67 -8.29 7.86 -4.93
N SER B 68 -7.42 8.27 -5.81
CA SER B 68 -7.79 8.30 -7.26
C SER B 68 -6.62 8.82 -8.09
N GLU B 69 -6.86 9.11 -9.34
CA GLU B 69 -5.76 9.63 -10.21
C GLU B 69 -5.46 11.09 -9.86
N ASP B 70 -6.48 11.90 -9.72
CA ASP B 70 -6.24 13.33 -9.39
C ASP B 70 -5.72 13.46 -7.96
N ASP B 71 -6.05 12.52 -7.10
CA ASP B 71 -5.57 12.60 -5.70
C ASP B 71 -4.04 12.47 -5.65
N SER B 72 -3.49 11.53 -6.37
CA SER B 72 -2.01 11.36 -6.36
C SER B 72 -1.32 12.59 -6.97
N LYS B 73 -1.77 13.02 -8.12
CA LYS B 73 -1.14 14.21 -8.76
C LYS B 73 -1.10 15.39 -7.79
N LEU B 74 -2.14 15.60 -7.05
CA LEU B 74 -2.15 16.74 -6.09
C LEU B 74 -1.33 16.40 -4.84
N ALA B 75 -1.48 15.21 -4.32
CA ALA B 75 -0.71 14.84 -3.10
C ALA B 75 0.79 14.80 -3.42
N SER B 76 1.15 14.36 -4.59
CA SER B 76 2.59 14.31 -4.96
C SER B 76 3.16 15.72 -5.11
N ARG B 77 2.60 16.50 -6.01
CA ARG B 77 3.11 17.89 -6.19
C ARG B 77 3.14 18.62 -4.85
N LYS B 78 2.32 18.22 -3.92
CA LYS B 78 2.30 18.88 -2.58
C LYS B 78 3.62 18.58 -1.85
N TYR B 79 4.01 17.34 -1.81
CA TYR B 79 5.29 16.99 -1.12
C TYR B 79 6.46 17.67 -1.82
N ALA B 80 6.52 17.60 -3.11
CA ALA B 80 7.64 18.25 -3.85
C ALA B 80 7.69 19.74 -3.48
N ARG B 81 6.57 20.31 -3.14
CA ARG B 81 6.54 21.75 -2.77
C ARG B 81 7.23 21.95 -1.41
N ILE B 82 6.82 21.20 -0.42
CA ILE B 82 7.45 21.35 0.92
C ILE B 82 8.98 21.42 0.79
N ILE B 83 9.53 20.66 -0.12
CA ILE B 83 11.01 20.70 -0.30
C ILE B 83 11.42 22.01 -0.99
N GLN B 84 10.84 22.31 -2.11
CA GLN B 84 11.18 23.57 -2.82
C GLN B 84 10.78 24.78 -1.98
N LYS B 85 9.75 24.64 -1.19
CA LYS B 85 9.32 25.77 -0.32
C LYS B 85 10.31 25.90 0.83
N ILE B 86 11.01 24.84 1.12
CA ILE B 86 12.01 24.87 2.21
C ILE B 86 13.30 25.50 1.68
N GLY B 87 13.49 25.47 0.39
CA GLY B 87 14.72 26.07 -0.21
C GLY B 87 15.37 25.10 -1.20
N PHE B 88 15.04 23.85 -1.13
CA PHE B 88 15.65 22.86 -2.07
C PHE B 88 15.28 23.17 -3.52
N ALA B 89 15.85 22.43 -4.42
CA ALA B 89 15.55 22.64 -5.86
C ALA B 89 14.86 21.40 -6.44
N ALA B 90 14.21 20.65 -5.59
CA ALA B 90 13.51 19.42 -6.06
C ALA B 90 12.69 19.72 -7.32
N LYS B 91 12.50 18.75 -8.16
CA LYS B 91 11.70 18.97 -9.41
C LYS B 91 10.56 17.96 -9.49
N PHE B 92 9.37 18.37 -9.16
CA PHE B 92 8.20 17.44 -9.21
C PHE B 92 8.04 16.87 -10.62
N THR B 93 8.58 15.71 -10.87
CA THR B 93 8.46 15.11 -12.23
C THR B 93 8.49 13.58 -12.15
N ASP B 94 8.25 12.92 -13.25
CA ASP B 94 8.27 11.42 -13.24
C ASP B 94 7.13 10.88 -12.37
N PHE B 95 6.11 11.66 -12.14
CA PHE B 95 4.98 11.18 -11.31
C PHE B 95 4.25 10.03 -12.00
N LYS B 96 3.94 8.98 -11.29
CA LYS B 96 3.24 7.83 -11.93
C LYS B 96 2.69 6.90 -10.86
N ILE B 97 1.47 6.43 -11.04
CA ILE B 97 0.87 5.50 -10.04
C ILE B 97 1.41 4.10 -10.25
N GLN B 98 1.43 3.29 -9.23
CA GLN B 98 1.98 1.91 -9.40
C GLN B 98 1.10 0.87 -8.70
N ASN B 99 0.34 1.25 -7.71
CA ASN B 99 -0.51 0.24 -7.00
C ASN B 99 -1.79 0.87 -6.45
N ILE B 100 -2.92 0.37 -6.85
CA ILE B 100 -4.21 0.91 -6.35
C ILE B 100 -4.82 -0.10 -5.37
N VAL B 101 -5.49 0.36 -4.33
CA VAL B 101 -6.07 -0.61 -3.35
C VAL B 101 -7.60 -0.49 -3.30
N GLY B 102 -8.26 -1.60 -3.15
CA GLY B 102 -9.74 -1.58 -3.06
C GLY B 102 -10.19 -2.58 -1.99
N SER B 103 -11.40 -2.48 -1.51
CA SER B 103 -11.85 -3.43 -0.46
C SER B 103 -13.38 -3.44 -0.38
N CYS B 104 -13.97 -4.59 -0.14
CA CYS B 104 -15.46 -4.67 -0.03
C CYS B 104 -15.87 -6.04 0.51
N ASP B 105 -17.13 -6.21 0.81
CA ASP B 105 -17.59 -7.53 1.33
C ASP B 105 -18.56 -8.18 0.33
N VAL B 106 -18.36 -9.43 0.01
CA VAL B 106 -19.27 -10.10 -0.97
C VAL B 106 -20.68 -10.26 -0.38
N LYS B 107 -20.83 -11.00 0.69
CA LYS B 107 -22.18 -11.19 1.29
C LYS B 107 -22.14 -12.28 2.37
N PHE B 108 -21.29 -13.26 2.21
CA PHE B 108 -21.22 -14.35 3.22
C PHE B 108 -19.75 -14.64 3.55
N PRO B 109 -19.55 -15.36 4.62
CA PRO B 109 -18.18 -15.71 5.05
C PRO B 109 -17.57 -16.74 4.10
N ILE B 110 -16.28 -16.69 3.90
CA ILE B 110 -15.64 -17.66 2.97
C ILE B 110 -14.76 -18.65 3.74
N ARG B 111 -14.58 -19.83 3.22
CA ARG B 111 -13.73 -20.84 3.92
C ARG B 111 -12.29 -20.75 3.39
N LEU B 112 -11.39 -20.19 4.15
CA LEU B 112 -9.98 -20.07 3.69
C LEU B 112 -9.36 -21.45 3.50
N GLU B 113 -9.58 -22.34 4.41
CA GLU B 113 -9.00 -23.72 4.28
C GLU B 113 -9.46 -24.37 2.97
N GLY B 114 -10.72 -24.35 2.70
CA GLY B 114 -11.23 -24.97 1.44
C GLY B 114 -10.62 -24.26 0.23
N LEU B 115 -10.48 -22.96 0.31
CA LEU B 115 -9.90 -22.20 -0.84
C LEU B 115 -8.38 -22.43 -0.91
N ALA B 116 -7.73 -22.53 0.21
CA ALA B 116 -6.26 -22.76 0.20
C ALA B 116 -5.93 -24.12 -0.42
N PHE B 117 -6.86 -25.03 -0.38
CA PHE B 117 -6.60 -26.39 -0.95
C PHE B 117 -7.06 -26.42 -2.41
N SER B 118 -8.20 -25.86 -2.70
CA SER B 118 -8.70 -25.86 -4.11
C SER B 118 -7.74 -25.08 -5.01
N HIS B 119 -7.42 -23.86 -4.65
CA HIS B 119 -6.49 -23.05 -5.48
C HIS B 119 -5.21 -22.76 -4.70
N GLY B 120 -4.71 -23.73 -3.98
CA GLY B 120 -3.46 -23.50 -3.19
C GLY B 120 -2.33 -23.12 -4.14
N THR B 121 -2.46 -23.43 -5.40
CA THR B 121 -1.37 -23.09 -6.37
C THR B 121 -1.10 -21.59 -6.35
N PHE B 122 -2.13 -20.79 -6.19
CA PHE B 122 -1.94 -19.32 -6.16
C PHE B 122 -2.52 -18.74 -4.88
N SER B 123 -2.85 -19.58 -3.93
CA SER B 123 -3.42 -19.07 -2.65
C SER B 123 -2.46 -19.37 -1.49
N SER B 124 -2.38 -18.47 -0.54
CA SER B 124 -1.46 -18.70 0.62
C SER B 124 -2.21 -18.51 1.94
N TYR B 125 -2.37 -19.55 2.70
CA TYR B 125 -3.10 -19.42 4.00
C TYR B 125 -2.23 -19.95 5.14
N GLU B 126 -1.46 -19.09 5.76
CA GLU B 126 -0.60 -19.56 6.89
C GLU B 126 -1.16 -19.02 8.21
N PRO B 127 -1.60 -19.93 9.04
CA PRO B 127 -2.18 -19.55 10.35
C PRO B 127 -1.09 -19.14 11.33
N GLU B 128 0.14 -19.06 10.88
CA GLU B 128 1.25 -18.65 11.80
C GLU B 128 1.56 -17.17 11.63
N LEU B 129 0.99 -16.55 10.64
CA LEU B 129 1.27 -15.09 10.42
C LEU B 129 0.08 -14.42 9.72
N PHE B 130 -0.50 -15.09 8.76
CA PHE B 130 -1.66 -14.48 8.03
C PHE B 130 -2.92 -15.32 8.23
N PRO B 131 -3.82 -14.81 9.02
CA PRO B 131 -5.09 -15.52 9.30
C PRO B 131 -6.00 -15.48 8.06
N GLY B 132 -5.81 -14.52 7.20
CA GLY B 132 -6.66 -14.43 5.99
C GLY B 132 -5.98 -15.17 4.84
N LEU B 133 -6.61 -15.22 3.70
CA LEU B 133 -6.00 -15.94 2.54
C LEU B 133 -5.53 -14.94 1.48
N ILE B 134 -4.30 -15.04 1.05
CA ILE B 134 -3.79 -14.11 0.02
C ILE B 134 -3.77 -14.78 -1.35
N TYR B 135 -4.66 -14.39 -2.23
CA TYR B 135 -4.69 -15.01 -3.58
C TYR B 135 -3.91 -14.16 -4.58
N ARG B 136 -2.82 -14.66 -5.07
CA ARG B 136 -2.02 -13.88 -6.05
C ARG B 136 -2.47 -14.18 -7.48
N MET B 137 -3.44 -13.47 -7.97
CA MET B 137 -3.94 -13.70 -9.35
C MET B 137 -2.80 -13.52 -10.35
N VAL B 138 -2.72 -14.37 -11.34
CA VAL B 138 -1.64 -14.24 -12.36
C VAL B 138 -1.97 -13.11 -13.34
N LYS B 139 -3.18 -13.08 -13.82
CA LYS B 139 -3.58 -12.02 -14.78
C LYS B 139 -5.03 -11.57 -14.51
N PRO B 140 -5.21 -10.31 -14.16
CA PRO B 140 -4.08 -9.36 -14.05
C PRO B 140 -3.25 -9.66 -12.80
N LYS B 141 -1.95 -9.45 -12.86
CA LYS B 141 -1.10 -9.71 -11.68
C LYS B 141 -1.58 -8.88 -10.48
N ILE B 142 -2.44 -9.44 -9.67
CA ILE B 142 -2.94 -8.68 -8.48
C ILE B 142 -3.01 -9.58 -7.25
N VAL B 143 -3.15 -9.00 -6.09
CA VAL B 143 -3.23 -9.81 -4.84
C VAL B 143 -4.53 -9.52 -4.11
N LEU B 144 -5.30 -10.52 -3.82
CA LEU B 144 -6.59 -10.30 -3.12
C LEU B 144 -6.64 -11.09 -1.81
N LEU B 145 -7.18 -10.51 -0.77
CA LEU B 145 -7.25 -11.23 0.53
C LEU B 145 -8.68 -11.72 0.77
N ILE B 146 -8.84 -12.75 1.57
CA ILE B 146 -10.21 -13.26 1.85
C ILE B 146 -10.33 -13.65 3.33
N PHE B 147 -11.03 -12.85 4.10
CA PHE B 147 -11.19 -13.17 5.55
C PHE B 147 -12.54 -13.86 5.78
N VAL B 148 -12.61 -14.69 6.79
CA VAL B 148 -13.90 -15.40 7.07
C VAL B 148 -15.06 -14.40 7.08
N SER B 149 -14.82 -13.20 7.52
CA SER B 149 -15.92 -12.18 7.55
C SER B 149 -16.53 -12.03 6.15
N GLY B 150 -15.74 -12.20 5.13
CA GLY B 150 -16.28 -12.04 3.74
C GLY B 150 -15.70 -10.78 3.10
N LYS B 151 -14.70 -10.21 3.70
CA LYS B 151 -14.09 -8.97 3.12
C LYS B 151 -12.97 -9.34 2.15
N ILE B 152 -12.98 -8.77 0.98
CA ILE B 152 -11.90 -9.09 -0.01
C ILE B 152 -11.09 -7.84 -0.35
N VAL B 153 -9.81 -7.88 -0.14
CA VAL B 153 -8.95 -6.70 -0.44
C VAL B 153 -8.40 -6.81 -1.87
N LEU B 154 -8.08 -5.70 -2.47
CA LEU B 154 -7.54 -5.75 -3.87
C LEU B 154 -6.45 -4.68 -4.06
N THR B 155 -5.22 -5.07 -4.03
CA THR B 155 -4.12 -4.08 -4.22
C THR B 155 -3.03 -4.67 -5.14
N GLY B 156 -2.11 -3.86 -5.57
CA GLY B 156 -1.03 -4.36 -6.47
C GLY B 156 -1.45 -4.16 -7.91
N ALA B 157 -2.46 -3.37 -8.14
CA ALA B 157 -2.93 -3.12 -9.54
C ALA B 157 -2.36 -1.79 -10.05
N LYS B 158 -2.28 -1.64 -11.34
CA LYS B 158 -1.74 -0.36 -11.91
C LYS B 158 -2.88 0.62 -12.17
N GLN B 159 -4.01 0.13 -12.60
CA GLN B 159 -5.16 1.03 -12.87
C GLN B 159 -6.41 0.52 -12.16
N ARG B 160 -7.57 0.92 -12.61
CA ARG B 160 -8.82 0.46 -11.96
C ARG B 160 -9.41 -0.73 -12.73
N GLU B 161 -9.06 -0.87 -13.98
CA GLU B 161 -9.60 -2.01 -14.77
C GLU B 161 -9.18 -3.34 -14.15
N GLU B 162 -7.98 -3.41 -13.64
CA GLU B 162 -7.52 -4.68 -13.01
C GLU B 162 -8.31 -4.96 -11.73
N ILE B 163 -8.43 -3.98 -10.87
CA ILE B 163 -9.19 -4.19 -9.61
C ILE B 163 -10.58 -4.74 -9.92
N TYR B 164 -11.23 -4.23 -10.94
CA TYR B 164 -12.59 -4.73 -11.30
C TYR B 164 -12.49 -6.14 -11.88
N GLN B 165 -11.39 -6.47 -12.49
CA GLN B 165 -11.23 -7.83 -13.07
C GLN B 165 -10.91 -8.84 -11.97
N ALA B 166 -10.00 -8.52 -11.10
CA ALA B 166 -9.63 -9.47 -10.01
C ALA B 166 -10.87 -9.85 -9.20
N PHE B 167 -11.79 -8.94 -9.02
CA PHE B 167 -13.02 -9.25 -8.24
C PHE B 167 -13.94 -10.18 -9.05
N GLU B 168 -14.21 -9.84 -10.28
CA GLU B 168 -15.10 -10.69 -11.12
C GLU B 168 -14.49 -12.09 -11.29
N ALA B 169 -13.21 -12.22 -11.05
CA ALA B 169 -12.56 -13.56 -11.21
C ALA B 169 -12.60 -14.31 -9.87
N ILE B 170 -12.61 -13.59 -8.78
CA ILE B 170 -12.65 -14.26 -7.44
C ILE B 170 -14.07 -14.26 -6.90
N TYR B 171 -14.93 -13.44 -7.45
CA TYR B 171 -16.34 -13.40 -6.95
C TYR B 171 -16.99 -14.79 -7.01
N PRO B 172 -16.76 -15.49 -8.10
CA PRO B 172 -17.36 -16.83 -8.25
C PRO B 172 -16.61 -17.84 -7.37
N VAL B 173 -15.34 -17.63 -7.15
CA VAL B 173 -14.57 -18.57 -6.29
C VAL B 173 -15.07 -18.47 -4.83
N LEU B 174 -15.28 -17.28 -4.36
CA LEU B 174 -15.77 -17.10 -2.96
C LEU B 174 -17.10 -17.84 -2.79
N SER B 175 -18.00 -17.70 -3.72
CA SER B 175 -19.31 -18.40 -3.62
C SER B 175 -19.12 -19.90 -3.74
N GLU B 176 -18.10 -20.34 -4.42
CA GLU B 176 -17.86 -21.79 -4.58
C GLU B 176 -17.31 -22.38 -3.27
N PHE B 177 -16.69 -21.56 -2.47
CA PHE B 177 -16.13 -22.06 -1.18
C PHE B 177 -16.67 -21.24 -0.01
N ARG B 178 -17.95 -20.99 0.01
CA ARG B 178 -18.53 -20.19 1.12
C ARG B 178 -18.36 -20.93 2.45
N LYS B 179 -19.10 -20.56 3.45
CA LYS B 179 -18.99 -21.24 4.77
C LYS B 179 -20.36 -21.41 5.41
N MET B 180 -21.18 -20.39 5.35
CA MET B 180 -22.54 -20.48 5.95
C MET B 180 -23.61 -20.34 4.87
N GLU A 1 21.72 -3.28 5.37
CA GLU A 1 22.41 -4.02 6.48
C GLU A 1 21.38 -4.55 7.48
N GLY A 2 20.19 -4.86 7.02
CA GLY A 2 19.15 -5.38 7.95
C GLY A 2 18.54 -6.66 7.36
N SER A 3 17.49 -7.16 7.97
CA SER A 3 16.85 -8.40 7.45
C SER A 3 15.33 -8.24 7.40
N ILE A 4 14.85 -7.02 7.33
CA ILE A 4 13.39 -6.79 7.28
C ILE A 4 12.98 -6.31 5.88
N GLY A 5 13.41 -6.99 4.86
CA GLY A 5 13.04 -6.57 3.48
C GLY A 5 14.22 -5.85 2.82
N ASN A 6 13.97 -5.05 1.83
CA ASN A 6 15.09 -4.33 1.15
C ASN A 6 15.71 -3.29 2.09
N GLY A 7 15.01 -2.23 2.37
CA GLY A 7 15.57 -1.19 3.28
C GLY A 7 14.47 -0.71 4.24
N LEU A 8 13.35 -0.32 3.71
CA LEU A 8 12.25 0.16 4.58
C LEU A 8 11.06 -0.81 4.47
N ASP A 9 10.16 -0.78 5.41
CA ASP A 9 9.00 -1.72 5.35
C ASP A 9 7.82 -1.11 4.60
N LEU A 10 7.78 -1.29 3.30
CA LEU A 10 6.64 -0.71 2.51
C LEU A 10 5.48 -1.71 2.48
N THR A 11 5.67 -2.88 3.02
CA THR A 11 4.58 -3.89 3.01
C THR A 11 3.23 -3.22 3.27
N GLY A 12 3.21 -2.26 4.15
CA GLY A 12 1.93 -1.56 4.45
C GLY A 12 1.80 -0.34 3.55
N ILE A 13 2.88 0.27 3.20
CA ILE A 13 2.81 1.47 2.33
C ILE A 13 1.95 1.16 1.09
N LEU A 14 2.15 0.01 0.49
CA LEU A 14 1.32 -0.34 -0.70
C LEU A 14 0.00 -0.93 -0.23
N PHE A 15 -0.01 -1.52 0.95
CA PHE A 15 -1.26 -2.11 1.48
C PHE A 15 -2.03 -1.02 2.24
N GLY A 16 -1.51 0.18 2.27
CA GLY A 16 -2.19 1.29 2.99
C GLY A 16 -1.11 2.25 3.50
N ASN A 17 -0.90 3.32 2.78
CA ASN A 17 0.13 4.33 3.16
C ASN A 17 0.50 4.28 4.64
N ILE A 18 1.74 4.01 4.92
CA ILE A 18 2.21 3.97 6.32
C ILE A 18 3.46 4.82 6.42
N ASP A 19 3.86 5.16 7.59
CA ASP A 19 5.11 5.94 7.72
C ASP A 19 6.25 4.94 7.75
N SER A 20 7.20 5.09 6.88
CA SER A 20 8.33 4.12 6.83
C SER A 20 8.72 3.71 8.25
N GLU A 21 8.46 4.53 9.22
CA GLU A 21 8.81 4.17 10.63
C GLU A 21 7.99 2.96 11.11
N GLY A 22 7.08 2.47 10.30
CA GLY A 22 6.27 1.29 10.73
C GLY A 22 4.91 1.75 11.27
N ARG A 23 4.34 2.75 10.67
CA ARG A 23 3.02 3.26 11.14
C ARG A 23 2.03 3.29 9.96
N LEU A 24 0.86 2.74 10.12
CA LEU A 24 -0.12 2.73 8.99
C LEU A 24 -0.99 3.98 9.01
N LEU A 25 -1.57 4.32 7.88
CA LEU A 25 -2.41 5.54 7.80
C LEU A 25 -3.86 5.25 8.19
N GLN A 26 -4.26 5.72 9.33
CA GLN A 26 -5.67 5.52 9.77
C GLN A 26 -6.50 6.71 9.28
N ASP A 27 -5.84 7.75 8.84
CA ASP A 27 -6.55 8.95 8.34
C ASP A 27 -7.32 9.63 9.49
N ASP A 28 -8.24 8.91 10.09
CA ASP A 28 -9.02 9.50 11.22
C ASP A 28 -9.38 8.40 12.23
N ASP A 29 -9.39 8.73 13.50
CA ASP A 29 -9.73 7.71 14.52
C ASP A 29 -11.22 7.38 14.48
N GLY A 30 -11.56 6.14 14.69
CA GLY A 30 -13.00 5.75 14.66
C GLY A 30 -13.50 5.54 16.10
N GLU A 31 -14.51 6.27 16.50
CA GLU A 31 -15.03 6.12 17.88
C GLU A 31 -16.23 5.16 17.91
N GLY A 32 -17.04 5.20 16.89
CA GLY A 32 -18.23 4.30 16.85
C GLY A 32 -18.10 3.34 15.66
N ARG A 33 -17.07 2.54 15.65
CA ARG A 33 -16.88 1.58 14.52
C ARG A 33 -16.93 2.32 13.18
N GLY A 34 -15.79 2.61 12.63
CA GLY A 34 -15.76 3.34 11.32
C GLY A 34 -16.02 2.34 10.18
N GLY A 35 -15.05 2.13 9.34
CA GLY A 35 -15.24 1.18 8.21
C GLY A 35 -14.28 1.53 7.08
N THR A 36 -14.05 2.80 6.86
CA THR A 36 -13.12 3.21 5.78
C THR A 36 -11.67 3.13 6.27
N GLY A 37 -11.17 1.94 6.50
CA GLY A 37 -9.78 1.79 6.97
C GLY A 37 -9.62 0.48 7.74
N PHE A 38 -8.81 -0.42 7.25
CA PHE A 38 -8.62 -1.71 7.96
C PHE A 38 -8.40 -1.48 9.45
N ASP A 39 -8.69 -2.47 10.27
CA ASP A 39 -8.49 -2.29 11.74
C ASP A 39 -7.08 -2.74 12.14
N ALA A 40 -6.91 -3.15 13.37
CA ALA A 40 -5.55 -3.59 13.81
C ALA A 40 -5.40 -5.10 13.62
N GLU A 41 -6.09 -5.66 12.66
CA GLU A 41 -5.97 -7.11 12.42
C GLU A 41 -4.94 -7.36 11.32
N LEU A 42 -4.87 -6.44 10.40
CA LEU A 42 -3.87 -6.57 9.29
C LEU A 42 -2.55 -5.92 9.72
N ARG A 43 -2.63 -4.86 10.48
CA ARG A 43 -1.39 -4.19 10.93
C ARG A 43 -0.40 -5.22 11.42
N GLU A 44 -0.84 -6.10 12.29
CA GLU A 44 0.07 -7.15 12.81
C GLU A 44 0.43 -8.12 11.69
N ASN A 45 -0.44 -8.30 10.74
CA ASN A 45 -0.14 -9.22 9.61
C ASN A 45 0.83 -8.55 8.64
N ILE A 46 0.64 -7.28 8.37
CA ILE A 46 1.56 -6.57 7.45
C ILE A 46 3.01 -6.83 7.86
N GLY A 47 3.31 -6.70 9.12
CA GLY A 47 4.70 -6.94 9.60
C GLY A 47 4.98 -8.43 9.63
N SER A 48 4.02 -9.24 9.26
CA SER A 48 4.25 -10.72 9.29
C SER A 48 4.22 -11.29 7.87
N LEU A 49 3.29 -10.84 7.06
CA LEU A 49 3.22 -11.37 5.67
C LEU A 49 4.15 -10.58 4.74
N SER A 50 5.29 -10.19 5.22
CA SER A 50 6.24 -9.42 4.36
C SER A 50 7.01 -10.39 3.46
N LYS A 51 6.53 -11.60 3.31
CA LYS A 51 7.26 -12.58 2.45
C LYS A 51 6.28 -13.62 1.87
N LEU A 52 5.00 -13.40 2.00
CA LEU A 52 4.03 -14.40 1.45
C LEU A 52 3.68 -14.03 0.01
N GLY A 53 3.80 -12.77 -0.31
CA GLY A 53 3.48 -12.33 -1.69
C GLY A 53 3.82 -10.85 -1.84
N LEU A 54 3.56 -10.07 -0.83
CA LEU A 54 3.86 -8.61 -0.90
C LEU A 54 5.36 -8.38 -1.07
N ASP A 55 6.16 -9.41 -0.87
CA ASP A 55 7.63 -9.23 -1.02
C ASP A 55 7.95 -8.50 -2.33
N SER A 56 7.25 -8.84 -3.39
CA SER A 56 7.51 -8.16 -4.69
C SER A 56 7.04 -6.70 -4.62
N MET A 57 5.90 -6.47 -4.02
CA MET A 57 5.40 -5.07 -3.92
C MET A 57 6.06 -4.37 -2.72
N LEU A 58 6.89 -5.06 -1.99
CA LEU A 58 7.57 -4.44 -0.82
C LEU A 58 8.78 -3.66 -1.30
N LEU A 59 9.57 -4.27 -2.14
CA LEU A 59 10.78 -3.57 -2.68
C LEU A 59 10.44 -2.82 -3.97
N GLU A 60 9.21 -2.88 -4.39
CA GLU A 60 8.82 -2.19 -5.65
C GLU A 60 8.34 -0.78 -5.37
N VAL A 61 8.61 -0.27 -4.21
CA VAL A 61 8.16 1.10 -3.90
C VAL A 61 9.20 1.80 -3.01
N ILE A 62 10.32 1.17 -2.77
CA ILE A 62 11.37 1.78 -1.92
C ILE A 62 12.74 1.28 -2.35
N ASP A 63 13.26 1.79 -3.44
CA ASP A 63 14.61 1.35 -3.89
C ASP A 63 15.67 2.17 -3.14
N LEU A 64 15.53 2.24 -1.84
CA LEU A 64 16.47 3.03 -1.00
C LEU A 64 17.82 2.33 -0.83
N LYS A 65 18.41 1.86 -1.88
CA LYS A 65 19.74 1.19 -1.76
C LYS A 65 20.56 1.41 -3.02
N GLU A 66 20.53 2.60 -3.56
CA GLU A 66 21.31 2.89 -4.79
C GLU A 66 21.96 4.28 -4.68
N ALA A 67 22.17 4.75 -3.49
CA ALA A 67 22.79 6.09 -3.31
C ALA A 67 24.27 5.95 -2.98
N SER B 1 -21.77 -9.52 -11.47
CA SER B 1 -21.22 -8.48 -10.57
C SER B 1 -22.22 -8.15 -9.45
N GLY B 2 -21.87 -7.28 -8.56
CA GLY B 2 -22.81 -6.93 -7.45
C GLY B 2 -22.17 -5.85 -6.57
N ILE B 3 -20.99 -6.10 -6.07
CA ILE B 3 -20.33 -5.09 -5.21
C ILE B 3 -18.95 -4.71 -5.78
N VAL B 4 -18.91 -3.72 -6.63
CA VAL B 4 -17.60 -3.30 -7.22
C VAL B 4 -16.62 -2.92 -6.11
N PRO B 5 -15.38 -3.20 -6.35
CA PRO B 5 -14.32 -2.89 -5.35
C PRO B 5 -14.08 -1.38 -5.29
N THR B 6 -13.93 -0.84 -4.11
CA THR B 6 -13.69 0.63 -3.99
C THR B 6 -12.21 0.90 -3.66
N LEU B 7 -11.63 1.86 -4.32
CA LEU B 7 -10.19 2.19 -4.05
C LEU B 7 -10.08 2.93 -2.71
N GLN B 8 -9.32 2.41 -1.78
CA GLN B 8 -9.19 3.10 -0.47
C GLN B 8 -7.75 3.60 -0.27
N ASN B 9 -6.87 3.31 -1.20
CA ASN B 9 -5.46 3.77 -1.05
C ASN B 9 -4.71 3.63 -2.37
N ILE B 10 -3.85 4.56 -2.68
CA ILE B 10 -3.06 4.47 -3.95
C ILE B 10 -1.57 4.61 -3.65
N VAL B 11 -0.73 4.19 -4.56
CA VAL B 11 0.75 4.30 -4.32
C VAL B 11 1.46 4.69 -5.62
N ALA B 12 2.17 5.79 -5.61
CA ALA B 12 2.90 6.22 -6.85
C ALA B 12 4.32 6.66 -6.51
N THR B 13 5.14 6.84 -7.49
CA THR B 13 6.55 7.28 -7.24
C THR B 13 6.86 8.56 -8.01
N VAL B 14 7.77 9.35 -7.54
CA VAL B 14 8.12 10.61 -8.26
C VAL B 14 9.62 10.90 -8.14
N THR B 15 10.15 11.64 -9.07
CA THR B 15 11.61 11.96 -9.02
C THR B 15 11.83 13.48 -9.05
N LEU B 16 12.66 13.98 -8.18
CA LEU B 16 12.91 15.45 -8.16
C LEU B 16 14.04 15.80 -9.14
N GLY B 17 15.24 15.36 -8.87
CA GLY B 17 16.36 15.67 -9.79
C GLY B 17 17.63 15.98 -8.99
N CYS B 18 17.48 16.36 -7.74
CA CYS B 18 18.68 16.68 -6.93
C CYS B 18 18.58 16.03 -5.54
N ARG B 19 19.68 15.58 -5.00
CA ARG B 19 19.64 14.95 -3.65
C ARG B 19 19.10 15.94 -2.62
N LEU B 20 18.69 15.46 -1.48
CA LEU B 20 18.14 16.39 -0.45
C LEU B 20 18.80 16.12 0.91
N ASP B 21 18.84 17.11 1.76
CA ASP B 21 19.45 16.91 3.11
C ASP B 21 18.37 16.46 4.09
N LEU B 22 18.16 15.17 4.19
CA LEU B 22 17.11 14.65 5.12
C LEU B 22 17.09 15.45 6.42
N LYS B 23 18.24 15.88 6.89
CA LYS B 23 18.27 16.67 8.15
C LYS B 23 17.59 18.02 7.96
N THR B 24 17.83 18.67 6.85
CA THR B 24 17.19 20.00 6.62
C THR B 24 15.74 19.82 6.15
N VAL B 25 15.42 18.72 5.55
CA VAL B 25 14.04 18.49 5.08
C VAL B 25 13.11 18.17 6.25
N ALA B 26 13.57 17.38 7.20
CA ALA B 26 12.72 17.03 8.37
C ALA B 26 12.73 18.18 9.39
N LEU B 27 13.72 19.02 9.35
CA LEU B 27 13.79 20.15 10.33
C LEU B 27 13.04 21.37 9.78
N HIS B 28 12.82 21.42 8.49
CA HIS B 28 12.10 22.59 7.91
C HIS B 28 10.63 22.25 7.66
N ALA B 29 10.36 21.07 7.19
CA ALA B 29 8.94 20.67 6.93
C ALA B 29 8.16 20.60 8.25
N ARG B 30 6.94 21.05 8.25
CA ARG B 30 6.13 21.01 9.49
C ARG B 30 5.62 19.59 9.75
N ASN B 31 5.69 18.74 8.77
CA ASN B 31 5.21 17.35 8.97
C ASN B 31 6.19 16.36 8.32
N ALA B 32 7.27 16.06 8.99
CA ALA B 32 8.27 15.10 8.42
C ALA B 32 9.19 14.57 9.52
N GLU B 33 9.73 13.40 9.32
CA GLU B 33 10.64 12.81 10.35
C GLU B 33 11.78 12.05 9.68
N TYR B 34 12.90 11.90 10.35
CA TYR B 34 14.05 11.17 9.74
C TYR B 34 14.39 9.95 10.59
N ASN B 35 14.63 8.83 9.97
CA ASN B 35 14.98 7.60 10.73
C ASN B 35 15.90 6.70 9.92
N PRO B 36 17.17 6.76 10.24
CA PRO B 36 18.19 5.95 9.53
C PRO B 36 18.05 4.47 9.93
N LYS B 37 17.37 4.20 11.00
CA LYS B 37 17.22 2.79 11.44
C LYS B 37 16.26 2.04 10.52
N ARG B 38 15.63 2.75 9.61
CA ARG B 38 14.68 2.08 8.68
C ARG B 38 15.07 2.34 7.23
N PHE B 39 15.01 3.57 6.81
CA PHE B 39 15.37 3.91 5.40
C PHE B 39 15.98 5.30 5.35
N ALA B 40 17.08 5.41 4.66
CA ALA B 40 17.81 6.71 4.57
C ALA B 40 16.95 7.82 3.95
N ALA B 41 15.81 8.10 4.51
CA ALA B 41 14.96 9.17 3.93
C ALA B 41 14.07 9.81 4.99
N VAL B 42 13.45 10.90 4.66
CA VAL B 42 12.55 11.59 5.63
C VAL B 42 11.09 11.27 5.28
N ILE B 43 10.31 10.85 6.25
CA ILE B 43 8.90 10.51 5.96
C ILE B 43 8.01 11.76 6.12
N MET B 44 7.37 12.18 5.07
CA MET B 44 6.50 13.39 5.16
C MET B 44 5.03 12.98 5.20
N ARG B 45 4.16 13.88 5.58
CA ARG B 45 2.71 13.54 5.62
C ARG B 45 1.88 14.82 5.52
N ILE B 46 1.02 14.90 4.54
CA ILE B 46 0.19 16.12 4.38
C ILE B 46 -1.26 15.84 4.75
N ARG B 47 -1.97 16.84 5.19
CA ARG B 47 -3.41 16.63 5.56
C ARG B 47 -4.32 17.08 4.42
N GLU B 48 -3.80 17.10 3.22
CA GLU B 48 -4.64 17.52 2.06
C GLU B 48 -3.85 17.36 0.76
N PRO B 49 -4.04 16.24 0.10
CA PRO B 49 -4.99 15.20 0.60
C PRO B 49 -4.38 14.48 1.81
N LYS B 50 -5.20 13.79 2.57
CA LYS B 50 -4.68 13.07 3.76
C LYS B 50 -3.87 11.85 3.32
N THR B 51 -2.59 12.02 3.11
CA THR B 51 -1.74 10.87 2.66
C THR B 51 -0.35 10.97 3.28
N THR B 52 0.51 10.04 2.98
CA THR B 52 1.90 10.09 3.55
C THR B 52 2.92 9.83 2.45
N ALA B 53 4.19 9.91 2.75
CA ALA B 53 5.21 9.66 1.70
C ALA B 53 6.61 9.58 2.31
N LEU B 54 7.59 9.32 1.49
CA LEU B 54 9.00 9.23 1.98
C LEU B 54 9.96 9.75 0.91
N ILE B 55 10.75 10.74 1.23
CA ILE B 55 11.70 11.29 0.22
C ILE B 55 13.07 10.63 0.31
N PHE B 56 13.64 10.26 -0.80
CA PHE B 56 14.98 9.60 -0.79
C PHE B 56 16.07 10.68 -0.83
N ALA B 57 17.07 10.57 0.00
CA ALA B 57 18.16 11.59 0.00
C ALA B 57 18.70 11.78 -1.42
N SER B 58 18.48 10.83 -2.29
CA SER B 58 18.98 10.96 -3.69
C SER B 58 18.07 11.87 -4.50
N GLY B 59 16.80 11.90 -4.17
CA GLY B 59 15.86 12.77 -4.93
C GLY B 59 14.54 12.02 -5.15
N LYS B 60 14.59 10.73 -5.26
CA LYS B 60 13.34 9.95 -5.47
C LYS B 60 12.31 10.29 -4.39
N MET B 61 11.07 9.97 -4.61
CA MET B 61 10.03 10.27 -3.58
C MET B 61 8.78 9.41 -3.82
N VAL B 62 8.32 8.73 -2.80
CA VAL B 62 7.11 7.87 -2.96
C VAL B 62 5.92 8.51 -2.25
N VAL B 63 4.72 8.21 -2.68
CA VAL B 63 3.53 8.81 -2.02
C VAL B 63 2.36 7.82 -2.04
N THR B 64 1.72 7.63 -0.91
CA THR B 64 0.57 6.68 -0.86
C THR B 64 -0.55 7.26 0.01
N GLY B 65 -1.71 6.68 -0.06
CA GLY B 65 -2.85 7.19 0.76
C GLY B 65 -3.96 7.66 -0.17
N ALA B 66 -3.61 8.27 -1.28
CA ALA B 66 -4.65 8.75 -2.22
C ALA B 66 -5.61 7.61 -2.59
N LYS B 67 -6.65 7.92 -3.31
CA LYS B 67 -7.62 6.85 -3.69
C LYS B 67 -8.00 6.99 -5.17
N SER B 68 -7.37 7.87 -5.88
CA SER B 68 -7.69 8.04 -7.32
C SER B 68 -6.44 8.45 -8.10
N GLU B 69 -6.48 8.31 -9.40
CA GLU B 69 -5.29 8.68 -10.21
C GLU B 69 -4.93 10.15 -9.98
N ASP B 70 -5.67 11.06 -10.57
CA ASP B 70 -5.37 12.50 -10.38
C ASP B 70 -5.17 12.82 -8.90
N ASP B 71 -5.91 12.17 -8.03
CA ASP B 71 -5.76 12.43 -6.58
C ASP B 71 -4.29 12.26 -6.16
N SER B 72 -3.68 11.17 -6.53
CA SER B 72 -2.26 10.96 -6.16
C SER B 72 -1.41 12.13 -6.67
N LYS B 73 -1.65 12.58 -7.86
CA LYS B 73 -0.86 13.71 -8.41
C LYS B 73 -0.91 14.90 -7.44
N LEU B 74 -2.03 15.14 -6.82
CA LEU B 74 -2.14 16.27 -5.87
C LEU B 74 -1.25 16.02 -4.64
N ALA B 75 -1.23 14.81 -4.15
CA ALA B 75 -0.37 14.50 -2.97
C ALA B 75 1.11 14.61 -3.34
N SER B 76 1.52 13.90 -4.36
CA SER B 76 2.95 13.96 -4.78
C SER B 76 3.33 15.39 -5.17
N ARG B 77 2.56 15.99 -6.03
CA ARG B 77 2.88 17.39 -6.45
C ARG B 77 3.02 18.29 -5.21
N LYS B 78 2.21 18.06 -4.21
CA LYS B 78 2.30 18.90 -2.98
C LYS B 78 3.62 18.60 -2.25
N TYR B 79 3.90 17.35 -2.01
CA TYR B 79 5.17 16.99 -1.31
C TYR B 79 6.36 17.65 -2.03
N ALA B 80 6.50 17.43 -3.30
CA ALA B 80 7.63 18.04 -4.05
C ALA B 80 7.60 19.57 -3.89
N ARG B 81 6.44 20.12 -3.65
CA ARG B 81 6.34 21.59 -3.49
C ARG B 81 6.95 22.01 -2.15
N ILE B 82 6.63 21.33 -1.10
CA ILE B 82 7.20 21.69 0.23
C ILE B 82 8.73 21.80 0.13
N ILE B 83 9.35 20.89 -0.58
CA ILE B 83 10.83 20.95 -0.71
C ILE B 83 11.22 22.22 -1.48
N GLN B 84 10.59 22.47 -2.60
CA GLN B 84 10.92 23.70 -3.37
C GLN B 84 10.50 24.94 -2.57
N LYS B 85 9.46 24.80 -1.78
CA LYS B 85 9.01 25.95 -0.95
C LYS B 85 9.99 26.12 0.20
N ILE B 86 10.71 25.08 0.51
CA ILE B 86 11.70 25.14 1.61
C ILE B 86 13.01 25.71 1.07
N GLY B 87 13.18 25.72 -0.23
CA GLY B 87 14.42 26.27 -0.82
C GLY B 87 15.17 25.18 -1.61
N PHE B 88 14.91 23.94 -1.30
CA PHE B 88 15.61 22.84 -2.03
C PHE B 88 15.43 22.98 -3.54
N ALA B 89 16.10 22.15 -4.30
CA ALA B 89 15.99 22.22 -5.78
C ALA B 89 15.23 21.00 -6.31
N ALA B 90 14.23 20.55 -5.59
CA ALA B 90 13.46 19.37 -6.06
C ALA B 90 12.59 19.74 -7.26
N LYS B 91 12.43 18.84 -8.19
CA LYS B 91 11.58 19.14 -9.39
C LYS B 91 10.55 18.03 -9.59
N PHE B 92 9.31 18.30 -9.25
CA PHE B 92 8.25 17.27 -9.42
C PHE B 92 8.25 16.74 -10.86
N THR B 93 8.80 15.57 -11.07
CA THR B 93 8.83 15.00 -12.45
C THR B 93 8.90 13.47 -12.40
N ASP B 94 8.77 12.83 -13.52
CA ASP B 94 8.83 11.33 -13.53
C ASP B 94 7.74 10.76 -12.61
N PHE B 95 6.62 11.41 -12.52
CA PHE B 95 5.52 10.90 -11.65
C PHE B 95 4.89 9.65 -12.27
N LYS B 96 4.60 8.66 -11.47
CA LYS B 96 3.98 7.42 -12.02
C LYS B 96 3.33 6.61 -10.90
N ILE B 97 2.15 6.12 -11.13
CA ILE B 97 1.46 5.31 -10.07
C ILE B 97 2.00 3.88 -10.06
N GLN B 98 2.18 3.31 -8.90
CA GLN B 98 2.71 1.92 -8.83
C GLN B 98 1.56 0.91 -8.78
N ASN B 99 0.74 0.98 -7.77
CA ASN B 99 -0.40 0.01 -7.67
C ASN B 99 -1.62 0.69 -7.03
N ILE B 100 -2.76 0.06 -7.08
CA ILE B 100 -3.98 0.68 -6.48
C ILE B 100 -4.53 -0.23 -5.38
N VAL B 101 -5.05 0.35 -4.33
CA VAL B 101 -5.60 -0.48 -3.21
C VAL B 101 -7.13 -0.35 -3.14
N GLY B 102 -7.83 -1.44 -3.27
CA GLY B 102 -9.32 -1.38 -3.20
C GLY B 102 -9.82 -2.48 -2.25
N SER B 103 -11.10 -2.48 -1.95
CA SER B 103 -11.65 -3.51 -1.03
C SER B 103 -13.17 -3.53 -1.10
N CYS B 104 -13.79 -4.59 -0.67
CA CYS B 104 -15.28 -4.66 -0.71
C CYS B 104 -15.77 -5.85 0.10
N ASP B 105 -16.84 -5.68 0.84
CA ASP B 105 -17.37 -6.80 1.66
C ASP B 105 -18.43 -7.57 0.86
N VAL B 106 -18.74 -8.77 1.27
CA VAL B 106 -19.77 -9.56 0.54
C VAL B 106 -21.02 -9.72 1.41
N LYS B 107 -21.02 -10.66 2.31
CA LYS B 107 -22.22 -10.86 3.18
C LYS B 107 -22.09 -12.16 3.98
N PHE B 108 -21.32 -13.10 3.49
CA PHE B 108 -21.13 -14.39 4.22
C PHE B 108 -19.65 -14.70 4.34
N PRO B 109 -19.33 -15.48 5.34
CA PRO B 109 -17.91 -15.87 5.57
C PRO B 109 -17.44 -16.83 4.48
N ILE B 110 -16.15 -16.97 4.32
CA ILE B 110 -15.63 -17.89 3.27
C ILE B 110 -14.63 -18.88 3.87
N ARG B 111 -14.55 -20.07 3.32
CA ARG B 111 -13.58 -21.07 3.85
C ARG B 111 -12.21 -20.88 3.20
N LEU B 112 -11.25 -20.42 3.95
CA LEU B 112 -9.88 -20.21 3.37
C LEU B 112 -9.26 -21.54 2.94
N GLU B 113 -9.57 -22.60 3.62
CA GLU B 113 -8.99 -23.92 3.25
C GLU B 113 -9.56 -24.38 1.91
N GLY B 114 -10.76 -23.98 1.59
CA GLY B 114 -11.36 -24.40 0.30
C GLY B 114 -10.65 -23.68 -0.85
N LEU B 115 -10.26 -22.46 -0.63
CA LEU B 115 -9.55 -21.69 -1.71
C LEU B 115 -8.14 -22.26 -1.91
N ALA B 116 -7.43 -22.49 -0.84
CA ALA B 116 -6.05 -23.04 -0.98
C ALA B 116 -6.09 -24.48 -1.48
N PHE B 117 -7.24 -25.10 -1.46
CA PHE B 117 -7.34 -26.51 -1.93
C PHE B 117 -7.67 -26.54 -3.42
N SER B 118 -8.42 -25.58 -3.89
CA SER B 118 -8.77 -25.55 -5.35
C SER B 118 -7.84 -24.60 -6.10
N HIS B 119 -7.36 -23.57 -5.45
CA HIS B 119 -6.45 -22.61 -6.13
C HIS B 119 -5.14 -22.49 -5.35
N GLY B 120 -4.59 -23.59 -4.92
CA GLY B 120 -3.31 -23.53 -4.16
C GLY B 120 -2.19 -23.01 -5.07
N THR B 121 -2.31 -23.22 -6.35
CA THR B 121 -1.25 -22.74 -7.29
C THR B 121 -1.01 -21.25 -7.08
N PHE B 122 -2.00 -20.53 -6.62
CA PHE B 122 -1.83 -19.07 -6.40
C PHE B 122 -2.42 -18.66 -5.06
N SER B 123 -2.80 -19.62 -4.25
CA SER B 123 -3.40 -19.28 -2.93
C SER B 123 -2.44 -19.68 -1.79
N SER B 124 -2.04 -18.74 -0.99
CA SER B 124 -1.12 -19.07 0.14
C SER B 124 -1.86 -18.89 1.48
N TYR B 125 -2.24 -19.97 2.10
CA TYR B 125 -2.97 -19.86 3.39
C TYR B 125 -2.07 -20.32 4.55
N GLU B 126 -1.57 -19.39 5.33
CA GLU B 126 -0.70 -19.78 6.47
C GLU B 126 -1.38 -19.44 7.79
N PRO B 127 -1.97 -20.45 8.38
CA PRO B 127 -2.68 -20.28 9.67
C PRO B 127 -1.68 -20.03 10.80
N GLU B 128 -0.41 -20.11 10.51
CA GLU B 128 0.60 -19.88 11.58
C GLU B 128 1.16 -18.46 11.47
N LEU B 129 0.89 -17.79 10.38
CA LEU B 129 1.39 -16.40 10.21
C LEU B 129 0.39 -15.56 9.41
N PHE B 130 -0.80 -16.08 9.20
CA PHE B 130 -1.82 -15.30 8.44
C PHE B 130 -3.20 -15.93 8.62
N PRO B 131 -4.06 -15.21 9.29
CA PRO B 131 -5.44 -15.70 9.54
C PRO B 131 -6.28 -15.61 8.25
N GLY B 132 -5.95 -14.70 7.37
CA GLY B 132 -6.72 -14.58 6.11
C GLY B 132 -6.06 -15.41 5.01
N LEU B 133 -6.65 -15.42 3.83
CA LEU B 133 -6.06 -16.20 2.72
C LEU B 133 -5.51 -15.26 1.64
N ILE B 134 -4.31 -15.50 1.19
CA ILE B 134 -3.72 -14.61 0.14
C ILE B 134 -3.84 -15.27 -1.24
N TYR B 135 -4.54 -14.65 -2.14
CA TYR B 135 -4.70 -15.24 -3.50
C TYR B 135 -4.17 -14.26 -4.56
N ARG B 136 -3.32 -14.73 -5.44
CA ARG B 136 -2.76 -13.84 -6.48
C ARG B 136 -3.35 -14.20 -7.86
N MET B 137 -4.45 -13.60 -8.21
CA MET B 137 -5.07 -13.91 -9.52
C MET B 137 -4.03 -13.79 -10.64
N VAL B 138 -4.07 -14.68 -11.61
CA VAL B 138 -3.07 -14.62 -12.71
C VAL B 138 -3.37 -13.41 -13.62
N LYS B 139 -4.53 -13.36 -14.20
CA LYS B 139 -4.86 -12.21 -15.10
C LYS B 139 -6.19 -11.55 -14.67
N PRO B 140 -6.12 -10.31 -14.28
CA PRO B 140 -4.84 -9.55 -14.23
C PRO B 140 -3.99 -10.03 -13.05
N LYS B 141 -2.70 -9.84 -13.12
CA LYS B 141 -1.83 -10.28 -12.00
C LYS B 141 -2.06 -9.38 -10.77
N ILE B 142 -3.03 -9.71 -9.97
CA ILE B 142 -3.30 -8.88 -8.76
C ILE B 142 -3.42 -9.77 -7.51
N VAL B 143 -3.32 -9.19 -6.35
CA VAL B 143 -3.43 -10.01 -5.11
C VAL B 143 -4.74 -9.71 -4.38
N LEU B 144 -5.57 -10.70 -4.19
CA LEU B 144 -6.87 -10.47 -3.49
C LEU B 144 -6.89 -11.24 -2.17
N LEU B 145 -7.13 -10.55 -1.09
CA LEU B 145 -7.16 -11.24 0.24
C LEU B 145 -8.62 -11.44 0.69
N ILE B 146 -8.88 -12.49 1.42
CA ILE B 146 -10.27 -12.73 1.89
C ILE B 146 -10.27 -13.24 3.34
N PHE B 147 -11.01 -12.62 4.20
CA PHE B 147 -11.04 -13.06 5.63
C PHE B 147 -12.35 -13.80 5.92
N VAL B 148 -12.36 -14.65 6.91
CA VAL B 148 -13.60 -15.40 7.25
C VAL B 148 -14.77 -14.43 7.41
N SER B 149 -14.49 -13.20 7.73
CA SER B 149 -15.60 -12.20 7.91
C SER B 149 -16.22 -11.86 6.55
N GLY B 150 -15.49 -12.02 5.49
CA GLY B 150 -16.06 -11.68 4.15
C GLY B 150 -15.40 -10.41 3.62
N LYS B 151 -14.21 -10.11 4.09
CA LYS B 151 -13.52 -8.86 3.62
C LYS B 151 -12.65 -9.18 2.40
N ILE B 152 -12.84 -8.46 1.33
CA ILE B 152 -12.01 -8.72 0.11
C ILE B 152 -11.10 -7.53 -0.19
N VAL B 153 -9.82 -7.72 -0.12
CA VAL B 153 -8.88 -6.59 -0.41
C VAL B 153 -8.20 -6.80 -1.76
N LEU B 154 -7.96 -5.75 -2.49
CA LEU B 154 -7.30 -5.90 -3.81
C LEU B 154 -6.21 -4.83 -3.98
N THR B 155 -4.96 -5.23 -4.02
CA THR B 155 -3.87 -4.23 -4.18
C THR B 155 -2.84 -4.74 -5.20
N GLY B 156 -2.14 -3.85 -5.84
CA GLY B 156 -1.13 -4.29 -6.85
C GLY B 156 -1.63 -3.97 -8.25
N ALA B 157 -2.85 -3.50 -8.37
CA ALA B 157 -3.39 -3.17 -9.73
C ALA B 157 -2.91 -1.79 -10.16
N LYS B 158 -2.33 -1.68 -11.33
CA LYS B 158 -1.83 -0.36 -11.80
C LYS B 158 -3.02 0.55 -12.16
N GLN B 159 -4.04 0.00 -12.75
CA GLN B 159 -5.22 0.83 -13.12
C GLN B 159 -6.47 0.35 -12.37
N ARG B 160 -7.61 0.89 -12.69
CA ARG B 160 -8.86 0.47 -11.99
C ARG B 160 -9.49 -0.73 -12.70
N GLU B 161 -9.22 -0.88 -13.97
CA GLU B 161 -9.80 -2.03 -14.72
C GLU B 161 -9.28 -3.35 -14.15
N GLU B 162 -8.16 -3.33 -13.50
CA GLU B 162 -7.61 -4.59 -12.92
C GLU B 162 -8.38 -4.98 -11.66
N ILE B 163 -8.49 -4.07 -10.72
CA ILE B 163 -9.23 -4.39 -9.47
C ILE B 163 -10.67 -4.81 -9.80
N TYR B 164 -11.26 -4.19 -10.78
CA TYR B 164 -12.66 -4.56 -11.16
C TYR B 164 -12.69 -5.99 -11.71
N GLN B 165 -11.73 -6.35 -12.50
CA GLN B 165 -11.70 -7.73 -13.07
C GLN B 165 -11.16 -8.72 -12.04
N ALA B 166 -10.41 -8.24 -11.08
CA ALA B 166 -9.86 -9.16 -10.05
C ALA B 166 -10.99 -9.71 -9.17
N PHE B 167 -11.87 -8.86 -8.71
CA PHE B 167 -13.00 -9.34 -7.86
C PHE B 167 -14.07 -10.00 -8.74
N GLU B 168 -14.25 -9.52 -9.94
CA GLU B 168 -15.28 -10.11 -10.83
C GLU B 168 -14.87 -11.54 -11.22
N ALA B 169 -13.62 -11.87 -11.06
CA ALA B 169 -13.17 -13.25 -11.40
C ALA B 169 -13.14 -14.13 -10.14
N ILE B 170 -12.98 -13.54 -9.00
CA ILE B 170 -12.94 -14.33 -7.74
C ILE B 170 -14.33 -14.35 -7.08
N TYR B 171 -15.23 -13.52 -7.56
CA TYR B 171 -16.59 -13.49 -6.97
C TYR B 171 -17.23 -14.89 -6.96
N PRO B 172 -17.09 -15.59 -8.05
CA PRO B 172 -17.68 -16.95 -8.14
C PRO B 172 -16.86 -17.95 -7.32
N VAL B 173 -15.56 -17.89 -7.41
CA VAL B 173 -14.72 -18.84 -6.63
C VAL B 173 -15.05 -18.72 -5.14
N LEU B 174 -15.32 -17.53 -4.67
CA LEU B 174 -15.65 -17.33 -3.24
C LEU B 174 -16.93 -18.09 -2.90
N SER B 175 -18.03 -17.71 -3.51
CA SER B 175 -19.31 -18.41 -3.23
C SER B 175 -19.13 -19.91 -3.43
N GLU B 176 -18.12 -20.31 -4.16
CA GLU B 176 -17.87 -21.75 -4.40
C GLU B 176 -17.45 -22.43 -3.09
N PHE B 177 -16.63 -21.78 -2.32
CA PHE B 177 -16.18 -22.39 -1.03
C PHE B 177 -16.67 -21.56 0.16
N ARG B 178 -17.90 -21.11 0.11
CA ARG B 178 -18.42 -20.29 1.25
C ARG B 178 -18.46 -21.13 2.53
N LYS B 179 -19.10 -20.65 3.55
CA LYS B 179 -19.17 -21.41 4.83
C LYS B 179 -20.55 -21.27 5.45
N MET B 180 -21.11 -20.08 5.43
CA MET B 180 -22.46 -19.88 6.02
C MET B 180 -23.33 -19.06 5.07
N GLU A 1 24.31 -5.93 -7.93
CA GLU A 1 24.63 -6.86 -6.82
C GLU A 1 24.35 -6.19 -5.46
N GLY A 2 24.97 -6.66 -4.41
CA GLY A 2 24.75 -6.05 -3.07
C GLY A 2 24.12 -7.08 -2.13
N SER A 3 23.08 -6.70 -1.43
CA SER A 3 22.43 -7.65 -0.50
C SER A 3 20.91 -7.52 -0.59
N ILE A 4 20.19 -8.29 0.19
CA ILE A 4 18.70 -8.20 0.15
C ILE A 4 18.16 -7.75 1.51
N GLY A 5 18.95 -7.01 2.25
CA GLY A 5 18.49 -6.53 3.59
C GLY A 5 18.65 -5.01 3.67
N ASN A 6 18.21 -4.30 2.66
CA ASN A 6 18.33 -2.81 2.68
C ASN A 6 17.05 -2.17 2.15
N GLY A 7 16.90 -0.89 2.34
CA GLY A 7 15.67 -0.20 1.84
C GLY A 7 14.64 -0.12 2.97
N LEU A 8 13.70 0.78 2.85
CA LEU A 8 12.66 0.91 3.92
C LEU A 8 11.59 -0.17 3.71
N ASP A 9 10.76 -0.40 4.70
CA ASP A 9 9.71 -1.45 4.56
C ASP A 9 8.36 -0.82 4.24
N LEU A 10 7.71 -1.28 3.20
CA LEU A 10 6.39 -0.71 2.82
C LEU A 10 5.33 -1.81 2.76
N THR A 11 5.54 -2.91 3.44
CA THR A 11 4.55 -4.00 3.41
C THR A 11 3.13 -3.42 3.55
N GLY A 12 2.98 -2.41 4.36
CA GLY A 12 1.65 -1.80 4.54
C GLY A 12 1.55 -0.55 3.70
N ILE A 13 2.65 0.13 3.50
CA ILE A 13 2.61 1.38 2.69
C ILE A 13 1.81 1.09 1.42
N LEU A 14 2.01 -0.05 0.81
CA LEU A 14 1.23 -0.37 -0.41
C LEU A 14 -0.10 -0.98 0.03
N PHE A 15 -0.13 -1.57 1.19
CA PHE A 15 -1.39 -2.17 1.71
C PHE A 15 -2.20 -1.08 2.44
N GLY A 16 -1.75 0.15 2.36
CA GLY A 16 -2.46 1.25 3.05
C GLY A 16 -1.44 2.22 3.60
N ASN A 17 -1.20 3.31 2.91
CA ASN A 17 -0.19 4.33 3.34
C ASN A 17 0.13 4.23 4.83
N ILE A 18 1.35 3.89 5.14
CA ILE A 18 1.77 3.79 6.56
C ILE A 18 3.14 4.42 6.72
N ASP A 19 3.47 4.81 7.91
CA ASP A 19 4.82 5.38 8.12
C ASP A 19 5.75 4.22 8.40
N SER A 20 6.80 4.08 7.64
CA SER A 20 7.73 2.94 7.86
C SER A 20 7.92 2.70 9.36
N GLU A 21 7.76 3.73 10.15
CA GLU A 21 7.90 3.55 11.62
C GLU A 21 6.94 2.46 12.11
N GLY A 22 6.00 2.06 11.30
CA GLY A 22 5.04 1.01 11.73
C GLY A 22 3.68 1.63 12.05
N ARG A 23 3.37 2.75 11.45
CA ARG A 23 2.06 3.40 11.72
C ARG A 23 1.25 3.44 10.43
N LEU A 24 0.07 2.90 10.46
CA LEU A 24 -0.78 2.87 9.23
C LEU A 24 -1.63 4.13 9.13
N LEU A 25 -2.11 4.43 7.95
CA LEU A 25 -2.94 5.65 7.77
C LEU A 25 -4.42 5.36 8.03
N GLN A 26 -4.97 5.98 9.03
CA GLN A 26 -6.42 5.79 9.32
C GLN A 26 -7.21 6.83 8.51
N ASP A 27 -6.52 7.56 7.68
CA ASP A 27 -7.18 8.61 6.85
C ASP A 27 -8.06 9.50 7.73
N ASP A 28 -7.81 9.53 9.01
CA ASP A 28 -8.63 10.39 9.91
C ASP A 28 -10.11 10.29 9.55
N ASP A 29 -10.57 9.11 9.21
CA ASP A 29 -12.00 8.94 8.84
C ASP A 29 -12.77 8.24 9.97
N GLY A 30 -14.06 8.10 9.82
CA GLY A 30 -14.85 7.43 10.88
C GLY A 30 -15.91 8.39 11.42
N GLU A 31 -17.12 8.29 10.94
CA GLU A 31 -18.20 9.20 11.43
C GLU A 31 -18.71 8.74 12.79
N GLY A 32 -19.04 9.67 13.65
CA GLY A 32 -19.55 9.29 14.99
C GLY A 32 -18.45 8.56 15.77
N ARG A 33 -18.65 7.29 16.03
CA ARG A 33 -17.61 6.52 16.79
C ARG A 33 -16.68 5.80 15.81
N GLY A 34 -15.93 4.84 16.29
CA GLY A 34 -15.01 4.10 15.40
C GLY A 34 -13.85 5.00 14.98
N GLY A 35 -13.03 4.55 14.08
CA GLY A 35 -11.88 5.40 13.62
C GLY A 35 -10.90 4.53 12.83
N THR A 36 -10.59 3.37 13.34
CA THR A 36 -9.63 2.47 12.61
C THR A 36 -10.34 1.76 11.46
N GLY A 37 -10.16 2.21 10.26
CA GLY A 37 -10.83 1.56 9.10
C GLY A 37 -10.53 0.06 9.12
N PHE A 38 -9.34 -0.32 8.76
CA PHE A 38 -8.99 -1.77 8.75
C PHE A 38 -9.06 -2.34 10.17
N ASP A 39 -9.41 -3.60 10.29
CA ASP A 39 -9.51 -4.23 11.64
C ASP A 39 -8.12 -4.38 12.25
N ALA A 40 -8.04 -5.00 13.41
CA ALA A 40 -6.70 -5.18 14.06
C ALA A 40 -6.12 -6.54 13.69
N GLU A 41 -6.56 -7.13 12.62
CA GLU A 41 -6.01 -8.45 12.21
C GLU A 41 -4.99 -8.24 11.09
N LEU A 42 -5.07 -7.12 10.43
CA LEU A 42 -4.12 -6.85 9.32
C LEU A 42 -2.95 -5.99 9.83
N ARG A 43 -3.23 -4.99 10.62
CA ARG A 43 -2.14 -4.13 11.13
C ARG A 43 -1.04 -5.00 11.74
N GLU A 44 -1.41 -5.87 12.65
CA GLU A 44 -0.40 -6.76 13.28
C GLU A 44 0.14 -7.73 12.24
N ASN A 45 -0.64 -8.04 11.24
CA ASN A 45 -0.17 -8.97 10.18
C ASN A 45 0.77 -8.22 9.22
N ILE A 46 0.52 -6.94 9.04
CA ILE A 46 1.40 -6.15 8.14
C ILE A 46 2.85 -6.25 8.63
N GLY A 47 3.06 -6.07 9.91
CA GLY A 47 4.45 -6.17 10.45
C GLY A 47 5.06 -7.50 9.98
N SER A 48 4.25 -8.48 9.71
CA SER A 48 4.78 -9.79 9.25
C SER A 48 4.16 -10.18 7.90
N LEU A 49 3.74 -9.20 7.14
CA LEU A 49 3.12 -9.51 5.81
C LEU A 49 4.21 -9.73 4.77
N SER A 50 5.39 -9.22 5.02
CA SER A 50 6.50 -9.39 4.04
C SER A 50 7.19 -10.75 4.23
N LYS A 51 6.42 -11.78 4.48
CA LYS A 51 7.03 -13.12 4.68
C LYS A 51 6.29 -14.19 3.86
N LEU A 52 5.21 -13.81 3.21
CA LEU A 52 4.46 -14.81 2.40
C LEU A 52 4.20 -14.30 0.99
N GLY A 53 4.59 -13.09 0.67
CA GLY A 53 4.35 -12.59 -0.71
C GLY A 53 4.63 -11.08 -0.78
N LEU A 54 3.99 -10.30 0.04
CA LEU A 54 4.21 -8.82 0.01
C LEU A 54 5.70 -8.50 -0.15
N ASP A 55 6.57 -9.39 0.26
CA ASP A 55 8.02 -9.11 0.12
C ASP A 55 8.31 -8.52 -1.26
N SER A 56 7.69 -9.04 -2.28
CA SER A 56 7.91 -8.50 -3.65
C SER A 56 7.33 -7.08 -3.73
N MET A 57 6.10 -6.92 -3.34
CA MET A 57 5.49 -5.56 -3.37
C MET A 57 6.13 -4.70 -2.28
N LEU A 58 6.98 -5.27 -1.48
CA LEU A 58 7.65 -4.51 -0.40
C LEU A 58 8.68 -3.57 -1.02
N LEU A 59 9.65 -4.14 -1.68
CA LEU A 59 10.70 -3.31 -2.33
C LEU A 59 10.14 -2.65 -3.61
N GLU A 60 8.89 -2.87 -3.90
CA GLU A 60 8.29 -2.27 -5.12
C GLU A 60 7.81 -0.85 -4.85
N VAL A 61 8.12 -0.31 -3.72
CA VAL A 61 7.67 1.07 -3.44
C VAL A 61 8.77 1.84 -2.71
N ILE A 62 9.90 1.22 -2.49
CA ILE A 62 11.03 1.90 -1.81
C ILE A 62 12.35 1.30 -2.30
N ASP A 63 12.82 1.73 -3.43
CA ASP A 63 14.09 1.18 -3.96
C ASP A 63 15.27 1.93 -3.32
N LEU A 64 15.26 2.05 -2.02
CA LEU A 64 16.36 2.77 -1.32
C LEU A 64 17.33 1.77 -0.70
N LYS A 65 17.96 0.98 -1.51
CA LYS A 65 18.94 -0.02 -0.97
C LYS A 65 20.35 0.33 -1.41
N GLU A 66 21.30 -0.52 -1.14
CA GLU A 66 22.71 -0.25 -1.55
C GLU A 66 23.20 1.06 -0.91
N ALA A 67 22.83 2.17 -1.48
CA ALA A 67 23.28 3.49 -0.90
C ALA A 67 22.98 3.53 0.60
N SER B 1 -22.01 -9.27 -10.74
CA SER B 1 -21.70 -7.82 -10.90
C SER B 1 -22.69 -6.97 -10.10
N GLY B 2 -22.43 -6.78 -8.83
CA GLY B 2 -23.36 -5.97 -7.99
C GLY B 2 -22.66 -5.56 -6.69
N ILE B 3 -21.36 -5.51 -6.71
CA ILE B 3 -20.62 -5.12 -5.46
C ILE B 3 -19.60 -4.02 -5.78
N VAL B 4 -18.82 -4.19 -6.80
CA VAL B 4 -17.80 -3.16 -7.16
C VAL B 4 -16.84 -2.91 -5.99
N PRO B 5 -15.57 -3.06 -6.27
CA PRO B 5 -14.53 -2.85 -5.23
C PRO B 5 -14.36 -1.35 -4.93
N THR B 6 -14.12 -1.01 -3.70
CA THR B 6 -13.94 0.43 -3.34
C THR B 6 -12.46 0.71 -3.04
N LEU B 7 -11.91 1.73 -3.65
CA LEU B 7 -10.48 2.06 -3.40
C LEU B 7 -10.29 2.59 -1.98
N GLN B 8 -9.40 2.02 -1.24
CA GLN B 8 -9.18 2.48 0.17
C GLN B 8 -7.87 3.28 0.27
N ASN B 9 -6.98 3.09 -0.66
CA ASN B 9 -5.68 3.84 -0.60
C ASN B 9 -5.00 3.85 -1.97
N ILE B 10 -4.47 4.98 -2.37
CA ILE B 10 -3.78 5.05 -3.69
C ILE B 10 -2.29 5.35 -3.49
N VAL B 11 -1.45 4.86 -4.35
CA VAL B 11 0.01 5.13 -4.19
C VAL B 11 0.65 5.44 -5.55
N ALA B 12 1.37 6.52 -5.63
CA ALA B 12 2.02 6.90 -6.91
C ALA B 12 3.51 7.21 -6.68
N THR B 13 4.32 7.07 -7.70
CA THR B 13 5.77 7.36 -7.53
C THR B 13 6.16 8.62 -8.32
N VAL B 14 6.98 9.45 -7.75
CA VAL B 14 7.40 10.69 -8.47
C VAL B 14 8.93 10.75 -8.58
N THR B 15 9.42 11.35 -9.62
CA THR B 15 10.90 11.45 -9.79
C THR B 15 11.35 12.91 -9.82
N LEU B 16 12.29 13.27 -9.00
CA LEU B 16 12.77 14.69 -8.98
C LEU B 16 13.96 14.84 -9.94
N GLY B 17 14.87 13.92 -9.93
CA GLY B 17 16.04 14.01 -10.84
C GLY B 17 17.22 14.67 -10.10
N CYS B 18 17.01 15.08 -8.88
CA CYS B 18 18.11 15.73 -8.12
C CYS B 18 18.21 15.14 -6.72
N ARG B 19 19.39 15.13 -6.15
CA ARG B 19 19.55 14.57 -4.77
C ARG B 19 19.08 15.58 -3.72
N LEU B 20 18.69 15.12 -2.57
CA LEU B 20 18.23 16.06 -1.52
C LEU B 20 18.97 15.80 -0.20
N ASP B 21 18.96 16.75 0.69
CA ASP B 21 19.68 16.56 1.99
C ASP B 21 18.69 16.06 3.04
N LEU B 22 18.43 14.78 3.06
CA LEU B 22 17.48 14.22 4.06
C LEU B 22 17.72 14.86 5.43
N LYS B 23 18.92 15.29 5.69
CA LYS B 23 19.20 15.95 7.01
C LYS B 23 18.45 17.27 7.11
N THR B 24 18.49 18.06 6.06
CA THR B 24 17.77 19.36 6.09
C THR B 24 16.31 19.16 5.68
N VAL B 25 16.06 18.30 4.73
CA VAL B 25 14.65 18.07 4.29
C VAL B 25 13.78 17.73 5.51
N ALA B 26 14.27 16.89 6.38
CA ALA B 26 13.47 16.53 7.60
C ALA B 26 13.56 17.66 8.63
N LEU B 27 14.66 18.36 8.64
CA LEU B 27 14.80 19.48 9.62
C LEU B 27 14.08 20.72 9.12
N HIS B 28 13.79 20.77 7.85
CA HIS B 28 13.09 21.96 7.29
C HIS B 28 11.59 21.66 7.12
N ALA B 29 11.26 20.44 6.80
CA ALA B 29 9.83 20.08 6.61
C ALA B 29 9.09 20.09 7.95
N ARG B 30 7.82 20.39 7.93
CA ARG B 30 7.02 20.41 9.19
C ARG B 30 6.49 19.01 9.52
N ASN B 31 6.30 18.20 8.52
CA ASN B 31 5.79 16.82 8.76
C ASN B 31 6.72 15.81 8.10
N ALA B 32 7.82 15.52 8.71
CA ALA B 32 8.77 14.53 8.12
C ALA B 32 9.46 13.72 9.22
N GLU B 33 9.96 12.57 8.89
CA GLU B 33 10.64 11.73 9.92
C GLU B 33 11.95 11.15 9.36
N TYR B 34 12.97 11.09 10.16
CA TYR B 34 14.26 10.55 9.68
C TYR B 34 14.81 9.53 10.69
N ASN B 35 14.80 8.28 10.34
CA ASN B 35 15.33 7.23 11.27
C ASN B 35 16.32 6.33 10.55
N PRO B 36 17.47 6.18 11.13
CA PRO B 36 18.54 5.33 10.54
C PRO B 36 18.15 3.85 10.63
N LYS B 37 17.19 3.54 11.47
CA LYS B 37 16.76 2.12 11.61
C LYS B 37 15.71 1.79 10.55
N ARG B 38 15.11 2.79 9.96
CA ARG B 38 14.07 2.52 8.92
C ARG B 38 14.70 2.48 7.53
N PHE B 39 15.18 3.60 7.06
CA PHE B 39 15.80 3.62 5.71
C PHE B 39 16.52 4.95 5.46
N ALA B 40 17.39 4.97 4.48
CA ALA B 40 18.16 6.22 4.18
C ALA B 40 17.29 7.28 3.52
N ALA B 41 16.19 7.63 4.12
CA ALA B 41 15.32 8.68 3.51
C ALA B 41 14.36 9.23 4.55
N VAL B 42 13.62 10.25 4.21
CA VAL B 42 12.67 10.86 5.18
C VAL B 42 11.22 10.53 4.80
N ILE B 43 10.33 10.54 5.76
CA ILE B 43 8.90 10.22 5.46
C ILE B 43 8.03 11.47 5.67
N MET B 44 7.52 12.03 4.61
CA MET B 44 6.67 13.25 4.74
C MET B 44 5.19 12.87 4.82
N ARG B 45 4.40 13.67 5.48
CA ARG B 45 2.95 13.36 5.59
C ARG B 45 2.15 14.67 5.70
N ILE B 46 1.24 14.91 4.79
CA ILE B 46 0.45 16.17 4.85
C ILE B 46 -1.00 15.86 5.27
N ARG B 47 -1.68 16.83 5.82
CA ARG B 47 -3.08 16.61 6.25
C ARG B 47 -4.05 17.32 5.29
N GLU B 48 -3.74 17.31 4.02
CA GLU B 48 -4.63 17.99 3.04
C GLU B 48 -4.13 17.76 1.60
N PRO B 49 -4.47 16.62 1.05
CA PRO B 49 -5.28 15.61 1.77
C PRO B 49 -4.40 14.79 2.71
N LYS B 50 -5.00 14.12 3.67
CA LYS B 50 -4.18 13.29 4.62
C LYS B 50 -3.51 12.15 3.87
N THR B 51 -2.23 12.25 3.63
CA THR B 51 -1.52 11.16 2.89
C THR B 51 -0.08 11.01 3.40
N THR B 52 0.56 9.93 3.06
CA THR B 52 1.97 9.72 3.51
C THR B 52 2.91 9.78 2.30
N ALA B 53 4.18 9.91 2.54
CA ALA B 53 5.14 9.97 1.39
C ALA B 53 6.58 9.82 1.88
N LEU B 54 7.42 9.20 1.11
CA LEU B 54 8.84 9.00 1.52
C LEU B 54 9.77 9.58 0.45
N ILE B 55 10.58 10.56 0.81
CA ILE B 55 11.50 11.16 -0.19
C ILE B 55 12.88 10.51 -0.10
N PHE B 56 13.43 10.12 -1.22
CA PHE B 56 14.78 9.49 -1.21
C PHE B 56 15.86 10.56 -1.37
N ALA B 57 17.05 10.30 -0.89
CA ALA B 57 18.14 11.30 -1.03
C ALA B 57 18.57 11.44 -2.49
N SER B 58 18.12 10.55 -3.33
CA SER B 58 18.51 10.62 -4.76
C SER B 58 17.55 11.55 -5.53
N GLY B 59 16.28 11.48 -5.22
CA GLY B 59 15.29 12.35 -5.91
C GLY B 59 13.95 11.62 -6.03
N LYS B 60 13.98 10.33 -6.21
CA LYS B 60 12.70 9.57 -6.34
C LYS B 60 11.95 9.57 -5.00
N MET B 61 10.64 9.51 -5.05
CA MET B 61 9.84 9.50 -3.79
C MET B 61 8.55 8.72 -4.01
N VAL B 62 7.93 8.26 -2.95
CA VAL B 62 6.67 7.49 -3.10
C VAL B 62 5.55 8.13 -2.27
N VAL B 63 4.37 8.23 -2.82
CA VAL B 63 3.24 8.84 -2.06
C VAL B 63 2.10 7.83 -1.95
N THR B 64 1.44 7.78 -0.82
CA THR B 64 0.32 6.82 -0.64
C THR B 64 -0.77 7.42 0.25
N GLY B 65 -1.96 6.89 0.18
CA GLY B 65 -3.07 7.42 1.02
C GLY B 65 -4.15 8.02 0.12
N ALA B 66 -3.76 8.64 -0.97
CA ALA B 66 -4.77 9.25 -1.88
C ALA B 66 -5.96 8.31 -2.04
N LYS B 67 -7.14 8.85 -2.22
CA LYS B 67 -8.35 7.99 -2.39
C LYS B 67 -8.66 7.78 -3.87
N SER B 68 -7.88 8.35 -4.74
CA SER B 68 -8.13 8.19 -6.20
C SER B 68 -7.01 8.82 -7.01
N GLU B 69 -7.23 9.02 -8.28
CA GLU B 69 -6.17 9.64 -9.13
C GLU B 69 -5.99 11.12 -8.77
N ASP B 70 -7.07 11.81 -8.52
CA ASP B 70 -6.97 13.25 -8.15
C ASP B 70 -6.22 13.42 -6.83
N ASP B 71 -6.54 12.61 -5.85
CA ASP B 71 -5.83 12.73 -4.54
C ASP B 71 -4.32 12.59 -4.74
N SER B 72 -3.90 11.54 -5.37
CA SER B 72 -2.44 11.35 -5.61
C SER B 72 -1.88 12.54 -6.38
N LYS B 73 -2.67 13.13 -7.23
CA LYS B 73 -2.19 14.31 -8.01
C LYS B 73 -1.97 15.50 -7.08
N LEU B 74 -2.89 15.75 -6.18
CA LEU B 74 -2.74 16.89 -5.24
C LEU B 74 -1.72 16.54 -4.16
N ALA B 75 -1.98 15.50 -3.39
CA ALA B 75 -1.03 15.11 -2.32
C ALA B 75 0.40 15.15 -2.85
N SER B 76 0.60 14.78 -4.09
CA SER B 76 1.97 14.79 -4.67
C SER B 76 2.49 16.23 -4.76
N ARG B 77 1.79 17.08 -5.47
CA ARG B 77 2.25 18.49 -5.59
C ARG B 77 2.64 19.03 -4.22
N LYS B 78 1.84 18.77 -3.22
CA LYS B 78 2.18 19.27 -1.85
C LYS B 78 3.59 18.86 -1.46
N TYR B 79 3.93 17.61 -1.67
CA TYR B 79 5.31 17.15 -1.31
C TYR B 79 6.34 17.85 -2.20
N ALA B 80 6.18 17.74 -3.50
CA ALA B 80 7.15 18.41 -4.41
C ALA B 80 7.21 19.91 -4.11
N ARG B 81 6.24 20.42 -3.41
CA ARG B 81 6.23 21.87 -3.05
C ARG B 81 7.12 22.12 -1.84
N ILE B 82 6.98 21.31 -0.81
CA ILE B 82 7.82 21.51 0.41
C ILE B 82 9.31 21.55 0.02
N ILE B 83 9.70 20.74 -0.92
CA ILE B 83 11.13 20.74 -1.34
C ILE B 83 11.46 22.01 -2.12
N GLN B 84 10.72 22.28 -3.17
CA GLN B 84 11.00 23.52 -3.95
C GLN B 84 10.70 24.76 -3.11
N LYS B 85 9.81 24.64 -2.16
CA LYS B 85 9.51 25.81 -1.28
C LYS B 85 10.65 25.99 -0.28
N ILE B 86 11.40 24.95 -0.06
CA ILE B 86 12.54 25.04 0.88
C ILE B 86 13.77 25.56 0.12
N GLY B 87 13.78 25.40 -1.18
CA GLY B 87 14.93 25.90 -1.98
C GLY B 87 15.51 24.76 -2.84
N PHE B 88 15.21 23.53 -2.51
CA PHE B 88 15.76 22.41 -3.31
C PHE B 88 15.42 22.58 -4.79
N ALA B 89 16.07 21.82 -5.63
CA ALA B 89 15.81 21.93 -7.09
C ALA B 89 15.01 20.71 -7.57
N ALA B 90 14.30 20.08 -6.67
CA ALA B 90 13.50 18.88 -7.05
C ALA B 90 12.55 19.21 -8.21
N LYS B 91 12.27 18.25 -9.06
CA LYS B 91 11.36 18.51 -10.20
C LYS B 91 10.20 17.52 -10.17
N PHE B 92 9.00 18.01 -9.98
CA PHE B 92 7.82 17.10 -9.93
C PHE B 92 7.53 16.52 -11.32
N THR B 93 8.10 15.39 -11.64
CA THR B 93 7.85 14.78 -12.98
C THR B 93 7.84 13.26 -12.86
N ASP B 94 7.48 12.58 -13.92
CA ASP B 94 7.45 11.09 -13.87
C ASP B 94 6.43 10.61 -12.85
N PHE B 95 5.39 11.37 -12.63
CA PHE B 95 4.35 10.95 -11.63
C PHE B 95 3.45 9.88 -12.24
N LYS B 96 3.14 8.85 -11.50
CA LYS B 96 2.26 7.78 -12.05
C LYS B 96 1.79 6.85 -10.92
N ILE B 97 0.53 6.53 -10.90
CA ILE B 97 0.00 5.63 -9.84
C ILE B 97 0.33 4.17 -10.18
N GLN B 98 1.05 3.49 -9.33
CA GLN B 98 1.40 2.07 -9.63
C GLN B 98 0.85 1.15 -8.54
N ASN B 99 0.25 1.69 -7.52
CA ASN B 99 -0.30 0.83 -6.44
C ASN B 99 -1.67 1.34 -5.98
N ILE B 100 -2.71 0.56 -6.20
CA ILE B 100 -4.07 1.00 -5.78
C ILE B 100 -4.67 -0.03 -4.83
N VAL B 101 -5.09 0.38 -3.66
CA VAL B 101 -5.68 -0.58 -2.69
C VAL B 101 -7.21 -0.51 -2.72
N GLY B 102 -7.86 -1.64 -2.82
CA GLY B 102 -9.34 -1.64 -2.86
C GLY B 102 -9.88 -2.80 -2.01
N SER B 103 -11.17 -2.83 -1.76
CA SER B 103 -11.73 -3.93 -0.93
C SER B 103 -13.25 -4.00 -1.13
N CYS B 104 -13.87 -5.09 -0.74
CA CYS B 104 -15.34 -5.20 -0.91
C CYS B 104 -15.87 -6.44 -0.17
N ASP B 105 -17.17 -6.53 -0.02
CA ASP B 105 -17.76 -7.70 0.69
C ASP B 105 -18.57 -8.54 -0.30
N VAL B 106 -18.46 -9.84 -0.24
CA VAL B 106 -19.21 -10.70 -1.19
C VAL B 106 -20.59 -11.06 -0.60
N LYS B 107 -20.99 -10.39 0.46
CA LYS B 107 -22.31 -10.70 1.08
C LYS B 107 -22.30 -12.06 1.76
N PHE B 108 -21.17 -12.73 1.79
CA PHE B 108 -21.12 -14.06 2.45
C PHE B 108 -19.66 -14.44 2.75
N PRO B 109 -19.48 -15.22 3.77
CA PRO B 109 -18.12 -15.66 4.18
C PRO B 109 -17.58 -16.70 3.18
N ILE B 110 -16.31 -16.97 3.23
CA ILE B 110 -15.73 -17.96 2.27
C ILE B 110 -14.83 -18.95 3.01
N ARG B 111 -14.61 -20.11 2.42
CA ARG B 111 -13.72 -21.11 3.07
C ARG B 111 -12.27 -20.89 2.63
N LEU B 112 -11.48 -20.23 3.45
CA LEU B 112 -10.06 -19.98 3.07
C LEU B 112 -9.37 -21.29 2.71
N GLU B 113 -9.41 -22.24 3.61
CA GLU B 113 -8.75 -23.55 3.31
C GLU B 113 -9.27 -24.12 2.00
N GLY B 114 -10.47 -23.77 1.63
CA GLY B 114 -11.03 -24.28 0.35
C GLY B 114 -10.33 -23.59 -0.82
N LEU B 115 -10.04 -22.33 -0.68
CA LEU B 115 -9.36 -21.59 -1.78
C LEU B 115 -7.91 -22.06 -1.90
N ALA B 116 -7.22 -22.18 -0.80
CA ALA B 116 -5.81 -22.63 -0.86
C ALA B 116 -5.70 -24.01 -1.52
N PHE B 117 -6.65 -24.87 -1.25
CA PHE B 117 -6.61 -26.23 -1.86
C PHE B 117 -6.80 -26.12 -3.38
N SER B 118 -7.55 -25.16 -3.82
CA SER B 118 -7.77 -25.01 -5.30
C SER B 118 -6.71 -24.08 -5.90
N HIS B 119 -6.63 -22.87 -5.43
CA HIS B 119 -5.61 -21.91 -5.97
C HIS B 119 -4.42 -21.81 -5.03
N GLY B 120 -4.11 -22.86 -4.31
CA GLY B 120 -2.96 -22.81 -3.38
C GLY B 120 -1.67 -22.52 -4.16
N THR B 121 -1.71 -22.65 -5.46
CA THR B 121 -0.48 -22.38 -6.27
C THR B 121 -0.21 -20.88 -6.32
N PHE B 122 -1.22 -20.07 -6.26
CA PHE B 122 -1.01 -18.59 -6.31
C PHE B 122 -1.53 -17.94 -5.04
N SER B 123 -2.05 -18.71 -4.13
CA SER B 123 -2.58 -18.12 -2.86
C SER B 123 -1.84 -18.71 -1.65
N SER B 124 -2.10 -18.22 -0.48
CA SER B 124 -1.40 -18.75 0.72
C SER B 124 -2.31 -18.62 1.96
N TYR B 125 -2.12 -19.46 2.93
CA TYR B 125 -2.97 -19.37 4.17
C TYR B 125 -2.18 -19.85 5.38
N GLU B 126 -1.68 -18.94 6.17
CA GLU B 126 -0.89 -19.34 7.37
C GLU B 126 -1.76 -19.22 8.63
N PRO B 127 -2.21 -20.35 9.10
CA PRO B 127 -3.07 -20.37 10.32
C PRO B 127 -2.23 -20.05 11.56
N GLU B 128 -0.94 -19.95 11.40
CA GLU B 128 -0.07 -19.63 12.56
C GLU B 128 0.30 -18.15 12.57
N LEU B 129 -0.13 -17.40 11.58
CA LEU B 129 0.20 -15.95 11.54
C LEU B 129 -0.85 -15.19 10.73
N PHE B 130 -1.27 -15.72 9.62
CA PHE B 130 -2.27 -15.01 8.79
C PHE B 130 -3.62 -15.75 8.81
N PRO B 131 -4.59 -15.15 9.44
CA PRO B 131 -5.93 -15.74 9.52
C PRO B 131 -6.65 -15.64 8.17
N GLY B 132 -6.27 -14.68 7.37
CA GLY B 132 -6.92 -14.53 6.03
C GLY B 132 -6.07 -15.22 4.98
N LEU B 133 -6.49 -15.19 3.75
CA LEU B 133 -5.70 -15.86 2.67
C LEU B 133 -5.12 -14.82 1.71
N ILE B 134 -3.91 -15.03 1.27
CA ILE B 134 -3.28 -14.05 0.32
C ILE B 134 -3.26 -14.64 -1.10
N TYR B 135 -4.14 -14.16 -1.95
CA TYR B 135 -4.17 -14.70 -3.34
C TYR B 135 -3.39 -13.78 -4.29
N ARG B 136 -2.61 -14.36 -5.17
CA ARG B 136 -1.82 -13.54 -6.11
C ARG B 136 -2.29 -13.79 -7.55
N MET B 137 -3.33 -13.12 -7.97
CA MET B 137 -3.84 -13.33 -9.35
C MET B 137 -2.71 -13.17 -10.37
N VAL B 138 -2.69 -14.01 -11.37
CA VAL B 138 -1.61 -13.91 -12.41
C VAL B 138 -1.96 -12.84 -13.44
N LYS B 139 -3.19 -12.79 -13.86
CA LYS B 139 -3.60 -11.76 -14.87
C LYS B 139 -4.99 -11.21 -14.53
N PRO B 140 -5.06 -9.94 -14.19
CA PRO B 140 -3.84 -9.08 -14.14
C PRO B 140 -2.99 -9.42 -12.91
N LYS B 141 -1.79 -8.91 -12.86
CA LYS B 141 -0.90 -9.20 -11.69
C LYS B 141 -1.40 -8.45 -10.46
N ILE B 142 -2.29 -9.05 -9.71
CA ILE B 142 -2.81 -8.35 -8.49
C ILE B 142 -2.93 -9.34 -7.33
N VAL B 143 -2.85 -8.85 -6.12
CA VAL B 143 -2.95 -9.74 -4.94
C VAL B 143 -4.32 -9.56 -4.27
N LEU B 144 -5.05 -10.62 -4.07
CA LEU B 144 -6.38 -10.50 -3.43
C LEU B 144 -6.40 -11.24 -2.09
N LEU B 145 -6.98 -10.65 -1.08
CA LEU B 145 -7.02 -11.31 0.26
C LEU B 145 -8.48 -11.53 0.69
N ILE B 146 -8.79 -12.72 1.15
CA ILE B 146 -10.19 -12.99 1.60
C ILE B 146 -10.22 -13.21 3.11
N PHE B 147 -11.36 -13.07 3.72
CA PHE B 147 -11.45 -13.28 5.19
C PHE B 147 -12.68 -14.10 5.54
N VAL B 148 -12.60 -14.90 6.58
CA VAL B 148 -13.76 -15.73 6.98
C VAL B 148 -15.04 -14.90 6.97
N SER B 149 -14.92 -13.61 7.12
CA SER B 149 -16.13 -12.74 7.13
C SER B 149 -16.65 -12.54 5.70
N GLY B 150 -15.81 -12.72 4.73
CA GLY B 150 -16.26 -12.54 3.31
C GLY B 150 -15.68 -11.26 2.75
N LYS B 151 -14.84 -10.57 3.50
CA LYS B 151 -14.24 -9.31 2.99
C LYS B 151 -13.10 -9.62 2.02
N ILE B 152 -12.98 -8.85 0.97
CA ILE B 152 -11.89 -9.10 -0.02
C ILE B 152 -11.05 -7.84 -0.21
N VAL B 153 -9.76 -7.99 -0.35
CA VAL B 153 -8.89 -6.81 -0.53
C VAL B 153 -8.08 -6.93 -1.83
N LEU B 154 -7.71 -5.83 -2.43
CA LEU B 154 -6.92 -5.89 -3.69
C LEU B 154 -5.87 -4.78 -3.70
N THR B 155 -4.61 -5.14 -3.77
CA THR B 155 -3.54 -4.11 -3.79
C THR B 155 -2.50 -4.44 -4.85
N GLY B 156 -1.65 -3.50 -5.18
CA GLY B 156 -0.60 -3.76 -6.22
C GLY B 156 -1.16 -3.45 -7.61
N ALA B 157 -2.37 -2.95 -7.68
CA ALA B 157 -2.95 -2.63 -9.01
C ALA B 157 -2.41 -1.30 -9.54
N LYS B 158 -1.98 -1.26 -10.77
CA LYS B 158 -1.44 0.00 -11.34
C LYS B 158 -2.58 0.94 -11.72
N GLN B 159 -3.73 0.40 -12.03
CA GLN B 159 -4.88 1.28 -12.42
C GLN B 159 -6.20 0.68 -11.91
N ARG B 160 -7.22 1.47 -11.85
CA ARG B 160 -8.54 0.97 -11.35
C ARG B 160 -9.03 -0.19 -12.22
N GLU B 161 -8.62 -0.25 -13.46
CA GLU B 161 -9.07 -1.35 -14.35
C GLU B 161 -8.55 -2.70 -13.84
N GLU B 162 -7.44 -2.69 -13.14
CA GLU B 162 -6.89 -3.98 -12.62
C GLU B 162 -7.72 -4.44 -11.42
N ILE B 163 -8.09 -3.54 -10.55
CA ILE B 163 -8.90 -3.93 -9.37
C ILE B 163 -10.27 -4.45 -9.83
N TYR B 164 -10.85 -3.83 -10.81
CA TYR B 164 -12.18 -4.29 -11.32
C TYR B 164 -12.04 -5.69 -11.92
N GLN B 165 -10.98 -5.95 -12.62
CA GLN B 165 -10.78 -7.29 -13.24
C GLN B 165 -10.40 -8.31 -12.16
N ALA B 166 -9.70 -7.87 -11.16
CA ALA B 166 -9.29 -8.81 -10.06
C ALA B 166 -10.52 -9.35 -9.34
N PHE B 167 -11.52 -8.53 -9.15
CA PHE B 167 -12.74 -9.00 -8.45
C PHE B 167 -13.64 -9.78 -9.43
N GLU B 168 -13.78 -9.30 -10.62
CA GLU B 168 -14.64 -10.01 -11.62
C GLU B 168 -14.07 -11.40 -11.89
N ALA B 169 -12.83 -11.63 -11.54
CA ALA B 169 -12.22 -12.97 -11.77
C ALA B 169 -12.32 -13.82 -10.52
N ILE B 170 -12.25 -13.21 -9.37
CA ILE B 170 -12.34 -13.98 -8.09
C ILE B 170 -13.79 -14.10 -7.65
N TYR B 171 -14.65 -13.28 -8.20
CA TYR B 171 -16.09 -13.34 -7.82
C TYR B 171 -16.65 -14.76 -7.98
N PRO B 172 -16.30 -15.41 -9.07
CA PRO B 172 -16.80 -16.78 -9.31
C PRO B 172 -16.06 -17.78 -8.42
N VAL B 173 -14.80 -17.58 -8.20
CA VAL B 173 -14.03 -18.52 -7.33
C VAL B 173 -14.61 -18.50 -5.91
N LEU B 174 -14.94 -17.33 -5.42
CA LEU B 174 -15.50 -17.24 -4.05
C LEU B 174 -16.82 -18.00 -3.96
N SER B 175 -17.71 -17.77 -4.88
CA SER B 175 -19.03 -18.49 -4.86
C SER B 175 -18.80 -20.00 -4.88
N GLU B 176 -17.88 -20.45 -5.70
CA GLU B 176 -17.61 -21.92 -5.77
C GLU B 176 -17.11 -22.43 -4.41
N PHE B 177 -16.46 -21.60 -3.65
CA PHE B 177 -15.94 -22.04 -2.32
C PHE B 177 -16.56 -21.18 -1.22
N ARG B 178 -17.83 -20.85 -1.34
CA ARG B 178 -18.48 -20.01 -0.30
C ARG B 178 -18.65 -20.81 1.00
N LYS B 179 -18.60 -20.15 2.12
CA LYS B 179 -18.76 -20.87 3.42
C LYS B 179 -20.23 -20.88 3.84
N MET B 180 -20.84 -19.74 3.96
CA MET B 180 -22.28 -19.70 4.37
C MET B 180 -23.02 -18.65 3.55
N GLU A 1 20.55 -11.53 -2.33
CA GLU A 1 21.33 -12.16 -1.23
C GLU A 1 20.53 -12.08 0.08
N GLY A 2 19.26 -11.87 0.01
CA GLY A 2 18.43 -11.78 1.25
C GLY A 2 18.89 -10.59 2.08
N SER A 3 19.37 -10.82 3.28
CA SER A 3 19.84 -9.70 4.13
C SER A 3 18.70 -8.69 4.34
N ILE A 4 18.20 -8.58 5.54
CA ILE A 4 17.09 -7.62 5.80
C ILE A 4 17.62 -6.39 6.56
N GLY A 5 18.71 -5.83 6.11
CA GLY A 5 19.27 -4.63 6.81
C GLY A 5 18.72 -3.36 6.17
N ASN A 6 19.16 -3.04 4.99
CA ASN A 6 18.66 -1.81 4.30
C ASN A 6 17.19 -1.98 3.93
N GLY A 7 16.70 -1.16 3.04
CA GLY A 7 15.27 -1.27 2.64
C GLY A 7 14.37 -0.96 3.84
N LEU A 8 13.22 -0.38 3.61
CA LEU A 8 12.32 -0.05 4.74
C LEU A 8 11.06 -0.95 4.69
N ASP A 9 10.30 -0.97 5.74
CA ASP A 9 9.07 -1.84 5.76
C ASP A 9 7.87 -1.10 5.15
N LEU A 10 7.63 -1.28 3.88
CA LEU A 10 6.47 -0.59 3.24
C LEU A 10 5.30 -1.56 3.11
N THR A 11 5.45 -2.76 3.60
CA THR A 11 4.33 -3.74 3.49
C THR A 11 3.00 -3.07 3.80
N GLY A 12 2.98 -2.20 4.77
CA GLY A 12 1.71 -1.50 5.11
C GLY A 12 1.59 -0.23 4.28
N ILE A 13 2.69 0.42 4.03
CA ILE A 13 2.64 1.68 3.24
C ILE A 13 1.85 1.43 1.94
N LEU A 14 2.11 0.34 1.27
CA LEU A 14 1.34 0.06 0.02
C LEU A 14 0.00 -0.61 0.38
N PHE A 15 -0.08 -1.17 1.55
CA PHE A 15 -1.36 -1.81 1.97
C PHE A 15 -2.14 -0.85 2.88
N GLY A 16 -1.72 0.38 2.95
CA GLY A 16 -2.42 1.36 3.82
C GLY A 16 -1.40 2.35 4.37
N ASN A 17 -1.17 3.42 3.67
CA ASN A 17 -0.18 4.46 4.09
C ASN A 17 0.22 4.33 5.56
N ILE A 18 1.49 4.20 5.79
CA ILE A 18 2.01 4.09 7.18
C ILE A 18 3.35 4.78 7.22
N ASP A 19 3.83 5.14 8.36
CA ASP A 19 5.15 5.78 8.41
C ASP A 19 6.20 4.68 8.48
N SER A 20 7.24 4.78 7.71
CA SER A 20 8.28 3.72 7.73
C SER A 20 8.51 3.26 9.18
N GLU A 21 8.27 4.11 10.13
CA GLU A 21 8.43 3.72 11.55
C GLU A 21 7.59 2.48 11.86
N GLY A 22 6.66 2.14 11.00
CA GLY A 22 5.82 0.95 11.23
C GLY A 22 4.43 1.36 11.75
N ARG A 23 3.95 2.50 11.35
CA ARG A 23 2.60 2.95 11.82
C ARG A 23 1.69 3.27 10.63
N LEU A 24 0.50 2.73 10.60
CA LEU A 24 -0.44 3.00 9.48
C LEU A 24 -1.37 4.17 9.83
N LEU A 25 -1.81 4.89 8.84
CA LEU A 25 -2.71 6.05 9.12
C LEU A 25 -4.02 5.90 8.34
N GLN A 26 -4.90 6.85 8.49
CA GLN A 26 -6.20 6.78 7.77
C GLN A 26 -6.39 8.00 6.87
N ASP A 27 -6.87 7.79 5.68
CA ASP A 27 -7.07 8.95 4.75
C ASP A 27 -8.15 9.89 5.30
N ASP A 28 -9.20 9.34 5.86
CA ASP A 28 -10.29 10.19 6.42
C ASP A 28 -9.71 11.13 7.48
N ASP A 29 -10.32 12.28 7.67
CA ASP A 29 -9.81 13.24 8.69
C ASP A 29 -10.85 13.44 9.79
N GLY A 30 -12.09 13.20 9.49
CA GLY A 30 -13.16 13.39 10.50
C GLY A 30 -13.04 12.31 11.58
N GLU A 31 -14.10 12.04 12.29
CA GLU A 31 -14.04 10.98 13.34
C GLU A 31 -15.43 10.35 13.54
N GLY A 32 -16.28 10.47 12.56
CA GLY A 32 -17.64 9.88 12.69
C GLY A 32 -18.17 9.49 11.30
N ARG A 33 -17.86 8.31 10.85
CA ARG A 33 -18.34 7.87 9.51
C ARG A 33 -18.70 6.38 9.53
N GLY A 34 -18.71 5.78 10.69
CA GLY A 34 -19.05 4.33 10.77
C GLY A 34 -17.83 3.54 11.27
N GLY A 35 -16.80 4.23 11.70
CA GLY A 35 -15.60 3.52 12.19
C GLY A 35 -14.78 3.01 11.01
N THR A 36 -14.53 3.85 10.04
CA THR A 36 -13.75 3.41 8.85
C THR A 36 -12.29 3.13 9.25
N GLY A 37 -11.53 2.56 8.36
CA GLY A 37 -10.10 2.26 8.67
C GLY A 37 -9.93 0.76 8.89
N PHE A 38 -9.04 0.14 8.16
CA PHE A 38 -8.83 -1.32 8.32
C PHE A 38 -8.81 -1.69 9.81
N ASP A 39 -9.20 -2.90 10.14
CA ASP A 39 -9.19 -3.32 11.56
C ASP A 39 -7.78 -3.71 12.00
N ALA A 40 -7.66 -4.48 13.05
CA ALA A 40 -6.31 -4.88 13.52
C ALA A 40 -5.98 -6.29 13.03
N GLU A 41 -6.46 -6.66 11.87
CA GLU A 41 -6.15 -8.01 11.33
C GLU A 41 -5.05 -7.88 10.29
N LEU A 42 -4.91 -6.71 9.72
CA LEU A 42 -3.86 -6.49 8.70
C LEU A 42 -2.68 -5.73 9.29
N ARG A 43 -2.95 -4.75 10.11
CA ARG A 43 -1.84 -3.96 10.70
C ARG A 43 -0.81 -4.91 11.33
N GLU A 44 -1.24 -5.74 12.23
CA GLU A 44 -0.30 -6.69 12.88
C GLU A 44 0.24 -7.67 11.83
N ASN A 45 -0.50 -7.87 10.77
CA ASN A 45 -0.03 -8.81 9.71
C ASN A 45 0.98 -8.10 8.82
N ILE A 46 0.76 -6.84 8.56
CA ILE A 46 1.72 -6.07 7.71
C ILE A 46 3.13 -6.22 8.26
N GLY A 47 3.28 -6.11 9.56
CA GLY A 47 4.63 -6.24 10.17
C GLY A 47 5.22 -7.61 9.80
N SER A 48 4.38 -8.55 9.46
CA SER A 48 4.89 -9.90 9.09
C SER A 48 4.33 -10.32 7.73
N LEU A 49 3.85 -9.39 6.95
CA LEU A 49 3.29 -9.75 5.61
C LEU A 49 4.42 -9.93 4.61
N SER A 50 5.62 -9.55 4.97
CA SER A 50 6.77 -9.70 4.03
C SER A 50 7.36 -11.11 4.12
N LYS A 51 6.52 -12.11 4.28
CA LYS A 51 7.04 -13.50 4.37
C LYS A 51 6.18 -14.45 3.53
N LEU A 52 5.34 -13.90 2.70
CA LEU A 52 4.46 -14.77 1.85
C LEU A 52 4.40 -14.24 0.41
N GLY A 53 4.54 -12.95 0.22
CA GLY A 53 4.48 -12.40 -1.17
C GLY A 53 4.72 -10.90 -1.15
N LEU A 54 4.10 -10.20 -0.24
CA LEU A 54 4.29 -8.72 -0.18
C LEU A 54 5.76 -8.35 -0.32
N ASP A 55 6.65 -9.25 0.00
CA ASP A 55 8.11 -8.94 -0.12
C ASP A 55 8.37 -8.22 -1.45
N SER A 56 7.74 -8.66 -2.51
CA SER A 56 7.94 -8.00 -3.83
C SER A 56 7.34 -6.60 -3.79
N MET A 57 6.14 -6.47 -3.27
CA MET A 57 5.50 -5.13 -3.20
C MET A 57 6.20 -4.30 -2.11
N LEU A 58 7.06 -4.92 -1.35
CA LEU A 58 7.80 -4.18 -0.28
C LEU A 58 8.81 -3.25 -0.94
N LEU A 59 9.73 -3.81 -1.66
CA LEU A 59 10.76 -2.99 -2.36
C LEU A 59 10.12 -2.26 -3.56
N GLU A 60 8.85 -2.45 -3.77
CA GLU A 60 8.17 -1.78 -4.92
C GLU A 60 7.75 -0.36 -4.56
N VAL A 61 8.03 0.08 -3.38
CA VAL A 61 7.64 1.45 -3.02
C VAL A 61 8.76 2.13 -2.24
N ILE A 62 9.83 1.42 -1.98
CA ILE A 62 10.99 2.01 -1.25
C ILE A 62 12.27 1.32 -1.70
N ASP A 63 12.77 1.65 -2.86
CA ASP A 63 14.01 1.01 -3.33
C ASP A 63 15.21 1.63 -2.62
N LEU A 64 15.18 1.62 -1.32
CA LEU A 64 16.29 2.23 -0.54
C LEU A 64 17.26 1.15 -0.05
N LYS A 65 17.92 0.51 -0.96
CA LYS A 65 18.89 -0.55 -0.56
C LYS A 65 19.93 -0.74 -1.67
N GLU A 66 21.09 -1.23 -1.33
CA GLU A 66 22.14 -1.43 -2.37
C GLU A 66 22.37 -0.14 -3.15
N ALA A 67 22.43 0.98 -2.48
CA ALA A 67 22.65 2.27 -3.19
C ALA A 67 24.11 2.71 -3.06
N SER B 1 -23.93 -9.92 -7.53
CA SER B 1 -22.96 -9.80 -8.66
C SER B 1 -22.95 -8.36 -9.18
N GLY B 2 -22.08 -7.53 -8.65
CA GLY B 2 -22.02 -6.12 -9.12
C GLY B 2 -21.77 -5.19 -7.94
N ILE B 3 -20.96 -5.60 -6.99
CA ILE B 3 -20.69 -4.73 -5.81
C ILE B 3 -19.56 -3.75 -6.13
N VAL B 4 -18.72 -4.10 -7.07
CA VAL B 4 -17.60 -3.18 -7.44
C VAL B 4 -16.69 -2.94 -6.24
N PRO B 5 -15.41 -3.10 -6.46
CA PRO B 5 -14.41 -2.89 -5.38
C PRO B 5 -14.24 -1.41 -5.09
N THR B 6 -14.17 -1.03 -3.84
CA THR B 6 -14.00 0.41 -3.50
C THR B 6 -12.53 0.71 -3.19
N LEU B 7 -11.98 1.70 -3.82
CA LEU B 7 -10.55 2.05 -3.56
C LEU B 7 -10.40 2.64 -2.16
N GLN B 8 -9.70 1.96 -1.29
CA GLN B 8 -9.52 2.49 0.10
C GLN B 8 -8.12 3.08 0.26
N ASN B 9 -7.27 2.88 -0.71
CA ASN B 9 -5.88 3.43 -0.60
C ASN B 9 -5.16 3.32 -1.94
N ILE B 10 -4.16 4.11 -2.16
CA ILE B 10 -3.41 4.05 -3.45
C ILE B 10 -2.00 4.62 -3.27
N VAL B 11 -1.11 4.28 -4.15
CA VAL B 11 0.29 4.80 -4.02
C VAL B 11 0.84 5.19 -5.39
N ALA B 12 1.60 6.24 -5.45
CA ALA B 12 2.17 6.67 -6.77
C ALA B 12 3.66 6.97 -6.63
N THR B 13 4.41 6.80 -7.69
CA THR B 13 5.88 7.08 -7.62
C THR B 13 6.21 8.35 -8.41
N VAL B 14 6.77 9.33 -7.76
CA VAL B 14 7.12 10.60 -8.47
C VAL B 14 8.63 10.81 -8.45
N THR B 15 9.15 11.49 -9.44
CA THR B 15 10.63 11.73 -9.48
C THR B 15 10.91 13.23 -9.54
N LEU B 16 12.05 13.65 -9.04
CA LEU B 16 12.38 15.10 -9.07
C LEU B 16 13.44 15.38 -10.15
N GLY B 17 14.45 14.55 -10.22
CA GLY B 17 15.51 14.76 -11.24
C GLY B 17 16.80 15.23 -10.57
N CYS B 18 16.72 15.59 -9.32
CA CYS B 18 17.94 16.06 -8.60
C CYS B 18 18.09 15.32 -7.27
N ARG B 19 19.16 15.56 -6.55
CA ARG B 19 19.36 14.85 -5.25
C ARG B 19 18.81 15.70 -4.10
N LEU B 20 18.56 15.10 -2.97
CA LEU B 20 18.02 15.88 -1.81
C LEU B 20 18.78 15.48 -0.54
N ASP B 21 18.91 16.40 0.38
CA ASP B 21 19.63 16.07 1.65
C ASP B 21 18.63 15.67 2.73
N LEU B 22 18.48 14.40 2.97
CA LEU B 22 17.52 13.95 4.02
C LEU B 22 17.76 14.70 5.32
N LYS B 23 19.00 14.93 5.66
CA LYS B 23 19.30 15.66 6.93
C LYS B 23 18.63 17.05 6.89
N THR B 24 18.69 17.72 5.77
CA THR B 24 18.06 19.06 5.67
C THR B 24 16.58 18.91 5.27
N VAL B 25 16.30 18.08 4.31
CA VAL B 25 14.89 17.89 3.87
C VAL B 25 14.01 17.54 5.08
N ALA B 26 14.52 16.77 6.00
CA ALA B 26 13.73 16.40 7.20
C ALA B 26 13.82 17.51 8.25
N LEU B 27 14.91 18.23 8.27
CA LEU B 27 15.07 19.32 9.27
C LEU B 27 14.41 20.60 8.77
N HIS B 28 14.26 20.73 7.47
CA HIS B 28 13.62 21.96 6.91
C HIS B 28 12.12 21.73 6.72
N ALA B 29 11.73 20.53 6.40
CA ALA B 29 10.28 20.25 6.18
C ALA B 29 9.51 20.46 7.49
N ARG B 30 8.34 21.05 7.42
CA ARG B 30 7.55 21.29 8.66
C ARG B 30 6.96 19.98 9.17
N ASN B 31 6.72 19.04 8.30
CA ASN B 31 6.15 17.73 8.73
C ASN B 31 6.91 16.58 8.07
N ALA B 32 8.05 16.24 8.58
CA ALA B 32 8.84 15.13 7.98
C ALA B 32 9.66 14.42 9.06
N GLU B 33 10.00 13.18 8.85
CA GLU B 33 10.79 12.44 9.86
C GLU B 33 11.90 11.62 9.18
N TYR B 34 12.86 11.16 9.94
CA TYR B 34 13.96 10.35 9.34
C TYR B 34 14.32 9.18 10.26
N ASN B 35 14.08 7.98 9.83
CA ASN B 35 14.40 6.80 10.68
C ASN B 35 15.49 5.95 10.02
N PRO B 36 16.71 6.19 10.44
CA PRO B 36 17.86 5.43 9.90
C PRO B 36 17.86 3.99 10.43
N LYS B 37 17.13 3.74 11.48
CA LYS B 37 17.09 2.37 12.05
C LYS B 37 16.18 1.47 11.19
N ARG B 38 15.54 2.03 10.20
CA ARG B 38 14.64 1.22 9.33
C ARG B 38 15.03 1.39 7.86
N PHE B 39 15.47 2.56 7.50
CA PHE B 39 15.85 2.81 6.09
C PHE B 39 16.56 4.16 5.94
N ALA B 40 16.80 4.58 4.72
CA ALA B 40 17.51 5.88 4.52
C ALA B 40 16.63 6.90 3.78
N ALA B 41 15.47 7.21 4.29
CA ALA B 41 14.61 8.20 3.59
C ALA B 41 13.78 8.99 4.61
N VAL B 42 13.36 10.17 4.25
CA VAL B 42 12.54 11.00 5.17
C VAL B 42 11.06 10.85 4.84
N ILE B 43 10.26 10.51 5.81
CA ILE B 43 8.80 10.34 5.54
C ILE B 43 8.06 11.67 5.75
N MET B 44 7.28 12.08 4.81
CA MET B 44 6.51 13.36 4.96
C MET B 44 5.07 13.05 5.32
N ARG B 45 4.35 14.03 5.83
CA ARG B 45 2.93 13.77 6.20
C ARG B 45 2.13 15.07 6.16
N ILE B 46 1.06 15.10 5.41
CA ILE B 46 0.23 16.33 5.33
C ILE B 46 -1.24 15.97 5.58
N ARG B 47 -2.02 16.91 6.03
CA ARG B 47 -3.46 16.61 6.29
C ARG B 47 -4.34 17.15 5.16
N GLU B 48 -3.85 17.14 3.95
CA GLU B 48 -4.66 17.66 2.82
C GLU B 48 -3.93 17.47 1.49
N PRO B 49 -4.10 16.32 0.88
CA PRO B 49 -4.96 15.26 1.46
C PRO B 49 -4.20 14.50 2.56
N LYS B 50 -4.90 14.00 3.54
CA LYS B 50 -4.21 13.25 4.63
C LYS B 50 -3.51 12.01 4.06
N THR B 51 -2.24 12.11 3.80
CA THR B 51 -1.52 10.93 3.22
C THR B 51 -0.05 10.93 3.66
N THR B 52 0.66 9.87 3.38
CA THR B 52 2.10 9.80 3.77
C THR B 52 2.96 9.85 2.51
N ALA B 53 4.20 10.26 2.63
CA ALA B 53 5.07 10.33 1.43
C ALA B 53 6.47 9.79 1.74
N LEU B 54 7.07 9.13 0.79
CA LEU B 54 8.44 8.57 1.00
C LEU B 54 9.46 9.44 0.24
N ILE B 55 10.46 9.93 0.92
CA ILE B 55 11.46 10.78 0.22
C ILE B 55 12.80 10.07 0.11
N PHE B 56 13.29 9.88 -1.08
CA PHE B 56 14.61 9.20 -1.27
C PHE B 56 15.68 10.23 -1.65
N ALA B 57 16.78 10.24 -0.95
CA ALA B 57 17.86 11.22 -1.28
C ALA B 57 18.19 11.16 -2.77
N SER B 58 17.94 10.05 -3.41
CA SER B 58 18.24 9.92 -4.86
C SER B 58 17.41 10.93 -5.66
N GLY B 59 16.21 11.21 -5.22
CA GLY B 59 15.36 12.18 -5.96
C GLY B 59 13.96 11.58 -6.16
N LYS B 60 13.85 10.29 -6.17
CA LYS B 60 12.52 9.65 -6.35
C LYS B 60 11.68 9.83 -5.09
N MET B 61 10.38 9.89 -5.23
CA MET B 61 9.51 10.06 -4.03
C MET B 61 8.25 9.20 -4.16
N VAL B 62 7.82 8.61 -3.08
CA VAL B 62 6.60 7.75 -3.14
C VAL B 62 5.48 8.37 -2.29
N VAL B 63 4.25 8.03 -2.57
CA VAL B 63 3.11 8.59 -1.78
C VAL B 63 2.04 7.52 -1.57
N THR B 64 1.27 7.63 -0.51
CA THR B 64 0.21 6.62 -0.25
C THR B 64 -0.97 7.27 0.49
N GLY B 65 -2.10 6.63 0.48
CA GLY B 65 -3.29 7.21 1.18
C GLY B 65 -4.33 7.60 0.15
N ALA B 66 -3.91 7.97 -1.02
CA ALA B 66 -4.88 8.36 -2.09
C ALA B 66 -5.89 7.24 -2.32
N LYS B 67 -7.10 7.57 -2.67
CA LYS B 67 -8.12 6.53 -2.93
C LYS B 67 -8.63 6.63 -4.37
N SER B 68 -8.47 7.78 -4.96
CA SER B 68 -8.92 7.97 -6.37
C SER B 68 -7.74 8.39 -7.25
N GLU B 69 -7.97 9.28 -8.18
CA GLU B 69 -6.86 9.74 -9.06
C GLU B 69 -6.38 11.13 -8.64
N ASP B 70 -7.30 12.00 -8.31
CA ASP B 70 -6.90 13.38 -7.89
C ASP B 70 -6.28 13.34 -6.49
N ASP B 71 -6.58 12.32 -5.73
CA ASP B 71 -6.01 12.23 -4.35
C ASP B 71 -4.51 11.93 -4.41
N SER B 72 -4.09 11.16 -5.37
CA SER B 72 -2.64 10.83 -5.48
C SER B 72 -1.87 11.98 -6.13
N LYS B 73 -2.50 12.70 -7.02
CA LYS B 73 -1.81 13.83 -7.69
C LYS B 73 -1.71 15.03 -6.73
N LEU B 74 -2.77 15.31 -6.01
CA LEU B 74 -2.72 16.46 -5.05
C LEU B 74 -1.70 16.20 -3.95
N ALA B 75 -1.59 14.97 -3.51
CA ALA B 75 -0.61 14.64 -2.43
C ALA B 75 0.82 14.79 -2.96
N SER B 76 1.17 14.03 -3.96
CA SER B 76 2.55 14.13 -4.53
C SER B 76 2.89 15.60 -4.83
N ARG B 77 1.99 16.29 -5.47
CA ARG B 77 2.25 17.72 -5.80
C ARG B 77 2.52 18.51 -4.51
N LYS B 78 1.72 18.29 -3.50
CA LYS B 78 1.93 19.02 -2.22
C LYS B 78 3.33 18.72 -1.67
N TYR B 79 3.75 17.49 -1.76
CA TYR B 79 5.11 17.12 -1.25
C TYR B 79 6.19 17.80 -2.10
N ALA B 80 6.16 17.57 -3.39
CA ALA B 80 7.17 18.20 -4.28
C ALA B 80 7.29 19.70 -3.97
N ARG B 81 6.20 20.32 -3.60
CA ARG B 81 6.24 21.78 -3.28
C ARG B 81 7.12 22.02 -2.04
N ILE B 82 7.01 21.17 -1.05
CA ILE B 82 7.83 21.34 0.17
C ILE B 82 9.32 21.41 -0.20
N ILE B 83 9.79 20.48 -0.98
CA ILE B 83 11.23 20.50 -1.37
C ILE B 83 11.51 21.69 -2.30
N GLN B 84 10.76 21.80 -3.38
CA GLN B 84 10.99 22.95 -4.31
C GLN B 84 10.78 24.27 -3.58
N LYS B 85 9.89 24.29 -2.63
CA LYS B 85 9.66 25.55 -1.87
C LYS B 85 10.84 25.76 -0.93
N ILE B 86 11.48 24.69 -0.55
CA ILE B 86 12.66 24.82 0.35
C ILE B 86 13.86 25.29 -0.48
N GLY B 87 13.77 25.21 -1.78
CA GLY B 87 14.88 25.66 -2.65
C GLY B 87 15.44 24.49 -3.45
N PHE B 88 15.34 23.30 -2.94
CA PHE B 88 15.89 22.12 -3.67
C PHE B 88 15.57 22.22 -5.17
N ALA B 89 16.36 21.58 -5.99
CA ALA B 89 16.12 21.63 -7.45
C ALA B 89 15.21 20.47 -7.88
N ALA B 90 14.41 19.97 -6.98
CA ALA B 90 13.51 18.83 -7.35
C ALA B 90 12.37 19.34 -8.23
N LYS B 91 11.66 18.45 -8.88
CA LYS B 91 10.54 18.89 -9.75
C LYS B 91 9.36 17.90 -9.65
N PHE B 92 8.24 18.26 -10.20
CA PHE B 92 7.06 17.35 -10.13
C PHE B 92 6.88 16.62 -11.46
N THR B 93 7.47 15.45 -11.58
CA THR B 93 7.34 14.69 -12.86
C THR B 93 7.51 13.18 -12.60
N ASP B 94 7.35 12.37 -13.61
CA ASP B 94 7.49 10.91 -13.41
C ASP B 94 6.45 10.40 -12.40
N PHE B 95 5.37 11.11 -12.26
CA PHE B 95 4.32 10.68 -11.30
C PHE B 95 3.44 9.59 -11.93
N LYS B 96 3.19 8.52 -11.21
CA LYS B 96 2.35 7.43 -11.77
C LYS B 96 1.87 6.51 -10.64
N ILE B 97 0.60 6.21 -10.62
CA ILE B 97 0.07 5.31 -9.55
C ILE B 97 0.38 3.85 -9.89
N GLN B 98 1.27 3.23 -9.16
CA GLN B 98 1.62 1.81 -9.46
C GLN B 98 0.97 0.87 -8.44
N ASN B 99 0.29 1.40 -7.46
CA ASN B 99 -0.35 0.52 -6.45
C ASN B 99 -1.70 1.10 -5.99
N ILE B 100 -2.79 0.48 -6.40
CA ILE B 100 -4.12 0.97 -5.97
C ILE B 100 -4.78 -0.05 -5.05
N VAL B 101 -5.09 0.32 -3.85
CA VAL B 101 -5.72 -0.64 -2.91
C VAL B 101 -7.24 -0.50 -2.93
N GLY B 102 -7.95 -1.60 -2.87
CA GLY B 102 -9.44 -1.53 -2.88
C GLY B 102 -10.00 -2.53 -1.86
N SER B 103 -11.29 -2.56 -1.70
CA SER B 103 -11.89 -3.50 -0.71
C SER B 103 -13.40 -3.62 -0.94
N CYS B 104 -13.95 -4.79 -0.82
CA CYS B 104 -15.41 -4.96 -1.03
C CYS B 104 -15.86 -6.36 -0.60
N ASP B 105 -16.96 -6.45 0.11
CA ASP B 105 -17.45 -7.78 0.55
C ASP B 105 -18.63 -8.23 -0.32
N VAL B 106 -19.17 -9.39 -0.06
CA VAL B 106 -20.32 -9.88 -0.88
C VAL B 106 -21.52 -10.21 0.02
N LYS B 107 -21.57 -11.40 0.54
CA LYS B 107 -22.71 -11.78 1.43
C LYS B 107 -22.63 -13.26 1.79
N PHE B 108 -21.45 -13.80 1.92
CA PHE B 108 -21.32 -15.24 2.28
C PHE B 108 -19.88 -15.54 2.69
N PRO B 109 -19.75 -16.49 3.58
CA PRO B 109 -18.40 -16.89 4.07
C PRO B 109 -17.62 -17.63 2.99
N ILE B 110 -16.33 -17.45 2.93
CA ILE B 110 -15.53 -18.16 1.89
C ILE B 110 -14.61 -19.20 2.53
N ARG B 111 -14.44 -20.32 1.88
CA ARG B 111 -13.56 -21.38 2.44
C ARG B 111 -12.09 -21.06 2.12
N LEU B 112 -11.41 -20.39 3.00
CA LEU B 112 -9.98 -20.05 2.73
C LEU B 112 -9.22 -21.30 2.33
N GLU B 113 -9.37 -22.37 3.07
CA GLU B 113 -8.65 -23.62 2.73
C GLU B 113 -9.00 -24.06 1.30
N GLY B 114 -10.28 -24.12 0.99
CA GLY B 114 -10.68 -24.54 -0.38
C GLY B 114 -9.89 -23.73 -1.41
N LEU B 115 -9.59 -22.49 -1.11
CA LEU B 115 -8.81 -21.66 -2.08
C LEU B 115 -7.36 -22.15 -2.14
N ALA B 116 -6.67 -22.13 -1.03
CA ALA B 116 -5.26 -22.59 -1.04
C ALA B 116 -5.18 -24.05 -1.51
N PHE B 117 -6.27 -24.75 -1.46
CA PHE B 117 -6.27 -26.17 -1.91
C PHE B 117 -6.16 -26.26 -3.43
N SER B 118 -6.99 -25.54 -4.14
CA SER B 118 -6.93 -25.58 -5.63
C SER B 118 -6.12 -24.39 -6.16
N HIS B 119 -6.17 -23.27 -5.49
CA HIS B 119 -5.40 -22.09 -5.97
C HIS B 119 -4.22 -21.81 -5.04
N GLY B 120 -3.81 -22.79 -4.28
CA GLY B 120 -2.66 -22.58 -3.36
C GLY B 120 -1.54 -21.85 -4.10
N THR B 121 -1.15 -22.34 -5.25
CA THR B 121 -0.06 -21.67 -6.01
C THR B 121 -0.50 -20.26 -6.40
N PHE B 122 -1.77 -20.00 -6.37
CA PHE B 122 -2.26 -18.63 -6.74
C PHE B 122 -2.68 -17.86 -5.47
N SER B 123 -2.74 -18.54 -4.36
CA SER B 123 -3.14 -17.84 -3.10
C SER B 123 -2.55 -18.58 -1.88
N SER B 124 -2.37 -17.90 -0.80
CA SER B 124 -1.80 -18.56 0.42
C SER B 124 -2.71 -18.31 1.62
N TYR B 125 -2.54 -19.06 2.67
CA TYR B 125 -3.39 -18.86 3.88
C TYR B 125 -2.77 -19.55 5.09
N GLU B 126 -1.88 -18.88 5.77
CA GLU B 126 -1.22 -19.50 6.96
C GLU B 126 -2.01 -19.16 8.23
N PRO B 127 -2.64 -20.16 8.77
CA PRO B 127 -3.44 -19.97 10.01
C PRO B 127 -2.52 -19.71 11.20
N GLU B 128 -1.23 -19.83 10.99
CA GLU B 128 -0.27 -19.59 12.10
C GLU B 128 0.14 -18.11 12.13
N LEU B 129 -0.29 -17.36 11.15
CA LEU B 129 0.07 -15.91 11.13
C LEU B 129 -1.06 -15.08 10.50
N PHE B 130 -1.73 -15.62 9.52
CA PHE B 130 -2.84 -14.85 8.88
C PHE B 130 -4.18 -15.59 9.06
N PRO B 131 -5.16 -14.85 9.51
CA PRO B 131 -6.51 -15.44 9.73
C PRO B 131 -7.25 -15.57 8.39
N GLY B 132 -7.16 -14.58 7.55
CA GLY B 132 -7.86 -14.63 6.24
C GLY B 132 -6.93 -15.26 5.19
N LEU B 133 -7.39 -15.39 3.98
CA LEU B 133 -6.53 -16.00 2.91
C LEU B 133 -5.82 -14.91 2.11
N ILE B 134 -4.64 -15.19 1.64
CA ILE B 134 -3.89 -14.17 0.85
C ILE B 134 -3.81 -14.61 -0.62
N TYR B 135 -4.60 -13.99 -1.47
CA TYR B 135 -4.58 -14.38 -2.91
C TYR B 135 -3.68 -13.43 -3.71
N ARG B 136 -2.77 -13.96 -4.47
CA ARG B 136 -1.87 -13.09 -5.28
C ARG B 136 -2.19 -13.24 -6.76
N MET B 137 -3.20 -12.57 -7.22
CA MET B 137 -3.58 -12.68 -8.67
C MET B 137 -2.34 -12.57 -9.55
N VAL B 138 -2.21 -13.43 -10.53
CA VAL B 138 -1.03 -13.37 -11.43
C VAL B 138 -1.31 -12.42 -12.59
N LYS B 139 -2.53 -12.38 -13.05
CA LYS B 139 -2.86 -11.48 -14.19
C LYS B 139 -4.27 -10.90 -14.00
N PRO B 140 -4.35 -9.62 -13.69
CA PRO B 140 -3.13 -8.78 -13.53
C PRO B 140 -2.37 -9.15 -12.26
N LYS B 141 -1.17 -8.65 -12.10
CA LYS B 141 -0.39 -8.97 -10.87
C LYS B 141 -0.94 -8.19 -9.68
N ILE B 142 -1.98 -8.68 -9.07
CA ILE B 142 -2.56 -7.96 -7.90
C ILE B 142 -2.77 -8.93 -6.74
N VAL B 143 -2.65 -8.45 -5.53
CA VAL B 143 -2.84 -9.35 -4.36
C VAL B 143 -4.16 -9.02 -3.65
N LEU B 144 -4.90 -10.02 -3.26
CA LEU B 144 -6.20 -9.75 -2.57
C LEU B 144 -6.32 -10.59 -1.29
N LEU B 145 -7.05 -10.11 -0.33
CA LEU B 145 -7.22 -10.89 0.94
C LEU B 145 -8.66 -11.40 1.03
N ILE B 146 -8.85 -12.57 1.59
CA ILE B 146 -10.23 -13.12 1.69
C ILE B 146 -10.53 -13.54 3.14
N PHE B 147 -11.29 -12.76 3.85
CA PHE B 147 -11.61 -13.11 5.25
C PHE B 147 -12.91 -13.93 5.29
N VAL B 148 -12.92 -15.02 6.03
CA VAL B 148 -14.15 -15.85 6.10
C VAL B 148 -15.40 -14.97 6.21
N SER B 149 -15.25 -13.80 6.75
CA SER B 149 -16.43 -12.88 6.88
C SER B 149 -17.03 -12.60 5.51
N GLY B 150 -16.21 -12.44 4.51
CA GLY B 150 -16.75 -12.16 3.14
C GLY B 150 -16.18 -10.83 2.64
N LYS B 151 -15.15 -10.34 3.26
CA LYS B 151 -14.56 -9.05 2.82
C LYS B 151 -13.35 -9.31 1.91
N ILE B 152 -13.36 -8.76 0.73
CA ILE B 152 -12.21 -8.98 -0.21
C ILE B 152 -11.37 -7.72 -0.36
N VAL B 153 -10.10 -7.80 -0.12
CA VAL B 153 -9.23 -6.59 -0.25
C VAL B 153 -8.39 -6.68 -1.52
N LEU B 154 -7.90 -5.56 -1.99
CA LEU B 154 -7.06 -5.58 -3.22
C LEU B 154 -5.94 -4.54 -3.09
N THR B 155 -4.79 -4.81 -3.65
CA THR B 155 -3.67 -3.84 -3.56
C THR B 155 -2.53 -4.27 -4.49
N GLY B 156 -1.84 -3.32 -5.08
CA GLY B 156 -0.72 -3.67 -5.98
C GLY B 156 -1.13 -3.40 -7.43
N ALA B 157 -2.23 -2.73 -7.63
CA ALA B 157 -2.68 -2.43 -9.03
C ALA B 157 -2.13 -1.08 -9.48
N LYS B 158 -2.06 -0.86 -10.76
CA LYS B 158 -1.53 0.44 -11.26
C LYS B 158 -2.67 1.34 -11.74
N GLN B 159 -3.79 0.74 -12.09
CA GLN B 159 -4.94 1.56 -12.56
C GLN B 159 -6.25 1.03 -11.96
N ARG B 160 -7.35 1.65 -12.28
CA ARG B 160 -8.66 1.18 -11.72
C ARG B 160 -9.12 -0.08 -12.44
N GLU B 161 -8.73 -0.25 -13.68
CA GLU B 161 -9.15 -1.46 -14.44
C GLU B 161 -8.65 -2.73 -13.76
N GLU B 162 -7.43 -2.71 -13.27
CA GLU B 162 -6.88 -3.93 -12.59
C GLU B 162 -7.73 -4.27 -11.36
N ILE B 163 -7.95 -3.31 -10.50
CA ILE B 163 -8.76 -3.60 -9.27
C ILE B 163 -10.16 -4.09 -9.67
N TYR B 164 -10.76 -3.45 -10.64
CA TYR B 164 -12.12 -3.89 -11.08
C TYR B 164 -12.03 -5.23 -11.81
N GLN B 165 -10.97 -5.47 -12.53
CA GLN B 165 -10.84 -6.76 -13.27
C GLN B 165 -10.36 -7.84 -12.30
N ALA B 166 -9.39 -7.55 -11.48
CA ALA B 166 -8.89 -8.58 -10.53
C ALA B 166 -10.05 -9.12 -9.68
N PHE B 167 -10.97 -8.28 -9.30
CA PHE B 167 -12.11 -8.75 -8.48
C PHE B 167 -13.02 -9.64 -9.32
N GLU B 168 -13.45 -9.17 -10.46
CA GLU B 168 -14.33 -10.00 -11.33
C GLU B 168 -13.67 -11.35 -11.60
N ALA B 169 -12.37 -11.41 -11.51
CA ALA B 169 -11.67 -12.70 -11.75
C ALA B 169 -11.77 -13.61 -10.51
N ILE B 170 -11.84 -13.03 -9.34
CA ILE B 170 -11.96 -13.85 -8.11
C ILE B 170 -13.43 -14.02 -7.74
N TYR B 171 -14.29 -13.21 -8.29
CA TYR B 171 -15.74 -13.32 -7.97
C TYR B 171 -16.22 -14.77 -8.10
N PRO B 172 -15.86 -15.41 -9.17
CA PRO B 172 -16.28 -16.82 -9.40
C PRO B 172 -15.50 -17.76 -8.47
N VAL B 173 -14.23 -17.53 -8.29
CA VAL B 173 -13.44 -18.41 -7.38
C VAL B 173 -14.04 -18.42 -5.98
N LEU B 174 -14.44 -17.26 -5.50
CA LEU B 174 -15.05 -17.19 -4.14
C LEU B 174 -16.39 -17.93 -4.12
N SER B 175 -17.17 -17.78 -5.16
CA SER B 175 -18.49 -18.46 -5.20
C SER B 175 -18.30 -19.97 -5.37
N GLU B 176 -17.20 -20.38 -5.94
CA GLU B 176 -16.96 -21.84 -6.13
C GLU B 176 -16.56 -22.49 -4.81
N PHE B 177 -15.98 -21.73 -3.91
CA PHE B 177 -15.58 -22.32 -2.59
C PHE B 177 -16.36 -21.63 -1.46
N ARG B 178 -17.63 -21.41 -1.65
CA ARG B 178 -18.42 -20.75 -0.57
C ARG B 178 -18.56 -21.68 0.63
N LYS B 179 -19.38 -21.31 1.59
CA LYS B 179 -19.55 -22.17 2.80
C LYS B 179 -21.04 -22.31 3.13
N MET B 180 -21.80 -21.27 2.92
CA MET B 180 -23.26 -21.34 3.22
C MET B 180 -24.01 -22.00 2.06
N GLU A 1 22.67 0.07 13.74
CA GLU A 1 23.51 -0.51 12.66
C GLU A 1 23.99 -1.91 13.04
N GLY A 2 23.19 -2.92 12.77
CA GLY A 2 23.60 -4.30 13.13
C GLY A 2 22.36 -5.10 13.59
N SER A 3 21.41 -5.28 12.71
CA SER A 3 20.19 -6.04 13.10
C SER A 3 19.31 -6.29 11.87
N ILE A 4 18.70 -5.26 11.36
CA ILE A 4 17.83 -5.44 10.15
C ILE A 4 18.64 -5.26 8.87
N GLY A 5 18.12 -5.67 7.75
CA GLY A 5 18.87 -5.51 6.47
C GLY A 5 18.53 -4.16 5.85
N ASN A 6 19.28 -3.76 4.86
CA ASN A 6 19.00 -2.45 4.21
C ASN A 6 17.58 -2.44 3.61
N GLY A 7 17.07 -1.28 3.32
CA GLY A 7 15.70 -1.20 2.74
C GLY A 7 14.67 -1.08 3.86
N LEU A 8 13.53 -0.51 3.58
CA LEU A 8 12.49 -0.37 4.63
C LEU A 8 11.29 -1.25 4.26
N ASP A 9 10.33 -1.38 5.13
CA ASP A 9 9.15 -2.25 4.82
C ASP A 9 7.95 -1.40 4.38
N LEU A 10 7.48 -1.59 3.17
CA LEU A 10 6.29 -0.81 2.70
C LEU A 10 5.10 -1.72 2.47
N THR A 11 5.15 -2.94 2.95
CA THR A 11 4.01 -3.86 2.74
C THR A 11 2.68 -3.13 2.97
N GLY A 12 2.69 -2.11 3.78
CA GLY A 12 1.44 -1.36 4.06
C GLY A 12 1.32 -0.20 3.07
N ILE A 13 2.41 0.35 2.62
CA ILE A 13 2.33 1.50 1.67
C ILE A 13 1.40 1.11 0.52
N LEU A 14 1.65 0.00 -0.11
CA LEU A 14 0.78 -0.45 -1.23
C LEU A 14 -0.49 -1.10 -0.67
N PHE A 15 -0.67 -1.05 0.62
CA PHE A 15 -1.88 -1.68 1.22
C PHE A 15 -2.87 -0.61 1.72
N GLY A 16 -2.43 0.61 1.90
CA GLY A 16 -3.38 1.65 2.38
C GLY A 16 -2.66 2.75 3.17
N ASN A 17 -1.59 3.27 2.64
CA ASN A 17 -0.86 4.36 3.35
C ASN A 17 -0.29 3.87 4.67
N ILE A 18 0.90 4.30 4.96
CA ILE A 18 1.57 3.89 6.22
C ILE A 18 2.83 4.72 6.39
N ASP A 19 3.29 4.82 7.59
CA ASP A 19 4.53 5.57 7.84
C ASP A 19 5.68 4.59 7.73
N SER A 20 6.62 4.83 6.85
CA SER A 20 7.76 3.90 6.70
C SER A 20 8.21 3.38 8.08
N GLU A 21 7.98 4.15 9.11
CA GLU A 21 8.36 3.70 10.47
C GLU A 21 7.68 2.37 10.81
N GLY A 22 6.70 1.98 10.03
CA GLY A 22 6.01 0.68 10.32
C GLY A 22 4.60 0.95 10.87
N ARG A 23 4.01 2.07 10.54
CA ARG A 23 2.63 2.36 11.05
C ARG A 23 1.68 2.60 9.86
N LEU A 24 0.69 1.77 9.72
CA LEU A 24 -0.26 1.95 8.57
C LEU A 24 -1.39 2.90 8.98
N LEU A 25 -2.03 3.53 8.02
CA LEU A 25 -3.13 4.47 8.39
C LEU A 25 -4.33 4.30 7.48
N GLN A 26 -5.35 5.08 7.68
CA GLN A 26 -6.57 4.97 6.85
C GLN A 26 -7.44 6.22 7.00
N ASP A 27 -6.85 7.33 7.40
CA ASP A 27 -7.64 8.57 7.56
C ASP A 27 -8.71 8.37 8.64
N ASP A 28 -8.44 8.79 9.85
CA ASP A 28 -9.44 8.61 10.94
C ASP A 28 -10.55 9.66 10.81
N ASP A 29 -11.78 9.25 10.94
CA ASP A 29 -12.92 10.22 10.83
C ASP A 29 -13.84 10.10 12.04
N GLY A 30 -15.06 10.54 11.90
CA GLY A 30 -16.03 10.44 13.04
C GLY A 30 -16.85 9.17 12.90
N GLU A 31 -18.16 9.30 12.82
CA GLU A 31 -19.02 8.09 12.69
C GLU A 31 -20.30 8.43 11.92
N GLY A 32 -20.32 8.16 10.64
CA GLY A 32 -21.54 8.46 9.84
C GLY A 32 -21.87 7.28 8.94
N ARG A 33 -20.98 6.96 8.03
CA ARG A 33 -21.23 5.80 7.12
C ARG A 33 -21.04 4.48 7.87
N GLY A 34 -20.55 4.55 9.08
CA GLY A 34 -20.33 3.30 9.87
C GLY A 34 -18.83 3.06 10.05
N GLY A 35 -18.03 4.04 9.74
CA GLY A 35 -16.55 3.87 9.90
C GLY A 35 -15.99 3.13 8.68
N THR A 36 -14.80 3.48 8.26
CA THR A 36 -14.21 2.80 7.07
C THR A 36 -12.68 2.84 7.16
N GLY A 37 -12.03 1.76 6.79
CA GLY A 37 -10.54 1.75 6.85
C GLY A 37 -10.06 0.32 7.13
N PHE A 38 -8.80 0.15 7.40
CA PHE A 38 -8.27 -1.22 7.68
C PHE A 38 -8.34 -1.51 9.19
N ASP A 39 -9.04 -2.53 9.57
CA ASP A 39 -9.14 -2.87 11.01
C ASP A 39 -7.75 -3.07 11.60
N ALA A 40 -7.65 -3.62 12.78
CA ALA A 40 -6.31 -3.83 13.39
C ALA A 40 -5.86 -5.28 13.21
N GLU A 41 -6.32 -5.94 12.17
CA GLU A 41 -5.91 -7.34 11.93
C GLU A 41 -4.81 -7.38 10.87
N LEU A 42 -4.79 -6.40 10.02
CA LEU A 42 -3.75 -6.36 8.95
C LEU A 42 -2.54 -5.57 9.43
N ARG A 43 -2.76 -4.46 10.08
CA ARG A 43 -1.62 -3.65 10.56
C ARG A 43 -0.59 -4.54 11.23
N GLU A 44 -1.03 -5.35 12.15
CA GLU A 44 -0.08 -6.26 12.86
C GLU A 44 0.46 -7.30 11.88
N ASN A 45 -0.15 -7.42 10.73
CA ASN A 45 0.34 -8.41 9.73
C ASN A 45 1.26 -7.72 8.71
N ILE A 46 0.91 -6.52 8.31
CA ILE A 46 1.78 -5.79 7.33
C ILE A 46 3.23 -5.79 7.84
N GLY A 47 3.40 -5.59 9.12
CA GLY A 47 4.79 -5.57 9.68
C GLY A 47 5.44 -6.95 9.46
N SER A 48 4.67 -7.94 9.13
CA SER A 48 5.24 -9.30 8.91
C SER A 48 4.67 -9.92 7.64
N LEU A 49 4.10 -9.12 6.77
CA LEU A 49 3.53 -9.67 5.51
C LEU A 49 4.53 -9.49 4.37
N SER A 50 5.76 -9.23 4.69
CA SER A 50 6.79 -9.03 3.62
C SER A 50 7.46 -10.36 3.28
N LYS A 51 6.71 -11.42 3.17
CA LYS A 51 7.32 -12.74 2.84
C LYS A 51 6.32 -13.64 2.09
N LEU A 52 5.04 -13.48 2.36
CA LEU A 52 4.03 -14.34 1.66
C LEU A 52 3.84 -13.90 0.20
N GLY A 53 4.63 -12.97 -0.27
CA GLY A 53 4.48 -12.53 -1.69
C GLY A 53 4.76 -11.02 -1.78
N LEU A 54 4.18 -10.25 -0.90
CA LEU A 54 4.41 -8.77 -0.94
C LEU A 54 5.91 -8.46 -0.96
N ASP A 55 6.74 -9.41 -0.59
CA ASP A 55 8.21 -9.15 -0.59
C ASP A 55 8.60 -8.41 -1.87
N SER A 56 8.01 -8.76 -2.98
CA SER A 56 8.35 -8.07 -4.26
C SER A 56 7.86 -6.63 -4.22
N MET A 57 6.58 -6.43 -3.98
CA MET A 57 6.05 -5.05 -3.91
C MET A 57 6.61 -4.34 -2.67
N LEU A 58 7.31 -5.05 -1.84
CA LEU A 58 7.90 -4.44 -0.62
C LEU A 58 9.04 -3.52 -1.04
N LEU A 59 10.05 -4.10 -1.63
CA LEU A 59 11.22 -3.32 -2.10
C LEU A 59 10.87 -2.56 -3.38
N GLU A 60 9.65 -2.67 -3.83
CA GLU A 60 9.24 -1.98 -5.10
C GLU A 60 8.69 -0.60 -4.83
N VAL A 61 8.84 -0.10 -3.64
CA VAL A 61 8.31 1.24 -3.37
C VAL A 61 9.32 2.03 -2.51
N ILE A 62 10.42 1.41 -2.18
CA ILE A 62 11.45 2.11 -1.36
C ILE A 62 12.84 1.56 -1.68
N ASP A 63 13.39 1.92 -2.79
CA ASP A 63 14.75 1.42 -3.15
C ASP A 63 15.79 2.26 -2.39
N LEU A 64 15.68 2.30 -1.10
CA LEU A 64 16.63 3.11 -0.27
C LEU A 64 17.92 2.32 -0.03
N LYS A 65 18.58 1.96 -1.09
CA LYS A 65 19.87 1.20 -0.95
C LYS A 65 20.98 1.91 -1.71
N GLU A 66 20.98 3.22 -1.70
CA GLU A 66 22.04 3.96 -2.44
C GLU A 66 22.25 5.35 -1.82
N ALA A 67 23.10 5.45 -0.82
CA ALA A 67 23.34 6.76 -0.17
C ALA A 67 24.79 6.86 0.31
N SER B 1 -18.59 -9.30 -8.98
CA SER B 1 -19.99 -9.09 -9.44
C SER B 1 -20.96 -9.17 -8.26
N GLY B 2 -20.72 -8.40 -7.23
CA GLY B 2 -21.62 -8.43 -6.05
C GLY B 2 -21.66 -7.06 -5.38
N ILE B 3 -20.58 -6.65 -4.79
CA ILE B 3 -20.56 -5.31 -4.13
C ILE B 3 -19.56 -4.39 -4.84
N VAL B 4 -18.82 -4.91 -5.77
CA VAL B 4 -17.83 -4.06 -6.51
C VAL B 4 -16.79 -3.50 -5.51
N PRO B 5 -15.54 -3.71 -5.83
CA PRO B 5 -14.45 -3.22 -4.95
C PRO B 5 -14.35 -1.69 -5.05
N THR B 6 -13.91 -1.05 -3.99
CA THR B 6 -13.78 0.43 -4.02
C THR B 6 -12.34 0.84 -3.72
N LEU B 7 -11.76 1.66 -4.56
CA LEU B 7 -10.36 2.10 -4.33
C LEU B 7 -10.29 3.04 -3.12
N GLN B 8 -9.59 2.65 -2.09
CA GLN B 8 -9.49 3.52 -0.89
C GLN B 8 -8.06 4.05 -0.73
N ASN B 9 -7.12 3.48 -1.45
CA ASN B 9 -5.71 3.95 -1.33
C ASN B 9 -4.94 3.66 -2.62
N ILE B 10 -3.87 4.38 -2.85
CA ILE B 10 -3.08 4.15 -4.10
C ILE B 10 -1.64 4.59 -3.88
N VAL B 11 -0.76 4.27 -4.78
CA VAL B 11 0.66 4.67 -4.63
C VAL B 11 1.24 5.13 -5.96
N ALA B 12 1.87 6.27 -5.99
CA ALA B 12 2.46 6.78 -7.27
C ALA B 12 3.95 7.07 -7.09
N THR B 13 4.74 6.81 -8.10
CA THR B 13 6.21 7.08 -7.99
C THR B 13 6.54 8.47 -8.51
N VAL B 14 7.25 9.26 -7.75
CA VAL B 14 7.61 10.63 -8.22
C VAL B 14 9.12 10.85 -8.09
N THR B 15 9.69 11.60 -8.99
CA THR B 15 11.16 11.85 -8.92
C THR B 15 11.45 13.35 -8.91
N LEU B 16 12.47 13.76 -8.21
CA LEU B 16 12.81 15.22 -8.17
C LEU B 16 13.90 15.53 -9.18
N GLY B 17 14.89 14.69 -9.27
CA GLY B 17 15.99 14.93 -10.25
C GLY B 17 17.20 15.52 -9.51
N CYS B 18 17.15 15.60 -8.21
CA CYS B 18 18.29 16.16 -7.44
C CYS B 18 18.38 15.49 -6.06
N ARG B 19 19.55 15.45 -5.49
CA ARG B 19 19.71 14.83 -4.15
C ARG B 19 19.20 15.78 -3.06
N LEU B 20 18.69 15.25 -1.99
CA LEU B 20 18.18 16.14 -0.90
C LEU B 20 18.85 15.79 0.43
N ASP B 21 18.91 16.73 1.34
CA ASP B 21 19.54 16.46 2.66
C ASP B 21 18.46 16.00 3.65
N LEU B 22 18.13 14.73 3.63
CA LEU B 22 17.08 14.22 4.57
C LEU B 22 17.22 14.86 5.95
N LYS B 23 18.44 15.12 6.37
CA LYS B 23 18.63 15.74 7.71
C LYS B 23 17.87 17.07 7.79
N THR B 24 18.06 17.91 6.81
CA THR B 24 17.34 19.23 6.82
C THR B 24 15.89 19.05 6.39
N VAL B 25 15.65 18.27 5.38
CA VAL B 25 14.24 18.06 4.92
C VAL B 25 13.35 17.67 6.10
N ALA B 26 13.82 16.80 6.94
CA ALA B 26 12.99 16.39 8.12
C ALA B 26 13.08 17.46 9.21
N LEU B 27 14.10 18.26 9.19
CA LEU B 27 14.24 19.33 10.23
C LEU B 27 13.47 20.59 9.81
N HIS B 28 13.48 20.91 8.54
CA HIS B 28 12.76 22.12 8.08
C HIS B 28 11.30 21.78 7.76
N ALA B 29 11.02 20.55 7.44
CA ALA B 29 9.61 20.17 7.12
C ALA B 29 8.76 20.19 8.38
N ARG B 30 7.57 20.74 8.31
CA ARG B 30 6.69 20.80 9.51
C ARG B 30 6.12 19.41 9.81
N ASN B 31 6.03 18.57 8.81
CA ASN B 31 5.49 17.21 9.04
C ASN B 31 6.35 16.16 8.33
N ALA B 32 7.46 15.81 8.92
CA ALA B 32 8.36 14.79 8.28
C ALA B 32 8.88 13.82 9.34
N GLU B 33 9.14 12.60 8.96
CA GLU B 33 9.65 11.60 9.95
C GLU B 33 10.95 10.98 9.45
N TYR B 34 12.02 11.15 10.20
CA TYR B 34 13.31 10.55 9.77
C TYR B 34 13.75 9.48 10.76
N ASN B 35 13.89 8.27 10.30
CA ASN B 35 14.31 7.17 11.23
C ASN B 35 15.49 6.39 10.64
N PRO B 36 16.63 6.57 11.26
CA PRO B 36 17.86 5.88 10.80
C PRO B 36 17.79 4.39 11.15
N LYS B 37 17.00 4.04 12.12
CA LYS B 37 16.89 2.60 12.51
C LYS B 37 16.01 1.84 11.52
N ARG B 38 15.23 2.55 10.75
CA ARG B 38 14.35 1.86 9.75
C ARG B 38 14.96 1.96 8.35
N PHE B 39 15.42 3.13 7.98
CA PHE B 39 16.02 3.30 6.63
C PHE B 39 16.68 4.67 6.50
N ALA B 40 16.94 5.11 5.29
CA ALA B 40 17.61 6.44 5.12
C ALA B 40 16.76 7.38 4.27
N ALA B 41 15.52 7.60 4.64
CA ALA B 41 14.66 8.51 3.85
C ALA B 41 13.75 9.31 4.79
N VAL B 42 13.04 10.28 4.26
CA VAL B 42 12.14 11.09 5.14
C VAL B 42 10.68 10.86 4.76
N ILE B 43 9.87 10.46 5.70
CA ILE B 43 8.43 10.21 5.39
C ILE B 43 7.61 11.48 5.69
N MET B 44 7.15 12.14 4.68
CA MET B 44 6.34 13.38 4.92
C MET B 44 4.86 13.03 5.04
N ARG B 45 4.13 13.75 5.84
CA ARG B 45 2.68 13.45 6.02
C ARG B 45 1.86 14.74 5.99
N ILE B 46 0.98 14.88 5.04
CA ILE B 46 0.14 16.12 4.97
C ILE B 46 -1.33 15.77 5.21
N ARG B 47 -2.15 16.75 5.48
CA ARG B 47 -3.59 16.46 5.73
C ARG B 47 -4.44 16.99 4.57
N GLU B 48 -3.87 17.16 3.41
CA GLU B 48 -4.65 17.67 2.26
C GLU B 48 -3.78 17.72 1.00
N PRO B 49 -3.86 16.67 0.21
CA PRO B 49 -4.73 15.51 0.52
C PRO B 49 -4.09 14.64 1.60
N LYS B 50 -4.90 14.08 2.47
CA LYS B 50 -4.34 13.21 3.55
C LYS B 50 -3.52 12.07 2.93
N THR B 51 -2.23 12.11 3.04
CA THR B 51 -1.40 11.03 2.44
C THR B 51 0.01 11.02 3.05
N THR B 52 0.85 10.13 2.61
CA THR B 52 2.24 10.07 3.14
C THR B 52 3.22 10.13 1.97
N ALA B 53 4.45 10.50 2.21
CA ALA B 53 5.42 10.58 1.09
C ALA B 53 6.75 9.89 1.46
N LEU B 54 7.18 8.96 0.66
CA LEU B 54 8.47 8.27 0.94
C LEU B 54 9.59 9.00 0.20
N ILE B 55 10.20 9.97 0.83
CA ILE B 55 11.29 10.74 0.14
C ILE B 55 12.66 10.09 0.38
N PHE B 56 13.40 9.85 -0.66
CA PHE B 56 14.75 9.24 -0.50
C PHE B 56 15.82 10.28 -0.85
N ALA B 57 16.93 10.25 -0.17
CA ALA B 57 18.00 11.24 -0.47
C ALA B 57 18.37 11.19 -1.96
N SER B 58 18.06 10.12 -2.63
CA SER B 58 18.40 10.01 -4.08
C SER B 58 17.52 10.97 -4.90
N GLY B 59 16.57 11.60 -4.28
CA GLY B 59 15.69 12.54 -5.02
C GLY B 59 14.36 11.87 -5.33
N LYS B 60 14.34 10.57 -5.42
CA LYS B 60 13.06 9.86 -5.71
C LYS B 60 11.99 10.24 -4.69
N MET B 61 10.79 9.81 -4.89
CA MET B 61 9.71 10.16 -3.92
C MET B 61 8.44 9.32 -4.21
N VAL B 62 8.01 8.54 -3.26
CA VAL B 62 6.78 7.73 -3.48
C VAL B 62 5.64 8.28 -2.61
N VAL B 63 4.45 8.34 -3.14
CA VAL B 63 3.32 8.87 -2.35
C VAL B 63 2.18 7.85 -2.25
N THR B 64 1.79 7.51 -1.05
CA THR B 64 0.68 6.52 -0.88
C THR B 64 -0.50 7.19 -0.16
N GLY B 65 -1.62 6.53 -0.10
CA GLY B 65 -2.80 7.12 0.59
C GLY B 65 -3.79 7.64 -0.44
N ALA B 66 -3.31 8.16 -1.55
CA ALA B 66 -4.23 8.69 -2.60
C ALA B 66 -5.31 7.65 -2.93
N LYS B 67 -6.42 8.08 -3.45
CA LYS B 67 -7.50 7.12 -3.80
C LYS B 67 -7.84 7.22 -5.29
N SER B 68 -7.60 8.34 -5.89
CA SER B 68 -7.90 8.50 -7.34
C SER B 68 -6.75 9.21 -8.05
N GLU B 69 -6.72 9.15 -9.36
CA GLU B 69 -5.62 9.82 -10.11
C GLU B 69 -5.48 11.28 -9.67
N ASP B 70 -6.50 12.06 -9.88
CA ASP B 70 -6.43 13.50 -9.47
C ASP B 70 -5.86 13.61 -8.05
N ASP B 71 -6.20 12.69 -7.19
CA ASP B 71 -5.68 12.74 -5.80
C ASP B 71 -4.19 12.41 -5.78
N SER B 72 -3.78 11.42 -6.54
CA SER B 72 -2.34 11.05 -6.57
C SER B 72 -1.49 12.27 -6.93
N LYS B 73 -1.94 13.07 -7.86
CA LYS B 73 -1.14 14.26 -8.27
C LYS B 73 -1.14 15.30 -7.13
N LEU B 74 -2.29 15.62 -6.59
CA LEU B 74 -2.34 16.62 -5.50
C LEU B 74 -1.41 16.20 -4.35
N ALA B 75 -1.54 14.99 -3.89
CA ALA B 75 -0.66 14.52 -2.78
C ALA B 75 0.82 14.77 -3.13
N SER B 76 1.22 14.40 -4.31
CA SER B 76 2.64 14.63 -4.71
C SER B 76 2.92 16.12 -4.87
N ARG B 77 2.06 16.82 -5.56
CA ARG B 77 2.27 18.27 -5.77
C ARG B 77 2.48 18.98 -4.42
N LYS B 78 1.70 18.63 -3.44
CA LYS B 78 1.85 19.27 -2.10
C LYS B 78 3.23 18.95 -1.51
N TYR B 79 3.72 17.77 -1.73
CA TYR B 79 5.06 17.40 -1.17
C TYR B 79 6.16 18.14 -1.94
N ALA B 80 6.22 17.96 -3.23
CA ALA B 80 7.27 18.66 -4.03
C ALA B 80 7.31 20.14 -3.66
N ARG B 81 6.22 20.65 -3.14
CA ARG B 81 6.19 22.09 -2.75
C ARG B 81 7.01 22.31 -1.47
N ILE B 82 6.77 21.53 -0.46
CA ILE B 82 7.54 21.69 0.81
C ILE B 82 9.05 21.72 0.52
N ILE B 83 9.50 20.91 -0.41
CA ILE B 83 10.95 20.90 -0.74
C ILE B 83 11.32 22.17 -1.51
N GLN B 84 10.69 22.39 -2.64
CA GLN B 84 11.01 23.62 -3.44
C GLN B 84 10.68 24.86 -2.62
N LYS B 85 9.74 24.77 -1.71
CA LYS B 85 9.39 25.95 -0.87
C LYS B 85 10.48 26.14 0.17
N ILE B 86 11.19 25.08 0.47
CA ILE B 86 12.29 25.18 1.47
C ILE B 86 13.56 25.69 0.78
N GLY B 87 13.63 25.54 -0.52
CA GLY B 87 14.83 26.02 -1.26
C GLY B 87 15.46 24.87 -2.05
N PHE B 88 15.11 23.66 -1.74
CA PHE B 88 15.70 22.50 -2.48
C PHE B 88 15.49 22.66 -3.99
N ALA B 89 16.10 21.80 -4.76
CA ALA B 89 15.96 21.88 -6.23
C ALA B 89 15.11 20.71 -6.74
N ALA B 90 14.19 20.26 -5.94
CA ALA B 90 13.33 19.11 -6.37
C ALA B 90 12.26 19.57 -7.36
N LYS B 91 11.94 18.74 -8.32
CA LYS B 91 10.90 19.12 -9.31
C LYS B 91 9.84 18.01 -9.44
N PHE B 92 8.60 18.37 -9.52
CA PHE B 92 7.53 17.34 -9.63
C PHE B 92 7.56 16.70 -11.02
N THR B 93 8.19 15.57 -11.15
CA THR B 93 8.26 14.90 -12.48
C THR B 93 8.23 13.37 -12.31
N ASP B 94 8.20 12.65 -13.39
CA ASP B 94 8.18 11.15 -13.30
C ASP B 94 6.99 10.69 -12.46
N PHE B 95 5.89 11.38 -12.52
CA PHE B 95 4.69 10.96 -11.73
C PHE B 95 4.02 9.76 -12.40
N LYS B 96 3.79 8.70 -11.67
CA LYS B 96 3.14 7.50 -12.28
C LYS B 96 2.55 6.59 -11.19
N ILE B 97 1.31 6.21 -11.34
CA ILE B 97 0.68 5.31 -10.32
C ILE B 97 0.96 3.85 -10.69
N GLN B 98 1.40 3.07 -9.74
CA GLN B 98 1.70 1.64 -10.05
C GLN B 98 1.15 0.71 -8.96
N ASN B 99 0.52 1.26 -7.95
CA ASN B 99 -0.02 0.39 -6.86
C ASN B 99 -1.37 0.92 -6.36
N ILE B 100 -2.45 0.39 -6.85
CA ILE B 100 -3.79 0.84 -6.39
C ILE B 100 -4.33 -0.13 -5.34
N VAL B 101 -5.18 0.32 -4.46
CA VAL B 101 -5.72 -0.60 -3.41
C VAL B 101 -7.23 -0.42 -3.28
N GLY B 102 -7.96 -1.51 -3.29
CA GLY B 102 -9.43 -1.42 -3.16
C GLY B 102 -9.90 -2.36 -2.04
N SER B 103 -11.17 -2.35 -1.73
CA SER B 103 -11.66 -3.25 -0.65
C SER B 103 -13.18 -3.35 -0.70
N CYS B 104 -13.73 -4.47 -0.31
CA CYS B 104 -15.21 -4.63 -0.34
C CYS B 104 -15.61 -5.91 0.40
N ASP B 105 -16.89 -6.10 0.62
CA ASP B 105 -17.34 -7.33 1.33
C ASP B 105 -18.21 -8.18 0.42
N VAL B 106 -18.29 -9.46 0.67
CA VAL B 106 -19.13 -10.35 -0.19
C VAL B 106 -20.44 -10.70 0.52
N LYS B 107 -20.74 -10.03 1.60
CA LYS B 107 -22.01 -10.32 2.34
C LYS B 107 -21.93 -11.67 3.06
N PHE B 108 -20.81 -12.33 3.00
CA PHE B 108 -20.68 -13.64 3.70
C PHE B 108 -19.21 -14.02 3.89
N PRO B 109 -18.97 -14.85 4.87
CA PRO B 109 -17.59 -15.30 5.17
C PRO B 109 -17.12 -16.31 4.12
N ILE B 110 -15.84 -16.53 4.02
CA ILE B 110 -15.33 -17.50 3.00
C ILE B 110 -14.42 -18.53 3.67
N ARG B 111 -14.39 -19.73 3.15
CA ARG B 111 -13.52 -20.79 3.75
C ARG B 111 -12.11 -20.71 3.16
N LEU B 112 -11.18 -20.18 3.90
CA LEU B 112 -9.78 -20.06 3.37
C LEU B 112 -9.21 -21.44 3.05
N GLU B 113 -9.34 -22.35 3.97
CA GLU B 113 -8.80 -23.73 3.73
C GLU B 113 -9.44 -24.35 2.50
N GLY B 114 -10.74 -24.35 2.42
CA GLY B 114 -11.43 -24.95 1.24
C GLY B 114 -10.89 -24.32 -0.05
N LEU B 115 -10.87 -23.02 -0.11
CA LEU B 115 -10.37 -22.34 -1.34
C LEU B 115 -8.86 -22.55 -1.50
N ALA B 116 -8.14 -22.57 -0.41
CA ALA B 116 -6.66 -22.77 -0.51
C ALA B 116 -6.35 -24.13 -1.15
N PHE B 117 -7.21 -25.10 -0.95
CA PHE B 117 -6.95 -26.44 -1.55
C PHE B 117 -7.28 -26.43 -3.04
N SER B 118 -8.39 -25.85 -3.41
CA SER B 118 -8.78 -25.81 -4.84
C SER B 118 -7.83 -24.90 -5.62
N HIS B 119 -7.59 -23.71 -5.13
CA HIS B 119 -6.68 -22.77 -5.84
C HIS B 119 -5.39 -22.58 -5.04
N GLY B 120 -4.90 -23.62 -4.42
CA GLY B 120 -3.64 -23.49 -3.62
C GLY B 120 -2.54 -22.90 -4.50
N THR B 121 -2.54 -23.23 -5.76
CA THR B 121 -1.50 -22.69 -6.68
C THR B 121 -1.81 -21.23 -7.03
N PHE B 122 -3.01 -20.80 -6.79
CA PHE B 122 -3.37 -19.39 -7.11
C PHE B 122 -3.60 -18.58 -5.84
N SER B 123 -3.47 -19.22 -4.70
CA SER B 123 -3.69 -18.49 -3.42
C SER B 123 -2.68 -18.94 -2.37
N SER B 124 -2.59 -18.24 -1.27
CA SER B 124 -1.62 -18.63 -0.20
C SER B 124 -2.26 -18.45 1.17
N TYR B 125 -2.18 -19.45 2.01
CA TYR B 125 -2.78 -19.34 3.38
C TYR B 125 -1.79 -19.80 4.44
N GLU B 126 -1.43 -18.94 5.35
CA GLU B 126 -0.47 -19.35 6.42
C GLU B 126 -1.11 -19.17 7.80
N PRO B 127 -1.55 -20.27 8.34
CA PRO B 127 -2.18 -20.25 9.68
C PRO B 127 -1.13 -20.02 10.77
N GLU B 128 0.11 -19.89 10.40
CA GLU B 128 1.18 -19.67 11.40
C GLU B 128 1.52 -18.17 11.49
N LEU B 129 1.17 -17.42 10.47
CA LEU B 129 1.49 -15.96 10.50
C LEU B 129 0.41 -15.16 9.77
N PHE B 130 -0.69 -15.78 9.43
CA PHE B 130 -1.77 -15.04 8.72
C PHE B 130 -3.06 -15.87 8.68
N PRO B 131 -4.02 -15.46 9.47
CA PRO B 131 -5.31 -16.16 9.52
C PRO B 131 -6.13 -15.89 8.25
N GLY B 132 -5.75 -14.88 7.51
CA GLY B 132 -6.50 -14.55 6.27
C GLY B 132 -5.89 -15.31 5.09
N LEU B 133 -6.42 -15.14 3.90
CA LEU B 133 -5.87 -15.85 2.73
C LEU B 133 -5.49 -14.85 1.63
N ILE B 134 -4.33 -15.01 1.05
CA ILE B 134 -3.90 -14.08 -0.03
C ILE B 134 -4.02 -14.77 -1.39
N TYR B 135 -4.90 -14.30 -2.23
CA TYR B 135 -5.07 -14.94 -3.57
C TYR B 135 -4.20 -14.23 -4.61
N ARG B 136 -3.39 -14.97 -5.32
CA ARG B 136 -2.53 -14.34 -6.36
C ARG B 136 -3.16 -14.50 -7.74
N MET B 137 -3.75 -13.47 -8.27
CA MET B 137 -4.38 -13.57 -9.62
C MET B 137 -3.30 -13.56 -10.71
N VAL B 138 -3.36 -14.48 -11.63
CA VAL B 138 -2.34 -14.53 -12.71
C VAL B 138 -2.68 -13.50 -13.81
N LYS B 139 -3.94 -13.27 -14.05
CA LYS B 139 -4.31 -12.29 -15.11
C LYS B 139 -5.61 -11.56 -14.73
N PRO B 140 -5.50 -10.30 -14.38
CA PRO B 140 -4.18 -9.60 -14.35
C PRO B 140 -3.37 -10.07 -13.14
N LYS B 141 -2.13 -9.67 -13.06
CA LYS B 141 -1.29 -10.09 -11.89
C LYS B 141 -1.65 -9.25 -10.66
N ILE B 142 -2.70 -9.60 -9.98
CA ILE B 142 -3.09 -8.83 -8.76
C ILE B 142 -3.23 -9.75 -7.55
N VAL B 143 -3.05 -9.23 -6.36
CA VAL B 143 -3.17 -10.09 -5.15
C VAL B 143 -4.41 -9.71 -4.35
N LEU B 144 -5.39 -10.57 -4.30
CA LEU B 144 -6.63 -10.25 -3.53
C LEU B 144 -6.59 -10.94 -2.16
N LEU B 145 -6.90 -10.22 -1.12
CA LEU B 145 -6.89 -10.82 0.25
C LEU B 145 -8.28 -11.35 0.61
N ILE B 146 -8.35 -12.41 1.37
CA ILE B 146 -9.68 -12.96 1.77
C ILE B 146 -9.65 -13.36 3.25
N PHE B 147 -10.50 -12.78 4.05
CA PHE B 147 -10.52 -13.14 5.49
C PHE B 147 -11.80 -13.90 5.84
N VAL B 148 -11.74 -14.76 6.81
CA VAL B 148 -12.96 -15.53 7.20
C VAL B 148 -14.13 -14.59 7.45
N SER B 149 -13.86 -13.38 7.83
CA SER B 149 -14.96 -12.41 8.10
C SER B 149 -15.77 -12.16 6.83
N GLY B 150 -15.12 -12.12 5.69
CA GLY B 150 -15.85 -11.89 4.41
C GLY B 150 -15.33 -10.62 3.75
N LYS B 151 -14.35 -9.97 4.34
CA LYS B 151 -13.81 -8.73 3.74
C LYS B 151 -12.82 -9.07 2.63
N ILE B 152 -12.83 -8.34 1.55
CA ILE B 152 -11.90 -8.63 0.43
C ILE B 152 -11.05 -7.40 0.11
N VAL B 153 -9.76 -7.57 -0.02
CA VAL B 153 -8.88 -6.40 -0.34
C VAL B 153 -8.15 -6.65 -1.65
N LEU B 154 -7.87 -5.62 -2.40
CA LEU B 154 -7.15 -5.81 -3.70
C LEU B 154 -6.04 -4.78 -3.86
N THR B 155 -4.84 -5.23 -4.16
CA THR B 155 -3.71 -4.28 -4.34
C THR B 155 -2.70 -4.84 -5.32
N GLY B 156 -1.70 -4.07 -5.67
CA GLY B 156 -0.68 -4.58 -6.64
C GLY B 156 -1.10 -4.22 -8.06
N ALA B 157 -2.23 -3.58 -8.22
CA ALA B 157 -2.69 -3.22 -9.58
C ALA B 157 -2.24 -1.78 -9.93
N LYS B 158 -1.87 -1.55 -11.15
CA LYS B 158 -1.43 -0.19 -11.54
C LYS B 158 -2.63 0.67 -11.97
N GLN B 159 -3.68 0.04 -12.41
CA GLN B 159 -4.88 0.81 -12.84
C GLN B 159 -6.14 0.28 -12.13
N ARG B 160 -7.22 0.99 -12.21
CA ARG B 160 -8.47 0.52 -11.53
C ARG B 160 -9.08 -0.66 -12.29
N GLU B 161 -8.85 -0.72 -13.58
CA GLU B 161 -9.42 -1.84 -14.37
C GLU B 161 -8.96 -3.18 -13.81
N GLU B 162 -7.71 -3.30 -13.44
CA GLU B 162 -7.20 -4.58 -12.87
C GLU B 162 -7.99 -4.93 -11.62
N ILE B 163 -8.18 -3.98 -10.73
CA ILE B 163 -8.93 -4.26 -9.49
C ILE B 163 -10.33 -4.79 -9.85
N TYR B 164 -11.07 -4.04 -10.61
CA TYR B 164 -12.43 -4.49 -11.01
C TYR B 164 -12.37 -5.88 -11.63
N GLN B 165 -11.32 -6.20 -12.32
CA GLN B 165 -11.21 -7.55 -12.94
C GLN B 165 -10.79 -8.58 -11.89
N ALA B 166 -9.88 -8.23 -11.03
CA ALA B 166 -9.44 -9.18 -9.98
C ALA B 166 -10.63 -9.61 -9.12
N PHE B 167 -11.48 -8.69 -8.76
CA PHE B 167 -12.67 -9.04 -7.93
C PHE B 167 -13.64 -9.89 -8.75
N GLU B 168 -14.08 -9.40 -9.87
CA GLU B 168 -15.03 -10.18 -10.71
C GLU B 168 -14.50 -11.61 -10.92
N ALA B 169 -13.20 -11.77 -10.93
CA ALA B 169 -12.62 -13.13 -11.12
C ALA B 169 -12.63 -13.91 -9.80
N ILE B 170 -12.41 -13.23 -8.71
CA ILE B 170 -12.41 -13.93 -7.39
C ILE B 170 -13.84 -13.96 -6.82
N TYR B 171 -14.73 -13.18 -7.37
CA TYR B 171 -16.13 -13.16 -6.87
C TYR B 171 -16.76 -14.56 -6.97
N PRO B 172 -16.54 -15.22 -8.08
CA PRO B 172 -17.10 -16.58 -8.27
C PRO B 172 -16.30 -17.60 -7.46
N VAL B 173 -15.07 -17.30 -7.15
CA VAL B 173 -14.24 -18.25 -6.36
C VAL B 173 -14.71 -18.28 -4.91
N LEU B 174 -15.03 -17.14 -4.36
CA LEU B 174 -15.50 -17.10 -2.94
C LEU B 174 -16.86 -17.80 -2.82
N SER B 175 -17.79 -17.44 -3.64
CA SER B 175 -19.14 -18.08 -3.56
C SER B 175 -19.02 -19.61 -3.69
N GLU B 176 -18.07 -20.07 -4.46
CA GLU B 176 -17.90 -21.54 -4.62
C GLU B 176 -17.47 -22.17 -3.30
N PHE B 177 -16.59 -21.54 -2.58
CA PHE B 177 -16.13 -22.11 -1.28
C PHE B 177 -16.59 -21.22 -0.12
N ARG B 178 -17.78 -20.69 -0.20
CA ARG B 178 -18.28 -19.82 0.91
C ARG B 178 -18.49 -20.65 2.17
N LYS B 179 -18.94 -20.03 3.24
CA LYS B 179 -19.17 -20.79 4.50
C LYS B 179 -20.66 -20.74 4.87
N MET B 180 -21.31 -19.64 4.61
CA MET B 180 -22.76 -19.54 4.95
C MET B 180 -23.52 -18.83 3.82
N GLU A 1 18.91 -5.07 20.09
CA GLU A 1 18.21 -3.79 20.42
C GLU A 1 17.19 -3.44 19.34
N GLY A 2 16.69 -4.42 18.63
CA GLY A 2 15.70 -4.15 17.56
C GLY A 2 15.82 -5.20 16.46
N SER A 3 16.33 -4.82 15.31
CA SER A 3 16.48 -5.80 14.20
C SER A 3 17.02 -5.12 12.95
N ILE A 4 18.31 -5.23 12.71
CA ILE A 4 18.90 -4.58 11.51
C ILE A 4 18.48 -5.34 10.24
N GLY A 5 18.35 -4.65 9.14
CA GLY A 5 17.94 -5.33 7.88
C GLY A 5 17.96 -4.32 6.73
N ASN A 6 17.77 -4.79 5.52
CA ASN A 6 17.77 -3.87 4.36
C ASN A 6 16.34 -3.69 3.83
N GLY A 7 15.77 -2.54 4.05
CA GLY A 7 14.38 -2.29 3.56
C GLY A 7 13.54 -1.74 4.72
N LEU A 8 12.44 -1.10 4.41
CA LEU A 8 11.58 -0.53 5.48
C LEU A 8 10.22 -1.24 5.46
N ASP A 9 9.36 -0.95 6.40
CA ASP A 9 8.03 -1.63 6.43
C ASP A 9 7.02 -0.97 5.48
N LEU A 10 7.28 -0.99 4.20
CA LEU A 10 6.31 -0.38 3.23
C LEU A 10 5.22 -1.40 2.90
N THR A 11 5.33 -2.59 3.42
CA THR A 11 4.30 -3.62 3.13
C THR A 11 2.91 -3.06 3.45
N GLY A 12 2.85 -2.06 4.27
CA GLY A 12 1.53 -1.47 4.63
C GLY A 12 1.28 -0.24 3.77
N ILE A 13 2.30 0.53 3.50
CA ILE A 13 2.09 1.76 2.68
C ILE A 13 1.24 1.42 1.46
N LEU A 14 1.56 0.35 0.80
CA LEU A 14 0.74 -0.04 -0.39
C LEU A 14 -0.53 -0.74 0.10
N PHE A 15 -0.51 -1.21 1.31
CA PHE A 15 -1.71 -1.89 1.87
C PHE A 15 -2.65 -0.85 2.49
N GLY A 16 -2.15 0.33 2.74
CA GLY A 16 -3.01 1.39 3.34
C GLY A 16 -2.16 2.45 4.02
N ASN A 17 -1.85 3.51 3.32
CA ASN A 17 -1.04 4.63 3.86
C ASN A 17 -0.58 4.40 5.29
N ILE A 18 0.70 4.26 5.46
CA ILE A 18 1.25 4.05 6.83
C ILE A 18 2.51 4.87 6.95
N ASP A 19 2.92 5.16 8.14
CA ASP A 19 4.18 5.92 8.28
C ASP A 19 5.30 4.91 8.29
N SER A 20 6.28 5.08 7.44
CA SER A 20 7.39 4.11 7.38
C SER A 20 7.76 3.65 8.79
N GLU A 21 7.53 4.49 9.77
CA GLU A 21 7.83 4.09 11.18
C GLU A 21 7.08 2.81 11.55
N GLY A 22 6.13 2.41 10.75
CA GLY A 22 5.37 1.16 11.07
C GLY A 22 3.99 1.54 11.60
N ARG A 23 3.42 2.60 11.10
CA ARG A 23 2.06 3.01 11.58
C ARG A 23 1.08 3.05 10.40
N LEU A 24 -0.05 2.42 10.55
CA LEU A 24 -1.05 2.40 9.44
C LEU A 24 -1.99 3.59 9.52
N LEU A 25 -2.56 3.98 8.41
CA LEU A 25 -3.47 5.16 8.42
C LEU A 25 -4.90 4.74 8.77
N GLN A 26 -5.31 5.08 9.96
CA GLN A 26 -6.69 4.77 10.39
C GLN A 26 -7.40 6.08 10.75
N ASP A 27 -6.78 7.19 10.41
CA ASP A 27 -7.37 8.52 10.70
C ASP A 27 -7.71 8.63 12.19
N ASP A 28 -8.86 8.14 12.58
CA ASP A 28 -9.25 8.23 14.02
C ASP A 28 -8.88 6.94 14.75
N ASP A 29 -8.57 7.04 16.02
CA ASP A 29 -8.21 5.82 16.79
C ASP A 29 -9.45 4.99 17.08
N GLY A 30 -9.59 3.86 16.44
CA GLY A 30 -10.80 3.01 16.69
C GLY A 30 -10.78 1.82 15.73
N GLU A 31 -9.86 0.91 15.92
CA GLU A 31 -9.80 -0.28 15.02
C GLU A 31 -10.66 -1.42 15.57
N GLY A 32 -11.93 -1.17 15.76
CA GLY A 32 -12.82 -2.25 16.30
C GLY A 32 -14.28 -1.77 16.26
N ARG A 33 -14.53 -0.58 16.74
CA ARG A 33 -15.93 -0.05 16.72
C ARG A 33 -16.02 1.16 15.80
N GLY A 34 -15.00 1.42 15.04
CA GLY A 34 -15.03 2.59 14.12
C GLY A 34 -15.84 2.24 12.86
N GLY A 35 -15.51 1.14 12.23
CA GLY A 35 -16.27 0.74 11.02
C GLY A 35 -15.28 0.39 9.90
N THR A 36 -15.30 1.12 8.82
CA THR A 36 -14.37 0.82 7.70
C THR A 36 -12.94 0.71 8.21
N GLY A 37 -12.03 0.26 7.40
CA GLY A 37 -10.62 0.13 7.84
C GLY A 37 -10.38 -1.28 8.40
N PHE A 38 -9.19 -1.79 8.30
CA PHE A 38 -8.91 -3.15 8.83
C PHE A 38 -8.79 -3.11 10.36
N ASP A 39 -9.22 -4.15 11.02
CA ASP A 39 -9.13 -4.17 12.51
C ASP A 39 -7.72 -4.63 12.93
N ALA A 40 -7.63 -5.41 13.97
CA ALA A 40 -6.29 -5.88 14.41
C ALA A 40 -5.94 -7.20 13.72
N GLU A 41 -6.49 -7.43 12.55
CA GLU A 41 -6.19 -8.70 11.83
C GLU A 41 -5.16 -8.44 10.72
N LEU A 42 -5.11 -7.24 10.22
CA LEU A 42 -4.15 -6.92 9.13
C LEU A 42 -2.98 -6.09 9.66
N ARG A 43 -3.26 -5.10 10.45
CA ARG A 43 -2.17 -4.24 10.97
C ARG A 43 -1.08 -5.12 11.60
N GLU A 44 -1.45 -5.94 12.54
CA GLU A 44 -0.44 -6.81 13.20
C GLU A 44 0.10 -7.83 12.19
N ASN A 45 -0.58 -7.97 11.08
CA ASN A 45 -0.11 -8.92 10.04
C ASN A 45 0.86 -8.20 9.11
N ILE A 46 0.58 -6.96 8.78
CA ILE A 46 1.49 -6.21 7.88
C ILE A 46 2.91 -6.27 8.44
N GLY A 47 3.06 -6.11 9.72
CA GLY A 47 4.42 -6.16 10.33
C GLY A 47 5.10 -7.47 9.94
N SER A 48 4.33 -8.45 9.53
CA SER A 48 4.94 -9.76 9.15
C SER A 48 4.49 -10.17 7.74
N LEU A 49 3.80 -9.30 7.04
CA LEU A 49 3.34 -9.65 5.67
C LEU A 49 4.52 -9.67 4.70
N SER A 50 5.67 -9.25 5.14
CA SER A 50 6.86 -9.25 4.24
C SER A 50 7.48 -10.64 4.18
N LYS A 51 6.69 -11.64 3.92
CA LYS A 51 7.24 -13.03 3.85
C LYS A 51 6.44 -13.87 2.85
N LEU A 52 5.14 -13.70 2.83
CA LEU A 52 4.31 -14.49 1.88
C LEU A 52 4.52 -14.01 0.46
N GLY A 53 4.05 -12.83 0.15
CA GLY A 53 4.22 -12.31 -1.23
C GLY A 53 4.45 -10.79 -1.20
N LEU A 54 3.82 -10.11 -0.28
CA LEU A 54 4.00 -8.63 -0.19
C LEU A 54 5.49 -8.28 -0.16
N ASP A 55 6.33 -9.22 0.19
CA ASP A 55 7.79 -8.93 0.23
C ASP A 55 8.20 -8.14 -1.02
N SER A 56 7.67 -8.51 -2.15
CA SER A 56 8.03 -7.78 -3.40
C SER A 56 7.53 -6.34 -3.34
N MET A 57 6.30 -6.13 -2.96
CA MET A 57 5.76 -4.75 -2.87
C MET A 57 6.40 -4.03 -1.68
N LEU A 58 7.20 -4.71 -0.91
CA LEU A 58 7.87 -4.07 0.26
C LEU A 58 9.05 -3.25 -0.26
N LEU A 59 9.92 -3.88 -0.97
CA LEU A 59 11.11 -3.17 -1.54
C LEU A 59 10.71 -2.48 -2.85
N GLU A 60 9.47 -2.59 -3.24
CA GLU A 60 9.01 -1.98 -4.51
C GLU A 60 8.57 -0.53 -4.31
N VAL A 61 8.59 -0.05 -3.12
CA VAL A 61 8.17 1.36 -2.92
C VAL A 61 9.20 2.09 -2.07
N ILE A 62 10.22 1.40 -1.66
CA ILE A 62 11.29 2.04 -0.83
C ILE A 62 12.62 1.33 -1.06
N ASP A 63 13.18 1.45 -2.23
CA ASP A 63 14.49 0.80 -2.50
C ASP A 63 15.58 1.55 -1.75
N LEU A 64 15.44 1.65 -0.45
CA LEU A 64 16.43 2.40 0.35
C LEU A 64 17.54 1.48 0.86
N LYS A 65 18.26 0.89 -0.04
CA LYS A 65 19.36 -0.03 0.36
C LYS A 65 20.71 0.70 0.26
N GLU A 66 20.86 1.79 0.98
CA GLU A 66 22.14 2.55 0.96
C GLU A 66 22.74 2.55 -0.45
N ALA A 67 21.97 2.91 -1.44
CA ALA A 67 22.49 2.93 -2.83
C ALA A 67 23.83 3.68 -2.89
N SER B 1 -20.55 -5.31 -12.24
CA SER B 1 -20.35 -5.87 -10.87
C SER B 1 -21.62 -5.70 -10.03
N GLY B 2 -21.60 -6.14 -8.80
CA GLY B 2 -22.80 -6.02 -7.94
C GLY B 2 -22.52 -5.02 -6.81
N ILE B 3 -21.37 -5.10 -6.21
CA ILE B 3 -21.03 -4.17 -5.09
C ILE B 3 -19.87 -3.26 -5.51
N VAL B 4 -19.02 -3.73 -6.38
CA VAL B 4 -17.87 -2.89 -6.81
C VAL B 4 -16.97 -2.58 -5.60
N PRO B 5 -15.70 -2.84 -5.75
CA PRO B 5 -14.73 -2.60 -4.67
C PRO B 5 -14.53 -1.08 -4.46
N THR B 6 -14.01 -0.70 -3.33
CA THR B 6 -13.78 0.75 -3.07
C THR B 6 -12.30 1.02 -2.79
N LEU B 7 -11.74 2.01 -3.40
CA LEU B 7 -10.30 2.32 -3.16
C LEU B 7 -10.10 2.97 -1.80
N GLN B 8 -9.54 2.25 -0.87
CA GLN B 8 -9.32 2.83 0.49
C GLN B 8 -7.95 3.52 0.56
N ASN B 9 -7.09 3.26 -0.39
CA ASN B 9 -5.75 3.90 -0.38
C ASN B 9 -5.06 3.68 -1.73
N ILE B 10 -4.02 4.42 -2.00
CA ILE B 10 -3.31 4.25 -3.31
C ILE B 10 -1.86 4.71 -3.17
N VAL B 11 -1.02 4.35 -4.11
CA VAL B 11 0.41 4.77 -4.03
C VAL B 11 0.94 5.11 -5.43
N ALA B 12 1.61 6.21 -5.56
CA ALA B 12 2.16 6.60 -6.90
C ALA B 12 3.67 6.82 -6.81
N THR B 13 4.36 6.65 -7.90
CA THR B 13 5.83 6.86 -7.88
C THR B 13 6.20 8.25 -8.42
N VAL B 14 6.85 9.05 -7.65
CA VAL B 14 7.23 10.41 -8.12
C VAL B 14 8.75 10.59 -8.06
N THR B 15 9.33 11.13 -9.10
CA THR B 15 10.81 11.33 -9.10
C THR B 15 11.14 12.81 -9.33
N LEU B 16 12.00 13.36 -8.51
CA LEU B 16 12.37 14.79 -8.68
C LEU B 16 13.45 14.94 -9.74
N GLY B 17 14.52 14.20 -9.62
CA GLY B 17 15.61 14.29 -10.64
C GLY B 17 16.83 15.00 -10.03
N CYS B 18 17.00 14.91 -8.74
CA CYS B 18 18.16 15.58 -8.09
C CYS B 18 18.37 15.02 -6.68
N ARG B 19 19.60 14.72 -6.33
CA ARG B 19 19.87 14.18 -4.97
C ARG B 19 19.35 15.16 -3.90
N LEU B 20 19.00 14.65 -2.75
CA LEU B 20 18.49 15.55 -1.68
C LEU B 20 19.16 15.22 -0.34
N ASP B 21 19.15 16.15 0.58
CA ASP B 21 19.78 15.90 1.90
C ASP B 21 18.72 15.59 2.95
N LEU B 22 18.42 14.34 3.17
CA LEU B 22 17.37 13.98 4.17
C LEU B 22 17.54 14.83 5.44
N LYS B 23 18.76 15.09 5.83
CA LYS B 23 18.99 15.90 7.06
C LYS B 23 18.32 17.27 6.92
N THR B 24 18.37 17.85 5.74
CA THR B 24 17.74 19.20 5.55
C THR B 24 16.28 19.03 5.12
N VAL B 25 16.01 18.12 4.23
CA VAL B 25 14.60 17.92 3.79
C VAL B 25 13.71 17.62 5.00
N ALA B 26 14.20 16.84 5.92
CA ALA B 26 13.39 16.52 7.13
C ALA B 26 13.54 17.63 8.18
N LEU B 27 14.63 18.34 8.14
CA LEU B 27 14.84 19.45 9.13
C LEU B 27 14.08 20.70 8.67
N HIS B 28 14.15 21.02 7.42
CA HIS B 28 13.44 22.24 6.92
C HIS B 28 11.95 21.94 6.76
N ALA B 29 11.61 20.70 6.49
CA ALA B 29 10.18 20.35 6.32
C ALA B 29 9.45 20.43 7.67
N ARG B 30 8.25 20.94 7.68
CA ARG B 30 7.49 21.04 8.96
C ARG B 30 6.93 19.68 9.37
N ASN B 31 6.74 18.80 8.42
CA ASN B 31 6.20 17.46 8.75
C ASN B 31 7.01 16.37 8.04
N ALA B 32 8.15 16.02 8.56
CA ALA B 32 8.97 14.97 7.91
C ALA B 32 9.63 14.08 8.97
N GLU B 33 9.92 12.86 8.64
CA GLU B 33 10.56 11.95 9.64
C GLU B 33 11.78 11.25 9.02
N TYR B 34 12.89 11.26 9.69
CA TYR B 34 14.10 10.59 9.14
C TYR B 34 14.66 9.58 10.15
N ASN B 35 14.43 8.33 9.92
CA ASN B 35 14.94 7.29 10.86
C ASN B 35 15.97 6.39 10.16
N PRO B 36 17.20 6.62 10.48
CA PRO B 36 18.30 5.82 9.88
C PRO B 36 18.29 4.39 10.43
N LYS B 37 17.72 4.19 11.59
CA LYS B 37 17.66 2.82 12.16
C LYS B 37 16.67 1.97 11.36
N ARG B 38 15.91 2.58 10.51
CA ARG B 38 14.92 1.82 9.69
C ARG B 38 15.34 1.84 8.22
N PHE B 39 15.29 3.00 7.60
CA PHE B 39 15.69 3.10 6.17
C PHE B 39 16.45 4.41 5.93
N ALA B 40 16.70 4.73 4.69
CA ALA B 40 17.44 6.00 4.40
C ALA B 40 16.58 6.96 3.58
N ALA B 41 15.48 7.39 4.14
CA ALA B 41 14.60 8.34 3.39
C ALA B 41 13.82 9.23 4.35
N VAL B 42 13.16 10.24 3.84
CA VAL B 42 12.37 11.13 4.72
C VAL B 42 10.87 10.86 4.52
N ILE B 43 10.13 10.73 5.59
CA ILE B 43 8.68 10.45 5.46
C ILE B 43 7.86 11.73 5.65
N MET B 44 7.48 12.37 4.58
CA MET B 44 6.69 13.62 4.70
C MET B 44 5.19 13.28 4.72
N ARG B 45 4.38 14.16 5.24
CA ARG B 45 2.92 13.88 5.28
C ARG B 45 2.12 15.19 5.38
N ILE B 46 0.89 15.19 4.95
CA ILE B 46 0.07 16.43 5.02
C ILE B 46 -1.33 16.11 5.55
N ARG B 47 -2.05 17.10 5.99
CA ARG B 47 -3.43 16.86 6.51
C ARG B 47 -4.46 17.26 5.46
N GLU B 48 -4.08 17.25 4.20
CA GLU B 48 -5.06 17.64 3.13
C GLU B 48 -4.41 17.50 1.75
N PRO B 49 -4.54 16.34 1.16
CA PRO B 49 -5.27 15.21 1.79
C PRO B 49 -4.35 14.46 2.76
N LYS B 50 -4.91 13.78 3.73
CA LYS B 50 -4.06 13.02 4.69
C LYS B 50 -3.26 11.96 3.94
N THR B 51 -1.99 12.18 3.72
CA THR B 51 -1.18 11.17 2.99
C THR B 51 0.25 11.12 3.53
N THR B 52 1.07 10.27 2.99
CA THR B 52 2.49 10.17 3.45
C THR B 52 3.41 10.02 2.24
N ALA B 53 4.43 10.83 2.16
CA ALA B 53 5.35 10.74 0.98
C ALA B 53 6.67 10.08 1.37
N LEU B 54 7.04 9.02 0.70
CA LEU B 54 8.33 8.34 1.00
C LEU B 54 9.43 8.96 0.13
N ILE B 55 10.12 9.95 0.64
CA ILE B 55 11.19 10.62 -0.16
C ILE B 55 12.55 9.98 0.09
N PHE B 56 13.23 9.58 -0.95
CA PHE B 56 14.58 8.97 -0.78
C PHE B 56 15.67 10.01 -1.10
N ALA B 57 16.86 9.79 -0.63
CA ALA B 57 17.95 10.78 -0.90
C ALA B 57 18.49 10.59 -2.32
N SER B 58 17.93 9.67 -3.06
CA SER B 58 18.42 9.43 -4.45
C SER B 58 17.64 10.32 -5.44
N GLY B 59 16.47 10.76 -5.06
CA GLY B 59 15.68 11.62 -5.99
C GLY B 59 14.29 11.01 -6.19
N LYS B 60 14.19 9.71 -6.19
CA LYS B 60 12.87 9.06 -6.38
C LYS B 60 11.93 9.43 -5.22
N MET B 61 10.68 9.07 -5.31
CA MET B 61 9.74 9.41 -4.20
C MET B 61 8.45 8.59 -4.33
N VAL B 62 7.84 8.29 -3.22
CA VAL B 62 6.57 7.50 -3.26
C VAL B 62 5.47 8.27 -2.52
N VAL B 63 4.25 8.18 -2.97
CA VAL B 63 3.15 8.92 -2.28
C VAL B 63 1.97 7.99 -1.98
N THR B 64 1.87 7.53 -0.76
CA THR B 64 0.73 6.64 -0.39
C THR B 64 -0.32 7.47 0.33
N GLY B 65 -1.51 6.97 0.48
CA GLY B 65 -2.57 7.74 1.18
C GLY B 65 -3.54 8.36 0.16
N ALA B 66 -3.27 8.19 -1.10
CA ALA B 66 -4.18 8.78 -2.14
C ALA B 66 -5.49 7.97 -2.20
N LYS B 67 -6.60 8.64 -2.22
CA LYS B 67 -7.91 7.91 -2.28
C LYS B 67 -8.44 7.88 -3.73
N SER B 68 -7.79 8.58 -4.62
CA SER B 68 -8.27 8.58 -6.03
C SER B 68 -7.15 9.03 -6.97
N GLU B 69 -7.46 9.31 -8.20
CA GLU B 69 -6.41 9.76 -9.16
C GLU B 69 -6.06 11.22 -8.93
N ASP B 70 -7.04 12.09 -8.98
CA ASP B 70 -6.76 13.55 -8.76
C ASP B 70 -6.25 13.79 -7.34
N ASP B 71 -6.54 12.89 -6.44
CA ASP B 71 -6.08 13.06 -5.03
C ASP B 71 -4.56 12.93 -4.96
N SER B 72 -4.01 11.90 -5.54
CA SER B 72 -2.53 11.71 -5.50
C SER B 72 -1.84 12.83 -6.29
N LYS B 73 -2.42 13.25 -7.37
CA LYS B 73 -1.79 14.34 -8.18
C LYS B 73 -1.60 15.59 -7.33
N LEU B 74 -2.58 15.94 -6.53
CA LEU B 74 -2.46 17.15 -5.68
C LEU B 74 -1.57 16.85 -4.47
N ALA B 75 -1.84 15.80 -3.75
CA ALA B 75 -1.01 15.45 -2.57
C ALA B 75 0.47 15.38 -2.97
N SER B 76 0.77 14.64 -4.00
CA SER B 76 2.18 14.53 -4.45
C SER B 76 2.73 15.91 -4.78
N ARG B 77 2.05 16.64 -5.64
CA ARG B 77 2.53 18.00 -6.00
C ARG B 77 2.89 18.78 -4.74
N LYS B 78 2.06 18.70 -3.73
CA LYS B 78 2.35 19.44 -2.47
C LYS B 78 3.71 19.02 -1.92
N TYR B 79 3.98 17.75 -1.89
CA TYR B 79 5.30 17.27 -1.38
C TYR B 79 6.43 17.92 -2.18
N ALA B 80 6.38 17.81 -3.47
CA ALA B 80 7.45 18.43 -4.31
C ALA B 80 7.45 19.95 -4.12
N ARG B 81 6.36 20.49 -3.66
CA ARG B 81 6.28 21.97 -3.45
C ARG B 81 7.06 22.36 -2.19
N ILE B 82 7.09 21.50 -1.21
CA ILE B 82 7.83 21.82 0.05
C ILE B 82 9.33 21.81 -0.21
N ILE B 83 9.80 20.86 -0.97
CA ILE B 83 11.27 20.81 -1.26
C ILE B 83 11.66 21.99 -2.15
N GLN B 84 10.86 22.30 -3.13
CA GLN B 84 11.20 23.45 -4.02
C GLN B 84 11.08 24.77 -3.24
N LYS B 85 10.15 24.84 -2.32
CA LYS B 85 10.02 26.08 -1.52
C LYS B 85 11.21 26.17 -0.58
N ILE B 86 11.81 25.04 -0.31
CA ILE B 86 12.99 25.01 0.59
C ILE B 86 14.23 25.41 -0.22
N GLY B 87 14.16 25.28 -1.52
CA GLY B 87 15.31 25.65 -2.38
C GLY B 87 15.75 24.45 -3.22
N PHE B 88 15.60 23.26 -2.71
CA PHE B 88 16.01 22.06 -3.49
C PHE B 88 15.63 22.20 -4.96
N ALA B 89 16.38 21.60 -5.82
CA ALA B 89 16.08 21.68 -7.28
C ALA B 89 15.20 20.49 -7.69
N ALA B 90 14.42 19.98 -6.78
CA ALA B 90 13.54 18.82 -7.10
C ALA B 90 12.46 19.23 -8.10
N LYS B 91 12.03 18.31 -8.94
CA LYS B 91 10.98 18.65 -9.94
C LYS B 91 9.95 17.51 -10.01
N PHE B 92 8.72 17.80 -9.69
CA PHE B 92 7.67 16.73 -9.73
C PHE B 92 7.62 16.11 -11.13
N THR B 93 8.23 14.97 -11.32
CA THR B 93 8.21 14.32 -12.66
C THR B 93 8.13 12.80 -12.52
N ASP B 94 7.84 12.11 -13.59
CA ASP B 94 7.75 10.62 -13.53
C ASP B 94 6.62 10.20 -12.58
N PHE B 95 5.55 10.95 -12.54
CA PHE B 95 4.43 10.58 -11.63
C PHE B 95 3.60 9.44 -12.25
N LYS B 96 3.33 8.42 -11.50
CA LYS B 96 2.52 7.29 -12.06
C LYS B 96 2.02 6.38 -10.94
N ILE B 97 0.75 6.09 -10.92
CA ILE B 97 0.20 5.19 -9.86
C ILE B 97 0.50 3.74 -10.21
N GLN B 98 1.05 2.99 -9.30
CA GLN B 98 1.37 1.57 -9.59
C GLN B 98 0.74 0.63 -8.57
N ASN B 99 0.26 1.15 -7.47
CA ASN B 99 -0.36 0.26 -6.44
C ASN B 99 -1.62 0.91 -5.86
N ILE B 100 -2.77 0.54 -6.35
CA ILE B 100 -4.04 1.11 -5.81
C ILE B 100 -4.64 0.16 -4.79
N VAL B 101 -5.06 0.67 -3.66
CA VAL B 101 -5.65 -0.23 -2.62
C VAL B 101 -7.18 -0.15 -2.63
N GLY B 102 -7.83 -1.27 -2.58
CA GLY B 102 -9.33 -1.28 -2.58
C GLY B 102 -9.83 -2.47 -1.77
N SER B 103 -11.07 -2.46 -1.38
CA SER B 103 -11.61 -3.60 -0.59
C SER B 103 -13.14 -3.51 -0.52
N CYS B 104 -13.79 -4.61 -0.22
CA CYS B 104 -15.28 -4.58 -0.14
C CYS B 104 -15.79 -5.88 0.49
N ASP B 105 -16.97 -5.87 1.03
CA ASP B 105 -17.53 -7.11 1.65
C ASP B 105 -18.64 -7.68 0.77
N VAL B 106 -18.59 -8.95 0.49
CA VAL B 106 -19.65 -9.57 -0.37
C VAL B 106 -20.60 -10.40 0.50
N LYS B 107 -20.52 -10.27 1.79
CA LYS B 107 -21.42 -11.06 2.68
C LYS B 107 -21.40 -12.53 2.27
N PHE B 108 -20.24 -13.05 1.96
CA PHE B 108 -20.15 -14.49 1.55
C PHE B 108 -18.95 -15.15 2.23
N PRO B 109 -19.25 -16.11 3.06
CA PRO B 109 -18.18 -16.84 3.78
C PRO B 109 -17.44 -17.77 2.81
N ILE B 110 -16.14 -17.86 2.93
CA ILE B 110 -15.38 -18.75 2.00
C ILE B 110 -14.44 -19.68 2.78
N ARG B 111 -14.15 -20.83 2.25
CA ARG B 111 -13.25 -21.77 2.95
C ARG B 111 -11.79 -21.44 2.62
N LEU B 112 -11.18 -20.57 3.37
CA LEU B 112 -9.77 -20.19 3.09
C LEU B 112 -8.90 -21.44 2.97
N GLU B 113 -9.32 -22.53 3.55
CA GLU B 113 -8.51 -23.78 3.45
C GLU B 113 -8.72 -24.44 2.09
N GLY B 114 -9.95 -24.72 1.73
CA GLY B 114 -10.21 -25.36 0.41
C GLY B 114 -9.58 -24.53 -0.70
N LEU B 115 -9.76 -23.24 -0.68
CA LEU B 115 -9.18 -22.37 -1.73
C LEU B 115 -7.65 -22.45 -1.70
N ALA B 116 -7.07 -22.54 -0.53
CA ALA B 116 -5.58 -22.61 -0.44
C ALA B 116 -5.08 -23.93 -1.04
N PHE B 117 -5.95 -24.91 -1.15
CA PHE B 117 -5.51 -26.21 -1.73
C PHE B 117 -5.81 -26.24 -3.23
N SER B 118 -6.88 -25.63 -3.64
CA SER B 118 -7.22 -25.61 -5.10
C SER B 118 -6.42 -24.53 -5.81
N HIS B 119 -6.05 -23.50 -5.11
CA HIS B 119 -5.26 -22.41 -5.75
C HIS B 119 -3.94 -22.21 -5.01
N GLY B 120 -3.57 -23.14 -4.17
CA GLY B 120 -2.29 -23.01 -3.40
C GLY B 120 -1.17 -22.57 -4.35
N THR B 121 -1.18 -23.05 -5.57
CA THR B 121 -0.12 -22.66 -6.54
C THR B 121 -0.10 -21.15 -6.73
N PHE B 122 -1.22 -20.50 -6.54
CA PHE B 122 -1.26 -19.01 -6.72
C PHE B 122 -1.72 -18.33 -5.44
N SER B 123 -2.35 -19.06 -4.56
CA SER B 123 -2.84 -18.45 -3.29
C SER B 123 -2.11 -19.08 -2.09
N SER B 124 -2.21 -18.45 -0.94
CA SER B 124 -1.54 -19.01 0.27
C SER B 124 -2.42 -18.81 1.49
N TYR B 125 -2.43 -19.76 2.39
CA TYR B 125 -3.28 -19.62 3.61
C TYR B 125 -2.48 -19.97 4.87
N GLU B 126 -1.92 -18.99 5.51
CA GLU B 126 -1.14 -19.26 6.75
C GLU B 126 -1.99 -18.94 7.99
N PRO B 127 -2.49 -19.97 8.60
CA PRO B 127 -3.34 -19.81 9.81
C PRO B 127 -2.49 -19.36 11.00
N GLU B 128 -1.20 -19.34 10.85
CA GLU B 128 -0.33 -18.91 11.98
C GLU B 128 0.11 -17.46 11.80
N LEU B 129 -0.06 -16.92 10.62
CA LEU B 129 0.36 -15.50 10.39
C LEU B 129 -0.71 -14.76 9.59
N PHE B 130 -1.81 -15.40 9.30
CA PHE B 130 -2.88 -14.72 8.51
C PHE B 130 -4.15 -15.57 8.52
N PRO B 131 -5.17 -15.04 9.16
CA PRO B 131 -6.47 -15.76 9.23
C PRO B 131 -7.16 -15.74 7.88
N GLY B 132 -6.78 -14.83 7.01
CA GLY B 132 -7.41 -14.76 5.67
C GLY B 132 -6.50 -15.44 4.65
N LEU B 133 -6.94 -15.53 3.42
CA LEU B 133 -6.09 -16.18 2.38
C LEU B 133 -5.59 -15.14 1.37
N ILE B 134 -4.32 -15.17 1.06
CA ILE B 134 -3.77 -14.18 0.09
C ILE B 134 -3.78 -14.75 -1.33
N TYR B 135 -4.68 -14.29 -2.16
CA TYR B 135 -4.74 -14.80 -3.55
C TYR B 135 -4.07 -13.82 -4.51
N ARG B 136 -2.92 -14.14 -5.01
CA ARG B 136 -2.23 -13.20 -5.94
C ARG B 136 -2.60 -13.53 -7.39
N MET B 137 -3.51 -12.80 -7.96
CA MET B 137 -3.92 -13.08 -9.37
C MET B 137 -2.80 -12.69 -10.33
N VAL B 138 -2.65 -13.43 -11.40
CA VAL B 138 -1.56 -13.10 -12.38
C VAL B 138 -2.01 -11.97 -13.30
N LYS B 139 -3.25 -11.98 -13.71
CA LYS B 139 -3.76 -10.91 -14.61
C LYS B 139 -5.17 -10.49 -14.19
N PRO B 140 -5.31 -9.26 -13.74
CA PRO B 140 -4.16 -8.32 -13.65
C PRO B 140 -3.23 -8.73 -12.51
N LYS B 141 -2.06 -8.15 -12.46
CA LYS B 141 -1.10 -8.49 -11.37
C LYS B 141 -1.52 -7.80 -10.07
N ILE B 142 -2.27 -8.47 -9.24
CA ILE B 142 -2.71 -7.86 -7.97
C ILE B 142 -2.81 -8.92 -6.86
N VAL B 143 -2.91 -8.49 -5.63
CA VAL B 143 -3.02 -9.46 -4.51
C VAL B 143 -4.42 -9.38 -3.90
N LEU B 144 -5.15 -10.47 -3.94
CA LEU B 144 -6.52 -10.46 -3.36
C LEU B 144 -6.56 -11.22 -2.04
N LEU B 145 -6.88 -10.56 -0.97
CA LEU B 145 -6.93 -11.25 0.36
C LEU B 145 -8.37 -11.67 0.68
N ILE B 146 -8.61 -12.93 0.85
CA ILE B 146 -9.98 -13.40 1.16
C ILE B 146 -10.14 -13.64 2.67
N PHE B 147 -11.27 -13.29 3.21
CA PHE B 147 -11.50 -13.49 4.68
C PHE B 147 -12.69 -14.42 4.90
N VAL B 148 -12.63 -15.25 5.92
CA VAL B 148 -13.77 -16.17 6.19
C VAL B 148 -15.09 -15.39 6.24
N SER B 149 -15.03 -14.12 6.54
CA SER B 149 -16.28 -13.32 6.61
C SER B 149 -16.75 -12.95 5.20
N GLY B 150 -15.87 -13.02 4.25
CA GLY B 150 -16.26 -12.67 2.85
C GLY B 150 -15.62 -11.34 2.45
N LYS B 151 -14.77 -10.80 3.29
CA LYS B 151 -14.11 -9.52 2.95
C LYS B 151 -13.05 -9.74 1.88
N ILE B 152 -12.98 -8.86 0.91
CA ILE B 152 -11.97 -9.03 -0.18
C ILE B 152 -11.11 -7.77 -0.30
N VAL B 153 -9.81 -7.93 -0.35
CA VAL B 153 -8.91 -6.75 -0.48
C VAL B 153 -8.19 -6.80 -1.83
N LEU B 154 -7.87 -5.67 -2.38
CA LEU B 154 -7.16 -5.65 -3.69
C LEU B 154 -6.11 -4.54 -3.71
N THR B 155 -4.85 -4.90 -3.75
CA THR B 155 -3.78 -3.87 -3.77
C THR B 155 -2.72 -4.23 -4.83
N GLY B 156 -2.08 -3.24 -5.39
CA GLY B 156 -1.04 -3.53 -6.43
C GLY B 156 -1.61 -3.22 -7.82
N ALA B 157 -2.87 -2.87 -7.89
CA ALA B 157 -3.47 -2.56 -9.21
C ALA B 157 -2.83 -1.31 -9.81
N LYS B 158 -3.16 -0.99 -11.03
CA LYS B 158 -2.58 0.23 -11.67
C LYS B 158 -3.68 1.24 -11.98
N GLN B 159 -4.91 0.80 -11.97
CA GLN B 159 -6.03 1.73 -12.26
C GLN B 159 -7.37 1.08 -11.87
N ARG B 160 -8.41 1.86 -11.75
CA ARG B 160 -9.73 1.27 -11.38
C ARG B 160 -10.08 0.12 -12.33
N GLU B 161 -9.49 0.08 -13.49
CA GLU B 161 -9.79 -1.01 -14.45
C GLU B 161 -9.24 -2.34 -13.93
N GLU B 162 -8.10 -2.32 -13.28
CA GLU B 162 -7.53 -3.58 -12.75
C GLU B 162 -8.33 -4.08 -11.55
N ILE B 163 -8.52 -3.25 -10.56
CA ILE B 163 -9.29 -3.67 -9.36
C ILE B 163 -10.63 -4.28 -9.78
N TYR B 164 -11.31 -3.67 -10.72
CA TYR B 164 -12.61 -4.23 -11.17
C TYR B 164 -12.40 -5.61 -11.79
N GLN B 165 -11.31 -5.82 -12.46
CA GLN B 165 -11.05 -7.14 -13.09
C GLN B 165 -10.63 -8.16 -12.03
N ALA B 166 -9.89 -7.74 -11.04
CA ALA B 166 -9.45 -8.69 -9.98
C ALA B 166 -10.67 -9.33 -9.30
N PHE B 167 -11.74 -8.60 -9.15
CA PHE B 167 -12.95 -9.17 -8.49
C PHE B 167 -13.75 -10.01 -9.51
N GLU B 168 -13.96 -9.48 -10.68
CA GLU B 168 -14.73 -10.25 -11.71
C GLU B 168 -14.04 -11.59 -11.99
N ALA B 169 -12.75 -11.65 -11.81
CA ALA B 169 -12.02 -12.92 -12.08
C ALA B 169 -12.11 -13.85 -10.86
N ILE B 170 -12.07 -13.28 -9.69
CA ILE B 170 -12.17 -14.13 -8.46
C ILE B 170 -13.63 -14.29 -8.05
N TYR B 171 -14.51 -13.52 -8.63
CA TYR B 171 -15.95 -13.64 -8.29
C TYR B 171 -16.38 -15.10 -8.19
N PRO B 172 -16.05 -15.87 -9.19
CA PRO B 172 -16.42 -17.31 -9.19
C PRO B 172 -15.54 -18.09 -8.21
N VAL B 173 -14.26 -17.83 -8.20
CA VAL B 173 -13.37 -18.57 -7.25
C VAL B 173 -13.89 -18.41 -5.82
N LEU B 174 -14.51 -17.30 -5.53
CA LEU B 174 -15.03 -17.08 -4.15
C LEU B 174 -16.32 -17.88 -3.95
N SER B 175 -17.23 -17.81 -4.87
CA SER B 175 -18.51 -18.57 -4.73
C SER B 175 -18.25 -20.07 -4.89
N GLU B 176 -17.16 -20.42 -5.51
CA GLU B 176 -16.84 -21.86 -5.70
C GLU B 176 -16.45 -22.49 -4.35
N PHE B 177 -15.50 -21.92 -3.68
CA PHE B 177 -15.08 -22.48 -2.37
C PHE B 177 -15.76 -21.71 -1.24
N ARG B 178 -16.97 -21.28 -1.47
CA ARG B 178 -17.72 -20.53 -0.42
C ARG B 178 -17.98 -21.41 0.80
N LYS B 179 -18.66 -20.89 1.78
CA LYS B 179 -18.96 -21.69 3.00
C LYS B 179 -20.46 -21.92 3.12
N MET B 180 -21.25 -20.97 2.71
CA MET B 180 -22.73 -21.13 2.82
C MET B 180 -23.43 -20.03 2.02
#